data_5OHS
#
_entry.id   5OHS
#
_cell.length_a   104.200
_cell.length_b   169.190
_cell.length_c   169.690
_cell.angle_alpha   90.000
_cell.angle_beta   92.800
_cell.angle_gamma   90.000
#
_symmetry.space_group_name_H-M   'P 1 21 1'
#
loop_
_entity.id
_entity.type
_entity.pdbx_description
1 polymer 'Alpha-glucosidase yihQ'
2 non-polymer 'THIOCYANATE ION'
3 non-polymer (4S)-2-METHYL-2,4-PENTANEDIOL
4 non-polymer 'CHLORIDE ION'
5 non-polymer 1,2-ETHANEDIOL
6 non-polymer '4-nitrophenyl alpha-D-6-sulfoquinovoside'
7 non-polymer 'POTASSIUM ION'
8 water water
#
_entity_poly.entity_id   1
_entity_poly.type   'polypeptide(L)'
_entity_poly.pdbx_seq_one_letter_code
;MHFETTKDGFTIAIGNRIILSHSPDKPAFFAGFGEERMDMYRGNFDIEDYVIERTALRHAEVSGDSVTLSSAPGQAPRLR
LTLDGNAIRLTALDETINRLWLRVVAETDEHVWGGGEQMSYFDMRGRRFPLWTSEPGVGRDKTTEITFKSDVSGKAGGDY
YNTNYPQPTWLSSRKYALHVETSAYSVFDFRNGDFHEIEIWAVPEKIEFFAGDSFADIVSALSLHFGRQPELPDWVYNGA
IIGLKDGVNSFARLEKIRAAGTKVSGLWCEDWVGLRQTSFGARLFWDWQANDTRYPHLRQKIAELADQGIRFLGYVNPYL
CVDGPLFPVAESAGYFATDVDGKTALVDFGEFDCGVVDFTNPAAADWFAAAIIGKNMLDFGLSGWMADFGEYLPIDIKLS
NGVDAKLMHNAWPTLWAEVNAKGVESRGKTGEALFFMRAGFTGVQAHCPLIWGGNQSVDFSRHDGLVTVICGALSSGLMG
NAYHHSDIGGYTSLFGNVRTAELIMRWTEMAAFTPVMRTHEGNRPRDNLQIDQDETVLAHFARMTAIYVALAPYLKSLSA
EAAKTGLPVQRPLFLHYENEPQTYAVQDCYLYGADMLVAPVWKAGETQRSLYLPGHGEWVHLWSGKRHAGGRDITVETPL
GEPAVFYRADSSHHRLFEQLRTIGLEHHHHHH
;
_entity_poly.pdbx_strand_id   A,B,C,D,E,F,G,H
#
# COMPACT_ATOMS: atom_id res chain seq x y z
N MET A 1 26.03 12.27 16.55
CA MET A 1 25.88 12.26 15.11
C MET A 1 25.23 10.94 14.70
N HIS A 2 24.52 10.97 13.58
CA HIS A 2 23.59 9.90 13.24
C HIS A 2 24.06 9.20 11.94
N PHE A 3 24.37 7.92 12.05
CA PHE A 3 24.65 7.02 10.96
C PHE A 3 23.33 6.39 10.47
N GLU A 4 23.13 6.33 9.16
CA GLU A 4 21.89 5.85 8.58
C GLU A 4 22.24 5.04 7.33
N THR A 5 21.74 3.81 7.25
CA THR A 5 21.81 3.01 6.04
C THR A 5 20.90 3.58 4.92
N THR A 6 21.31 3.39 3.66
CA THR A 6 20.51 3.79 2.46
C THR A 6 20.44 2.54 1.56
N LYS A 7 19.73 2.68 0.41
CA LYS A 7 19.65 1.61 -0.64
C LYS A 7 20.98 0.97 -0.95
N ASP A 8 22.00 1.80 -1.18
CA ASP A 8 23.34 1.34 -1.65
C ASP A 8 24.55 1.76 -0.75
N GLY A 9 24.33 2.46 0.37
CA GLY A 9 25.44 2.74 1.27
C GLY A 9 25.01 3.38 2.56
N PHE A 10 25.50 4.58 2.87
CA PHE A 10 25.13 5.23 4.11
C PHE A 10 25.28 6.75 4.10
N THR A 11 24.66 7.38 5.09
CA THR A 11 24.89 8.77 5.39
C THR A 11 25.34 8.94 6.86
N ILE A 12 26.08 10.02 7.12
CA ILE A 12 26.38 10.47 8.49
C ILE A 12 25.92 11.91 8.55
N ALA A 13 25.12 12.26 9.57
CA ALA A 13 24.59 13.60 9.77
C ALA A 13 24.91 14.21 11.17
N ILE A 14 24.86 15.54 11.28
CA ILE A 14 24.74 16.22 12.56
C ILE A 14 23.43 16.92 12.50
N GLY A 15 22.51 16.51 13.38
CA GLY A 15 21.16 17.03 13.33
C GLY A 15 20.51 16.60 12.02
N ASN A 16 19.77 17.51 11.44
CA ASN A 16 19.20 17.33 10.12
C ASN A 16 20.24 17.60 8.99
N ARG A 17 21.50 17.89 9.29
CA ARG A 17 22.51 18.21 8.24
C ARG A 17 23.34 17.02 7.85
N ILE A 18 23.08 16.45 6.68
CA ILE A 18 23.89 15.37 6.16
C ILE A 18 25.32 15.94 5.82
N ILE A 19 26.32 15.25 6.33
CA ILE A 19 27.71 15.59 6.18
C ILE A 19 28.42 14.65 5.24
N LEU A 20 28.28 13.35 5.41
CA LEU A 20 28.89 12.36 4.52
C LEU A 20 27.78 11.55 3.87
N SER A 21 28.02 11.20 2.61
CA SER A 21 27.14 10.36 1.84
C SER A 21 28.00 9.40 1.06
N HIS A 22 27.80 8.09 1.24
CA HIS A 22 28.58 7.09 0.57
C HIS A 22 27.69 6.16 -0.23
N SER A 23 28.08 5.90 -1.48
CA SER A 23 27.63 4.76 -2.25
C SER A 23 28.77 4.28 -3.11
N PRO A 24 28.66 3.08 -3.70
CA PRO A 24 29.76 2.65 -4.55
C PRO A 24 30.05 3.62 -5.73
N ASP A 25 29.02 4.22 -6.30
CA ASP A 25 29.19 5.14 -7.39
C ASP A 25 29.57 6.53 -6.95
N LYS A 26 29.22 6.93 -5.73
CA LYS A 26 29.61 8.23 -5.19
C LYS A 26 30.26 8.04 -3.81
N PRO A 27 31.50 7.52 -3.79
CA PRO A 27 32.16 7.18 -2.53
C PRO A 27 32.52 8.42 -1.75
N ALA A 28 32.51 8.32 -0.43
CA ALA A 28 32.92 9.40 0.44
C ALA A 28 34.48 9.46 0.61
N PHE A 29 35.16 8.30 0.57
CA PHE A 29 36.57 8.24 0.87
C PHE A 29 37.38 7.67 -0.28
N PHE A 30 38.59 8.21 -0.44
CA PHE A 30 39.60 7.71 -1.37
C PHE A 30 40.91 7.57 -0.56
N ALA A 31 41.66 6.50 -0.86
CA ALA A 31 42.90 6.26 -0.13
C ALA A 31 44.03 5.99 -1.13
N GLY A 32 45.24 6.34 -0.73
CA GLY A 32 46.35 6.02 -1.55
C GLY A 32 47.69 6.36 -0.96
N PHE A 33 48.60 6.69 -1.88
CA PHE A 33 50.00 6.78 -1.56
C PHE A 33 50.67 7.84 -2.43
N GLY A 34 51.52 8.67 -1.84
CA GLY A 34 52.30 9.66 -2.59
C GLY A 34 53.72 9.86 -2.07
N GLU A 35 54.56 10.49 -2.89
CA GLU A 35 55.93 10.88 -2.53
C GLU A 35 56.04 12.37 -2.78
N GLU A 36 56.11 13.13 -1.72
CA GLU A 36 56.14 14.58 -1.83
C GLU A 36 57.55 15.14 -2.01
N ARG A 37 57.65 16.31 -2.63
CA ARG A 37 58.79 17.19 -2.55
C ARG A 37 58.36 18.43 -1.77
N MET A 38 59.11 18.81 -0.74
CA MET A 38 58.83 20.05 0.04
C MET A 38 60.14 20.78 0.26
N ASP A 39 60.61 21.54 -0.73
CA ASP A 39 61.89 22.25 -0.61
C ASP A 39 61.75 23.59 0.12
N MET A 40 62.54 23.82 1.15
CA MET A 40 62.47 25.04 1.94
C MET A 40 63.55 26.00 1.49
N TYR A 41 63.20 27.26 1.31
CA TYR A 41 64.19 28.29 1.13
C TYR A 41 63.74 29.50 1.97
N ARG A 42 64.44 29.72 3.06
CA ARG A 42 64.17 30.82 3.99
C ARG A 42 62.70 30.96 4.40
N GLY A 43 62.14 29.82 4.79
CA GLY A 43 60.79 29.75 5.28
C GLY A 43 59.70 29.68 4.20
N ASN A 44 60.08 29.75 2.93
CA ASN A 44 59.18 29.57 1.78
C ASN A 44 59.30 28.12 1.32
N PHE A 45 58.17 27.50 0.96
CA PHE A 45 58.21 26.09 0.60
C PHE A 45 57.75 25.95 -0.83
N ASP A 46 58.47 25.14 -1.56
CA ASP A 46 58.05 24.76 -2.88
C ASP A 46 57.58 23.31 -2.78
N ILE A 47 56.28 23.09 -2.81
CA ILE A 47 55.67 21.82 -2.46
C ILE A 47 55.04 21.18 -3.68
N GLU A 48 55.34 19.94 -3.95
CA GLU A 48 54.70 19.24 -5.06
C GLU A 48 54.54 17.78 -4.71
N ASP A 49 53.34 17.24 -4.94
CA ASP A 49 53.12 15.85 -4.64
C ASP A 49 53.29 15.01 -5.88
N TYR A 50 53.76 13.77 -5.73
CA TYR A 50 53.68 12.77 -6.80
C TYR A 50 52.74 11.68 -6.28
N VAL A 51 51.49 11.69 -6.76
CA VAL A 51 50.47 10.74 -6.33
C VAL A 51 50.70 9.46 -7.12
N ILE A 52 50.98 8.38 -6.39
CA ILE A 52 51.19 7.06 -6.99
C ILE A 52 49.90 6.22 -7.01
N GLU A 53 49.08 6.35 -5.98
CA GLU A 53 47.73 5.79 -5.95
C GLU A 53 46.73 6.76 -5.32
N ARG A 54 45.56 6.87 -5.95
CA ARG A 54 44.39 7.43 -5.37
C ARG A 54 43.25 6.51 -5.78
N THR A 55 42.70 5.79 -4.82
CA THR A 55 41.76 4.71 -5.13
C THR A 55 40.50 4.87 -4.26
N ALA A 56 39.36 4.95 -4.91
CA ALA A 56 38.08 5.05 -4.25
C ALA A 56 37.84 3.86 -3.33
N LEU A 57 37.37 4.13 -2.13
CA LEU A 57 36.88 3.08 -1.24
C LEU A 57 35.37 2.89 -1.47
N ARG A 58 35.05 2.07 -2.44
CA ARG A 58 33.66 1.89 -2.88
C ARG A 58 32.79 1.00 -1.98
N HIS A 59 33.42 0.11 -1.24
CA HIS A 59 32.69 -0.96 -0.58
C HIS A 59 32.70 -0.79 0.93
N ALA A 60 31.51 -0.54 1.49
CA ALA A 60 31.32 -0.32 2.91
C ALA A 60 30.64 -1.49 3.55
N GLU A 61 31.08 -1.90 4.71
CA GLU A 61 30.26 -2.83 5.53
C GLU A 61 30.32 -2.54 7.01
N VAL A 62 29.17 -2.79 7.64
CA VAL A 62 29.02 -2.63 9.09
C VAL A 62 29.80 -3.74 9.75
N SER A 63 30.57 -3.39 10.76
CA SER A 63 31.41 -4.36 11.48
C SER A 63 31.41 -3.95 12.96
N GLY A 64 30.53 -4.55 13.76
CA GLY A 64 30.23 -4.08 15.12
C GLY A 64 29.73 -2.65 15.06
N ASP A 65 30.21 -1.79 15.97
CA ASP A 65 29.85 -0.36 15.98
C ASP A 65 30.85 0.45 15.14
N SER A 66 31.07 0.00 13.92
CA SER A 66 31.94 0.69 13.02
C SER A 66 31.59 0.30 11.58
N VAL A 67 32.12 1.08 10.63
CA VAL A 67 32.08 0.72 9.24
C VAL A 67 33.50 0.54 8.72
N THR A 68 33.73 -0.57 8.01
CA THR A 68 34.95 -0.78 7.27
C THR A 68 34.70 -0.45 5.78
N LEU A 69 35.77 0.03 5.14
CA LEU A 69 35.77 0.45 3.75
C LEU A 69 36.89 -0.25 3.02
N SER A 70 36.56 -0.87 1.90
CA SER A 70 37.54 -1.47 1.00
C SER A 70 37.37 -0.90 -0.45
N SER A 71 38.37 -1.14 -1.28
CA SER A 71 38.34 -0.70 -2.70
C SER A 71 37.16 -1.23 -3.46
N ALA A 72 36.89 -2.51 -3.26
CA ALA A 72 35.83 -3.24 -3.94
C ALA A 72 35.44 -4.45 -3.08
N PRO A 73 34.24 -5.05 -3.33
CA PRO A 73 33.88 -6.30 -2.63
C PRO A 73 34.93 -7.40 -2.82
N GLY A 74 35.20 -8.15 -1.78
CA GLY A 74 36.22 -9.20 -1.77
C GLY A 74 37.64 -8.70 -1.57
N GLN A 75 37.85 -7.41 -1.37
CA GLN A 75 39.19 -6.92 -1.04
C GLN A 75 39.23 -6.59 0.45
N ALA A 76 40.44 -6.69 1.02
CA ALA A 76 40.64 -6.44 2.45
C ALA A 76 40.33 -4.98 2.77
N PRO A 77 39.62 -4.73 3.86
CA PRO A 77 39.34 -3.33 4.18
C PRO A 77 40.62 -2.54 4.45
N ARG A 78 40.60 -1.27 4.10
CA ARG A 78 41.74 -0.41 4.28
C ARG A 78 41.55 0.64 5.36
N LEU A 79 40.30 0.92 5.72
CA LEU A 79 39.96 2.01 6.60
C LEU A 79 38.75 1.60 7.47
N ARG A 80 38.78 1.93 8.75
CA ARG A 80 37.66 1.78 9.65
C ARG A 80 37.19 3.14 10.09
N LEU A 81 35.89 3.30 10.16
CA LEU A 81 35.21 4.49 10.58
C LEU A 81 34.43 4.14 11.85
N THR A 82 34.59 4.92 12.91
CA THR A 82 33.86 4.67 14.14
C THR A 82 33.28 5.97 14.67
N LEU A 83 31.99 6.01 14.91
CA LEU A 83 31.38 7.20 15.50
C LEU A 83 31.65 7.26 16.96
N ASP A 84 32.00 8.43 17.48
CA ASP A 84 32.32 8.58 18.89
C ASP A 84 31.93 9.99 19.34
N GLY A 85 30.68 10.15 19.83
CA GLY A 85 30.17 11.48 20.18
C GLY A 85 30.15 12.37 18.93
N ASN A 86 30.72 13.54 19.03
CA ASN A 86 30.76 14.48 17.90
C ASN A 86 31.97 14.20 16.93
N ALA A 87 32.61 13.04 17.01
CA ALA A 87 33.72 12.70 16.16
C ALA A 87 33.50 11.45 15.31
N ILE A 88 34.12 11.45 14.15
CA ILE A 88 34.32 10.25 13.37
C ILE A 88 35.79 9.87 13.59
N ARG A 89 36.04 8.74 14.21
CA ARG A 89 37.37 8.22 14.32
C ARG A 89 37.75 7.36 13.13
N LEU A 90 39.00 7.50 12.72
CA LEU A 90 39.49 6.76 11.56
C LEU A 90 40.66 5.93 11.97
N THR A 91 40.65 4.67 11.56
CA THR A 91 41.75 3.77 11.81
C THR A 91 42.21 3.23 10.46
N ALA A 92 43.50 3.42 10.17
CA ALA A 92 44.11 2.85 8.99
C ALA A 92 44.23 1.34 9.17
N LEU A 93 43.56 0.53 8.40
CA LEU A 93 43.78 -0.91 8.43
C LEU A 93 44.85 -1.34 7.47
N ASP A 94 45.16 -0.54 6.46
CA ASP A 94 46.25 -0.76 5.55
C ASP A 94 47.23 0.34 6.00
N GLU A 95 48.30 -0.11 6.61
CA GLU A 95 49.29 0.75 7.16
C GLU A 95 50.15 1.38 6.07
N THR A 96 50.08 1.03 4.78
CA THR A 96 50.83 1.77 3.76
C THR A 96 50.20 3.14 3.35
N ILE A 97 48.94 3.40 3.72
CA ILE A 97 48.26 4.61 3.24
C ILE A 97 48.96 5.87 3.75
N ASN A 98 49.37 6.79 2.91
CA ASN A 98 49.79 8.12 3.41
C ASN A 98 49.06 9.28 2.70
N ARG A 99 47.98 8.96 1.95
CA ARG A 99 47.11 9.96 1.37
C ARG A 99 45.66 9.55 1.57
N LEU A 100 44.85 10.47 2.09
CA LEU A 100 43.43 10.23 2.27
C LEU A 100 42.66 11.43 1.76
N TRP A 101 41.58 11.17 1.02
CA TRP A 101 40.67 12.21 0.62
C TRP A 101 39.29 11.86 1.16
N LEU A 102 38.58 12.86 1.66
CA LEU A 102 37.25 12.72 2.17
C LEU A 102 36.38 13.80 1.54
N ARG A 103 35.23 13.37 1.01
CA ARG A 103 34.23 14.31 0.45
C ARG A 103 33.15 14.57 1.45
N VAL A 104 32.84 15.84 1.70
CA VAL A 104 31.70 16.23 2.49
C VAL A 104 30.67 16.95 1.65
N VAL A 105 29.43 16.58 1.91
CA VAL A 105 28.28 17.03 1.17
C VAL A 105 28.28 18.56 1.28
N ALA A 106 27.98 19.18 0.13
CA ALA A 106 27.91 20.64 0.07
C ALA A 106 26.70 21.05 -0.70
N GLU A 107 26.24 22.27 -0.45
CA GLU A 107 25.14 22.88 -1.17
C GLU A 107 25.71 23.94 -2.10
N THR A 108 24.91 24.20 -3.09
CA THR A 108 25.27 25.12 -4.19
C THR A 108 25.60 26.54 -3.69
N ASP A 109 24.76 27.08 -2.79
CA ASP A 109 24.94 28.42 -2.33
C ASP A 109 25.72 28.49 -0.95
N GLU A 110 26.34 27.39 -0.54
CA GLU A 110 27.05 27.33 0.73
C GLU A 110 28.39 28.15 0.76
N HIS A 111 28.64 28.80 1.88
CA HIS A 111 29.87 29.53 2.16
C HIS A 111 30.63 28.75 3.20
N VAL A 112 31.96 28.87 3.16
CA VAL A 112 32.84 28.22 4.12
C VAL A 112 33.94 29.18 4.52
N TRP A 113 34.15 29.31 5.83
CA TRP A 113 35.13 30.24 6.35
C TRP A 113 36.04 29.54 7.35
N GLY A 114 37.14 30.19 7.71
CA GLY A 114 38.12 29.68 8.64
C GLY A 114 39.40 29.36 7.91
N GLY A 115 39.87 28.12 8.11
CA GLY A 115 41.15 27.70 7.56
C GLY A 115 42.37 28.28 8.30
N GLY A 116 42.15 28.76 9.53
CA GLY A 116 43.15 29.49 10.28
C GLY A 116 43.05 30.98 10.08
N GLU A 117 44.21 31.63 9.95
CA GLU A 117 44.29 33.03 9.57
C GLU A 117 44.53 33.09 8.05
N GLN A 118 43.46 33.32 7.30
CA GLN A 118 43.53 33.47 5.83
C GLN A 118 43.71 34.92 5.52
N MET A 119 44.67 35.21 4.63
CA MET A 119 45.03 36.61 4.34
C MET A 119 44.36 37.17 3.06
N SER A 120 43.99 36.32 2.10
CA SER A 120 43.40 36.78 0.84
C SER A 120 41.89 36.62 0.75
N TYR A 121 41.43 35.42 1.01
CA TYR A 121 39.98 35.08 0.86
C TYR A 121 39.39 34.60 2.17
N PHE A 122 38.31 35.24 2.59
CA PHE A 122 37.61 34.88 3.83
C PHE A 122 36.66 33.73 3.59
N ASP A 123 35.69 33.95 2.68
CA ASP A 123 34.87 32.89 2.12
C ASP A 123 35.76 32.10 1.19
N MET A 124 36.09 30.89 1.59
CA MET A 124 36.97 30.01 0.83
C MET A 124 36.29 29.28 -0.33
N ARG A 125 34.96 29.42 -0.46
CA ARG A 125 34.23 28.68 -1.49
C ARG A 125 34.76 28.99 -2.90
N GLY A 126 34.95 27.95 -3.71
CA GLY A 126 35.40 28.12 -5.07
C GLY A 126 36.90 27.95 -5.29
N ARG A 127 37.69 27.82 -4.22
CA ARG A 127 39.14 27.72 -4.36
C ARG A 127 39.72 26.62 -3.47
N ARG A 128 41.00 26.38 -3.65
CA ARG A 128 41.72 25.31 -2.96
C ARG A 128 42.76 25.91 -2.01
N PHE A 129 42.80 25.43 -0.78
CA PHE A 129 43.65 25.95 0.28
C PHE A 129 44.50 24.88 0.97
N PRO A 130 45.76 24.74 0.56
CA PRO A 130 46.74 23.97 1.32
C PRO A 130 47.01 24.60 2.70
N LEU A 131 47.21 23.73 3.69
CA LEU A 131 47.33 24.12 5.11
C LEU A 131 48.68 23.67 5.67
N TRP A 132 49.66 24.54 5.49
CA TRP A 132 51.05 24.26 5.83
C TRP A 132 51.67 25.58 6.26
N THR A 133 52.13 25.65 7.50
CA THR A 133 52.62 26.92 7.99
C THR A 133 53.93 27.32 7.24
N SER A 134 54.04 28.58 6.84
CA SER A 134 55.21 29.06 6.12
C SER A 134 55.20 30.60 6.15
N GLU A 135 56.23 31.22 5.61
CA GLU A 135 56.10 32.61 5.20
C GLU A 135 54.89 32.75 4.25
N PRO A 136 54.05 33.77 4.48
CA PRO A 136 52.90 33.98 3.62
C PRO A 136 53.21 34.51 2.21
N GLY A 137 54.36 35.07 2.01
CA GLY A 137 54.81 35.64 0.78
C GLY A 137 54.82 37.17 0.83
N VAL A 138 55.67 37.75 0.00
CA VAL A 138 55.73 39.19 -0.25
C VAL A 138 55.00 39.42 -1.60
N GLY A 139 53.88 40.14 -1.55
CA GLY A 139 53.01 40.37 -2.69
C GLY A 139 51.88 39.38 -2.83
N ARG A 140 52.22 38.07 -2.86
CA ARG A 140 51.21 37.05 -2.77
C ARG A 140 50.24 37.01 -3.96
N ASP A 141 50.68 37.54 -5.09
CA ASP A 141 49.84 37.64 -6.28
C ASP A 141 50.75 37.58 -7.50
N LYS A 142 50.73 36.44 -8.20
CA LYS A 142 51.63 36.22 -9.31
C LYS A 142 51.51 37.25 -10.49
N THR A 143 50.49 38.12 -10.46
CA THR A 143 50.37 39.17 -11.44
C THR A 143 50.97 40.50 -11.02
N THR A 144 51.56 40.61 -9.83
CA THR A 144 52.19 41.87 -9.42
C THR A 144 53.72 41.75 -9.52
N GLU A 145 54.31 42.86 -9.82
CA GLU A 145 55.73 42.93 -9.99
C GLU A 145 56.51 42.69 -8.67
N ILE A 146 55.96 43.15 -7.54
CA ILE A 146 56.53 42.79 -6.24
C ILE A 146 56.62 41.29 -6.02
N THR A 147 55.59 40.58 -6.34
CA THR A 147 55.56 39.13 -6.18
C THR A 147 56.56 38.48 -7.09
N PHE A 148 56.59 38.91 -8.34
CA PHE A 148 57.51 38.39 -9.35
C PHE A 148 58.96 38.59 -8.87
N LYS A 149 59.30 39.80 -8.49
CA LYS A 149 60.66 40.10 -7.98
C LYS A 149 61.04 39.31 -6.74
N SER A 150 60.07 39.12 -5.84
CA SER A 150 60.28 38.32 -4.65
C SER A 150 60.51 36.85 -5.03
N ASP A 151 59.80 36.35 -6.02
CA ASP A 151 60.01 34.96 -6.48
C ASP A 151 61.34 34.80 -7.15
N VAL A 152 61.73 35.72 -8.00
CA VAL A 152 62.97 35.58 -8.72
C VAL A 152 64.14 35.74 -7.74
N SER A 153 64.11 36.72 -6.84
CA SER A 153 65.27 36.90 -6.00
C SER A 153 65.34 35.96 -4.80
N GLY A 154 64.23 35.47 -4.26
CA GLY A 154 64.30 34.57 -3.08
C GLY A 154 63.17 33.56 -2.90
N LYS A 155 62.50 33.18 -4.00
CA LYS A 155 61.36 32.23 -3.93
C LYS A 155 60.33 32.62 -2.90
N ALA A 156 60.09 33.93 -2.78
CA ALA A 156 59.45 34.51 -1.62
C ALA A 156 58.15 35.25 -1.88
N GLY A 157 57.64 35.17 -3.09
CA GLY A 157 56.41 35.87 -3.46
C GLY A 157 55.15 35.26 -2.82
N GLY A 158 55.11 33.96 -2.68
CA GLY A 158 53.94 33.27 -2.18
C GLY A 158 52.72 33.38 -3.11
N ASP A 159 51.56 33.15 -2.51
CA ASP A 159 50.30 33.13 -3.24
C ASP A 159 49.14 33.20 -2.21
N TYR A 160 47.93 33.25 -2.70
CA TYR A 160 46.74 33.61 -1.95
C TYR A 160 46.52 32.72 -0.73
N TYR A 161 46.96 31.46 -0.81
CA TYR A 161 46.70 30.47 0.21
C TYR A 161 47.79 30.39 1.34
N ASN A 162 48.94 31.01 1.12
CA ASN A 162 50.02 30.84 2.09
C ASN A 162 49.68 31.67 3.34
N THR A 163 50.08 31.15 4.49
CA THR A 163 49.86 31.79 5.76
C THR A 163 50.78 31.27 6.82
N ASN A 164 51.10 32.17 7.76
CA ASN A 164 51.87 31.82 8.98
C ASN A 164 51.00 30.92 9.89
N TYR A 165 49.69 30.97 9.69
CA TYR A 165 48.75 30.30 10.60
C TYR A 165 47.61 29.63 9.81
N PRO A 166 47.88 28.44 9.26
CA PRO A 166 46.84 27.60 8.72
C PRO A 166 46.20 26.80 9.88
N GLN A 167 44.98 26.35 9.67
CA GLN A 167 44.33 25.43 10.61
C GLN A 167 43.27 24.62 9.84
N PRO A 168 43.30 23.28 9.97
CA PRO A 168 42.33 22.49 9.21
C PRO A 168 40.95 22.41 9.93
N THR A 169 40.30 23.57 10.00
CA THR A 169 39.02 23.76 10.63
C THR A 169 38.21 24.68 9.70
N TRP A 170 36.96 24.33 9.45
CA TRP A 170 36.04 25.23 8.72
C TRP A 170 34.71 25.39 9.43
N LEU A 171 34.13 26.58 9.24
CA LEU A 171 32.77 26.89 9.61
C LEU A 171 31.97 26.96 8.31
N SER A 172 30.87 26.22 8.29
CA SER A 172 29.99 26.14 7.10
C SER A 172 28.75 27.01 7.36
N SER A 173 28.26 27.66 6.28
CA SER A 173 27.00 28.43 6.36
C SER A 173 25.80 27.53 6.65
N ARG A 174 25.95 26.21 6.55
CA ARG A 174 24.93 25.26 6.98
C ARG A 174 24.90 25.09 8.50
N LYS A 175 25.67 25.88 9.26
CA LYS A 175 25.64 25.85 10.74
C LYS A 175 26.24 24.58 11.37
N TYR A 176 27.41 24.21 10.90
CA TYR A 176 28.25 23.30 11.57
C TYR A 176 29.69 23.73 11.29
N ALA A 177 30.60 23.23 12.10
CA ALA A 177 32.02 23.39 11.86
C ALA A 177 32.65 21.99 11.84
N LEU A 178 33.72 21.86 11.08
CA LEU A 178 34.43 20.61 10.94
C LEU A 178 35.89 20.88 11.36
N HIS A 179 36.48 19.95 12.10
CA HIS A 179 37.88 20.07 12.51
C HIS A 179 38.60 18.75 12.27
N VAL A 180 39.74 18.80 11.60
CA VAL A 180 40.54 17.59 11.35
C VAL A 180 41.65 17.61 12.43
N GLU A 181 41.69 16.55 13.24
CA GLU A 181 42.72 16.41 14.23
C GLU A 181 43.94 15.73 13.60
N THR A 182 44.83 16.58 13.15
CA THR A 182 46.06 16.18 12.48
C THR A 182 47.04 17.34 12.53
N SER A 183 48.31 16.98 12.46
CA SER A 183 49.32 18.01 12.16
C SER A 183 49.98 17.82 10.80
N ALA A 184 49.55 16.78 10.07
CA ALA A 184 50.06 16.60 8.73
C ALA A 184 49.64 17.68 7.77
N TYR A 185 50.38 17.75 6.67
CA TYR A 185 49.94 18.55 5.52
C TYR A 185 48.52 18.16 5.14
N SER A 186 47.67 19.14 4.90
CA SER A 186 46.34 18.89 4.44
C SER A 186 45.90 19.97 3.45
N VAL A 187 44.77 19.73 2.76
CA VAL A 187 44.25 20.69 1.79
C VAL A 187 42.73 20.73 1.85
N PHE A 188 42.15 21.93 1.89
CA PHE A 188 40.72 22.10 1.71
C PHE A 188 40.43 22.50 0.26
N ASP A 189 39.73 21.64 -0.47
CA ASP A 189 39.35 21.86 -1.87
C ASP A 189 37.85 22.18 -1.97
N PHE A 190 37.54 23.46 -2.15
CA PHE A 190 36.17 23.93 -2.26
C PHE A 190 35.78 24.31 -3.71
N ARG A 191 36.38 23.63 -4.68
CA ARG A 191 36.13 24.00 -6.11
C ARG A 191 34.81 23.45 -6.68
N ASN A 192 34.27 22.41 -6.09
CA ASN A 192 33.11 21.72 -6.63
C ASN A 192 31.84 22.18 -5.94
N GLY A 193 30.79 22.27 -6.72
CA GLY A 193 29.50 22.71 -6.26
C GLY A 193 28.77 21.82 -5.29
N ASP A 194 29.00 20.51 -5.43
CA ASP A 194 28.25 19.49 -4.70
C ASP A 194 29.00 18.86 -3.54
N PHE A 195 30.31 19.10 -3.44
CA PHE A 195 31.04 18.57 -2.29
C PHE A 195 32.27 19.42 -2.01
N HIS A 196 32.70 19.39 -0.75
CA HIS A 196 33.99 19.87 -0.33
C HIS A 196 34.91 18.66 -0.28
N GLU A 197 36.15 18.76 -0.69
CA GLU A 197 37.07 17.62 -0.56
C GLU A 197 38.27 17.99 0.34
N ILE A 198 38.52 17.15 1.33
CA ILE A 198 39.69 17.28 2.20
C ILE A 198 40.75 16.28 1.77
N GLU A 199 41.96 16.76 1.54
CA GLU A 199 43.12 15.90 1.35
C GLU A 199 43.98 15.92 2.64
N ILE A 200 44.41 14.77 3.13
CA ILE A 200 45.32 14.71 4.27
C ILE A 200 46.49 13.79 3.89
N TRP A 201 47.71 14.19 4.23
CA TRP A 201 48.85 13.31 4.01
C TRP A 201 49.12 12.44 5.23
N ALA A 202 48.05 11.79 5.70
CA ALA A 202 48.01 10.89 6.88
C ALA A 202 46.57 10.42 6.99
N VAL A 203 46.33 9.44 7.83
CA VAL A 203 44.98 9.07 8.20
C VAL A 203 44.77 9.70 9.57
N PRO A 204 44.06 10.80 9.63
CA PRO A 204 43.91 11.45 10.91
C PRO A 204 43.13 10.60 11.93
N GLU A 205 43.48 10.79 13.20
CA GLU A 205 42.90 10.09 14.33
C GLU A 205 41.37 10.28 14.30
N LYS A 206 40.95 11.51 14.05
CA LYS A 206 39.55 11.82 14.01
C LYS A 206 39.22 13.13 13.29
N ILE A 207 37.95 13.22 12.89
CA ILE A 207 37.34 14.43 12.39
C ILE A 207 36.17 14.76 13.31
N GLU A 208 36.14 15.98 13.79
CA GLU A 208 35.22 16.43 14.85
C GLU A 208 34.30 17.51 14.32
N PHE A 209 33.09 17.50 14.86
CA PHE A 209 32.00 18.32 14.38
C PHE A 209 31.38 19.09 15.52
N PHE A 210 30.94 20.30 15.21
CA PHE A 210 30.35 21.25 16.17
C PHE A 210 29.15 21.85 15.47
N ALA A 211 28.01 21.84 16.12
CA ALA A 211 26.82 22.40 15.55
C ALA A 211 26.17 23.35 16.56
N GLY A 212 25.21 24.12 16.13
CA GLY A 212 24.51 25.07 16.96
C GLY A 212 23.46 25.82 16.17
N ASP A 213 22.59 26.49 16.89
CA ASP A 213 21.51 27.25 16.29
C ASP A 213 21.96 28.53 15.69
N SER A 214 23.09 29.07 16.12
CA SER A 214 23.62 30.28 15.54
C SER A 214 25.12 30.12 15.27
N PHE A 215 25.65 30.96 14.37
CA PHE A 215 27.08 30.99 14.13
C PHE A 215 27.82 31.37 15.40
N ALA A 216 27.28 32.35 16.18
CA ALA A 216 27.87 32.72 17.46
C ALA A 216 28.03 31.53 18.39
N ASP A 217 27.02 30.69 18.50
CA ASP A 217 27.09 29.51 19.34
C ASP A 217 28.16 28.55 18.85
N ILE A 218 28.32 28.41 17.55
CA ILE A 218 29.33 27.48 17.05
C ILE A 218 30.74 28.03 17.34
N VAL A 219 30.95 29.33 17.13
CA VAL A 219 32.23 29.95 17.48
C VAL A 219 32.51 29.79 19.02
N SER A 220 31.50 29.93 19.88
CA SER A 220 31.69 29.60 21.30
C SER A 220 32.18 28.22 21.55
N ALA A 221 31.55 27.26 20.91
CA ALA A 221 31.92 25.86 21.08
C ALA A 221 33.34 25.61 20.59
N LEU A 222 33.67 26.16 19.40
CA LEU A 222 35.03 26.04 18.90
C LEU A 222 36.02 26.64 19.87
N SER A 223 35.77 27.85 20.39
CA SER A 223 36.71 28.51 21.29
C SER A 223 36.90 27.74 22.58
N LEU A 224 35.87 27.09 23.04
CA LEU A 224 35.97 26.23 24.26
C LEU A 224 36.82 25.01 23.92
N HIS A 225 36.68 24.46 22.73
CA HIS A 225 37.48 23.30 22.32
C HIS A 225 38.97 23.66 22.13
N PHE A 226 39.30 24.81 21.53
CA PHE A 226 40.72 25.17 21.29
C PHE A 226 41.35 25.91 22.46
N GLY A 227 40.51 26.60 23.23
CA GLY A 227 40.89 27.35 24.44
C GLY A 227 40.76 28.84 24.19
N ARG A 228 40.29 29.58 25.17
CA ARG A 228 40.11 31.00 25.09
C ARG A 228 41.32 31.75 25.61
N GLN A 229 41.36 33.04 25.37
CA GLN A 229 42.43 33.87 25.81
C GLN A 229 42.02 34.63 27.07
N PRO A 230 43.01 35.10 27.84
CA PRO A 230 42.67 35.98 28.95
C PRO A 230 42.10 37.29 28.41
N GLU A 231 41.44 38.04 29.28
CA GLU A 231 41.08 39.41 28.96
C GLU A 231 42.34 40.26 28.72
N LEU A 232 42.22 41.30 27.91
CA LEU A 232 43.35 42.14 27.65
C LEU A 232 43.77 42.81 28.99
N PRO A 233 45.09 42.99 29.23
CA PRO A 233 45.51 43.68 30.45
C PRO A 233 45.06 45.14 30.44
N ASP A 234 44.75 45.66 31.61
CA ASP A 234 44.26 47.03 31.67
C ASP A 234 45.25 48.07 31.11
N TRP A 235 46.55 47.82 31.22
CA TRP A 235 47.52 48.84 30.79
C TRP A 235 47.46 49.13 29.29
N VAL A 236 47.02 48.15 28.50
CA VAL A 236 46.84 48.32 27.05
C VAL A 236 45.92 49.49 26.66
N TYR A 237 44.90 49.72 27.49
CA TYR A 237 43.93 50.78 27.28
C TYR A 237 44.48 52.19 27.47
N ASN A 238 45.71 52.34 27.97
CA ASN A 238 46.31 53.66 28.08
C ASN A 238 46.74 54.22 26.73
N GLY A 239 46.76 53.43 25.67
CA GLY A 239 47.07 54.03 24.33
C GLY A 239 47.86 53.10 23.44
N ALA A 240 48.67 53.68 22.53
CA ALA A 240 49.42 52.91 21.55
C ALA A 240 50.73 52.35 22.10
N ILE A 241 51.15 51.22 21.54
CA ILE A 241 52.45 50.68 21.74
C ILE A 241 53.30 51.24 20.60
N ILE A 242 54.27 52.08 20.93
CA ILE A 242 55.14 52.69 19.96
C ILE A 242 56.32 51.81 19.64
N GLY A 243 56.42 51.42 18.35
CA GLY A 243 57.47 50.51 17.89
C GLY A 243 58.68 51.32 17.36
N LEU A 244 59.81 51.21 18.04
CA LEU A 244 61.02 51.88 17.58
C LEU A 244 62.15 50.89 17.68
N LYS A 245 63.11 51.05 16.79
CA LYS A 245 64.26 50.19 16.72
C LYS A 245 65.53 50.98 16.46
N ASP A 246 65.64 52.11 17.13
CA ASP A 246 66.66 53.10 16.87
C ASP A 246 67.61 53.23 18.09
N GLY A 247 67.80 52.15 18.84
CA GLY A 247 68.69 52.19 20.00
C GLY A 247 68.33 53.34 20.97
N VAL A 248 69.37 53.96 21.53
CA VAL A 248 69.18 55.00 22.54
C VAL A 248 68.38 56.17 21.94
N ASN A 249 68.52 56.42 20.64
CA ASN A 249 67.71 57.46 20.03
C ASN A 249 66.19 57.19 20.06
N SER A 250 65.78 55.94 20.30
CA SER A 250 64.37 55.62 20.45
C SER A 250 63.71 56.50 21.53
N PHE A 251 64.44 56.86 22.61
CA PHE A 251 63.82 57.57 23.73
C PHE A 251 63.48 58.98 23.38
N ALA A 252 64.36 59.65 22.69
CA ALA A 252 64.10 61.02 22.26
C ALA A 252 62.95 61.08 21.24
N ARG A 253 62.87 60.08 20.35
CA ARG A 253 61.79 60.06 19.37
C ARG A 253 60.46 59.77 20.07
N LEU A 254 60.47 58.90 21.10
CA LEU A 254 59.24 58.69 21.89
C LEU A 254 58.79 59.99 22.56
N GLU A 255 59.72 60.77 23.09
CA GLU A 255 59.36 62.05 23.77
C GLU A 255 58.68 63.00 22.75
N LYS A 256 59.19 63.03 21.55
CA LYS A 256 58.59 63.81 20.49
C LYS A 256 57.16 63.36 20.16
N ILE A 257 56.97 62.05 20.09
CA ILE A 257 55.64 61.47 19.88
C ILE A 257 54.71 61.87 21.02
N ARG A 258 55.19 61.76 22.25
CA ARG A 258 54.40 62.15 23.41
C ARG A 258 54.09 63.66 23.45
N ALA A 259 55.02 64.49 23.00
CA ALA A 259 54.81 65.95 22.99
C ALA A 259 53.68 66.38 22.05
N ALA A 260 53.35 65.53 21.08
CA ALA A 260 52.22 65.82 20.22
C ALA A 260 50.88 65.43 20.84
N GLY A 261 50.85 64.91 22.06
CA GLY A 261 49.60 64.55 22.71
C GLY A 261 49.23 63.09 22.56
N THR A 262 50.08 62.29 21.89
CA THR A 262 49.81 60.88 21.65
C THR A 262 49.62 60.13 22.96
N LYS A 263 48.58 59.30 23.04
CA LYS A 263 48.37 58.45 24.20
C LYS A 263 49.20 57.19 24.00
N VAL A 264 50.10 56.92 24.98
CA VAL A 264 51.04 55.82 24.86
C VAL A 264 50.91 54.87 26.02
N SER A 265 50.73 53.58 25.72
CA SER A 265 50.71 52.52 26.73
C SER A 265 52.06 51.83 26.90
N GLY A 266 52.88 51.83 25.85
CA GLY A 266 54.09 51.04 25.84
C GLY A 266 55.07 51.48 24.78
N LEU A 267 56.35 51.19 25.04
CA LEU A 267 57.43 51.33 24.07
C LEU A 267 57.90 49.92 23.76
N TRP A 268 57.86 49.57 22.47
CA TRP A 268 58.26 48.22 22.00
C TRP A 268 59.53 48.41 21.18
N CYS A 269 60.66 47.91 21.69
CA CYS A 269 61.98 48.03 21.05
C CYS A 269 62.45 46.64 20.71
N GLU A 270 62.17 46.19 19.49
CA GLU A 270 62.60 44.85 19.07
C GLU A 270 64.12 44.70 19.03
N ASP A 271 64.82 45.81 18.84
CA ASP A 271 66.29 45.85 18.84
C ASP A 271 66.89 45.89 20.24
N TRP A 272 66.09 45.54 21.26
CA TRP A 272 66.62 45.40 22.63
C TRP A 272 67.75 44.37 22.67
N VAL A 273 67.79 43.44 21.73
CA VAL A 273 68.83 42.44 21.60
C VAL A 273 69.95 42.86 20.64
N GLY A 274 69.88 44.03 20.03
CA GLY A 274 70.86 44.44 19.00
C GLY A 274 70.35 44.22 17.58
N LEU A 275 71.07 44.82 16.64
CA LEU A 275 70.76 44.74 15.19
C LEU A 275 71.73 43.82 14.51
N ARG A 276 71.31 43.21 13.42
CA ARG A 276 72.18 42.60 12.43
C ARG A 276 71.76 43.13 11.06
N GLN A 277 72.66 43.89 10.42
CA GLN A 277 72.43 44.39 9.08
C GLN A 277 72.61 43.25 8.09
N THR A 278 71.63 43.08 7.19
CA THR A 278 71.73 42.14 6.10
C THR A 278 71.27 42.81 4.79
N SER A 279 71.32 42.12 3.65
CA SER A 279 70.74 42.70 2.44
C SER A 279 69.24 42.97 2.57
N PHE A 280 68.53 42.28 3.47
CA PHE A 280 67.10 42.51 3.66
C PHE A 280 66.85 43.84 4.36
N GLY A 281 67.76 44.22 5.25
CA GLY A 281 67.73 45.52 5.93
C GLY A 281 68.26 45.41 7.39
N ALA A 282 67.61 46.15 8.29
CA ALA A 282 67.97 46.19 9.69
C ALA A 282 67.26 45.10 10.44
N ARG A 283 67.81 43.89 10.37
CA ARG A 283 67.27 42.76 11.10
C ARG A 283 67.89 42.76 12.53
N LEU A 284 67.42 41.81 13.34
CA LEU A 284 67.83 41.73 14.71
C LEU A 284 68.90 40.68 14.95
N PHE A 285 69.62 40.82 16.08
CA PHE A 285 70.62 39.89 16.52
C PHE A 285 69.95 38.84 17.43
N TRP A 286 69.89 37.59 16.93
CA TRP A 286 69.01 36.58 17.54
C TRP A 286 69.68 35.83 18.76
N ASP A 287 69.85 36.63 19.80
CA ASP A 287 70.40 36.15 21.06
C ASP A 287 69.60 36.85 22.15
N TRP A 288 68.80 36.07 22.88
CA TRP A 288 67.67 36.62 23.66
C TRP A 288 68.05 37.11 25.06
N GLN A 289 68.79 38.20 25.09
CA GLN A 289 69.09 38.94 26.30
C GLN A 289 69.36 40.39 25.96
N ALA A 290 69.16 41.28 26.96
CA ALA A 290 69.34 42.70 26.72
C ALA A 290 70.76 42.97 26.24
N ASN A 291 70.90 43.83 25.26
CA ASN A 291 72.19 44.08 24.63
C ASN A 291 72.68 45.45 25.15
N ASP A 292 73.67 45.39 26.04
CA ASP A 292 74.27 46.60 26.62
C ASP A 292 74.97 47.50 25.64
N THR A 293 75.39 47.00 24.49
CA THR A 293 75.93 47.90 23.46
C THR A 293 74.85 48.78 22.86
N ARG A 294 73.69 48.20 22.53
CA ARG A 294 72.66 48.97 21.90
C ARG A 294 71.85 49.84 22.90
N TYR A 295 71.60 49.29 24.09
CA TYR A 295 70.82 49.95 25.15
C TYR A 295 71.59 49.87 26.49
N PRO A 296 72.63 50.71 26.63
CA PRO A 296 73.51 50.53 27.80
C PRO A 296 72.82 50.74 29.18
N HIS A 297 71.68 51.37 29.28
CA HIS A 297 71.07 51.58 30.58
C HIS A 297 69.62 51.13 30.57
N LEU A 298 69.38 49.99 29.95
CA LEU A 298 68.01 49.65 29.57
C LEU A 298 67.16 49.43 30.83
N ARG A 299 67.73 48.75 31.82
CA ARG A 299 66.93 48.48 32.98
C ARG A 299 66.47 49.76 33.70
N GLN A 300 67.33 50.74 33.71
CA GLN A 300 67.02 52.07 34.25
C GLN A 300 65.95 52.81 33.44
N LYS A 301 66.10 52.76 32.13
CA LYS A 301 65.09 53.33 31.22
C LYS A 301 63.70 52.70 31.38
N ILE A 302 63.66 51.39 31.58
CA ILE A 302 62.41 50.72 31.84
C ILE A 302 61.76 51.25 33.11
N ALA A 303 62.57 51.45 34.16
CA ALA A 303 62.02 52.02 35.39
C ALA A 303 61.56 53.47 35.20
N GLU A 304 62.30 54.30 34.45
CA GLU A 304 61.83 55.69 34.12
C GLU A 304 60.52 55.70 33.38
N LEU A 305 60.41 54.83 32.40
CA LEU A 305 59.16 54.73 31.65
C LEU A 305 58.01 54.25 32.56
N ALA A 306 58.27 53.30 33.41
CA ALA A 306 57.23 52.81 34.34
C ALA A 306 56.71 53.95 35.20
N ASP A 307 57.58 54.82 35.68
CA ASP A 307 57.16 56.04 36.41
C ASP A 307 56.30 56.98 35.60
N GLN A 308 56.39 56.94 34.28
CA GLN A 308 55.51 57.73 33.46
C GLN A 308 54.29 56.94 33.03
N GLY A 309 54.03 55.77 33.58
CA GLY A 309 52.90 54.97 33.16
C GLY A 309 53.03 54.25 31.80
N ILE A 310 54.27 54.04 31.33
CA ILE A 310 54.52 53.42 30.05
C ILE A 310 55.29 52.12 30.23
N ARG A 311 54.74 51.03 29.69
CA ARG A 311 55.39 49.73 29.76
C ARG A 311 56.48 49.57 28.69
N PHE A 312 57.28 48.52 28.81
CA PHE A 312 58.34 48.24 27.85
C PHE A 312 58.20 46.83 27.33
N LEU A 313 58.33 46.68 26.02
CA LEU A 313 58.15 45.38 25.32
C LEU A 313 59.34 45.08 24.46
N GLY A 314 59.65 43.81 24.31
CA GLY A 314 60.78 43.37 23.48
C GLY A 314 60.39 42.39 22.37
N TYR A 315 61.25 41.40 22.14
CA TYR A 315 61.20 40.52 20.98
C TYR A 315 61.93 39.24 21.32
N VAL A 316 61.39 38.12 20.88
CA VAL A 316 62.06 36.85 21.01
C VAL A 316 61.55 35.89 19.92
N ASN A 317 62.34 34.91 19.55
CA ASN A 317 61.90 33.86 18.64
C ASN A 317 62.63 32.57 19.05
N PRO A 318 62.27 31.41 18.46
CA PRO A 318 62.69 30.15 19.02
C PRO A 318 63.95 29.58 18.44
N TYR A 319 64.76 30.43 17.80
CA TYR A 319 66.00 30.04 17.16
C TYR A 319 67.11 30.80 17.87
N LEU A 320 68.32 30.28 17.78
CA LEU A 320 69.51 30.98 18.31
C LEU A 320 70.59 31.10 17.26
N CYS A 321 71.08 32.32 17.04
CA CYS A 321 72.12 32.53 16.03
C CYS A 321 73.45 31.91 16.46
N VAL A 322 74.16 31.31 15.50
CA VAL A 322 75.41 30.62 15.77
C VAL A 322 76.51 31.47 16.35
N ASP A 323 76.44 32.78 16.16
CA ASP A 323 77.47 33.69 16.61
C ASP A 323 77.07 34.40 17.87
N GLY A 324 76.01 33.94 18.54
CA GLY A 324 75.59 34.53 19.81
C GLY A 324 76.07 33.69 21.01
N PRO A 325 76.14 34.31 22.20
CA PRO A 325 76.63 33.55 23.38
C PRO A 325 75.66 32.49 23.91
N LEU A 326 74.36 32.58 23.64
CA LEU A 326 73.47 31.52 24.10
C LEU A 326 73.62 30.23 23.29
N PHE A 327 74.05 30.33 22.05
CA PHE A 327 74.14 29.16 21.18
C PHE A 327 74.96 28.01 21.81
N PRO A 328 76.22 28.28 22.22
CA PRO A 328 76.97 27.13 22.86
C PRO A 328 76.36 26.63 24.16
N VAL A 329 75.61 27.44 24.89
CA VAL A 329 74.95 26.96 26.11
C VAL A 329 73.89 25.93 25.72
N ALA A 330 73.04 26.28 24.74
CA ALA A 330 72.01 25.36 24.29
C ALA A 330 72.62 24.10 23.64
N GLU A 331 73.68 24.29 22.86
CA GLU A 331 74.27 23.15 22.20
C GLU A 331 74.89 22.17 23.22
N SER A 332 75.57 22.72 24.22
CA SER A 332 76.21 21.91 25.23
C SER A 332 75.19 21.10 26.03
N ALA A 333 74.04 21.69 26.29
CA ALA A 333 72.96 20.98 26.98
C ALA A 333 72.19 19.99 26.09
N GLY A 334 72.45 19.95 24.77
CA GLY A 334 71.74 19.04 23.88
C GLY A 334 70.31 19.53 23.56
N TYR A 335 70.10 20.84 23.49
CA TYR A 335 68.79 21.41 23.33
C TYR A 335 68.39 21.77 21.87
N PHE A 336 69.23 21.46 20.90
CA PHE A 336 68.95 21.77 19.51
C PHE A 336 68.45 20.56 18.71
N ALA A 337 67.60 20.82 17.72
CA ALA A 337 67.30 19.80 16.72
C ALA A 337 68.58 19.40 15.98
N THR A 338 68.65 18.14 15.56
CA THR A 338 69.85 17.63 14.92
C THR A 338 69.63 17.26 13.48
N ASP A 339 70.73 17.11 12.75
CA ASP A 339 70.69 16.61 11.38
C ASP A 339 70.76 15.09 11.38
N VAL A 340 70.74 14.52 10.18
CA VAL A 340 70.80 13.07 10.03
C VAL A 340 72.01 12.41 10.71
N ASP A 341 73.15 13.10 10.82
CA ASP A 341 74.32 12.58 11.58
C ASP A 341 74.35 12.90 13.07
N GLY A 342 73.32 13.47 13.66
CA GLY A 342 73.36 13.84 15.08
C GLY A 342 74.06 15.13 15.42
N LYS A 343 74.53 15.91 14.43
CA LYS A 343 75.11 17.26 14.72
C LYS A 343 73.98 18.31 14.82
N THR A 344 74.21 19.43 15.49
CA THR A 344 73.26 20.51 15.50
C THR A 344 72.87 20.88 14.07
N ALA A 345 71.58 20.89 13.76
CA ALA A 345 71.11 21.33 12.45
C ALA A 345 71.15 22.85 12.36
N LEU A 346 71.86 23.37 11.37
CA LEU A 346 71.94 24.80 11.10
C LEU A 346 70.97 25.19 10.01
N VAL A 347 70.14 26.21 10.27
CA VAL A 347 69.21 26.69 9.28
C VAL A 347 69.61 28.07 8.86
N ASP A 348 69.55 28.32 7.55
CA ASP A 348 69.86 29.65 6.98
C ASP A 348 68.58 30.52 7.02
N PHE A 349 68.67 31.61 7.76
CA PHE A 349 67.55 32.57 7.86
C PHE A 349 67.68 33.80 6.97
N GLY A 350 68.77 33.85 6.20
CA GLY A 350 69.01 34.90 5.22
C GLY A 350 70.27 35.62 5.62
N GLU A 351 71.40 35.02 5.23
CA GLU A 351 72.72 35.54 5.51
C GLU A 351 73.19 35.39 6.97
N PHE A 352 72.49 34.57 7.75
CA PHE A 352 73.04 34.07 9.01
C PHE A 352 72.37 32.74 9.34
N ASP A 353 73.06 31.92 10.12
CA ASP A 353 72.58 30.61 10.53
C ASP A 353 72.18 30.54 12.00
N CYS A 354 71.19 29.68 12.25
CA CYS A 354 70.72 29.47 13.61
C CYS A 354 70.53 27.99 13.89
N GLY A 355 70.61 27.67 15.20
CA GLY A 355 70.10 26.42 15.68
C GLY A 355 68.63 26.55 16.05
N VAL A 356 67.93 25.43 16.01
CA VAL A 356 66.47 25.36 16.32
C VAL A 356 66.32 24.75 17.72
N VAL A 357 65.84 25.51 18.68
CA VAL A 357 65.63 24.96 20.02
C VAL A 357 64.53 23.88 19.95
N ASP A 358 64.84 22.67 20.38
CA ASP A 358 63.98 21.51 20.12
C ASP A 358 62.94 21.39 21.26
N PHE A 359 61.76 21.98 21.04
CA PHE A 359 60.73 21.94 22.05
C PHE A 359 60.05 20.56 22.26
N THR A 360 60.40 19.53 21.49
CA THR A 360 59.94 18.21 21.77
C THR A 360 60.74 17.57 22.94
N ASN A 361 61.91 18.14 23.26
CA ASN A 361 62.70 17.76 24.42
C ASN A 361 62.17 18.64 25.60
N PRO A 362 61.48 18.02 26.59
CA PRO A 362 60.89 18.82 27.68
C PRO A 362 61.91 19.67 28.44
N ALA A 363 63.13 19.20 28.56
CA ALA A 363 64.20 20.00 29.26
C ALA A 363 64.58 21.25 28.46
N ALA A 364 64.59 21.13 27.14
CA ALA A 364 64.83 22.30 26.28
C ALA A 364 63.70 23.32 26.35
N ALA A 365 62.46 22.82 26.33
CA ALA A 365 61.30 23.69 26.42
C ALA A 365 61.25 24.42 27.77
N ASP A 366 61.52 23.67 28.84
CA ASP A 366 61.60 24.26 30.18
C ASP A 366 62.74 25.28 30.33
N TRP A 367 63.89 24.96 29.81
CA TRP A 367 65.00 25.92 29.81
C TRP A 367 64.63 27.24 29.08
N PHE A 368 63.98 27.11 27.88
CA PHE A 368 63.63 28.32 27.17
C PHE A 368 62.65 29.17 28.00
N ALA A 369 61.63 28.51 28.55
CA ALA A 369 60.62 29.20 29.35
C ALA A 369 61.23 29.85 30.62
N ALA A 370 62.09 29.11 31.31
CA ALA A 370 62.67 29.58 32.58
C ALA A 370 63.79 30.63 32.42
N ALA A 371 64.78 30.30 31.60
CA ALA A 371 65.97 31.13 31.42
C ALA A 371 65.74 32.34 30.50
N ILE A 372 64.94 32.17 29.42
CA ILE A 372 64.76 33.26 28.46
C ILE A 372 63.51 34.06 28.73
N ILE A 373 62.34 33.42 28.65
CA ILE A 373 61.10 34.13 28.89
C ILE A 373 61.07 34.66 30.37
N GLY A 374 61.34 33.74 31.30
CA GLY A 374 61.32 34.06 32.73
C GLY A 374 62.41 35.04 33.18
N LYS A 375 63.64 34.60 33.11
CA LYS A 375 64.74 35.38 33.65
C LYS A 375 65.13 36.57 32.73
N ASN A 376 65.40 36.32 31.45
CA ASN A 376 65.92 37.39 30.58
C ASN A 376 64.91 38.43 30.15
N MET A 377 63.62 38.07 30.21
CA MET A 377 62.57 38.96 29.74
C MET A 377 61.64 39.48 30.86
N LEU A 378 60.82 38.60 31.43
CA LEU A 378 59.92 39.04 32.48
C LEU A 378 60.66 39.59 33.70
N ASP A 379 61.66 38.88 34.21
CA ASP A 379 62.38 39.36 35.40
C ASP A 379 63.17 40.61 35.06
N PHE A 380 63.56 40.81 33.79
CA PHE A 380 64.24 42.04 33.42
C PHE A 380 63.30 43.26 33.40
N GLY A 381 61.99 43.06 33.42
CA GLY A 381 60.99 44.15 33.54
C GLY A 381 60.14 44.34 32.26
N LEU A 382 60.20 43.41 31.29
CA LEU A 382 59.33 43.51 30.09
C LEU A 382 57.90 43.18 30.48
N SER A 383 56.93 43.98 30.02
CA SER A 383 55.52 43.66 30.16
C SER A 383 54.99 42.84 28.97
N GLY A 384 55.82 42.63 27.96
CA GLY A 384 55.36 41.88 26.79
C GLY A 384 56.40 41.89 25.70
N TRP A 385 56.06 41.28 24.58
CA TRP A 385 57.02 41.10 23.49
C TRP A 385 56.32 40.54 22.25
N MET A 386 56.97 40.77 21.09
CA MET A 386 56.67 40.03 19.90
C MET A 386 57.28 38.63 20.06
N ALA A 387 56.46 37.60 19.98
CA ALA A 387 56.92 36.21 20.02
C ALA A 387 56.87 35.68 18.60
N ASP A 388 57.98 35.83 17.89
CA ASP A 388 58.02 35.73 16.46
C ASP A 388 58.35 34.31 15.98
N PHE A 389 58.15 34.09 14.67
CA PHE A 389 58.45 32.86 13.99
C PHE A 389 57.64 31.64 14.52
N GLY A 390 58.14 30.42 14.28
CA GLY A 390 57.33 29.22 14.44
C GLY A 390 57.04 28.44 13.18
N GLU A 391 57.27 29.09 12.06
CA GLU A 391 56.77 28.59 10.74
C GLU A 391 57.87 27.96 9.89
N TYR A 392 59.12 27.87 10.40
CA TYR A 392 60.28 27.47 9.62
C TYR A 392 60.86 26.10 9.92
N LEU A 393 60.18 25.19 10.57
CA LEU A 393 60.84 23.90 10.83
C LEU A 393 61.04 23.13 9.53
N PRO A 394 62.29 22.92 9.08
CA PRO A 394 62.49 22.15 7.84
C PRO A 394 62.11 20.72 8.07
N ILE A 395 61.88 20.00 7.01
CA ILE A 395 61.41 18.66 7.15
C ILE A 395 62.50 17.59 7.11
N ASP A 396 63.75 17.99 6.99
CA ASP A 396 64.85 17.06 6.99
C ASP A 396 65.61 17.07 8.35
N ILE A 397 65.04 17.57 9.42
CA ILE A 397 65.74 17.54 10.71
C ILE A 397 65.13 16.56 11.67
N LYS A 398 65.88 16.24 12.74
CA LYS A 398 65.50 15.18 13.69
C LYS A 398 65.18 15.81 15.01
N LEU A 399 64.07 15.33 15.59
CA LEU A 399 63.57 15.83 16.82
C LEU A 399 63.75 14.80 17.90
N SER A 400 63.92 15.30 19.10
CA SER A 400 64.13 14.49 20.30
C SER A 400 62.99 13.48 20.54
N ASN A 401 61.73 13.84 20.25
CA ASN A 401 60.63 12.88 20.40
C ASN A 401 60.61 11.79 19.32
N GLY A 402 61.52 11.80 18.34
CA GLY A 402 61.50 10.79 17.29
C GLY A 402 60.32 10.92 16.27
N VAL A 403 59.48 11.94 16.38
CA VAL A 403 58.39 12.13 15.44
C VAL A 403 58.94 12.81 14.18
N ASP A 404 58.53 12.32 13.02
CA ASP A 404 58.99 12.90 11.74
C ASP A 404 58.71 14.42 11.68
N ALA A 405 59.70 15.17 11.23
CA ALA A 405 59.59 16.62 11.05
C ALA A 405 58.42 17.06 10.16
N LYS A 406 58.02 16.16 9.24
CA LYS A 406 56.83 16.41 8.44
C LYS A 406 55.54 16.51 9.23
N LEU A 407 55.48 15.81 10.36
CA LEU A 407 54.37 15.95 11.27
C LEU A 407 54.60 17.04 12.31
N MET A 408 55.85 17.33 12.69
CA MET A 408 56.10 18.35 13.71
C MET A 408 56.06 19.76 13.18
N HIS A 409 56.25 19.92 11.87
CA HIS A 409 56.33 21.24 11.26
C HIS A 409 55.11 22.14 11.62
N ASN A 410 53.89 21.60 11.37
CA ASN A 410 52.69 22.36 11.65
C ASN A 410 52.44 22.53 13.15
N ALA A 411 52.91 21.56 13.96
CA ALA A 411 52.73 21.63 15.41
C ALA A 411 53.60 22.70 16.07
N TRP A 412 54.66 23.11 15.39
CA TRP A 412 55.67 23.93 16.01
C TRP A 412 55.12 25.24 16.56
N PRO A 413 54.27 25.93 15.80
CA PRO A 413 53.81 27.18 16.39
C PRO A 413 53.05 27.00 17.71
N THR A 414 52.33 25.91 17.85
CA THR A 414 51.59 25.67 19.11
C THR A 414 52.56 25.35 20.27
N LEU A 415 53.60 24.54 20.00
CA LEU A 415 54.64 24.27 21.01
C LEU A 415 55.31 25.56 21.44
N TRP A 416 55.56 26.44 20.47
CA TRP A 416 56.23 27.71 20.73
C TRP A 416 55.33 28.61 21.56
N ALA A 417 54.04 28.64 21.21
CA ALA A 417 53.11 29.42 22.00
C ALA A 417 53.08 28.90 23.47
N GLU A 418 53.13 27.59 23.63
CA GLU A 418 53.09 27.00 24.93
C GLU A 418 54.34 27.37 25.82
N VAL A 419 55.52 27.41 25.18
CA VAL A 419 56.75 27.85 25.85
C VAL A 419 56.57 29.27 26.40
N ASN A 420 56.07 30.17 25.56
CA ASN A 420 55.82 31.54 26.01
C ASN A 420 54.82 31.55 27.19
N ALA A 421 53.73 30.81 27.05
CA ALA A 421 52.69 30.84 28.07
C ALA A 421 53.19 30.27 29.41
N LYS A 422 54.00 29.20 29.36
CA LYS A 422 54.58 28.66 30.56
C LYS A 422 55.50 29.62 31.25
N GLY A 423 56.30 30.36 30.49
CA GLY A 423 57.17 31.37 31.09
C GLY A 423 56.37 32.43 31.83
N VAL A 424 55.35 32.91 31.16
CA VAL A 424 54.45 33.92 31.71
C VAL A 424 53.74 33.40 32.98
N GLU A 425 53.25 32.18 32.91
CA GLU A 425 52.57 31.55 34.04
C GLU A 425 53.52 31.34 35.21
N SER A 426 54.78 30.98 34.97
CA SER A 426 55.74 30.79 36.04
C SER A 426 55.99 32.09 36.82
N ARG A 427 55.69 33.26 36.27
CA ARG A 427 55.80 34.52 37.03
C ARG A 427 54.46 35.06 37.50
N GLY A 428 53.39 34.28 37.43
CA GLY A 428 52.03 34.74 37.79
C GLY A 428 51.54 35.90 36.92
N LYS A 429 51.95 35.99 35.64
CA LYS A 429 51.59 37.13 34.84
C LYS A 429 50.62 36.83 33.70
N THR A 430 49.95 35.70 33.75
CA THR A 430 48.92 35.40 32.75
C THR A 430 47.83 36.44 32.85
N GLY A 431 47.49 37.12 31.76
CA GLY A 431 46.51 38.20 31.83
C GLY A 431 47.10 39.56 32.10
N GLU A 432 48.41 39.63 32.28
CA GLU A 432 49.08 40.89 32.55
C GLU A 432 50.23 41.12 31.53
N ALA A 433 51.09 40.12 31.31
CA ALA A 433 52.07 40.20 30.27
C ALA A 433 51.38 39.97 28.91
N LEU A 434 51.80 40.69 27.89
CA LEU A 434 51.14 40.62 26.59
C LEU A 434 52.16 40.24 25.51
N PHE A 435 52.14 38.98 25.06
CA PHE A 435 52.91 38.60 23.92
C PHE A 435 52.01 38.34 22.72
N PHE A 436 52.58 38.54 21.53
CA PHE A 436 51.79 38.44 20.28
C PHE A 436 52.56 37.61 19.24
N MET A 437 51.83 36.72 18.57
CA MET A 437 52.36 35.81 17.58
C MET A 437 51.76 36.06 16.19
N ARG A 438 52.55 35.78 15.16
CA ARG A 438 52.07 35.75 13.80
C ARG A 438 51.84 34.33 13.32
N ALA A 439 52.55 33.37 13.88
CA ALA A 439 52.42 31.98 13.45
C ALA A 439 51.46 31.24 14.36
N GLY A 440 50.81 30.21 13.82
CA GLY A 440 49.85 29.46 14.60
C GLY A 440 49.54 28.13 13.94
N PHE A 441 48.84 27.31 14.71
CA PHE A 441 48.22 26.09 14.24
C PHE A 441 47.19 25.71 15.32
N THR A 442 46.46 24.62 15.11
CA THR A 442 45.51 24.13 16.07
C THR A 442 46.08 24.19 17.49
N GLY A 443 45.40 24.92 18.39
CA GLY A 443 45.76 24.90 19.80
C GLY A 443 46.52 26.12 20.25
N VAL A 444 47.00 26.92 19.31
CA VAL A 444 47.68 28.14 19.66
C VAL A 444 46.78 29.09 20.47
N GLN A 445 45.48 28.95 20.24
CA GLN A 445 44.44 29.73 20.94
C GLN A 445 44.53 29.66 22.46
N ALA A 446 44.91 28.50 22.97
CA ALA A 446 44.94 28.30 24.43
C ALA A 446 46.11 29.02 25.09
N HIS A 447 47.16 29.35 24.32
CA HIS A 447 48.44 29.80 24.88
C HIS A 447 48.79 31.22 24.50
N CYS A 448 48.44 31.67 23.28
CA CYS A 448 48.73 32.99 22.83
C CYS A 448 47.56 33.97 23.09
N PRO A 449 47.84 35.09 23.75
CA PRO A 449 46.80 36.06 24.07
C PRO A 449 46.43 37.06 22.99
N LEU A 450 47.21 37.14 21.94
CA LEU A 450 47.05 38.19 20.92
C LEU A 450 47.77 37.77 19.64
N ILE A 451 47.08 37.83 18.51
CA ILE A 451 47.66 37.56 17.17
C ILE A 451 48.01 38.89 16.54
N TRP A 452 49.10 38.92 15.79
CA TRP A 452 49.26 39.96 14.81
C TRP A 452 49.31 39.40 13.40
N GLY A 453 48.95 40.25 12.44
CA GLY A 453 48.82 39.86 11.03
C GLY A 453 50.10 39.59 10.23
N GLY A 454 51.23 39.53 10.92
CA GLY A 454 52.51 39.28 10.24
C GLY A 454 52.95 40.46 9.38
N ASN A 455 53.71 40.14 8.34
CA ASN A 455 54.28 41.18 7.47
C ASN A 455 53.38 41.46 6.25
N GLN A 456 52.76 42.64 6.23
CA GLN A 456 52.14 43.17 5.03
C GLN A 456 53.23 43.94 4.30
N SER A 457 53.12 44.03 2.99
CA SER A 457 53.81 45.03 2.25
C SER A 457 53.32 46.42 2.68
N VAL A 458 54.19 47.41 2.45
CA VAL A 458 53.89 48.80 2.81
C VAL A 458 53.05 49.46 1.70
N ASP A 459 51.86 48.92 1.44
CA ASP A 459 51.04 49.35 0.32
C ASP A 459 49.57 49.02 0.56
N PHE A 460 48.75 49.45 -0.40
CA PHE A 460 47.33 49.19 -0.43
C PHE A 460 47.01 48.01 -1.38
N SER A 461 47.95 47.09 -1.63
CA SER A 461 47.67 46.02 -2.56
C SER A 461 46.57 45.11 -2.02
N ARG A 462 45.90 44.42 -2.95
CA ARG A 462 44.81 43.53 -2.63
C ARG A 462 45.28 42.28 -1.85
N HIS A 463 46.43 41.74 -2.23
CA HIS A 463 46.90 40.47 -1.68
C HIS A 463 48.05 40.56 -0.67
N ASP A 464 48.60 41.75 -0.43
CA ASP A 464 49.56 41.91 0.66
C ASP A 464 49.54 43.27 1.38
N GLY A 465 48.49 44.05 1.19
CA GLY A 465 48.38 45.38 1.78
C GLY A 465 47.41 45.41 2.95
N LEU A 466 47.02 46.64 3.28
CA LEU A 466 46.12 46.93 4.37
C LEU A 466 44.91 45.99 4.45
N VAL A 467 44.23 45.78 3.31
CA VAL A 467 42.96 45.08 3.34
C VAL A 467 43.13 43.63 3.78
N THR A 468 44.32 43.05 3.56
CA THR A 468 44.51 41.66 3.95
C THR A 468 44.46 41.44 5.49
N VAL A 469 44.73 42.48 6.24
CA VAL A 469 44.68 42.42 7.69
C VAL A 469 43.26 42.05 8.16
N ILE A 470 42.26 42.63 7.50
CA ILE A 470 40.88 42.44 7.90
C ILE A 470 40.46 40.99 7.66
N CYS A 471 40.88 40.47 6.53
CA CYS A 471 40.65 39.06 6.21
C CYS A 471 41.24 38.13 7.33
N GLY A 472 42.48 38.45 7.69
CA GLY A 472 43.20 37.76 8.77
C GLY A 472 42.45 37.79 10.13
N ALA A 473 41.95 38.99 10.49
CA ALA A 473 41.23 39.14 11.69
C ALA A 473 39.93 38.34 11.69
N LEU A 474 39.18 38.42 10.58
CA LEU A 474 37.87 37.78 10.52
C LEU A 474 38.04 36.25 10.58
N SER A 475 38.93 35.71 9.74
CA SER A 475 39.13 34.27 9.68
C SER A 475 39.66 33.71 11.02
N SER A 476 40.74 34.32 11.55
CA SER A 476 41.29 33.86 12.80
C SER A 476 40.32 34.00 14.01
N GLY A 477 39.49 35.02 14.00
CA GLY A 477 38.44 35.21 15.01
C GLY A 477 37.42 34.07 15.04
N LEU A 478 36.99 33.58 13.88
CA LEU A 478 36.08 32.46 13.84
C LEU A 478 36.70 31.17 14.40
N MET A 479 38.02 31.09 14.29
CA MET A 479 38.76 29.96 14.83
C MET A 479 39.07 30.09 16.34
N GLY A 480 38.60 31.16 16.98
CA GLY A 480 38.68 31.33 18.42
C GLY A 480 39.80 32.19 18.95
N ASN A 481 40.47 32.93 18.05
CA ASN A 481 41.47 33.92 18.43
C ASN A 481 40.75 35.25 18.46
N ALA A 482 40.40 35.68 19.67
CA ALA A 482 39.55 36.88 19.82
C ALA A 482 40.21 38.21 19.56
N TYR A 483 41.56 38.26 19.60
CA TYR A 483 42.27 39.51 19.51
C TYR A 483 43.30 39.49 18.38
N HIS A 484 43.16 40.42 17.46
CA HIS A 484 44.01 40.55 16.27
C HIS A 484 44.45 41.99 16.13
N HIS A 485 45.65 42.20 15.58
CA HIS A 485 46.08 43.55 15.25
C HIS A 485 47.10 43.48 14.19
N SER A 486 47.54 44.64 13.76
CA SER A 486 48.56 44.68 12.70
C SER A 486 49.60 45.77 12.92
N ASP A 487 50.70 45.67 12.17
CA ASP A 487 51.69 46.74 12.15
C ASP A 487 51.07 47.97 11.48
N ILE A 488 50.97 49.10 12.20
CA ILE A 488 50.47 50.32 11.58
C ILE A 488 51.47 50.80 10.50
N GLY A 489 51.02 50.82 9.24
CA GLY A 489 51.81 51.22 8.12
C GLY A 489 52.49 50.05 7.44
N GLY A 490 52.19 48.82 7.84
CA GLY A 490 52.82 47.64 7.22
C GLY A 490 54.28 47.44 7.59
N TYR A 491 54.91 46.41 7.02
CA TYR A 491 56.27 46.05 7.35
C TYR A 491 57.20 46.06 6.15
N THR A 492 56.89 45.27 5.11
CA THR A 492 57.89 44.90 4.12
C THR A 492 58.10 45.96 3.06
N SER A 493 59.32 46.52 3.04
CA SER A 493 59.74 47.49 2.06
C SER A 493 60.85 46.87 1.24
N LEU A 494 60.55 46.55 -0.02
CA LEU A 494 61.54 46.01 -0.96
C LEU A 494 61.21 46.53 -2.37
N PHE A 495 62.21 46.54 -3.22
CA PHE A 495 62.06 46.80 -4.66
C PHE A 495 61.44 48.18 -4.91
N GLY A 496 61.81 49.17 -4.09
CA GLY A 496 61.25 50.51 -4.21
C GLY A 496 59.88 50.73 -3.59
N ASN A 497 59.25 49.72 -3.00
CA ASN A 497 57.97 49.90 -2.35
C ASN A 497 58.26 50.50 -0.94
N VAL A 498 57.81 51.72 -0.73
CA VAL A 498 58.00 52.47 0.51
C VAL A 498 56.67 53.09 0.95
N ARG A 499 56.56 53.40 2.22
CA ARG A 499 55.30 53.92 2.76
C ARG A 499 54.97 55.29 2.22
N THR A 500 53.71 55.65 2.27
CA THR A 500 53.31 57.04 2.12
C THR A 500 52.65 57.50 3.43
N ALA A 501 52.55 58.80 3.57
CA ALA A 501 51.80 59.42 4.67
C ALA A 501 50.38 58.87 4.73
N GLU A 502 49.74 58.82 3.56
CA GLU A 502 48.35 58.40 3.44
C GLU A 502 48.18 56.94 3.90
N LEU A 503 49.10 56.10 3.52
CA LEU A 503 49.08 54.73 3.96
C LEU A 503 49.12 54.61 5.49
N ILE A 504 50.06 55.33 6.12
CA ILE A 504 50.15 55.28 7.55
C ILE A 504 48.85 55.74 8.19
N MET A 505 48.32 56.86 7.70
CA MET A 505 47.12 57.44 8.31
C MET A 505 45.91 56.49 8.15
N ARG A 506 45.71 55.90 6.96
CA ARG A 506 44.62 54.95 6.79
C ARG A 506 44.76 53.72 7.70
N TRP A 507 45.97 53.25 7.84
CA TRP A 507 46.23 52.10 8.70
C TRP A 507 45.95 52.44 10.18
N THR A 508 46.32 53.64 10.61
CA THR A 508 46.09 54.09 11.98
C THR A 508 44.56 54.16 12.24
N GLU A 509 43.81 54.63 11.24
CA GLU A 509 42.35 54.78 11.32
C GLU A 509 41.69 53.44 11.60
N MET A 510 42.13 52.40 10.92
CA MET A 510 41.66 51.06 11.18
C MET A 510 42.10 50.63 12.58
N ALA A 511 43.38 50.82 12.92
CA ALA A 511 43.95 50.26 14.14
C ALA A 511 43.28 50.76 15.41
N ALA A 512 42.80 52.02 15.39
CA ALA A 512 42.09 52.61 16.51
C ALA A 512 40.79 51.85 16.86
N PHE A 513 40.25 51.08 15.91
CA PHE A 513 39.08 50.24 16.11
C PHE A 513 39.51 48.76 16.01
N THR A 514 40.59 48.44 16.71
CA THR A 514 41.06 47.06 16.95
C THR A 514 41.60 47.01 18.38
N PRO A 515 41.86 45.80 18.90
CA PRO A 515 42.31 45.70 20.31
C PRO A 515 43.60 46.41 20.64
N VAL A 516 44.53 46.52 19.70
CA VAL A 516 45.85 47.06 20.00
C VAL A 516 46.40 47.91 18.84
N MET A 517 46.74 49.15 19.13
CA MET A 517 47.45 50.05 18.27
C MET A 517 48.94 49.86 18.50
N ARG A 518 49.67 49.53 17.43
CA ARG A 518 51.11 49.30 17.56
C ARG A 518 51.79 49.73 16.24
N THR A 519 52.86 50.50 16.34
CA THR A 519 53.67 50.85 15.19
C THR A 519 54.88 49.95 15.08
N HIS A 520 55.59 50.08 13.95
CA HIS A 520 56.74 49.24 13.61
C HIS A 520 57.54 50.05 12.61
N GLU A 521 58.82 50.23 12.84
CA GLU A 521 59.66 50.88 11.83
C GLU A 521 59.92 50.05 10.58
N GLY A 522 59.79 48.73 10.65
CA GLY A 522 59.92 47.87 9.46
C GLY A 522 61.32 47.41 9.21
N ASN A 523 61.54 46.82 8.06
CA ASN A 523 62.84 46.23 7.71
C ASN A 523 63.87 47.25 7.27
N ARG A 524 63.42 48.40 6.80
CA ARG A 524 64.35 49.44 6.33
C ARG A 524 63.95 50.81 6.86
N PRO A 525 64.20 51.01 8.17
CA PRO A 525 63.62 52.18 8.84
C PRO A 525 63.94 53.51 8.19
N ARG A 526 65.18 53.71 7.72
CA ARG A 526 65.53 55.03 7.16
C ARG A 526 65.01 55.25 5.73
N ASP A 527 64.51 54.22 5.07
CA ASP A 527 63.88 54.38 3.73
C ASP A 527 62.38 54.62 3.82
N ASN A 528 61.78 54.47 5.00
CA ASN A 528 60.35 54.57 5.11
C ASN A 528 59.90 55.63 6.11
N LEU A 529 58.86 56.37 5.76
CA LEU A 529 58.30 57.36 6.67
C LEU A 529 57.84 56.64 7.97
N GLN A 530 58.17 57.26 9.10
CA GLN A 530 57.74 56.80 10.42
C GLN A 530 56.79 57.82 11.02
N ILE A 531 56.02 57.38 12.05
CA ILE A 531 54.95 58.25 12.58
C ILE A 531 55.40 59.59 13.14
N ASP A 532 56.64 59.66 13.62
CA ASP A 532 57.16 60.90 14.23
C ASP A 532 57.73 61.86 13.19
N GLN A 533 57.82 61.48 11.91
CA GLN A 533 58.63 62.25 10.98
C GLN A 533 57.84 63.24 10.15
N ASP A 534 56.53 63.26 10.25
CA ASP A 534 55.74 64.21 9.49
C ASP A 534 54.69 64.74 10.46
N GLU A 535 54.62 66.07 10.55
CA GLU A 535 53.72 66.74 11.48
C GLU A 535 52.23 66.33 11.31
N THR A 536 51.76 66.31 10.08
CA THR A 536 50.38 65.93 9.78
C THR A 536 50.09 64.51 10.21
N VAL A 537 50.99 63.59 9.85
CA VAL A 537 50.83 62.17 10.20
C VAL A 537 50.83 62.02 11.72
N LEU A 538 51.76 62.69 12.41
CA LEU A 538 51.87 62.57 13.86
C LEU A 538 50.62 63.11 14.58
N ALA A 539 50.12 64.25 14.12
CA ALA A 539 48.92 64.85 14.74
C ALA A 539 47.71 63.94 14.48
N HIS A 540 47.61 63.39 13.27
CA HIS A 540 46.54 62.42 12.96
C HIS A 540 46.66 61.19 13.87
N PHE A 541 47.88 60.69 14.03
CA PHE A 541 48.13 59.54 14.92
C PHE A 541 47.72 59.86 16.39
N ALA A 542 48.15 61.01 16.90
CA ALA A 542 47.80 61.42 18.26
C ALA A 542 46.29 61.42 18.46
N ARG A 543 45.60 62.06 17.54
CA ARG A 543 44.16 62.11 17.61
C ARG A 543 43.56 60.71 17.61
N MET A 544 44.02 59.84 16.71
CA MET A 544 43.46 58.50 16.68
C MET A 544 43.74 57.75 18.01
N THR A 545 44.89 57.97 18.64
CA THR A 545 45.14 57.35 19.94
C THR A 545 44.16 57.87 21.01
N ALA A 546 43.78 59.15 20.94
CA ALA A 546 42.79 59.71 21.87
C ALA A 546 41.42 59.07 21.67
N ILE A 547 41.07 58.84 20.41
CA ILE A 547 39.84 58.12 20.11
C ILE A 547 39.86 56.73 20.65
N TYR A 548 40.97 56.01 20.45
CA TYR A 548 41.10 54.62 20.99
C TYR A 548 40.93 54.65 22.55
N VAL A 549 41.59 55.60 23.20
CA VAL A 549 41.47 55.69 24.65
C VAL A 549 40.03 56.02 25.09
N ALA A 550 39.37 56.93 24.41
CA ALA A 550 37.96 57.24 24.75
C ALA A 550 37.08 56.04 24.53
N LEU A 551 37.41 55.19 23.55
CA LEU A 551 36.63 53.96 23.28
C LEU A 551 36.94 52.77 24.16
N ALA A 552 37.99 52.86 24.98
CA ALA A 552 38.40 51.74 25.82
C ALA A 552 37.31 51.08 26.67
N PRO A 553 36.39 51.84 27.26
CA PRO A 553 35.34 51.10 28.02
C PRO A 553 34.55 50.14 27.12
N TYR A 554 34.33 50.51 25.84
CA TYR A 554 33.64 49.60 24.93
C TYR A 554 34.51 48.39 24.60
N LEU A 555 35.77 48.65 24.22
CA LEU A 555 36.73 47.55 23.91
C LEU A 555 36.85 46.60 25.10
N LYS A 556 36.94 47.19 26.30
CA LYS A 556 37.02 46.36 27.49
C LYS A 556 35.78 45.47 27.68
N SER A 557 34.58 45.98 27.41
CA SER A 557 33.39 45.10 27.46
C SER A 557 33.46 43.97 26.39
N LEU A 558 34.09 44.27 25.24
CA LEU A 558 34.28 43.24 24.20
C LEU A 558 35.26 42.18 24.61
N SER A 559 36.31 42.58 25.31
CA SER A 559 37.25 41.60 25.89
C SER A 559 36.57 40.73 26.96
N ALA A 560 35.74 41.34 27.79
CA ALA A 560 34.97 40.54 28.76
C ALA A 560 34.07 39.54 28.06
N GLU A 561 33.41 39.96 26.97
CA GLU A 561 32.58 39.00 26.21
C GLU A 561 33.43 37.91 25.61
N ALA A 562 34.61 38.27 25.10
CA ALA A 562 35.50 37.25 24.53
C ALA A 562 35.84 36.16 25.57
N ALA A 563 36.18 36.58 26.77
CA ALA A 563 36.45 35.60 27.85
C ALA A 563 35.21 34.80 28.22
N LYS A 564 34.05 35.41 28.28
CA LYS A 564 32.83 34.71 28.71
C LYS A 564 32.32 33.80 27.62
N THR A 565 32.36 34.23 26.36
CA THR A 565 31.66 33.51 25.28
C THR A 565 32.54 33.05 24.10
N GLY A 566 33.80 33.46 24.07
CA GLY A 566 34.69 33.12 22.97
C GLY A 566 34.58 34.01 21.70
N LEU A 567 33.60 34.89 21.65
CA LEU A 567 33.40 35.69 20.43
C LEU A 567 34.53 36.67 20.17
N PRO A 568 34.96 36.74 18.91
CA PRO A 568 36.08 37.65 18.64
C PRO A 568 35.66 39.10 18.71
N VAL A 569 36.62 39.97 18.98
CA VAL A 569 36.36 41.37 19.02
C VAL A 569 35.96 41.90 17.55
N GLN A 570 36.65 41.39 16.52
CA GLN A 570 36.31 41.73 15.16
C GLN A 570 35.51 40.59 14.53
N ARG A 571 34.25 40.88 14.23
CA ARG A 571 33.31 39.89 13.78
C ARG A 571 32.85 40.16 12.33
N PRO A 572 32.56 39.10 11.60
CA PRO A 572 31.99 39.30 10.23
C PRO A 572 30.54 39.70 10.32
N LEU A 573 30.03 40.45 9.33
CA LEU A 573 28.64 40.86 9.31
C LEU A 573 27.67 39.75 9.50
N PHE A 574 27.94 38.59 8.93
CA PHE A 574 26.97 37.52 9.02
C PHE A 574 26.76 36.97 10.41
N LEU A 575 27.71 37.21 11.32
CA LEU A 575 27.56 36.67 12.66
C LEU A 575 26.39 37.26 13.39
N HIS A 576 26.07 38.52 13.10
CA HIS A 576 24.94 39.23 13.70
C HIS A 576 23.79 39.47 12.75
N TYR A 577 23.93 39.11 11.47
CA TYR A 577 22.89 39.35 10.47
C TYR A 577 22.79 38.10 9.60
N GLU A 578 22.40 37.02 10.25
CA GLU A 578 22.37 35.69 9.68
C GLU A 578 21.36 35.56 8.58
N ASN A 579 20.33 36.40 8.57
CA ASN A 579 19.28 36.28 7.59
C ASN A 579 19.47 37.19 6.42
N GLU A 580 20.67 37.70 6.23
CA GLU A 580 21.05 38.42 5.02
C GLU A 580 22.18 37.69 4.28
N PRO A 581 21.83 36.67 3.48
CA PRO A 581 22.81 35.87 2.74
C PRO A 581 23.76 36.69 1.86
N GLN A 582 23.34 37.81 1.35
CA GLN A 582 24.23 38.66 0.51
C GLN A 582 25.39 39.27 1.29
N THR A 583 25.41 39.18 2.61
CA THR A 583 26.53 39.63 3.41
C THR A 583 27.60 38.58 3.62
N TYR A 584 27.36 37.34 3.24
CA TYR A 584 28.19 36.21 3.75
C TYR A 584 29.63 36.14 3.26
N ALA A 585 29.98 36.84 2.17
CA ALA A 585 31.34 36.95 1.70
C ALA A 585 32.08 38.26 2.01
N VAL A 586 31.41 39.23 2.63
CA VAL A 586 32.03 40.56 2.97
C VAL A 586 33.21 40.38 3.87
N GLN A 587 34.37 40.88 3.43
CA GLN A 587 35.64 40.73 4.17
C GLN A 587 36.43 42.01 4.30
N ASP A 588 35.89 43.15 3.87
CA ASP A 588 36.58 44.41 4.06
C ASP A 588 35.85 45.40 4.96
N CYS A 589 34.87 44.88 5.70
CA CYS A 589 34.16 45.59 6.77
CA CYS A 589 34.16 45.59 6.77
C CYS A 589 34.08 44.58 7.90
N TYR A 590 34.00 45.05 9.10
CA TYR A 590 33.77 44.18 10.26
C TYR A 590 32.86 44.87 11.28
N LEU A 591 32.21 44.04 12.10
CA LEU A 591 31.53 44.48 13.27
C LEU A 591 32.54 44.48 14.40
N TYR A 592 32.73 45.67 15.01
CA TYR A 592 33.63 45.82 16.14
C TYR A 592 32.71 45.66 17.36
N GLY A 593 32.65 44.43 17.85
CA GLY A 593 31.55 44.03 18.75
C GLY A 593 30.26 44.03 17.98
N ALA A 594 29.14 43.88 18.66
CA ALA A 594 27.83 43.91 17.98
C ALA A 594 27.38 45.32 17.58
N ASP A 595 27.97 46.35 18.23
CA ASP A 595 27.41 47.67 18.17
C ASP A 595 28.07 48.68 17.28
N MET A 596 29.24 48.35 16.71
CA MET A 596 29.92 49.27 15.79
C MET A 596 30.22 48.54 14.49
N LEU A 597 30.15 49.30 13.41
CA LEU A 597 30.50 48.80 12.08
C LEU A 597 31.65 49.68 11.55
N VAL A 598 32.68 48.98 11.10
CA VAL A 598 33.88 49.64 10.61
C VAL A 598 34.18 49.20 9.19
N ALA A 599 34.36 50.21 8.33
CA ALA A 599 34.63 49.98 6.89
C ALA A 599 35.90 50.71 6.47
N PRO A 600 37.06 50.09 6.73
CA PRO A 600 38.32 50.80 6.44
C PRO A 600 38.46 51.15 4.96
N VAL A 601 39.00 52.34 4.69
CA VAL A 601 39.50 52.69 3.38
C VAL A 601 40.78 51.92 3.12
N TRP A 602 40.83 51.16 2.02
CA TRP A 602 42.01 50.35 1.74
C TRP A 602 42.64 50.61 0.39
N LYS A 603 42.36 51.78 -0.17
CA LYS A 603 42.96 52.24 -1.42
C LYS A 603 43.41 53.68 -1.30
N ALA A 604 44.45 54.02 -2.07
CA ALA A 604 44.96 55.39 -2.12
C ALA A 604 44.01 56.30 -2.84
N GLY A 605 43.97 57.55 -2.45
CA GLY A 605 43.23 58.57 -3.19
C GLY A 605 41.76 58.58 -2.94
N GLU A 606 41.22 57.78 -2.03
CA GLU A 606 39.76 57.75 -1.81
C GLU A 606 39.34 58.85 -0.88
N THR A 607 38.30 59.60 -1.26
CA THR A 607 37.73 60.61 -0.34
C THR A 607 36.39 60.15 0.28
N GLN A 608 35.88 59.01 -0.17
CA GLN A 608 34.59 58.48 0.24
C GLN A 608 34.69 56.98 0.37
N ARG A 609 33.73 56.38 1.06
CA ARG A 609 33.67 54.94 1.19
C ARG A 609 32.22 54.49 1.00
N SER A 610 32.01 53.49 0.16
CA SER A 610 30.71 52.87 -0.01
C SER A 610 30.68 51.56 0.77
N LEU A 611 29.55 51.27 1.40
CA LEU A 611 29.43 50.04 2.15
C LEU A 611 27.96 49.71 2.37
N TYR A 612 27.75 48.48 2.79
CA TYR A 612 26.40 47.99 3.10
C TYR A 612 26.15 48.10 4.58
N LEU A 613 25.12 48.84 4.98
CA LEU A 613 24.61 48.87 6.37
C LEU A 613 23.56 47.80 6.56
N PRO A 614 23.79 46.85 7.46
CA PRO A 614 22.89 45.75 7.67
C PRO A 614 21.77 46.05 8.66
N GLY A 615 20.78 45.13 8.67
CA GLY A 615 19.75 45.05 9.70
C GLY A 615 18.52 45.95 9.41
N HIS A 616 17.68 46.08 10.42
CA HIS A 616 16.44 46.85 10.30
C HIS A 616 16.36 47.99 11.28
N GLY A 617 17.46 48.32 11.95
CA GLY A 617 17.47 49.39 12.96
C GLY A 617 18.05 50.65 12.34
N GLU A 618 18.67 51.44 13.18
CA GLU A 618 19.34 52.65 12.74
C GLU A 618 20.84 52.58 13.09
N TRP A 619 21.63 53.08 12.16
CA TRP A 619 23.04 53.23 12.35
C TRP A 619 23.37 54.71 12.40
N VAL A 620 24.25 55.11 13.33
CA VAL A 620 24.62 56.50 13.49
C VAL A 620 26.07 56.64 13.06
N HIS A 621 26.32 57.55 12.10
CA HIS A 621 27.67 57.84 11.65
C HIS A 621 28.43 58.49 12.79
N LEU A 622 29.57 57.92 13.15
CA LEU A 622 30.28 58.32 14.37
C LEU A 622 30.71 59.80 14.39
N TRP A 623 31.18 60.31 13.26
CA TRP A 623 31.79 61.66 13.25
C TRP A 623 30.74 62.77 13.12
N SER A 624 29.64 62.50 12.45
CA SER A 624 28.61 63.51 12.17
C SER A 624 27.35 63.36 13.02
N GLY A 625 27.10 62.20 13.62
CA GLY A 625 25.83 61.93 14.24
C GLY A 625 24.64 61.70 13.26
N LYS A 626 24.84 61.72 11.93
CA LYS A 626 23.72 61.47 11.00
C LYS A 626 23.18 60.05 11.15
N ARG A 627 21.88 59.87 11.20
CA ARG A 627 21.31 58.51 11.37
C ARG A 627 20.94 57.95 9.99
N HIS A 628 21.09 56.64 9.80
CA HIS A 628 20.72 56.02 8.54
C HIS A 628 20.01 54.72 8.88
N ALA A 629 18.97 54.41 8.14
CA ALA A 629 18.32 53.16 8.22
C ALA A 629 19.18 51.98 7.74
N GLY A 630 19.10 50.87 8.50
CA GLY A 630 19.76 49.63 8.12
C GLY A 630 19.13 49.00 6.86
N GLY A 631 19.85 48.10 6.19
CA GLY A 631 19.33 47.43 5.04
C GLY A 631 19.61 48.11 3.70
N ARG A 632 20.60 48.98 3.60
CA ARG A 632 20.98 49.54 2.31
C ARG A 632 22.43 49.93 2.18
N ASP A 633 22.84 50.14 0.94
CA ASP A 633 24.19 50.69 0.64
C ASP A 633 24.18 52.17 0.96
N ILE A 634 25.27 52.69 1.50
CA ILE A 634 25.46 54.12 1.55
C ILE A 634 26.85 54.49 1.14
N THR A 635 27.05 55.77 0.87
CA THR A 635 28.39 56.30 0.62
C THR A 635 28.58 57.43 1.59
N VAL A 636 29.68 57.40 2.36
CA VAL A 636 29.99 58.53 3.27
C VAL A 636 31.35 59.13 2.93
N GLU A 637 31.47 60.40 3.29
CA GLU A 637 32.73 61.15 3.19
C GLU A 637 33.74 60.54 4.20
N THR A 638 34.95 60.24 3.71
CA THR A 638 36.00 59.70 4.56
C THR A 638 37.29 60.46 4.36
N PRO A 639 37.31 61.78 4.67
CA PRO A 639 38.59 62.49 4.69
C PRO A 639 39.50 61.85 5.79
N LEU A 640 40.79 62.11 5.70
CA LEU A 640 41.75 61.60 6.63
C LEU A 640 41.31 62.02 8.05
N GLY A 641 41.23 61.08 8.97
CA GLY A 641 40.76 61.34 10.31
C GLY A 641 39.32 60.88 10.56
N GLU A 642 38.55 60.61 9.49
CA GLU A 642 37.16 60.25 9.62
C GLU A 642 36.83 58.98 8.90
N PRO A 643 37.34 57.86 9.40
CA PRO A 643 37.01 56.59 8.79
C PRO A 643 35.48 56.30 8.87
N ALA A 644 35.03 55.46 7.98
CA ALA A 644 33.61 55.11 7.92
C ALA A 644 33.26 54.14 9.05
N VAL A 645 32.81 54.74 10.13
CA VAL A 645 32.45 54.00 11.34
C VAL A 645 31.05 54.44 11.80
N PHE A 646 30.24 53.46 12.15
CA PHE A 646 28.86 53.67 12.56
C PHE A 646 28.60 52.90 13.84
N TYR A 647 27.64 53.35 14.62
CA TYR A 647 27.17 52.58 15.77
C TYR A 647 25.65 52.44 15.76
N ARG A 648 25.19 51.38 16.40
CA ARG A 648 23.77 51.13 16.54
C ARG A 648 23.16 52.13 17.50
N ALA A 649 22.08 52.77 17.05
CA ALA A 649 21.37 53.78 17.83
C ALA A 649 20.87 53.18 19.18
N ASP A 650 20.49 51.91 19.13
CA ASP A 650 20.16 51.17 20.30
C ASP A 650 21.22 50.78 21.32
N SER A 651 22.49 51.08 21.03
CA SER A 651 23.54 50.61 21.84
C SER A 651 23.52 51.07 23.29
N SER A 652 23.79 50.18 24.21
CA SER A 652 24.00 50.56 25.63
C SER A 652 25.18 51.52 25.84
N HIS A 653 26.10 51.55 24.87
CA HIS A 653 27.24 52.45 24.89
C HIS A 653 27.01 53.76 24.12
N HIS A 654 25.77 54.09 23.80
CA HIS A 654 25.48 55.27 22.96
C HIS A 654 26.04 56.60 23.55
N ARG A 655 25.98 56.76 24.89
CA ARG A 655 26.47 58.00 25.53
C ARG A 655 27.99 58.12 25.21
N LEU A 656 28.73 57.02 25.30
CA LEU A 656 30.16 57.04 24.96
C LEU A 656 30.41 57.38 23.49
N PHE A 657 29.67 56.73 22.58
CA PHE A 657 29.85 56.99 21.16
C PHE A 657 29.50 58.44 20.79
N GLU A 658 28.48 59.00 21.44
CA GLU A 658 28.12 60.42 21.25
C GLU A 658 29.28 61.34 21.55
N GLN A 659 30.08 61.02 22.57
CA GLN A 659 31.29 61.83 22.90
C GLN A 659 32.27 62.01 21.76
N LEU A 660 32.38 61.00 20.90
CA LEU A 660 33.39 61.02 19.85
C LEU A 660 33.04 62.00 18.72
N ARG A 661 31.78 62.43 18.58
CA ARG A 661 31.30 63.31 17.46
C ARG A 661 32.09 64.64 17.17
N MET B 1 -52.16 -22.74 -12.08
CA MET B 1 -51.94 -22.66 -10.62
C MET B 1 -53.26 -22.28 -9.97
N HIS B 2 -53.41 -22.62 -8.70
CA HIS B 2 -54.67 -22.44 -7.99
C HIS B 2 -54.45 -21.41 -6.84
N PHE B 3 -55.20 -20.31 -6.93
CA PHE B 3 -55.29 -19.33 -5.84
C PHE B 3 -56.44 -19.72 -4.90
N GLU B 4 -56.24 -19.61 -3.60
CA GLU B 4 -57.26 -20.01 -2.62
C GLU B 4 -57.23 -18.96 -1.48
N THR B 5 -58.34 -18.39 -1.15
CA THR B 5 -58.48 -17.61 0.08
C THR B 5 -58.43 -18.48 1.35
N THR B 6 -57.92 -17.94 2.46
CA THR B 6 -57.87 -18.61 3.78
C THR B 6 -58.52 -17.68 4.81
N LYS B 7 -58.60 -18.12 6.09
CA LYS B 7 -59.10 -17.31 7.23
C LYS B 7 -58.57 -15.87 7.23
N ASP B 8 -57.25 -15.74 7.06
CA ASP B 8 -56.53 -14.45 7.18
C ASP B 8 -55.68 -14.02 5.96
N GLY B 9 -55.66 -14.79 4.87
CA GLY B 9 -54.98 -14.34 3.66
C GLY B 9 -55.18 -15.24 2.48
N PHE B 10 -54.11 -15.81 1.91
CA PHE B 10 -54.26 -16.67 0.74
C PHE B 10 -53.11 -17.65 0.54
N THR B 11 -53.36 -18.65 -0.30
CA THR B 11 -52.32 -19.53 -0.79
C THR B 11 -52.32 -19.56 -2.32
N ILE B 12 -51.17 -19.88 -2.91
CA ILE B 12 -51.06 -20.20 -4.34
C ILE B 12 -50.38 -21.55 -4.41
N ALA B 13 -50.94 -22.46 -5.18
CA ALA B 13 -50.45 -23.83 -5.33
C ALA B 13 -50.25 -24.26 -6.79
N ILE B 14 -49.39 -25.25 -6.99
CA ILE B 14 -49.34 -26.02 -8.26
C ILE B 14 -49.74 -27.40 -7.86
N GLY B 15 -50.87 -27.86 -8.38
CA GLY B 15 -51.39 -29.16 -8.00
C GLY B 15 -51.76 -29.14 -6.53
N ASN B 16 -51.41 -30.24 -5.85
CA ASN B 16 -51.57 -30.31 -4.42
C ASN B 16 -50.43 -29.56 -3.64
N ARG B 17 -49.47 -28.93 -4.33
CA ARG B 17 -48.27 -28.37 -3.67
C ARG B 17 -48.42 -26.87 -3.44
N ILE B 18 -48.66 -26.47 -2.20
CA ILE B 18 -48.69 -25.07 -1.85
C ILE B 18 -47.25 -24.46 -2.01
N ILE B 19 -47.20 -23.34 -2.72
CA ILE B 19 -45.98 -22.61 -3.03
C ILE B 19 -45.88 -21.33 -2.25
N LEU B 20 -46.93 -20.51 -2.26
CA LEU B 20 -46.95 -19.27 -1.47
C LEU B 20 -48.08 -19.35 -0.46
N SER B 21 -47.82 -18.85 0.73
CA SER B 21 -48.77 -18.73 1.79
C SER B 21 -48.62 -17.34 2.39
N HIS B 22 -49.70 -16.59 2.44
CA HIS B 22 -49.68 -15.26 2.99
C HIS B 22 -50.71 -15.12 4.11
N SER B 23 -50.25 -14.55 5.24
CA SER B 23 -51.13 -13.98 6.24
C SER B 23 -50.43 -12.76 6.84
N PRO B 24 -51.16 -11.92 7.60
CA PRO B 24 -50.48 -10.77 8.17
C PRO B 24 -49.30 -11.16 9.09
N ASP B 25 -49.42 -12.26 9.82
CA ASP B 25 -48.37 -12.72 10.70
C ASP B 25 -47.30 -13.48 10.00
N LYS B 26 -47.59 -14.12 8.87
CA LYS B 26 -46.59 -14.83 8.07
C LYS B 26 -46.67 -14.37 6.61
N PRO B 27 -46.19 -13.15 6.35
CA PRO B 27 -46.32 -12.55 5.01
C PRO B 27 -45.45 -13.26 4.02
N ALA B 28 -45.89 -13.33 2.76
CA ALA B 28 -45.09 -13.90 1.69
C ALA B 28 -44.05 -12.88 1.11
N PHE B 29 -44.35 -11.60 1.12
CA PHE B 29 -43.53 -10.58 0.50
C PHE B 29 -43.06 -9.53 1.46
N PHE B 30 -41.83 -9.04 1.22
CA PHE B 30 -41.24 -7.90 1.88
C PHE B 30 -40.69 -6.98 0.78
N ALA B 31 -40.79 -5.66 0.98
CA ALA B 31 -40.34 -4.71 -0.01
C ALA B 31 -39.52 -3.63 0.64
N GLY B 32 -38.56 -3.10 -0.12
CA GLY B 32 -37.72 -2.09 0.45
C GLY B 32 -36.77 -1.45 -0.53
N PHE B 33 -35.67 -0.96 0.06
CA PHE B 33 -34.77 -0.08 -0.65
C PHE B 33 -33.34 -0.30 -0.14
N GLY B 34 -32.39 -0.38 -1.05
CA GLY B 34 -30.98 -0.47 -0.69
C GLY B 34 -30.03 0.31 -1.61
N GLU B 35 -28.82 0.53 -1.14
CA GLU B 35 -27.73 1.16 -1.91
C GLU B 35 -26.56 0.20 -1.89
N GLU B 36 -26.29 -0.43 -3.03
CA GLU B 36 -25.26 -1.43 -3.10
C GLU B 36 -23.88 -0.87 -3.39
N ARG B 37 -22.85 -1.58 -2.98
CA ARG B 37 -21.49 -1.41 -3.48
C ARG B 37 -21.13 -2.68 -4.23
N MET B 38 -20.67 -2.57 -5.47
CA MET B 38 -20.25 -3.72 -6.30
C MET B 38 -18.93 -3.39 -6.96
N ASP B 39 -17.82 -3.51 -6.24
CA ASP B 39 -16.50 -3.15 -6.80
C ASP B 39 -15.90 -4.29 -7.62
N MET B 40 -15.49 -4.02 -8.85
CA MET B 40 -14.94 -5.03 -9.74
C MET B 40 -13.43 -4.94 -9.72
N TYR B 41 -12.74 -6.07 -9.62
CA TYR B 41 -11.33 -6.09 -9.88
C TYR B 41 -11.04 -7.35 -10.71
N ARG B 42 -10.72 -7.14 -11.98
CA ARG B 42 -10.41 -8.22 -12.91
C ARG B 42 -11.42 -9.38 -12.90
N GLY B 43 -12.69 -8.99 -12.98
CA GLY B 43 -13.79 -9.92 -13.06
C GLY B 43 -14.27 -10.49 -11.71
N ASN B 44 -13.59 -10.15 -10.61
CA ASN B 44 -13.99 -10.52 -9.24
C ASN B 44 -14.77 -9.35 -8.66
N PHE B 45 -15.84 -9.64 -7.92
CA PHE B 45 -16.68 -8.60 -7.38
C PHE B 45 -16.66 -8.65 -5.89
N ASP B 46 -16.53 -7.49 -5.29
CA ASP B 46 -16.72 -7.35 -3.88
C ASP B 46 -18.05 -6.63 -3.68
N ILE B 47 -19.07 -7.35 -3.28
CA ILE B 47 -20.44 -6.90 -3.28
C ILE B 47 -20.94 -6.76 -1.84
N GLU B 48 -21.49 -5.61 -1.50
CA GLU B 48 -22.10 -5.45 -0.19
C GLU B 48 -23.30 -4.53 -0.30
N ASP B 49 -24.42 -4.92 0.27
CA ASP B 49 -25.59 -4.08 0.22
C ASP B 49 -25.71 -3.26 1.49
N TYR B 50 -26.29 -2.07 1.38
CA TYR B 50 -26.70 -1.30 2.54
C TYR B 50 -28.25 -1.22 2.45
N VAL B 51 -28.94 -2.02 3.26
CA VAL B 51 -30.38 -2.06 3.30
C VAL B 51 -30.88 -0.90 4.13
N ILE B 52 -31.64 0.00 3.50
CA ILE B 52 -32.24 1.14 4.17
C ILE B 52 -33.66 0.89 4.63
N GLU B 53 -34.44 0.12 3.87
CA GLU B 53 -35.73 -0.41 4.28
C GLU B 53 -35.94 -1.85 3.86
N ARG B 54 -36.52 -2.64 4.74
CA ARG B 54 -37.08 -3.96 4.42
C ARG B 54 -38.35 -4.03 5.24
N THR B 55 -39.49 -4.01 4.57
CA THR B 55 -40.77 -3.91 5.25
C THR B 55 -41.75 -4.97 4.75
N ALA B 56 -42.28 -5.73 5.69
CA ALA B 56 -43.27 -6.77 5.39
C ALA B 56 -44.50 -6.18 4.73
N LEU B 57 -44.97 -6.81 3.67
CA LEU B 57 -46.26 -6.48 3.07
C LEU B 57 -47.34 -7.36 3.71
N ARG B 58 -47.86 -6.91 4.84
CA ARG B 58 -48.79 -7.73 5.63
C ARG B 58 -50.24 -7.75 5.12
N HIS B 59 -50.64 -6.74 4.38
CA HIS B 59 -52.05 -6.56 4.09
C HIS B 59 -52.35 -6.80 2.60
N ALA B 60 -53.12 -7.86 2.34
CA ALA B 60 -53.49 -8.28 1.01
C ALA B 60 -54.95 -7.97 0.77
N GLU B 61 -55.27 -7.47 -0.41
CA GLU B 61 -56.66 -7.49 -0.85
C GLU B 61 -56.84 -7.79 -2.31
N VAL B 62 -57.96 -8.47 -2.59
CA VAL B 62 -58.36 -8.79 -3.95
C VAL B 62 -58.78 -7.50 -4.64
N SER B 63 -58.30 -7.33 -5.86
CA SER B 63 -58.58 -6.13 -6.64
C SER B 63 -58.71 -6.56 -8.12
N GLY B 64 -59.95 -6.80 -8.57
CA GLY B 64 -60.20 -7.45 -9.85
C GLY B 64 -59.56 -8.86 -9.83
N ASP B 65 -58.92 -9.27 -10.91
CA ASP B 65 -58.16 -10.52 -10.98
C ASP B 65 -56.71 -10.35 -10.58
N SER B 66 -56.54 -9.76 -9.42
CA SER B 66 -55.19 -9.57 -8.87
C SER B 66 -55.32 -9.39 -7.36
N VAL B 67 -54.17 -9.47 -6.70
CA VAL B 67 -54.05 -9.10 -5.31
C VAL B 67 -53.08 -7.93 -5.19
N THR B 68 -53.52 -6.90 -4.44
CA THR B 68 -52.62 -5.83 -4.03
C THR B 68 -52.14 -6.09 -2.58
N LEU B 69 -50.91 -5.64 -2.34
CA LEU B 69 -50.23 -5.83 -1.06
C LEU B 69 -49.72 -4.49 -0.56
N SER B 70 -50.06 -4.17 0.68
CA SER B 70 -49.55 -2.98 1.34
C SER B 70 -48.90 -3.36 2.70
N SER B 71 -48.17 -2.40 3.28
CA SER B 71 -47.48 -2.62 4.57
C SER B 71 -48.44 -3.00 5.69
N ALA B 72 -49.55 -2.25 5.72
CA ALA B 72 -50.58 -2.41 6.73
C ALA B 72 -51.91 -1.93 6.18
N PRO B 73 -53.04 -2.31 6.83
CA PRO B 73 -54.36 -1.75 6.42
C PRO B 73 -54.38 -0.23 6.44
N GLY B 74 -55.02 0.37 5.44
CA GLY B 74 -55.07 1.82 5.29
C GLY B 74 -53.82 2.45 4.68
N GLN B 75 -52.84 1.67 4.28
CA GLN B 75 -51.70 2.22 3.55
C GLN B 75 -51.83 1.88 2.08
N ALA B 76 -51.26 2.74 1.24
CA ALA B 76 -51.35 2.57 -0.22
C ALA B 76 -50.61 1.29 -0.63
N PRO B 77 -51.21 0.51 -1.53
CA PRO B 77 -50.50 -0.70 -1.93
C PRO B 77 -49.19 -0.42 -2.62
N ARG B 78 -48.24 -1.30 -2.44
CA ARG B 78 -46.93 -1.15 -3.03
C ARG B 78 -46.64 -2.14 -4.15
N LEU B 79 -47.37 -3.23 -4.20
CA LEU B 79 -47.12 -4.32 -5.11
C LEU B 79 -48.45 -4.95 -5.57
N ARG B 80 -48.55 -5.27 -6.87
CA ARG B 80 -49.67 -6.03 -7.39
C ARG B 80 -49.17 -7.39 -7.84
N LEU B 81 -49.95 -8.42 -7.54
CA LEU B 81 -49.70 -9.78 -7.89
C LEU B 81 -50.84 -10.19 -8.84
N THR B 82 -50.52 -10.79 -9.98
CA THR B 82 -51.52 -11.27 -10.91
C THR B 82 -51.16 -12.66 -11.37
N LEU B 83 -52.07 -13.61 -11.21
CA LEU B 83 -51.86 -14.96 -11.75
C LEU B 83 -52.07 -14.97 -13.22
N ASP B 84 -51.19 -15.63 -13.97
CA ASP B 84 -51.29 -15.69 -15.41
C ASP B 84 -50.73 -17.03 -15.90
N GLY B 85 -51.59 -18.05 -15.99
CA GLY B 85 -51.15 -19.41 -16.36
C GLY B 85 -50.17 -19.92 -15.31
N ASN B 86 -49.03 -20.38 -15.74
CA ASN B 86 -47.99 -20.90 -14.81
C ASN B 86 -47.09 -19.77 -14.21
N ALA B 87 -47.50 -18.50 -14.31
CA ALA B 87 -46.71 -17.39 -13.83
C ALA B 87 -47.45 -16.54 -12.78
N ILE B 88 -46.68 -15.99 -11.87
CA ILE B 88 -47.15 -14.90 -11.03
C ILE B 88 -46.50 -13.65 -11.57
N ARG B 89 -47.29 -12.73 -12.09
CA ARG B 89 -46.79 -11.46 -12.52
C ARG B 89 -46.79 -10.45 -11.40
N LEU B 90 -45.73 -9.62 -11.36
CA LEU B 90 -45.59 -8.62 -10.31
C LEU B 90 -45.46 -7.27 -10.89
N THR B 91 -46.16 -6.30 -10.33
CA THR B 91 -46.06 -4.93 -10.75
C THR B 91 -45.77 -4.08 -9.54
N ALA B 92 -44.70 -3.30 -9.58
CA ALA B 92 -44.37 -2.34 -8.56
C ALA B 92 -45.39 -1.19 -8.60
N LEU B 93 -46.18 -0.99 -7.58
CA LEU B 93 -47.02 0.19 -7.50
C LEU B 93 -46.32 1.33 -6.83
N ASP B 94 -45.29 1.06 -6.04
CA ASP B 94 -44.43 2.06 -5.45
C ASP B 94 -43.16 1.91 -6.25
N GLU B 95 -42.91 2.91 -7.07
CA GLU B 95 -41.78 2.92 -7.96
C GLU B 95 -40.46 3.12 -7.20
N THR B 96 -40.43 3.51 -5.92
CA THR B 96 -39.15 3.56 -5.20
C THR B 96 -38.54 2.18 -4.79
N ILE B 97 -39.31 1.11 -4.85
CA ILE B 97 -38.81 -0.21 -4.44
C ILE B 97 -37.64 -0.66 -5.29
N ASN B 98 -36.47 -0.98 -4.73
CA ASN B 98 -35.43 -1.71 -5.49
C ASN B 98 -34.94 -2.96 -4.78
N ARG B 99 -35.66 -3.39 -3.73
CA ARG B 99 -35.39 -4.66 -3.06
C ARG B 99 -36.73 -5.37 -2.83
N LEU B 100 -36.80 -6.63 -3.24
CA LEU B 100 -37.98 -7.45 -2.98
C LEU B 100 -37.53 -8.80 -2.44
N TRP B 101 -38.23 -9.26 -1.38
CA TRP B 101 -38.02 -10.60 -0.89
C TRP B 101 -39.33 -11.35 -0.95
N LEU B 102 -39.24 -12.61 -1.36
CA LEU B 102 -40.39 -13.48 -1.50
C LEU B 102 -40.07 -14.78 -0.79
N ARG B 103 -40.97 -15.23 0.07
CA ARG B 103 -40.86 -16.51 0.77
C ARG B 103 -41.70 -17.55 0.10
N VAL B 104 -41.10 -18.72 -0.18
CA VAL B 104 -41.82 -19.86 -0.68
C VAL B 104 -41.79 -20.99 0.31
N VAL B 105 -42.95 -21.60 0.45
CA VAL B 105 -43.20 -22.64 1.41
C VAL B 105 -42.19 -23.76 1.14
N ALA B 106 -41.63 -24.29 2.22
CA ALA B 106 -40.68 -25.39 2.13
C ALA B 106 -41.00 -26.42 3.18
N GLU B 107 -40.54 -27.64 2.93
CA GLU B 107 -40.63 -28.74 3.88
C GLU B 107 -39.23 -28.99 4.47
N THR B 108 -39.28 -29.61 5.62
CA THR B 108 -38.10 -29.89 6.43
C THR B 108 -37.04 -30.73 5.72
N ASP B 109 -37.47 -31.80 5.04
CA ASP B 109 -36.56 -32.70 4.38
C ASP B 109 -36.42 -32.37 2.83
N GLU B 110 -36.88 -31.22 2.40
CA GLU B 110 -36.82 -30.82 0.99
C GLU B 110 -35.39 -30.50 0.49
N HIS B 111 -35.09 -30.94 -0.73
CA HIS B 111 -33.85 -30.66 -1.42
C HIS B 111 -34.17 -29.69 -2.54
N VAL B 112 -33.19 -28.85 -2.90
CA VAL B 112 -33.32 -27.88 -3.96
C VAL B 112 -32.04 -27.86 -4.77
N TRP B 113 -32.17 -27.94 -6.09
CA TRP B 113 -31.01 -27.99 -6.96
C TRP B 113 -31.16 -26.97 -8.08
N GLY B 114 -30.04 -26.74 -8.81
CA GLY B 114 -30.00 -25.81 -9.91
C GLY B 114 -29.17 -24.61 -9.53
N GLY B 115 -29.75 -23.42 -9.69
CA GLY B 115 -29.02 -22.19 -9.50
C GLY B 115 -28.00 -21.84 -10.60
N GLY B 116 -28.17 -22.47 -11.75
CA GLY B 116 -27.24 -22.37 -12.86
C GLY B 116 -26.22 -23.51 -12.82
N GLU B 117 -24.96 -23.16 -13.08
CA GLU B 117 -23.85 -24.09 -12.92
C GLU B 117 -23.22 -23.79 -11.54
N GLN B 118 -23.57 -24.61 -10.55
CA GLN B 118 -22.99 -24.51 -9.20
C GLN B 118 -21.81 -25.39 -9.12
N MET B 119 -20.69 -24.83 -8.57
CA MET B 119 -19.41 -25.56 -8.55
C MET B 119 -19.12 -26.29 -7.22
N SER B 120 -19.69 -25.83 -6.10
CA SER B 120 -19.39 -26.40 -4.79
C SER B 120 -20.51 -27.31 -4.27
N TYR B 121 -21.73 -26.81 -4.25
CA TYR B 121 -22.88 -27.55 -3.69
C TYR B 121 -23.99 -27.75 -4.71
N PHE B 122 -24.39 -28.99 -4.88
CA PHE B 122 -25.46 -29.38 -5.81
C PHE B 122 -26.82 -29.18 -5.17
N ASP B 123 -27.05 -29.89 -4.08
CA ASP B 123 -28.18 -29.63 -3.18
C ASP B 123 -27.86 -28.34 -2.45
N MET B 124 -28.58 -27.28 -2.79
CA MET B 124 -28.36 -25.98 -2.20
C MET B 124 -29.00 -25.79 -0.80
N ARG B 125 -29.75 -26.77 -0.33
CA ARG B 125 -30.47 -26.60 0.94
C ARG B 125 -29.50 -26.31 2.10
N GLY B 126 -29.86 -25.34 2.94
CA GLY B 126 -29.06 -25.02 4.12
C GLY B 126 -28.12 -23.85 3.94
N ARG B 127 -27.96 -23.33 2.71
CA ARG B 127 -27.02 -22.26 2.44
C ARG B 127 -27.63 -21.17 1.56
N ARG B 128 -26.89 -20.09 1.39
CA ARG B 128 -27.30 -18.93 0.69
C ARG B 128 -26.46 -18.74 -0.59
N PHE B 129 -27.12 -18.49 -1.71
CA PHE B 129 -26.48 -18.40 -3.03
C PHE B 129 -26.85 -17.13 -3.78
N PRO B 130 -25.98 -16.13 -3.74
CA PRO B 130 -26.06 -14.97 -4.64
C PRO B 130 -25.84 -15.41 -6.10
N LEU B 131 -26.57 -14.77 -7.01
CA LEU B 131 -26.61 -15.10 -8.43
C LEU B 131 -26.18 -13.89 -9.27
N TRP B 132 -24.89 -13.83 -9.48
CA TRP B 132 -24.24 -12.71 -10.18
C TRP B 132 -23.06 -13.27 -10.90
N THR B 133 -23.04 -13.15 -12.21
CA THR B 133 -21.97 -13.79 -12.96
C THR B 133 -20.61 -13.10 -12.66
N SER B 134 -19.57 -13.89 -12.48
CA SER B 134 -18.23 -13.33 -12.19
C SER B 134 -17.21 -14.45 -12.37
N GLU B 135 -15.94 -14.14 -12.22
CA GLU B 135 -14.96 -15.17 -11.97
C GLU B 135 -15.41 -16.02 -10.76
N PRO B 136 -15.31 -17.34 -10.86
CA PRO B 136 -15.72 -18.19 -9.75
C PRO B 136 -14.74 -18.21 -8.56
N GLY B 137 -13.51 -17.80 -8.77
CA GLY B 137 -12.47 -17.78 -7.78
C GLY B 137 -11.45 -18.88 -8.03
N VAL B 138 -10.23 -18.62 -7.54
CA VAL B 138 -9.14 -19.58 -7.50
C VAL B 138 -9.08 -20.10 -6.05
N GLY B 139 -9.36 -21.40 -5.87
CA GLY B 139 -9.46 -22.02 -4.56
C GLY B 139 -10.86 -22.07 -3.99
N ARG B 140 -11.50 -20.91 -3.90
CA ARG B 140 -12.93 -20.87 -3.58
C ARG B 140 -13.26 -21.37 -2.15
N ASP B 141 -12.27 -21.32 -1.28
CA ASP B 141 -12.43 -21.82 0.07
C ASP B 141 -11.50 -21.04 0.98
N LYS B 142 -12.07 -20.16 1.77
CA LYS B 142 -11.30 -19.24 2.61
C LYS B 142 -10.40 -19.93 3.64
N THR B 143 -10.47 -21.25 3.80
CA THR B 143 -9.55 -21.98 4.65
C THR B 143 -8.34 -22.54 3.94
N THR B 144 -8.20 -22.33 2.62
CA THR B 144 -7.03 -22.87 1.91
C THR B 144 -6.04 -21.73 1.58
N GLU B 145 -4.79 -22.12 1.55
CA GLU B 145 -3.76 -21.17 1.30
C GLU B 145 -3.78 -20.59 -0.14
N ILE B 146 -4.17 -21.42 -1.11
CA ILE B 146 -4.39 -20.93 -2.48
C ILE B 146 -5.43 -19.82 -2.53
N THR B 147 -6.53 -19.98 -1.84
CA THR B 147 -7.58 -18.97 -1.81
C THR B 147 -7.10 -17.73 -1.14
N PHE B 148 -6.42 -17.87 -0.01
CA PHE B 148 -5.87 -16.75 0.74
C PHE B 148 -4.92 -15.95 -0.14
N LYS B 149 -3.96 -16.64 -0.75
CA LYS B 149 -3.00 -15.96 -1.64
C LYS B 149 -3.64 -15.28 -2.85
N SER B 150 -4.68 -15.92 -3.41
CA SER B 150 -5.42 -15.32 -4.50
C SER B 150 -6.17 -14.08 -4.04
N ASP B 151 -6.71 -14.10 -2.82
CA ASP B 151 -7.40 -12.90 -2.27
C ASP B 151 -6.44 -11.79 -2.00
N VAL B 152 -5.29 -12.09 -1.43
CA VAL B 152 -4.36 -11.03 -1.07
C VAL B 152 -3.75 -10.45 -2.35
N SER B 153 -3.35 -11.28 -3.30
CA SER B 153 -2.69 -10.72 -4.46
C SER B 153 -3.63 -10.13 -5.51
N GLY B 154 -4.86 -10.62 -5.66
CA GLY B 154 -5.77 -10.08 -6.67
C GLY B 154 -7.28 -10.12 -6.40
N LYS B 155 -7.68 -10.20 -5.13
CA LYS B 155 -9.10 -10.30 -4.76
C LYS B 155 -9.82 -11.41 -5.49
N ALA B 156 -9.10 -12.52 -5.68
CA ALA B 156 -9.45 -13.51 -6.70
C ALA B 156 -9.76 -14.90 -6.15
N GLY B 157 -9.82 -15.07 -4.83
CA GLY B 157 -10.04 -16.35 -4.24
C GLY B 157 -11.47 -16.87 -4.40
N GLY B 158 -12.46 -15.97 -4.37
CA GLY B 158 -13.84 -16.36 -4.43
C GLY B 158 -14.32 -17.17 -3.24
N ASP B 159 -15.42 -17.86 -3.43
CA ASP B 159 -16.08 -18.62 -2.37
C ASP B 159 -17.10 -19.59 -3.06
N TYR B 160 -17.75 -20.41 -2.25
CA TYR B 160 -18.51 -21.56 -2.69
C TYR B 160 -19.63 -21.19 -3.68
N TYR B 161 -20.16 -19.97 -3.58
CA TYR B 161 -21.32 -19.56 -4.38
C TYR B 161 -20.95 -18.88 -5.73
N ASN B 162 -19.70 -18.50 -5.92
CA ASN B 162 -19.35 -17.76 -7.10
C ASN B 162 -19.38 -18.72 -8.32
N THR B 163 -19.80 -18.19 -9.46
CA THR B 163 -19.84 -18.97 -10.70
C THR B 163 -19.89 -18.07 -11.90
N ASN B 164 -19.35 -18.58 -12.99
CA ASN B 164 -19.41 -17.92 -14.32
C ASN B 164 -20.86 -17.97 -14.83
N TYR B 165 -21.65 -18.89 -14.30
CA TYR B 165 -23.00 -19.15 -14.82
C TYR B 165 -24.00 -19.36 -13.67
N PRO B 166 -24.47 -18.26 -13.07
CA PRO B 166 -25.59 -18.32 -12.17
C PRO B 166 -26.90 -18.31 -12.98
N GLN B 167 -27.97 -18.80 -12.40
CA GLN B 167 -29.30 -18.69 -12.99
C GLN B 167 -30.34 -18.76 -11.88
N PRO B 168 -31.26 -17.77 -11.81
CA PRO B 168 -32.25 -17.80 -10.75
C PRO B 168 -33.42 -18.79 -11.03
N THR B 169 -33.09 -20.06 -11.08
CA THR B 169 -34.00 -21.15 -11.35
C THR B 169 -33.65 -22.27 -10.36
N TRP B 170 -34.67 -22.83 -9.71
CA TRP B 170 -34.49 -24.04 -8.88
C TRP B 170 -35.48 -25.15 -9.22
N LEU B 171 -35.01 -26.39 -9.01
CA LEU B 171 -35.82 -27.58 -9.02
C LEU B 171 -35.95 -28.03 -7.55
N SER B 172 -37.19 -28.25 -7.12
CA SER B 172 -37.49 -28.72 -5.78
C SER B 172 -37.80 -30.19 -5.76
N SER B 173 -37.38 -30.88 -4.68
CA SER B 173 -37.72 -32.32 -4.50
C SER B 173 -39.21 -32.52 -4.32
N ARG B 174 -39.99 -31.45 -4.09
CA ARG B 174 -41.45 -31.52 -4.10
C ARG B 174 -42.02 -31.57 -5.53
N LYS B 175 -41.18 -31.69 -6.55
CA LYS B 175 -41.65 -31.83 -7.95
C LYS B 175 -42.29 -30.59 -8.55
N TYR B 176 -41.60 -29.48 -8.40
CA TYR B 176 -41.89 -28.31 -9.19
C TYR B 176 -40.53 -27.62 -9.38
N ALA B 177 -40.49 -26.72 -10.36
CA ALA B 177 -39.34 -25.84 -10.53
C ALA B 177 -39.84 -24.40 -10.54
N LEU B 178 -39.02 -23.48 -10.08
CA LEU B 178 -39.36 -22.07 -10.00
C LEU B 178 -38.30 -21.31 -10.83
N HIS B 179 -38.75 -20.31 -11.59
CA HIS B 179 -37.84 -19.47 -12.37
C HIS B 179 -38.19 -17.99 -12.18
N VAL B 180 -37.19 -17.19 -11.87
CA VAL B 180 -37.40 -15.74 -11.71
C VAL B 180 -36.94 -15.10 -13.04
N GLU B 181 -37.85 -14.40 -13.70
CA GLU B 181 -37.52 -13.69 -14.91
C GLU B 181 -37.01 -12.31 -14.57
N THR B 182 -35.70 -12.25 -14.45
CA THR B 182 -34.97 -11.01 -14.16
C THR B 182 -33.52 -11.21 -14.60
N SER B 183 -32.86 -10.11 -14.85
CA SER B 183 -31.42 -10.08 -14.95
C SER B 183 -30.74 -9.31 -13.84
N ALA B 184 -31.53 -8.81 -12.90
CA ALA B 184 -30.93 -8.16 -11.71
C ALA B 184 -30.21 -9.15 -10.82
N TYR B 185 -29.36 -8.60 -9.98
CA TYR B 185 -28.80 -9.35 -8.86
C TYR B 185 -29.90 -10.00 -8.06
N SER B 186 -29.75 -11.27 -7.74
CA SER B 186 -30.70 -11.95 -6.89
C SER B 186 -29.94 -12.91 -5.94
N VAL B 187 -30.67 -13.42 -4.93
CA VAL B 187 -30.11 -14.37 -3.99
C VAL B 187 -31.13 -15.45 -3.64
N PHE B 188 -30.70 -16.72 -3.66
CA PHE B 188 -31.50 -17.80 -3.10
C PHE B 188 -31.01 -18.12 -1.68
N ASP B 189 -31.87 -17.90 -0.69
CA ASP B 189 -31.60 -18.19 0.72
C ASP B 189 -32.36 -19.42 1.18
N PHE B 190 -31.63 -20.54 1.29
CA PHE B 190 -32.20 -21.81 1.72
C PHE B 190 -31.80 -22.17 3.16
N ARG B 191 -31.57 -21.18 4.00
CA ARG B 191 -31.11 -21.45 5.38
C ARG B 191 -32.22 -21.90 6.34
N ASN B 192 -33.47 -21.59 6.05
CA ASN B 192 -34.57 -21.85 6.98
C ASN B 192 -35.30 -23.10 6.64
N GLY B 193 -35.70 -23.84 7.66
CA GLY B 193 -36.42 -25.09 7.50
C GLY B 193 -37.79 -25.03 6.90
N ASP B 194 -38.50 -23.90 7.12
CA ASP B 194 -39.91 -23.78 6.73
C ASP B 194 -40.18 -22.96 5.50
N PHE B 195 -39.16 -22.24 5.00
CA PHE B 195 -39.35 -21.48 3.77
C PHE B 195 -38.01 -21.29 3.07
N HIS B 196 -38.09 -21.10 1.75
CA HIS B 196 -37.01 -20.60 0.93
C HIS B 196 -37.23 -19.10 0.80
N GLU B 197 -36.22 -18.28 0.84
CA GLU B 197 -36.40 -16.84 0.58
C GLU B 197 -35.60 -16.38 -0.65
N ILE B 198 -36.26 -15.70 -1.57
CA ILE B 198 -35.64 -15.09 -2.72
C ILE B 198 -35.50 -13.60 -2.50
N GLU B 199 -34.27 -13.10 -2.65
CA GLU B 199 -34.04 -11.65 -2.69
C GLU B 199 -33.79 -11.21 -4.14
N ILE B 200 -34.43 -10.15 -4.58
CA ILE B 200 -34.18 -9.60 -5.93
C ILE B 200 -33.93 -8.11 -5.79
N TRP B 201 -32.93 -7.59 -6.49
CA TRP B 201 -32.70 -6.15 -6.50
C TRP B 201 -33.46 -5.46 -7.61
N ALA B 202 -34.77 -5.77 -7.67
CA ALA B 202 -35.75 -5.26 -8.67
C ALA B 202 -37.04 -5.95 -8.31
N VAL B 203 -38.11 -5.49 -8.94
CA VAL B 203 -39.39 -6.20 -8.89
C VAL B 203 -39.47 -6.93 -10.21
N PRO B 204 -39.20 -8.23 -10.20
CA PRO B 204 -39.20 -8.94 -11.46
C PRO B 204 -40.59 -8.98 -12.10
N GLU B 205 -40.59 -9.01 -13.44
CA GLU B 205 -41.82 -8.99 -14.25
C GLU B 205 -42.67 -10.20 -13.83
N LYS B 206 -42.01 -11.35 -13.63
CA LYS B 206 -42.75 -12.54 -13.28
C LYS B 206 -41.89 -13.64 -12.69
N ILE B 207 -42.56 -14.54 -11.97
CA ILE B 207 -42.02 -15.78 -11.44
C ILE B 207 -42.83 -16.90 -12.03
N GLU B 208 -42.15 -17.85 -12.67
CA GLU B 208 -42.77 -18.92 -13.44
C GLU B 208 -42.50 -20.27 -12.80
N PHE B 209 -43.48 -21.14 -12.96
CA PHE B 209 -43.52 -22.43 -12.33
C PHE B 209 -43.74 -23.54 -13.32
N PHE B 210 -43.13 -24.68 -13.06
CA PHE B 210 -43.16 -25.87 -13.93
C PHE B 210 -43.38 -27.05 -13.00
N ALA B 211 -44.32 -27.90 -13.34
CA ALA B 211 -44.55 -29.08 -12.50
C ALA B 211 -44.66 -30.29 -13.39
N GLY B 212 -44.67 -31.46 -12.79
CA GLY B 212 -44.75 -32.70 -13.56
C GLY B 212 -44.73 -33.88 -12.61
N ASP B 213 -45.03 -35.03 -13.17
CA ASP B 213 -45.11 -36.24 -12.39
C ASP B 213 -43.77 -36.79 -12.04
N SER B 214 -42.73 -36.46 -12.79
CA SER B 214 -41.39 -36.92 -12.55
C SER B 214 -40.42 -35.74 -12.66
N PHE B 215 -39.24 -35.88 -12.03
CA PHE B 215 -38.19 -34.87 -12.21
C PHE B 215 -37.78 -34.80 -13.67
N ALA B 216 -37.69 -35.95 -14.38
CA ALA B 216 -37.39 -35.95 -15.78
C ALA B 216 -38.36 -35.09 -16.60
N ASP B 217 -39.64 -35.19 -16.33
CA ASP B 217 -40.63 -34.38 -17.04
C ASP B 217 -40.43 -32.90 -16.74
N ILE B 218 -40.05 -32.55 -15.52
CA ILE B 218 -39.87 -31.14 -15.22
C ILE B 218 -38.62 -30.60 -15.92
N VAL B 219 -37.55 -31.38 -15.94
CA VAL B 219 -36.35 -31.00 -16.72
C VAL B 219 -36.69 -30.83 -18.24
N SER B 220 -37.52 -31.71 -18.80
CA SER B 220 -38.02 -31.51 -20.18
C SER B 220 -38.70 -30.20 -20.37
N ALA B 221 -39.60 -29.88 -19.48
CA ALA B 221 -40.35 -28.64 -19.58
C ALA B 221 -39.41 -27.42 -19.46
N LEU B 222 -38.48 -27.46 -18.50
CA LEU B 222 -37.52 -26.38 -18.36
C LEU B 222 -36.70 -26.25 -19.64
N SER B 223 -36.20 -27.35 -20.21
CA SER B 223 -35.34 -27.28 -21.39
C SER B 223 -36.12 -26.72 -22.60
N LEU B 224 -37.39 -27.01 -22.68
CA LEU B 224 -38.23 -26.47 -23.75
C LEU B 224 -38.40 -24.98 -23.53
N HIS B 225 -38.57 -24.54 -22.28
CA HIS B 225 -38.71 -23.12 -22.00
C HIS B 225 -37.39 -22.32 -22.27
N PHE B 226 -36.22 -22.85 -21.93
CA PHE B 226 -34.94 -22.10 -22.13
C PHE B 226 -34.32 -22.35 -23.50
N GLY B 227 -34.64 -23.49 -24.09
CA GLY B 227 -34.22 -23.91 -25.44
C GLY B 227 -33.23 -25.04 -25.36
N ARG B 228 -33.29 -25.99 -26.23
CA ARG B 228 -32.43 -27.16 -26.26
C ARG B 228 -31.25 -26.92 -27.20
N GLN B 229 -30.27 -27.79 -27.12
CA GLN B 229 -29.13 -27.72 -27.94
C GLN B 229 -29.26 -28.69 -29.11
N PRO B 230 -28.49 -28.43 -30.18
CA PRO B 230 -28.46 -29.43 -31.26
C PRO B 230 -27.79 -30.69 -30.78
N GLU B 231 -27.93 -31.78 -31.49
CA GLU B 231 -27.14 -32.98 -31.24
C GLU B 231 -25.65 -32.69 -31.47
N LEU B 232 -24.80 -33.45 -30.79
CA LEU B 232 -23.38 -33.26 -30.98
C LEU B 232 -23.03 -33.57 -32.45
N PRO B 233 -22.08 -32.83 -33.04
CA PRO B 233 -21.65 -33.17 -34.43
C PRO B 233 -20.95 -34.51 -34.48
N ASP B 234 -21.13 -35.23 -35.55
CA ASP B 234 -20.55 -36.57 -35.64
C ASP B 234 -19.04 -36.59 -35.52
N TRP B 235 -18.35 -35.53 -35.96
CA TRP B 235 -16.89 -35.56 -35.95
C TRP B 235 -16.28 -35.67 -34.51
N VAL B 236 -17.03 -35.18 -33.52
CA VAL B 236 -16.64 -35.27 -32.12
C VAL B 236 -16.33 -36.72 -31.62
N TYR B 237 -17.10 -37.64 -32.16
CA TYR B 237 -16.97 -39.07 -31.84
C TYR B 237 -15.68 -39.74 -32.32
N ASN B 238 -14.90 -39.06 -33.16
CA ASN B 238 -13.61 -39.58 -33.59
C ASN B 238 -12.56 -39.58 -32.48
N GLY B 239 -12.80 -38.90 -31.37
CA GLY B 239 -11.80 -38.96 -30.26
C GLY B 239 -11.66 -37.66 -29.51
N ALA B 240 -10.48 -37.43 -28.94
CA ALA B 240 -10.21 -36.24 -28.10
C ALA B 240 -9.85 -35.01 -28.92
N ILE B 241 -10.17 -33.85 -28.37
CA ILE B 241 -9.74 -32.57 -28.87
C ILE B 241 -8.45 -32.25 -28.08
N ILE B 242 -7.33 -32.25 -28.77
CA ILE B 242 -6.04 -31.98 -28.18
C ILE B 242 -5.76 -30.50 -28.10
N GLY B 243 -5.58 -30.01 -26.87
CA GLY B 243 -5.35 -28.60 -26.60
C GLY B 243 -3.86 -28.29 -26.52
N LEU B 244 -3.36 -27.52 -27.50
CA LEU B 244 -1.95 -27.12 -27.49
C LEU B 244 -1.91 -25.65 -27.81
N LYS B 245 -0.92 -24.99 -27.26
CA LYS B 245 -0.71 -23.59 -27.31
C LYS B 245 0.77 -23.27 -27.59
N ASP B 246 1.42 -24.09 -28.42
CA ASP B 246 2.84 -24.07 -28.57
C ASP B 246 3.23 -23.67 -30.00
N GLY B 247 2.41 -22.84 -30.65
CA GLY B 247 2.71 -22.40 -32.00
C GLY B 247 2.97 -23.56 -32.95
N VAL B 248 3.94 -23.37 -33.86
CA VAL B 248 4.25 -24.35 -34.88
C VAL B 248 4.67 -25.68 -34.22
N ASN B 249 5.30 -25.64 -33.06
CA ASN B 249 5.65 -26.86 -32.37
C ASN B 249 4.43 -27.70 -31.92
N SER B 250 3.24 -27.11 -31.90
CA SER B 250 2.03 -27.87 -31.61
C SER B 250 1.88 -29.09 -32.55
N PHE B 251 2.30 -28.96 -33.81
CA PHE B 251 2.06 -30.01 -34.80
C PHE B 251 2.90 -31.24 -34.53
N ALA B 252 4.14 -31.03 -34.19
CA ALA B 252 5.02 -32.15 -33.87
C ALA B 252 4.58 -32.85 -32.58
N ARG B 253 4.10 -32.08 -31.60
CA ARG B 253 3.61 -32.69 -30.36
C ARG B 253 2.33 -33.48 -30.62
N LEU B 254 1.45 -32.97 -31.50
CA LEU B 254 0.27 -33.75 -31.89
C LEU B 254 0.68 -35.08 -32.56
N GLU B 255 1.69 -35.07 -33.41
CA GLU B 255 2.14 -36.31 -34.09
C GLU B 255 2.61 -37.34 -33.07
N LYS B 256 3.32 -36.86 -32.05
CA LYS B 256 3.76 -37.71 -30.97
C LYS B 256 2.57 -38.34 -30.22
N ILE B 257 1.57 -37.52 -29.92
CA ILE B 257 0.34 -38.00 -29.30
C ILE B 257 -0.34 -39.06 -30.16
N ARG B 258 -0.45 -38.78 -31.46
CA ARG B 258 -1.03 -39.75 -32.39
C ARG B 258 -0.22 -41.04 -32.51
N ALA B 259 1.09 -40.95 -32.44
CA ALA B 259 1.97 -42.15 -32.56
C ALA B 259 1.76 -43.12 -31.39
N ALA B 260 1.26 -42.63 -30.27
CA ALA B 260 0.91 -43.52 -29.17
C ALA B 260 -0.44 -44.22 -29.34
N GLY B 261 -1.14 -43.99 -30.44
CA GLY B 261 -2.43 -44.65 -30.70
C GLY B 261 -3.63 -43.81 -30.27
N THR B 262 -3.42 -42.60 -29.77
CA THR B 262 -4.50 -41.74 -29.30
C THR B 262 -5.52 -41.45 -30.39
N LYS B 263 -6.80 -41.59 -30.08
CA LYS B 263 -7.87 -41.22 -31.03
C LYS B 263 -8.11 -39.74 -30.90
N VAL B 264 -7.98 -39.02 -32.02
CA VAL B 264 -8.05 -37.56 -32.04
C VAL B 264 -9.12 -37.10 -33.00
N SER B 265 -10.04 -36.26 -32.52
CA SER B 265 -11.06 -35.64 -33.34
C SER B 265 -10.70 -34.23 -33.78
N GLY B 266 -9.86 -33.56 -33.00
CA GLY B 266 -9.61 -32.13 -33.25
C GLY B 266 -8.31 -31.69 -32.58
N LEU B 267 -7.73 -30.64 -33.17
CA LEU B 267 -6.61 -29.92 -32.57
C LEU B 267 -7.18 -28.53 -32.22
N TRP B 268 -7.07 -28.16 -30.96
CA TRP B 268 -7.59 -26.88 -30.46
C TRP B 268 -6.36 -26.04 -30.05
N CYS B 269 -6.09 -24.97 -30.81
CA CYS B 269 -4.95 -24.08 -30.56
C CYS B 269 -5.48 -22.71 -30.21
N GLU B 270 -5.62 -22.46 -28.93
CA GLU B 270 -6.14 -21.12 -28.49
C GLU B 270 -5.21 -19.97 -28.87
N ASP B 271 -3.91 -20.29 -29.01
CA ASP B 271 -2.89 -19.31 -29.43
C ASP B 271 -2.88 -19.09 -30.95
N TRP B 272 -3.93 -19.50 -31.67
CA TRP B 272 -4.06 -19.20 -33.08
C TRP B 272 -3.99 -17.67 -33.34
N VAL B 273 -4.34 -16.89 -32.33
CA VAL B 273 -4.27 -15.43 -32.39
C VAL B 273 -2.93 -14.87 -31.85
N GLY B 274 -2.02 -15.70 -31.38
CA GLY B 274 -0.81 -15.24 -30.70
C GLY B 274 -0.87 -15.24 -29.19
N LEU B 275 0.28 -15.06 -28.56
CA LEU B 275 0.43 -15.03 -27.09
C LEU B 275 0.64 -13.63 -26.61
N ARG B 276 0.28 -13.35 -25.37
CA ARG B 276 0.74 -12.22 -24.61
C ARG B 276 1.21 -12.75 -23.23
N GLN B 277 2.50 -12.59 -22.94
CA GLN B 277 3.05 -12.96 -21.66
C GLN B 277 2.68 -11.93 -20.63
N THR B 278 2.16 -12.36 -19.48
CA THR B 278 1.88 -11.49 -18.36
C THR B 278 2.38 -12.14 -17.07
N SER B 279 2.29 -11.49 -15.92
CA SER B 279 2.64 -12.19 -14.68
C SER B 279 1.75 -13.37 -14.40
N PHE B 280 0.56 -13.46 -14.97
CA PHE B 280 -0.31 -14.62 -14.78
C PHE B 280 0.22 -15.84 -15.53
N GLY B 281 0.84 -15.60 -16.68
CA GLY B 281 1.46 -16.61 -17.52
C GLY B 281 1.37 -16.35 -19.01
N ALA B 282 1.24 -17.41 -19.78
CA ALA B 282 1.13 -17.37 -21.25
C ALA B 282 -0.29 -17.15 -21.66
N ARG B 283 -0.76 -15.92 -21.57
CA ARG B 283 -2.10 -15.56 -22.00
C ARG B 283 -2.10 -15.28 -23.52
N LEU B 284 -3.28 -14.98 -24.05
CA LEU B 284 -3.47 -14.81 -25.46
C LEU B 284 -3.52 -13.35 -25.87
N PHE B 285 -3.27 -13.12 -27.18
CA PHE B 285 -3.37 -11.79 -27.76
C PHE B 285 -4.78 -11.59 -28.30
N TRP B 286 -5.54 -10.68 -27.67
CA TRP B 286 -7.00 -10.60 -27.87
C TRP B 286 -7.40 -9.76 -29.10
N ASP B 287 -7.04 -10.29 -30.27
CA ASP B 287 -7.35 -9.71 -31.54
C ASP B 287 -7.74 -10.87 -32.45
N TRP B 288 -9.04 -10.94 -32.83
CA TRP B 288 -9.63 -12.18 -33.31
C TRP B 288 -9.45 -12.45 -34.81
N GLN B 289 -8.20 -12.75 -35.15
CA GLN B 289 -7.86 -13.21 -36.49
C GLN B 289 -6.58 -14.03 -36.43
N ALA B 290 -6.39 -14.91 -37.39
CA ALA B 290 -5.22 -15.80 -37.42
C ALA B 290 -3.96 -14.98 -37.41
N ASN B 291 -2.99 -15.38 -36.62
CA ASN B 291 -1.75 -14.63 -36.41
C ASN B 291 -0.66 -15.38 -37.24
N ASP B 292 -0.28 -14.76 -38.37
CA ASP B 292 0.78 -15.30 -39.22
C ASP B 292 2.15 -15.40 -38.60
N THR B 293 2.44 -14.63 -37.57
CA THR B 293 3.70 -14.80 -36.87
C THR B 293 3.72 -16.10 -36.09
N ARG B 294 2.65 -16.42 -35.37
CA ARG B 294 2.63 -17.62 -34.56
C ARG B 294 2.38 -18.89 -35.39
N TYR B 295 1.50 -18.80 -36.38
CA TYR B 295 1.11 -19.93 -37.24
C TYR B 295 1.19 -19.50 -38.72
N PRO B 296 2.41 -19.42 -39.26
CA PRO B 296 2.53 -18.84 -40.60
C PRO B 296 1.83 -19.61 -41.72
N HIS B 297 1.46 -20.87 -41.57
CA HIS B 297 0.79 -21.55 -42.66
C HIS B 297 -0.48 -22.23 -42.18
N LEU B 298 -1.23 -21.49 -41.38
CA LEU B 298 -2.29 -22.12 -40.60
C LEU B 298 -3.37 -22.72 -41.50
N ARG B 299 -3.74 -21.97 -42.51
CA ARG B 299 -4.79 -22.44 -43.39
C ARG B 299 -4.43 -23.76 -44.07
N GLN B 300 -3.20 -23.89 -44.44
CA GLN B 300 -2.66 -25.11 -45.04
C GLN B 300 -2.64 -26.28 -44.05
N LYS B 301 -2.18 -26.00 -42.82
CA LYS B 301 -2.22 -26.99 -41.75
C LYS B 301 -3.62 -27.50 -41.44
N ILE B 302 -4.59 -26.62 -41.44
CA ILE B 302 -5.97 -27.01 -41.26
C ILE B 302 -6.41 -27.99 -42.35
N ALA B 303 -6.04 -27.72 -43.61
CA ALA B 303 -6.37 -28.64 -44.67
C ALA B 303 -5.65 -29.97 -44.55
N GLU B 304 -4.36 -29.97 -44.15
CA GLU B 304 -3.61 -31.25 -43.88
C GLU B 304 -4.28 -32.08 -42.79
N LEU B 305 -4.65 -31.40 -41.72
CA LEU B 305 -5.33 -32.11 -40.62
C LEU B 305 -6.68 -32.66 -41.10
N ALA B 306 -7.43 -31.90 -41.89
CA ALA B 306 -8.72 -32.38 -42.39
C ALA B 306 -8.54 -33.66 -43.19
N ASP B 307 -7.50 -33.75 -44.00
CA ASP B 307 -7.15 -35.02 -44.70
C ASP B 307 -6.85 -36.19 -43.79
N GLN B 308 -6.44 -35.92 -42.56
CA GLN B 308 -6.24 -36.98 -41.59
C GLN B 308 -7.47 -37.19 -40.75
N GLY B 309 -8.61 -36.60 -41.08
CA GLY B 309 -9.81 -36.73 -40.25
C GLY B 309 -9.79 -35.94 -38.92
N ILE B 310 -8.99 -34.89 -38.82
CA ILE B 310 -8.87 -34.09 -37.62
C ILE B 310 -9.31 -32.64 -37.88
N ARG B 311 -10.25 -32.14 -37.11
CA ARG B 311 -10.71 -30.77 -37.21
C ARG B 311 -9.78 -29.79 -36.49
N PHE B 312 -10.01 -28.50 -36.65
CA PHE B 312 -9.22 -27.46 -36.04
C PHE B 312 -10.12 -26.48 -35.34
N LEU B 313 -9.75 -26.13 -34.09
CA LEU B 313 -10.55 -25.23 -33.24
C LEU B 313 -9.71 -24.12 -32.73
N GLY B 314 -10.33 -22.96 -32.50
CA GLY B 314 -9.64 -21.79 -31.99
C GLY B 314 -10.27 -21.22 -30.72
N TYR B 315 -10.27 -19.89 -30.60
CA TYR B 315 -10.58 -19.16 -29.39
C TYR B 315 -11.05 -17.77 -29.76
N VAL B 316 -12.05 -17.27 -29.05
CA VAL B 316 -12.51 -15.92 -29.21
C VAL B 316 -13.18 -15.46 -27.91
N ASN B 317 -13.20 -14.17 -27.66
CA ASN B 317 -13.97 -13.61 -26.56
C ASN B 317 -14.46 -12.22 -26.99
N PRO B 318 -15.31 -11.59 -26.17
CA PRO B 318 -16.05 -10.43 -26.68
C PRO B 318 -15.42 -9.09 -26.41
N TYR B 319 -14.11 -9.09 -26.14
CA TYR B 319 -13.34 -7.89 -25.83
C TYR B 319 -12.28 -7.76 -26.92
N LEU B 320 -11.79 -6.55 -27.11
CA LEU B 320 -10.68 -6.30 -28.02
C LEU B 320 -9.56 -5.54 -27.35
N CYS B 321 -8.34 -6.06 -27.45
CA CYS B 321 -7.22 -5.39 -26.78
C CYS B 321 -6.85 -4.07 -27.48
N VAL B 322 -6.50 -3.06 -26.67
CA VAL B 322 -6.19 -1.74 -27.19
C VAL B 322 -5.04 -1.67 -28.16
N ASP B 323 -4.16 -2.64 -28.13
CA ASP B 323 -2.96 -2.65 -28.95
C ASP B 323 -3.12 -3.57 -30.14
N GLY B 324 -4.34 -4.03 -30.43
CA GLY B 324 -4.61 -4.86 -31.59
C GLY B 324 -5.18 -4.07 -32.76
N PRO B 325 -5.05 -4.59 -33.99
CA PRO B 325 -5.56 -3.84 -35.16
C PRO B 325 -7.08 -3.78 -35.27
N LEU B 326 -7.83 -4.70 -34.66
CA LEU B 326 -9.30 -4.57 -34.73
C LEU B 326 -9.83 -3.45 -33.84
N PHE B 327 -9.10 -3.11 -32.77
CA PHE B 327 -9.58 -2.12 -31.82
C PHE B 327 -9.96 -0.78 -32.50
N PRO B 328 -9.06 -0.16 -33.28
CA PRO B 328 -9.48 1.12 -33.93
C PRO B 328 -10.61 0.97 -34.95
N VAL B 329 -10.78 -0.21 -35.54
CA VAL B 329 -11.91 -0.41 -36.46
C VAL B 329 -13.20 -0.34 -35.67
N ALA B 330 -13.27 -1.11 -34.56
CA ALA B 330 -14.47 -1.08 -33.73
C ALA B 330 -14.70 0.29 -33.10
N GLU B 331 -13.66 0.94 -32.66
CA GLU B 331 -13.82 2.24 -32.02
C GLU B 331 -14.35 3.28 -33.02
N SER B 332 -13.81 3.26 -34.24
CA SER B 332 -14.22 4.20 -35.24
C SER B 332 -15.70 4.02 -35.61
N ALA B 333 -16.15 2.78 -35.63
CA ALA B 333 -17.56 2.48 -35.91
C ALA B 333 -18.49 2.72 -34.72
N GLY B 334 -17.96 3.04 -33.52
CA GLY B 334 -18.81 3.27 -32.35
C GLY B 334 -19.34 1.96 -31.75
N TYR B 335 -18.55 0.90 -31.80
CA TYR B 335 -18.98 -0.41 -31.36
C TYR B 335 -18.61 -0.80 -29.89
N PHE B 336 -17.99 0.12 -29.16
CA PHE B 336 -17.57 -0.12 -27.80
C PHE B 336 -18.51 0.49 -26.75
N ALA B 337 -18.63 -0.16 -25.61
CA ALA B 337 -19.26 0.47 -24.45
C ALA B 337 -18.46 1.69 -24.03
N THR B 338 -19.15 2.69 -23.49
CA THR B 338 -18.50 3.96 -23.18
C THR B 338 -18.49 4.24 -21.69
N ASP B 339 -17.65 5.18 -21.29
CA ASP B 339 -17.63 5.65 -19.90
C ASP B 339 -18.63 6.79 -19.74
N VAL B 340 -18.69 7.31 -18.52
CA VAL B 340 -19.58 8.42 -18.21
C VAL B 340 -19.42 9.65 -19.11
N ASP B 341 -18.21 9.92 -19.63
CA ASP B 341 -18.00 11.02 -20.61
C ASP B 341 -18.18 10.66 -22.08
N GLY B 342 -18.65 9.47 -22.42
CA GLY B 342 -18.79 9.07 -23.83
C GLY B 342 -17.51 8.60 -24.50
N LYS B 343 -16.37 8.49 -23.80
CA LYS B 343 -15.15 7.87 -24.39
C LYS B 343 -15.23 6.33 -24.30
N THR B 344 -14.51 5.61 -25.16
CA THR B 344 -14.42 4.18 -25.03
C THR B 344 -14.02 3.80 -23.62
N ALA B 345 -14.79 2.93 -22.97
CA ALA B 345 -14.44 2.44 -21.62
C ALA B 345 -13.36 1.38 -21.76
N LEU B 346 -12.22 1.58 -21.09
CA LEU B 346 -11.12 0.61 -21.07
C LEU B 346 -11.22 -0.21 -19.81
N VAL B 347 -11.16 -1.54 -19.94
CA VAL B 347 -11.19 -2.42 -18.79
C VAL B 347 -9.86 -3.09 -18.69
N ASP B 348 -9.35 -3.16 -17.45
CA ASP B 348 -8.09 -3.86 -17.14
C ASP B 348 -8.39 -5.35 -16.94
N PHE B 349 -7.79 -6.18 -17.80
CA PHE B 349 -7.94 -7.64 -17.70
C PHE B 349 -6.76 -8.34 -17.02
N GLY B 350 -5.76 -7.56 -16.64
CA GLY B 350 -4.61 -8.05 -15.91
C GLY B 350 -3.38 -7.76 -16.71
N GLU B 351 -2.91 -6.52 -16.59
CA GLU B 351 -1.74 -6.02 -17.29
C GLU B 351 -1.95 -5.75 -18.80
N PHE B 352 -3.19 -5.71 -19.23
CA PHE B 352 -3.53 -5.14 -20.53
C PHE B 352 -4.98 -4.66 -20.49
N ASP B 353 -5.27 -3.68 -21.35
CA ASP B 353 -6.61 -3.10 -21.43
C ASP B 353 -7.35 -3.49 -22.71
N CYS B 354 -8.66 -3.56 -22.56
CA CYS B 354 -9.52 -3.89 -23.69
C CYS B 354 -10.74 -2.97 -23.72
N GLY B 355 -11.26 -2.81 -24.93
CA GLY B 355 -12.60 -2.32 -25.09
C GLY B 355 -13.59 -3.48 -25.05
N VAL B 356 -14.81 -3.15 -24.67
CA VAL B 356 -15.95 -4.09 -24.53
C VAL B 356 -16.86 -3.91 -25.74
N VAL B 357 -16.95 -4.91 -26.62
CA VAL B 357 -17.83 -4.79 -27.77
C VAL B 357 -19.27 -4.76 -27.27
N ASP B 358 -20.01 -3.69 -27.61
CA ASP B 358 -21.30 -3.44 -27.01
C ASP B 358 -22.40 -4.14 -27.82
N PHE B 359 -22.76 -5.35 -27.35
CA PHE B 359 -23.78 -6.12 -28.06
C PHE B 359 -25.20 -5.58 -27.93
N THR B 360 -25.45 -4.52 -27.16
CA THR B 360 -26.74 -3.89 -27.17
C THR B 360 -26.92 -2.99 -28.39
N ASN B 361 -25.82 -2.67 -29.07
CA ASN B 361 -25.81 -1.97 -30.35
C ASN B 361 -25.95 -3.05 -31.45
N PRO B 362 -27.11 -3.12 -32.13
CA PRO B 362 -27.33 -4.18 -33.13
C PRO B 362 -26.25 -4.22 -34.22
N ALA B 363 -25.72 -3.07 -34.61
CA ALA B 363 -24.68 -3.03 -35.65
C ALA B 363 -23.36 -3.65 -35.16
N ALA B 364 -23.06 -3.44 -33.88
CA ALA B 364 -21.87 -4.06 -33.27
C ALA B 364 -22.03 -5.57 -33.16
N ALA B 365 -23.20 -6.02 -32.75
CA ALA B 365 -23.46 -7.46 -32.62
C ALA B 365 -23.40 -8.15 -33.99
N ASP B 366 -24.01 -7.50 -35.00
CA ASP B 366 -23.93 -8.01 -36.37
C ASP B 366 -22.52 -8.04 -36.93
N TRP B 367 -21.78 -6.97 -36.72
CA TRP B 367 -20.38 -6.94 -37.12
C TRP B 367 -19.56 -8.08 -36.48
N PHE B 368 -19.75 -8.31 -35.16
CA PHE B 368 -18.99 -9.37 -34.52
C PHE B 368 -19.34 -10.71 -35.14
N ALA B 369 -20.61 -10.98 -35.30
CA ALA B 369 -21.07 -12.27 -35.86
C ALA B 369 -20.58 -12.45 -37.29
N ALA B 370 -20.69 -11.41 -38.10
CA ALA B 370 -20.32 -11.52 -39.55
C ALA B 370 -18.84 -11.50 -39.82
N ALA B 371 -18.14 -10.50 -39.28
CA ALA B 371 -16.72 -10.29 -39.55
C ALA B 371 -15.81 -11.23 -38.76
N ILE B 372 -16.14 -11.51 -37.49
CA ILE B 372 -15.25 -12.32 -36.65
C ILE B 372 -15.64 -13.79 -36.65
N ILE B 373 -16.85 -14.10 -36.18
CA ILE B 373 -17.27 -15.48 -36.15
C ILE B 373 -17.37 -16.04 -37.59
N GLY B 374 -18.06 -15.29 -38.45
CA GLY B 374 -18.29 -15.71 -39.85
C GLY B 374 -17.01 -15.75 -40.69
N LYS B 375 -16.46 -14.57 -40.93
CA LYS B 375 -15.34 -14.45 -41.85
C LYS B 375 -14.00 -14.93 -41.24
N ASN B 376 -13.62 -14.43 -40.06
CA ASN B 376 -12.29 -14.74 -39.50
C ASN B 376 -12.15 -16.14 -38.93
N MET B 377 -13.28 -16.77 -38.59
CA MET B 377 -13.25 -18.07 -37.95
C MET B 377 -13.83 -19.21 -38.80
N LEU B 378 -15.14 -19.19 -39.02
CA LEU B 378 -15.75 -20.25 -39.82
C LEU B 378 -15.21 -20.27 -41.25
N ASP B 379 -15.17 -19.13 -41.93
CA ASP B 379 -14.68 -19.13 -43.32
C ASP B 379 -13.19 -19.43 -43.35
N PHE B 380 -12.44 -19.17 -42.28
CA PHE B 380 -11.04 -19.56 -42.26
C PHE B 380 -10.83 -21.07 -42.14
N GLY B 381 -11.85 -21.82 -41.75
CA GLY B 381 -11.80 -23.30 -41.70
C GLY B 381 -11.90 -23.88 -40.28
N LEU B 382 -12.21 -23.06 -39.25
CA LEU B 382 -12.40 -23.59 -37.87
C LEU B 382 -13.71 -24.37 -37.81
N SER B 383 -13.68 -25.56 -37.20
CA SER B 383 -14.91 -26.31 -36.91
C SER B 383 -15.47 -25.96 -35.52
N GLY B 384 -14.78 -25.12 -34.76
CA GLY B 384 -15.24 -24.76 -33.44
C GLY B 384 -14.21 -23.96 -32.69
N TRP B 385 -14.57 -23.62 -31.46
CA TRP B 385 -13.73 -22.72 -30.67
C TRP B 385 -14.24 -22.65 -29.22
N MET B 386 -13.31 -22.24 -28.34
CA MET B 386 -13.66 -21.78 -27.01
C MET B 386 -14.24 -20.36 -27.18
N ALA B 387 -15.48 -20.17 -26.74
CA ALA B 387 -16.13 -18.85 -26.75
C ALA B 387 -16.11 -18.34 -25.33
N ASP B 388 -15.05 -17.63 -24.98
CA ASP B 388 -14.68 -17.37 -23.61
C ASP B 388 -15.31 -16.06 -23.10
N PHE B 389 -15.20 -15.89 -21.78
CA PHE B 389 -15.66 -14.72 -21.06
C PHE B 389 -17.20 -14.46 -21.21
N GLY B 390 -17.62 -13.23 -20.92
CA GLY B 390 -19.02 -12.90 -20.77
C GLY B 390 -19.41 -12.43 -19.37
N GLU B 391 -18.51 -12.66 -18.42
CA GLU B 391 -18.83 -12.48 -17.01
C GLU B 391 -18.26 -11.18 -16.41
N TYR B 392 -17.63 -10.31 -17.22
CA TYR B 392 -16.90 -9.14 -16.71
C TYR B 392 -17.53 -7.78 -16.99
N LEU B 393 -18.80 -7.67 -17.33
CA LEU B 393 -19.30 -6.33 -17.57
C LEU B 393 -19.30 -5.49 -16.32
N PRO B 394 -18.49 -4.41 -16.25
CA PRO B 394 -18.54 -3.56 -15.07
C PRO B 394 -19.82 -2.84 -14.97
N ILE B 395 -20.13 -2.36 -13.80
CA ILE B 395 -21.39 -1.70 -13.62
C ILE B 395 -21.34 -0.18 -13.75
N ASP B 396 -20.18 0.37 -14.01
CA ASP B 396 -20.06 1.81 -14.20
C ASP B 396 -19.89 2.16 -15.70
N ILE B 397 -20.24 1.28 -16.64
CA ILE B 397 -20.16 1.65 -18.04
C ILE B 397 -21.52 1.87 -18.67
N LYS B 398 -21.52 2.49 -19.83
CA LYS B 398 -22.76 2.90 -20.55
C LYS B 398 -22.91 2.06 -21.77
N LEU B 399 -24.13 1.59 -21.96
CA LEU B 399 -24.50 0.74 -23.06
C LEU B 399 -25.40 1.51 -24.01
N SER B 400 -25.26 1.16 -25.27
CA SER B 400 -25.98 1.79 -26.37
C SER B 400 -27.52 1.72 -26.17
N ASN B 401 -28.06 0.64 -25.61
CA ASN B 401 -29.51 0.58 -25.36
C ASN B 401 -29.97 1.45 -24.21
N GLY B 402 -29.07 2.17 -23.50
CA GLY B 402 -29.49 2.99 -22.36
C GLY B 402 -29.90 2.20 -21.10
N VAL B 403 -29.80 0.87 -21.10
CA VAL B 403 -30.18 0.08 -19.93
C VAL B 403 -29.00 0.09 -18.94
N ASP B 404 -29.32 0.27 -17.66
CA ASP B 404 -28.28 0.28 -16.61
C ASP B 404 -27.40 -1.00 -16.66
N ALA B 405 -26.09 -0.80 -16.57
CA ALA B 405 -25.14 -1.90 -16.57
C ALA B 405 -25.38 -2.95 -15.46
N LYS B 406 -25.99 -2.51 -14.37
CA LYS B 406 -26.42 -3.42 -13.32
C LYS B 406 -27.45 -4.44 -13.75
N LEU B 407 -28.27 -4.09 -14.74
CA LEU B 407 -29.19 -5.02 -15.34
C LEU B 407 -28.59 -5.78 -16.51
N MET B 408 -27.64 -5.16 -17.23
CA MET B 408 -27.06 -5.83 -18.41
C MET B 408 -25.99 -6.83 -18.05
N HIS B 409 -25.39 -6.68 -16.85
CA HIS B 409 -24.29 -7.52 -16.44
C HIS B 409 -24.60 -9.03 -16.55
N ASN B 410 -25.71 -9.46 -15.91
CA ASN B 410 -26.07 -10.87 -15.95
C ASN B 410 -26.56 -11.30 -17.32
N ALA B 411 -27.11 -10.38 -18.11
CA ALA B 411 -27.60 -10.71 -19.46
C ALA B 411 -26.47 -10.97 -20.45
N TRP B 412 -25.29 -10.45 -20.15
CA TRP B 412 -24.21 -10.41 -21.10
C TRP B 412 -23.85 -11.79 -21.64
N PRO B 413 -23.73 -12.79 -20.76
CA PRO B 413 -23.34 -14.07 -21.34
C PRO B 413 -24.35 -14.60 -22.39
N THR B 414 -25.62 -14.32 -22.19
CA THR B 414 -26.65 -14.79 -23.12
C THR B 414 -26.55 -14.03 -24.48
N LEU B 415 -26.32 -12.70 -24.42
CA LEU B 415 -26.11 -11.91 -25.62
C LEU B 415 -24.89 -12.41 -26.39
N TRP B 416 -23.83 -12.76 -25.64
CA TRP B 416 -22.59 -13.24 -26.23
C TRP B 416 -22.82 -14.59 -26.87
N ALA B 417 -23.54 -15.46 -26.19
CA ALA B 417 -23.87 -16.77 -26.78
C ALA B 417 -24.66 -16.57 -28.08
N GLU B 418 -25.56 -15.62 -28.10
CA GLU B 418 -26.37 -15.38 -29.26
C GLU B 418 -25.53 -14.88 -30.50
N VAL B 419 -24.51 -14.02 -30.22
CA VAL B 419 -23.58 -13.57 -31.25
C VAL B 419 -22.89 -14.79 -31.90
N ASN B 420 -22.38 -15.68 -31.07
CA ASN B 420 -21.75 -16.87 -31.61
C ASN B 420 -22.75 -17.71 -32.43
N ALA B 421 -23.95 -17.92 -31.89
CA ALA B 421 -24.92 -18.78 -32.55
C ALA B 421 -25.36 -18.19 -33.91
N LYS B 422 -25.53 -16.87 -33.98
CA LYS B 422 -25.88 -16.22 -35.22
C LYS B 422 -24.81 -16.35 -36.26
N GLY B 423 -23.56 -16.23 -35.85
CA GLY B 423 -22.44 -16.42 -36.78
C GLY B 423 -22.45 -17.84 -37.38
N VAL B 424 -22.63 -18.82 -36.53
CA VAL B 424 -22.69 -20.20 -36.90
C VAL B 424 -23.89 -20.48 -37.84
N GLU B 425 -25.04 -19.92 -37.50
CA GLU B 425 -26.25 -20.07 -38.29
C GLU B 425 -26.10 -19.39 -39.66
N SER B 426 -25.42 -18.25 -39.74
CA SER B 426 -25.22 -17.57 -41.00
C SER B 426 -24.40 -18.42 -41.98
N ARG B 427 -23.63 -19.40 -41.52
CA ARG B 427 -22.92 -20.30 -42.44
C ARG B 427 -23.59 -21.68 -42.57
N GLY B 428 -24.82 -21.85 -42.08
CA GLY B 428 -25.50 -23.13 -42.10
C GLY B 428 -24.79 -24.22 -41.29
N LYS B 429 -24.09 -23.84 -40.21
CA LYS B 429 -23.32 -24.82 -39.47
C LYS B 429 -23.86 -25.15 -38.09
N THR B 430 -25.11 -24.79 -37.81
CA THR B 430 -25.70 -25.19 -36.53
C THR B 430 -25.75 -26.70 -36.42
N GLY B 431 -25.19 -27.26 -35.37
CA GLY B 431 -25.10 -28.72 -35.26
C GLY B 431 -23.85 -29.34 -35.89
N GLU B 432 -22.99 -28.52 -36.44
CA GLU B 432 -21.76 -28.97 -37.04
C GLU B 432 -20.54 -28.23 -36.44
N ALA B 433 -20.60 -26.92 -36.33
CA ALA B 433 -19.59 -26.17 -35.62
C ALA B 433 -19.83 -26.35 -34.11
N LEU B 434 -18.77 -26.48 -33.33
CA LEU B 434 -18.89 -26.71 -31.90
C LEU B 434 -18.15 -25.64 -31.12
N PHE B 435 -18.89 -24.68 -30.56
CA PHE B 435 -18.30 -23.75 -29.62
C PHE B 435 -18.75 -24.05 -28.21
N PHE B 436 -17.89 -23.69 -27.26
CA PHE B 436 -18.13 -24.00 -25.83
C PHE B 436 -17.89 -22.77 -24.97
N MET B 437 -18.80 -22.56 -24.03
CA MET B 437 -18.78 -21.43 -23.12
C MET B 437 -18.62 -21.88 -21.65
N ARG B 438 -17.99 -21.02 -20.87
CA ARG B 438 -17.95 -21.17 -19.44
C ARG B 438 -18.92 -20.26 -18.74
N ALA B 439 -19.26 -19.12 -19.37
CA ALA B 439 -20.18 -18.17 -18.75
C ALA B 439 -21.57 -18.40 -19.27
N GLY B 440 -22.57 -18.04 -18.46
CA GLY B 440 -23.96 -18.23 -18.82
C GLY B 440 -24.89 -17.42 -17.95
N PHE B 441 -26.14 -17.38 -18.38
CA PHE B 441 -27.26 -16.87 -17.62
C PHE B 441 -28.51 -17.44 -18.31
N THR B 442 -29.68 -17.14 -17.77
CA THR B 442 -30.95 -17.54 -18.35
C THR B 442 -30.90 -17.35 -19.90
N GLY B 443 -31.11 -18.42 -20.65
CA GLY B 443 -31.29 -18.32 -22.09
C GLY B 443 -30.07 -18.74 -22.88
N VAL B 444 -28.93 -18.88 -22.20
CA VAL B 444 -27.73 -19.35 -22.85
C VAL B 444 -27.94 -20.72 -23.51
N GLN B 445 -28.85 -21.49 -22.93
CA GLN B 445 -29.22 -22.82 -23.39
C GLN B 445 -29.63 -22.88 -24.84
N ALA B 446 -30.30 -21.84 -25.31
CA ALA B 446 -30.84 -21.83 -26.67
C ALA B 446 -29.75 -21.61 -27.71
N HIS B 447 -28.60 -21.06 -27.31
CA HIS B 447 -27.59 -20.57 -28.24
C HIS B 447 -26.28 -21.34 -28.16
N CYS B 448 -25.87 -21.79 -26.97
CA CYS B 448 -24.64 -22.47 -26.78
C CYS B 448 -24.82 -23.99 -26.83
N PRO B 449 -24.05 -24.68 -27.67
CA PRO B 449 -24.19 -26.12 -27.81
C PRO B 449 -23.45 -26.99 -26.79
N LEU B 450 -22.55 -26.38 -26.01
CA LEU B 450 -21.68 -27.13 -25.11
C LEU B 450 -21.12 -26.20 -24.04
N ILE B 451 -21.22 -26.59 -22.78
CA ILE B 451 -20.62 -25.87 -21.63
C ILE B 451 -19.30 -26.51 -21.29
N TRP B 452 -18.34 -25.70 -20.89
CA TRP B 452 -17.23 -26.24 -20.12
C TRP B 452 -17.18 -25.64 -18.72
N GLY B 453 -16.58 -26.39 -17.82
CA GLY B 453 -16.52 -26.05 -16.39
C GLY B 453 -15.63 -24.90 -15.94
N GLY B 454 -15.09 -24.14 -16.91
CA GLY B 454 -14.24 -23.02 -16.60
C GLY B 454 -12.89 -23.45 -16.03
N ASN B 455 -12.31 -22.59 -15.21
CA ASN B 455 -10.97 -22.85 -14.67
C ASN B 455 -11.03 -23.55 -13.29
N GLN B 456 -10.63 -24.81 -13.23
CA GLN B 456 -10.35 -25.49 -11.99
C GLN B 456 -8.86 -25.23 -11.71
N SER B 457 -8.53 -25.25 -10.43
CA SER B 457 -7.16 -25.38 -10.03
C SER B 457 -6.64 -26.75 -10.48
N VAL B 458 -5.33 -26.84 -10.64
CA VAL B 458 -4.67 -28.09 -11.07
C VAL B 458 -4.47 -29.03 -9.84
N ASP B 459 -5.57 -29.42 -9.20
CA ASP B 459 -5.51 -30.16 -7.95
C ASP B 459 -6.80 -30.96 -7.73
N PHE B 460 -6.78 -31.74 -6.64
CA PHE B 460 -7.92 -32.50 -6.20
C PHE B 460 -8.69 -31.78 -5.06
N SER B 461 -8.60 -30.44 -4.97
CA SER B 461 -9.27 -29.75 -3.89
C SER B 461 -10.77 -29.89 -3.95
N ARG B 462 -11.41 -29.77 -2.78
CA ARG B 462 -12.84 -29.93 -2.67
C ARG B 462 -13.61 -28.77 -3.40
N HIS B 463 -13.08 -27.55 -3.27
CA HIS B 463 -13.80 -26.39 -3.81
C HIS B 463 -13.26 -25.79 -5.11
N ASP B 464 -12.17 -26.30 -5.64
CA ASP B 464 -11.72 -25.88 -6.97
C ASP B 464 -11.00 -26.96 -7.81
N GLY B 465 -11.11 -28.21 -7.43
CA GLY B 465 -10.44 -29.32 -8.10
C GLY B 465 -11.41 -30.14 -8.95
N LEU B 466 -10.92 -31.32 -9.33
CA LEU B 466 -11.63 -32.25 -10.13
C LEU B 466 -13.11 -32.43 -9.76
N VAL B 467 -13.39 -32.62 -8.47
CA VAL B 467 -14.73 -32.96 -8.02
C VAL B 467 -15.75 -31.86 -8.33
N THR B 468 -15.28 -30.62 -8.40
CA THR B 468 -16.22 -29.52 -8.67
C THR B 468 -16.82 -29.55 -10.08
N VAL B 469 -16.15 -30.21 -11.00
CA VAL B 469 -16.65 -30.37 -12.35
C VAL B 469 -17.97 -31.13 -12.36
N ILE B 470 -18.06 -32.15 -11.52
CA ILE B 470 -19.26 -33.03 -11.48
C ILE B 470 -20.43 -32.23 -10.98
N CYS B 471 -20.18 -31.42 -9.95
CA CYS B 471 -21.22 -30.53 -9.43
C CYS B 471 -21.76 -29.59 -10.54
N GLY B 472 -20.82 -29.01 -11.28
CA GLY B 472 -21.11 -28.13 -12.41
C GLY B 472 -21.98 -28.82 -13.49
N ALA B 473 -21.60 -30.07 -13.84
CA ALA B 473 -22.32 -30.83 -14.80
C ALA B 473 -23.75 -31.13 -14.34
N LEU B 474 -23.88 -31.58 -13.09
CA LEU B 474 -25.16 -32.01 -12.60
C LEU B 474 -26.13 -30.81 -12.51
N SER B 475 -25.67 -29.72 -11.89
CA SER B 475 -26.51 -28.53 -11.72
C SER B 475 -26.89 -27.93 -13.08
N SER B 476 -25.92 -27.68 -13.95
CA SER B 476 -26.22 -27.12 -15.25
C SER B 476 -27.10 -28.00 -16.14
N GLY B 477 -26.97 -29.32 -16.02
CA GLY B 477 -27.82 -30.26 -16.70
C GLY B 477 -29.31 -30.15 -16.31
N LEU B 478 -29.60 -29.96 -15.02
CA LEU B 478 -30.96 -29.75 -14.60
C LEU B 478 -31.58 -28.47 -15.16
N MET B 479 -30.72 -27.49 -15.42
CA MET B 479 -31.11 -26.22 -16.01
C MET B 479 -31.26 -26.27 -17.54
N GLY B 480 -31.01 -27.43 -18.14
CA GLY B 480 -31.27 -27.68 -19.56
C GLY B 480 -30.07 -27.59 -20.47
N ASN B 481 -28.86 -27.57 -19.90
CA ASN B 481 -27.64 -27.63 -20.64
C ASN B 481 -27.21 -29.09 -20.65
N ALA B 482 -27.48 -29.75 -21.75
CA ALA B 482 -27.30 -31.23 -21.81
C ALA B 482 -25.88 -31.71 -21.91
N TYR B 483 -24.96 -30.85 -22.32
CA TYR B 483 -23.58 -31.22 -22.61
C TYR B 483 -22.60 -30.37 -21.80
N HIS B 484 -21.79 -31.06 -20.98
CA HIS B 484 -20.81 -30.43 -20.11
C HIS B 484 -19.48 -31.14 -20.25
N HIS B 485 -18.37 -30.41 -20.10
CA HIS B 485 -17.07 -31.05 -20.07
C HIS B 485 -16.12 -30.17 -19.34
N SER B 486 -14.91 -30.65 -19.20
CA SER B 486 -13.90 -29.87 -18.48
C SER B 486 -12.51 -29.97 -19.09
N ASP B 487 -11.62 -29.07 -18.67
CA ASP B 487 -10.20 -29.18 -19.04
C ASP B 487 -9.60 -30.41 -18.40
N ILE B 488 -9.12 -31.37 -19.18
CA ILE B 488 -8.41 -32.52 -18.61
C ILE B 488 -7.11 -32.06 -17.93
N GLY B 489 -7.05 -32.23 -16.62
CA GLY B 489 -5.92 -31.86 -15.81
C GLY B 489 -6.08 -30.47 -15.20
N GLY B 490 -7.22 -29.84 -15.36
CA GLY B 490 -7.44 -28.48 -14.82
C GLY B 490 -6.68 -27.37 -15.55
N TYR B 491 -6.80 -26.15 -15.06
CA TYR B 491 -6.25 -24.98 -15.70
C TYR B 491 -5.28 -24.21 -14.83
N THR B 492 -5.74 -23.75 -13.64
CA THR B 492 -5.05 -22.68 -12.96
C THR B 492 -3.85 -23.16 -12.13
N SER B 493 -2.65 -22.73 -12.52
CA SER B 493 -1.44 -23.05 -11.82
C SER B 493 -0.83 -21.76 -11.31
N LEU B 494 -0.90 -21.60 -9.99
CA LEU B 494 -0.34 -20.41 -9.28
C LEU B 494 0.19 -20.86 -7.93
N PHE B 495 1.12 -20.11 -7.38
CA PHE B 495 1.57 -20.24 -6.02
C PHE B 495 2.12 -21.64 -5.74
N GLY B 496 2.83 -22.19 -6.70
CA GLY B 496 3.40 -23.55 -6.55
C GLY B 496 2.45 -24.70 -6.86
N ASN B 497 1.19 -24.45 -7.17
CA ASN B 497 0.27 -25.52 -7.45
C ASN B 497 0.49 -25.92 -8.93
N VAL B 498 0.96 -27.15 -9.15
CA VAL B 498 1.24 -27.68 -10.47
C VAL B 498 0.64 -29.10 -10.58
N ARG B 499 0.42 -29.53 -11.81
CA ARG B 499 -0.24 -30.83 -12.03
C ARG B 499 0.65 -31.98 -11.60
N THR B 500 0.04 -33.11 -11.33
CA THR B 500 0.79 -34.36 -11.22
C THR B 500 0.28 -35.28 -12.32
N ALA B 501 1.07 -36.32 -12.61
CA ALA B 501 0.66 -37.39 -13.50
C ALA B 501 -0.67 -37.97 -13.09
N GLU B 502 -0.81 -38.24 -11.79
CA GLU B 502 -2.01 -38.86 -11.24
C GLU B 502 -3.24 -38.01 -11.45
N LEU B 503 -3.09 -36.72 -11.23
CA LEU B 503 -4.18 -35.79 -11.49
C LEU B 503 -4.67 -35.88 -12.96
N ILE B 504 -3.73 -35.80 -13.89
CA ILE B 504 -4.12 -35.87 -15.30
C ILE B 504 -4.84 -37.16 -15.59
N MET B 505 -4.29 -38.29 -15.11
CA MET B 505 -4.88 -39.59 -15.40
C MET B 505 -6.30 -39.72 -14.80
N ARG B 506 -6.49 -39.30 -13.54
CA ARG B 506 -7.82 -39.32 -12.97
C ARG B 506 -8.83 -38.46 -13.73
N TRP B 507 -8.38 -37.30 -14.18
CA TRP B 507 -9.24 -36.39 -14.91
C TRP B 507 -9.61 -36.99 -16.27
N THR B 508 -8.66 -37.65 -16.92
CA THR B 508 -8.88 -38.29 -18.22
C THR B 508 -9.95 -39.40 -18.06
N GLU B 509 -9.85 -40.14 -16.96
CA GLU B 509 -10.77 -41.26 -16.66
C GLU B 509 -12.19 -40.79 -16.57
N MET B 510 -12.41 -39.66 -15.90
CA MET B 510 -13.72 -39.03 -15.85
C MET B 510 -14.12 -38.58 -17.27
N ALA B 511 -13.22 -37.88 -17.96
CA ALA B 511 -13.57 -37.21 -19.21
C ALA B 511 -14.04 -38.18 -20.30
N ALA B 512 -13.50 -39.41 -20.30
CA ALA B 512 -13.88 -40.43 -21.23
C ALA B 512 -15.39 -40.82 -21.13
N PHE B 513 -16.01 -40.54 -19.98
CA PHE B 513 -17.43 -40.74 -19.77
C PHE B 513 -18.13 -39.40 -19.60
N THR B 514 -17.82 -38.50 -20.52
CA THR B 514 -18.51 -37.21 -20.70
C THR B 514 -18.59 -36.96 -22.20
N PRO B 515 -19.41 -35.99 -22.64
CA PRO B 515 -19.55 -35.73 -24.09
C PRO B 515 -18.31 -35.41 -24.87
N VAL B 516 -17.33 -34.74 -24.22
CA VAL B 516 -16.16 -34.25 -24.96
C VAL B 516 -14.88 -34.39 -24.10
N MET B 517 -13.89 -35.10 -24.65
CA MET B 517 -12.56 -35.14 -24.07
C MET B 517 -11.73 -34.01 -24.69
N ARG B 518 -11.21 -33.11 -23.86
CA ARG B 518 -10.40 -32.00 -24.33
C ARG B 518 -9.29 -31.68 -23.34
N THR B 519 -8.06 -31.53 -23.83
CA THR B 519 -6.95 -31.11 -23.00
C THR B 519 -6.71 -29.61 -23.14
N HIS B 520 -5.84 -29.08 -22.30
CA HIS B 520 -5.53 -27.66 -22.20
C HIS B 520 -4.15 -27.59 -21.56
N GLU B 521 -3.24 -26.86 -22.17
CA GLU B 521 -1.93 -26.65 -21.51
C GLU B 521 -1.96 -25.72 -20.30
N GLY B 522 -2.96 -24.87 -20.18
CA GLY B 522 -3.15 -24.04 -18.97
C GLY B 522 -2.45 -22.70 -19.08
N ASN B 523 -2.38 -21.99 -17.96
CA ASN B 523 -1.83 -20.64 -17.92
C ASN B 523 -0.30 -20.64 -17.92
N ARG B 524 0.32 -21.73 -17.48
CA ARG B 524 1.80 -21.79 -17.42
C ARG B 524 2.33 -23.09 -17.99
N PRO B 525 2.25 -23.23 -19.30
CA PRO B 525 2.47 -24.55 -19.92
C PRO B 525 3.76 -25.23 -19.56
N ARG B 526 4.87 -24.48 -19.48
CA ARG B 526 6.17 -25.14 -19.20
C ARG B 526 6.37 -25.51 -17.71
N ASP B 527 5.52 -25.03 -16.83
CA ASP B 527 5.58 -25.42 -15.39
C ASP B 527 4.71 -26.63 -15.09
N ASN B 528 3.88 -27.06 -16.03
CA ASN B 528 2.93 -28.11 -15.77
C ASN B 528 3.08 -29.29 -16.71
N LEU B 529 2.99 -30.50 -16.17
CA LEU B 529 3.01 -31.69 -17.00
C LEU B 529 1.86 -31.63 -18.03
N GLN B 530 2.18 -31.96 -19.27
CA GLN B 530 1.20 -32.07 -20.35
C GLN B 530 1.10 -33.53 -20.79
N ILE B 531 0.02 -33.86 -21.48
CA ILE B 531 -0.27 -35.30 -21.77
C ILE B 531 0.78 -36.01 -22.60
N ASP B 532 1.51 -35.28 -23.43
CA ASP B 532 2.55 -35.87 -24.26
C ASP B 532 3.90 -36.06 -23.55
N GLN B 533 4.04 -35.56 -22.32
CA GLN B 533 5.39 -35.46 -21.75
C GLN B 533 5.80 -36.63 -20.89
N ASP B 534 4.89 -37.55 -20.60
CA ASP B 534 5.21 -38.69 -19.80
C ASP B 534 4.59 -39.90 -20.46
N GLU B 535 5.40 -40.91 -20.68
CA GLU B 535 5.01 -42.12 -21.41
C GLU B 535 3.80 -42.83 -20.77
N THR B 536 3.82 -43.00 -19.44
CA THR B 536 2.72 -43.65 -18.75
C THR B 536 1.43 -42.86 -18.90
N VAL B 537 1.51 -41.55 -18.69
CA VAL B 537 0.34 -40.68 -18.81
C VAL B 537 -0.21 -40.73 -20.25
N LEU B 538 0.67 -40.65 -21.24
CA LEU B 538 0.24 -40.66 -22.64
C LEU B 538 -0.43 -41.98 -23.04
N ALA B 539 0.15 -43.09 -22.59
CA ALA B 539 -0.44 -44.42 -22.90
C ALA B 539 -1.79 -44.57 -22.22
N HIS B 540 -1.88 -44.09 -20.97
CA HIS B 540 -3.18 -44.09 -20.27
C HIS B 540 -4.21 -43.23 -21.02
N PHE B 541 -3.76 -42.04 -21.44
CA PHE B 541 -4.63 -41.16 -22.25
C PHE B 541 -5.12 -41.83 -23.55
N ALA B 542 -4.18 -42.42 -24.30
CA ALA B 542 -4.52 -43.11 -25.57
C ALA B 542 -5.60 -44.17 -25.32
N ARG B 543 -5.36 -45.00 -24.31
CA ARG B 543 -6.31 -46.02 -23.99
C ARG B 543 -7.69 -45.42 -23.66
N MET B 544 -7.72 -44.41 -22.82
CA MET B 544 -9.01 -43.82 -22.51
C MET B 544 -9.70 -43.21 -23.75
N THR B 545 -8.93 -42.65 -24.69
CA THR B 545 -9.56 -42.16 -25.93
C THR B 545 -10.18 -43.34 -26.75
N ALA B 546 -9.55 -44.51 -26.72
CA ALA B 546 -10.11 -45.68 -27.41
C ALA B 546 -11.43 -46.14 -26.76
N ILE B 547 -11.47 -46.08 -25.45
CA ILE B 547 -12.69 -46.36 -24.72
C ILE B 547 -13.79 -45.37 -25.08
N TYR B 548 -13.47 -44.08 -25.11
CA TYR B 548 -14.44 -43.06 -25.51
C TYR B 548 -14.99 -43.33 -26.95
N VAL B 549 -14.09 -43.65 -27.86
CA VAL B 549 -14.52 -43.97 -29.23
C VAL B 549 -15.41 -45.22 -29.28
N ALA B 550 -15.05 -46.26 -28.54
CA ALA B 550 -15.89 -47.48 -28.50
C ALA B 550 -17.26 -47.17 -27.89
N LEU B 551 -17.33 -46.23 -26.96
CA LEU B 551 -18.61 -45.82 -26.33
C LEU B 551 -19.45 -44.84 -27.14
N ALA B 552 -18.92 -44.30 -28.23
CA ALA B 552 -19.63 -43.30 -29.01
C ALA B 552 -21.07 -43.65 -29.44
N PRO B 553 -21.32 -44.91 -29.85
CA PRO B 553 -22.72 -45.19 -30.21
C PRO B 553 -23.68 -44.95 -29.00
N TYR B 554 -23.23 -45.24 -27.77
CA TYR B 554 -24.06 -44.96 -26.61
C TYR B 554 -24.22 -43.46 -26.38
N LEU B 555 -23.10 -42.74 -26.38
CA LEU B 555 -23.13 -41.25 -26.22
C LEU B 555 -24.02 -40.61 -27.28
N LYS B 556 -23.89 -41.10 -28.51
CA LYS B 556 -24.73 -40.58 -29.58
C LYS B 556 -26.23 -40.81 -29.31
N SER B 557 -26.61 -41.98 -28.78
CA SER B 557 -28.03 -42.17 -28.41
C SER B 557 -28.46 -41.20 -27.29
N LEU B 558 -27.51 -40.85 -26.38
CA LEU B 558 -27.80 -39.89 -25.31
C LEU B 558 -28.00 -38.49 -25.84
N SER B 559 -27.21 -38.13 -26.84
CA SER B 559 -27.40 -36.84 -27.52
C SER B 559 -28.73 -36.79 -28.26
N ALA B 560 -29.11 -37.88 -28.91
CA ALA B 560 -30.45 -37.92 -29.55
C ALA B 560 -31.55 -37.73 -28.50
N GLU B 561 -31.41 -38.40 -27.33
CA GLU B 561 -32.40 -38.18 -26.27
C GLU B 561 -32.41 -36.74 -25.77
N ALA B 562 -31.21 -36.14 -25.65
CA ALA B 562 -31.14 -34.75 -25.23
C ALA B 562 -31.92 -33.83 -26.16
N ALA B 563 -31.74 -34.01 -27.46
CA ALA B 563 -32.52 -33.22 -28.43
C ALA B 563 -34.02 -33.52 -28.35
N LYS B 564 -34.42 -34.76 -28.17
CA LYS B 564 -35.84 -35.13 -28.18
C LYS B 564 -36.51 -34.72 -26.90
N THR B 565 -35.84 -34.89 -25.75
CA THR B 565 -36.49 -34.75 -24.45
C THR B 565 -35.88 -33.69 -23.50
N GLY B 566 -34.73 -33.13 -23.86
CA GLY B 566 -34.06 -32.17 -23.00
C GLY B 566 -33.18 -32.74 -21.86
N LEU B 567 -33.25 -34.03 -21.62
CA LEU B 567 -32.47 -34.62 -20.52
C LEU B 567 -30.94 -34.50 -20.73
N PRO B 568 -30.24 -34.14 -19.67
CA PRO B 568 -28.78 -34.02 -19.81
C PRO B 568 -28.12 -35.36 -19.94
N VAL B 569 -26.96 -35.37 -20.55
CA VAL B 569 -26.16 -36.58 -20.70
C VAL B 569 -25.68 -37.11 -19.28
N GLN B 570 -25.27 -36.16 -18.43
CA GLN B 570 -24.85 -36.48 -17.08
C GLN B 570 -25.99 -36.12 -16.13
N ARG B 571 -26.54 -37.18 -15.51
CA ARG B 571 -27.72 -37.06 -14.69
C ARG B 571 -27.46 -37.40 -13.23
N PRO B 572 -28.16 -36.73 -12.34
CA PRO B 572 -28.04 -37.08 -10.90
C PRO B 572 -28.79 -38.38 -10.62
N LEU B 573 -28.35 -39.14 -9.61
CA LEU B 573 -28.99 -40.41 -9.28
C LEU B 573 -30.47 -40.32 -9.08
N PHE B 574 -30.93 -39.23 -8.48
CA PHE B 574 -32.33 -39.13 -8.17
C PHE B 574 -33.23 -39.02 -9.39
N LEU B 575 -32.68 -38.64 -10.53
CA LEU B 575 -33.49 -38.47 -11.72
C LEU B 575 -34.11 -39.83 -12.17
N HIS B 576 -33.38 -40.92 -11.95
CA HIS B 576 -33.81 -42.25 -12.28
C HIS B 576 -34.15 -43.13 -11.08
N TYR B 577 -33.96 -42.63 -9.87
CA TYR B 577 -34.21 -43.41 -8.64
C TYR B 577 -34.89 -42.49 -7.66
N GLU B 578 -36.07 -42.04 -8.02
CA GLU B 578 -36.82 -41.02 -7.29
C GLU B 578 -37.24 -41.47 -5.93
N ASN B 579 -37.37 -42.79 -5.72
CA ASN B 579 -37.85 -43.32 -4.48
C ASN B 579 -36.75 -43.72 -3.55
N GLU B 580 -35.54 -43.23 -3.78
CA GLU B 580 -34.46 -43.33 -2.84
C GLU B 580 -34.00 -41.97 -2.33
N PRO B 581 -34.74 -41.38 -1.35
CA PRO B 581 -34.42 -40.08 -0.82
C PRO B 581 -32.99 -39.91 -0.30
N GLN B 582 -32.38 -40.98 0.19
CA GLN B 582 -30.98 -40.86 0.67
C GLN B 582 -29.97 -40.59 -0.45
N THR B 583 -30.36 -40.65 -1.73
CA THR B 583 -29.50 -40.30 -2.82
C THR B 583 -29.55 -38.85 -3.20
N TYR B 584 -30.46 -38.06 -2.65
CA TYR B 584 -30.81 -36.76 -3.25
C TYR B 584 -29.74 -35.67 -3.24
N ALA B 585 -28.73 -35.79 -2.38
CA ALA B 585 -27.62 -34.88 -2.30
C ALA B 585 -26.32 -35.40 -2.91
N VAL B 586 -26.26 -36.64 -3.42
CA VAL B 586 -25.03 -37.17 -4.06
C VAL B 586 -24.61 -36.33 -5.24
N GLN B 587 -23.36 -35.86 -5.22
CA GLN B 587 -22.85 -34.97 -6.29
C GLN B 587 -21.49 -35.35 -6.79
N ASP B 588 -20.94 -36.50 -6.36
CA ASP B 588 -19.67 -36.96 -6.91
C ASP B 588 -19.76 -38.27 -7.68
N CYS B 589 -20.99 -38.64 -8.06
CA CYS B 589 -21.30 -39.75 -8.94
CA CYS B 589 -21.29 -39.76 -8.94
C CYS B 589 -22.36 -39.21 -9.87
N TYR B 590 -22.43 -39.77 -11.07
CA TYR B 590 -23.52 -39.40 -12.00
C TYR B 590 -23.92 -40.64 -12.79
N LEU B 591 -25.16 -40.60 -13.29
CA LEU B 591 -25.65 -41.53 -14.27
C LEU B 591 -25.30 -40.95 -15.63
N TYR B 592 -24.53 -41.72 -16.41
CA TYR B 592 -24.16 -41.36 -17.75
C TYR B 592 -25.24 -42.01 -18.64
N GLY B 593 -26.25 -41.23 -18.93
CA GLY B 593 -27.52 -41.78 -19.43
C GLY B 593 -28.17 -42.57 -18.34
N ALA B 594 -29.22 -43.32 -18.69
CA ALA B 594 -29.88 -44.19 -17.73
C ALA B 594 -29.12 -45.47 -17.42
N ASP B 595 -28.21 -45.87 -18.29
CA ASP B 595 -27.65 -47.24 -18.23
C ASP B 595 -26.24 -47.35 -17.64
N MET B 596 -25.55 -46.26 -17.38
CA MET B 596 -24.20 -46.33 -16.79
C MET B 596 -24.12 -45.45 -15.56
N LEU B 597 -23.32 -45.91 -14.60
CA LEU B 597 -23.06 -45.17 -13.35
C LEU B 597 -21.54 -44.95 -13.28
N VAL B 598 -21.17 -43.70 -13.04
CA VAL B 598 -19.77 -43.31 -12.99
C VAL B 598 -19.48 -42.63 -11.67
N ALA B 599 -18.43 -43.13 -11.01
CA ALA B 599 -18.03 -42.63 -9.69
C ALA B 599 -16.53 -42.24 -9.74
N PRO B 600 -16.23 -41.03 -10.22
CA PRO B 600 -14.83 -40.66 -10.40
C PRO B 600 -14.06 -40.64 -9.06
N VAL B 601 -12.82 -41.08 -9.10
CA VAL B 601 -11.87 -40.83 -8.01
C VAL B 601 -11.46 -39.36 -8.06
N TRP B 602 -11.64 -38.65 -6.95
CA TRP B 602 -11.31 -37.24 -6.89
C TRP B 602 -10.31 -36.83 -5.80
N LYS B 603 -9.55 -37.82 -5.35
CA LYS B 603 -8.48 -37.61 -4.37
C LYS B 603 -7.22 -38.35 -4.76
N ALA B 604 -6.08 -37.77 -4.34
CA ALA B 604 -4.79 -38.40 -4.59
C ALA B 604 -4.60 -39.64 -3.76
N GLY B 605 -3.87 -40.60 -4.28
CA GLY B 605 -3.46 -41.75 -3.51
C GLY B 605 -4.50 -42.81 -3.36
N GLU B 606 -5.67 -42.71 -3.99
CA GLU B 606 -6.73 -43.71 -3.79
C GLU B 606 -6.53 -44.90 -4.66
N THR B 607 -6.61 -46.10 -4.15
CA THR B 607 -6.58 -47.34 -4.97
C THR B 607 -7.98 -47.97 -5.12
N GLN B 608 -8.97 -47.45 -4.39
CA GLN B 608 -10.32 -47.99 -4.35
C GLN B 608 -11.30 -46.86 -4.33
N ARG B 609 -12.56 -47.17 -4.64
CA ARG B 609 -13.63 -46.19 -4.56
C ARG B 609 -14.85 -46.83 -3.93
N SER B 610 -15.46 -46.15 -2.96
CA SER B 610 -16.72 -46.58 -2.37
C SER B 610 -17.85 -45.75 -2.96
N LEU B 611 -18.98 -46.38 -3.21
CA LEU B 611 -20.13 -45.67 -3.77
C LEU B 611 -21.40 -46.45 -3.51
N TYR B 612 -22.52 -45.77 -3.71
CA TYR B 612 -23.81 -46.40 -3.58
C TYR B 612 -24.32 -46.81 -4.95
N LEU B 613 -24.61 -48.08 -5.14
CA LEU B 613 -25.32 -48.61 -6.34
C LEU B 613 -26.84 -48.58 -6.10
N PRO B 614 -27.58 -47.84 -6.91
CA PRO B 614 -29.00 -47.69 -6.73
C PRO B 614 -29.83 -48.79 -7.41
N GLY B 615 -31.13 -48.81 -7.02
CA GLY B 615 -32.14 -49.58 -7.71
C GLY B 615 -32.28 -51.04 -7.24
N HIS B 616 -33.05 -51.80 -7.95
CA HIS B 616 -33.35 -53.19 -7.59
C HIS B 616 -32.92 -54.19 -8.64
N GLY B 617 -32.14 -53.77 -9.63
CA GLY B 617 -31.66 -54.68 -10.65
C GLY B 617 -30.23 -55.06 -10.40
N GLU B 618 -29.51 -55.32 -11.48
CA GLU B 618 -28.08 -55.68 -11.35
C GLU B 618 -27.22 -54.68 -12.11
N TRP B 619 -26.09 -54.39 -11.51
CA TRP B 619 -25.07 -53.55 -12.10
C TRP B 619 -23.85 -54.40 -12.44
N VAL B 620 -23.25 -54.17 -13.60
CA VAL B 620 -22.05 -54.88 -14.01
C VAL B 620 -20.87 -53.95 -13.97
N HIS B 621 -19.84 -54.33 -13.22
CA HIS B 621 -18.59 -53.56 -13.18
C HIS B 621 -17.94 -53.64 -14.53
N LEU B 622 -17.65 -52.49 -15.12
CA LEU B 622 -17.23 -52.42 -16.52
C LEU B 622 -15.98 -53.23 -16.85
N TRP B 623 -14.96 -53.15 -15.96
CA TRP B 623 -13.63 -53.67 -16.28
C TRP B 623 -13.54 -55.16 -16.00
N SER B 624 -14.26 -55.65 -15.01
CA SER B 624 -14.18 -57.06 -14.60
C SER B 624 -15.38 -57.90 -15.08
N GLY B 625 -16.51 -57.30 -15.42
CA GLY B 625 -17.72 -58.05 -15.67
C GLY B 625 -18.41 -58.61 -14.41
N LYS B 626 -17.89 -58.38 -13.18
CA LYS B 626 -18.59 -58.87 -11.98
C LYS B 626 -19.96 -58.21 -11.82
N ARG B 627 -20.98 -58.98 -11.49
CA ARG B 627 -22.31 -58.40 -11.29
C ARG B 627 -22.54 -58.08 -9.82
N HIS B 628 -23.28 -57.02 -9.52
CA HIS B 628 -23.60 -56.66 -8.15
C HIS B 628 -25.06 -56.25 -8.11
N ALA B 629 -25.77 -56.66 -7.07
CA ALA B 629 -27.13 -56.23 -6.90
C ALA B 629 -27.22 -54.73 -6.53
N GLY B 630 -28.22 -54.05 -7.11
CA GLY B 630 -28.56 -52.69 -6.73
C GLY B 630 -29.06 -52.53 -5.33
N GLY B 631 -29.00 -51.31 -4.79
CA GLY B 631 -29.50 -51.05 -3.46
C GLY B 631 -28.47 -51.22 -2.36
N ARG B 632 -27.17 -51.15 -2.64
CA ARG B 632 -26.18 -51.15 -1.55
C ARG B 632 -24.91 -50.43 -1.86
N ASP B 633 -24.14 -50.15 -0.82
CA ASP B 633 -22.79 -49.59 -0.94
C ASP B 633 -21.85 -50.68 -1.43
N ILE B 634 -20.92 -50.34 -2.30
CA ILE B 634 -19.86 -51.26 -2.67
C ILE B 634 -18.52 -50.51 -2.61
N THR B 635 -17.45 -51.29 -2.56
CA THR B 635 -16.12 -50.72 -2.73
C THR B 635 -15.46 -51.50 -3.85
N VAL B 636 -14.97 -50.80 -4.88
CA VAL B 636 -14.25 -51.51 -5.97
C VAL B 636 -12.82 -50.98 -6.10
N GLU B 637 -11.96 -51.85 -6.62
CA GLU B 637 -10.59 -51.51 -6.99
C GLU B 637 -10.60 -50.50 -8.13
N THR B 638 -9.85 -49.42 -7.98
CA THR B 638 -9.73 -48.38 -9.02
C THR B 638 -8.30 -48.04 -9.27
N PRO B 639 -7.47 -49.00 -9.74
CA PRO B 639 -6.13 -48.65 -10.20
C PRO B 639 -6.29 -47.69 -11.43
N LEU B 640 -5.21 -46.98 -11.73
CA LEU B 640 -5.16 -46.06 -12.83
C LEU B 640 -5.58 -46.83 -14.11
N GLY B 641 -6.54 -46.29 -14.85
CA GLY B 641 -7.05 -46.96 -16.02
C GLY B 641 -8.43 -47.60 -15.81
N GLU B 642 -8.82 -47.81 -14.56
CA GLU B 642 -10.05 -48.54 -14.26
C GLU B 642 -10.93 -47.76 -13.30
N PRO B 643 -11.49 -46.66 -13.77
CA PRO B 643 -12.44 -45.93 -12.94
C PRO B 643 -13.66 -46.76 -12.55
N ALA B 644 -14.29 -46.39 -11.48
CA ALA B 644 -15.47 -47.09 -10.97
C ALA B 644 -16.69 -46.77 -11.83
N VAL B 645 -16.88 -47.64 -12.83
CA VAL B 645 -17.97 -47.50 -13.79
C VAL B 645 -18.72 -48.81 -13.89
N PHE B 646 -20.04 -48.71 -13.88
CA PHE B 646 -20.94 -49.85 -13.92
C PHE B 646 -22.00 -49.62 -14.97
N TYR B 647 -22.56 -50.70 -15.51
CA TYR B 647 -23.72 -50.60 -16.40
C TYR B 647 -24.82 -51.53 -15.99
N ARG B 648 -26.03 -51.18 -16.35
CA ARG B 648 -27.20 -52.01 -16.06
C ARG B 648 -27.15 -53.28 -16.91
N ALA B 649 -27.31 -54.42 -16.24
CA ALA B 649 -27.25 -55.74 -16.89
C ALA B 649 -28.35 -55.86 -17.96
N ASP B 650 -29.49 -55.24 -17.69
CA ASP B 650 -30.56 -55.09 -18.64
C ASP B 650 -30.39 -54.23 -19.88
N SER B 651 -29.26 -53.52 -20.01
CA SER B 651 -29.14 -52.53 -20.99
C SER B 651 -29.18 -53.07 -22.40
N SER B 652 -29.89 -52.39 -23.29
CA SER B 652 -29.87 -52.68 -24.71
C SER B 652 -28.48 -52.51 -25.34
N HIS B 653 -27.60 -51.76 -24.66
CA HIS B 653 -26.23 -51.57 -25.12
C HIS B 653 -25.24 -52.54 -24.44
N HIS B 654 -25.71 -53.62 -23.83
CA HIS B 654 -24.81 -54.54 -23.08
C HIS B 654 -23.65 -55.12 -23.92
N ARG B 655 -23.93 -55.45 -25.21
CA ARG B 655 -22.92 -56.03 -26.10
C ARG B 655 -21.79 -54.99 -26.25
N LEU B 656 -22.12 -53.73 -26.42
CA LEU B 656 -21.13 -52.65 -26.51
C LEU B 656 -20.31 -52.49 -25.22
N PHE B 657 -20.97 -52.46 -24.07
CA PHE B 657 -20.27 -52.33 -22.81
C PHE B 657 -19.35 -53.52 -22.54
N GLU B 658 -19.78 -54.72 -22.92
CA GLU B 658 -18.92 -55.92 -22.82
C GLU B 658 -17.59 -55.75 -23.56
N GLN B 659 -17.63 -55.09 -24.71
CA GLN B 659 -16.41 -54.81 -25.51
C GLN B 659 -15.33 -54.06 -24.76
N LEU B 660 -15.72 -53.18 -23.84
CA LEU B 660 -14.76 -52.35 -23.15
C LEU B 660 -13.88 -53.10 -22.15
N ARG B 661 -14.43 -54.16 -21.56
CA ARG B 661 -13.62 -55.11 -20.79
C ARG B 661 -12.37 -55.41 -21.72
N THR B 662 -12.66 -55.76 -22.99
CA THR B 662 -11.66 -56.18 -24.00
C THR B 662 -10.56 -55.12 -24.28
N ILE B 663 -10.94 -53.86 -24.44
CA ILE B 663 -9.95 -52.80 -24.70
C ILE B 663 -9.15 -52.49 -23.44
N MET C 1 20.46 18.68 61.78
CA MET C 1 21.42 19.59 62.39
C MET C 1 22.45 18.76 63.10
N HIS C 2 23.64 19.33 63.35
CA HIS C 2 24.69 18.62 64.05
C HIS C 2 24.97 19.34 65.40
N PHE C 3 24.77 18.60 66.50
CA PHE C 3 25.22 18.95 67.83
C PHE C 3 26.65 18.45 68.02
N GLU C 4 27.52 19.26 68.61
CA GLU C 4 28.95 18.94 68.69
C GLU C 4 29.42 19.47 70.04
N THR C 5 30.07 18.60 70.83
CA THR C 5 30.80 19.03 72.01
C THR C 5 32.07 19.86 71.66
N THR C 6 32.43 20.79 72.55
CA THR C 6 33.67 21.60 72.42
C THR C 6 34.42 21.46 73.77
N LYS C 7 35.61 22.09 73.87
CA LYS C 7 36.42 22.17 75.12
C LYS C 7 35.56 22.48 76.36
N ASP C 8 34.71 23.50 76.26
CA ASP C 8 33.93 24.07 77.39
C ASP C 8 32.40 24.12 77.18
N GLY C 9 31.86 23.67 76.05
CA GLY C 9 30.41 23.61 75.90
C GLY C 9 29.97 22.91 74.65
N PHE C 10 29.21 23.59 73.79
CA PHE C 10 28.73 22.96 72.57
C PHE C 10 28.40 23.92 71.44
N THR C 11 28.27 23.36 70.25
CA THR C 11 27.73 24.07 69.11
C THR C 11 26.56 23.29 68.50
N ILE C 12 25.68 24.02 67.83
CA ILE C 12 24.65 23.42 66.96
C ILE C 12 24.81 24.09 65.61
N ALA C 13 24.89 23.28 64.57
CA ALA C 13 25.17 23.74 63.19
C ALA C 13 24.12 23.19 62.20
N ILE C 14 23.93 23.91 61.09
CA ILE C 14 23.28 23.36 59.89
C ILE C 14 24.38 23.34 58.85
N GLY C 15 24.75 22.15 58.41
CA GLY C 15 25.89 22.01 57.52
C GLY C 15 27.15 22.48 58.20
N ASN C 16 27.96 23.20 57.44
CA ASN C 16 29.15 23.87 57.99
C ASN C 16 28.80 25.19 58.69
N ARG C 17 27.52 25.58 58.80
CA ARG C 17 27.17 26.89 59.39
C ARG C 17 26.79 26.75 60.87
N ILE C 18 27.68 27.17 61.76
CA ILE C 18 27.40 27.18 63.18
C ILE C 18 26.31 28.26 63.45
N ILE C 19 25.27 27.82 64.18
CA ILE C 19 24.10 28.64 64.52
C ILE C 19 24.14 29.03 65.99
N LEU C 20 24.33 28.06 66.88
CA LEU C 20 24.42 28.33 68.30
C LEU C 20 25.78 27.89 68.79
N SER C 21 26.36 28.70 69.69
CA SER C 21 27.61 28.40 70.33
C SER C 21 27.47 28.69 71.79
N HIS C 22 27.75 27.73 72.63
CA HIS C 22 27.61 27.90 74.07
C HIS C 22 28.93 27.58 74.77
N SER C 23 29.34 28.48 75.65
CA SER C 23 30.31 28.20 76.70
C SER C 23 29.92 29.00 77.93
N PRO C 24 30.53 28.70 79.09
CA PRO C 24 30.18 29.49 80.26
C PRO C 24 30.45 30.99 80.09
N ASP C 25 31.52 31.35 79.38
CA ASP C 25 31.84 32.75 79.17
C ASP C 25 31.06 33.37 78.05
N LYS C 26 30.61 32.59 77.07
CA LYS C 26 29.79 33.10 75.97
C LYS C 26 28.53 32.25 75.83
N PRO C 27 27.59 32.41 76.77
CA PRO C 27 26.39 31.56 76.80
C PRO C 27 25.47 31.87 75.63
N ALA C 28 24.75 30.86 75.17
CA ALA C 28 23.77 31.05 74.11
C ALA C 28 22.39 31.55 74.64
N PHE C 29 22.03 31.15 75.86
CA PHE C 29 20.71 31.44 76.42
C PHE C 29 20.77 32.26 77.69
N PHE C 30 19.79 33.14 77.84
CA PHE C 30 19.55 33.90 79.07
C PHE C 30 18.06 33.74 79.40
N ALA C 31 17.75 33.64 80.69
CA ALA C 31 16.37 33.47 81.13
C ALA C 31 16.03 34.44 82.23
N GLY C 32 14.76 34.79 82.29
CA GLY C 32 14.35 35.66 83.36
C GLY C 32 12.88 35.93 83.41
N PHE C 33 12.57 37.15 83.90
CA PHE C 33 11.24 37.50 84.29
C PHE C 33 11.01 39.00 84.06
N GLY C 34 9.86 39.35 83.51
CA GLY C 34 9.46 40.75 83.35
C GLY C 34 8.00 41.04 83.58
N GLU C 35 7.68 42.33 83.80
CA GLU C 35 6.31 42.82 83.90
C GLU C 35 6.18 43.94 82.88
N GLU C 36 5.44 43.69 81.85
CA GLU C 36 5.28 44.64 80.76
C GLU C 36 4.18 45.67 80.99
N ARG C 37 4.31 46.81 80.35
CA ARG C 37 3.20 47.76 80.14
C ARG C 37 2.93 47.75 78.62
N MET C 38 1.68 47.55 78.26
CA MET C 38 1.21 47.50 76.85
C MET C 38 -0.05 48.31 76.77
N ASP C 39 0.07 49.63 76.63
CA ASP C 39 -1.12 50.52 76.54
C ASP C 39 -1.61 50.57 75.09
N MET C 40 -2.91 50.26 74.87
CA MET C 40 -3.48 50.24 73.56
CA MET C 40 -3.48 50.23 73.55
C MET C 40 -4.26 51.53 73.40
N TYR C 41 -4.13 52.18 72.26
CA TYR C 41 -5.04 53.22 71.91
C TYR C 41 -5.41 53.05 70.43
N ARG C 42 -6.61 52.59 70.16
CA ARG C 42 -7.11 52.46 68.81
C ARG C 42 -6.16 51.72 67.84
N GLY C 43 -5.74 50.58 68.31
CA GLY C 43 -4.90 49.65 67.61
C GLY C 43 -3.40 49.97 67.61
N ASN C 44 -3.01 51.11 68.23
CA ASN C 44 -1.61 51.49 68.42
C ASN C 44 -1.19 51.06 69.81
N PHE C 45 0.03 50.54 69.93
CA PHE C 45 0.50 50.05 71.24
C PHE C 45 1.68 50.84 71.67
N ASP C 46 1.70 51.24 72.92
CA ASP C 46 2.88 51.80 73.53
C ASP C 46 3.36 50.72 74.51
N ILE C 47 4.44 50.05 74.16
CA ILE C 47 4.90 48.86 74.88
C ILE C 47 6.23 49.17 75.57
N GLU C 48 6.36 48.86 76.83
CA GLU C 48 7.65 48.94 77.49
C GLU C 48 7.75 47.84 78.53
N ASP C 49 8.84 47.13 78.58
CA ASP C 49 9.02 46.07 79.52
C ASP C 49 9.75 46.58 80.77
N TYR C 50 9.48 45.95 81.91
CA TYR C 50 10.27 46.17 83.11
C TYR C 50 10.89 44.77 83.40
N VAL C 51 12.18 44.62 83.08
CA VAL C 51 12.90 43.40 83.28
C VAL C 51 13.34 43.32 84.71
N ILE C 52 12.88 42.31 85.40
CA ILE C 52 13.21 42.04 86.81
C ILE C 52 14.39 41.09 86.95
N GLU C 53 14.49 40.10 86.07
CA GLU C 53 15.67 39.25 85.95
C GLU C 53 16.00 38.96 84.50
N ARG C 54 17.29 39.03 84.18
CA ARG C 54 17.85 38.46 82.97
C ARG C 54 19.13 37.81 83.39
N THR C 55 19.20 36.49 83.34
CA THR C 55 20.31 35.76 83.90
C THR C 55 20.84 34.73 82.90
N ALA C 56 22.14 34.81 82.63
CA ALA C 56 22.79 33.90 81.72
C ALA C 56 22.68 32.46 82.20
N LEU C 57 22.35 31.57 81.28
CA LEU C 57 22.43 30.12 81.54
C LEU C 57 23.78 29.59 81.14
N ARG C 58 24.73 29.70 82.07
CA ARG C 58 26.15 29.40 81.80
C ARG C 58 26.49 27.91 81.79
N HIS C 59 25.71 27.09 82.47
CA HIS C 59 26.11 25.71 82.71
C HIS C 59 25.23 24.73 81.97
N ALA C 60 25.85 24.01 81.03
CA ALA C 60 25.16 23.03 80.17
C ALA C 60 25.57 21.64 80.58
N GLU C 61 24.63 20.71 80.62
CA GLU C 61 25.01 19.29 80.66
C GLU C 61 24.09 18.41 79.85
N VAL C 62 24.68 17.34 79.32
CA VAL C 62 23.97 16.33 78.57
C VAL C 62 23.12 15.53 79.55
N SER C 63 21.88 15.31 79.18
CA SER C 63 20.93 14.58 80.01
C SER C 63 20.03 13.74 79.10
N GLY C 64 20.38 12.48 78.89
CA GLY C 64 19.74 11.64 77.85
C GLY C 64 20.01 12.28 76.49
N ASP C 65 19.00 12.30 75.61
CA ASP C 65 19.14 12.99 74.30
C ASP C 65 18.67 14.43 74.39
N SER C 66 19.23 15.14 75.35
CA SER C 66 18.93 16.55 75.52
C SER C 66 20.07 17.22 76.26
N VAL C 67 20.06 18.54 76.26
CA VAL C 67 20.92 19.35 77.09
C VAL C 67 20.07 20.15 78.06
N THR C 68 20.43 20.10 79.35
CA THR C 68 19.89 20.98 80.33
C THR C 68 20.85 22.16 80.60
N LEU C 69 20.26 23.29 80.92
CA LEU C 69 20.97 24.56 81.11
C LEU C 69 20.55 25.15 82.45
N SER C 70 21.55 25.48 83.27
CA SER C 70 21.31 26.15 84.55
C SER C 70 22.16 27.44 84.63
N SER C 71 21.84 28.28 85.60
CA SER C 71 22.57 29.56 85.80
C SER C 71 24.07 29.35 86.05
N ALA C 72 24.36 28.37 86.88
CA ALA C 72 25.72 28.02 87.29
C ALA C 72 25.77 26.56 87.72
N PRO C 73 26.98 25.96 87.80
CA PRO C 73 27.09 24.58 88.34
C PRO C 73 26.48 24.44 89.73
N GLY C 74 25.77 23.34 89.98
CA GLY C 74 25.09 23.12 91.24
C GLY C 74 23.78 23.85 91.43
N GLN C 75 23.30 24.55 90.41
CA GLN C 75 21.96 25.10 90.45
C GLN C 75 21.03 24.24 89.59
N ALA C 76 19.75 24.24 89.95
CA ALA C 76 18.74 23.44 89.26
C ALA C 76 18.58 23.92 87.82
N PRO C 77 18.50 23.00 86.87
CA PRO C 77 18.34 23.48 85.49
C PRO C 77 17.05 24.22 85.29
N ARG C 78 17.06 25.20 84.41
CA ARG C 78 15.90 25.99 84.13
C ARG C 78 15.30 25.73 82.74
N LEU C 79 16.08 25.16 81.85
CA LEU C 79 15.71 25.03 80.46
C LEU C 79 16.28 23.69 79.93
N ARG C 80 15.47 22.96 79.14
CA ARG C 80 15.94 21.80 78.42
C ARG C 80 15.90 22.10 76.93
N LEU C 81 16.90 21.63 76.23
CA LEU C 81 17.06 21.76 74.80
C LEU C 81 17.06 20.33 74.24
N THR C 82 16.24 20.06 73.22
CA THR C 82 16.23 18.74 72.60
C THR C 82 16.24 18.91 71.09
N LEU C 83 17.20 18.32 70.39
CA LEU C 83 17.23 18.34 68.95
C LEU C 83 16.19 17.38 68.41
N ASP C 84 15.48 17.79 67.38
CA ASP C 84 14.48 16.97 66.73
C ASP C 84 14.42 17.32 65.23
N GLY C 85 15.23 16.62 64.42
CA GLY C 85 15.42 16.92 63.03
C GLY C 85 15.92 18.36 62.87
N ASN C 86 15.21 19.17 62.05
CA ASN C 86 15.57 20.54 61.83
C ASN C 86 15.07 21.54 62.92
N ALA C 87 14.66 21.02 64.08
CA ALA C 87 14.16 21.84 65.16
C ALA C 87 14.94 21.66 66.47
N ILE C 88 15.01 22.73 67.23
CA ILE C 88 15.43 22.66 68.62
C ILE C 88 14.18 22.85 69.44
N ARG C 89 13.77 21.85 70.18
CA ARG C 89 12.69 21.96 71.10
C ARG C 89 13.13 22.46 72.47
N LEU C 90 12.33 23.32 73.06
CA LEU C 90 12.69 23.93 74.35
C LEU C 90 11.61 23.64 75.35
N THR C 91 12.03 23.23 76.54
CA THR C 91 11.11 22.97 77.62
C THR C 91 11.55 23.82 78.82
N ALA C 92 10.62 24.61 79.35
CA ALA C 92 10.84 25.35 80.56
C ALA C 92 10.89 24.39 81.75
N LEU C 93 12.00 24.23 82.43
CA LEU C 93 12.01 23.47 83.65
C LEU C 93 11.71 24.31 84.85
N ASP C 94 11.90 25.61 84.76
CA ASP C 94 11.53 26.57 85.80
C ASP C 94 10.34 27.27 85.15
N GLU C 95 9.18 26.95 85.70
CA GLU C 95 7.94 27.45 85.20
C GLU C 95 7.75 28.94 85.51
N THR C 96 8.54 29.59 86.36
CA THR C 96 8.41 31.06 86.50
C THR C 96 8.98 31.92 85.33
N ILE C 97 9.76 31.34 84.44
CA ILE C 97 10.37 32.11 83.34
C ILE C 97 9.32 32.72 82.43
N ASN C 98 9.29 34.02 82.20
CA ASN C 98 8.49 34.57 81.10
C ASN C 98 9.30 35.46 80.14
N ARG C 99 10.63 35.40 80.24
CA ARG C 99 11.53 36.05 79.31
C ARG C 99 12.66 35.10 78.94
N LEU C 100 12.87 34.91 77.63
CA LEU C 100 14.01 34.15 77.14
C LEU C 100 14.73 34.92 76.07
N TRP C 101 16.07 34.90 76.14
CA TRP C 101 16.89 35.44 75.07
C TRP C 101 17.79 34.36 74.55
N LEU C 102 17.92 34.32 73.22
CA LEU C 102 18.78 33.34 72.56
C LEU C 102 19.67 34.12 71.60
N ARG C 103 20.97 33.86 71.68
CA ARG C 103 21.94 34.43 70.75
C ARG C 103 22.27 33.46 69.65
N VAL C 104 22.23 33.93 68.40
CA VAL C 104 22.67 33.16 67.28
C VAL C 104 23.88 33.81 66.63
N VAL C 105 24.82 32.95 66.28
CA VAL C 105 26.08 33.35 65.76
C VAL C 105 25.84 34.15 64.48
N ALA C 106 26.57 35.24 64.34
CA ALA C 106 26.44 36.11 63.17
C ALA C 106 27.83 36.48 62.65
N GLU C 107 27.90 36.85 61.38
CA GLU C 107 29.11 37.41 60.80
C GLU C 107 28.93 38.90 60.55
N THR C 108 30.05 39.58 60.50
CA THR C 108 30.13 41.01 60.36
C THR C 108 29.35 41.62 59.21
N ASP C 109 29.50 41.03 58.04
CA ASP C 109 28.88 41.53 56.81
C ASP C 109 27.54 40.82 56.47
N GLU C 110 26.98 40.05 57.42
CA GLU C 110 25.76 39.27 57.18
C GLU C 110 24.50 40.17 57.05
N HIS C 111 23.62 39.80 56.12
CA HIS C 111 22.32 40.42 55.93
C HIS C 111 21.26 39.49 56.46
N VAL C 112 20.18 40.07 56.97
CA VAL C 112 19.03 39.30 57.44
C VAL C 112 17.76 39.97 56.95
N TRP C 113 16.87 39.17 56.37
CA TRP C 113 15.63 39.68 55.82
C TRP C 113 14.44 38.90 56.34
N GLY C 114 13.24 39.46 56.14
CA GLY C 114 12.00 38.79 56.58
C GLY C 114 11.37 39.59 57.69
N GLY C 115 11.09 38.91 58.80
CA GLY C 115 10.36 39.51 59.88
C GLY C 115 8.88 39.79 59.63
N GLY C 116 8.32 39.09 58.65
CA GLY C 116 6.96 39.29 58.19
C GLY C 116 6.93 40.26 57.01
N GLU C 117 5.96 41.17 57.04
CA GLU C 117 5.89 42.28 56.10
C GLU C 117 6.50 43.50 56.79
N GLN C 118 7.76 43.79 56.48
CA GLN C 118 8.46 44.96 56.98
C GLN C 118 8.26 46.10 56.02
N MET C 119 7.88 47.26 56.54
CA MET C 119 7.53 48.41 55.72
C MET C 119 8.67 49.45 55.50
N SER C 120 9.63 49.52 56.42
CA SER C 120 10.72 50.52 56.32
C SER C 120 12.05 49.92 55.87
N TYR C 121 12.48 48.85 56.53
CA TYR C 121 13.78 48.24 56.27
C TYR C 121 13.65 46.78 55.86
N PHE C 122 14.23 46.45 54.72
CA PHE C 122 14.21 45.08 54.18
C PHE C 122 15.31 44.25 54.81
N ASP C 123 16.55 44.70 54.61
CA ASP C 123 17.71 44.19 55.37
C ASP C 123 17.57 44.75 56.79
N MET C 124 17.27 43.88 57.72
CA MET C 124 17.06 44.26 59.12
C MET C 124 18.35 44.45 59.92
N ARG C 125 19.50 44.15 59.32
CA ARG C 125 20.76 44.23 60.06
C ARG C 125 21.02 45.60 60.63
N GLY C 126 21.45 45.67 61.90
CA GLY C 126 21.82 46.93 62.52
C GLY C 126 20.72 47.53 63.39
N ARG C 127 19.51 46.97 63.36
CA ARG C 127 18.38 47.54 64.09
C ARG C 127 17.61 46.44 64.85
N ARG C 128 16.69 46.92 65.65
CA ARG C 128 15.88 46.07 66.52
C ARG C 128 14.41 46.12 66.07
N PHE C 129 13.82 44.94 65.94
CA PHE C 129 12.44 44.78 65.42
C PHE C 129 11.56 43.97 66.36
N PRO C 130 10.74 44.66 67.17
CA PRO C 130 9.65 44.00 67.89
C PRO C 130 8.61 43.43 66.92
N LEU C 131 8.06 42.27 67.26
CA LEU C 131 7.13 41.52 66.43
C LEU C 131 5.79 41.31 67.14
N TRP C 132 4.94 42.33 66.97
CA TRP C 132 3.69 42.46 67.62
C TRP C 132 2.77 43.15 66.63
N THR C 133 1.68 42.48 66.26
CA THR C 133 0.85 43.05 65.23
C THR C 133 0.15 44.30 65.76
N SER C 134 0.06 45.35 64.95
CA SER C 134 -0.66 46.58 65.32
C SER C 134 -0.86 47.42 64.12
N GLU C 135 -1.52 48.57 64.29
CA GLU C 135 -1.41 49.62 63.27
C GLU C 135 0.02 49.94 63.01
N PRO C 136 0.43 50.04 61.73
CA PRO C 136 1.83 50.37 61.42
C PRO C 136 2.24 51.80 61.69
N GLY C 137 1.29 52.70 61.81
CA GLY C 137 1.50 54.11 62.03
C GLY C 137 1.23 54.94 60.79
N VAL C 138 0.90 56.20 61.00
CA VAL C 138 0.75 57.24 60.00
C VAL C 138 2.03 58.09 60.07
N GLY C 139 2.83 58.05 59.01
CA GLY C 139 4.12 58.72 58.91
C GLY C 139 5.28 57.79 59.30
N ARG C 140 5.22 57.20 60.50
CA ARG C 140 6.15 56.16 60.88
C ARG C 140 7.61 56.65 61.00
N ASP C 141 7.77 57.94 61.24
CA ASP C 141 9.09 58.56 61.30
C ASP C 141 9.00 59.75 62.20
N LYS C 142 9.57 59.62 63.40
CA LYS C 142 9.45 60.66 64.42
C LYS C 142 10.00 62.01 64.03
N THR C 143 10.72 62.12 62.91
CA THR C 143 11.19 63.40 62.39
C THR C 143 10.27 64.08 61.42
N THR C 144 9.12 63.49 61.09
CA THR C 144 8.17 64.16 60.19
C THR C 144 6.99 64.74 60.92
N GLU C 145 6.50 65.82 60.39
CA GLU C 145 5.39 66.51 60.98
C GLU C 145 4.08 65.68 61.02
N ILE C 146 3.85 64.91 59.96
CA ILE C 146 2.71 63.98 59.93
C ILE C 146 2.77 62.98 61.09
N THR C 147 3.93 62.42 61.34
CA THR C 147 4.09 61.47 62.42
C THR C 147 3.84 62.12 63.77
N PHE C 148 4.44 63.32 63.96
CA PHE C 148 4.29 64.07 65.18
C PHE C 148 2.80 64.37 65.45
N LYS C 149 2.13 64.92 64.45
CA LYS C 149 0.69 65.21 64.58
C LYS C 149 -0.19 63.99 64.85
N SER C 150 0.16 62.88 64.23
CA SER C 150 -0.52 61.62 64.44
C SER C 150 -0.31 61.13 65.87
N ASP C 151 0.89 61.32 66.41
CA ASP C 151 1.19 60.93 67.81
C ASP C 151 0.44 61.82 68.78
N VAL C 152 0.42 63.11 68.54
CA VAL C 152 -0.23 64.02 69.47
C VAL C 152 -1.76 63.79 69.41
N SER C 153 -2.33 63.67 68.24
CA SER C 153 -3.80 63.57 68.18
C SER C 153 -4.34 62.17 68.48
N GLY C 154 -3.60 61.09 68.20
CA GLY C 154 -4.14 59.75 68.45
C GLY C 154 -3.14 58.65 68.74
N LYS C 155 -1.93 58.99 69.23
CA LYS C 155 -0.90 57.99 69.50
C LYS C 155 -0.62 57.09 68.32
N ALA C 156 -0.69 57.66 67.12
CA ALA C 156 -0.88 56.90 65.88
C ALA C 156 0.21 57.05 64.85
N GLY C 157 1.33 57.70 65.22
CA GLY C 157 2.42 57.93 64.29
C GLY C 157 3.21 56.67 63.99
N GLY C 158 3.36 55.78 64.98
CA GLY C 158 4.16 54.59 64.80
C GLY C 158 5.65 54.88 64.61
N ASP C 159 6.35 53.89 64.05
CA ASP C 159 7.76 53.93 63.86
C ASP C 159 8.16 52.80 62.89
N TYR C 160 9.44 52.74 62.57
CA TYR C 160 9.97 51.96 61.47
C TYR C 160 9.64 50.47 61.59
N TYR C 161 9.50 49.98 62.84
CA TYR C 161 9.31 48.54 63.08
C TYR C 161 7.84 48.09 63.13
N ASN C 162 6.90 49.03 63.21
CA ASN C 162 5.53 48.62 63.38
C ASN C 162 4.99 48.06 62.06
N THR C 163 4.13 47.06 62.17
CA THR C 163 3.55 46.42 61.00
C THR C 163 2.29 45.69 61.37
N ASN C 164 1.37 45.62 60.39
CA ASN C 164 0.15 44.82 60.52
C ASN C 164 0.50 43.32 60.51
N TYR C 165 1.68 43.01 59.99
CA TYR C 165 2.08 41.61 59.76
C TYR C 165 3.54 41.38 60.16
N PRO C 166 3.79 41.21 61.48
CA PRO C 166 5.06 40.73 61.93
C PRO C 166 5.10 39.19 61.81
N GLN C 167 6.29 38.63 61.73
CA GLN C 167 6.48 37.18 61.82
C GLN C 167 7.85 36.91 62.35
N PRO C 168 7.98 36.08 63.41
CA PRO C 168 9.31 35.77 63.91
C PRO C 168 10.06 34.71 63.07
N THR C 169 10.38 35.10 61.84
CA THR C 169 11.10 34.27 60.87
C THR C 169 12.12 35.16 60.18
N TRP C 170 13.34 34.68 60.01
CA TRP C 170 14.36 35.38 59.20
C TRP C 170 15.05 34.48 58.21
N LEU C 171 15.49 35.10 57.10
CA LEU C 171 16.39 34.51 56.13
C LEU C 171 17.73 35.22 56.29
N SER C 172 18.77 34.41 56.45
CA SER C 172 20.15 34.91 56.61
C SER C 172 20.91 34.78 55.30
N SER C 173 21.78 35.77 55.03
CA SER C 173 22.70 35.71 53.88
C SER C 173 23.69 34.55 53.98
N ARG C 174 23.81 33.94 55.16
CA ARG C 174 24.59 32.68 55.31
C ARG C 174 23.83 31.46 54.81
N LYS C 175 22.67 31.63 54.17
CA LYS C 175 21.89 30.53 53.58
C LYS C 175 21.26 29.54 54.55
N TYR C 176 20.57 30.12 55.51
CA TYR C 176 19.64 29.36 56.31
C TYR C 176 18.53 30.35 56.68
N ALA C 177 17.40 29.80 57.12
CA ALA C 177 16.32 30.59 57.68
C ALA C 177 15.98 30.01 59.05
N LEU C 178 15.49 30.88 59.94
CA LEU C 178 15.19 30.52 61.32
C LEU C 178 13.74 30.91 61.56
N HIS C 179 13.00 30.05 62.26
CA HIS C 179 11.62 30.35 62.60
C HIS C 179 11.34 30.04 64.08
N VAL C 180 10.75 30.97 64.78
CA VAL C 180 10.37 30.76 66.17
C VAL C 180 8.89 30.41 66.22
N GLU C 181 8.57 29.24 66.75
CA GLU C 181 7.19 28.82 66.89
C GLU C 181 6.63 29.33 68.20
N THR C 182 6.01 30.50 68.12
CA THR C 182 5.30 31.10 69.26
C THR C 182 4.31 32.12 68.77
N SER C 183 3.36 32.45 69.61
CA SER C 183 2.51 33.64 69.33
C SER C 183 2.76 34.77 70.34
N ALA C 184 3.70 34.56 71.28
CA ALA C 184 4.01 35.63 72.19
C ALA C 184 4.72 36.78 71.53
N TYR C 185 4.72 37.90 72.21
CA TYR C 185 5.59 39.04 71.85
C TYR C 185 7.02 38.53 71.73
N SER C 186 7.69 38.94 70.66
CA SER C 186 9.10 38.64 70.48
C SER C 186 9.82 39.81 69.85
N VAL C 187 11.14 39.77 69.87
CA VAL C 187 11.97 40.87 69.28
C VAL C 187 13.19 40.25 68.56
N PHE C 188 13.44 40.71 67.34
CA PHE C 188 14.72 40.42 66.68
C PHE C 188 15.66 41.61 66.83
N ASP C 189 16.76 41.39 67.58
CA ASP C 189 17.78 42.42 67.83
C ASP C 189 19.04 42.12 66.99
N PHE C 190 19.19 42.88 65.91
CA PHE C 190 20.32 42.73 65.00
C PHE C 190 21.34 43.87 65.17
N ARG C 191 21.46 44.45 66.37
CA ARG C 191 22.38 45.58 66.58
C ARG C 191 23.85 45.20 66.71
N ASN C 192 24.13 43.95 67.09
CA ASN C 192 25.48 43.52 67.37
C ASN C 192 26.10 42.83 66.16
N GLY C 193 27.38 43.07 65.96
CA GLY C 193 28.13 42.53 64.88
C GLY C 193 28.35 41.04 64.88
N ASP C 194 28.43 40.47 66.07
CA ASP C 194 28.88 39.08 66.27
C ASP C 194 27.74 38.11 66.60
N PHE C 195 26.55 38.64 66.90
CA PHE C 195 25.42 37.77 67.15
C PHE C 195 24.12 38.50 66.86
N HIS C 196 23.11 37.70 66.53
CA HIS C 196 21.72 38.15 66.51
C HIS C 196 21.13 37.75 67.84
N GLU C 197 20.28 38.58 68.44
CA GLU C 197 19.62 38.13 69.68
C GLU C 197 18.10 38.13 69.52
N ILE C 198 17.48 37.01 69.87
CA ILE C 198 16.04 36.89 69.89
C ILE C 198 15.55 37.00 71.33
N GLU C 199 14.60 37.92 71.56
CA GLU C 199 13.92 37.98 72.83
C GLU C 199 12.49 37.41 72.64
N ILE C 200 12.05 36.53 73.57
CA ILE C 200 10.69 36.01 73.52
C ILE C 200 10.07 36.17 74.90
N TRP C 201 8.80 36.61 74.95
CA TRP C 201 8.12 36.73 76.25
C TRP C 201 7.39 35.42 76.58
N ALA C 202 8.14 34.30 76.45
CA ALA C 202 7.70 32.94 76.67
C ALA C 202 8.88 32.05 76.36
N VAL C 203 8.75 30.78 76.69
CA VAL C 203 9.71 29.78 76.24
C VAL C 203 9.06 29.10 75.06
N PRO C 204 9.44 29.43 73.85
CA PRO C 204 8.80 28.80 72.72
C PRO C 204 8.99 27.30 72.63
N GLU C 205 7.97 26.62 72.11
CA GLU C 205 7.94 25.18 71.95
C GLU C 205 9.15 24.74 71.16
N LYS C 206 9.46 25.46 70.09
CA LYS C 206 10.62 25.15 69.28
C LYS C 206 11.10 26.28 68.40
N ILE C 207 12.34 26.14 67.93
CA ILE C 207 12.95 26.97 66.92
C ILE C 207 13.36 26.06 65.77
N GLU C 208 12.90 26.39 64.56
CA GLU C 208 13.09 25.56 63.38
C GLU C 208 13.98 26.22 62.36
N PHE C 209 14.70 25.38 61.64
CA PHE C 209 15.72 25.82 60.70
C PHE C 209 15.54 25.20 59.34
N PHE C 210 15.89 25.94 58.30
CA PHE C 210 15.72 25.56 56.89
C PHE C 210 16.99 25.99 56.19
N ALA C 211 17.57 25.13 55.39
CA ALA C 211 18.80 25.45 54.71
C ALA C 211 18.69 25.01 53.27
N GLY C 212 19.63 25.43 52.44
CA GLY C 212 19.60 25.06 51.03
C GLY C 212 20.76 25.73 50.32
N ASP C 213 21.01 25.29 49.12
CA ASP C 213 22.11 25.77 48.34
C ASP C 213 21.89 27.12 47.76
N SER C 214 20.64 27.55 47.62
CA SER C 214 20.34 28.86 47.10
C SER C 214 19.26 29.51 47.98
N PHE C 215 19.19 30.85 47.90
CA PHE C 215 18.13 31.57 48.59
C PHE C 215 16.74 31.10 48.07
N ALA C 216 16.62 30.90 46.74
CA ALA C 216 15.37 30.43 46.15
C ALA C 216 14.93 29.09 46.77
N ASP C 217 15.86 28.16 46.96
CA ASP C 217 15.51 26.88 47.57
C ASP C 217 15.03 27.08 49.00
N ILE C 218 15.62 28.01 49.75
CA ILE C 218 15.19 28.20 51.11
C ILE C 218 13.79 28.83 51.16
N VAL C 219 13.53 29.80 50.30
CA VAL C 219 12.17 30.36 50.17
C VAL C 219 11.14 29.27 49.80
N SER C 220 11.48 28.35 48.89
CA SER C 220 10.59 27.20 48.63
C SER C 220 10.28 26.39 49.85
N ALA C 221 11.30 26.08 50.60
CA ALA C 221 11.11 25.26 51.80
C ALA C 221 10.25 26.01 52.83
N LEU C 222 10.52 27.31 53.03
CA LEU C 222 9.67 28.11 53.92
C LEU C 222 8.23 28.10 53.47
N SER C 223 7.99 28.33 52.17
CA SER C 223 6.61 28.41 51.66
C SER C 223 5.87 27.07 51.84
N LEU C 224 6.60 25.97 51.72
CA LEU C 224 6.01 24.66 51.92
C LEU C 224 5.67 24.50 53.40
N HIS C 225 6.53 24.98 54.30
CA HIS C 225 6.26 24.89 55.72
C HIS C 225 5.05 25.78 56.17
N PHE C 226 4.91 26.99 55.64
CA PHE C 226 3.81 27.90 56.07
C PHE C 226 2.52 27.69 55.25
N GLY C 227 2.69 27.21 54.01
CA GLY C 227 1.60 26.87 53.10
C GLY C 227 1.57 27.86 51.93
N ARG C 228 1.31 27.39 50.74
CA ARG C 228 1.25 28.23 49.55
C ARG C 228 -0.14 28.72 49.24
N GLN C 229 -0.23 29.65 48.33
CA GLN C 229 -1.50 30.20 47.94
C GLN C 229 -1.95 29.57 46.63
N PRO C 230 -3.24 29.63 46.34
CA PRO C 230 -3.68 29.16 45.01
C PRO C 230 -3.16 30.10 43.95
N GLU C 231 -3.19 29.68 42.70
CA GLU C 231 -2.92 30.59 41.58
C GLU C 231 -3.97 31.71 41.54
N LEU C 232 -3.60 32.83 40.97
CA LEU C 232 -4.55 33.93 40.87
C LEU C 232 -5.71 33.47 39.96
N PRO C 233 -6.96 33.87 40.29
CA PRO C 233 -8.09 33.51 39.38
C PRO C 233 -7.96 34.21 38.06
N ASP C 234 -8.39 33.55 36.99
CA ASP C 234 -8.26 34.12 35.66
C ASP C 234 -8.92 35.47 35.48
N TRP C 235 -10.03 35.73 36.18
CA TRP C 235 -10.75 36.99 35.95
C TRP C 235 -9.93 38.26 36.33
N VAL C 236 -8.99 38.10 37.26
CA VAL C 236 -8.07 39.18 37.64
C VAL C 236 -7.28 39.81 36.46
N TYR C 237 -6.92 38.95 35.53
CA TYR C 237 -6.18 39.35 34.34
C TYR C 237 -6.94 40.24 33.35
N ASN C 238 -8.25 40.41 33.55
CA ASN C 238 -9.02 41.32 32.71
C ASN C 238 -8.71 42.78 32.98
N GLY C 239 -8.02 43.12 34.05
CA GLY C 239 -7.67 44.55 34.26
C GLY C 239 -7.70 44.97 35.73
N ALA C 240 -7.96 46.25 35.97
CA ALA C 240 -7.93 46.82 37.33
C ALA C 240 -9.23 46.58 38.10
N ILE C 241 -9.11 46.50 39.41
CA ILE C 241 -10.23 46.50 40.32
C ILE C 241 -10.42 47.96 40.72
N ILE C 242 -11.51 48.55 40.32
CA ILE C 242 -11.80 49.96 40.58
C ILE C 242 -12.47 50.12 41.93
N GLY C 243 -11.80 50.87 42.82
CA GLY C 243 -12.28 51.08 44.18
C GLY C 243 -13.09 52.36 44.30
N LEU C 244 -14.39 52.22 44.56
CA LEU C 244 -15.25 53.39 44.73
C LEU C 244 -16.11 53.15 45.93
N LYS C 245 -16.45 54.24 46.59
CA LYS C 245 -17.19 54.24 47.83
C LYS C 245 -18.26 55.31 47.81
N ASP C 246 -18.90 55.51 46.66
CA ASP C 246 -19.75 56.64 46.40
C ASP C 246 -21.21 56.18 46.19
N GLY C 247 -21.60 55.06 46.81
CA GLY C 247 -22.96 54.58 46.66
C GLY C 247 -23.36 54.39 45.18
N VAL C 248 -24.62 54.73 44.88
CA VAL C 248 -25.17 54.55 43.55
C VAL C 248 -24.35 55.34 42.51
N ASN C 249 -23.79 56.48 42.90
CA ASN C 249 -22.96 57.23 42.00
C ASN C 249 -21.67 56.50 41.56
N SER C 250 -21.27 55.46 42.30
CA SER C 250 -20.15 54.63 41.89
C SER C 250 -20.31 54.11 40.46
N PHE C 251 -21.54 53.78 40.04
CA PHE C 251 -21.76 53.14 38.73
C PHE C 251 -21.50 54.08 37.60
N ALA C 252 -21.96 55.31 37.73
CA ALA C 252 -21.71 56.32 36.69
C ALA C 252 -20.23 56.66 36.61
N ARG C 253 -19.52 56.72 37.75
CA ARG C 253 -18.09 57.01 37.72
C ARG C 253 -17.33 55.83 37.09
N LEU C 254 -17.76 54.58 37.37
CA LEU C 254 -17.16 53.43 36.67
C LEU C 254 -17.33 53.55 35.14
N GLU C 255 -18.51 53.98 34.69
CA GLU C 255 -18.77 54.11 33.23
C GLU C 255 -17.82 55.12 32.61
N LYS C 256 -17.60 56.21 33.32
CA LYS C 256 -16.64 57.21 32.89
C LYS C 256 -15.21 56.66 32.78
N ILE C 257 -14.82 55.88 33.78
CA ILE C 257 -13.52 55.19 33.76
C ILE C 257 -13.41 54.27 32.57
N ARG C 258 -14.45 53.49 32.34
CA ARG C 258 -14.50 52.58 31.17
C ARG C 258 -14.49 53.33 29.84
N ALA C 259 -15.13 54.49 29.76
CA ALA C 259 -15.18 55.27 28.51
C ALA C 259 -13.80 55.79 28.10
N ALA C 260 -12.89 55.91 29.05
CA ALA C 260 -11.52 56.27 28.71
C ALA C 260 -10.69 55.10 28.20
N GLY C 261 -11.25 53.90 28.07
CA GLY C 261 -10.51 52.74 27.60
C GLY C 261 -9.90 51.88 28.67
N THR C 262 -10.12 52.22 29.92
CA THR C 262 -9.54 51.48 31.08
C THR C 262 -9.98 50.02 31.02
N LYS C 263 -9.02 49.10 31.20
CA LYS C 263 -9.36 47.67 31.30
C LYS C 263 -9.76 47.41 32.74
N VAL C 264 -10.96 46.86 32.95
CA VAL C 264 -11.51 46.66 34.28
C VAL C 264 -11.88 45.21 34.51
N SER C 265 -11.37 44.63 35.60
CA SER C 265 -11.71 43.27 36.02
C SER C 265 -12.80 43.23 37.07
N GLY C 266 -12.93 44.32 37.86
CA GLY C 266 -13.79 44.32 39.02
C GLY C 266 -14.14 45.70 39.48
N LEU C 267 -15.29 45.79 40.16
CA LEU C 267 -15.68 46.99 40.90
C LEU C 267 -15.65 46.58 42.37
N TRP C 268 -14.90 47.30 43.18
CA TRP C 268 -14.75 47.03 44.62
C TRP C 268 -15.41 48.22 45.35
N CYS C 269 -16.53 47.96 46.01
CA CYS C 269 -17.29 48.97 46.74
C CYS C 269 -17.30 48.59 48.21
N GLU C 270 -16.35 49.15 48.96
CA GLU C 270 -16.28 48.83 50.39
C GLU C 270 -17.52 49.30 51.17
N ASP C 271 -18.18 50.32 50.64
CA ASP C 271 -19.42 50.86 51.22
C ASP C 271 -20.66 50.07 50.84
N TRP C 272 -20.49 48.86 50.34
CA TRP C 272 -21.62 47.96 50.04
C TRP C 272 -22.48 47.73 51.26
N VAL C 273 -21.88 47.88 52.45
CA VAL C 273 -22.59 47.76 53.73
C VAL C 273 -23.11 49.08 54.28
N GLY C 274 -22.91 50.19 53.57
CA GLY C 274 -23.29 51.53 54.07
C GLY C 274 -22.11 52.31 54.50
N LEU C 275 -22.26 53.64 54.44
CA LEU C 275 -21.20 54.57 54.96
C LEU C 275 -21.65 55.03 56.33
N ARG C 276 -20.69 55.29 57.17
CA ARG C 276 -20.94 56.05 58.39
C ARG C 276 -20.03 57.26 58.26
N GLN C 277 -20.57 58.24 57.55
CA GLN C 277 -19.83 59.49 57.23
C GLN C 277 -19.69 60.27 58.54
N THR C 278 -18.50 60.75 58.85
CA THR C 278 -18.32 61.57 60.05
C THR C 278 -17.52 62.84 59.67
N SER C 279 -17.44 63.78 60.61
CA SER C 279 -16.56 64.91 60.38
C SER C 279 -15.11 64.53 60.16
N PHE C 280 -14.66 63.38 60.62
CA PHE C 280 -13.29 62.92 60.57
C PHE C 280 -13.00 62.12 59.37
N GLY C 281 -14.01 61.48 58.77
CA GLY C 281 -13.69 60.51 57.65
C GLY C 281 -14.92 59.82 57.14
N ALA C 282 -14.81 59.27 55.95
CA ALA C 282 -15.90 58.45 55.32
C ALA C 282 -15.68 57.00 55.81
N ARG C 283 -16.17 56.70 57.01
CA ARG C 283 -16.09 55.36 57.50
C ARG C 283 -17.25 54.50 56.89
N LEU C 284 -17.10 53.20 57.07
CA LEU C 284 -18.10 52.25 56.70
C LEU C 284 -18.98 51.89 57.93
N PHE C 285 -20.18 51.38 57.61
CA PHE C 285 -21.10 50.85 58.60
C PHE C 285 -20.81 49.38 58.79
N TRP C 286 -20.30 49.01 59.98
CA TRP C 286 -19.72 47.64 60.19
C TRP C 286 -20.77 46.60 60.55
N ASP C 287 -21.61 46.32 59.57
CA ASP C 287 -22.66 45.30 59.67
C ASP C 287 -22.67 44.58 58.36
N TRP C 288 -22.25 43.33 58.35
CA TRP C 288 -21.79 42.64 57.12
C TRP C 288 -22.93 42.01 56.29
N GLN C 289 -23.76 42.89 55.72
CA GLN C 289 -24.77 42.52 54.75
C GLN C 289 -25.04 43.70 53.83
N ALA C 290 -25.53 43.39 52.62
CA ALA C 290 -25.77 44.44 51.62
C ALA C 290 -26.73 45.46 52.17
N ASN C 291 -26.43 46.74 51.96
CA ASN C 291 -27.22 47.82 52.51
C ASN C 291 -28.14 48.38 51.43
N ASP C 292 -29.42 48.08 51.57
CA ASP C 292 -30.46 48.57 50.63
C ASP C 292 -30.63 50.08 50.59
N THR C 293 -30.25 50.79 51.62
CA THR C 293 -30.27 52.25 51.53
C THR C 293 -29.16 52.77 50.64
N ARG C 294 -27.96 52.26 50.79
CA ARG C 294 -26.81 52.78 50.02
C ARG C 294 -26.78 52.27 48.59
N TYR C 295 -27.13 51.00 48.40
CA TYR C 295 -27.15 50.32 47.08
C TYR C 295 -28.51 49.60 46.94
N PRO C 296 -29.57 50.34 46.66
CA PRO C 296 -30.90 49.68 46.64
C PRO C 296 -31.08 48.56 45.62
N HIS C 297 -30.25 48.43 44.60
CA HIS C 297 -30.47 47.34 43.63
C HIS C 297 -29.21 46.53 43.44
N LEU C 298 -28.51 46.28 44.53
CA LEU C 298 -27.15 45.79 44.43
C LEU C 298 -27.09 44.43 43.79
N ARG C 299 -27.99 43.54 44.18
CA ARG C 299 -27.91 42.19 43.63
C ARG C 299 -28.09 42.21 42.11
N GLN C 300 -28.97 43.07 41.63
CA GLN C 300 -29.17 43.24 40.19
C GLN C 300 -27.97 43.85 39.48
N LYS C 301 -27.39 44.87 40.10
CA LYS C 301 -26.17 45.49 39.59
C LYS C 301 -25.02 44.51 39.47
N ILE C 302 -24.86 43.65 40.46
CA ILE C 302 -23.85 42.61 40.37
C ILE C 302 -24.04 41.72 39.17
N ALA C 303 -25.31 41.31 38.94
CA ALA C 303 -25.59 40.49 37.74
C ALA C 303 -25.33 41.27 36.44
N GLU C 304 -25.71 42.55 36.37
CA GLU C 304 -25.41 43.40 35.19
C GLU C 304 -23.92 43.50 34.92
N LEU C 305 -23.13 43.74 35.98
CA LEU C 305 -21.71 43.81 35.81
C LEU C 305 -21.14 42.47 35.35
N ALA C 306 -21.63 41.36 35.92
CA ALA C 306 -21.13 40.04 35.52
C ALA C 306 -21.34 39.83 34.00
N ASP C 307 -22.48 40.26 33.47
CA ASP C 307 -22.71 40.23 32.01
C ASP C 307 -21.75 41.06 31.20
N GLN C 308 -21.14 42.08 31.79
CA GLN C 308 -20.15 42.86 31.11
C GLN C 308 -18.74 42.29 31.40
N GLY C 309 -18.61 41.12 32.02
CA GLY C 309 -17.29 40.61 32.36
C GLY C 309 -16.57 41.29 33.54
N ILE C 310 -17.33 41.98 34.41
CA ILE C 310 -16.77 42.70 35.54
C ILE C 310 -17.29 42.09 36.85
N ARG C 311 -16.38 41.68 37.71
CA ARG C 311 -16.72 41.13 39.01
C ARG C 311 -17.05 42.22 40.03
N PHE C 312 -17.68 41.80 41.14
CA PHE C 312 -17.98 42.75 42.22
C PHE C 312 -17.34 42.27 43.52
N LEU C 313 -16.71 43.21 44.22
CA LEU C 313 -16.00 42.90 45.48
C LEU C 313 -16.47 43.82 46.57
N GLY C 314 -16.47 43.31 47.80
CA GLY C 314 -16.88 44.07 48.96
C GLY C 314 -15.82 44.20 50.05
N TYR C 315 -16.26 44.15 51.31
CA TYR C 315 -15.49 44.48 52.49
C TYR C 315 -16.08 43.75 53.68
N VAL C 316 -15.24 43.24 54.56
CA VAL C 316 -15.69 42.66 55.80
C VAL C 316 -14.54 42.71 56.81
N ASN C 317 -14.89 42.72 58.09
CA ASN C 317 -13.88 42.62 59.13
C ASN C 317 -14.53 41.88 60.31
N PRO C 318 -13.73 41.56 61.33
CA PRO C 318 -14.18 40.63 62.36
C PRO C 318 -14.87 41.24 63.54
N TYR C 319 -15.34 42.45 63.42
CA TYR C 319 -16.04 43.20 64.47
C TYR C 319 -17.48 43.49 63.97
N LEU C 320 -18.39 43.70 64.91
CA LEU C 320 -19.74 44.13 64.60
C LEU C 320 -20.14 45.37 65.38
N CYS C 321 -20.62 46.41 64.69
CA CYS C 321 -20.94 47.65 65.36
C CYS C 321 -22.19 47.51 66.23
N VAL C 322 -22.16 48.16 67.39
CA VAL C 322 -23.23 48.04 68.36
C VAL C 322 -24.58 48.50 67.88
N ASP C 323 -24.62 49.34 66.86
CA ASP C 323 -25.88 49.89 66.37
C ASP C 323 -26.34 49.17 65.11
N GLY C 324 -25.74 48.03 64.79
CA GLY C 324 -26.15 47.24 63.65
C GLY C 324 -27.04 46.05 64.02
N PRO C 325 -27.81 45.54 63.04
CA PRO C 325 -28.72 44.41 63.35
C PRO C 325 -28.03 43.08 63.61
N LEU C 326 -26.82 42.86 63.13
CA LEU C 326 -26.16 41.58 63.44
C LEU C 326 -25.64 41.52 64.87
N PHE C 327 -25.37 42.68 65.48
CA PHE C 327 -24.81 42.70 66.82
C PHE C 327 -25.65 41.91 67.85
N PRO C 328 -26.96 42.20 67.96
CA PRO C 328 -27.74 41.38 68.99
C PRO C 328 -27.85 39.91 68.59
N VAL C 329 -27.73 39.54 67.32
CA VAL C 329 -27.72 38.13 66.95
C VAL C 329 -26.49 37.46 67.52
N ALA C 330 -25.32 38.06 67.27
CA ALA C 330 -24.10 37.50 67.79
C ALA C 330 -24.05 37.50 69.34
N GLU C 331 -24.55 38.58 69.94
CA GLU C 331 -24.51 38.66 71.37
C GLU C 331 -25.42 37.58 72.01
N SER C 332 -26.62 37.38 71.43
CA SER C 332 -27.55 36.43 71.96
C SER C 332 -26.99 35.03 71.88
N ALA C 333 -26.25 34.72 70.81
CA ALA C 333 -25.63 33.40 70.68
C ALA C 333 -24.36 33.22 71.53
N GLY C 334 -23.86 34.29 72.18
CA GLY C 334 -22.63 34.16 72.99
C GLY C 334 -21.37 34.12 72.10
N TYR C 335 -21.39 34.84 70.96
CA TYR C 335 -20.32 34.81 70.01
C TYR C 335 -19.31 35.97 70.11
N PHE C 336 -19.46 36.84 71.11
CA PHE C 336 -18.54 37.93 71.33
C PHE C 336 -17.51 37.63 72.44
N ALA C 337 -16.32 38.21 72.31
CA ALA C 337 -15.40 38.28 73.42
C ALA C 337 -16.03 39.06 74.59
N THR C 338 -15.68 38.68 75.83
CA THR C 338 -16.31 39.28 76.99
C THR C 338 -15.33 40.07 77.84
N ASP C 339 -15.88 40.92 78.71
CA ASP C 339 -15.08 41.61 79.73
C ASP C 339 -14.95 40.73 80.98
N VAL C 340 -14.25 41.28 81.98
CA VAL C 340 -14.04 40.55 83.22
C VAL C 340 -15.33 40.07 83.92
N ASP C 341 -16.44 40.78 83.77
CA ASP C 341 -17.75 40.34 84.31
C ASP C 341 -18.58 39.45 83.39
N GLY C 342 -18.08 39.00 82.23
CA GLY C 342 -18.89 38.18 81.35
C GLY C 342 -19.84 38.96 80.43
N LYS C 343 -19.85 40.30 80.44
CA LYS C 343 -20.64 41.07 79.45
C LYS C 343 -19.85 41.22 78.13
N THR C 344 -20.54 41.45 77.03
CA THR C 344 -19.89 41.71 75.76
C THR C 344 -18.86 42.84 75.95
N ALA C 345 -17.63 42.62 75.55
CA ALA C 345 -16.60 43.66 75.58
C ALA C 345 -16.79 44.60 74.42
N LEU C 346 -16.93 45.90 74.69
CA LEU C 346 -17.09 46.91 73.64
C LEU C 346 -15.76 47.57 73.30
N VAL C 347 -15.41 47.63 72.04
CA VAL C 347 -14.12 48.15 71.60
C VAL C 347 -14.39 49.46 70.85
N ASP C 348 -13.61 50.45 71.21
CA ASP C 348 -13.74 51.82 70.74
C ASP C 348 -13.04 52.05 69.45
N PHE C 349 -13.76 52.35 68.38
CA PHE C 349 -13.12 52.69 67.08
C PHE C 349 -13.16 54.14 66.74
N GLY C 350 -13.49 54.99 67.70
CA GLY C 350 -13.56 56.41 67.55
C GLY C 350 -14.96 56.94 67.59
N GLU C 351 -15.50 56.92 66.38
CA GLU C 351 -16.91 57.37 66.15
C GLU C 351 -17.95 56.32 66.55
N PHE C 352 -17.53 55.07 66.83
CA PHE C 352 -18.51 54.03 67.08
C PHE C 352 -17.82 52.91 67.85
N ASP C 353 -18.57 52.08 68.55
CA ASP C 353 -18.10 50.88 69.25
C ASP C 353 -18.54 49.60 68.58
N CYS C 354 -17.82 48.53 68.85
CA CYS C 354 -18.10 47.23 68.30
C CYS C 354 -17.89 46.10 69.29
N GLY C 355 -18.54 44.99 69.05
CA GLY C 355 -18.17 43.73 69.63
C GLY C 355 -17.15 43.01 68.76
N VAL C 356 -16.39 42.14 69.36
CA VAL C 356 -15.34 41.33 68.71
C VAL C 356 -15.85 39.91 68.57
N VAL C 357 -16.05 39.43 67.36
CA VAL C 357 -16.48 38.05 67.17
C VAL C 357 -15.37 37.11 67.63
N ASP C 358 -15.69 36.22 68.57
CA ASP C 358 -14.68 35.42 69.24
C ASP C 358 -14.40 34.13 68.46
N PHE C 359 -13.44 34.15 67.59
CA PHE C 359 -13.04 33.00 66.80
C PHE C 359 -12.39 31.86 67.56
N THR C 360 -12.10 32.01 68.87
CA THR C 360 -11.66 30.88 69.65
C THR C 360 -12.84 29.98 70.03
N ASN C 361 -14.05 30.50 69.91
CA ASN C 361 -15.29 29.72 70.06
C ASN C 361 -15.60 29.10 68.67
N PRO C 362 -15.46 27.77 68.51
CA PRO C 362 -15.70 27.15 67.19
C PRO C 362 -17.07 27.46 66.59
N ALA C 363 -18.09 27.59 67.43
CA ALA C 363 -19.45 27.89 66.92
C ALA C 363 -19.54 29.31 66.35
N ALA C 364 -18.82 30.25 66.99
CA ALA C 364 -18.75 31.61 66.48
C ALA C 364 -17.99 31.70 65.18
N ALA C 365 -16.87 30.97 65.08
CA ALA C 365 -16.06 30.97 63.85
C ALA C 365 -16.86 30.36 62.71
N ASP C 366 -17.55 29.25 62.98
CA ASP C 366 -18.41 28.62 61.97
C ASP C 366 -19.57 29.51 61.54
N TRP C 367 -20.23 30.15 62.49
CA TRP C 367 -21.27 31.11 62.17
C TRP C 367 -20.76 32.23 61.25
N PHE C 368 -19.59 32.82 61.58
CA PHE C 368 -19.08 33.88 60.74
C PHE C 368 -18.82 33.37 59.31
N ALA C 369 -18.16 32.21 59.20
CA ALA C 369 -17.86 31.62 57.90
C ALA C 369 -19.14 31.29 57.11
N ALA C 370 -20.13 30.70 57.77
CA ALA C 370 -21.37 30.27 57.10
C ALA C 370 -22.34 31.41 56.77
N ALA C 371 -22.67 32.20 57.78
CA ALA C 371 -23.70 33.25 57.67
C ALA C 371 -23.20 34.50 56.96
N ILE C 372 -21.93 34.89 57.23
CA ILE C 372 -21.41 36.13 56.68
C ILE C 372 -20.64 35.92 55.40
N ILE C 373 -19.54 35.17 55.47
CA ILE C 373 -18.72 34.93 54.29
C ILE C 373 -19.55 34.14 53.23
N GLY C 374 -20.14 33.05 53.69
CA GLY C 374 -20.93 32.16 52.83
C GLY C 374 -22.21 32.79 52.28
N LYS C 375 -23.14 33.06 53.19
CA LYS C 375 -24.46 33.51 52.77
C LYS C 375 -24.47 34.99 52.34
N ASN C 376 -23.98 35.90 53.19
CA ASN C 376 -24.09 37.35 52.90
C ASN C 376 -23.16 37.87 51.83
N MET C 377 -22.09 37.13 51.56
CA MET C 377 -21.10 37.58 50.60
C MET C 377 -21.01 36.71 49.35
N LEU C 378 -20.52 35.50 49.47
CA LEU C 378 -20.37 34.64 48.31
C LEU C 378 -21.72 34.30 47.66
N ASP C 379 -22.72 33.89 48.43
CA ASP C 379 -24.02 33.58 47.84
C ASP C 379 -24.68 34.84 47.30
N PHE C 380 -24.36 36.01 47.82
CA PHE C 380 -24.91 37.23 47.30
C PHE C 380 -24.29 37.63 45.93
N GLY C 381 -23.17 37.00 45.53
CA GLY C 381 -22.57 37.22 44.22
C GLY C 381 -21.21 37.93 44.25
N LEU C 382 -20.60 38.16 45.45
CA LEU C 382 -19.28 38.78 45.52
C LEU C 382 -18.22 37.77 45.05
N SER C 383 -17.30 38.23 44.18
CA SER C 383 -16.15 37.39 43.79
C SER C 383 -14.95 37.62 44.71
N GLY C 384 -15.06 38.55 45.64
CA GLY C 384 -13.97 38.81 46.55
C GLY C 384 -14.24 40.02 47.40
N TRP C 385 -13.26 40.35 48.23
CA TRP C 385 -13.43 41.39 49.23
C TRP C 385 -12.12 41.73 49.90
N MET C 386 -12.06 42.94 50.48
CA MET C 386 -11.08 43.29 51.45
C MET C 386 -11.47 42.60 52.77
N ALA C 387 -10.59 41.75 53.29
CA ALA C 387 -10.80 41.10 54.58
C ALA C 387 -9.91 41.82 55.59
N ASP C 388 -10.49 42.86 56.21
CA ASP C 388 -9.74 43.87 56.91
C ASP C 388 -9.55 43.50 58.37
N PHE C 389 -8.66 44.25 59.01
CA PHE C 389 -8.27 44.12 60.42
C PHE C 389 -7.66 42.75 60.70
N GLY C 390 -7.58 42.35 61.94
CA GLY C 390 -6.71 41.22 62.39
C GLY C 390 -5.69 41.66 63.41
N GLU C 391 -5.28 42.92 63.36
CA GLU C 391 -4.22 43.45 64.16
C GLU C 391 -4.52 44.14 65.46
N TYR C 392 -5.84 44.36 65.65
CA TYR C 392 -6.42 45.12 66.80
C TYR C 392 -7.09 44.24 67.83
N LEU C 393 -6.77 42.97 68.02
CA LEU C 393 -7.36 42.26 69.16
C LEU C 393 -6.84 42.93 70.48
N PRO C 394 -7.77 43.53 71.25
CA PRO C 394 -7.37 44.07 72.53
C PRO C 394 -6.92 43.02 73.47
N ILE C 395 -6.03 43.40 74.36
CA ILE C 395 -5.46 42.41 75.22
C ILE C 395 -6.10 42.36 76.58
N ASP C 396 -7.12 43.14 76.82
CA ASP C 396 -7.80 43.17 78.12
C ASP C 396 -9.17 42.49 78.04
N ILE C 397 -9.43 41.65 77.10
CA ILE C 397 -10.72 40.95 76.95
C ILE C 397 -10.51 39.46 77.26
N LYS C 398 -11.63 38.74 77.40
CA LYS C 398 -11.64 37.31 77.68
C LYS C 398 -12.14 36.55 76.48
N LEU C 399 -11.45 35.48 76.15
CA LEU C 399 -11.74 34.65 75.05
C LEU C 399 -12.24 33.31 75.53
N SER C 400 -13.11 32.75 74.70
CA SER C 400 -13.80 31.49 74.97
C SER C 400 -12.82 30.32 75.22
N ASN C 401 -11.66 30.27 74.54
CA ASN C 401 -10.72 29.19 74.81
C ASN C 401 -9.95 29.37 76.13
N GLY C 402 -10.18 30.45 76.89
CA GLY C 402 -9.45 30.65 78.14
C GLY C 402 -7.98 31.04 78.00
N VAL C 403 -7.47 31.21 76.78
CA VAL C 403 -6.08 31.62 76.58
C VAL C 403 -6.00 33.12 76.75
N ASP C 404 -4.99 33.60 77.46
CA ASP C 404 -4.79 35.05 77.65
C ASP C 404 -4.76 35.80 76.30
N ALA C 405 -5.48 36.92 76.25
CA ALA C 405 -5.54 37.72 75.03
C ALA C 405 -4.17 38.23 74.56
N LYS C 406 -3.24 38.36 75.49
CA LYS C 406 -1.85 38.66 75.13
C LYS C 406 -1.16 37.65 74.29
N LEU C 407 -1.55 36.38 74.45
CA LEU C 407 -1.03 35.31 73.58
C LEU C 407 -1.89 35.12 72.34
N MET C 408 -3.20 35.48 72.40
CA MET C 408 -4.01 35.33 71.20
C MET C 408 -3.86 36.46 70.22
N HIS C 409 -3.37 37.62 70.71
CA HIS C 409 -3.25 38.81 69.89
C HIS C 409 -2.51 38.57 68.58
N ASN C 410 -1.30 38.02 68.65
CA ASN C 410 -0.55 37.75 67.38
C ASN C 410 -1.17 36.59 66.56
N ALA C 411 -1.85 35.68 67.21
CA ALA C 411 -2.51 34.56 66.49
C ALA C 411 -3.74 35.01 65.68
N TRP C 412 -4.32 36.14 66.08
CA TRP C 412 -5.59 36.56 65.57
C TRP C 412 -5.63 36.66 64.09
N PRO C 413 -4.61 37.28 63.47
CA PRO C 413 -4.77 37.42 62.01
C PRO C 413 -4.88 36.08 61.30
N THR C 414 -4.18 35.06 61.80
CA THR C 414 -4.21 33.75 61.18
C THR C 414 -5.60 33.08 61.37
N LEU C 415 -6.18 33.19 62.56
CA LEU C 415 -7.54 32.68 62.82
C LEU C 415 -8.54 33.38 61.90
N TRP C 416 -8.36 34.70 61.72
CA TRP C 416 -9.28 35.48 60.89
C TRP C 416 -9.13 35.06 59.44
N ALA C 417 -7.89 34.87 59.00
CA ALA C 417 -7.66 34.38 57.64
C ALA C 417 -8.34 33.02 57.44
N GLU C 418 -8.26 32.17 58.44
CA GLU C 418 -8.83 30.85 58.33
C GLU C 418 -10.41 30.87 58.23
N VAL C 419 -11.05 31.80 58.94
CA VAL C 419 -12.48 32.01 58.84
C VAL C 419 -12.86 32.36 57.40
N ASN C 420 -12.13 33.30 56.81
CA ASN C 420 -12.38 33.66 55.41
C ASN C 420 -12.20 32.43 54.50
N ALA C 421 -11.09 31.71 54.69
CA ALA C 421 -10.78 30.58 53.82
C ALA C 421 -11.81 29.45 53.92
N LYS C 422 -12.30 29.19 55.13
CA LYS C 422 -13.35 28.19 55.34
C LYS C 422 -14.62 28.58 54.64
N GLY C 423 -15.00 29.85 54.71
CA GLY C 423 -16.20 30.30 54.01
C GLY C 423 -16.09 30.08 52.50
N VAL C 424 -14.95 30.46 51.95
CA VAL C 424 -14.64 30.30 50.55
C VAL C 424 -14.67 28.82 50.14
N GLU C 425 -14.04 27.99 50.94
CA GLU C 425 -13.98 26.55 50.70
C GLU C 425 -15.35 25.93 50.77
N SER C 426 -16.22 26.38 51.70
CA SER C 426 -17.56 25.82 51.80
C SER C 426 -18.38 26.07 50.54
N ARG C 427 -18.04 27.04 49.70
CA ARG C 427 -18.74 27.22 48.42
C ARG C 427 -17.96 26.68 47.21
N GLY C 428 -16.91 25.89 47.42
CA GLY C 428 -16.05 25.42 46.35
C GLY C 428 -15.34 26.52 45.57
N LYS C 429 -15.01 27.64 46.20
CA LYS C 429 -14.46 28.76 45.45
C LYS C 429 -13.01 29.09 45.75
N THR C 430 -12.31 28.16 46.37
CA THR C 430 -10.87 28.34 46.58
C THR C 430 -10.19 28.44 45.23
N GLY C 431 -9.42 29.47 44.98
CA GLY C 431 -8.81 29.68 43.68
C GLY C 431 -9.66 30.51 42.73
N GLU C 432 -10.84 30.91 43.14
CA GLU C 432 -11.73 31.70 42.31
C GLU C 432 -12.17 33.00 43.02
N ALA C 433 -12.59 32.89 44.27
CA ALA C 433 -12.86 34.08 45.07
C ALA C 433 -11.51 34.67 45.53
N LEU C 434 -11.41 35.99 45.56
CA LEU C 434 -10.17 36.65 45.89
C LEU C 434 -10.38 37.60 47.08
N PHE C 435 -9.95 37.21 48.26
CA PHE C 435 -9.92 38.15 49.36
C PHE C 435 -8.47 38.53 49.69
N PHE C 436 -8.32 39.73 50.25
CA PHE C 436 -7.01 40.29 50.55
C PHE C 436 -6.97 40.86 51.97
N MET C 437 -5.86 40.58 52.65
CA MET C 437 -5.62 40.98 54.03
C MET C 437 -4.40 41.90 54.14
N ARG C 438 -4.44 42.79 55.13
CA ARG C 438 -3.31 43.59 55.50
C ARG C 438 -2.62 43.05 56.73
N ALA C 439 -3.32 42.35 57.58
CA ALA C 439 -2.78 41.83 58.82
C ALA C 439 -2.39 40.39 58.64
N GLY C 440 -1.38 39.96 59.40
CA GLY C 440 -0.87 38.61 59.27
C GLY C 440 -0.05 38.22 60.47
N PHE C 441 0.24 36.92 60.53
CA PHE C 441 1.17 36.34 61.46
C PHE C 441 1.52 34.96 60.87
N THR C 442 2.40 34.23 61.53
CA THR C 442 2.74 32.87 61.13
C THR C 442 1.49 32.10 60.72
N GLY C 443 1.45 31.61 59.47
CA GLY C 443 0.39 30.68 59.06
C GLY C 443 -0.66 31.33 58.21
N VAL C 444 -0.67 32.65 58.16
CA VAL C 444 -1.61 33.36 57.31
C VAL C 444 -1.47 32.95 55.85
N GLN C 445 -0.23 32.56 55.50
CA GLN C 445 0.12 32.12 54.15
C GLN C 445 -0.77 31.01 53.60
N ALA C 446 -1.17 30.10 54.49
CA ALA C 446 -1.95 28.94 54.08
C ALA C 446 -3.41 29.30 53.75
N HIS C 447 -3.92 30.43 54.22
CA HIS C 447 -5.33 30.77 54.18
C HIS C 447 -5.64 31.99 53.33
N CYS C 448 -4.75 32.99 53.30
CA CYS C 448 -4.99 34.20 52.58
C CYS C 448 -4.33 34.14 51.18
N PRO C 449 -5.09 34.40 50.13
CA PRO C 449 -4.54 34.30 48.76
C PRO C 449 -3.81 35.54 48.25
N LEU C 450 -3.91 36.66 48.96
CA LEU C 450 -3.39 37.93 48.46
C LEU C 450 -3.23 38.90 49.63
N ILE C 451 -2.06 39.52 49.75
CA ILE C 451 -1.76 40.54 50.77
C ILE C 451 -1.93 41.89 50.12
N TRP C 452 -2.48 42.85 50.87
CA TRP C 452 -2.22 44.23 50.52
C TRP C 452 -1.41 44.96 51.57
N GLY C 453 -0.72 45.99 51.13
CA GLY C 453 0.23 46.76 51.96
C GLY C 453 -0.34 47.68 53.00
N GLY C 454 -1.66 47.57 53.29
CA GLY C 454 -2.27 48.36 54.34
C GLY C 454 -2.36 49.82 53.96
N ASN C 455 -2.37 50.69 54.95
CA ASN C 455 -2.56 52.11 54.74
C ASN C 455 -1.21 52.86 54.60
N GLN C 456 -0.88 53.32 53.39
CA GLN C 456 0.19 54.28 53.18
C GLN C 456 -0.41 55.66 53.31
N SER C 457 0.37 56.62 53.71
CA SER C 457 0.06 58.01 53.52
C SER C 457 -0.04 58.29 51.99
N VAL C 458 -0.78 59.33 51.66
CA VAL C 458 -0.95 59.81 50.30
C VAL C 458 0.26 60.65 49.83
N ASP C 459 1.45 60.08 49.86
CA ASP C 459 2.67 60.86 49.66
C ASP C 459 3.82 59.96 49.21
N PHE C 460 4.93 60.66 48.92
CA PHE C 460 6.18 60.04 48.56
C PHE C 460 7.14 59.91 49.76
N SER C 461 6.65 59.87 50.98
CA SER C 461 7.54 59.80 52.15
C SER C 461 8.31 58.51 52.17
N ARG C 462 9.48 58.57 52.81
CA ARG C 462 10.38 57.41 52.90
C ARG C 462 9.77 56.30 53.80
N HIS C 463 9.11 56.69 54.88
CA HIS C 463 8.62 55.71 55.86
C HIS C 463 7.11 55.45 55.85
N ASP C 464 6.33 56.15 55.02
CA ASP C 464 4.94 55.82 54.87
C ASP C 464 4.32 56.06 53.47
N GLY C 465 5.17 56.27 52.47
CA GLY C 465 4.72 56.56 51.11
C GLY C 465 4.91 55.36 50.20
N LEU C 466 4.86 55.68 48.91
CA LEU C 466 4.96 54.68 47.85
C LEU C 466 6.05 53.64 48.06
N VAL C 467 7.25 54.10 48.40
CA VAL C 467 8.42 53.23 48.45
C VAL C 467 8.26 52.13 49.49
N THR C 468 7.49 52.38 50.54
CA THR C 468 7.32 51.37 51.59
C THR C 468 6.59 50.13 51.12
N VAL C 469 5.77 50.27 50.07
CA VAL C 469 5.06 49.13 49.50
C VAL C 469 6.04 48.07 49.02
N ILE C 470 7.12 48.51 48.40
CA ILE C 470 8.11 47.58 47.79
C ILE C 470 8.80 46.80 48.88
N CYS C 471 9.15 47.49 49.95
CA CYS C 471 9.73 46.81 51.11
C CYS C 471 8.80 45.71 51.64
N GLY C 472 7.53 46.08 51.77
CA GLY C 472 6.47 45.13 52.19
C GLY C 472 6.35 43.91 51.30
N ALA C 473 6.34 44.15 49.98
CA ALA C 473 6.27 43.07 49.02
C ALA C 473 7.49 42.14 49.14
N LEU C 474 8.68 42.73 49.18
CA LEU C 474 9.90 41.94 49.16
C LEU C 474 10.01 41.07 50.44
N SER C 475 9.81 41.71 51.61
CA SER C 475 9.89 40.97 52.86
C SER C 475 8.84 39.90 52.98
N SER C 476 7.57 40.25 52.75
CA SER C 476 6.48 39.25 52.84
C SER C 476 6.60 38.11 51.82
N GLY C 477 7.15 38.41 50.63
CA GLY C 477 7.46 37.39 49.63
C GLY C 477 8.44 36.35 50.08
N LEU C 478 9.52 36.76 50.79
CA LEU C 478 10.46 35.79 51.32
C LEU C 478 9.85 34.90 52.38
N MET C 479 8.83 35.38 53.04
CA MET C 479 8.08 34.61 54.05
C MET C 479 7.01 33.70 53.45
N GLY C 480 6.89 33.69 52.12
CA GLY C 480 6.00 32.77 51.41
C GLY C 480 4.64 33.29 50.99
N ASN C 481 4.47 34.61 51.05
CA ASN C 481 3.30 35.28 50.54
C ASN C 481 3.65 35.75 49.15
N ALA C 482 3.18 35.01 48.15
CA ALA C 482 3.66 35.25 46.77
C ALA C 482 3.04 36.45 46.09
N TYR C 483 1.90 36.94 46.60
CA TYR C 483 1.15 37.98 45.93
C TYR C 483 0.91 39.15 46.88
N HIS C 484 1.37 40.33 46.42
CA HIS C 484 1.27 41.56 47.19
C HIS C 484 0.73 42.66 46.29
N HIS C 485 0.01 43.63 46.84
CA HIS C 485 -0.38 44.79 46.11
C HIS C 485 -0.64 45.91 47.03
N SER C 486 -0.98 47.05 46.47
CA SER C 486 -1.22 48.24 47.29
C SER C 486 -2.36 49.09 46.77
N ASP C 487 -2.86 50.00 47.62
CA ASP C 487 -3.85 50.97 47.19
C ASP C 487 -3.17 51.95 46.21
N ILE C 488 -3.63 52.02 44.96
CA ILE C 488 -3.08 53.00 44.03
C ILE C 488 -3.39 54.44 44.50
N GLY C 489 -2.34 55.19 44.83
CA GLY C 489 -2.44 56.54 45.31
C GLY C 489 -2.45 56.62 46.83
N GLY C 490 -2.22 55.51 47.51
CA GLY C 490 -2.22 55.51 48.99
C GLY C 490 -3.60 55.66 49.61
N TYR C 491 -3.63 55.72 50.93
CA TYR C 491 -4.88 55.74 51.70
C TYR C 491 -5.03 56.98 52.58
N THR C 492 -4.07 57.19 53.48
CA THR C 492 -4.29 58.07 54.60
C THR C 492 -4.07 59.54 54.28
N SER C 493 -5.12 60.34 54.34
CA SER C 493 -5.10 61.76 54.13
C SER C 493 -5.50 62.44 55.42
N LEU C 494 -4.51 63.07 56.06
CA LEU C 494 -4.70 63.79 57.32
C LEU C 494 -3.79 65.00 57.35
N PHE C 495 -4.19 66.01 58.11
CA PHE C 495 -3.37 67.16 58.41
C PHE C 495 -2.93 67.88 57.15
N GLY C 496 -3.81 67.98 56.17
CA GLY C 496 -3.46 68.63 54.89
C GLY C 496 -2.65 67.80 53.89
N ASN C 497 -2.34 66.56 54.21
CA ASN C 497 -1.65 65.70 53.27
C ASN C 497 -2.76 65.12 52.32
N VAL C 498 -2.68 65.51 51.04
CA VAL C 498 -3.61 65.11 50.00
C VAL C 498 -2.84 64.67 48.78
N ARG C 499 -3.49 63.87 47.94
CA ARG C 499 -2.82 63.31 46.76
C ARG C 499 -2.49 64.41 45.76
N THR C 500 -1.51 64.17 44.91
CA THR C 500 -1.27 64.94 43.72
C THR C 500 -1.53 64.01 42.53
N ALA C 501 -1.74 64.61 41.36
CA ALA C 501 -1.81 63.88 40.12
C ALA C 501 -0.57 63.01 39.92
N GLU C 502 0.59 63.60 40.18
CA GLU C 502 1.86 62.90 39.98
C GLU C 502 1.98 61.67 40.88
N LEU C 503 1.56 61.81 42.13
CA LEU C 503 1.54 60.68 43.02
C LEU C 503 0.70 59.52 42.48
N ILE C 504 -0.52 59.82 42.06
CA ILE C 504 -1.38 58.77 41.53
C ILE C 504 -0.71 58.08 40.37
N MET C 505 -0.18 58.89 39.43
CA MET C 505 0.41 58.33 38.22
C MET C 505 1.64 57.45 38.54
N ARG C 506 2.53 57.91 39.42
CA ARG C 506 3.67 57.08 39.82
C ARG C 506 3.25 55.77 40.48
N TRP C 507 2.21 55.83 41.30
CA TRP C 507 1.73 54.62 41.98
C TRP C 507 1.14 53.65 40.98
N THR C 508 0.41 54.17 39.99
CA THR C 508 -0.21 53.34 38.93
C THR C 508 0.90 52.61 38.16
N GLU C 509 2.00 53.35 37.87
CA GLU C 509 3.14 52.83 37.10
C GLU C 509 3.71 51.60 37.77
N MET C 510 3.92 51.68 39.10
CA MET C 510 4.34 50.52 39.85
C MET C 510 3.28 49.41 39.80
N ALA C 511 2.02 49.77 40.06
CA ALA C 511 0.96 48.75 40.24
C ALA C 511 0.74 47.86 39.03
N ALA C 512 0.97 48.43 37.82
CA ALA C 512 0.87 47.67 36.58
C ALA C 512 1.83 46.50 36.50
N PHE C 513 2.92 46.56 37.28
CA PHE C 513 3.91 45.49 37.39
C PHE C 513 3.85 44.86 38.79
N THR C 514 2.62 44.58 39.21
CA THR C 514 2.31 43.78 40.41
C THR C 514 1.13 42.90 40.09
N PRO C 515 0.85 41.89 40.92
CA PRO C 515 -0.28 40.96 40.62
C PRO C 515 -1.65 41.59 40.45
N VAL C 516 -1.92 42.69 41.18
CA VAL C 516 -3.26 43.25 41.15
C VAL C 516 -3.23 44.79 41.19
N MET C 517 -3.90 45.39 40.19
CA MET C 517 -4.12 46.84 40.20
C MET C 517 -5.45 47.11 40.88
N ARG C 518 -5.46 47.93 41.91
CA ARG C 518 -6.67 48.29 42.62
C ARG C 518 -6.59 49.74 43.12
N THR C 519 -7.63 50.51 42.92
CA THR C 519 -7.72 51.85 43.48
C THR C 519 -8.55 51.86 44.74
N HIS C 520 -8.58 53.01 45.41
CA HIS C 520 -9.22 53.21 46.69
C HIS C 520 -9.44 54.70 46.80
N GLU C 521 -10.63 55.12 47.11
CA GLU C 521 -10.88 56.54 47.36
C GLU C 521 -10.32 57.06 48.67
N GLY C 522 -10.04 56.19 49.65
CA GLY C 522 -9.33 56.62 50.87
C GLY C 522 -10.29 57.05 51.97
N ASN C 523 -9.73 57.64 53.01
CA ASN C 523 -10.50 58.02 54.19
C ASN C 523 -11.28 59.29 54.01
N ARG C 524 -10.88 60.15 53.11
CA ARG C 524 -11.56 61.43 52.88
C ARG C 524 -11.68 61.66 51.37
N PRO C 525 -12.63 60.94 50.76
CA PRO C 525 -12.70 60.91 49.29
C PRO C 525 -12.80 62.26 48.62
N ARG C 526 -13.59 63.17 49.18
CA ARG C 526 -13.82 64.47 48.55
C ARG C 526 -12.66 65.45 48.79
N ASP C 527 -11.70 65.15 49.65
CA ASP C 527 -10.49 65.98 49.77
C ASP C 527 -9.37 65.53 48.87
N ASN C 528 -9.48 64.39 48.22
CA ASN C 528 -8.39 63.84 47.46
C ASN C 528 -8.77 63.57 46.02
N LEU C 529 -7.86 63.86 45.11
CA LEU C 529 -7.97 63.50 43.73
C LEU C 529 -8.20 61.99 43.59
N GLN C 530 -9.17 61.64 42.76
CA GLN C 530 -9.45 60.24 42.39
C GLN C 530 -9.11 60.03 40.91
N ILE C 531 -8.94 58.79 40.50
CA ILE C 531 -8.46 58.50 39.14
C ILE C 531 -9.38 59.00 38.00
N ASP C 532 -10.67 59.11 38.27
CA ASP C 532 -11.61 59.60 37.25
C ASP C 532 -11.69 61.13 37.17
N GLN C 533 -11.03 61.88 38.05
CA GLN C 533 -11.32 63.30 38.17
C GLN C 533 -10.39 64.21 37.37
N ASP C 534 -9.38 63.67 36.73
CA ASP C 534 -8.46 64.47 35.97
C ASP C 534 -8.18 63.70 34.69
N GLU C 535 -8.36 64.40 33.56
CA GLU C 535 -8.24 63.75 32.26
C GLU C 535 -6.85 63.11 32.02
N THR C 536 -5.79 63.84 32.36
CA THR C 536 -4.44 63.33 32.20
C THR C 536 -4.20 62.09 33.04
N VAL C 537 -4.59 62.16 34.30
CA VAL C 537 -4.44 61.02 35.23
C VAL C 537 -5.23 59.81 34.71
N LEU C 538 -6.47 60.04 34.29
CA LEU C 538 -7.33 58.93 33.82
C LEU C 538 -6.76 58.26 32.57
N ALA C 539 -6.28 59.08 31.62
CA ALA C 539 -5.70 58.52 30.39
C ALA C 539 -4.43 57.74 30.71
N HIS C 540 -3.61 58.29 31.62
CA HIS C 540 -2.40 57.57 32.06
C HIS C 540 -2.80 56.22 32.72
N PHE C 541 -3.81 56.28 33.59
CA PHE C 541 -4.32 55.06 34.23
C PHE C 541 -4.81 54.00 33.19
N ALA C 542 -5.63 54.46 32.23
CA ALA C 542 -6.15 53.56 31.19
C ALA C 542 -5.01 52.86 30.46
N ARG C 543 -4.04 53.66 30.04
CA ARG C 543 -2.89 53.11 29.36
C ARG C 543 -2.16 52.08 30.22
N MET C 544 -1.91 52.40 31.50
CA MET C 544 -1.24 51.43 32.34
C MET C 544 -2.07 50.15 32.51
N THR C 545 -3.40 50.25 32.57
CA THR C 545 -4.22 49.02 32.63
C THR C 545 -4.06 48.17 31.35
N ALA C 546 -3.90 48.83 30.19
CA ALA C 546 -3.66 48.09 28.94
C ALA C 546 -2.34 47.35 28.95
N ILE C 547 -1.33 48.02 29.51
CA ILE C 547 -0.03 47.39 29.70
C ILE C 547 -0.12 46.17 30.60
N TYR C 548 -0.83 46.32 31.75
CA TYR C 548 -1.04 45.18 32.66
C TYR C 548 -1.73 44.00 31.94
N VAL C 549 -2.78 44.31 31.19
CA VAL C 549 -3.48 43.26 30.45
C VAL C 549 -2.57 42.59 29.39
N ALA C 550 -1.79 43.38 28.66
CA ALA C 550 -0.87 42.78 27.68
C ALA C 550 0.16 41.91 28.34
N LEU C 551 0.57 42.27 29.59
CA LEU C 551 1.53 41.46 30.35
C LEU C 551 0.99 40.25 31.06
N ALA C 552 -0.32 40.09 31.10
CA ALA C 552 -0.95 38.99 31.83
C ALA C 552 -0.42 37.58 31.55
N PRO C 553 -0.13 37.24 30.30
CA PRO C 553 0.46 35.88 30.10
C PRO C 553 1.75 35.68 30.91
N TYR C 554 2.57 36.73 31.03
CA TYR C 554 3.80 36.62 31.82
C TYR C 554 3.46 36.51 33.33
N LEU C 555 2.60 37.41 33.82
CA LEU C 555 2.14 37.35 35.24
C LEU C 555 1.55 35.99 35.57
N LYS C 556 0.73 35.48 34.65
CA LYS C 556 0.13 34.17 34.86
C LYS C 556 1.19 33.05 34.96
N SER C 557 2.27 33.10 34.15
CA SER C 557 3.33 32.12 34.33
C SER C 557 4.03 32.27 35.71
N LEU C 558 4.09 33.50 36.22
CA LEU C 558 4.70 33.75 37.55
C LEU C 558 3.82 33.20 38.66
N SER C 559 2.50 33.31 38.49
CA SER C 559 1.56 32.70 39.45
C SER C 559 1.68 31.16 39.42
N ALA C 560 1.82 30.58 38.24
CA ALA C 560 2.04 29.13 38.16
C ALA C 560 3.33 28.74 38.89
N GLU C 561 4.40 29.52 38.69
CA GLU C 561 5.64 29.24 39.42
C GLU C 561 5.44 29.36 40.94
N ALA C 562 4.69 30.39 41.36
CA ALA C 562 4.43 30.54 42.78
C ALA C 562 3.75 29.31 43.39
N ALA C 563 2.75 28.79 42.70
CA ALA C 563 2.10 27.55 43.18
C ALA C 563 3.04 26.36 43.14
N LYS C 564 3.87 26.23 42.13
CA LYS C 564 4.74 25.04 42.01
C LYS C 564 5.89 25.12 42.96
N THR C 565 6.49 26.31 43.13
CA THR C 565 7.77 26.44 43.85
C THR C 565 7.77 27.36 45.08
N GLY C 566 6.69 28.11 45.30
CA GLY C 566 6.63 29.05 46.41
C GLY C 566 7.26 30.42 46.17
N LEU C 567 7.98 30.61 45.07
CA LEU C 567 8.64 31.88 44.82
C LEU C 567 7.66 33.04 44.63
N PRO C 568 7.95 34.17 45.27
CA PRO C 568 7.03 35.29 45.14
C PRO C 568 7.12 35.90 43.76
N VAL C 569 6.06 36.58 43.38
CA VAL C 569 6.02 37.28 42.12
C VAL C 569 7.06 38.47 42.11
N GLN C 570 7.15 39.19 43.22
CA GLN C 570 8.08 40.27 43.36
C GLN C 570 9.26 39.78 44.20
N ARG C 571 10.43 39.72 43.54
CA ARG C 571 11.60 39.12 44.14
C ARG C 571 12.72 40.16 44.35
N PRO C 572 13.51 39.96 45.41
CA PRO C 572 14.68 40.84 45.57
C PRO C 572 15.78 40.47 44.58
N LEU C 573 16.61 41.46 44.24
CA LEU C 573 17.65 41.23 43.19
C LEU C 573 18.57 40.10 43.58
N PHE C 574 18.87 39.97 44.86
CA PHE C 574 19.83 38.94 45.27
C PHE C 574 19.34 37.54 45.07
N LEU C 575 18.04 37.34 44.92
CA LEU C 575 17.52 35.99 44.77
C LEU C 575 18.01 35.33 43.47
N HIS C 576 18.20 36.14 42.43
CA HIS C 576 18.68 35.68 41.15
C HIS C 576 20.11 36.14 40.82
N TYR C 577 20.75 36.92 41.69
CA TYR C 577 22.09 37.44 41.42
C TYR C 577 22.91 37.36 42.71
N GLU C 578 23.06 36.13 43.20
CA GLU C 578 23.65 35.85 44.48
C GLU C 578 25.09 36.30 44.62
N ASN C 579 25.82 36.45 43.52
CA ASN C 579 27.23 36.77 43.58
C ASN C 579 27.51 38.25 43.47
N GLU C 580 26.50 39.08 43.57
CA GLU C 580 26.66 40.50 43.41
C GLU C 580 26.25 41.18 44.72
N PRO C 581 27.23 41.50 45.55
CA PRO C 581 26.96 42.14 46.85
C PRO C 581 26.13 43.41 46.75
N GLN C 582 26.22 44.16 45.65
CA GLN C 582 25.41 45.39 45.48
C GLN C 582 23.88 45.11 45.46
N THR C 583 23.47 43.86 45.29
CA THR C 583 22.07 43.51 45.27
C THR C 583 21.48 43.20 46.64
N TYR C 584 22.31 43.08 47.68
CA TYR C 584 21.83 42.46 48.93
C TYR C 584 20.92 43.34 49.78
N ALA C 585 21.12 44.65 49.73
CA ALA C 585 20.26 45.57 50.51
C ALA C 585 19.26 46.35 49.68
N VAL C 586 19.26 46.19 48.35
CA VAL C 586 18.33 46.92 47.44
C VAL C 586 16.89 46.59 47.79
N GLN C 587 16.10 47.63 48.09
CA GLN C 587 14.71 47.46 48.48
C GLN C 587 13.75 48.39 47.78
N ASP C 588 14.21 49.17 46.80
CA ASP C 588 13.28 50.01 46.03
C ASP C 588 13.24 49.66 44.52
N CYS C 589 13.71 48.46 44.21
CA CYS C 589 13.63 47.82 42.94
C CYS C 589 13.28 46.39 43.25
N TYR C 590 12.63 45.74 42.29
CA TYR C 590 12.36 44.30 42.39
C TYR C 590 12.47 43.65 41.04
N LEU C 591 12.72 42.34 41.07
CA LEU C 591 12.59 41.50 39.91
C LEU C 591 11.16 41.03 39.87
N TYR C 592 10.48 41.33 38.75
CA TYR C 592 9.11 40.89 38.52
C TYR C 592 9.25 39.60 37.74
N GLY C 593 9.24 38.50 38.50
CA GLY C 593 9.70 37.22 37.97
C GLY C 593 11.21 37.33 37.74
N ALA C 594 11.79 36.33 37.10
CA ALA C 594 13.21 36.35 36.75
C ALA C 594 13.54 37.26 35.56
N ASP C 595 12.58 37.63 34.74
CA ASP C 595 12.88 38.24 33.46
C ASP C 595 12.67 39.77 33.35
N MET C 596 12.04 40.38 34.36
CA MET C 596 11.82 41.83 34.31
C MET C 596 12.36 42.47 35.60
N LEU C 597 12.80 43.71 35.45
CA LEU C 597 13.31 44.50 36.56
C LEU C 597 12.53 45.79 36.59
N VAL C 598 12.03 46.13 37.79
CA VAL C 598 11.22 47.31 37.97
C VAL C 598 11.82 48.20 39.03
N ALA C 599 11.99 49.48 38.69
CA ALA C 599 12.56 50.48 39.55
C ALA C 599 11.63 51.70 39.70
N PRO C 600 10.61 51.60 40.55
CA PRO C 600 9.63 52.68 40.59
C PRO C 600 10.24 54.01 41.02
N VAL C 601 9.77 55.09 40.41
CA VAL C 601 10.07 56.43 40.92
C VAL C 601 9.22 56.66 42.19
N TRP C 602 9.89 57.03 43.28
CA TRP C 602 9.23 57.21 44.55
C TRP C 602 9.41 58.59 45.17
N LYS C 603 9.78 59.56 44.34
CA LYS C 603 9.90 60.95 44.75
C LYS C 603 9.25 61.88 43.74
N ALA C 604 8.75 63.01 44.24
CA ALA C 604 8.16 64.05 43.41
C ALA C 604 9.19 64.75 42.57
N GLY C 605 8.81 65.17 41.38
CA GLY C 605 9.66 66.01 40.57
C GLY C 605 10.77 65.29 39.84
N GLU C 606 10.86 63.96 39.88
CA GLU C 606 11.98 63.27 39.23
C GLU C 606 11.63 63.04 37.76
N THR C 607 12.58 63.37 36.88
CA THR C 607 12.45 63.05 35.46
C THR C 607 13.33 61.87 35.04
N GLN C 608 14.17 61.36 35.95
CA GLN C 608 15.08 60.27 35.70
C GLN C 608 15.13 59.36 36.89
N ARG C 609 15.64 58.15 36.68
CA ARG C 609 15.80 57.19 37.74
C ARG C 609 17.17 56.53 37.63
N SER C 610 17.89 56.51 38.75
CA SER C 610 19.17 55.80 38.84
C SER C 610 18.96 54.49 39.56
N LEU C 611 19.64 53.43 39.12
CA LEU C 611 19.49 52.13 39.76
C LEU C 611 20.67 51.24 39.42
N TYR C 612 20.79 50.13 40.15
CA TYR C 612 21.80 49.12 39.89
C TYR C 612 21.18 48.05 39.01
N LEU C 613 21.73 47.85 37.78
CA LEU C 613 21.38 46.72 36.94
C LEU C 613 22.25 45.54 37.21
N PRO C 614 21.66 44.41 37.56
CA PRO C 614 22.47 43.22 37.90
C PRO C 614 22.81 42.36 36.70
N GLY C 615 23.73 41.42 36.91
CA GLY C 615 24.03 40.35 35.94
C GLY C 615 25.13 40.69 34.95
N HIS C 616 25.43 39.74 34.10
CA HIS C 616 26.50 39.91 33.08
C HIS C 616 25.98 39.92 31.64
N GLY C 617 24.68 39.92 31.45
CA GLY C 617 24.06 40.04 30.15
C GLY C 617 23.56 41.45 29.91
N GLU C 618 22.52 41.57 29.13
CA GLU C 618 21.98 42.85 28.72
C GLU C 618 20.51 42.91 29.07
N TRP C 619 20.10 44.11 29.45
CA TRP C 619 18.74 44.42 29.83
C TRP C 619 18.20 45.39 28.78
N VAL C 620 16.93 45.26 28.41
CA VAL C 620 16.30 46.10 27.42
C VAL C 620 15.28 47.00 28.11
N HIS C 621 15.44 48.30 27.94
CA HIS C 621 14.50 49.29 28.46
C HIS C 621 13.20 49.11 27.73
N LEU C 622 12.13 48.93 28.50
CA LEU C 622 10.83 48.54 27.93
C LEU C 622 10.28 49.47 26.86
N TRP C 623 10.38 50.78 27.11
CA TRP C 623 9.66 51.79 26.30
C TRP C 623 10.46 52.14 25.04
N SER C 624 11.79 52.13 25.14
CA SER C 624 12.64 52.57 24.04
C SER C 624 13.30 51.42 23.26
N GLY C 625 13.41 50.22 23.84
CA GLY C 625 14.20 49.19 23.25
C GLY C 625 15.73 49.35 23.38
N LYS C 626 16.22 50.41 24.02
CA LYS C 626 17.68 50.58 24.21
C LYS C 626 18.21 49.50 25.14
N ARG C 627 19.36 48.92 24.81
CA ARG C 627 20.03 47.95 25.65
C ARG C 627 20.97 48.57 26.66
N HIS C 628 21.07 47.95 27.83
CA HIS C 628 21.99 48.41 28.87
C HIS C 628 22.68 47.18 29.45
N ALA C 629 23.99 47.26 29.56
CA ALA C 629 24.77 46.07 30.01
C ALA C 629 24.60 45.94 31.54
N GLY C 630 24.45 44.70 32.00
CA GLY C 630 24.30 44.39 33.43
C GLY C 630 25.59 44.62 34.20
N GLY C 631 25.47 44.72 35.52
CA GLY C 631 26.62 44.83 36.43
C GLY C 631 27.08 46.23 36.70
N ARG C 632 26.23 47.24 36.54
CA ARG C 632 26.60 48.63 36.88
C ARG C 632 25.39 49.49 37.19
N ASP C 633 25.67 50.66 37.77
CA ASP C 633 24.66 51.70 37.96
C ASP C 633 24.32 52.34 36.62
N ILE C 634 23.05 52.64 36.39
CA ILE C 634 22.63 53.36 35.20
C ILE C 634 21.62 54.43 35.58
N THR C 635 21.38 55.38 34.70
CA THR C 635 20.36 56.37 34.85
C THR C 635 19.52 56.38 33.62
N VAL C 636 18.19 56.27 33.70
CA VAL C 636 17.32 56.37 32.52
C VAL C 636 16.28 57.49 32.70
N GLU C 637 15.78 57.99 31.56
CA GLU C 637 14.68 58.94 31.53
C GLU C 637 13.39 58.24 31.99
N THR C 638 12.68 58.88 32.91
CA THR C 638 11.39 58.37 33.42
C THR C 638 10.34 59.45 33.41
N PRO C 639 9.96 59.98 32.23
CA PRO C 639 8.75 60.83 32.17
C PRO C 639 7.52 60.04 32.59
N LEU C 640 6.48 60.75 32.99
CA LEU C 640 5.22 60.13 33.44
C LEU C 640 4.74 59.21 32.33
N GLY C 641 4.41 57.97 32.64
CA GLY C 641 4.06 56.99 31.59
C GLY C 641 5.16 56.01 31.24
N GLU C 642 6.41 56.32 31.62
CA GLU C 642 7.54 55.51 31.24
C GLU C 642 8.41 55.17 32.45
N PRO C 643 7.87 54.33 33.33
CA PRO C 643 8.68 53.91 34.47
C PRO C 643 9.90 53.10 34.01
N ALA C 644 10.90 53.10 34.88
CA ALA C 644 12.14 52.37 34.63
C ALA C 644 11.89 50.88 34.82
N VAL C 645 11.58 50.26 33.70
CA VAL C 645 11.29 48.83 33.59
C VAL C 645 12.15 48.27 32.46
N PHE C 646 12.78 47.14 32.73
CA PHE C 646 13.69 46.49 31.82
C PHE C 646 13.34 45.02 31.77
N TYR C 647 13.71 44.39 30.66
CA TYR C 647 13.62 42.93 30.54
C TYR C 647 14.90 42.36 30.03
N ARG C 648 15.14 41.08 30.36
CA ARG C 648 16.36 40.43 29.89
C ARG C 648 16.29 40.22 28.38
N ALA C 649 17.33 40.58 27.67
CA ALA C 649 17.38 40.39 26.19
C ALA C 649 17.22 38.92 25.82
N ASP C 650 17.79 38.07 26.65
CA ASP C 650 17.57 36.64 26.57
C ASP C 650 16.24 36.01 26.86
N SER C 651 15.26 36.80 27.30
CA SER C 651 14.03 36.26 27.81
C SER C 651 13.24 35.54 26.71
N SER C 652 12.72 34.37 27.07
CA SER C 652 11.81 33.63 26.24
C SER C 652 10.49 34.41 25.96
N HIS C 653 10.19 35.42 26.76
CA HIS C 653 9.01 36.25 26.56
C HIS C 653 9.32 37.56 25.80
N HIS C 654 10.48 37.64 25.14
CA HIS C 654 10.89 38.89 24.48
C HIS C 654 9.87 39.44 23.44
N ARG C 655 9.20 38.56 22.68
CA ARG C 655 8.24 39.01 21.66
C ARG C 655 7.09 39.77 22.39
N LEU C 656 6.63 39.26 23.53
CA LEU C 656 5.60 39.95 24.33
C LEU C 656 6.10 41.34 24.82
N PHE C 657 7.31 41.37 25.40
CA PHE C 657 7.82 42.60 25.93
C PHE C 657 8.06 43.65 24.82
N GLU C 658 8.49 43.20 23.64
CA GLU C 658 8.62 44.08 22.47
C GLU C 658 7.34 44.79 22.11
N GLN C 659 6.19 44.10 22.25
CA GLN C 659 4.87 44.71 21.97
C GLN C 659 4.60 45.97 22.78
N LEU C 660 5.13 46.05 24.01
CA LEU C 660 4.79 47.14 24.88
C LEU C 660 5.47 48.48 24.44
N ARG C 661 6.55 48.44 23.64
CA ARG C 661 7.36 49.63 23.23
C ARG C 661 6.64 50.89 22.70
N MET D 1 -64.43 -37.40 -53.45
CA MET D 1 -63.32 -37.46 -54.42
C MET D 1 -63.42 -36.27 -55.31
N HIS D 2 -62.33 -35.89 -55.95
CA HIS D 2 -62.28 -34.70 -56.81
C HIS D 2 -62.03 -35.14 -58.26
N PHE D 3 -63.00 -34.84 -59.14
CA PHE D 3 -62.84 -34.93 -60.59
C PHE D 3 -62.27 -33.62 -61.11
N GLU D 4 -61.31 -33.69 -62.03
CA GLU D 4 -60.62 -32.50 -62.52
C GLU D 4 -60.39 -32.71 -64.01
N THR D 5 -60.85 -31.77 -64.83
CA THR D 5 -60.45 -31.71 -66.24
C THR D 5 -58.95 -31.36 -66.42
N THR D 6 -58.32 -31.88 -67.47
CA THR D 6 -56.91 -31.58 -67.83
C THR D 6 -56.89 -31.16 -69.30
N LYS D 7 -55.70 -30.80 -69.80
CA LYS D 7 -55.46 -30.46 -71.25
C LYS D 7 -56.14 -31.43 -72.20
N ASP D 8 -55.96 -32.73 -71.95
CA ASP D 8 -56.46 -33.81 -72.88
C ASP D 8 -57.41 -34.87 -72.24
N GLY D 9 -57.75 -34.76 -70.96
CA GLY D 9 -58.75 -35.67 -70.41
C GLY D 9 -59.16 -35.33 -69.00
N PHE D 10 -58.96 -36.26 -68.06
CA PHE D 10 -59.32 -35.98 -66.68
C PHE D 10 -58.54 -36.79 -65.65
N THR D 11 -58.61 -36.35 -64.41
CA THR D 11 -58.12 -37.10 -63.28
C THR D 11 -59.24 -37.25 -62.23
N ILE D 12 -59.15 -38.30 -61.43
CA ILE D 12 -59.99 -38.48 -60.24
C ILE D 12 -59.02 -38.71 -59.10
N ALA D 13 -59.16 -37.94 -58.03
CA ALA D 13 -58.27 -37.96 -56.87
C ALA D 13 -59.02 -38.16 -55.54
N ILE D 14 -58.31 -38.68 -54.53
CA ILE D 14 -58.75 -38.61 -53.14
C ILE D 14 -57.72 -37.74 -52.49
N GLY D 15 -58.14 -36.55 -52.01
CA GLY D 15 -57.21 -35.59 -51.49
C GLY D 15 -56.24 -35.14 -52.55
N ASN D 16 -54.97 -35.03 -52.16
CA ASN D 16 -53.91 -34.76 -53.12
C ASN D 16 -53.46 -36.03 -53.89
N ARG D 17 -54.09 -37.20 -53.67
CA ARG D 17 -53.62 -38.45 -54.34
C ARG D 17 -54.43 -38.76 -55.60
N ILE D 18 -53.83 -38.56 -56.75
CA ILE D 18 -54.47 -38.91 -58.03
C ILE D 18 -54.56 -40.47 -58.12
N ILE D 19 -55.76 -40.94 -58.42
CA ILE D 19 -56.11 -42.37 -58.49
C ILE D 19 -56.33 -42.81 -59.92
N LEU D 20 -57.11 -42.06 -60.69
CA LEU D 20 -57.31 -42.35 -62.11
C LEU D 20 -56.81 -41.18 -62.92
N SER D 21 -56.21 -41.50 -64.05
CA SER D 21 -55.76 -40.50 -65.01
C SER D 21 -56.13 -40.97 -66.39
N HIS D 22 -56.87 -40.16 -67.12
CA HIS D 22 -57.31 -40.51 -68.46
C HIS D 22 -56.87 -39.48 -69.47
N SER D 23 -56.29 -39.95 -70.56
CA SER D 23 -56.15 -39.20 -71.80
C SER D 23 -56.28 -40.14 -72.96
N PRO D 24 -56.45 -39.63 -74.19
CA PRO D 24 -56.54 -40.57 -75.29
C PRO D 24 -55.31 -41.46 -75.44
N ASP D 25 -54.12 -40.94 -75.18
CA ASP D 25 -52.90 -41.73 -75.28
C ASP D 25 -52.63 -42.56 -74.08
N LYS D 26 -53.14 -42.20 -72.92
CA LYS D 26 -53.00 -43.02 -71.70
C LYS D 26 -54.37 -43.24 -71.06
N PRO D 27 -55.20 -44.08 -71.69
CA PRO D 27 -56.59 -44.28 -71.22
C PRO D 27 -56.61 -45.01 -69.89
N ALA D 28 -57.62 -44.71 -69.08
CA ALA D 28 -57.81 -45.40 -67.81
C ALA D 28 -58.58 -46.75 -67.97
N PHE D 29 -59.47 -46.84 -68.94
CA PHE D 29 -60.35 -47.98 -69.10
C PHE D 29 -60.18 -48.66 -70.45
N PHE D 30 -60.30 -49.99 -70.42
CA PHE D 30 -60.35 -50.83 -71.62
C PHE D 30 -61.57 -51.75 -71.47
N ALA D 31 -62.25 -52.01 -72.58
CA ALA D 31 -63.45 -52.87 -72.53
C ALA D 31 -63.37 -53.91 -73.61
N GLY D 32 -63.99 -55.05 -73.36
CA GLY D 32 -64.02 -56.06 -74.37
C GLY D 32 -64.84 -57.26 -74.02
N PHE D 33 -64.36 -58.40 -74.56
CA PHE D 33 -65.16 -59.60 -74.59
C PHE D 33 -64.22 -60.82 -74.54
N GLY D 34 -64.56 -61.80 -73.73
CA GLY D 34 -63.83 -63.08 -73.67
C GLY D 34 -64.70 -64.32 -73.51
N GLU D 35 -64.11 -65.49 -73.81
CA GLU D 35 -64.73 -66.78 -73.58
C GLU D 35 -63.78 -67.59 -72.73
N GLU D 36 -64.14 -67.80 -71.48
CA GLU D 36 -63.26 -68.49 -70.55
C GLU D 36 -63.35 -70.00 -70.59
N ARG D 37 -62.31 -70.67 -70.17
CA ARG D 37 -62.33 -72.08 -69.77
C ARG D 37 -62.07 -72.09 -68.25
N MET D 38 -62.93 -72.76 -67.50
CA MET D 38 -62.81 -72.92 -66.04
C MET D 38 -63.06 -74.38 -65.71
N ASP D 39 -62.06 -75.22 -65.84
CA ASP D 39 -62.23 -76.67 -65.54
C ASP D 39 -62.05 -76.92 -64.02
N MET D 40 -63.00 -77.61 -63.44
CA MET D 40 -63.02 -77.84 -61.98
C MET D 40 -62.62 -79.25 -61.76
N TYR D 41 -61.73 -79.50 -60.82
CA TYR D 41 -61.48 -80.85 -60.35
C TYR D 41 -61.36 -80.82 -58.83
N ARG D 42 -62.40 -81.29 -58.15
CA ARG D 42 -62.41 -81.39 -56.69
C ARG D 42 -61.98 -80.11 -55.98
N GLY D 43 -62.63 -79.04 -56.40
CA GLY D 43 -62.45 -77.75 -55.80
C GLY D 43 -61.23 -76.95 -56.32
N ASN D 44 -60.41 -77.56 -57.18
CA ASN D 44 -59.29 -76.89 -57.86
C ASN D 44 -59.76 -76.43 -59.22
N PHE D 45 -59.35 -75.23 -59.64
CA PHE D 45 -59.77 -74.70 -60.93
C PHE D 45 -58.58 -74.52 -61.82
N ASP D 46 -58.71 -74.93 -63.06
CA ASP D 46 -57.73 -74.58 -64.08
C ASP D 46 -58.44 -73.57 -64.98
N ILE D 47 -58.06 -72.31 -64.87
CA ILE D 47 -58.77 -71.20 -65.49
C ILE D 47 -57.91 -70.56 -66.59
N GLU D 48 -58.46 -70.38 -67.77
CA GLU D 48 -57.74 -69.66 -68.80
C GLU D 48 -58.74 -68.88 -69.66
N ASP D 49 -58.49 -67.63 -69.92
CA ASP D 49 -59.35 -66.83 -70.70
C ASP D 49 -58.94 -66.84 -72.18
N TYR D 50 -59.90 -66.70 -73.08
CA TYR D 50 -59.62 -66.42 -74.48
C TYR D 50 -60.22 -65.03 -74.75
N VAL D 51 -59.34 -64.02 -74.82
CA VAL D 51 -59.75 -62.63 -75.03
C VAL D 51 -59.96 -62.45 -76.50
N ILE D 52 -61.19 -62.08 -76.87
CA ILE D 52 -61.56 -61.82 -78.26
C ILE D 52 -61.46 -60.35 -78.61
N GLU D 53 -61.80 -59.46 -77.67
CA GLU D 53 -61.56 -58.03 -77.79
C GLU D 53 -61.08 -57.44 -76.48
N ARG D 54 -60.06 -56.58 -76.55
CA ARG D 54 -59.69 -55.67 -75.49
C ARG D 54 -59.40 -54.37 -76.20
N THR D 55 -60.25 -53.37 -75.94
CA THR D 55 -60.18 -52.15 -76.70
C THR D 55 -60.17 -50.94 -75.75
N ALA D 56 -59.14 -50.11 -75.91
CA ALA D 56 -59.02 -48.91 -75.10
C ALA D 56 -60.21 -47.98 -75.31
N LEU D 57 -60.73 -47.45 -74.21
CA LEU D 57 -61.75 -46.40 -74.29
C LEU D 57 -61.06 -45.03 -74.24
N ARG D 58 -60.64 -44.57 -75.41
CA ARG D 58 -59.82 -43.37 -75.52
C ARG D 58 -60.57 -42.05 -75.40
N HIS D 59 -61.86 -42.06 -75.70
CA HIS D 59 -62.58 -40.80 -75.85
C HIS D 59 -63.60 -40.63 -74.73
N ALA D 60 -63.37 -39.60 -73.93
CA ALA D 60 -64.22 -39.26 -72.78
C ALA D 60 -65.00 -38.01 -73.08
N GLU D 61 -66.27 -38.00 -72.73
CA GLU D 61 -66.97 -36.71 -72.64
C GLU D 61 -67.91 -36.60 -71.45
N VAL D 62 -68.05 -35.38 -70.99
CA VAL D 62 -68.96 -35.03 -69.90
C VAL D 62 -70.36 -35.12 -70.46
N SER D 63 -71.25 -35.73 -69.70
CA SER D 63 -72.64 -35.92 -70.09
C SER D 63 -73.50 -35.81 -68.81
N GLY D 64 -74.03 -34.61 -68.55
CA GLY D 64 -74.66 -34.31 -67.26
C GLY D 64 -73.63 -34.48 -66.16
N ASP D 65 -74.00 -35.09 -65.02
CA ASP D 65 -73.04 -35.35 -63.92
C ASP D 65 -72.45 -36.75 -64.08
N SER D 66 -71.92 -37.00 -65.26
CA SER D 66 -71.26 -38.28 -65.52
C SER D 66 -70.27 -38.06 -66.68
N VAL D 67 -69.41 -39.05 -66.89
CA VAL D 67 -68.57 -39.15 -68.04
C VAL D 67 -68.90 -40.40 -68.82
N THR D 68 -69.08 -40.25 -70.14
CA THR D 68 -69.18 -41.37 -71.04
C THR D 68 -67.83 -41.60 -71.74
N LEU D 69 -67.57 -42.87 -72.04
CA LEU D 69 -66.32 -43.33 -72.64
C LEU D 69 -66.64 -44.14 -73.87
N SER D 70 -66.00 -43.78 -74.99
CA SER D 70 -66.11 -44.57 -76.22
C SER D 70 -64.67 -44.93 -76.73
N SER D 71 -64.61 -45.86 -77.67
CA SER D 71 -63.36 -46.32 -78.26
C SER D 71 -62.58 -45.18 -78.93
N ALA D 72 -63.32 -44.35 -79.65
CA ALA D 72 -62.78 -43.23 -80.39
C ALA D 72 -63.87 -42.18 -80.61
N PRO D 73 -63.50 -40.93 -80.92
CA PRO D 73 -64.52 -39.91 -81.29
C PRO D 73 -65.43 -40.38 -82.44
N GLY D 74 -66.71 -40.09 -82.34
CA GLY D 74 -67.72 -40.52 -83.29
C GLY D 74 -68.18 -41.96 -83.14
N GLN D 75 -67.72 -42.68 -82.14
CA GLN D 75 -68.27 -44.00 -81.85
C GLN D 75 -69.20 -43.91 -80.63
N ALA D 76 -70.19 -44.79 -80.60
CA ALA D 76 -71.17 -44.80 -79.51
C ALA D 76 -70.48 -45.13 -78.18
N PRO D 77 -70.84 -44.41 -77.12
CA PRO D 77 -70.20 -44.72 -75.84
C PRO D 77 -70.51 -46.12 -75.38
N ARG D 78 -69.56 -46.74 -74.70
CA ARG D 78 -69.72 -48.07 -74.18
C ARG D 78 -69.87 -48.16 -72.67
N LEU D 79 -69.43 -47.12 -71.98
CA LEU D 79 -69.32 -47.14 -70.51
C LEU D 79 -69.68 -45.73 -69.97
N ARG D 80 -70.45 -45.67 -68.90
CA ARG D 80 -70.73 -44.43 -68.19
C ARG D 80 -70.07 -44.53 -66.80
N LEU D 81 -69.45 -43.46 -66.38
CA LEU D 81 -68.86 -43.28 -65.11
C LEU D 81 -69.60 -42.19 -64.35
N THR D 82 -70.00 -42.43 -63.12
CA THR D 82 -70.69 -41.43 -62.31
C THR D 82 -70.06 -41.39 -60.93
N LEU D 83 -69.58 -40.23 -60.50
CA LEU D 83 -69.06 -40.06 -59.16
C LEU D 83 -70.22 -39.98 -58.18
N ASP D 84 -70.10 -40.67 -57.06
CA ASP D 84 -71.12 -40.66 -56.05
C ASP D 84 -70.48 -40.83 -54.65
N GLY D 85 -70.13 -39.72 -54.02
CA GLY D 85 -69.39 -39.73 -52.77
C GLY D 85 -68.03 -40.41 -52.97
N ASN D 86 -67.74 -41.40 -52.16
CA ASN D 86 -66.46 -42.13 -52.27
C ASN D 86 -66.51 -43.28 -53.30
N ALA D 87 -67.52 -43.30 -54.19
CA ALA D 87 -67.66 -44.35 -55.18
C ALA D 87 -67.65 -43.81 -56.62
N ILE D 88 -67.12 -44.62 -57.51
CA ILE D 88 -67.30 -44.42 -58.94
C ILE D 88 -68.29 -45.49 -59.36
N ARG D 89 -69.46 -45.10 -59.80
CA ARG D 89 -70.42 -46.01 -60.35
C ARG D 89 -70.22 -46.22 -61.83
N LEU D 90 -70.38 -47.46 -62.28
CA LEU D 90 -70.16 -47.80 -63.68
C LEU D 90 -71.38 -48.43 -64.26
N THR D 91 -71.77 -47.98 -65.45
CA THR D 91 -72.90 -48.52 -66.16
C THR D 91 -72.40 -48.95 -67.54
N ALA D 92 -72.65 -50.21 -67.89
CA ALA D 92 -72.37 -50.71 -69.21
C ALA D 92 -73.37 -50.12 -70.20
N LEU D 93 -72.96 -49.31 -71.15
CA LEU D 93 -73.88 -48.84 -72.18
C LEU D 93 -73.90 -49.80 -73.36
N ASP D 94 -72.86 -50.60 -73.54
CA ASP D 94 -72.80 -51.64 -74.56
C ASP D 94 -72.94 -52.90 -73.69
N GLU D 95 -74.09 -53.53 -73.83
CA GLU D 95 -74.44 -54.66 -73.06
C GLU D 95 -73.67 -55.91 -73.52
N THR D 96 -72.94 -55.93 -74.63
CA THR D 96 -72.09 -57.08 -74.94
C THR D 96 -70.76 -57.20 -74.10
N ILE D 97 -70.34 -56.16 -73.42
CA ILE D 97 -69.07 -56.19 -72.68
C ILE D 97 -69.08 -57.23 -71.58
N ASN D 98 -68.15 -58.18 -71.55
CA ASN D 98 -67.98 -59.03 -70.37
C ASN D 98 -66.53 -59.02 -69.81
N ARG D 99 -65.71 -58.08 -70.30
CA ARG D 99 -64.37 -57.85 -69.77
C ARG D 99 -64.14 -56.36 -69.60
N LEU D 100 -63.68 -55.95 -68.42
CA LEU D 100 -63.32 -54.57 -68.19
C LEU D 100 -61.97 -54.50 -67.49
N TRP D 101 -61.09 -53.59 -67.95
CA TRP D 101 -59.85 -53.35 -67.27
C TRP D 101 -59.80 -51.87 -66.89
N LEU D 102 -59.32 -51.61 -65.69
CA LEU D 102 -59.16 -50.26 -65.17
C LEU D 102 -57.73 -50.11 -64.64
N ARG D 103 -57.06 -49.05 -65.07
CA ARG D 103 -55.71 -48.72 -64.57
C ARG D 103 -55.81 -47.67 -63.48
N VAL D 104 -55.12 -47.92 -62.37
CA VAL D 104 -54.99 -46.94 -61.32
C VAL D 104 -53.55 -46.53 -61.17
N VAL D 105 -53.38 -45.21 -61.02
CA VAL D 105 -52.09 -44.61 -60.96
C VAL D 105 -51.32 -45.23 -59.80
N ALA D 106 -50.05 -45.51 -60.04
CA ALA D 106 -49.17 -46.09 -59.02
C ALA D 106 -47.84 -45.39 -59.03
N GLU D 107 -47.14 -45.47 -57.90
CA GLU D 107 -45.76 -45.02 -57.81
C GLU D 107 -44.81 -46.22 -57.75
N THR D 108 -43.59 -45.95 -58.13
CA THR D 108 -42.55 -46.96 -58.25
C THR D 108 -42.28 -47.77 -57.00
N ASP D 109 -42.19 -47.09 -55.87
CA ASP D 109 -41.90 -47.74 -54.60
C ASP D 109 -43.17 -48.08 -53.75
N GLU D 110 -44.34 -48.00 -54.35
CA GLU D 110 -45.62 -48.22 -53.64
C GLU D 110 -45.84 -49.73 -53.29
N HIS D 111 -46.38 -49.99 -52.12
CA HIS D 111 -46.77 -51.29 -51.64
C HIS D 111 -48.29 -51.38 -51.68
N VAL D 112 -48.78 -52.60 -51.91
CA VAL D 112 -50.21 -52.87 -51.88
C VAL D 112 -50.48 -54.16 -51.15
N TRP D 113 -51.44 -54.14 -50.23
CA TRP D 113 -51.75 -55.28 -49.40
C TRP D 113 -53.23 -55.58 -49.41
N GLY D 114 -53.59 -56.77 -48.93
CA GLY D 114 -55.01 -57.19 -48.88
C GLY D 114 -55.25 -58.31 -49.85
N GLY D 115 -56.24 -58.14 -50.71
CA GLY D 115 -56.65 -59.18 -51.62
C GLY D 115 -57.40 -60.35 -50.98
N GLY D 116 -57.95 -60.13 -49.79
CA GLY D 116 -58.56 -61.14 -48.98
C GLY D 116 -57.55 -61.75 -48.00
N GLU D 117 -57.59 -63.07 -47.86
CA GLU D 117 -56.60 -63.82 -47.13
C GLU D 117 -55.60 -64.38 -48.12
N GLN D 118 -54.46 -63.69 -48.26
CA GLN D 118 -53.36 -64.11 -49.13
C GLN D 118 -52.42 -64.96 -48.32
N MET D 119 -52.05 -66.11 -48.88
CA MET D 119 -51.26 -67.12 -48.18
C MET D 119 -49.73 -67.06 -48.47
N SER D 120 -49.33 -66.56 -49.63
CA SER D 120 -47.91 -66.55 -50.02
C SER D 120 -47.28 -65.17 -49.89
N TYR D 121 -47.91 -64.16 -50.49
CA TYR D 121 -47.37 -62.80 -50.54
C TYR D 121 -48.31 -61.80 -49.91
N PHE D 122 -47.78 -61.04 -48.94
CA PHE D 122 -48.53 -60.01 -48.23
C PHE D 122 -48.55 -58.73 -49.03
N ASP D 123 -47.36 -58.18 -49.28
CA ASP D 123 -47.16 -57.12 -50.27
C ASP D 123 -47.32 -57.75 -51.63
N MET D 124 -48.41 -57.41 -52.30
CA MET D 124 -48.73 -58.02 -53.61
C MET D 124 -47.97 -57.35 -54.77
N ARG D 125 -47.22 -56.28 -54.51
CA ARG D 125 -46.57 -55.55 -55.60
C ARG D 125 -45.66 -56.44 -56.43
N GLY D 126 -45.73 -56.29 -57.74
CA GLY D 126 -44.83 -57.04 -58.65
C GLY D 126 -45.45 -58.32 -59.21
N ARG D 127 -46.63 -58.73 -58.73
CA ARG D 127 -47.23 -59.97 -59.17
C ARG D 127 -48.73 -59.80 -59.48
N ARG D 128 -49.29 -60.83 -60.05
CA ARG D 128 -50.68 -60.84 -60.48
C ARG D 128 -51.51 -61.82 -59.64
N PHE D 129 -52.65 -61.37 -59.18
CA PHE D 129 -53.52 -62.14 -58.25
C PHE D 129 -54.95 -62.26 -58.76
N PRO D 130 -55.27 -63.40 -59.37
CA PRO D 130 -56.70 -63.74 -59.64
C PRO D 130 -57.46 -63.92 -58.32
N LEU D 131 -58.71 -63.50 -58.29
CA LEU D 131 -59.57 -63.48 -57.12
C LEU D 131 -60.83 -64.34 -57.38
N TRP D 132 -60.66 -65.64 -57.10
CA TRP D 132 -61.62 -66.64 -57.35
C TRP D 132 -61.45 -67.67 -56.24
N THR D 133 -62.51 -67.89 -55.46
CA THR D 133 -62.34 -68.77 -54.35
C THR D 133 -62.15 -70.21 -54.82
N SER D 134 -61.26 -70.96 -54.17
CA SER D 134 -61.05 -72.37 -54.48
C SER D 134 -60.22 -73.00 -53.43
N GLU D 135 -59.91 -74.29 -53.57
CA GLU D 135 -58.82 -74.85 -52.80
C GLU D 135 -57.56 -74.04 -53.03
N PRO D 136 -56.82 -73.72 -51.96
CA PRO D 136 -55.54 -73.00 -52.12
C PRO D 136 -54.40 -73.82 -52.71
N GLY D 137 -54.48 -75.14 -52.66
CA GLY D 137 -53.45 -76.01 -53.18
C GLY D 137 -52.68 -76.69 -52.02
N VAL D 138 -52.13 -77.85 -52.32
CA VAL D 138 -51.20 -78.59 -51.49
C VAL D 138 -49.78 -78.33 -52.05
N GLY D 139 -48.96 -77.65 -51.27
CA GLY D 139 -47.60 -77.24 -51.66
C GLY D 139 -47.56 -75.81 -52.24
N ARG D 140 -48.37 -75.55 -53.26
CA ARG D 140 -48.58 -74.22 -53.75
C ARG D 140 -47.31 -73.59 -54.38
N ASP D 141 -46.41 -74.43 -54.84
CA ASP D 141 -45.12 -73.98 -55.36
C ASP D 141 -44.67 -75.01 -56.37
N LYS D 142 -44.74 -74.67 -57.66
CA LYS D 142 -44.43 -75.62 -58.71
C LYS D 142 -43.03 -76.20 -58.70
N THR D 143 -42.14 -75.65 -57.87
CA THR D 143 -40.78 -76.19 -57.67
C THR D 143 -40.64 -77.16 -56.57
N THR D 144 -41.69 -77.48 -55.83
CA THR D 144 -41.60 -78.53 -54.79
C THR D 144 -42.24 -79.82 -55.25
N GLU D 145 -41.67 -80.89 -54.80
CA GLU D 145 -42.13 -82.21 -55.15
C GLU D 145 -43.57 -82.51 -54.62
N ILE D 146 -43.92 -82.00 -53.44
CA ILE D 146 -45.29 -82.11 -52.95
C ILE D 146 -46.31 -81.48 -53.91
N THR D 147 -45.98 -80.30 -54.41
CA THR D 147 -46.86 -79.62 -55.34
C THR D 147 -46.99 -80.40 -56.64
N PHE D 148 -45.85 -80.88 -57.16
CA PHE D 148 -45.80 -81.65 -58.37
C PHE D 148 -46.68 -82.92 -58.22
N LYS D 149 -46.46 -83.66 -57.16
CA LYS D 149 -47.26 -84.86 -56.91
C LYS D 149 -48.75 -84.62 -56.75
N SER D 150 -49.08 -83.49 -56.10
CA SER D 150 -50.46 -83.08 -55.95
C SER D 150 -51.07 -82.73 -57.30
N ASP D 151 -50.31 -82.10 -58.17
CA ASP D 151 -50.79 -81.74 -59.53
C ASP D 151 -51.00 -82.99 -60.36
N VAL D 152 -50.04 -83.92 -60.31
CA VAL D 152 -50.17 -85.09 -61.14
C VAL D 152 -51.31 -85.98 -60.63
N SER D 153 -51.43 -86.18 -59.34
CA SER D 153 -52.46 -87.11 -58.85
C SER D 153 -53.85 -86.51 -58.78
N GLY D 154 -54.02 -85.20 -58.55
CA GLY D 154 -55.34 -84.61 -58.42
C GLY D 154 -55.52 -83.15 -58.81
N LYS D 155 -54.65 -82.63 -59.67
CA LYS D 155 -54.71 -81.21 -60.08
C LYS D 155 -54.79 -80.26 -58.93
N ALA D 156 -54.07 -80.60 -57.86
CA ALA D 156 -54.32 -80.04 -56.52
C ALA D 156 -53.18 -79.31 -55.89
N GLY D 157 -52.10 -79.07 -56.66
CA GLY D 157 -50.93 -78.38 -56.12
C GLY D 157 -51.16 -76.91 -55.87
N GLY D 158 -51.96 -76.27 -56.75
CA GLY D 158 -52.19 -74.84 -56.66
C GLY D 158 -50.94 -74.03 -56.94
N ASP D 159 -50.97 -72.79 -56.49
CA ASP D 159 -49.95 -71.83 -56.74
C ASP D 159 -50.15 -70.63 -55.79
N TYR D 160 -49.22 -69.66 -55.86
CA TYR D 160 -49.08 -68.63 -54.85
C TYR D 160 -50.32 -67.80 -54.66
N TYR D 161 -51.14 -67.66 -55.70
CA TYR D 161 -52.31 -66.77 -55.66
C TYR D 161 -53.62 -67.47 -55.22
N ASN D 162 -53.65 -68.79 -55.15
CA ASN D 162 -54.89 -69.45 -54.86
C ASN D 162 -55.20 -69.25 -53.35
N THR D 163 -56.48 -69.14 -53.03
CA THR D 163 -56.92 -68.94 -51.66
C THR D 163 -58.38 -69.33 -51.50
N ASN D 164 -58.74 -69.79 -50.31
CA ASN D 164 -60.13 -70.05 -49.95
C ASN D 164 -60.90 -68.72 -49.80
N TYR D 165 -60.15 -67.64 -49.63
CA TYR D 165 -60.76 -66.33 -49.33
C TYR D 165 -60.06 -65.20 -50.11
N PRO D 166 -60.43 -65.04 -51.39
CA PRO D 166 -60.04 -63.87 -52.15
C PRO D 166 -61.02 -62.72 -51.82
N GLN D 167 -60.58 -61.51 -52.02
CA GLN D 167 -61.45 -60.33 -51.94
C GLN D 167 -60.89 -59.24 -52.79
N PRO D 168 -61.68 -58.67 -53.70
CA PRO D 168 -61.15 -57.59 -54.54
C PRO D 168 -61.10 -56.22 -53.82
N THR D 169 -60.23 -56.15 -52.81
CA THR D 169 -60.02 -54.96 -52.01
C THR D 169 -58.50 -54.85 -51.79
N TRP D 170 -57.95 -53.66 -51.92
CA TRP D 170 -56.55 -53.39 -51.56
C TRP D 170 -56.36 -52.14 -50.72
N LEU D 171 -55.32 -52.19 -49.89
CA LEU D 171 -54.80 -51.04 -49.16
C LEU D 171 -53.47 -50.66 -49.82
N SER D 172 -53.36 -49.38 -50.18
CA SER D 172 -52.15 -48.84 -50.81
C SER D 172 -51.30 -48.08 -49.79
N SER D 173 -49.98 -48.17 -49.95
CA SER D 173 -49.03 -47.39 -49.11
C SER D 173 -49.18 -45.88 -49.35
N ARG D 174 -49.88 -45.48 -50.39
CA ARG D 174 -50.25 -44.06 -50.58
C ARG D 174 -51.42 -43.64 -49.72
N LYS D 175 -51.88 -44.48 -48.79
CA LYS D 175 -52.96 -44.14 -47.83
C LYS D 175 -54.34 -43.97 -48.43
N TYR D 176 -54.72 -44.96 -49.21
CA TYR D 176 -56.11 -45.12 -49.58
C TYR D 176 -56.31 -46.62 -49.75
N ALA D 177 -57.57 -47.04 -49.75
CA ALA D 177 -57.94 -48.39 -50.08
C ALA D 177 -58.97 -48.35 -51.20
N LEU D 178 -59.02 -49.42 -51.98
CA LEU D 178 -59.92 -49.53 -53.11
C LEU D 178 -60.69 -50.81 -52.96
N HIS D 179 -61.98 -50.78 -53.27
CA HIS D 179 -62.83 -51.97 -53.20
C HIS D 179 -63.69 -52.08 -54.46
N VAL D 180 -63.70 -53.24 -55.09
CA VAL D 180 -64.53 -53.50 -56.25
C VAL D 180 -65.77 -54.24 -55.80
N GLU D 181 -66.94 -53.67 -56.01
CA GLU D 181 -68.18 -54.31 -55.67
C GLU D 181 -68.65 -55.21 -56.79
N THR D 182 -68.27 -56.48 -56.69
CA THR D 182 -68.69 -57.49 -57.66
C THR D 182 -68.49 -58.88 -57.05
N SER D 183 -69.17 -59.85 -57.61
CA SER D 183 -68.85 -61.25 -57.30
C SER D 183 -68.27 -61.99 -58.50
N ALA D 184 -68.10 -61.30 -59.64
CA ALA D 184 -67.44 -61.93 -60.74
C ALA D 184 -65.98 -62.22 -60.50
N TYR D 185 -65.46 -63.12 -61.33
CA TYR D 185 -64.01 -63.32 -61.42
C TYR D 185 -63.33 -61.95 -61.66
N SER D 186 -62.27 -61.68 -60.93
CA SER D 186 -61.48 -60.50 -61.14
C SER D 186 -60.00 -60.80 -60.92
N VAL D 187 -59.14 -59.85 -61.30
CA VAL D 187 -57.70 -60.00 -61.15
C VAL D 187 -57.07 -58.67 -60.74
N PHE D 188 -56.19 -58.69 -59.74
CA PHE D 188 -55.31 -57.55 -59.46
C PHE D 188 -53.93 -57.81 -60.09
N ASP D 189 -53.56 -56.99 -61.07
CA ASP D 189 -52.27 -57.06 -61.76
C ASP D 189 -51.37 -55.90 -61.30
N PHE D 190 -50.42 -56.25 -60.44
CA PHE D 190 -49.46 -55.27 -59.90
C PHE D 190 -48.07 -55.44 -60.52
N ARG D 191 -47.99 -55.90 -61.78
CA ARG D 191 -46.68 -56.11 -62.43
C ARG D 191 -46.00 -54.86 -62.93
N ASN D 192 -46.75 -53.80 -63.17
CA ASN D 192 -46.22 -52.59 -63.78
C ASN D 192 -45.88 -51.56 -62.74
N GLY D 193 -44.78 -50.85 -62.97
CA GLY D 193 -44.31 -49.82 -62.05
C GLY D 193 -45.16 -48.60 -61.93
N ASP D 194 -45.86 -48.24 -63.00
CA ASP D 194 -46.58 -46.96 -63.12
C ASP D 194 -48.07 -47.05 -62.94
N PHE D 195 -48.62 -48.26 -62.96
CA PHE D 195 -50.05 -48.43 -62.70
C PHE D 195 -50.33 -49.81 -62.16
N HIS D 196 -51.43 -49.89 -61.42
CA HIS D 196 -52.07 -51.16 -61.05
C HIS D 196 -53.16 -51.40 -62.06
N GLU D 197 -53.36 -52.61 -62.52
CA GLU D 197 -54.48 -52.86 -63.44
C GLU D 197 -55.46 -53.89 -62.81
N ILE D 198 -56.74 -53.51 -62.80
CA ILE D 198 -57.79 -54.42 -62.39
C ILE D 198 -58.52 -54.98 -63.59
N GLU D 199 -58.62 -56.30 -63.65
CA GLU D 199 -59.44 -56.95 -64.65
C GLU D 199 -60.73 -57.48 -63.95
N ILE D 200 -61.89 -57.25 -64.56
CA ILE D 200 -63.14 -57.80 -64.03
C ILE D 200 -63.87 -58.48 -65.18
N TRP D 201 -64.45 -59.65 -64.95
CA TRP D 201 -65.24 -60.32 -65.96
C TRP D 201 -66.71 -59.91 -65.88
N ALA D 202 -66.92 -58.58 -65.82
CA ALA D 202 -68.21 -57.91 -65.71
C ALA D 202 -67.90 -56.43 -65.64
N VAL D 203 -68.95 -55.63 -65.73
CA VAL D 203 -68.84 -54.20 -65.42
C VAL D 203 -69.39 -54.08 -64.01
N PRO D 204 -68.51 -53.93 -63.02
CA PRO D 204 -69.00 -53.86 -61.67
C PRO D 204 -69.87 -52.60 -61.42
N GLU D 205 -70.80 -52.73 -60.51
CA GLU D 205 -71.74 -51.68 -60.12
C GLU D 205 -70.96 -50.44 -59.72
N LYS D 206 -69.92 -50.65 -58.92
CA LYS D 206 -69.13 -49.57 -58.44
C LYS D 206 -67.75 -49.97 -57.91
N ILE D 207 -66.86 -48.97 -57.86
CA ILE D 207 -65.57 -49.06 -57.19
C ILE D 207 -65.55 -48.00 -56.12
N GLU D 208 -65.24 -48.42 -54.88
CA GLU D 208 -65.27 -47.57 -53.71
C GLU D 208 -63.90 -47.34 -53.12
N PHE D 209 -63.74 -46.16 -52.56
CA PHE D 209 -62.46 -45.66 -52.07
C PHE D 209 -62.58 -45.17 -50.63
N PHE D 210 -61.53 -45.38 -49.87
CA PHE D 210 -61.45 -45.07 -48.42
C PHE D 210 -60.09 -44.45 -48.19
N ALA D 211 -60.03 -43.32 -47.53
CA ALA D 211 -58.78 -42.65 -47.31
C ALA D 211 -58.70 -42.22 -45.87
N GLY D 212 -57.53 -41.80 -45.42
CA GLY D 212 -57.35 -41.39 -44.03
C GLY D 212 -55.92 -40.98 -43.80
N ASP D 213 -55.70 -40.40 -42.64
CA ASP D 213 -54.38 -39.93 -42.27
C ASP D 213 -53.45 -41.03 -41.87
N SER D 214 -53.98 -42.15 -41.42
CA SER D 214 -53.13 -43.26 -41.07
C SER D 214 -53.70 -44.57 -41.64
N PHE D 215 -52.84 -45.58 -41.73
CA PHE D 215 -53.27 -46.90 -42.17
C PHE D 215 -54.34 -47.45 -41.18
N ALA D 216 -54.14 -47.24 -39.87
CA ALA D 216 -55.11 -47.67 -38.87
C ALA D 216 -56.50 -47.08 -39.13
N ASP D 217 -56.57 -45.80 -39.47
CA ASP D 217 -57.85 -45.17 -39.77
C ASP D 217 -58.50 -45.81 -41.00
N ILE D 218 -57.70 -46.16 -42.00
CA ILE D 218 -58.27 -46.74 -43.19
C ILE D 218 -58.80 -48.16 -42.90
N VAL D 219 -58.05 -48.94 -42.13
CA VAL D 219 -58.55 -50.25 -41.70
C VAL D 219 -59.86 -50.14 -40.89
N SER D 220 -59.96 -49.13 -40.00
CA SER D 220 -61.24 -48.88 -39.30
C SER D 220 -62.38 -48.63 -40.24
N ALA D 221 -62.16 -47.78 -41.24
CA ALA D 221 -63.20 -47.46 -42.18
C ALA D 221 -63.61 -48.72 -42.99
N LEU D 222 -62.61 -49.49 -43.46
CA LEU D 222 -62.91 -50.74 -44.15
C LEU D 222 -63.74 -51.68 -43.28
N SER D 223 -63.35 -51.86 -42.01
CA SER D 223 -64.04 -52.80 -41.14
C SER D 223 -65.51 -52.36 -40.87
N LEU D 224 -65.73 -51.04 -40.82
CA LEU D 224 -67.06 -50.52 -40.64
C LEU D 224 -67.86 -50.79 -41.91
N HIS D 225 -67.25 -50.67 -43.08
CA HIS D 225 -67.95 -50.95 -44.33
C HIS D 225 -68.29 -52.44 -44.51
N PHE D 226 -67.40 -53.37 -44.15
CA PHE D 226 -67.66 -54.82 -44.35
C PHE D 226 -68.41 -55.45 -43.18
N GLY D 227 -68.22 -54.86 -41.99
CA GLY D 227 -68.87 -55.28 -40.73
C GLY D 227 -67.85 -55.87 -39.79
N ARG D 228 -67.95 -55.56 -38.50
CA ARG D 228 -67.06 -56.08 -37.49
C ARG D 228 -67.57 -57.34 -36.86
N GLN D 229 -66.74 -58.01 -36.12
CA GLN D 229 -67.09 -59.23 -35.46
C GLN D 229 -67.40 -58.93 -33.98
N PRO D 230 -68.11 -59.86 -33.34
CA PRO D 230 -68.31 -59.68 -31.89
C PRO D 230 -66.99 -59.88 -31.19
N GLU D 231 -66.92 -59.48 -29.94
CA GLU D 231 -65.76 -59.82 -29.09
C GLU D 231 -65.68 -61.34 -28.91
N LEU D 232 -64.50 -61.83 -28.64
CA LEU D 232 -64.35 -63.26 -28.42
C LEU D 232 -65.14 -63.63 -27.16
N PRO D 233 -65.82 -64.80 -27.13
CA PRO D 233 -66.52 -65.21 -25.88
C PRO D 233 -65.53 -65.47 -24.77
N ASP D 234 -65.91 -65.17 -23.55
CA ASP D 234 -65.03 -65.34 -22.42
C ASP D 234 -64.51 -66.77 -22.23
N TRP D 235 -65.28 -67.78 -22.61
CA TRP D 235 -64.85 -69.15 -22.35
C TRP D 235 -63.57 -69.56 -23.13
N VAL D 236 -63.35 -68.91 -24.26
CA VAL D 236 -62.13 -69.11 -25.07
C VAL D 236 -60.81 -68.91 -24.29
N TYR D 237 -60.85 -67.93 -23.40
CA TYR D 237 -59.69 -67.59 -22.57
C TYR D 237 -59.28 -68.65 -21.55
N ASN D 238 -60.09 -69.69 -21.36
CA ASN D 238 -59.73 -70.76 -20.44
C ASN D 238 -58.63 -71.66 -21.01
N GLY D 239 -58.28 -71.54 -22.29
CA GLY D 239 -57.17 -72.37 -22.78
C GLY D 239 -57.36 -72.85 -24.23
N ALA D 240 -56.75 -74.00 -24.57
CA ALA D 240 -56.79 -74.54 -25.92
C ALA D 240 -58.04 -75.33 -26.23
N ILE D 241 -58.44 -75.33 -27.50
CA ILE D 241 -59.45 -76.19 -28.02
C ILE D 241 -58.73 -77.42 -28.56
N ILE D 242 -58.92 -78.55 -27.91
CA ILE D 242 -58.27 -79.80 -28.30
C ILE D 242 -59.05 -80.51 -29.40
N GLY D 243 -58.38 -80.71 -30.54
CA GLY D 243 -58.99 -81.32 -31.70
C GLY D 243 -58.72 -82.81 -31.76
N LEU D 244 -59.76 -83.61 -31.62
CA LEU D 244 -59.62 -85.07 -31.67
C LEU D 244 -60.72 -85.60 -32.52
N LYS D 245 -60.42 -86.70 -33.16
CA LYS D 245 -61.35 -87.35 -34.09
C LYS D 245 -61.31 -88.85 -33.93
N ASP D 246 -61.22 -89.28 -32.67
CA ASP D 246 -60.96 -90.67 -32.32
C ASP D 246 -62.18 -91.29 -31.62
N GLY D 247 -63.38 -90.82 -31.93
CA GLY D 247 -64.57 -91.38 -31.29
C GLY D 247 -64.50 -91.35 -29.76
N VAL D 248 -65.00 -92.41 -29.14
CA VAL D 248 -65.07 -92.51 -27.68
C VAL D 248 -63.66 -92.43 -27.08
N ASN D 249 -62.65 -92.93 -27.78
CA ASN D 249 -61.29 -92.79 -27.30
C ASN D 249 -60.80 -91.34 -27.18
N SER D 250 -61.47 -90.40 -27.84
CA SER D 250 -61.13 -89.00 -27.69
C SER D 250 -61.14 -88.57 -26.21
N PHE D 251 -62.05 -89.12 -25.40
CA PHE D 251 -62.20 -88.66 -23.99
C PHE D 251 -61.04 -89.06 -23.15
N ALA D 252 -60.56 -90.27 -23.31
CA ALA D 252 -59.39 -90.72 -22.56
C ALA D 252 -58.15 -89.95 -22.95
N ARG D 253 -57.99 -89.64 -24.25
CA ARG D 253 -56.83 -88.88 -24.69
C ARG D 253 -56.91 -87.45 -24.17
N LEU D 254 -58.11 -86.86 -24.14
CA LEU D 254 -58.27 -85.53 -23.53
C LEU D 254 -57.83 -85.55 -22.04
N GLU D 255 -58.20 -86.60 -21.31
CA GLU D 255 -57.84 -86.68 -19.87
C GLU D 255 -56.32 -86.72 -19.71
N LYS D 256 -55.66 -87.46 -20.57
CA LYS D 256 -54.21 -87.49 -20.61
C LYS D 256 -53.58 -86.11 -20.88
N ILE D 257 -54.15 -85.39 -21.83
CA ILE D 257 -53.72 -84.00 -22.12
C ILE D 257 -53.90 -83.12 -20.90
N ARG D 258 -55.07 -83.23 -20.27
CA ARG D 258 -55.35 -82.47 -19.03
C ARG D 258 -54.42 -82.85 -17.88
N ALA D 259 -54.05 -84.12 -17.77
CA ALA D 259 -53.18 -84.58 -16.66
C ALA D 259 -51.78 -83.98 -16.76
N ALA D 260 -51.36 -83.55 -17.95
CA ALA D 260 -50.10 -82.86 -18.08
C ALA D 260 -50.16 -81.40 -17.69
N GLY D 261 -51.31 -80.89 -17.23
CA GLY D 261 -51.43 -79.49 -16.83
C GLY D 261 -51.93 -78.56 -17.90
N THR D 262 -52.24 -79.11 -19.08
CA THR D 262 -52.73 -78.30 -20.22
C THR D 262 -53.99 -77.54 -19.85
N LYS D 263 -54.06 -76.26 -20.16
CA LYS D 263 -55.26 -75.48 -19.94
C LYS D 263 -56.16 -75.69 -21.15
N VAL D 264 -57.39 -76.14 -20.90
CA VAL D 264 -58.32 -76.53 -21.97
C VAL D 264 -59.60 -75.75 -21.85
N SER D 265 -60.00 -75.09 -22.95
CA SER D 265 -61.27 -74.39 -23.02
C SER D 265 -62.36 -75.25 -23.70
N GLY D 266 -61.97 -76.19 -24.55
CA GLY D 266 -62.89 -76.91 -25.34
C GLY D 266 -62.35 -78.20 -25.93
N LEU D 267 -63.28 -79.10 -26.25
CA LEU D 267 -62.97 -80.30 -27.00
C LEU D 267 -63.71 -80.15 -28.32
N TRP D 268 -62.96 -80.24 -29.42
CA TRP D 268 -63.52 -80.10 -30.78
C TRP D 268 -63.40 -81.49 -31.44
N CYS D 269 -64.54 -82.15 -31.66
CA CYS D 269 -64.60 -83.48 -32.28
C CYS D 269 -65.31 -83.36 -33.61
N GLU D 270 -64.55 -83.17 -34.69
CA GLU D 270 -65.16 -83.07 -36.02
C GLU D 270 -65.93 -84.35 -36.45
N ASP D 271 -65.50 -85.48 -35.90
CA ASP D 271 -66.14 -86.78 -36.14
C ASP D 271 -67.40 -87.01 -35.30
N TRP D 272 -67.94 -85.95 -34.70
CA TRP D 272 -69.20 -86.03 -33.97
C TRP D 272 -70.32 -86.59 -34.82
N VAL D 273 -70.18 -86.41 -36.15
CA VAL D 273 -71.14 -86.97 -37.12
C VAL D 273 -70.79 -88.34 -37.67
N GLY D 274 -69.69 -88.92 -37.22
CA GLY D 274 -69.19 -90.23 -37.73
C GLY D 274 -68.02 -90.02 -38.63
N LEU D 275 -67.11 -91.04 -38.69
CA LEU D 275 -66.06 -91.08 -39.70
C LEU D 275 -66.48 -91.88 -40.89
N ARG D 276 -65.98 -91.51 -42.05
CA ARG D 276 -66.06 -92.39 -43.19
C ARG D 276 -64.59 -92.64 -43.52
N GLN D 277 -64.10 -93.66 -42.86
CA GLN D 277 -62.65 -94.04 -42.95
C GLN D 277 -62.46 -94.66 -44.32
N THR D 278 -61.44 -94.25 -45.05
CA THR D 278 -61.15 -94.91 -46.33
C THR D 278 -59.67 -95.24 -46.40
N SER D 279 -59.31 -96.00 -47.44
CA SER D 279 -57.87 -96.23 -47.68
C SER D 279 -57.08 -94.98 -47.85
N PHE D 280 -57.65 -93.87 -48.25
CA PHE D 280 -56.99 -92.63 -48.58
C PHE D 280 -56.93 -91.68 -47.42
N GLY D 281 -57.84 -91.83 -46.46
CA GLY D 281 -57.86 -90.80 -45.34
C GLY D 281 -59.04 -90.96 -44.44
N ALA D 282 -58.97 -90.31 -43.30
CA ALA D 282 -60.03 -90.44 -42.23
C ALA D 282 -61.02 -89.27 -42.53
N ARG D 283 -61.94 -89.53 -43.45
CA ARG D 283 -62.94 -88.53 -43.74
C ARG D 283 -64.10 -88.59 -42.71
N LEU D 284 -64.92 -87.56 -42.76
CA LEU D 284 -66.11 -87.49 -41.96
C LEU D 284 -67.33 -87.96 -42.77
N PHE D 285 -68.37 -88.37 -42.01
CA PHE D 285 -69.69 -88.71 -42.59
C PHE D 285 -70.54 -87.46 -42.65
N TRP D 286 -70.81 -86.96 -43.85
CA TRP D 286 -71.39 -85.60 -44.04
C TRP D 286 -72.92 -85.58 -43.91
N ASP D 287 -73.37 -85.86 -42.69
CA ASP D 287 -74.77 -85.83 -42.33
C ASP D 287 -74.83 -85.19 -40.95
N TRP D 288 -75.40 -83.98 -40.89
CA TRP D 288 -75.15 -83.05 -39.76
C TRP D 288 -76.06 -83.27 -38.54
N GLN D 289 -75.84 -84.40 -37.89
CA GLN D 289 -76.45 -84.72 -36.62
C GLN D 289 -75.53 -85.67 -35.87
N ALA D 290 -75.66 -85.67 -34.53
CA ALA D 290 -74.81 -86.48 -33.69
C ALA D 290 -74.97 -87.94 -34.08
N ASN D 291 -73.85 -88.65 -34.16
CA ASN D 291 -73.82 -90.02 -34.60
C ASN D 291 -73.71 -90.93 -33.35
N ASP D 292 -74.79 -91.58 -33.01
CA ASP D 292 -74.90 -92.52 -31.90
C ASP D 292 -73.98 -93.73 -32.01
N THR D 293 -73.58 -94.13 -33.20
CA THR D 293 -72.59 -95.20 -33.30
C THR D 293 -71.21 -94.71 -32.87
N ARG D 294 -70.79 -93.55 -33.30
CA ARG D 294 -69.43 -93.07 -33.02
C ARG D 294 -69.30 -92.50 -31.59
N TYR D 295 -70.33 -91.80 -31.14
CA TYR D 295 -70.38 -91.17 -29.80
C TYR D 295 -71.74 -91.53 -29.16
N PRO D 296 -71.86 -92.77 -28.66
CA PRO D 296 -73.18 -93.18 -28.16
C PRO D 296 -73.79 -92.38 -27.05
N HIS D 297 -73.02 -91.60 -26.28
CA HIS D 297 -73.66 -90.85 -25.18
C HIS D 297 -73.25 -89.40 -25.24
N LEU D 298 -73.25 -88.86 -26.44
CA LEU D 298 -72.61 -87.59 -26.67
C LEU D 298 -73.29 -86.49 -25.89
N ARG D 299 -74.59 -86.47 -25.87
CA ARG D 299 -75.27 -85.36 -25.18
C ARG D 299 -74.89 -85.33 -23.70
N GLN D 300 -74.78 -86.51 -23.10
CA GLN D 300 -74.34 -86.62 -21.72
C GLN D 300 -72.89 -86.20 -21.50
N LYS D 301 -72.04 -86.64 -22.38
CA LYS D 301 -70.61 -86.20 -22.40
C LYS D 301 -70.44 -84.70 -22.48
N ILE D 302 -71.23 -84.07 -23.33
CA ILE D 302 -71.19 -82.61 -23.41
C ILE D 302 -71.54 -81.97 -22.08
N ALA D 303 -72.58 -82.50 -21.41
CA ALA D 303 -72.93 -81.98 -20.08
C ALA D 303 -71.83 -82.26 -19.04
N GLU D 304 -71.21 -83.44 -19.06
CA GLU D 304 -70.05 -83.74 -18.16
C GLU D 304 -68.91 -82.79 -18.37
N LEU D 305 -68.56 -82.52 -19.66
CA LEU D 305 -67.50 -81.61 -19.94
C LEU D 305 -67.87 -80.18 -19.46
N ALA D 306 -69.12 -79.77 -19.67
CA ALA D 306 -69.53 -78.44 -19.23
C ALA D 306 -69.34 -78.29 -17.71
N ASP D 307 -69.63 -79.32 -16.94
CA ASP D 307 -69.34 -79.32 -15.49
C ASP D 307 -67.87 -79.19 -15.13
N GLN D 308 -66.97 -79.58 -16.04
CA GLN D 308 -65.56 -79.37 -15.83
C GLN D 308 -65.10 -78.06 -16.43
N GLY D 309 -66.01 -77.18 -16.87
CA GLY D 309 -65.58 -75.94 -17.52
C GLY D 309 -65.04 -76.05 -18.95
N ILE D 310 -65.35 -77.15 -19.64
CA ILE D 310 -64.88 -77.40 -21.01
C ILE D 310 -66.05 -77.45 -21.98
N ARG D 311 -66.01 -76.60 -22.99
CA ARG D 311 -67.04 -76.59 -24.05
C ARG D 311 -66.81 -77.69 -25.07
N PHE D 312 -67.84 -77.93 -25.89
CA PHE D 312 -67.78 -78.95 -26.92
C PHE D 312 -68.10 -78.30 -28.28
N LEU D 313 -67.29 -78.63 -29.27
CA LEU D 313 -67.40 -78.07 -30.63
C LEU D 313 -67.45 -79.15 -31.64
N GLY D 314 -68.18 -78.91 -32.73
CA GLY D 314 -68.31 -79.88 -33.81
C GLY D 314 -67.87 -79.35 -35.17
N TYR D 315 -68.59 -79.76 -36.22
CA TYR D 315 -68.23 -79.59 -37.61
C TYR D 315 -69.49 -79.62 -38.44
N VAL D 316 -69.55 -78.76 -39.45
CA VAL D 316 -70.64 -78.77 -40.39
C VAL D 316 -70.16 -78.15 -41.68
N ASN D 317 -70.81 -78.53 -42.79
CA ASN D 317 -70.52 -77.89 -44.06
C ASN D 317 -71.81 -77.91 -44.86
N PRO D 318 -71.83 -77.23 -46.03
CA PRO D 318 -73.05 -76.97 -46.72
C PRO D 318 -73.51 -78.00 -47.72
N TYR D 319 -72.99 -79.19 -47.63
CA TYR D 319 -73.28 -80.33 -48.51
C TYR D 319 -73.91 -81.44 -47.65
N LEU D 320 -74.65 -82.31 -48.30
CA LEU D 320 -75.19 -83.52 -47.67
C LEU D 320 -74.84 -84.77 -48.46
N CYS D 321 -74.27 -85.78 -47.80
CA CYS D 321 -73.87 -86.98 -48.52
C CYS D 321 -75.08 -87.81 -48.93
N VAL D 322 -74.99 -88.39 -50.14
CA VAL D 322 -76.11 -89.14 -50.71
C VAL D 322 -76.55 -90.33 -49.92
N ASP D 323 -75.70 -90.87 -49.07
CA ASP D 323 -76.02 -92.06 -48.30
C ASP D 323 -76.40 -91.72 -46.88
N GLY D 324 -76.67 -90.44 -46.58
CA GLY D 324 -77.10 -90.04 -45.27
C GLY D 324 -78.59 -89.82 -45.16
N PRO D 325 -79.14 -89.87 -43.93
CA PRO D 325 -80.61 -89.70 -43.78
C PRO D 325 -81.12 -88.29 -44.04
N LEU D 326 -80.30 -87.25 -43.92
CA LEU D 326 -80.80 -85.91 -44.22
C LEU D 326 -80.97 -85.67 -45.72
N PHE D 327 -80.22 -86.38 -46.56
CA PHE D 327 -80.24 -86.16 -47.99
C PHE D 327 -81.68 -86.26 -48.58
N PRO D 328 -82.40 -87.38 -48.33
CA PRO D 328 -83.80 -87.40 -48.90
C PRO D 328 -84.73 -86.37 -48.29
N VAL D 329 -84.48 -85.89 -47.09
CA VAL D 329 -85.32 -84.82 -46.49
C VAL D 329 -85.12 -83.55 -47.32
N ALA D 330 -83.86 -83.17 -47.55
CA ALA D 330 -83.61 -81.99 -48.34
C ALA D 330 -84.05 -82.14 -49.79
N GLU D 331 -83.85 -83.31 -50.36
CA GLU D 331 -84.23 -83.52 -51.75
C GLU D 331 -85.76 -83.41 -51.90
N SER D 332 -86.51 -84.01 -50.97
CA SER D 332 -87.93 -84.02 -51.03
C SER D 332 -88.48 -82.61 -50.92
N ALA D 333 -87.86 -81.76 -50.11
CA ALA D 333 -88.28 -80.37 -49.97
C ALA D 333 -87.82 -79.48 -51.13
N GLY D 334 -87.00 -79.98 -52.07
CA GLY D 334 -86.52 -79.16 -53.17
C GLY D 334 -85.42 -78.18 -52.73
N TYR D 335 -84.58 -78.58 -51.76
CA TYR D 335 -83.59 -77.71 -51.20
C TYR D 335 -82.17 -77.87 -51.77
N PHE D 336 -82.01 -78.72 -52.80
CA PHE D 336 -80.72 -78.90 -53.44
C PHE D 336 -80.59 -78.11 -54.75
N ALA D 337 -79.35 -77.72 -55.07
CA ALA D 337 -79.04 -77.25 -56.41
C ALA D 337 -79.32 -78.36 -57.42
N THR D 338 -79.74 -77.99 -58.64
CA THR D 338 -80.14 -78.97 -59.62
C THR D 338 -79.23 -78.96 -60.84
N ASP D 339 -79.31 -80.02 -61.64
CA ASP D 339 -78.66 -80.08 -62.93
C ASP D 339 -79.57 -79.48 -64.01
N VAL D 340 -79.08 -79.51 -65.26
CA VAL D 340 -79.83 -78.98 -66.38
C VAL D 340 -81.24 -79.56 -66.56
N ASP D 341 -81.47 -80.83 -66.17
CA ASP D 341 -82.82 -81.43 -66.19
C ASP D 341 -83.66 -81.24 -64.94
N GLY D 342 -83.23 -80.46 -63.94
CA GLY D 342 -84.01 -80.34 -62.73
C GLY D 342 -83.83 -81.47 -61.72
N LYS D 343 -82.95 -82.44 -61.96
CA LYS D 343 -82.63 -83.47 -60.92
C LYS D 343 -81.55 -82.89 -59.93
N THR D 344 -81.48 -83.47 -58.75
CA THR D 344 -80.45 -83.09 -57.80
C THR D 344 -79.09 -83.18 -58.43
N ALA D 345 -78.29 -82.13 -58.40
CA ALA D 345 -76.91 -82.17 -58.89
C ALA D 345 -76.03 -82.87 -57.84
N LEU D 346 -75.35 -83.93 -58.26
CA LEU D 346 -74.43 -84.69 -57.40
C LEU D 346 -72.98 -84.22 -57.57
N VAL D 347 -72.31 -83.94 -56.52
CA VAL D 347 -70.94 -83.40 -56.52
C VAL D 347 -70.00 -84.48 -55.95
N ASP D 348 -68.93 -84.70 -56.66
CA ASP D 348 -67.96 -85.76 -56.37
C ASP D 348 -66.91 -85.32 -55.42
N PHE D 349 -66.86 -85.90 -54.24
CA PHE D 349 -65.76 -85.56 -53.27
C PHE D 349 -64.75 -86.64 -53.12
N GLY D 350 -64.73 -87.60 -54.03
CA GLY D 350 -63.75 -88.66 -54.13
C GLY D 350 -64.38 -90.00 -53.80
N GLU D 351 -64.41 -90.20 -52.48
CA GLU D 351 -64.98 -91.45 -51.92
C GLU D 351 -66.49 -91.47 -51.87
N PHE D 352 -67.16 -90.31 -52.11
CA PHE D 352 -68.57 -90.19 -51.87
C PHE D 352 -69.08 -88.98 -52.61
N ASP D 353 -70.37 -88.96 -52.90
CA ASP D 353 -71.09 -87.85 -53.54
C ASP D 353 -72.01 -87.12 -52.59
N CYS D 354 -72.28 -85.87 -52.90
CA CYS D 354 -73.16 -85.03 -52.10
C CYS D 354 -74.10 -84.19 -52.94
N GLY D 355 -75.23 -83.81 -52.36
CA GLY D 355 -76.03 -82.71 -52.81
C GLY D 355 -75.55 -81.40 -52.21
N VAL D 356 -75.83 -80.31 -52.89
CA VAL D 356 -75.44 -78.94 -52.47
C VAL D 356 -76.68 -78.23 -51.97
N VAL D 357 -76.73 -77.89 -50.70
CA VAL D 357 -77.89 -77.17 -50.16
C VAL D 357 -77.94 -75.76 -50.80
N ASP D 358 -79.06 -75.45 -51.46
CA ASP D 358 -79.14 -74.25 -52.26
C ASP D 358 -79.57 -73.03 -51.43
N PHE D 359 -78.59 -72.31 -50.89
CA PHE D 359 -78.86 -71.13 -50.07
C PHE D 359 -79.43 -69.92 -50.83
N THR D 360 -79.56 -69.96 -52.16
CA THR D 360 -80.26 -68.93 -52.84
C THR D 360 -81.79 -69.10 -52.73
N ASN D 361 -82.22 -70.29 -52.34
CA ASN D 361 -83.62 -70.58 -51.99
C ASN D 361 -83.78 -70.21 -50.50
N PRO D 362 -84.53 -69.14 -50.19
CA PRO D 362 -84.66 -68.70 -48.78
C PRO D 362 -85.19 -69.80 -47.85
N ALA D 363 -86.07 -70.67 -48.35
CA ALA D 363 -86.62 -71.76 -47.51
C ALA D 363 -85.53 -72.80 -47.15
N ALA D 364 -84.63 -73.06 -48.11
CA ALA D 364 -83.52 -73.96 -47.85
C ALA D 364 -82.50 -73.36 -46.86
N ALA D 365 -82.22 -72.07 -47.02
CA ALA D 365 -81.29 -71.39 -46.09
C ALA D 365 -81.86 -71.36 -44.68
N ASP D 366 -83.17 -71.05 -44.57
CA ASP D 366 -83.86 -71.06 -43.28
C ASP D 366 -83.90 -72.45 -42.64
N TRP D 367 -84.21 -73.46 -43.44
CA TRP D 367 -84.16 -74.83 -42.96
C TRP D 367 -82.77 -75.22 -42.42
N PHE D 368 -81.71 -74.87 -43.14
CA PHE D 368 -80.37 -75.21 -42.68
C PHE D 368 -80.08 -74.52 -41.33
N ALA D 369 -80.39 -73.22 -41.26
CA ALA D 369 -80.15 -72.46 -40.05
C ALA D 369 -80.97 -72.99 -38.87
N ALA D 370 -82.25 -73.29 -39.10
CA ALA D 370 -83.16 -73.75 -38.04
C ALA D 370 -82.94 -75.21 -37.60
N ALA D 371 -82.95 -76.11 -38.56
CA ALA D 371 -82.90 -77.57 -38.32
C ALA D 371 -81.49 -78.06 -37.99
N ILE D 372 -80.46 -77.53 -38.69
CA ILE D 372 -79.10 -78.01 -38.49
C ILE D 372 -78.33 -77.19 -37.51
N ILE D 373 -78.13 -75.91 -37.80
CA ILE D 373 -77.36 -75.06 -36.89
C ILE D 373 -78.11 -74.94 -35.53
N GLY D 374 -79.38 -74.58 -35.62
CA GLY D 374 -80.24 -74.38 -34.43
C GLY D 374 -80.50 -75.66 -33.63
N LYS D 375 -81.21 -76.58 -34.24
CA LYS D 375 -81.66 -77.76 -33.52
C LYS D 375 -80.54 -78.80 -33.33
N ASN D 376 -79.87 -79.21 -34.41
CA ASN D 376 -78.89 -80.31 -34.33
C ASN D 376 -77.58 -79.94 -33.69
N MET D 377 -77.27 -78.65 -33.64
CA MET D 377 -75.99 -78.20 -33.10
C MET D 377 -76.13 -77.38 -31.82
N LEU D 378 -76.65 -76.18 -31.91
CA LEU D 378 -76.76 -75.33 -30.73
C LEU D 378 -77.67 -75.94 -29.66
N ASP D 379 -78.87 -76.40 -30.02
CA ASP D 379 -79.76 -76.99 -29.03
C ASP D 379 -79.20 -78.29 -28.49
N PHE D 380 -78.37 -78.97 -29.26
CA PHE D 380 -77.79 -80.20 -28.76
C PHE D 380 -76.66 -79.92 -27.72
N GLY D 381 -76.18 -78.68 -27.61
CA GLY D 381 -75.19 -78.29 -26.59
C GLY D 381 -73.82 -77.89 -27.13
N LEU D 382 -73.66 -77.75 -28.47
CA LEU D 382 -72.37 -77.29 -29.05
C LEU D 382 -72.20 -75.80 -28.76
N SER D 383 -71.01 -75.41 -28.30
CA SER D 383 -70.67 -73.98 -28.16
C SER D 383 -70.00 -73.45 -29.40
N GLY D 384 -69.76 -74.28 -30.41
CA GLY D 384 -69.14 -73.82 -31.63
C GLY D 384 -68.79 -74.96 -32.54
N TRP D 385 -68.17 -74.63 -33.65
CA TRP D 385 -67.89 -75.60 -34.69
C TRP D 385 -67.00 -75.03 -35.79
N MET D 386 -66.33 -75.93 -36.50
CA MET D 386 -65.73 -75.63 -37.78
C MET D 386 -66.90 -75.54 -38.80
N ALA D 387 -67.05 -74.38 -39.43
CA ALA D 387 -68.03 -74.19 -40.51
C ALA D 387 -67.26 -74.22 -41.81
N ASP D 388 -67.14 -75.44 -42.37
CA ASP D 388 -66.19 -75.74 -43.40
C ASP D 388 -66.81 -75.54 -44.76
N PHE D 389 -65.90 -75.52 -45.77
CA PHE D 389 -66.18 -75.28 -47.17
C PHE D 389 -66.78 -73.90 -47.40
N GLY D 390 -67.39 -73.67 -48.54
CA GLY D 390 -67.70 -72.30 -49.03
C GLY D 390 -67.05 -72.05 -50.38
N GLU D 391 -65.92 -72.68 -50.64
CA GLU D 391 -65.10 -72.40 -51.78
C GLU D 391 -65.26 -73.23 -53.04
N TYR D 392 -66.07 -74.30 -52.86
CA TYR D 392 -66.29 -75.39 -53.88
C TYR D 392 -67.66 -75.30 -54.51
N LEU D 393 -68.37 -74.17 -54.60
CA LEU D 393 -69.61 -74.17 -55.36
C LEU D 393 -69.25 -74.45 -56.87
N PRO D 394 -69.72 -75.60 -57.41
CA PRO D 394 -69.52 -75.85 -58.80
C PRO D 394 -70.22 -74.89 -59.67
N ILE D 395 -69.64 -74.66 -60.85
CA ILE D 395 -70.19 -73.64 -61.69
C ILE D 395 -71.11 -74.20 -62.77
N ASP D 396 -71.34 -75.47 -62.80
CA ASP D 396 -72.19 -76.10 -63.80
C ASP D 396 -73.54 -76.53 -63.21
N ILE D 397 -73.98 -75.97 -62.13
CA ILE D 397 -75.27 -76.33 -61.49
C ILE D 397 -76.25 -75.14 -61.62
N LYS D 398 -77.51 -75.41 -61.33
CA LYS D 398 -78.59 -74.42 -61.39
C LYS D 398 -79.07 -74.08 -60.00
N LEU D 399 -79.20 -72.78 -59.75
CA LEU D 399 -79.57 -72.26 -58.52
C LEU D 399 -80.96 -71.65 -58.60
N SER D 400 -81.65 -71.74 -57.46
CA SER D 400 -83.03 -71.33 -57.34
C SER D 400 -83.23 -69.83 -57.67
N ASN D 401 -82.28 -68.95 -57.37
CA ASN D 401 -82.45 -67.53 -57.74
C ASN D 401 -82.24 -67.28 -59.22
N GLY D 402 -81.91 -68.29 -60.05
CA GLY D 402 -81.73 -68.05 -61.47
C GLY D 402 -80.43 -67.30 -61.83
N VAL D 403 -79.57 -66.97 -60.87
CA VAL D 403 -78.29 -66.34 -61.14
C VAL D 403 -77.29 -67.41 -61.55
N ASP D 404 -76.53 -67.14 -62.61
CA ASP D 404 -75.51 -68.10 -63.08
C ASP D 404 -74.54 -68.51 -61.91
N ALA D 405 -74.25 -69.78 -61.83
CA ALA D 405 -73.35 -70.28 -60.79
C ALA D 405 -71.94 -69.68 -60.84
N LYS D 406 -71.54 -69.24 -62.00
CA LYS D 406 -70.29 -68.48 -62.14
C LYS D 406 -70.24 -67.19 -61.39
N LEU D 407 -71.38 -66.55 -61.25
CA LEU D 407 -71.49 -65.33 -60.43
C LEU D 407 -71.79 -65.63 -58.99
N MET D 408 -72.45 -66.77 -58.70
CA MET D 408 -72.69 -67.12 -57.29
C MET D 408 -71.50 -67.71 -56.62
N HIS D 409 -70.57 -68.28 -57.38
CA HIS D 409 -69.42 -68.99 -56.84
C HIS D 409 -68.64 -68.18 -55.79
N ASN D 410 -68.24 -66.98 -56.14
CA ASN D 410 -67.52 -66.12 -55.13
C ASN D 410 -68.42 -65.63 -53.99
N ALA D 411 -69.70 -65.51 -54.25
CA ALA D 411 -70.68 -65.03 -53.20
C ALA D 411 -70.94 -66.12 -52.17
N TRP D 412 -70.68 -67.41 -52.53
CA TRP D 412 -71.10 -68.50 -51.72
C TRP D 412 -70.58 -68.43 -50.33
N PRO D 413 -69.29 -68.12 -50.14
CA PRO D 413 -68.82 -68.16 -48.75
C PRO D 413 -69.58 -67.20 -47.84
N THR D 414 -69.95 -66.05 -48.37
CA THR D 414 -70.66 -65.06 -47.56
C THR D 414 -72.09 -65.53 -47.23
N LEU D 415 -72.77 -66.14 -48.18
CA LEU D 415 -74.11 -66.73 -47.95
C LEU D 415 -74.02 -67.81 -46.90
N TRP D 416 -72.98 -68.61 -46.98
CA TRP D 416 -72.79 -69.73 -46.05
C TRP D 416 -72.52 -69.18 -44.65
N ALA D 417 -71.66 -68.15 -44.58
CA ALA D 417 -71.42 -67.51 -43.29
C ALA D 417 -72.72 -66.96 -42.71
N GLU D 418 -73.55 -66.38 -43.54
CA GLU D 418 -74.78 -65.81 -43.08
C GLU D 418 -75.78 -66.88 -42.50
N VAL D 419 -75.83 -68.07 -43.14
CA VAL D 419 -76.60 -69.17 -42.63
C VAL D 419 -76.16 -69.53 -41.20
N ASN D 420 -74.87 -69.67 -41.00
CA ASN D 420 -74.36 -69.96 -39.66
C ASN D 420 -74.75 -68.83 -38.66
N ALA D 421 -74.54 -67.59 -39.08
CA ALA D 421 -74.80 -66.44 -38.17
C ALA D 421 -76.30 -66.35 -37.80
N LYS D 422 -77.19 -66.61 -38.76
CA LYS D 422 -78.61 -66.61 -38.49
C LYS D 422 -79.00 -67.69 -37.52
N GLY D 423 -78.41 -68.88 -37.65
CA GLY D 423 -78.69 -69.95 -36.69
C GLY D 423 -78.31 -69.56 -35.29
N VAL D 424 -77.11 -69.00 -35.17
CA VAL D 424 -76.57 -68.53 -33.91
C VAL D 424 -77.46 -67.43 -33.30
N GLU D 425 -77.85 -66.48 -34.13
CA GLU D 425 -78.70 -65.36 -33.71
C GLU D 425 -80.08 -65.86 -33.27
N SER D 426 -80.65 -66.87 -33.94
CA SER D 426 -81.95 -67.39 -33.58
C SER D 426 -81.92 -68.01 -32.17
N ARG D 427 -80.77 -68.39 -31.61
CA ARG D 427 -80.70 -68.86 -30.23
C ARG D 427 -80.16 -67.83 -29.24
N GLY D 428 -80.05 -66.55 -29.65
CA GLY D 428 -79.45 -65.51 -28.82
C GLY D 428 -78.01 -65.75 -28.45
N LYS D 429 -77.23 -66.41 -29.31
CA LYS D 429 -75.87 -66.79 -28.94
C LYS D 429 -74.79 -66.04 -29.70
N THR D 430 -75.14 -64.94 -30.35
CA THR D 430 -74.14 -64.13 -31.02
C THR D 430 -73.16 -63.61 -29.99
N GLY D 431 -71.87 -63.82 -30.17
CA GLY D 431 -70.90 -63.44 -29.15
C GLY D 431 -70.62 -64.48 -28.10
N GLU D 432 -71.28 -65.62 -28.18
CA GLU D 432 -71.07 -66.70 -27.24
C GLU D 432 -70.73 -68.03 -27.97
N ALA D 433 -71.48 -68.37 -29.01
CA ALA D 433 -71.10 -69.48 -29.86
C ALA D 433 -69.91 -69.04 -30.76
N LEU D 434 -68.99 -69.95 -31.02
CA LEU D 434 -67.82 -69.61 -31.81
C LEU D 434 -67.70 -70.56 -33.01
N PHE D 435 -68.03 -70.09 -34.21
CA PHE D 435 -67.75 -70.89 -35.38
C PHE D 435 -66.63 -70.22 -36.20
N PHE D 436 -65.91 -71.05 -36.95
CA PHE D 436 -64.75 -70.59 -37.72
C PHE D 436 -64.80 -71.13 -39.14
N MET D 437 -64.45 -70.23 -40.07
CA MET D 437 -64.48 -70.53 -41.51
C MET D 437 -63.08 -70.36 -42.10
N ARG D 438 -62.80 -71.14 -43.15
CA ARG D 438 -61.65 -70.99 -43.98
C ARG D 438 -61.94 -70.25 -45.24
N ALA D 439 -63.19 -70.34 -45.74
CA ALA D 439 -63.55 -69.70 -46.99
C ALA D 439 -64.16 -68.33 -46.70
N GLY D 440 -64.04 -67.43 -47.65
CA GLY D 440 -64.56 -66.09 -47.51
C GLY D 440 -64.67 -65.37 -48.83
N PHE D 441 -65.36 -64.25 -48.81
CA PHE D 441 -65.42 -63.29 -49.86
C PHE D 441 -65.93 -61.98 -49.21
N THR D 442 -66.04 -60.93 -49.98
CA THR D 442 -66.60 -59.65 -49.50
C THR D 442 -67.85 -59.92 -48.64
N GLY D 443 -67.81 -59.46 -47.39
CA GLY D 443 -69.00 -59.48 -46.53
C GLY D 443 -68.99 -60.57 -45.51
N VAL D 444 -68.10 -61.52 -45.66
CA VAL D 444 -67.96 -62.60 -44.69
C VAL D 444 -67.67 -62.05 -43.29
N GLN D 445 -67.01 -60.89 -43.27
CA GLN D 445 -66.64 -60.16 -42.05
C GLN D 445 -67.81 -59.92 -41.10
N ALA D 446 -68.98 -59.64 -41.68
CA ALA D 446 -70.14 -59.28 -40.90
C ALA D 446 -70.77 -60.51 -40.17
N HIS D 447 -70.48 -61.73 -40.64
CA HIS D 447 -71.17 -62.93 -40.22
C HIS D 447 -70.29 -63.94 -39.51
N CYS D 448 -69.03 -64.04 -39.90
CA CYS D 448 -68.12 -65.02 -39.33
C CYS D 448 -67.29 -64.38 -38.21
N PRO D 449 -67.31 -64.98 -37.00
CA PRO D 449 -66.58 -64.38 -35.87
C PRO D 449 -65.10 -64.71 -35.78
N LEU D 450 -64.62 -65.68 -36.60
CA LEU D 450 -63.25 -66.16 -36.45
C LEU D 450 -62.88 -66.89 -37.76
N ILE D 451 -61.70 -66.55 -38.32
CA ILE D 451 -61.17 -67.22 -39.51
C ILE D 451 -60.17 -68.24 -39.06
N TRP D 452 -60.11 -69.38 -39.75
CA TRP D 452 -58.90 -70.17 -39.69
C TRP D 452 -58.21 -70.26 -41.04
N GLY D 453 -56.91 -70.49 -40.98
CA GLY D 453 -56.04 -70.49 -42.19
C GLY D 453 -56.15 -71.66 -43.14
N GLY D 454 -57.17 -72.49 -43.00
CA GLY D 454 -57.41 -73.61 -43.91
C GLY D 454 -56.35 -74.70 -43.73
N ASN D 455 -56.10 -75.43 -44.80
CA ASN D 455 -55.19 -76.59 -44.76
C ASN D 455 -53.74 -76.20 -45.11
N GLN D 456 -52.84 -76.17 -44.14
CA GLN D 456 -51.42 -76.10 -44.41
C GLN D 456 -50.93 -77.53 -44.56
N SER D 457 -49.88 -77.73 -45.32
CA SER D 457 -49.09 -78.95 -45.25
C SER D 457 -48.47 -79.05 -43.84
N VAL D 458 -48.16 -80.28 -43.47
CA VAL D 458 -47.52 -80.54 -42.16
C VAL D 458 -46.01 -80.30 -42.21
N ASP D 459 -45.60 -79.08 -42.54
CA ASP D 459 -44.20 -78.78 -42.81
C ASP D 459 -43.89 -77.32 -42.59
N PHE D 460 -42.58 -77.02 -42.76
CA PHE D 460 -42.08 -75.66 -42.69
C PHE D 460 -41.88 -75.07 -44.10
N SER D 461 -42.63 -75.52 -45.11
CA SER D 461 -42.40 -75.02 -46.47
C SER D 461 -42.79 -73.55 -46.54
N ARG D 462 -42.18 -72.87 -47.52
CA ARG D 462 -42.39 -71.43 -47.71
C ARG D 462 -43.84 -71.12 -48.19
N HIS D 463 -44.37 -71.97 -49.05
CA HIS D 463 -45.67 -71.69 -49.68
C HIS D 463 -46.85 -72.52 -49.18
N ASP D 464 -46.63 -73.48 -48.26
CA ASP D 464 -47.76 -74.18 -47.65
C ASP D 464 -47.54 -74.60 -46.19
N GLY D 465 -46.50 -74.06 -45.53
CA GLY D 465 -46.18 -74.43 -44.18
C GLY D 465 -46.58 -73.35 -43.19
N LEU D 466 -45.98 -73.47 -41.99
CA LEU D 466 -46.25 -72.58 -40.90
C LEU D 466 -46.29 -71.11 -41.27
N VAL D 467 -45.27 -70.67 -42.03
CA VAL D 467 -45.11 -69.24 -42.31
C VAL D 467 -46.28 -68.66 -43.06
N THR D 468 -46.96 -69.47 -43.85
CA THR D 468 -48.11 -68.97 -44.64
C THR D 468 -49.28 -68.52 -43.79
N VAL D 469 -49.39 -69.06 -42.57
CA VAL D 469 -50.44 -68.68 -41.68
C VAL D 469 -50.35 -67.17 -41.34
N ILE D 470 -49.14 -66.69 -41.15
CA ILE D 470 -48.92 -65.31 -40.75
C ILE D 470 -49.32 -64.37 -41.87
N CYS D 471 -48.97 -64.74 -43.08
CA CYS D 471 -49.39 -63.98 -44.27
C CYS D 471 -50.94 -63.87 -44.32
N GLY D 472 -51.57 -65.00 -44.10
CA GLY D 472 -53.05 -65.09 -44.03
C GLY D 472 -53.68 -64.20 -42.97
N ALA D 473 -53.09 -64.21 -41.77
CA ALA D 473 -53.54 -63.40 -40.68
C ALA D 473 -53.40 -61.91 -41.03
N LEU D 474 -52.22 -61.52 -41.56
CA LEU D 474 -51.95 -60.12 -41.77
C LEU D 474 -52.87 -59.55 -42.86
N SER D 475 -52.94 -60.28 -43.99
CA SER D 475 -53.78 -59.82 -45.10
C SER D 475 -55.26 -59.78 -44.72
N SER D 476 -55.79 -60.86 -44.17
CA SER D 476 -57.20 -60.90 -43.77
C SER D 476 -57.57 -59.87 -42.68
N GLY D 477 -56.62 -59.57 -41.78
CA GLY D 477 -56.78 -58.53 -40.79
C GLY D 477 -56.97 -57.15 -41.36
N LEU D 478 -56.22 -56.79 -42.41
CA LEU D 478 -56.41 -55.51 -43.07
C LEU D 478 -57.75 -55.38 -43.73
N MET D 479 -58.31 -56.52 -44.13
CA MET D 479 -59.65 -56.56 -44.74
C MET D 479 -60.79 -56.57 -43.71
N GLY D 480 -60.45 -56.51 -42.42
CA GLY D 480 -61.43 -56.34 -41.34
C GLY D 480 -61.84 -57.59 -40.61
N ASN D 481 -61.09 -58.68 -40.79
CA ASN D 481 -61.27 -59.90 -40.06
C ASN D 481 -60.27 -59.86 -38.92
N ALA D 482 -60.78 -59.52 -37.72
CA ALA D 482 -59.88 -59.24 -36.61
C ALA D 482 -59.26 -60.47 -35.95
N TYR D 483 -59.86 -61.65 -36.17
CA TYR D 483 -59.44 -62.86 -35.46
C TYR D 483 -59.08 -63.96 -36.42
N HIS D 484 -57.85 -64.45 -36.34
CA HIS D 484 -57.31 -65.50 -37.20
C HIS D 484 -56.64 -66.56 -36.36
N HIS D 485 -56.64 -67.81 -36.81
CA HIS D 485 -55.88 -68.84 -36.16
C HIS D 485 -55.62 -69.94 -37.13
N SER D 486 -54.89 -70.93 -36.69
CA SER D 486 -54.53 -72.05 -37.54
C SER D 486 -54.55 -73.38 -36.88
N ASP D 487 -54.54 -74.46 -37.68
CA ASP D 487 -54.39 -75.82 -37.09
C ASP D 487 -52.97 -75.93 -36.51
N ILE D 488 -52.82 -76.14 -35.20
CA ILE D 488 -51.52 -76.41 -34.63
C ILE D 488 -50.92 -77.71 -35.18
N GLY D 489 -49.82 -77.58 -35.91
CA GLY D 489 -49.14 -78.68 -36.54
C GLY D 489 -49.58 -78.91 -37.97
N GLY D 490 -50.40 -78.01 -38.53
CA GLY D 490 -50.86 -78.18 -39.92
C GLY D 490 -51.88 -79.32 -40.12
N TYR D 491 -52.28 -79.53 -41.35
CA TYR D 491 -53.33 -80.49 -41.70
C TYR D 491 -52.88 -81.57 -42.68
N THR D 492 -52.39 -81.16 -43.84
CA THR D 492 -52.29 -82.08 -44.97
C THR D 492 -51.05 -82.97 -44.95
N SER D 493 -51.25 -84.27 -44.80
CA SER D 493 -50.20 -85.24 -44.82
C SER D 493 -50.43 -86.16 -46.01
N LEU D 494 -49.57 -86.01 -47.01
CA LEU D 494 -49.62 -86.82 -48.25
C LEU D 494 -48.20 -87.04 -48.72
N PHE D 495 -48.01 -88.09 -49.49
CA PHE D 495 -46.74 -88.34 -50.19
C PHE D 495 -45.58 -88.43 -49.25
N GLY D 496 -45.79 -89.03 -48.10
CA GLY D 496 -44.67 -89.14 -47.09
C GLY D 496 -44.44 -87.93 -46.24
N ASN D 497 -45.15 -86.83 -46.44
CA ASN D 497 -44.95 -85.65 -45.62
C ASN D 497 -45.78 -85.88 -44.32
N VAL D 498 -45.07 -85.97 -43.19
CA VAL D 498 -45.63 -86.21 -41.86
C VAL D 498 -45.03 -85.21 -40.88
N ARG D 499 -45.73 -85.00 -39.78
CA ARG D 499 -45.29 -84.01 -38.78
C ARG D 499 -44.00 -84.43 -38.11
N THR D 500 -43.27 -83.46 -37.60
CA THR D 500 -42.22 -83.74 -36.62
C THR D 500 -42.64 -83.12 -35.27
N ALA D 501 -42.00 -83.57 -34.23
CA ALA D 501 -42.15 -82.96 -32.90
C ALA D 501 -41.84 -81.48 -32.96
N GLU D 502 -40.75 -81.13 -33.64
CA GLU D 502 -40.29 -79.74 -33.73
C GLU D 502 -41.34 -78.86 -34.43
N LEU D 503 -41.93 -79.39 -35.49
CA LEU D 503 -43.00 -78.67 -36.17
C LEU D 503 -44.16 -78.35 -35.23
N ILE D 504 -44.63 -79.36 -34.52
CA ILE D 504 -45.74 -79.13 -33.59
C ILE D 504 -45.37 -78.05 -32.59
N MET D 505 -44.18 -78.16 -32.00
CA MET D 505 -43.77 -77.22 -30.97
C MET D 505 -43.66 -75.79 -31.50
N ARG D 506 -43.03 -75.61 -32.67
CA ARG D 506 -42.96 -74.27 -33.27
C ARG D 506 -44.34 -73.69 -33.57
N TRP D 507 -45.25 -74.54 -34.05
CA TRP D 507 -46.59 -74.08 -34.37
C TRP D 507 -47.34 -73.66 -33.10
N THR D 508 -47.16 -74.43 -32.02
CA THR D 508 -47.80 -74.12 -30.74
C THR D 508 -47.30 -72.76 -30.22
N GLU D 509 -45.99 -72.51 -30.40
CA GLU D 509 -45.34 -71.27 -29.93
C GLU D 509 -45.99 -70.06 -30.56
N MET D 510 -46.23 -70.13 -31.89
CA MET D 510 -46.97 -69.08 -32.56
C MET D 510 -48.40 -69.00 -32.02
N ALA D 511 -49.08 -70.14 -31.93
CA ALA D 511 -50.52 -70.16 -31.64
C ALA D 511 -50.88 -69.51 -30.31
N ALA D 512 -49.97 -69.64 -29.32
CA ALA D 512 -50.15 -69.04 -28.00
C ALA D 512 -50.25 -67.50 -28.04
N PHE D 513 -49.74 -66.89 -29.12
CA PHE D 513 -49.83 -65.46 -29.37
C PHE D 513 -50.74 -65.20 -30.57
N THR D 514 -51.89 -65.86 -30.56
CA THR D 514 -53.01 -65.62 -31.48
C THR D 514 -54.30 -65.78 -30.68
N PRO D 515 -55.43 -65.34 -31.24
CA PRO D 515 -56.71 -65.43 -30.49
C PRO D 515 -57.14 -66.79 -30.01
N VAL D 516 -56.79 -67.85 -30.74
CA VAL D 516 -57.28 -69.19 -30.39
C VAL D 516 -56.25 -70.27 -30.67
N MET D 517 -55.96 -71.06 -29.64
CA MET D 517 -55.12 -72.27 -29.79
C MET D 517 -56.03 -73.44 -30.07
N ARG D 518 -55.82 -74.14 -31.17
CA ARG D 518 -56.63 -75.30 -31.51
C ARG D 518 -55.76 -76.35 -32.24
N THR D 519 -55.88 -77.60 -31.83
CA THR D 519 -55.24 -78.71 -32.53
C THR D 519 -56.14 -79.41 -33.46
N HIS D 520 -55.60 -80.34 -34.25
CA HIS D 520 -56.33 -81.04 -35.31
C HIS D 520 -55.51 -82.30 -35.57
N GLU D 521 -56.14 -83.46 -35.56
CA GLU D 521 -55.44 -84.69 -35.94
C GLU D 521 -55.10 -84.80 -37.42
N GLY D 522 -55.81 -84.09 -38.29
CA GLY D 522 -55.46 -84.05 -39.72
C GLY D 522 -56.17 -85.16 -40.52
N ASN D 523 -55.72 -85.31 -41.77
CA ASN D 523 -56.36 -86.22 -42.70
C ASN D 523 -55.99 -87.68 -42.49
N ARG D 524 -54.84 -87.93 -41.88
CA ARG D 524 -54.35 -89.27 -41.63
C ARG D 524 -53.79 -89.32 -40.22
N PRO D 525 -54.70 -89.38 -39.24
CA PRO D 525 -54.30 -89.26 -37.84
C PRO D 525 -53.25 -90.24 -37.37
N ARG D 526 -53.36 -91.49 -37.80
CA ARG D 526 -52.42 -92.52 -37.34
C ARG D 526 -51.05 -92.45 -38.02
N ASP D 527 -50.90 -91.68 -39.09
CA ASP D 527 -49.56 -91.46 -39.70
C ASP D 527 -48.85 -90.26 -39.12
N ASN D 528 -49.48 -89.45 -38.32
CA ASN D 528 -48.86 -88.23 -37.83
C ASN D 528 -48.85 -88.15 -36.31
N LEU D 529 -47.77 -87.67 -35.76
CA LEU D 529 -47.64 -87.33 -34.37
C LEU D 529 -48.74 -86.36 -33.95
N GLN D 530 -49.38 -86.70 -32.82
CA GLN D 530 -50.39 -85.84 -32.21
C GLN D 530 -49.85 -85.30 -30.87
N ILE D 531 -50.46 -84.22 -30.36
CA ILE D 531 -49.86 -83.56 -29.17
C ILE D 531 -49.77 -84.43 -27.91
N ASP D 532 -50.65 -85.43 -27.80
CA ASP D 532 -50.64 -86.31 -26.63
C ASP D 532 -49.63 -87.46 -26.73
N GLN D 533 -48.97 -87.64 -27.86
CA GLN D 533 -48.22 -88.87 -28.09
C GLN D 533 -46.75 -88.76 -27.75
N ASP D 534 -46.25 -87.60 -27.38
CA ASP D 534 -44.86 -87.44 -27.06
C ASP D 534 -44.77 -86.58 -25.85
N GLU D 535 -44.07 -87.08 -24.81
CA GLU D 535 -44.00 -86.40 -23.52
C GLU D 535 -43.41 -84.98 -23.61
N THR D 536 -42.33 -84.82 -24.37
CA THR D 536 -41.71 -83.51 -24.54
C THR D 536 -42.67 -82.53 -25.22
N VAL D 537 -43.28 -82.99 -26.32
CA VAL D 537 -44.23 -82.16 -27.07
C VAL D 537 -45.42 -81.76 -26.17
N LEU D 538 -45.96 -82.73 -25.42
CA LEU D 538 -47.11 -82.47 -24.57
C LEU D 538 -46.78 -81.45 -23.44
N ALA D 539 -45.62 -81.60 -22.83
CA ALA D 539 -45.19 -80.68 -21.76
C ALA D 539 -44.98 -79.28 -22.32
N HIS D 540 -44.37 -79.22 -23.52
CA HIS D 540 -44.20 -77.92 -24.19
C HIS D 540 -45.58 -77.29 -24.50
N PHE D 541 -46.49 -78.11 -25.02
CA PHE D 541 -47.86 -77.65 -25.27
C PHE D 541 -48.56 -77.11 -24.00
N ALA D 542 -48.49 -77.90 -22.89
CA ALA D 542 -49.11 -77.48 -21.64
C ALA D 542 -48.60 -76.11 -21.21
N ARG D 543 -47.27 -75.98 -21.22
CA ARG D 543 -46.67 -74.73 -20.86
C ARG D 543 -47.17 -73.58 -21.73
N MET D 544 -47.19 -73.79 -23.05
CA MET D 544 -47.65 -72.71 -23.92
C MET D 544 -49.14 -72.37 -23.63
N THR D 545 -49.98 -73.36 -23.29
CA THR D 545 -51.35 -73.04 -22.93
C THR D 545 -51.43 -72.18 -21.65
N ALA D 546 -50.51 -72.41 -20.70
CA ALA D 546 -50.47 -71.57 -19.48
C ALA D 546 -50.09 -70.13 -19.79
N ILE D 547 -49.14 -69.99 -20.70
CA ILE D 547 -48.76 -68.66 -21.17
C ILE D 547 -49.94 -67.95 -21.82
N TYR D 548 -50.66 -68.66 -22.71
CA TYR D 548 -51.85 -68.09 -23.34
C TYR D 548 -52.89 -67.62 -22.30
N VAL D 549 -53.14 -68.49 -21.31
CA VAL D 549 -54.08 -68.12 -20.26
C VAL D 549 -53.60 -66.90 -19.45
N ALA D 550 -52.32 -66.86 -19.11
CA ALA D 550 -51.80 -65.70 -18.38
C ALA D 550 -51.91 -64.42 -19.21
N LEU D 551 -51.79 -64.55 -20.55
CA LEU D 551 -51.93 -63.39 -21.45
C LEU D 551 -53.34 -62.97 -21.79
N ALA D 552 -54.33 -63.75 -21.40
CA ALA D 552 -55.72 -63.46 -21.74
C ALA D 552 -56.22 -62.04 -21.42
N PRO D 553 -55.85 -61.47 -20.27
CA PRO D 553 -56.32 -60.07 -20.07
C PRO D 553 -55.84 -59.12 -21.21
N TYR D 554 -54.63 -59.35 -21.73
CA TYR D 554 -54.14 -58.52 -22.82
C TYR D 554 -54.93 -58.82 -24.12
N LEU D 555 -55.06 -60.11 -24.45
CA LEU D 555 -55.84 -60.55 -25.65
C LEU D 555 -57.26 -60.00 -25.58
N LYS D 556 -57.86 -60.08 -24.39
CA LYS D 556 -59.21 -59.56 -24.19
C LYS D 556 -59.28 -58.05 -24.45
N SER D 557 -58.28 -57.26 -24.03
CA SER D 557 -58.30 -55.84 -24.37
C SER D 557 -58.16 -55.63 -25.89
N LEU D 558 -57.45 -56.52 -26.57
CA LEU D 558 -57.32 -56.44 -28.05
C LEU D 558 -58.62 -56.76 -28.74
N SER D 559 -59.38 -57.72 -28.20
CA SER D 559 -60.73 -58.02 -28.71
C SER D 559 -61.67 -56.82 -28.51
N ALA D 560 -61.58 -56.19 -27.35
CA ALA D 560 -62.39 -54.97 -27.14
C ALA D 560 -62.01 -53.88 -28.15
N GLU D 561 -60.71 -53.70 -28.41
CA GLU D 561 -60.30 -52.73 -29.44
C GLU D 561 -60.82 -53.13 -30.82
N ALA D 562 -60.77 -54.43 -31.14
CA ALA D 562 -61.30 -54.88 -32.41
C ALA D 562 -62.77 -54.49 -32.60
N ALA D 563 -63.58 -54.72 -31.58
CA ALA D 563 -64.99 -54.29 -31.64
C ALA D 563 -65.14 -52.80 -31.73
N LYS D 564 -64.35 -52.03 -31.01
CA LYS D 564 -64.51 -50.56 -30.98
C LYS D 564 -63.97 -49.94 -32.24
N THR D 565 -62.84 -50.43 -32.76
CA THR D 565 -62.13 -49.75 -33.84
C THR D 565 -61.90 -50.54 -35.13
N GLY D 566 -62.20 -51.84 -35.12
CA GLY D 566 -61.97 -52.69 -36.27
C GLY D 566 -60.54 -53.23 -36.45
N LEU D 567 -59.58 -52.74 -35.68
CA LEU D 567 -58.21 -53.18 -35.85
C LEU D 567 -58.03 -54.69 -35.50
N PRO D 568 -57.27 -55.38 -36.35
CA PRO D 568 -57.09 -56.79 -36.12
C PRO D 568 -56.18 -57.03 -34.91
N VAL D 569 -56.32 -58.22 -34.34
CA VAL D 569 -55.44 -58.63 -33.28
C VAL D 569 -53.96 -58.76 -33.74
N GLN D 570 -53.77 -59.32 -34.91
CA GLN D 570 -52.44 -59.50 -35.51
C GLN D 570 -52.29 -58.43 -36.58
N ARG D 571 -51.36 -57.51 -36.32
CA ARG D 571 -51.17 -56.33 -37.16
C ARG D 571 -49.78 -56.35 -37.83
N PRO D 572 -49.72 -55.78 -39.04
CA PRO D 572 -48.39 -55.63 -39.66
C PRO D 572 -47.60 -54.50 -39.02
N LEU D 573 -46.28 -54.61 -39.07
CA LEU D 573 -45.42 -53.61 -38.36
C LEU D 573 -45.68 -52.21 -38.84
N PHE D 574 -45.97 -52.06 -40.13
CA PHE D 574 -46.15 -50.71 -40.66
C PHE D 574 -47.38 -50.00 -40.12
N LEU D 575 -48.32 -50.72 -39.57
CA LEU D 575 -49.53 -50.09 -39.07
C LEU D 575 -49.25 -49.13 -37.90
N HIS D 576 -48.26 -49.47 -37.10
CA HIS D 576 -47.83 -48.65 -35.98
C HIS D 576 -46.49 -47.96 -36.20
N TYR D 577 -45.80 -48.20 -37.30
CA TYR D 577 -44.48 -47.64 -37.55
C TYR D 577 -44.36 -47.19 -38.99
N GLU D 578 -45.22 -46.24 -39.33
CA GLU D 578 -45.44 -45.79 -40.68
C GLU D 578 -44.24 -45.12 -41.30
N ASN D 579 -43.29 -44.62 -40.50
CA ASN D 579 -42.15 -43.91 -41.04
C ASN D 579 -40.94 -44.77 -41.29
N GLU D 580 -41.09 -46.08 -41.18
CA GLU D 580 -39.96 -46.98 -41.26
C GLU D 580 -40.19 -47.91 -42.44
N PRO D 581 -39.59 -47.57 -43.60
CA PRO D 581 -39.76 -48.38 -44.80
C PRO D 581 -39.42 -49.85 -44.63
N GLN D 582 -38.51 -50.21 -43.74
CA GLN D 582 -38.17 -51.62 -43.49
C GLN D 582 -39.37 -52.47 -42.96
N THR D 583 -40.43 -51.81 -42.50
CA THR D 583 -41.60 -52.52 -41.99
C THR D 583 -42.63 -52.85 -43.05
N TYR D 584 -42.49 -52.31 -44.27
CA TYR D 584 -43.61 -52.32 -45.20
C TYR D 584 -43.92 -53.69 -45.85
N ALA D 585 -42.90 -54.49 -46.07
CA ALA D 585 -43.04 -55.82 -46.68
C ALA D 585 -42.92 -56.99 -45.73
N VAL D 586 -42.62 -56.74 -44.45
CA VAL D 586 -42.45 -57.81 -43.43
C VAL D 586 -43.74 -58.60 -43.29
N GLN D 587 -43.63 -59.92 -43.48
CA GLN D 587 -44.82 -60.80 -43.39
C GLN D 587 -44.63 -62.04 -42.59
N ASP D 588 -43.48 -62.17 -41.91
CA ASP D 588 -43.26 -63.29 -40.98
C ASP D 588 -43.08 -62.87 -39.52
N CYS D 589 -43.49 -61.66 -39.21
CA CYS D 589 -43.57 -61.10 -37.88
C CYS D 589 -44.87 -60.33 -37.85
N TYR D 590 -45.43 -60.19 -36.67
CA TYR D 590 -46.61 -59.34 -36.46
C TYR D 590 -46.55 -58.65 -35.13
N LEU D 591 -47.27 -57.54 -35.05
CA LEU D 591 -47.58 -56.87 -33.81
C LEU D 591 -48.83 -57.51 -33.26
N TYR D 592 -48.73 -58.06 -32.06
CA TYR D 592 -49.86 -58.67 -31.34
C TYR D 592 -50.41 -57.56 -30.47
N GLY D 593 -51.39 -56.85 -31.03
CA GLY D 593 -51.78 -55.54 -30.51
C GLY D 593 -50.65 -54.57 -30.76
N ALA D 594 -50.75 -53.37 -30.18
CA ALA D 594 -49.70 -52.37 -30.29
C ALA D 594 -48.48 -52.66 -29.42
N ASP D 595 -48.60 -53.50 -28.42
CA ASP D 595 -47.59 -53.59 -27.36
C ASP D 595 -46.69 -54.83 -27.41
N MET D 596 -46.99 -55.80 -28.25
CA MET D 596 -46.13 -56.99 -28.35
C MET D 596 -45.75 -57.23 -29.80
N LEU D 597 -44.55 -57.78 -29.98
CA LEU D 597 -44.01 -58.15 -31.28
C LEU D 597 -43.67 -59.62 -31.26
N VAL D 598 -44.14 -60.35 -32.27
CA VAL D 598 -43.96 -61.79 -32.37
C VAL D 598 -43.29 -62.14 -33.69
N ALA D 599 -42.21 -62.90 -33.60
CA ALA D 599 -41.42 -63.34 -34.74
C ALA D 599 -41.26 -64.87 -34.75
N PRO D 600 -42.27 -65.59 -35.22
CA PRO D 600 -42.21 -67.04 -35.17
C PRO D 600 -41.05 -67.63 -35.94
N VAL D 601 -40.44 -68.66 -35.41
CA VAL D 601 -39.51 -69.51 -36.16
C VAL D 601 -40.33 -70.38 -37.11
N TRP D 602 -39.97 -70.31 -38.39
CA TRP D 602 -40.71 -71.05 -39.41
C TRP D 602 -39.88 -72.01 -40.25
N LYS D 603 -38.70 -72.36 -39.72
CA LYS D 603 -37.81 -73.33 -40.35
C LYS D 603 -37.28 -74.32 -39.33
N ALA D 604 -37.00 -75.54 -39.81
CA ALA D 604 -36.44 -76.58 -38.97
C ALA D 604 -35.02 -76.28 -38.59
N GLY D 605 -34.60 -76.70 -37.41
CA GLY D 605 -33.23 -76.61 -37.02
C GLY D 605 -32.76 -75.26 -36.56
N GLU D 606 -33.62 -74.24 -36.46
CA GLU D 606 -33.15 -72.91 -36.09
C GLU D 606 -33.06 -72.77 -34.58
N THR D 607 -31.92 -72.26 -34.09
CA THR D 607 -31.76 -71.99 -32.67
C THR D 607 -31.88 -70.49 -32.31
N GLN D 608 -31.94 -69.65 -33.33
CA GLN D 608 -31.97 -68.21 -33.19
C GLN D 608 -32.94 -67.64 -34.21
N ARG D 609 -33.33 -66.39 -34.00
CA ARG D 609 -34.19 -65.70 -34.92
C ARG D 609 -33.72 -64.29 -35.13
N SER D 610 -33.58 -63.91 -36.41
CA SER D 610 -33.25 -62.54 -36.77
C SER D 610 -34.50 -61.83 -37.22
N LEU D 611 -34.63 -60.56 -36.88
CA LEU D 611 -35.79 -59.78 -37.27
C LEU D 611 -35.49 -58.30 -37.18
N TYR D 612 -36.37 -57.50 -37.75
CA TYR D 612 -36.30 -56.04 -37.66
C TYR D 612 -37.17 -55.58 -36.51
N LEU D 613 -36.54 -54.93 -35.50
CA LEU D 613 -37.27 -54.32 -34.39
C LEU D 613 -37.58 -52.86 -34.77
N PRO D 614 -38.84 -52.49 -34.74
CA PRO D 614 -39.23 -51.14 -35.16
C PRO D 614 -39.22 -50.13 -34.01
N GLY D 615 -39.30 -48.87 -34.35
CA GLY D 615 -39.55 -47.78 -33.40
C GLY D 615 -38.30 -47.12 -32.85
N HIS D 616 -38.55 -46.09 -32.07
CA HIS D 616 -37.43 -45.31 -31.44
C HIS D 616 -37.34 -45.48 -29.93
N GLY D 617 -38.16 -46.32 -29.34
CA GLY D 617 -38.06 -46.63 -27.91
C GLY D 617 -37.42 -48.00 -27.75
N GLU D 618 -37.82 -48.70 -26.71
CA GLU D 618 -37.18 -49.93 -26.30
C GLU D 618 -38.19 -51.04 -26.23
N TRP D 619 -37.71 -52.23 -26.58
CA TRP D 619 -38.46 -53.45 -26.55
C TRP D 619 -37.83 -54.33 -25.48
N VAL D 620 -38.65 -55.11 -24.77
CA VAL D 620 -38.17 -56.06 -23.78
C VAL D 620 -38.40 -57.47 -24.29
N HIS D 621 -37.37 -58.27 -24.36
CA HIS D 621 -37.48 -59.70 -24.69
C HIS D 621 -38.24 -60.40 -23.58
N LEU D 622 -39.32 -61.07 -23.95
CA LEU D 622 -40.27 -61.61 -22.96
C LEU D 622 -39.66 -62.57 -21.97
N TRP D 623 -38.79 -63.46 -22.43
CA TRP D 623 -38.31 -64.59 -21.59
C TRP D 623 -37.15 -64.15 -20.70
N SER D 624 -36.32 -63.24 -21.15
CA SER D 624 -35.12 -62.83 -20.42
C SER D 624 -35.24 -61.47 -19.71
N GLY D 625 -36.17 -60.62 -20.12
CA GLY D 625 -36.18 -59.24 -19.63
C GLY D 625 -35.08 -58.32 -20.24
N LYS D 626 -34.23 -58.81 -21.13
CA LYS D 626 -33.22 -57.93 -21.77
C LYS D 626 -33.89 -56.90 -22.67
N ARG D 627 -33.42 -55.65 -22.61
CA ARG D 627 -33.87 -54.58 -23.44
C ARG D 627 -33.16 -54.51 -24.80
N HIS D 628 -33.89 -54.07 -25.82
CA HIS D 628 -33.32 -53.89 -27.15
C HIS D 628 -33.87 -52.60 -27.70
N ALA D 629 -33.00 -51.79 -28.24
CA ALA D 629 -33.41 -50.47 -28.76
C ALA D 629 -34.07 -50.71 -30.13
N GLY D 630 -35.17 -49.99 -30.39
CA GLY D 630 -35.83 -50.14 -31.66
C GLY D 630 -35.06 -49.53 -32.81
N GLY D 631 -35.48 -49.87 -34.03
CA GLY D 631 -34.93 -49.26 -35.25
C GLY D 631 -33.74 -49.99 -35.82
N ARG D 632 -33.57 -51.27 -35.56
CA ARG D 632 -32.49 -52.07 -36.19
C ARG D 632 -32.82 -53.55 -36.24
N ASP D 633 -32.03 -54.28 -37.01
CA ASP D 633 -32.06 -55.75 -37.03
C ASP D 633 -31.45 -56.30 -35.77
N ILE D 634 -32.03 -57.35 -35.20
CA ILE D 634 -31.46 -58.02 -34.05
C ILE D 634 -31.54 -59.50 -34.23
N THR D 635 -30.77 -60.25 -33.47
CA THR D 635 -30.84 -61.69 -33.44
C THR D 635 -31.02 -62.13 -32.01
N VAL D 636 -32.01 -62.96 -31.68
CA VAL D 636 -32.16 -63.52 -30.33
C VAL D 636 -32.15 -65.04 -30.34
N GLU D 637 -31.82 -65.63 -29.19
CA GLU D 637 -31.89 -67.07 -28.97
C GLU D 637 -33.36 -67.51 -28.93
N THR D 638 -33.68 -68.56 -29.67
CA THR D 638 -35.04 -69.12 -29.71
C THR D 638 -35.01 -70.63 -29.53
N PRO D 639 -34.55 -71.11 -28.35
CA PRO D 639 -34.72 -72.54 -28.06
C PRO D 639 -36.23 -72.88 -28.01
N LEU D 640 -36.54 -74.16 -28.16
CA LEU D 640 -37.93 -74.61 -28.06
C LEU D 640 -38.53 -74.15 -26.74
N GLY D 641 -39.68 -73.51 -26.78
CA GLY D 641 -40.28 -72.93 -25.59
C GLY D 641 -40.08 -71.42 -25.44
N GLU D 642 -39.15 -70.83 -26.18
CA GLU D 642 -38.84 -69.42 -26.07
C GLU D 642 -38.88 -68.74 -27.42
N PRO D 643 -40.09 -68.59 -27.99
CA PRO D 643 -40.19 -67.86 -29.23
C PRO D 643 -39.76 -66.41 -29.08
N ALA D 644 -39.37 -65.82 -30.21
CA ALA D 644 -38.95 -64.43 -30.24
C ALA D 644 -40.12 -63.50 -30.10
N VAL D 645 -40.39 -63.14 -28.85
CA VAL D 645 -41.51 -62.26 -28.49
C VAL D 645 -40.96 -61.14 -27.61
N PHE D 646 -41.43 -59.93 -27.88
CA PHE D 646 -40.99 -58.73 -27.20
C PHE D 646 -42.20 -57.91 -26.82
N TYR D 647 -42.05 -57.07 -25.81
CA TYR D 647 -43.07 -56.08 -25.47
C TYR D 647 -42.47 -54.71 -25.30
N ARG D 648 -43.27 -53.69 -25.52
CA ARG D 648 -42.80 -52.32 -25.35
C ARG D 648 -42.54 -52.03 -23.89
N ALA D 649 -41.35 -51.48 -23.59
CA ALA D 649 -40.99 -51.11 -22.20
C ALA D 649 -42.00 -50.14 -21.58
N ASP D 650 -42.47 -49.24 -22.41
CA ASP D 650 -43.61 -48.37 -22.22
C ASP D 650 -44.97 -48.87 -21.85
N SER D 651 -45.20 -50.14 -22.09
CA SER D 651 -46.56 -50.69 -22.12
C SER D 651 -47.23 -50.57 -20.74
N SER D 652 -48.49 -50.14 -20.79
CA SER D 652 -49.36 -50.12 -19.63
C SER D 652 -49.62 -51.55 -19.09
N HIS D 653 -49.37 -52.59 -19.89
CA HIS D 653 -49.53 -53.95 -19.44
C HIS D 653 -48.21 -54.59 -18.98
N HIS D 654 -47.19 -53.79 -18.70
CA HIS D 654 -45.87 -54.33 -18.32
C HIS D 654 -45.88 -55.29 -17.13
N ARG D 655 -46.72 -55.02 -16.10
CA ARG D 655 -46.76 -55.88 -14.89
C ARG D 655 -47.20 -57.30 -15.37
N LEU D 656 -48.19 -57.39 -16.26
CA LEU D 656 -48.60 -58.71 -16.78
C LEU D 656 -47.48 -59.42 -17.57
N PHE D 657 -46.84 -58.67 -18.48
CA PHE D 657 -45.78 -59.25 -19.27
C PHE D 657 -44.60 -59.72 -18.43
N GLU D 658 -44.27 -58.96 -17.37
CA GLU D 658 -43.21 -59.36 -16.43
C GLU D 658 -43.47 -60.71 -15.81
N GLN D 659 -44.75 -61.03 -15.52
CA GLN D 659 -45.11 -62.36 -14.96
C GLN D 659 -44.69 -63.54 -15.82
N LEU D 660 -44.68 -63.35 -17.15
CA LEU D 660 -44.39 -64.47 -18.01
C LEU D 660 -42.95 -64.91 -18.04
N ARG D 661 -42.03 -63.99 -17.76
CA ARG D 661 -40.62 -64.36 -17.48
C ARG D 661 -40.72 -65.55 -16.47
N THR D 662 -41.55 -65.37 -15.40
CA THR D 662 -41.90 -66.41 -14.38
C THR D 662 -42.68 -67.54 -14.97
N MET E 1 20.52 53.58 112.23
CA MET E 1 19.51 52.66 111.70
C MET E 1 19.63 51.31 112.38
N HIS E 2 18.58 50.53 112.41
CA HIS E 2 18.62 49.21 113.03
C HIS E 2 18.25 48.11 112.14
N PHE E 3 19.14 47.12 112.18
CA PHE E 3 19.05 45.84 111.47
C PHE E 3 18.23 44.85 112.32
N GLU E 4 17.33 44.11 111.67
CA GLU E 4 16.43 43.20 112.39
C GLU E 4 16.22 41.98 111.51
N THR E 5 16.42 40.79 112.04
CA THR E 5 15.96 39.55 111.44
C THR E 5 14.43 39.42 111.30
N THR E 6 14.00 38.70 110.28
CA THR E 6 12.58 38.29 110.08
C THR E 6 12.57 36.76 109.86
N LYS E 7 11.37 36.19 109.68
CA LYS E 7 11.16 34.75 109.34
C LYS E 7 12.14 34.25 108.26
N ASP E 8 12.25 35.00 107.16
CA ASP E 8 13.00 34.60 105.95
C ASP E 8 14.09 35.59 105.47
N GLY E 9 14.32 36.69 106.17
CA GLY E 9 15.49 37.53 105.85
C GLY E 9 15.72 38.64 106.82
N PHE E 10 15.69 39.90 106.37
CA PHE E 10 15.96 41.01 107.27
C PHE E 10 15.36 42.34 106.81
N THR E 11 15.32 43.28 107.76
CA THR E 11 14.96 44.63 107.51
C THR E 11 16.06 45.57 108.03
N ILE E 12 16.11 46.78 107.45
CA ILE E 12 16.82 47.90 108.05
C ILE E 12 15.83 49.02 108.17
N ALA E 13 15.75 49.62 109.36
CA ALA E 13 14.80 50.70 109.66
C ALA E 13 15.46 51.94 110.23
N ILE E 14 14.80 53.10 110.10
CA ILE E 14 15.10 54.32 110.87
C ILE E 14 13.87 54.49 111.75
N GLY E 15 14.05 54.32 113.06
CA GLY E 15 12.96 54.25 113.97
C GLY E 15 11.97 53.19 113.64
N ASN E 16 10.69 53.55 113.68
CA ASN E 16 9.61 52.68 113.24
C ASN E 16 9.48 52.62 111.70
N ARG E 17 10.32 53.32 110.92
CA ARG E 17 10.17 53.30 109.43
C ARG E 17 11.10 52.28 108.78
N ILE E 18 10.55 51.17 108.32
CA ILE E 18 11.33 50.20 107.55
C ILE E 18 11.71 50.82 106.19
N ILE E 19 13.00 50.74 105.87
CA ILE E 19 13.60 51.29 104.66
C ILE E 19 13.96 50.18 103.67
N LEU E 20 14.67 49.16 104.13
CA LEU E 20 14.97 48.00 103.31
C LEU E 20 14.36 46.76 103.87
N SER E 21 13.89 45.90 102.98
CA SER E 21 13.30 44.63 103.32
C SER E 21 13.83 43.58 102.38
N HIS E 22 14.46 42.54 102.89
CA HIS E 22 14.96 41.47 102.08
C HIS E 22 14.37 40.13 102.48
N SER E 23 13.92 39.38 101.50
CA SER E 23 13.69 37.95 101.60
C SER E 23 14.03 37.30 100.27
N PRO E 24 14.16 35.97 100.22
CA PRO E 24 14.45 35.38 98.93
C PRO E 24 13.39 35.69 97.85
N ASP E 25 12.13 35.76 98.23
CA ASP E 25 11.07 36.04 97.29
C ASP E 25 10.92 37.53 96.99
N LYS E 26 11.31 38.40 97.92
CA LYS E 26 11.27 39.84 97.69
C LYS E 26 12.63 40.46 98.03
N PRO E 27 13.62 40.22 97.15
CA PRO E 27 14.99 40.68 97.41
C PRO E 27 15.10 42.19 97.39
N ALA E 28 16.01 42.72 98.17
CA ALA E 28 16.32 44.16 98.16
C ALA E 28 17.29 44.57 97.02
N PHE E 29 18.20 43.70 96.64
CA PHE E 29 19.26 44.01 95.69
C PHE E 29 19.23 43.10 94.48
N PHE E 30 19.56 43.71 93.32
CA PHE E 30 19.80 43.00 92.08
C PHE E 30 21.15 43.51 91.52
N ALA E 31 21.92 42.61 90.91
CA ALA E 31 23.20 42.98 90.37
C ALA E 31 23.36 42.45 88.96
N GLY E 32 24.14 43.18 88.17
CA GLY E 32 24.39 42.71 86.85
C GLY E 32 25.37 43.55 86.07
N PHE E 33 25.14 43.56 84.76
CA PHE E 33 26.12 44.03 83.80
C PHE E 33 25.39 44.62 82.59
N GLY E 34 25.86 45.78 82.14
CA GLY E 34 25.37 46.39 80.91
C GLY E 34 26.42 47.05 80.06
N GLU E 35 26.07 47.32 78.81
CA GLU E 35 26.89 48.08 77.84
C GLU E 35 26.07 49.24 77.37
N GLU E 36 26.42 50.43 77.82
CA GLU E 36 25.67 51.60 77.50
C GLU E 36 26.12 52.27 76.19
N ARG E 37 25.21 52.99 75.56
CA ARG E 37 25.50 53.98 74.56
C ARG E 37 25.13 55.34 75.14
N MET E 38 26.05 56.31 75.11
CA MET E 38 25.78 57.68 75.57
C MET E 38 26.31 58.66 74.55
N ASP E 39 25.58 58.90 73.47
CA ASP E 39 26.07 59.81 72.41
C ASP E 39 25.73 61.28 72.74
N MET E 40 26.72 62.15 72.70
CA MET E 40 26.55 63.55 73.01
C MET E 40 26.41 64.35 71.69
N TYR E 41 25.46 65.26 71.64
CA TYR E 41 25.41 66.21 70.58
C TYR E 41 25.07 67.56 71.21
N ARG E 42 26.07 68.43 71.25
CA ARG E 42 25.95 69.79 71.83
C ARG E 42 25.29 69.83 73.19
N GLY E 43 25.76 68.95 74.05
CA GLY E 43 25.32 68.88 75.44
C GLY E 43 24.04 68.08 75.67
N ASN E 44 23.42 67.59 74.61
CA ASN E 44 22.23 66.70 74.69
C ASN E 44 22.75 65.26 74.58
N PHE E 45 22.19 64.36 75.36
CA PHE E 45 22.68 62.99 75.38
C PHE E 45 21.58 62.08 74.93
N ASP E 46 21.95 61.17 74.05
CA ASP E 46 21.04 60.12 73.68
C ASP E 46 21.61 58.83 74.32
N ILE E 47 20.96 58.38 75.37
CA ILE E 47 21.43 57.37 76.28
C ILE E 47 20.59 56.12 76.13
N GLU E 48 21.21 54.99 75.95
CA GLU E 48 20.48 53.73 75.92
C GLU E 48 21.32 52.63 76.53
N ASP E 49 20.76 51.86 77.41
CA ASP E 49 21.49 50.77 78.02
C ASP E 49 21.16 49.46 77.32
N TYR E 50 22.13 48.55 77.24
CA TYR E 50 21.88 47.19 76.83
C TYR E 50 22.21 46.31 78.08
N VAL E 51 21.16 45.85 78.76
CA VAL E 51 21.33 45.07 79.99
C VAL E 51 21.57 43.62 79.58
N ILE E 52 22.74 43.10 79.96
CA ILE E 52 23.17 41.73 79.66
C ILE E 52 22.84 40.78 80.82
N GLU E 53 22.98 41.26 82.05
CA GLU E 53 22.51 40.56 83.25
CA GLU E 53 22.54 40.55 83.25
C GLU E 53 21.84 41.51 84.23
N ARG E 54 20.72 41.03 84.79
CA ARG E 54 20.14 41.63 85.98
C ARG E 54 19.68 40.42 86.78
N THR E 55 20.34 40.19 87.91
CA THR E 55 20.11 39.00 88.70
C THR E 55 19.86 39.32 90.17
N ALA E 56 18.74 38.89 90.67
CA ALA E 56 18.36 39.06 92.06
C ALA E 56 19.37 38.44 92.99
N LEU E 57 19.74 39.18 94.02
CA LEU E 57 20.57 38.65 95.10
C LEU E 57 19.64 38.11 96.20
N ARG E 58 19.20 36.85 96.03
CA ARG E 58 18.20 36.28 96.89
C ARG E 58 18.71 35.78 98.24
N HIS E 59 19.98 35.46 98.31
CA HIS E 59 20.50 34.76 99.48
C HIS E 59 21.42 35.65 100.30
N ALA E 60 20.98 35.96 101.52
CA ALA E 60 21.67 36.81 102.47
C ALA E 60 22.23 35.95 103.58
N GLU E 61 23.46 36.19 103.97
CA GLU E 61 23.93 35.66 105.26
C GLU E 61 24.79 36.62 106.03
N VAL E 62 24.69 36.51 107.34
CA VAL E 62 25.50 37.26 108.27
C VAL E 62 26.92 36.74 108.19
N SER E 63 27.88 37.65 108.08
CA SER E 63 29.28 37.31 107.93
C SER E 63 30.10 38.36 108.68
N GLY E 64 30.46 38.05 109.96
CA GLY E 64 31.07 39.08 110.84
C GLY E 64 30.00 40.17 111.04
N ASP E 65 30.41 41.43 111.03
CA ASP E 65 29.54 42.58 111.20
C ASP E 65 29.10 43.09 109.82
N SER E 66 28.59 42.17 109.00
CA SER E 66 28.11 42.54 107.69
C SER E 66 27.16 41.44 107.21
N VAL E 67 26.46 41.73 106.12
CA VAL E 67 25.70 40.73 105.39
C VAL E 67 26.30 40.59 103.98
N THR E 68 26.55 39.35 103.58
CA THR E 68 26.86 39.04 102.20
C THR E 68 25.63 38.55 101.45
N LEU E 69 25.61 38.88 100.17
CA LEU E 69 24.46 38.61 99.28
C LEU E 69 24.95 37.87 98.07
N SER E 70 24.32 36.74 97.79
CA SER E 70 24.61 35.95 96.59
C SER E 70 23.28 35.68 95.83
N SER E 71 23.40 35.24 94.59
CA SER E 71 22.27 34.92 93.69
C SER E 71 21.35 33.88 94.29
N ALA E 72 21.96 32.84 94.87
CA ALA E 72 21.28 31.71 95.45
C ALA E 72 22.19 31.04 96.46
N PRO E 73 21.64 30.20 97.37
CA PRO E 73 22.51 29.42 98.29
C PRO E 73 23.53 28.56 97.55
N GLY E 74 24.75 28.51 98.05
CA GLY E 74 25.85 27.78 97.43
C GLY E 74 26.54 28.55 96.31
N GLN E 75 26.16 29.78 96.02
CA GLN E 75 26.89 30.58 95.10
C GLN E 75 27.75 31.61 95.84
N ALA E 76 28.85 32.01 95.23
CA ALA E 76 29.78 32.96 95.84
C ALA E 76 29.09 34.33 95.98
N PRO E 77 29.27 34.97 97.13
CA PRO E 77 28.64 36.27 97.29
C PRO E 77 29.18 37.28 96.31
N ARG E 78 28.31 38.20 95.89
CA ARG E 78 28.70 39.22 94.95
C ARG E 78 28.77 40.62 95.56
N LEU E 79 28.15 40.80 96.72
CA LEU E 79 28.01 42.11 97.33
C LEU E 79 28.09 41.92 98.88
N ARG E 80 28.79 42.84 99.56
CA ARG E 80 28.74 42.91 101.01
C ARG E 80 28.06 44.19 101.42
N LEU E 81 27.21 44.10 102.41
CA LEU E 81 26.45 45.21 102.96
C LEU E 81 26.98 45.36 104.43
N THR E 82 27.35 46.56 104.82
CA THR E 82 27.75 46.81 106.19
C THR E 82 27.01 48.04 106.69
N LEU E 83 26.26 47.85 107.79
CA LEU E 83 25.56 48.98 108.39
C LEU E 83 26.50 49.76 109.20
N ASP E 84 26.43 51.08 109.13
CA ASP E 84 27.29 51.96 109.92
C ASP E 84 26.55 53.24 110.27
N GLY E 85 25.85 53.23 111.39
CA GLY E 85 25.02 54.41 111.82
C GLY E 85 23.97 54.72 110.77
N ASN E 86 23.93 55.92 110.25
CA ASN E 86 22.98 56.29 109.22
C ASN E 86 23.36 55.87 107.78
N ALA E 87 24.37 55.01 107.61
CA ALA E 87 24.85 54.63 106.28
C ALA E 87 24.83 53.12 106.06
N ILE E 88 24.49 52.72 104.83
CA ILE E 88 24.71 51.34 104.40
C ILE E 88 25.89 51.38 103.45
N ARG E 89 26.95 50.73 103.83
CA ARG E 89 28.15 50.65 103.02
C ARG E 89 28.11 49.44 102.16
N LEU E 90 28.58 49.55 100.92
CA LEU E 90 28.60 48.43 99.98
C LEU E 90 30.02 48.16 99.52
N THR E 91 30.35 46.88 99.43
CA THR E 91 31.56 46.46 98.78
C THR E 91 31.21 45.46 97.69
N ALA E 92 31.68 45.73 96.49
CA ALA E 92 31.52 44.79 95.37
C ALA E 92 32.44 43.62 95.58
N LEU E 93 31.94 42.41 95.75
CA LEU E 93 32.83 41.23 95.80
C LEU E 93 33.04 40.67 94.43
N ASP E 94 32.14 40.93 93.49
CA ASP E 94 32.29 40.49 92.11
C ASP E 94 32.59 41.77 91.36
N GLU E 95 33.82 41.89 90.95
CA GLU E 95 34.30 43.07 90.27
C GLU E 95 33.72 43.20 88.84
N THR E 96 33.08 42.20 88.26
CA THR E 96 32.42 42.42 86.95
C THR E 96 31.08 43.24 87.01
N ILE E 97 30.48 43.44 88.17
CA ILE E 97 29.25 44.16 88.30
C ILE E 97 29.41 45.61 87.85
N ASN E 98 28.62 46.10 86.89
CA ASN E 98 28.55 47.56 86.66
C ASN E 98 27.10 48.08 86.65
N ARG E 99 26.15 47.25 87.12
CA ARG E 99 24.77 47.66 87.31
C ARG E 99 24.28 47.13 88.66
N LEU E 100 23.72 48.02 89.48
CA LEU E 100 23.11 47.63 90.71
C LEU E 100 21.75 48.28 90.85
N TRP E 101 20.75 47.49 91.33
CA TRP E 101 19.48 48.02 91.65
C TRP E 101 19.18 47.73 93.12
N LEU E 102 18.63 48.73 93.81
CA LEU E 102 18.24 48.60 95.18
C LEU E 102 16.78 49.05 95.33
N ARG E 103 15.99 48.22 95.98
CA ARG E 103 14.59 48.54 96.29
C ARG E 103 14.44 49.06 97.69
N VAL E 104 13.75 50.19 97.83
CA VAL E 104 13.40 50.71 99.14
C VAL E 104 11.90 50.69 99.32
N VAL E 105 11.51 50.28 100.53
CA VAL E 105 10.15 50.10 100.89
C VAL E 105 9.42 51.43 100.69
N ALA E 106 8.22 51.36 100.12
CA ALA E 106 7.40 52.52 99.90
C ALA E 106 5.96 52.24 100.33
N GLU E 107 5.21 53.30 100.60
CA GLU E 107 3.78 53.23 100.82
C GLU E 107 3.01 53.79 99.64
N THR E 108 1.78 53.33 99.54
CA THR E 108 0.90 53.66 98.43
C THR E 108 0.69 55.14 98.18
N ASP E 109 0.44 55.89 99.22
CA ASP E 109 0.16 57.34 99.11
C ASP E 109 1.43 58.22 99.38
N GLU E 110 2.62 57.62 99.39
CA GLU E 110 3.87 58.36 99.67
C GLU E 110 4.28 59.31 98.52
N HIS E 111 4.78 60.49 98.90
CA HIS E 111 5.36 61.47 98.00
C HIS E 111 6.86 61.44 98.15
N VAL E 112 7.57 61.74 97.08
CA VAL E 112 9.00 61.85 97.07
C VAL E 112 9.42 63.08 96.27
N TRP E 113 10.30 63.88 96.86
CA TRP E 113 10.73 65.10 96.25
C TRP E 113 12.26 65.19 96.22
N GLY E 114 12.78 66.12 95.44
CA GLY E 114 14.22 66.33 95.32
C GLY E 114 14.68 65.95 93.94
N GLY E 115 15.70 65.07 93.90
CA GLY E 115 16.34 64.72 92.66
C GLY E 115 17.21 65.78 92.04
N GLY E 116 17.62 66.76 92.80
CA GLY E 116 18.34 67.92 92.36
C GLY E 116 17.41 69.08 92.05
N GLU E 117 17.67 69.77 90.93
CA GLU E 117 16.77 70.78 90.41
C GLU E 117 15.93 70.14 89.33
N GLN E 118 14.71 69.75 89.67
CA GLN E 118 13.74 69.16 88.74
C GLN E 118 12.92 70.27 88.16
N MET E 119 12.79 70.26 86.82
CA MET E 119 12.11 71.36 86.12
C MET E 119 10.61 71.06 85.81
N SER E 120 10.21 69.81 85.69
CA SER E 120 8.83 69.47 85.30
C SER E 120 7.97 68.99 86.47
N TYR E 121 8.48 68.00 87.23
CA TYR E 121 7.71 67.39 88.32
C TYR E 121 8.45 67.51 89.64
N PHE E 122 7.75 68.07 90.65
CA PHE E 122 8.30 68.26 91.99
C PHE E 122 8.13 66.98 92.79
N ASP E 123 6.87 66.55 92.96
CA ASP E 123 6.60 65.20 93.46
C ASP E 123 6.94 64.23 92.34
N MET E 124 7.98 63.48 92.54
CA MET E 124 8.47 62.51 91.54
C MET E 124 7.71 61.19 91.52
N ARG E 125 6.77 60.99 92.45
CA ARG E 125 6.09 59.69 92.53
C ARG E 125 5.37 59.35 91.23
N GLY E 126 5.47 58.10 90.79
CA GLY E 126 4.77 57.63 89.61
C GLY E 126 5.60 57.65 88.32
N ARG E 127 6.80 58.23 88.35
CA ARG E 127 7.62 58.37 87.15
C ARG E 127 9.08 57.98 87.43
N ARG E 128 9.84 57.92 86.34
CA ARG E 128 11.21 57.49 86.37
C ARG E 128 12.14 58.66 86.00
N PHE E 129 13.18 58.87 86.79
CA PHE E 129 14.08 60.01 86.66
C PHE E 129 15.56 59.61 86.60
N PRO E 130 16.11 59.54 85.39
CA PRO E 130 17.56 59.45 85.20
C PRO E 130 18.27 60.72 85.74
N LEU E 131 19.42 60.53 86.32
CA LEU E 131 20.21 61.57 86.98
C LEU E 131 21.60 61.70 86.32
N TRP E 132 21.61 62.52 85.27
CA TRP E 132 22.74 62.71 84.41
C TRP E 132 22.70 64.15 83.95
N THR E 133 23.72 64.91 84.30
CA THR E 133 23.70 66.33 83.98
C THR E 133 23.78 66.52 82.42
N SER E 134 22.97 67.41 81.89
CA SER E 134 22.96 67.68 80.46
C SER E 134 22.20 68.97 80.22
N GLU E 135 22.15 69.43 78.98
CA GLU E 135 21.14 70.39 78.61
C GLU E 135 19.74 69.82 78.98
N PRO E 136 18.88 70.65 79.57
CA PRO E 136 17.56 70.18 79.93
C PRO E 136 16.58 70.02 78.77
N GLY E 137 16.87 70.62 77.62
CA GLY E 137 16.01 70.55 76.46
C GLY E 137 15.30 71.88 76.22
N VAL E 138 14.97 72.13 74.96
CA VAL E 138 14.14 73.26 74.51
C VAL E 138 12.73 72.64 74.27
N GLY E 139 11.74 73.07 75.07
CA GLY E 139 10.41 72.54 75.05
C GLY E 139 10.15 71.42 76.04
N ARG E 140 10.96 70.36 75.96
CA ARG E 140 10.96 69.33 77.00
C ARG E 140 9.65 68.53 77.06
N ASP E 141 8.91 68.52 75.96
CA ASP E 141 7.60 67.86 75.92
C ASP E 141 7.38 67.39 74.49
N LYS E 142 7.47 66.10 74.25
CA LYS E 142 7.40 65.53 72.93
C LYS E 142 6.08 65.81 72.17
N THR E 143 5.07 66.35 72.85
CA THR E 143 3.85 66.75 72.22
C THR E 143 3.79 68.21 71.78
N THR E 144 4.85 69.00 72.00
CA THR E 144 4.86 70.37 71.53
C THR E 144 5.74 70.50 70.26
N GLU E 145 5.32 71.43 69.42
CA GLU E 145 6.00 71.64 68.20
C GLU E 145 7.45 72.20 68.36
N ILE E 146 7.64 73.05 69.37
CA ILE E 146 8.97 73.51 69.74
C ILE E 146 9.92 72.35 70.06
N THR E 147 9.45 71.39 70.84
CA THR E 147 10.25 70.25 71.20
C THR E 147 10.59 69.42 69.98
N PHE E 148 9.57 69.16 69.15
CA PHE E 148 9.73 68.39 67.94
C PHE E 148 10.80 69.06 67.02
N LYS E 149 10.64 70.35 66.79
CA LYS E 149 11.58 71.07 65.93
C LYS E 149 13.01 71.11 66.51
N SER E 150 13.13 71.21 67.82
CA SER E 150 14.39 71.16 68.50
C SER E 150 15.03 69.78 68.35
N ASP E 151 14.23 68.72 68.40
CA ASP E 151 14.75 67.36 68.20
C ASP E 151 15.21 67.15 66.80
N VAL E 152 14.42 67.59 65.81
CA VAL E 152 14.77 67.34 64.43
C VAL E 152 15.99 68.17 64.08
N SER E 153 16.06 69.44 64.47
CA SER E 153 17.19 70.25 64.04
C SER E 153 18.45 70.03 64.84
N GLY E 154 18.40 69.68 66.12
CA GLY E 154 19.62 69.51 66.92
C GLY E 154 19.58 68.53 68.08
N LYS E 155 18.69 67.53 68.04
CA LYS E 155 18.55 66.56 69.12
C LYS E 155 18.42 67.21 70.49
N ALA E 156 17.68 68.33 70.50
CA ALA E 156 17.77 69.29 71.60
C ALA E 156 16.46 69.53 72.35
N GLY E 157 15.42 68.76 72.04
CA GLY E 157 14.13 68.94 72.68
C GLY E 157 14.08 68.52 74.13
N GLY E 158 14.81 67.46 74.47
CA GLY E 158 14.79 66.93 75.83
C GLY E 158 13.46 66.34 76.23
N ASP E 159 13.27 66.22 77.54
CA ASP E 159 12.10 65.61 78.12
C ASP E 159 12.05 65.97 79.61
N TYR E 160 10.99 65.53 80.28
CA TYR E 160 10.60 65.99 81.60
C TYR E 160 11.69 65.78 82.65
N TYR E 161 12.53 64.76 82.45
CA TYR E 161 13.54 64.40 83.45
C TYR E 161 14.92 65.08 83.26
N ASN E 162 15.15 65.71 82.11
CA ASN E 162 16.46 66.26 81.86
C ASN E 162 16.66 67.51 82.72
N THR E 163 17.91 67.70 83.18
CA THR E 163 18.22 68.88 84.01
C THR E 163 19.72 69.11 84.00
N ASN E 164 20.07 70.39 84.15
CA ASN E 164 21.46 70.83 84.30
C ASN E 164 21.98 70.37 85.68
N TYR E 165 21.07 70.08 86.60
CA TYR E 165 21.42 69.79 87.98
C TYR E 165 20.59 68.61 88.54
N PRO E 166 21.00 67.38 88.21
CA PRO E 166 20.46 66.22 88.88
C PRO E 166 21.20 65.99 90.19
N GLN E 167 20.58 65.28 91.12
CA GLN E 167 21.26 64.84 92.36
C GLN E 167 20.59 63.61 92.87
N PRO E 168 21.34 62.53 93.17
CA PRO E 168 20.67 61.31 93.63
C PRO E 168 20.35 61.35 95.13
N THR E 169 19.44 62.26 95.48
CA THR E 169 18.99 62.49 96.83
C THR E 169 17.47 62.66 96.77
N TRP E 170 16.75 62.00 97.67
CA TRP E 170 15.31 62.21 97.82
C TRP E 170 14.87 62.46 99.25
N LEU E 171 13.79 63.26 99.38
CA LEU E 171 13.06 63.45 100.61
C LEU E 171 11.73 62.70 100.44
N SER E 172 11.43 61.84 101.41
CA SER E 172 10.21 61.07 101.44
C SER E 172 9.20 61.67 102.41
N SER E 173 7.91 61.59 102.04
CA SER E 173 6.81 62.02 102.94
C SER E 173 6.73 61.16 104.21
N ARG E 174 7.43 60.02 104.23
CA ARG E 174 7.58 59.24 105.47
C ARG E 174 8.63 59.81 106.41
N LYS E 175 9.14 61.00 106.13
CA LYS E 175 10.09 61.71 107.03
C LYS E 175 11.45 61.11 107.16
N TYR E 176 12.05 60.81 106.02
CA TYR E 176 13.44 60.53 105.95
C TYR E 176 13.90 61.02 104.56
N ALA E 177 15.20 61.18 104.42
CA ALA E 177 15.81 61.46 103.15
C ALA E 177 16.88 60.40 102.87
N LEU E 178 17.12 60.13 101.61
CA LEU E 178 18.11 59.15 101.17
C LEU E 178 19.09 59.84 100.26
N HIS E 179 20.36 59.53 100.39
CA HIS E 179 21.40 60.07 99.51
C HIS E 179 22.34 58.95 99.04
N VAL E 180 22.55 58.88 97.74
CA VAL E 180 23.47 57.88 97.18
C VAL E 180 24.81 58.62 96.91
N GLU E 181 25.88 58.16 97.55
CA GLU E 181 27.15 58.73 97.32
C GLU E 181 27.83 58.06 96.11
N THR E 182 27.59 58.70 94.98
CA THR E 182 28.12 58.30 93.70
C THR E 182 28.11 59.45 92.75
N SER E 183 29.00 59.37 91.77
CA SER E 183 28.91 60.26 90.60
C SER E 183 28.50 59.54 89.34
N ALA E 184 28.30 58.23 89.42
CA ALA E 184 27.87 57.49 88.24
C ALA E 184 26.46 57.87 87.78
N TYR E 185 26.15 57.52 86.57
CA TYR E 185 24.76 57.51 86.09
C TYR E 185 23.89 56.73 87.06
N SER E 186 22.77 57.30 87.42
CA SER E 186 21.82 56.63 88.30
C SER E 186 20.40 56.97 87.83
N VAL E 187 19.42 56.21 88.34
CA VAL E 187 18.01 56.42 88.00
C VAL E 187 17.16 56.20 89.25
N PHE E 188 16.24 57.15 89.52
CA PHE E 188 15.21 56.92 90.52
C PHE E 188 13.91 56.47 89.79
N ASP E 189 13.48 55.25 90.05
CA ASP E 189 12.26 54.68 89.51
C ASP E 189 11.17 54.62 90.60
N PHE E 190 10.22 55.56 90.48
CA PHE E 190 9.11 55.66 91.42
C PHE E 190 7.78 55.18 90.79
N ARG E 191 7.85 54.21 89.88
CA ARG E 191 6.60 53.76 89.18
C ARG E 191 5.78 52.77 89.98
N ASN E 192 6.37 52.07 90.95
CA ASN E 192 5.68 51.00 91.66
C ASN E 192 5.13 51.49 92.98
N GLY E 193 3.96 51.00 93.33
CA GLY E 193 3.27 51.38 94.54
C GLY E 193 3.93 50.93 95.84
N ASP E 194 4.62 49.79 95.81
CA ASP E 194 5.18 49.19 97.01
C ASP E 194 6.66 49.39 97.25
N PHE E 195 7.38 49.88 96.27
CA PHE E 195 8.79 50.16 96.43
C PHE E 195 9.25 51.25 95.46
N HIS E 196 10.33 51.93 95.87
CA HIS E 196 11.12 52.78 95.01
C HIS E 196 12.27 51.95 94.54
N GLU E 197 12.70 52.07 93.30
CA GLU E 197 13.91 51.35 92.87
C GLU E 197 14.98 52.31 92.37
N ILE E 198 16.19 52.15 92.90
CA ILE E 198 17.36 52.91 92.45
C ILE E 198 18.21 52.06 91.56
N GLU E 199 18.51 52.56 90.37
CA GLU E 199 19.49 51.93 89.48
C GLU E 199 20.80 52.77 89.53
N ILE E 200 21.95 52.11 89.66
CA ILE E 200 23.24 52.78 89.63
C ILE E 200 24.15 52.04 88.68
N TRP E 201 24.88 52.77 87.83
CA TRP E 201 25.82 52.13 86.93
C TRP E 201 27.20 52.02 87.59
N ALA E 202 27.21 51.50 88.81
CA ALA E 202 28.34 51.30 89.68
C ALA E 202 27.82 50.69 90.98
N VAL E 203 28.74 50.24 91.82
CA VAL E 203 28.40 49.86 93.18
C VAL E 203 28.79 51.01 94.06
N PRO E 204 27.85 51.81 94.49
CA PRO E 204 28.27 53.02 95.27
C PRO E 204 28.85 52.61 96.63
N GLU E 205 29.76 53.44 97.10
CA GLU E 205 30.49 53.22 98.37
C GLU E 205 29.45 53.17 99.50
N LYS E 206 28.49 54.07 99.46
CA LYS E 206 27.51 54.12 100.52
C LYS E 206 26.19 54.82 100.14
N ILE E 207 25.15 54.45 100.87
CA ILE E 207 23.87 55.13 100.82
C ILE E 207 23.58 55.63 102.24
N GLU E 208 23.28 56.91 102.37
CA GLU E 208 23.11 57.57 103.63
C GLU E 208 21.69 58.07 103.83
N PHE E 209 21.27 58.06 105.09
CA PHE E 209 19.91 58.34 105.50
C PHE E 209 19.89 59.43 106.56
N PHE E 210 18.84 60.24 106.52
CA PHE E 210 18.63 61.39 107.40
C PHE E 210 17.17 61.35 107.82
N ALA E 211 16.91 61.49 109.10
CA ALA E 211 15.56 61.49 109.59
C ALA E 211 15.34 62.67 110.52
N GLY E 212 14.10 62.92 110.87
CA GLY E 212 13.78 63.98 111.79
C GLY E 212 12.28 64.03 112.00
N ASP E 213 11.87 64.81 113.01
CA ASP E 213 10.47 64.94 113.32
C ASP E 213 9.71 65.79 112.37
N SER E 214 10.37 66.66 111.65
CA SER E 214 9.69 67.50 110.68
C SER E 214 10.48 67.52 109.37
N PHE E 215 9.79 67.87 108.28
CA PHE E 215 10.47 68.05 107.00
C PHE E 215 11.53 69.15 107.12
N ALA E 216 11.21 70.25 107.81
CA ALA E 216 12.18 71.34 108.02
C ALA E 216 13.46 70.84 108.69
N ASP E 217 13.35 69.99 109.69
CA ASP E 217 14.52 69.44 110.33
C ASP E 217 15.33 68.59 109.39
N ILE E 218 14.68 67.84 108.52
CA ILE E 218 15.43 66.99 107.61
C ILE E 218 16.16 67.87 106.56
N VAL E 219 15.51 68.89 106.05
CA VAL E 219 16.16 69.83 105.15
C VAL E 219 17.37 70.53 105.84
N SER E 220 17.25 70.90 107.11
CA SER E 220 18.43 71.43 107.87
C SER E 220 19.58 70.45 107.89
N ALA E 221 19.28 69.21 108.20
CA ALA E 221 20.30 68.19 108.26
C ALA E 221 20.97 67.97 106.88
N LEU E 222 20.14 67.90 105.82
CA LEU E 222 20.67 67.79 104.47
C LEU E 222 21.58 68.97 104.14
N SER E 223 21.16 70.19 104.44
CA SER E 223 21.94 71.38 104.11
C SER E 223 23.28 71.41 104.86
N LEU E 224 23.28 70.88 106.08
CA LEU E 224 24.52 70.78 106.84
C LEU E 224 25.42 69.74 106.20
N HIS E 225 24.86 68.64 105.71
CA HIS E 225 25.65 67.61 105.06
C HIS E 225 26.25 68.09 103.70
N PHE E 226 25.48 68.82 102.87
CA PHE E 226 26.00 69.26 101.54
C PHE E 226 26.75 70.60 101.62
N GLY E 227 26.40 71.42 102.61
CA GLY E 227 27.06 72.70 102.93
C GLY E 227 26.10 73.85 102.59
N ARG E 228 26.08 74.88 103.41
CA ARG E 228 25.24 76.03 103.22
C ARG E 228 25.90 77.14 102.45
N GLN E 229 25.13 78.11 102.03
CA GLN E 229 25.64 79.22 101.28
C GLN E 229 25.86 80.42 102.17
N PRO E 230 26.69 81.36 101.75
CA PRO E 230 26.79 82.62 102.50
C PRO E 230 25.48 83.38 102.38
N GLU E 231 25.28 84.33 103.28
CA GLU E 231 24.16 85.25 103.13
C GLU E 231 24.30 86.09 101.87
N LEU E 232 23.19 86.55 101.34
CA LEU E 232 23.27 87.35 100.14
C LEU E 232 24.04 88.65 100.45
N PRO E 233 24.86 89.16 99.52
CA PRO E 233 25.55 90.44 99.78
C PRO E 233 24.56 91.58 99.86
N ASP E 234 24.87 92.56 100.69
CA ASP E 234 23.94 93.67 100.89
C ASP E 234 23.64 94.45 99.60
N TRP E 235 24.59 94.53 98.67
CA TRP E 235 24.35 95.35 97.48
C TRP E 235 23.21 94.86 96.58
N VAL E 236 22.95 93.55 96.64
CA VAL E 236 21.83 92.93 95.92
C VAL E 236 20.46 93.56 96.19
N TYR E 237 20.29 93.96 97.45
CA TYR E 237 19.05 94.60 97.91
C TYR E 237 18.76 95.97 97.33
N ASN E 238 19.72 96.56 96.64
CA ASN E 238 19.49 97.87 95.99
C ASN E 238 18.58 97.75 94.77
N GLY E 239 18.31 96.56 94.27
CA GLY E 239 17.36 96.46 93.13
C GLY E 239 17.71 95.37 92.15
N ALA E 240 17.30 95.55 90.90
CA ALA E 240 17.50 94.56 89.83
C ALA E 240 18.89 94.61 89.21
N ILE E 241 19.34 93.45 88.74
CA ILE E 241 20.52 93.31 87.93
C ILE E 241 20.02 93.36 86.50
N ILE E 242 20.35 94.43 85.78
CA ILE E 242 19.93 94.62 84.40
C ILE E 242 20.88 93.90 83.44
N GLY E 243 20.31 92.96 82.68
CA GLY E 243 21.05 92.17 81.72
C GLY E 243 21.02 92.79 80.33
N LEU E 244 22.17 93.25 79.85
CA LEU E 244 22.26 93.82 78.51
C LEU E 244 23.46 93.25 77.85
N LYS E 245 23.36 93.14 76.54
CA LYS E 245 24.42 92.55 75.73
C LYS E 245 24.60 93.33 74.45
N ASP E 246 24.53 94.64 74.56
CA ASP E 246 24.47 95.54 73.42
C ASP E 246 25.73 96.42 73.36
N GLY E 247 26.87 95.91 73.85
CA GLY E 247 28.10 96.68 73.80
C GLY E 247 27.95 98.07 74.45
N VAL E 248 28.59 99.06 73.84
CA VAL E 248 28.61 100.42 74.37
C VAL E 248 27.18 100.98 74.48
N ASN E 249 26.29 100.58 73.56
CA ASN E 249 24.91 100.99 73.66
C ASN E 249 24.17 100.50 74.94
N SER E 250 24.73 99.49 75.62
CA SER E 250 24.16 99.05 76.90
C SER E 250 23.99 100.21 77.87
N PHE E 251 24.94 101.17 77.86
CA PHE E 251 24.96 102.24 78.89
C PHE E 251 23.82 103.19 78.71
N ALA E 252 23.56 103.57 77.48
CA ALA E 252 22.44 104.48 77.19
C ALA E 252 21.10 103.80 77.52
N ARG E 253 20.97 102.49 77.23
CA ARG E 253 19.74 101.81 77.54
C ARG E 253 19.55 101.68 79.06
N LEU E 254 20.65 101.45 79.79
CA LEU E 254 20.56 101.43 81.27
C LEU E 254 20.05 102.80 81.80
N GLU E 255 20.55 103.90 81.21
CA GLU E 255 20.12 105.25 81.68
C GLU E 255 18.61 105.42 81.48
N LYS E 256 18.12 104.95 80.35
CA LYS E 256 16.70 104.96 80.07
C LYS E 256 15.88 104.16 81.10
N ILE E 257 16.38 102.98 81.42
CA ILE E 257 15.75 102.13 82.47
C ILE E 257 15.73 102.86 83.81
N ARG E 258 16.87 103.46 84.16
CA ARG E 258 16.95 104.23 85.41
C ARG E 258 16.05 105.47 85.41
N ALA E 259 15.87 106.12 84.26
CA ALA E 259 15.01 107.34 84.18
C ALA E 259 13.55 107.01 84.45
N ALA E 260 13.14 105.76 84.27
CA ALA E 260 11.79 105.37 84.61
C ALA E 260 11.60 105.10 86.09
N GLY E 261 12.63 105.26 86.93
CA GLY E 261 12.50 105.03 88.37
C GLY E 261 12.91 103.64 88.83
N THR E 262 13.37 102.81 87.89
CA THR E 262 13.76 101.41 88.20
C THR E 262 14.86 101.40 89.26
N LYS E 263 14.71 100.55 90.28
CA LYS E 263 15.78 100.37 91.28
C LYS E 263 16.77 99.36 90.70
N VAL E 264 18.04 99.76 90.60
CA VAL E 264 19.08 98.96 89.98
C VAL E 264 20.22 98.71 90.93
N SER E 265 20.58 97.44 91.12
CA SER E 265 21.75 97.05 91.92
C SER E 265 22.99 96.80 91.05
N GLY E 266 22.80 96.41 89.80
CA GLY E 266 23.91 95.95 88.98
C GLY E 266 23.58 96.00 87.48
N LEU E 267 24.65 96.10 86.69
CA LEU E 267 24.58 95.91 85.25
C LEU E 267 25.35 94.66 84.95
N TRP E 268 24.69 93.72 84.28
CA TRP E 268 25.29 92.41 83.91
C TRP E 268 25.41 92.39 82.40
N CYS E 269 26.65 92.43 81.89
CA CYS E 269 26.96 92.45 80.46
C CYS E 269 27.71 91.17 80.12
N GLU E 270 26.99 90.14 79.71
CA GLU E 270 27.66 88.86 79.38
C GLU E 270 28.58 88.99 78.15
N ASP E 271 28.30 89.97 77.29
CA ASP E 271 29.12 90.25 76.12
C ASP E 271 30.37 91.10 76.45
N TRP E 272 30.74 91.19 77.74
CA TRP E 272 31.99 91.84 78.13
C TRP E 272 33.19 91.19 77.43
N VAL E 273 33.05 89.92 77.02
CA VAL E 273 34.10 89.22 76.28
C VAL E 273 33.92 89.29 74.75
N GLY E 274 32.87 89.96 74.26
CA GLY E 274 32.54 89.98 72.84
C GLY E 274 31.49 88.96 72.44
N LEU E 275 30.98 89.13 71.22
CA LEU E 275 29.93 88.28 70.65
C LEU E 275 30.52 87.33 69.65
N ARG E 276 29.89 86.18 69.45
CA ARG E 276 30.05 85.36 68.28
C ARG E 276 28.66 85.04 67.71
N GLN E 277 28.41 85.49 66.48
CA GLN E 277 27.13 85.19 65.82
C GLN E 277 27.16 83.76 65.32
N THR E 278 26.13 83.00 65.61
CA THR E 278 25.94 81.66 65.08
C THR E 278 24.53 81.46 64.58
N SER E 279 24.18 80.32 64.01
CA SER E 279 22.77 80.04 63.68
C SER E 279 21.86 80.13 64.89
N PHE E 280 22.36 79.88 66.10
CA PHE E 280 21.53 79.94 67.29
C PHE E 280 21.18 81.37 67.67
N GLY E 281 22.09 82.29 67.40
CA GLY E 281 21.88 83.74 67.56
C GLY E 281 23.14 84.49 67.96
N ALA E 282 22.98 85.48 68.85
CA ALA E 282 24.07 86.29 69.37
C ALA E 282 24.69 85.64 70.57
N ARG E 283 25.55 84.64 70.32
CA ARG E 283 26.28 83.97 71.39
C ARG E 283 27.55 84.76 71.73
N LEU E 284 28.28 84.28 72.72
CA LEU E 284 29.44 84.97 73.23
C LEU E 284 30.74 84.38 72.71
N PHE E 285 31.80 85.22 72.79
CA PHE E 285 33.16 84.80 72.40
C PHE E 285 33.86 84.26 73.63
N TRP E 286 34.13 82.94 73.64
CA TRP E 286 34.52 82.23 74.88
C TRP E 286 36.04 82.30 75.17
N ASP E 287 36.45 83.52 75.48
CA ASP E 287 37.83 83.82 75.84
C ASP E 287 37.74 84.82 77.01
N TRP E 288 38.12 84.38 78.20
CA TRP E 288 37.70 85.05 79.45
C TRP E 288 38.58 86.24 79.88
N GLN E 289 38.47 87.30 79.09
CA GLN E 289 39.09 88.58 79.41
C GLN E 289 38.31 89.69 78.70
N ALA E 290 38.37 90.89 79.25
CA ALA E 290 37.60 92.00 78.71
C ALA E 290 37.97 92.24 77.27
N ASN E 291 36.98 92.49 76.43
CA ASN E 291 37.16 92.71 75.00
C ASN E 291 37.11 94.22 74.73
N ASP E 292 38.27 94.78 74.46
CA ASP E 292 38.43 96.22 74.16
C ASP E 292 37.73 96.66 72.89
N THR E 293 37.45 95.75 71.95
CA THR E 293 36.65 96.14 70.79
C THR E 293 35.21 96.39 71.16
N ARG E 294 34.62 95.51 71.96
CA ARG E 294 33.21 95.63 72.32
C ARG E 294 32.96 96.69 73.39
N TYR E 295 33.87 96.77 74.37
CA TYR E 295 33.77 97.71 75.49
C TYR E 295 35.11 98.44 75.66
N PRO E 296 35.37 99.42 74.77
CA PRO E 296 36.72 100.02 74.79
C PRO E 296 37.08 100.77 76.08
N HIS E 297 36.14 101.13 76.95
CA HIS E 297 36.52 101.85 78.16
C HIS E 297 35.93 101.19 79.38
N LEU E 298 35.96 99.88 79.39
CA LEU E 298 35.13 99.11 80.33
C LEU E 298 35.56 99.39 81.76
N ARG E 299 36.88 99.40 81.99
CA ARG E 299 37.32 99.58 83.36
C ARG E 299 36.87 100.93 83.93
N GLN E 300 36.88 101.94 83.10
CA GLN E 300 36.38 103.26 83.48
C GLN E 300 34.88 103.31 83.73
N LYS E 301 34.14 102.67 82.84
CA LYS E 301 32.68 102.50 83.03
C LYS E 301 32.29 101.80 84.32
N ILE E 302 33.04 100.77 84.67
CA ILE E 302 32.81 100.09 85.93
C ILE E 302 32.98 101.05 87.10
N ALA E 303 34.04 101.88 87.06
CA ALA E 303 34.22 102.86 88.11
C ALA E 303 33.12 103.93 88.14
N GLU E 304 32.67 104.40 86.98
CA GLU E 304 31.51 105.36 86.91
C GLU E 304 30.26 104.77 87.52
N LEU E 305 29.97 103.51 87.16
CA LEU E 305 28.82 102.85 87.73
C LEU E 305 28.95 102.69 89.25
N ALA E 306 30.13 102.32 89.71
CA ALA E 306 30.34 102.15 91.16
C ALA E 306 30.04 103.45 91.90
N ASP E 307 30.44 104.59 91.33
CA ASP E 307 30.06 105.91 91.90
C ASP E 307 28.57 106.17 91.95
N GLN E 308 27.79 105.52 91.11
CA GLN E 308 26.35 105.64 91.17
C GLN E 308 25.75 104.53 92.03
N GLY E 309 26.55 103.74 92.76
CA GLY E 309 26.01 102.65 93.55
C GLY E 309 25.58 101.40 92.76
N ILE E 310 26.08 101.23 91.53
CA ILE E 310 25.71 100.13 90.69
C ILE E 310 26.91 99.24 90.40
N ARG E 311 26.77 97.95 90.71
CA ARG E 311 27.84 97.01 90.46
C ARG E 311 27.88 96.54 89.00
N PHE E 312 28.98 95.89 88.61
CA PHE E 312 29.12 95.35 87.26
C PHE E 312 29.40 93.85 87.32
N LEU E 313 28.68 93.11 86.47
CA LEU E 313 28.79 91.63 86.44
C LEU E 313 29.08 91.16 85.04
N GLY E 314 29.82 90.07 84.93
CA GLY E 314 30.15 89.47 83.62
C GLY E 314 29.69 88.02 83.48
N TYR E 315 30.54 87.23 82.81
CA TYR E 315 30.20 85.88 82.36
C TYR E 315 31.48 85.10 82.21
N VAL E 316 31.45 83.83 82.58
CA VAL E 316 32.56 82.94 82.35
C VAL E 316 32.04 81.50 82.30
N ASN E 317 32.77 80.60 81.63
CA ASN E 317 32.45 79.20 81.65
C ASN E 317 33.78 78.43 81.54
N PRO E 318 33.75 77.09 81.69
CA PRO E 318 34.99 76.38 81.90
C PRO E 318 35.64 75.83 80.67
N TYR E 319 35.28 76.37 79.50
CA TYR E 319 35.78 75.95 78.21
C TYR E 319 36.49 77.14 77.60
N LEU E 320 37.40 76.87 76.67
CA LEU E 320 38.10 77.93 75.92
C LEU E 320 37.99 77.70 74.42
N CYS E 321 37.53 78.71 73.69
CA CYS E 321 37.36 78.55 72.25
C CYS E 321 38.73 78.49 71.53
N VAL E 322 38.81 77.62 70.52
CA VAL E 322 40.05 77.37 69.83
C VAL E 322 40.60 78.59 69.10
N ASP E 323 39.76 79.57 68.80
CA ASP E 323 40.17 80.74 68.08
C ASP E 323 40.42 81.92 69.01
N GLY E 324 40.50 81.69 70.32
CA GLY E 324 40.81 82.72 71.26
C GLY E 324 42.29 82.67 71.71
N PRO E 325 42.80 83.81 72.21
CA PRO E 325 44.20 83.83 72.65
C PRO E 325 44.51 83.04 73.91
N LEU E 326 43.56 82.78 74.78
CA LEU E 326 43.87 81.94 75.98
C LEU E 326 44.03 80.49 75.64
N PHE E 327 43.42 80.00 74.56
CA PHE E 327 43.49 78.61 74.21
C PHE E 327 44.96 78.07 74.12
N PRO E 328 45.82 78.71 73.31
CA PRO E 328 47.22 78.22 73.29
C PRO E 328 47.98 78.37 74.62
N VAL E 329 47.61 79.31 75.47
CA VAL E 329 48.21 79.43 76.80
C VAL E 329 47.87 78.19 77.62
N ALA E 330 46.59 77.85 77.68
CA ALA E 330 46.18 76.65 78.41
C ALA E 330 46.73 75.38 77.82
N GLU E 331 46.76 75.31 76.50
CA GLU E 331 47.27 74.09 75.85
C GLU E 331 48.76 73.91 76.15
N SER E 332 49.52 75.00 76.09
CA SER E 332 50.96 74.95 76.34
C SER E 332 51.25 74.48 77.76
N ALA E 333 50.42 74.92 78.71
CA ALA E 333 50.56 74.46 80.10
C ALA E 333 50.04 73.02 80.35
N GLY E 334 49.38 72.40 79.38
CA GLY E 334 48.84 71.04 79.54
C GLY E 334 47.55 71.03 80.37
N TYR E 335 46.74 72.06 80.26
CA TYR E 335 45.56 72.23 81.09
C TYR E 335 44.22 71.70 80.49
N PHE E 336 44.26 71.09 79.31
CA PHE E 336 43.08 70.59 78.65
C PHE E 336 42.89 69.08 78.80
N ALA E 337 41.62 68.65 78.86
CA ALA E 337 41.32 67.23 78.70
C ALA E 337 41.79 66.75 77.31
N THR E 338 42.18 65.48 77.23
CA THR E 338 42.73 64.95 76.00
C THR E 338 41.86 63.87 75.39
N ASP E 339 42.11 63.58 74.11
CA ASP E 339 41.45 62.48 73.42
C ASP E 339 42.20 61.20 73.62
N VAL E 340 41.69 60.12 73.03
CA VAL E 340 42.33 58.81 73.15
C VAL E 340 43.80 58.78 72.70
N ASP E 341 44.20 59.63 71.75
CA ASP E 341 45.63 59.76 71.35
C ASP E 341 46.47 60.77 72.13
N GLY E 342 45.97 61.36 73.20
CA GLY E 342 46.74 62.34 73.98
C GLY E 342 46.74 63.75 73.40
N LYS E 343 46.01 64.04 72.31
CA LYS E 343 45.87 65.43 71.82
C LYS E 343 44.77 66.18 72.58
N THR E 344 44.78 67.50 72.63
CA THR E 344 43.69 68.27 73.17
C THR E 344 42.36 67.79 72.54
N ALA E 345 41.39 67.42 73.36
CA ALA E 345 40.07 67.04 72.88
C ALA E 345 39.28 68.30 72.53
N LEU E 346 38.81 68.41 71.28
CA LEU E 346 37.99 69.54 70.86
C LEU E 346 36.52 69.17 70.90
N VAL E 347 35.69 69.98 71.55
CA VAL E 347 34.27 69.71 71.65
C VAL E 347 33.55 70.76 70.83
N ASP E 348 32.55 70.32 70.08
CA ASP E 348 31.70 71.20 69.26
C ASP E 348 30.55 71.73 70.13
N PHE E 349 30.53 73.05 70.31
CA PHE E 349 29.47 73.71 71.08
C PHE E 349 28.38 74.36 70.23
N GLY E 350 28.50 74.23 68.92
CA GLY E 350 27.50 74.68 67.97
C GLY E 350 28.11 75.68 67.06
N GLU E 351 28.83 75.19 66.06
CA GLU E 351 29.53 75.97 65.06
C GLU E 351 30.81 76.66 65.58
N PHE E 352 31.31 76.25 66.74
CA PHE E 352 32.65 76.55 67.16
C PHE E 352 33.11 75.46 68.13
N ASP E 353 34.43 75.29 68.20
CA ASP E 353 35.08 74.29 69.03
C ASP E 353 35.81 74.88 70.20
N CYS E 354 35.84 74.10 71.30
CA CYS E 354 36.51 74.52 72.50
C CYS E 354 37.31 73.37 73.09
N GLY E 355 38.35 73.74 73.82
CA GLY E 355 38.99 72.85 74.75
C GLY E 355 38.31 72.91 76.09
N VAL E 356 38.42 71.79 76.81
CA VAL E 356 37.81 71.59 78.16
C VAL E 356 38.91 71.74 79.20
N VAL E 357 38.86 72.80 80.03
CA VAL E 357 39.87 72.96 81.06
C VAL E 357 39.72 71.82 82.08
N ASP E 358 40.78 71.05 82.30
CA ASP E 358 40.73 69.82 83.04
C ASP E 358 40.90 70.07 84.53
N PHE E 359 39.80 70.25 85.25
CA PHE E 359 39.83 70.50 86.66
C PHE E 359 40.26 69.33 87.53
N THR E 360 40.50 68.14 86.99
CA THR E 360 41.11 67.08 87.75
C THR E 360 42.62 67.27 87.88
N ASN E 361 43.20 68.13 87.05
CA ASN E 361 44.59 68.55 87.16
C ASN E 361 44.59 69.77 88.14
N PRO E 362 45.17 69.60 89.35
CA PRO E 362 45.13 70.69 90.34
C PRO E 362 45.76 71.99 89.84
N ALA E 363 46.79 71.90 89.00
CA ALA E 363 47.43 73.12 88.47
C ALA E 363 46.51 73.88 87.51
N ALA E 364 45.71 73.13 86.73
CA ALA E 364 44.72 73.75 85.85
C ALA E 364 43.61 74.42 86.64
N ALA E 365 43.13 73.75 87.68
CA ALA E 365 42.09 74.34 88.53
C ALA E 365 42.56 75.61 89.22
N ASP E 366 43.78 75.54 89.75
CA ASP E 366 44.41 76.72 90.40
C ASP E 366 44.64 77.87 89.41
N TRP E 367 45.15 77.56 88.23
CA TRP E 367 45.30 78.56 87.20
C TRP E 367 43.99 79.25 86.85
N PHE E 368 42.90 78.45 86.67
CA PHE E 368 41.64 79.07 86.32
C PHE E 368 41.18 80.02 87.43
N ALA E 369 41.25 79.55 88.67
CA ALA E 369 40.86 80.38 89.80
C ALA E 369 41.68 81.65 89.94
N ALA E 370 43.00 81.52 89.80
CA ALA E 370 43.93 82.67 89.99
C ALA E 370 43.94 83.67 88.79
N ALA E 371 44.14 83.14 87.61
CA ALA E 371 44.34 83.96 86.40
C ALA E 371 43.04 84.49 85.81
N ILE E 372 41.97 83.66 85.84
CA ILE E 372 40.70 84.07 85.23
C ILE E 372 39.75 84.68 86.21
N ILE E 373 39.34 83.90 87.21
CA ILE E 373 38.40 84.43 88.20
C ILE E 373 39.07 85.60 88.98
N GLY E 374 40.26 85.34 89.48
CA GLY E 374 41.02 86.33 90.28
C GLY E 374 41.46 87.56 89.49
N LYS E 375 42.35 87.36 88.56
CA LYS E 375 42.99 88.48 87.86
C LYS E 375 42.05 89.09 86.79
N ASN E 376 41.49 88.28 85.87
CA ASN E 376 40.73 88.84 84.76
C ASN E 376 39.33 89.33 85.11
N MET E 377 38.80 88.85 86.25
CA MET E 377 37.43 89.19 86.62
C MET E 377 37.36 90.03 87.91
N LEU E 378 37.68 89.45 89.06
CA LEU E 378 37.62 90.18 90.30
C LEU E 378 38.55 91.37 90.33
N ASP E 379 39.81 91.21 89.98
CA ASP E 379 40.74 92.35 90.01
C ASP E 379 40.37 93.36 88.94
N PHE E 380 39.69 92.96 87.87
CA PHE E 380 39.25 93.93 86.88
C PHE E 380 38.07 94.79 87.38
N GLY E 381 37.41 94.40 88.48
CA GLY E 381 36.33 95.19 89.09
C GLY E 381 34.94 94.56 89.00
N LEU E 382 34.82 93.29 88.56
CA LEU E 382 33.51 92.60 88.55
C LEU E 382 33.10 92.28 90.00
N SER E 383 31.85 92.54 90.36
CA SER E 383 31.30 92.09 91.64
C SER E 383 30.62 90.73 91.52
N GLY E 384 30.52 90.18 90.30
CA GLY E 384 29.89 88.91 90.11
C GLY E 384 29.77 88.57 88.65
N TRP E 385 29.15 87.40 88.39
CA TRP E 385 29.09 86.89 87.04
C TRP E 385 28.18 85.67 86.98
N MET E 386 27.69 85.40 85.77
CA MET E 386 27.10 84.13 85.44
C MET E 386 28.28 83.13 85.29
N ALA E 387 28.27 82.07 86.09
CA ALA E 387 29.25 81.00 85.99
C ALA E 387 28.60 79.81 85.30
N ASP E 388 28.70 79.79 83.98
CA ASP E 388 27.86 78.98 83.14
C ASP E 388 28.45 77.62 82.85
N PHE E 389 27.62 76.76 82.27
CA PHE E 389 27.97 75.42 81.84
C PHE E 389 28.44 74.51 83.01
N GLY E 390 29.19 73.44 82.71
CA GLY E 390 29.44 72.39 83.64
C GLY E 390 28.84 71.02 83.29
N GLU E 391 27.93 71.04 82.32
CA GLU E 391 27.08 69.89 82.04
C GLU E 391 27.50 69.11 80.80
N TYR E 392 28.58 69.49 80.11
CA TYR E 392 28.95 68.96 78.80
C TYR E 392 30.16 68.02 78.74
N LEU E 393 30.62 67.44 79.84
CA LEU E 393 31.78 66.56 79.68
C LEU E 393 31.45 65.32 78.89
N PRO E 394 32.00 65.14 77.68
CA PRO E 394 31.72 63.91 76.93
C PRO E 394 32.36 62.73 77.64
N ILE E 395 31.92 61.56 77.30
CA ILE E 395 32.43 60.39 77.97
C ILE E 395 33.58 59.68 77.26
N ASP E 396 34.00 60.19 76.13
CA ASP E 396 35.09 59.60 75.38
C ASP E 396 36.38 60.46 75.55
N ILE E 397 36.48 61.33 76.56
CA ILE E 397 37.69 62.04 76.79
C ILE E 397 38.44 61.55 78.01
N LYS E 398 39.70 61.94 78.10
CA LYS E 398 40.65 61.47 79.13
C LYS E 398 40.96 62.60 80.04
N LEU E 399 40.94 62.29 81.35
CA LEU E 399 41.21 63.26 82.37
C LEU E 399 42.54 62.97 83.01
N SER E 400 43.14 64.03 83.48
CA SER E 400 44.46 63.99 84.15
C SER E 400 44.46 63.05 85.37
N ASN E 401 43.36 62.96 86.14
CA ASN E 401 43.35 62.03 87.27
C ASN E 401 43.19 60.57 86.85
N GLY E 402 43.06 60.25 85.55
CA GLY E 402 42.88 58.85 85.13
C GLY E 402 41.50 58.23 85.47
N VAL E 403 40.57 58.98 86.03
CA VAL E 403 39.24 58.46 86.35
C VAL E 403 38.40 58.51 85.06
N ASP E 404 37.67 57.43 84.80
CA ASP E 404 36.76 57.40 83.64
C ASP E 404 35.83 58.61 83.55
N ALA E 405 35.72 59.17 82.36
CA ALA E 405 34.82 60.31 82.09
C ALA E 405 33.37 60.02 82.42
N LYS E 406 32.98 58.77 82.37
CA LYS E 406 31.64 58.36 82.83
C LYS E 406 31.37 58.62 84.28
N LEU E 407 32.42 58.58 85.10
CA LEU E 407 32.30 58.95 86.49
C LEU E 407 32.55 60.42 86.72
N MET E 408 33.38 61.08 85.89
CA MET E 408 33.67 62.50 86.11
C MET E 408 32.59 63.42 85.60
N HIS E 409 31.79 62.94 84.65
CA HIS E 409 30.76 63.76 84.02
C HIS E 409 29.85 64.48 85.01
N ASN E 410 29.24 63.72 85.92
CA ASN E 410 28.32 64.33 86.90
C ASN E 410 29.07 65.13 87.94
N ALA E 411 30.34 64.80 88.20
CA ALA E 411 31.14 65.56 89.20
C ALA E 411 31.52 66.95 88.70
N TRP E 412 31.50 67.14 87.37
CA TRP E 412 32.07 68.31 86.80
C TRP E 412 31.46 69.60 87.35
N PRO E 413 30.14 69.68 87.45
CA PRO E 413 29.62 70.94 87.95
C PRO E 413 30.11 71.32 89.35
N THR E 414 30.32 70.33 90.19
CA THR E 414 30.82 70.60 91.56
C THR E 414 32.28 71.12 91.52
N LEU E 415 33.12 70.49 90.68
CA LEU E 415 34.51 70.93 90.50
C LEU E 415 34.52 72.36 89.99
N TRP E 416 33.63 72.68 89.06
CA TRP E 416 33.54 74.00 88.47
C TRP E 416 33.09 75.02 89.50
N ALA E 417 32.10 74.64 90.30
CA ALA E 417 31.68 75.53 91.38
C ALA E 417 32.85 75.82 92.33
N GLU E 418 33.63 74.80 92.62
CA GLU E 418 34.72 74.97 93.54
C GLU E 418 35.83 75.94 93.01
N VAL E 419 36.10 75.86 91.70
CA VAL E 419 37.03 76.77 91.03
C VAL E 419 36.56 78.23 91.25
N ASN E 420 35.29 78.50 91.00
CA ASN E 420 34.76 79.83 91.21
C ASN E 420 34.91 80.26 92.67
N ALA E 421 34.54 79.37 93.59
CA ALA E 421 34.56 79.72 95.01
C ALA E 421 36.00 80.02 95.49
N LYS E 422 36.96 79.23 95.03
CA LYS E 422 38.36 79.46 95.36
C LYS E 422 38.86 80.78 94.86
N GLY E 423 38.48 81.16 93.65
CA GLY E 423 38.86 82.46 93.11
C GLY E 423 38.37 83.59 93.95
N VAL E 424 37.09 83.51 94.30
CA VAL E 424 36.42 84.49 95.15
C VAL E 424 37.11 84.57 96.54
N GLU E 425 37.39 83.41 97.12
CA GLU E 425 38.03 83.32 98.42
C GLU E 425 39.44 83.89 98.38
N SER E 426 40.19 83.68 97.29
CA SER E 426 41.53 84.19 97.18
C SER E 426 41.56 85.74 97.21
N ARG E 427 40.46 86.43 96.91
CA ARG E 427 40.39 87.89 97.06
C ARG E 427 39.64 88.35 98.30
N GLY E 428 39.37 87.47 99.26
CA GLY E 428 38.58 87.79 100.45
C GLY E 428 37.15 88.25 100.15
N LYS E 429 36.53 87.76 99.09
CA LYS E 429 35.23 88.28 98.68
C LYS E 429 34.08 87.29 98.84
N THR E 430 34.29 86.23 99.61
CA THR E 430 33.20 85.30 99.88
C THR E 430 32.08 86.02 100.60
N GLY E 431 30.86 85.96 100.10
CA GLY E 431 29.77 86.69 100.70
C GLY E 431 29.59 88.11 100.17
N GLU E 432 30.44 88.53 99.24
CA GLU E 432 30.36 89.83 98.65
C GLU E 432 30.29 89.73 97.10
N ALA E 433 31.16 88.93 96.48
CA ALA E 433 31.03 88.65 95.07
C ALA E 433 29.90 87.65 94.86
N LEU E 434 29.13 87.81 93.80
CA LEU E 434 27.95 86.98 93.57
C LEU E 434 28.04 86.29 92.21
N PHE E 435 28.34 84.98 92.23
CA PHE E 435 28.25 84.24 90.98
C PHE E 435 27.07 83.27 91.08
N PHE E 436 26.52 82.93 89.90
CA PHE E 436 25.34 82.07 89.81
C PHE E 436 25.53 81.01 88.74
N MET E 437 25.11 79.78 89.10
CA MET E 437 25.24 78.62 88.23
C MET E 437 23.88 78.03 87.87
N ARG E 438 23.80 77.42 86.69
CA ARG E 438 22.66 76.63 86.30
C ARG E 438 22.93 75.14 86.41
N ALA E 439 24.18 74.74 86.36
CA ALA E 439 24.53 73.31 86.48
C ALA E 439 24.92 72.97 87.90
N GLY E 440 24.72 71.72 88.27
CA GLY E 440 25.01 71.27 89.63
C GLY E 440 25.08 69.77 89.72
N PHE E 441 25.59 69.32 90.86
CA PHE E 441 25.53 67.93 91.30
C PHE E 441 25.79 67.96 92.82
N THR E 442 25.80 66.82 93.44
CA THR E 442 26.10 66.68 94.85
C THR E 442 27.31 67.56 95.23
N GLY E 443 27.13 68.50 96.15
CA GLY E 443 28.25 69.25 96.70
C GLY E 443 28.35 70.66 96.16
N VAL E 444 27.63 70.94 95.09
CA VAL E 444 27.62 72.28 94.54
C VAL E 444 27.15 73.30 95.57
N GLN E 445 26.32 72.84 96.50
CA GLN E 445 25.76 73.65 97.59
C GLN E 445 26.83 74.37 98.43
N ALA E 446 27.95 73.70 98.63
CA ALA E 446 29.01 74.25 99.48
C ALA E 446 29.77 75.40 98.81
N HIS E 447 29.71 75.51 97.48
CA HIS E 447 30.56 76.41 96.71
C HIS E 447 29.80 77.50 95.96
N CYS E 448 28.59 77.22 95.49
CA CYS E 448 27.84 78.15 94.72
C CYS E 448 26.84 78.92 95.61
N PRO E 449 26.89 80.25 95.58
CA PRO E 449 26.00 81.04 96.44
C PRO E 449 24.59 81.29 95.90
N LEU E 450 24.35 80.98 94.62
CA LEU E 450 23.09 81.34 93.98
C LEU E 450 22.90 80.48 92.73
N ILE E 451 21.75 79.84 92.59
CA ILE E 451 21.36 79.04 91.42
C ILE E 451 20.50 79.92 90.53
N TRP E 452 20.65 79.78 89.24
CA TRP E 452 19.58 80.19 88.34
C TRP E 452 19.01 79.02 87.58
N GLY E 453 17.75 79.21 87.15
CA GLY E 453 16.95 78.16 86.49
C GLY E 453 17.31 77.79 85.07
N GLY E 454 18.44 78.28 84.57
CA GLY E 454 18.89 77.94 83.23
C GLY E 454 18.04 78.58 82.16
N ASN E 455 17.96 77.95 81.02
CA ASN E 455 17.23 78.49 79.86
C ASN E 455 15.78 77.98 79.82
N GLN E 456 14.82 78.89 80.08
CA GLN E 456 13.43 78.59 79.78
C GLN E 456 13.21 79.08 78.35
N SER E 457 12.25 78.48 77.67
CA SER E 457 11.68 79.07 76.48
C SER E 457 10.99 80.40 76.86
N VAL E 458 10.86 81.26 75.88
CA VAL E 458 10.20 82.59 76.09
C VAL E 458 8.67 82.45 76.02
N ASP E 459 8.09 81.64 76.92
CA ASP E 459 6.67 81.29 76.80
C ASP E 459 6.12 80.85 78.16
N PHE E 460 4.81 80.59 78.13
CA PHE E 460 4.07 80.08 79.25
C PHE E 460 3.88 78.54 79.17
N SER E 461 4.77 77.81 78.49
CA SER E 461 4.56 76.40 78.32
C SER E 461 4.71 75.68 79.67
N ARG E 462 4.06 74.51 79.75
CA ARG E 462 4.04 73.74 80.97
C ARG E 462 5.45 73.15 81.28
N HIS E 463 6.16 72.71 80.24
CA HIS E 463 7.42 72.02 80.45
C HIS E 463 8.70 72.78 80.13
N ASP E 464 8.60 74.02 79.64
CA ASP E 464 9.77 74.87 79.49
C ASP E 464 9.52 76.38 79.68
N GLY E 465 8.40 76.74 80.26
CA GLY E 465 8.04 78.17 80.45
C GLY E 465 8.18 78.58 81.89
N LEU E 466 7.56 79.71 82.18
CA LEU E 466 7.62 80.33 83.50
C LEU E 466 7.42 79.35 84.66
N VAL E 467 6.41 78.50 84.56
CA VAL E 467 6.01 77.64 85.68
C VAL E 467 7.13 76.68 86.09
N THR E 468 7.99 76.31 85.15
CA THR E 468 9.07 75.37 85.45
C THR E 468 10.10 75.92 86.41
N VAL E 469 10.22 77.25 86.46
CA VAL E 469 11.15 77.90 87.37
C VAL E 469 10.80 77.54 88.82
N ILE E 470 9.52 77.52 89.13
CA ILE E 470 9.05 77.29 90.50
C ILE E 470 9.38 75.88 90.93
N CYS E 471 9.16 74.95 90.01
CA CYS E 471 9.53 73.55 90.28
C CYS E 471 11.02 73.43 90.60
N GLY E 472 11.84 74.10 89.78
CA GLY E 472 13.29 74.18 89.99
C GLY E 472 13.70 74.74 91.34
N ALA E 473 13.06 75.85 91.72
CA ALA E 473 13.32 76.47 93.01
C ALA E 473 12.95 75.52 94.17
N LEU E 474 11.77 74.91 94.08
CA LEU E 474 11.28 74.12 95.21
C LEU E 474 12.15 72.87 95.39
N SER E 475 12.41 72.15 94.29
CA SER E 475 13.22 70.92 94.36
C SER E 475 14.66 71.25 94.81
N SER E 476 15.32 72.20 94.17
CA SER E 476 16.69 72.55 94.54
C SER E 476 16.82 73.10 95.99
N GLY E 477 15.80 73.81 96.48
CA GLY E 477 15.73 74.26 97.84
C GLY E 477 15.72 73.12 98.87
N LEU E 478 14.98 72.05 98.61
CA LEU E 478 15.00 70.91 99.50
C LEU E 478 16.35 70.22 99.56
N MET E 479 17.11 70.34 98.47
CA MET E 479 18.45 69.78 98.37
C MET E 479 19.51 70.69 99.04
N GLY E 480 19.12 71.84 99.58
CA GLY E 480 19.99 72.70 100.34
C GLY E 480 20.55 73.91 99.63
N ASN E 481 20.00 74.22 98.45
CA ASN E 481 20.31 75.42 97.71
C ASN E 481 19.27 76.45 98.06
N ALA E 482 19.63 77.37 98.93
CA ALA E 482 18.62 78.29 99.51
C ALA E 482 18.18 79.41 98.59
N TYR E 483 18.96 79.71 97.56
CA TYR E 483 18.73 80.87 96.71
C TYR E 483 18.62 80.48 95.25
N HIS E 484 17.47 80.79 94.64
CA HIS E 484 17.15 80.44 93.26
C HIS E 484 16.61 81.67 92.55
N HIS E 485 16.84 81.81 91.25
CA HIS E 485 16.23 82.86 90.49
C HIS E 485 16.18 82.48 89.07
N SER E 486 15.59 83.34 88.26
CA SER E 486 15.47 83.03 86.83
C SER E 486 15.66 84.24 85.95
N ASP E 487 15.87 84.01 84.66
CA ASP E 487 15.89 85.09 83.68
C ASP E 487 14.48 85.68 83.58
N ILE E 488 14.31 86.95 83.88
CA ILE E 488 13.02 87.61 83.66
C ILE E 488 12.70 87.67 82.16
N GLY E 489 11.63 86.98 81.77
CA GLY E 489 11.17 86.90 80.41
C GLY E 489 11.72 85.68 79.69
N GLY E 490 12.42 84.78 80.39
CA GLY E 490 12.97 83.59 79.74
C GLY E 490 14.16 83.87 78.82
N TYR E 491 14.66 82.81 78.16
CA TYR E 491 15.86 82.90 77.35
C TYR E 491 15.64 82.49 75.91
N THR E 492 15.19 81.27 75.69
CA THR E 492 15.31 80.63 74.39
C THR E 492 14.23 81.04 73.39
N SER E 493 14.64 81.73 72.33
CA SER E 493 13.78 82.18 71.27
C SER E 493 14.22 81.46 69.98
N LEU E 494 13.39 80.51 69.52
CA LEU E 494 13.62 79.71 68.34
C LEU E 494 12.29 79.42 67.68
N PHE E 495 12.34 79.19 66.36
CA PHE E 495 11.20 78.69 65.61
C PHE E 495 9.98 79.62 65.72
N GLY E 496 10.21 80.91 65.75
CA GLY E 496 9.14 81.91 65.89
C GLY E 496 8.63 82.15 67.29
N ASN E 497 9.14 81.45 68.31
CA ASN E 497 8.72 81.69 69.67
C ASN E 497 9.49 82.94 70.17
N VAL E 498 8.73 84.01 70.44
CA VAL E 498 9.25 85.29 70.89
C VAL E 498 8.44 85.78 72.08
N ARG E 499 9.02 86.68 72.85
CA ARG E 499 8.36 87.17 74.07
C ARG E 499 7.12 87.98 73.76
N THR E 500 6.21 88.06 74.71
CA THR E 500 5.17 89.06 74.69
C THR E 500 5.38 90.00 75.88
N ALA E 501 4.78 91.17 75.83
CA ALA E 501 4.75 92.10 76.95
C ALA E 501 4.22 91.40 78.20
N GLU E 502 3.13 90.66 78.03
CA GLU E 502 2.46 89.98 79.15
C GLU E 502 3.39 88.97 79.81
N LEU E 503 4.10 88.22 79.00
CA LEU E 503 5.10 87.28 79.51
C LEU E 503 6.14 87.98 80.40
N ILE E 504 6.71 89.05 79.90
CA ILE E 504 7.71 89.78 80.68
C ILE E 504 7.13 90.23 82.00
N MET E 505 5.94 90.83 81.94
CA MET E 505 5.31 91.37 83.15
C MET E 505 5.00 90.26 84.20
N ARG E 506 4.44 89.15 83.74
CA ARG E 506 4.20 88.04 84.67
C ARG E 506 5.48 87.48 85.29
N TRP E 507 6.54 87.42 84.48
CA TRP E 507 7.81 86.91 84.99
C TRP E 507 8.40 87.86 86.01
N THR E 508 8.27 89.17 85.76
CA THR E 508 8.78 90.19 86.69
C THR E 508 8.06 90.09 88.02
N GLU E 509 6.74 89.82 87.96
CA GLU E 509 5.86 89.72 89.15
C GLU E 509 6.37 88.63 90.06
N MET E 510 6.68 87.48 89.48
CA MET E 510 7.27 86.38 90.26
C MET E 510 8.65 86.81 90.80
N ALA E 511 9.50 87.37 89.93
CA ALA E 511 10.89 87.60 90.29
C ALA E 511 11.08 88.55 91.49
N ALA E 512 10.17 89.51 91.63
CA ALA E 512 10.18 90.44 92.76
C ALA E 512 10.03 89.74 94.13
N PHE E 513 9.48 88.52 94.12
CA PHE E 513 9.37 87.69 95.33
C PHE E 513 10.28 86.47 95.19
N THR E 514 11.52 86.75 94.80
CA THR E 514 12.63 85.78 94.80
C THR E 514 13.88 86.54 95.24
N PRO E 515 14.95 85.84 95.60
CA PRO E 515 16.19 86.53 96.02
C PRO E 515 16.80 87.53 95.07
N VAL E 516 16.67 87.32 93.77
CA VAL E 516 17.35 88.18 92.79
C VAL E 516 16.52 88.44 91.54
N MET E 517 16.30 89.73 91.27
CA MET E 517 15.69 90.15 90.00
C MET E 517 16.81 90.39 88.99
N ARG E 518 16.74 89.69 87.86
CA ARG E 518 17.76 89.84 86.82
C ARG E 518 17.08 89.65 85.44
N THR E 519 17.39 90.57 84.52
CA THR E 519 16.94 90.44 83.15
C THR E 519 18.03 89.83 82.28
N HIS E 520 17.66 89.50 81.02
CA HIS E 520 18.55 88.86 80.07
C HIS E 520 17.94 89.17 78.70
N GLU E 521 18.75 89.66 77.79
CA GLU E 521 18.26 89.87 76.42
C GLU E 521 18.03 88.58 75.62
N GLY E 522 18.66 87.47 76.01
CA GLY E 522 18.39 86.18 75.38
C GLY E 522 19.30 85.92 74.20
N ASN E 523 19.00 84.87 73.45
CA ASN E 523 19.82 84.43 72.34
C ASN E 523 19.63 85.26 71.09
N ARG E 524 18.47 85.92 70.96
CA ARG E 524 18.23 86.74 69.75
C ARG E 524 17.64 88.08 70.17
N PRO E 525 18.50 88.95 70.70
CA PRO E 525 18.01 90.17 71.33
C PRO E 525 17.10 91.04 70.46
N ARG E 526 17.44 91.18 69.17
CA ARG E 526 16.64 92.07 68.33
C ARG E 526 15.30 91.44 67.86
N ASP E 527 15.11 90.15 68.06
CA ASP E 527 13.80 89.52 67.76
C ASP E 527 12.86 89.53 68.95
N ASN E 528 13.32 89.89 70.14
CA ASN E 528 12.52 89.79 71.32
C ASN E 528 12.38 91.11 72.05
N LEU E 529 11.17 91.36 72.55
CA LEU E 529 10.93 92.52 73.38
C LEU E 529 11.85 92.49 74.60
N GLN E 530 12.45 93.63 74.90
CA GLN E 530 13.28 93.82 76.09
C GLN E 530 12.59 94.81 77.02
N ILE E 531 12.98 94.81 78.30
CA ILE E 531 12.24 95.60 79.29
C ILE E 531 12.20 97.12 79.04
N ASP E 532 13.21 97.64 78.34
CA ASP E 532 13.29 99.08 78.06
C ASP E 532 12.48 99.48 76.82
N GLN E 533 11.92 98.54 76.07
CA GLN E 533 11.38 98.88 74.76
C GLN E 533 9.91 99.16 74.74
N ASP E 534 9.20 99.00 75.85
CA ASP E 534 7.77 99.26 75.86
C ASP E 534 7.48 100.01 77.14
N GLU E 535 6.80 101.14 77.01
CA GLU E 535 6.50 102.04 78.14
C GLU E 535 5.77 101.32 79.30
N THR E 536 4.72 100.57 78.96
CA THR E 536 3.94 99.86 79.95
C THR E 536 4.77 98.83 80.67
N VAL E 537 5.53 98.04 79.90
CA VAL E 537 6.39 96.99 80.48
C VAL E 537 7.43 97.63 81.40
N LEU E 538 8.06 98.71 80.94
CA LEU E 538 9.12 99.37 81.74
C LEU E 538 8.57 99.94 83.05
N ALA E 539 7.40 100.58 82.98
CA ALA E 539 6.78 101.17 84.20
C ALA E 539 6.39 100.04 85.16
N HIS E 540 5.86 98.94 84.62
CA HIS E 540 5.50 97.78 85.45
C HIS E 540 6.78 97.22 86.11
N PHE E 541 7.84 97.09 85.31
CA PHE E 541 9.13 96.64 85.85
C PHE E 541 9.67 97.55 86.97
N ALA E 542 9.66 98.86 86.72
CA ALA E 542 10.14 99.84 87.74
C ALA E 542 9.39 99.65 89.04
N ARG E 543 8.07 99.60 88.94
CA ARG E 543 7.26 99.42 90.11
C ARG E 543 7.62 98.12 90.85
N MET E 544 7.75 97.00 90.10
CA MET E 544 8.10 95.79 90.77
C MET E 544 9.47 95.85 91.44
N THR E 545 10.43 96.56 90.84
CA THR E 545 11.72 96.74 91.53
C THR E 545 11.57 97.51 92.84
N ALA E 546 10.66 98.48 92.89
CA ALA E 546 10.41 99.24 94.13
C ALA E 546 9.82 98.33 95.22
N ILE E 547 8.91 97.46 94.78
CA ILE E 547 8.35 96.48 95.70
C ILE E 547 9.43 95.55 96.26
N TYR E 548 10.31 95.05 95.37
CA TYR E 548 11.43 94.20 95.81
C TYR E 548 12.33 94.94 96.84
N VAL E 549 12.63 96.18 96.54
CA VAL E 549 13.45 96.98 97.49
C VAL E 549 12.74 97.19 98.82
N ALA E 550 11.44 97.49 98.80
CA ALA E 550 10.71 97.66 100.06
C ALA E 550 10.67 96.36 100.85
N LEU E 551 10.65 95.22 100.15
CA LEU E 551 10.66 93.89 100.81
C LEU E 551 12.02 93.40 101.29
N ALA E 552 13.09 94.07 100.92
CA ALA E 552 14.44 93.63 101.27
C ALA E 552 14.70 93.30 102.76
N PRO E 553 14.17 94.11 103.69
CA PRO E 553 14.38 93.68 105.10
C PRO E 553 13.83 92.27 105.37
N TYR E 554 12.70 91.90 104.75
CA TYR E 554 12.16 90.56 104.94
C TYR E 554 13.06 89.51 104.27
N LEU E 555 13.41 89.76 103.01
CA LEU E 555 14.33 88.85 102.26
C LEU E 555 15.64 88.66 103.02
N LYS E 556 16.16 89.76 103.56
CA LYS E 556 17.39 89.68 104.34
C LYS E 556 17.23 88.80 105.59
N SER E 557 16.09 88.88 106.28
CA SER E 557 15.88 87.97 107.43
C SER E 557 15.79 86.49 106.94
N LEU E 558 15.28 86.27 105.72
CA LEU E 558 15.24 84.90 105.16
C LEU E 558 16.60 84.39 104.80
N SER E 559 17.46 85.26 104.31
CA SER E 559 18.88 84.89 104.07
C SER E 559 19.59 84.54 105.38
N ALA E 560 19.33 85.33 106.42
CA ALA E 560 19.91 85.00 107.73
C ALA E 560 19.41 83.63 108.20
N GLU E 561 18.11 83.34 108.03
CA GLU E 561 17.60 82.01 108.38
C GLU E 561 18.26 80.92 107.55
N ALA E 562 18.44 81.18 106.26
CA ALA E 562 19.10 80.19 105.41
C ALA E 562 20.51 79.82 105.95
N ALA E 563 21.28 80.83 106.30
CA ALA E 563 22.61 80.57 106.91
C ALA E 563 22.51 79.86 108.24
N LYS E 564 21.56 80.22 109.09
CA LYS E 564 21.47 79.63 110.44
C LYS E 564 20.92 78.22 110.36
N THR E 565 19.91 77.98 109.51
CA THR E 565 19.16 76.73 109.55
C THR E 565 19.13 75.89 108.26
N GLY E 566 19.63 76.45 107.17
CA GLY E 566 19.61 75.77 105.88
C GLY E 566 18.32 75.85 105.07
N LEU E 567 17.24 76.37 105.67
CA LEU E 567 15.97 76.42 104.96
C LEU E 567 16.01 77.34 103.74
N PRO E 568 15.43 76.89 102.63
CA PRO E 568 15.46 77.71 101.42
C PRO E 568 14.55 78.90 101.56
N VAL E 569 14.85 79.94 100.79
CA VAL E 569 14.00 81.12 100.75
C VAL E 569 12.61 80.78 100.13
N GLN E 570 12.58 79.97 99.08
CA GLN E 570 11.34 79.51 98.47
C GLN E 570 11.07 78.09 98.96
N ARG E 571 9.99 77.95 99.72
CA ARG E 571 9.64 76.69 100.37
C ARG E 571 8.32 76.11 99.85
N PRO E 572 8.22 74.79 99.81
CA PRO E 572 6.94 74.17 99.46
C PRO E 572 5.93 74.30 100.65
N LEU E 573 4.66 74.33 100.32
CA LEU E 573 3.62 74.53 101.32
C LEU E 573 3.67 73.49 102.42
N PHE E 574 4.00 72.25 102.06
CA PHE E 574 3.98 71.19 103.06
C PHE E 574 5.05 71.35 104.13
N LEU E 575 6.07 72.15 103.87
CA LEU E 575 7.13 72.29 104.85
C LEU E 575 6.64 72.93 106.16
N HIS E 576 5.66 73.83 106.04
CA HIS E 576 5.07 74.51 107.17
C HIS E 576 3.65 74.08 107.47
N TYR E 577 3.06 73.19 106.67
CA TYR E 577 1.65 72.78 106.88
C TYR E 577 1.56 71.27 106.66
N GLU E 578 2.27 70.55 107.50
CA GLU E 578 2.46 69.11 107.35
C GLU E 578 1.18 68.30 107.46
N ASN E 579 0.16 68.84 108.09
CA ASN E 579 -1.08 68.10 108.31
C ASN E 579 -2.13 68.30 107.24
N GLU E 580 -1.76 68.95 106.15
CA GLU E 580 -2.70 69.30 105.12
C GLU E 580 -2.27 68.57 103.84
N PRO E 581 -2.90 67.44 103.55
CA PRO E 581 -2.53 66.63 102.38
C PRO E 581 -2.62 67.42 101.06
N GLN E 582 -3.50 68.44 100.96
CA GLN E 582 -3.61 69.24 99.76
C GLN E 582 -2.33 70.04 99.43
N THR E 583 -1.39 70.15 100.38
CA THR E 583 -0.17 70.87 100.17
C THR E 583 0.95 70.01 99.57
N TYR E 584 0.78 68.69 99.52
CA TYR E 584 1.92 67.82 99.29
C TYR E 584 2.46 67.78 97.85
N ALA E 585 1.59 67.97 96.87
CA ALA E 585 2.07 67.95 95.45
C ALA E 585 2.13 69.32 94.79
N VAL E 586 1.69 70.39 95.50
CA VAL E 586 1.63 71.74 94.92
C VAL E 586 3.03 72.21 94.53
N GLN E 587 3.16 72.60 93.27
CA GLN E 587 4.47 73.03 92.72
C GLN E 587 4.42 74.31 91.93
N ASP E 588 3.28 75.00 91.92
CA ASP E 588 3.22 76.31 91.25
C ASP E 588 2.87 77.46 92.18
N CYS E 589 3.05 77.22 93.47
CA CYS E 589 2.95 78.22 94.53
C CYS E 589 4.09 77.89 95.47
N TYR E 590 4.56 78.89 96.18
CA TYR E 590 5.59 78.68 97.21
C TYR E 590 5.35 79.61 98.39
N LEU E 591 5.88 79.19 99.53
CA LEU E 591 6.01 80.03 100.70
C LEU E 591 7.34 80.77 100.55
N TYR E 592 7.25 82.10 100.55
CA TYR E 592 8.40 82.98 100.50
C TYR E 592 8.73 83.28 101.96
N GLY E 593 9.62 82.47 102.52
CA GLY E 593 9.76 82.35 103.97
C GLY E 593 8.50 81.73 104.53
N ALA E 594 8.36 81.73 105.84
CA ALA E 594 7.15 81.20 106.49
C ALA E 594 5.96 82.16 106.39
N ASP E 595 6.17 83.44 106.11
CA ASP E 595 5.16 84.45 106.33
C ASP E 595 4.46 84.98 105.06
N MET E 596 4.97 84.62 103.86
CA MET E 596 4.32 85.06 102.63
C MET E 596 4.04 83.84 101.74
N LEU E 597 2.96 83.93 100.98
CA LEU E 597 2.56 82.91 100.03
C LEU E 597 2.45 83.57 98.66
N VAL E 598 3.09 82.96 97.68
CA VAL E 598 3.13 83.48 96.33
C VAL E 598 2.61 82.46 95.33
N ALA E 599 1.68 82.87 94.50
CA ALA E 599 1.04 82.01 93.51
C ALA E 599 1.12 82.69 92.11
N PRO E 600 2.28 82.52 91.45
CA PRO E 600 2.45 83.22 90.17
C PRO E 600 1.45 82.78 89.11
N VAL E 601 0.99 83.75 88.32
CA VAL E 601 0.24 83.45 87.11
C VAL E 601 1.24 82.93 86.05
N TRP E 602 0.96 81.76 85.49
CA TRP E 602 1.82 81.15 84.54
C TRP E 602 1.20 80.80 83.20
N LYS E 603 0.06 81.47 82.91
CA LYS E 603 -0.62 81.34 81.63
C LYS E 603 -1.03 82.67 81.08
N ALA E 604 -1.08 82.75 79.75
CA ALA E 604 -1.52 83.99 79.07
C ALA E 604 -2.99 84.20 79.25
N GLY E 605 -3.41 85.45 79.28
CA GLY E 605 -4.82 85.77 79.28
C GLY E 605 -5.51 85.64 80.60
N GLU E 606 -4.84 85.32 81.71
CA GLU E 606 -5.54 85.13 82.99
C GLU E 606 -5.75 86.46 83.68
N THR E 607 -6.94 86.72 84.16
CA THR E 607 -7.23 87.88 85.01
C THR E 607 -7.39 87.50 86.49
N GLN E 608 -7.41 86.20 86.78
CA GLN E 608 -7.60 85.69 88.14
C GLN E 608 -6.70 84.53 88.39
N ARG E 609 -6.51 84.19 89.65
CA ARG E 609 -5.70 83.03 90.02
C ARG E 609 -6.38 82.27 91.14
N SER E 610 -6.50 80.96 90.95
CA SER E 610 -7.02 80.06 91.98
C SER E 610 -5.87 79.35 92.65
N LEU E 611 -5.94 79.17 93.95
CA LEU E 611 -4.88 78.48 94.68
C LEU E 611 -5.40 77.96 96.01
N TYR E 612 -4.62 77.10 96.64
CA TYR E 612 -4.93 76.57 97.95
C TYR E 612 -4.24 77.41 99.00
N LEU E 613 -5.01 78.04 99.91
CA LEU E 613 -4.47 78.73 101.08
C LEU E 613 -4.39 77.75 102.24
N PRO E 614 -3.20 77.57 102.80
CA PRO E 614 -3.03 76.61 103.89
C PRO E 614 -3.29 77.22 105.27
N GLY E 615 -3.39 76.36 106.27
CA GLY E 615 -3.40 76.75 107.69
C GLY E 615 -4.80 77.00 108.26
N HIS E 616 -4.84 77.27 109.56
CA HIS E 616 -6.09 77.64 110.24
C HIS E 616 -6.12 79.07 110.76
N GLY E 617 -5.20 79.89 110.36
CA GLY E 617 -5.19 81.32 110.62
C GLY E 617 -5.73 82.09 109.42
N GLU E 618 -5.27 83.32 109.30
CA GLU E 618 -5.75 84.24 108.29
C GLU E 618 -4.57 84.74 107.47
N TRP E 619 -4.86 84.91 106.18
CA TRP E 619 -3.92 85.41 105.22
C TRP E 619 -4.45 86.75 104.73
N VAL E 620 -3.55 87.71 104.50
CA VAL E 620 -3.93 89.03 104.01
C VAL E 620 -3.42 89.17 102.58
N HIS E 621 -4.32 89.48 101.66
CA HIS E 621 -3.97 89.76 100.27
C HIS E 621 -3.16 91.03 100.23
N LEU E 622 -1.98 90.95 99.63
CA LEU E 622 -1.00 92.04 99.71
C LEU E 622 -1.50 93.37 99.19
N TRP E 623 -2.21 93.35 98.06
CA TRP E 623 -2.54 94.59 97.32
C TRP E 623 -3.75 95.28 97.89
N SER E 624 -4.72 94.49 98.38
CA SER E 624 -5.99 95.03 98.86
C SER E 624 -6.11 95.08 100.38
N GLY E 625 -5.30 94.33 101.13
CA GLY E 625 -5.55 94.18 102.56
C GLY E 625 -6.73 93.28 102.95
N LYS E 626 -7.47 92.70 102.00
CA LYS E 626 -8.59 91.78 102.35
C LYS E 626 -8.05 90.52 103.05
N ARG E 627 -8.72 90.08 104.10
CA ARG E 627 -8.33 88.89 104.82
C ARG E 627 -9.05 87.65 104.27
N HIS E 628 -8.38 86.51 104.30
CA HIS E 628 -8.97 85.26 103.86
C HIS E 628 -8.58 84.19 104.86
N ALA E 629 -9.51 83.36 105.26
CA ALA E 629 -9.24 82.28 106.17
C ALA E 629 -8.42 81.17 105.45
N GLY E 630 -7.45 80.61 106.16
CA GLY E 630 -6.72 79.47 105.63
C GLY E 630 -7.53 78.19 105.53
N GLY E 631 -7.00 77.22 104.81
CA GLY E 631 -7.54 75.84 104.74
C GLY E 631 -8.56 75.62 103.64
N ARG E 632 -8.55 76.41 102.58
CA ARG E 632 -9.42 76.17 101.41
C ARG E 632 -8.84 76.79 100.15
N ASP E 633 -9.43 76.40 99.02
CA ASP E 633 -9.15 77.00 97.73
C ASP E 633 -9.79 78.38 97.67
N ILE E 634 -9.11 79.34 97.07
CA ILE E 634 -9.69 80.66 96.84
C ILE E 634 -9.36 81.13 95.45
N THR E 635 -10.06 82.13 94.96
CA THR E 635 -9.74 82.76 93.69
C THR E 635 -9.58 84.24 93.94
N VAL E 636 -8.47 84.86 93.51
CA VAL E 636 -8.32 86.32 93.60
C VAL E 636 -8.08 86.93 92.23
N GLU E 637 -8.40 88.23 92.15
CA GLU E 637 -8.11 89.04 90.98
C GLU E 637 -6.61 89.24 90.84
N THR E 638 -6.06 89.00 89.64
CA THR E 638 -4.64 89.19 89.36
C THR E 638 -4.44 89.98 88.10
N PRO E 639 -4.90 91.26 88.08
CA PRO E 639 -4.51 92.13 86.94
C PRO E 639 -3.00 92.32 86.93
N LEU E 640 -2.46 92.73 85.78
CA LEU E 640 -1.04 92.99 85.66
C LEU E 640 -0.61 93.97 86.75
N GLY E 641 0.45 93.67 87.48
CA GLY E 641 0.87 94.49 88.61
C GLY E 641 0.46 93.93 89.97
N GLU E 642 -0.50 93.01 90.01
CA GLU E 642 -1.04 92.51 91.26
C GLU E 642 -1.02 90.98 91.32
N PRO E 643 0.16 90.41 91.41
CA PRO E 643 0.24 88.95 91.54
C PRO E 643 -0.42 88.47 92.84
N ALA E 644 -0.84 87.21 92.83
CA ALA E 644 -1.48 86.60 93.97
C ALA E 644 -0.49 86.32 95.07
N VAL E 645 -0.35 87.30 95.96
CA VAL E 645 0.58 87.24 97.09
C VAL E 645 -0.19 87.58 98.36
N PHE E 646 0.08 86.80 99.40
CA PHE E 646 -0.57 86.93 100.68
C PHE E 646 0.49 86.90 101.77
N TYR E 647 0.16 87.51 102.92
CA TYR E 647 0.99 87.36 104.11
C TYR E 647 0.16 86.95 105.30
N ARG E 648 0.80 86.30 106.26
CA ARG E 648 0.12 85.89 107.49
C ARG E 648 -0.23 87.11 108.31
N ALA E 649 -1.49 87.22 108.73
CA ALA E 649 -1.94 88.35 109.57
C ALA E 649 -1.13 88.46 110.87
N ASP E 650 -0.80 87.29 111.41
CA ASP E 650 0.15 87.05 112.45
C ASP E 650 1.56 87.51 112.40
N SER E 651 2.04 87.77 111.19
CA SER E 651 3.46 87.96 110.93
C SER E 651 4.03 89.15 111.71
N SER E 652 5.20 88.91 112.29
CA SER E 652 5.98 89.95 112.93
C SER E 652 6.43 91.04 111.94
N HIS E 653 6.39 90.77 110.63
CA HIS E 653 6.72 91.74 109.62
C HIS E 653 5.48 92.45 109.03
N HIS E 654 4.33 92.37 109.70
CA HIS E 654 3.09 92.95 109.17
C HIS E 654 3.17 94.46 108.83
N ARG E 655 3.90 95.24 109.63
CA ARG E 655 4.01 96.71 109.38
C ARG E 655 4.66 96.90 107.99
N LEU E 656 5.71 96.11 107.70
CA LEU E 656 6.34 96.19 106.38
C LEU E 656 5.41 95.80 105.24
N PHE E 657 4.72 94.67 105.40
CA PHE E 657 3.82 94.19 104.35
C PHE E 657 2.65 95.17 104.12
N GLU E 658 2.16 95.81 105.19
CA GLU E 658 1.13 96.84 105.05
C GLU E 658 1.55 97.97 104.13
N GLN E 659 2.84 98.35 104.17
CA GLN E 659 3.38 99.40 103.27
C GLN E 659 3.17 99.12 101.79
N LEU E 660 3.20 97.85 101.41
CA LEU E 660 3.13 97.49 99.99
C LEU E 660 1.73 97.68 99.39
N ARG E 661 0.67 97.79 100.19
CA ARG E 661 -0.75 97.95 99.69
C ARG E 661 -1.09 98.98 98.60
N MET F 1 -56.66 -67.79 -106.24
CA MET F 1 -57.75 -67.72 -105.27
C MET F 1 -58.81 -66.77 -105.77
N HIS F 2 -60.03 -66.92 -105.32
CA HIS F 2 -61.19 -66.18 -105.84
C HIS F 2 -61.77 -65.36 -104.66
N PHE F 3 -61.78 -64.03 -104.88
CA PHE F 3 -62.43 -63.09 -103.96
C PHE F 3 -63.89 -62.94 -104.40
N GLU F 4 -64.82 -62.91 -103.43
CA GLU F 4 -66.24 -62.77 -103.72
C GLU F 4 -66.81 -61.86 -102.66
N THR F 5 -67.49 -60.80 -103.04
CA THR F 5 -68.34 -60.02 -102.16
C THR F 5 -69.58 -60.81 -101.67
N THR F 6 -70.05 -60.49 -100.45
CA THR F 6 -71.29 -61.06 -99.88
C THR F 6 -72.17 -59.89 -99.42
N LYS F 7 -73.37 -60.19 -98.86
CA LYS F 7 -74.31 -59.18 -98.28
C LYS F 7 -73.59 -58.15 -97.40
N ASP F 8 -72.74 -58.64 -96.49
CA ASP F 8 -72.09 -57.80 -95.44
C ASP F 8 -70.53 -57.87 -95.41
N GLY F 9 -69.88 -58.62 -96.31
CA GLY F 9 -68.43 -58.60 -96.34
C GLY F 9 -67.87 -59.35 -97.51
N PHE F 10 -67.01 -60.35 -97.27
CA PHE F 10 -66.40 -61.07 -98.38
C PHE F 10 -65.89 -62.44 -98.01
N THR F 11 -65.61 -63.24 -99.03
CA THR F 11 -64.91 -64.50 -98.87
C THR F 11 -63.69 -64.54 -99.80
N ILE F 12 -62.71 -65.37 -99.42
CA ILE F 12 -61.64 -65.78 -100.32
C ILE F 12 -61.61 -67.28 -100.30
N ALA F 13 -61.60 -67.87 -101.50
CA ALA F 13 -61.62 -69.34 -101.67
C ALA F 13 -60.50 -69.86 -102.58
N ILE F 14 -60.10 -71.11 -102.39
CA ILE F 14 -59.31 -71.86 -103.39
C ILE F 14 -60.24 -72.95 -103.86
N GLY F 15 -60.63 -72.89 -105.13
CA GLY F 15 -61.64 -73.80 -105.64
C GLY F 15 -62.96 -73.62 -104.92
N ASN F 16 -63.56 -74.75 -104.62
CA ASN F 16 -64.75 -74.80 -103.77
C ASN F 16 -64.41 -74.66 -102.27
N ARG F 17 -63.14 -74.48 -101.85
CA ARG F 17 -62.81 -74.41 -100.41
C ARG F 17 -62.71 -72.94 -99.95
N ILE F 18 -63.69 -72.46 -99.22
CA ILE F 18 -63.62 -71.16 -98.60
C ILE F 18 -62.51 -71.17 -97.47
N ILE F 19 -61.63 -70.19 -97.52
CA ILE F 19 -60.49 -70.04 -96.65
C ILE F 19 -60.70 -68.88 -95.69
N LEU F 20 -61.07 -67.72 -96.18
CA LEU F 20 -61.40 -66.59 -95.32
C LEU F 20 -62.83 -66.19 -95.53
N SER F 21 -63.47 -65.79 -94.44
CA SER F 21 -64.82 -65.28 -94.45
C SER F 21 -64.87 -64.09 -93.54
N HIS F 22 -65.31 -62.95 -94.04
CA HIS F 22 -65.43 -61.77 -93.25
C HIS F 22 -66.85 -61.22 -93.26
N SER F 23 -67.35 -60.90 -92.08
CA SER F 23 -68.49 -60.00 -91.90
C SER F 23 -68.29 -59.20 -90.63
N PRO F 24 -69.08 -58.15 -90.40
CA PRO F 24 -68.87 -57.41 -89.17
C PRO F 24 -69.01 -58.25 -87.90
N ASP F 25 -69.93 -59.19 -87.90
CA ASP F 25 -70.16 -60.07 -86.75
C ASP F 25 -69.20 -61.21 -86.67
N LYS F 26 -68.64 -61.64 -87.79
CA LYS F 26 -67.62 -62.71 -87.80
C LYS F 26 -66.41 -62.22 -88.60
N PRO F 27 -65.63 -61.29 -88.00
CA PRO F 27 -64.49 -60.70 -88.71
C PRO F 27 -63.40 -61.70 -88.92
N ALA F 28 -62.66 -61.56 -90.03
CA ALA F 28 -61.48 -62.38 -90.29
C ALA F 28 -60.22 -61.87 -89.54
N PHE F 29 -60.09 -60.56 -89.32
CA PHE F 29 -58.88 -59.98 -88.76
C PHE F 29 -59.15 -59.24 -87.48
N PHE F 30 -58.18 -59.31 -86.56
CA PHE F 30 -58.11 -58.51 -85.34
C PHE F 30 -56.71 -57.89 -85.28
N ALA F 31 -56.60 -56.67 -84.79
CA ALA F 31 -55.34 -55.97 -84.70
C ALA F 31 -55.17 -55.33 -83.35
N GLY F 32 -53.91 -55.23 -82.93
CA GLY F 32 -53.66 -54.59 -81.69
C GLY F 32 -52.21 -54.44 -81.34
N PHE F 33 -51.95 -54.48 -80.04
CA PHE F 33 -50.69 -54.06 -79.48
C PHE F 33 -50.40 -54.87 -78.21
N GLY F 34 -49.17 -55.32 -78.07
CA GLY F 34 -48.70 -55.98 -76.85
C GLY F 34 -47.29 -55.65 -76.44
N GLU F 35 -46.97 -55.95 -75.19
CA GLU F 35 -45.60 -55.82 -74.62
C GLU F 35 -45.23 -57.19 -74.08
N GLU F 36 -44.32 -57.84 -74.75
CA GLU F 36 -43.91 -59.17 -74.40
C GLU F 36 -42.77 -59.18 -73.35
N ARG F 37 -42.70 -60.25 -72.59
CA ARG F 37 -41.51 -60.65 -71.88
C ARG F 37 -41.00 -61.94 -72.54
N MET F 38 -39.72 -61.99 -72.90
CA MET F 38 -39.10 -63.22 -73.46
C MET F 38 -37.77 -63.44 -72.78
N ASP F 39 -37.75 -63.99 -71.56
CA ASP F 39 -36.49 -64.16 -70.83
C ASP F 39 -35.80 -65.48 -71.24
N MET F 40 -34.52 -65.39 -71.58
CA MET F 40 -33.76 -66.56 -72.04
C MET F 40 -32.93 -67.10 -70.88
N TYR F 41 -32.92 -68.39 -70.69
CA TYR F 41 -32.01 -69.03 -69.79
C TYR F 41 -31.48 -70.30 -70.49
N ARG F 42 -30.22 -70.21 -70.92
CA ARG F 42 -29.55 -71.31 -71.65
C ARG F 42 -30.37 -71.93 -72.76
N GLY F 43 -30.92 -71.06 -73.59
CA GLY F 43 -31.69 -71.46 -74.76
C GLY F 43 -33.14 -71.83 -74.51
N ASN F 44 -33.58 -71.80 -73.26
CA ASN F 44 -34.99 -71.99 -72.87
C ASN F 44 -35.58 -70.58 -72.70
N PHE F 45 -36.81 -70.39 -73.14
CA PHE F 45 -37.44 -69.09 -73.12
C PHE F 45 -38.65 -69.17 -72.24
N ASP F 46 -38.78 -68.18 -71.38
CA ASP F 46 -39.97 -68.02 -70.62
C ASP F 46 -40.69 -66.79 -71.23
N ILE F 47 -41.77 -67.06 -71.97
CA ILE F 47 -42.40 -66.09 -72.82
C ILE F 47 -43.78 -65.75 -72.26
N GLU F 48 -44.08 -64.48 -72.10
CA GLU F 48 -45.42 -64.10 -71.70
C GLU F 48 -45.80 -62.80 -72.37
N ASP F 49 -46.94 -62.75 -72.97
CA ASP F 49 -47.35 -61.51 -73.63
C ASP F 49 -48.30 -60.75 -72.68
N TYR F 50 -48.26 -59.43 -72.75
CA TYR F 50 -49.23 -58.58 -72.10
C TYR F 50 -49.97 -57.85 -73.27
N VAL F 51 -51.18 -58.30 -73.57
CA VAL F 51 -51.98 -57.77 -74.66
C VAL F 51 -52.67 -56.53 -74.12
N ILE F 52 -52.38 -55.37 -74.75
CA ILE F 52 -52.94 -54.08 -74.37
C ILE F 52 -54.17 -53.74 -75.23
N GLU F 53 -54.13 -54.10 -76.52
CA GLU F 53 -55.26 -54.02 -77.41
C GLU F 53 -55.37 -55.26 -78.29
N ARG F 54 -56.63 -55.76 -78.43
CA ARG F 54 -56.97 -56.69 -79.47
C ARG F 54 -58.33 -56.22 -79.94
N THR F 55 -58.41 -55.71 -81.17
CA THR F 55 -59.60 -55.08 -81.66
C THR F 55 -59.99 -55.64 -83.03
N ALA F 56 -61.20 -56.15 -83.12
CA ALA F 56 -61.75 -56.69 -84.35
C ALA F 56 -61.77 -55.62 -85.45
N LEU F 57 -61.32 -56.01 -86.64
CA LEU F 57 -61.44 -55.15 -87.81
C LEU F 57 -62.76 -55.51 -88.52
N ARG F 58 -63.85 -54.89 -88.07
CA ARG F 58 -65.18 -55.27 -88.51
C ARG F 58 -65.59 -54.71 -89.88
N HIS F 59 -64.98 -53.63 -90.29
CA HIS F 59 -65.47 -52.89 -91.43
C HIS F 59 -64.48 -52.99 -92.62
N ALA F 60 -64.94 -53.64 -93.68
CA ALA F 60 -64.17 -53.88 -94.88
C ALA F 60 -64.73 -53.03 -96.00
N GLU F 61 -63.87 -52.39 -96.77
CA GLU F 61 -64.31 -51.83 -98.05
C GLU F 61 -63.33 -52.00 -99.18
N VAL F 62 -63.90 -52.13 -100.37
CA VAL F 62 -63.13 -52.21 -101.59
C VAL F 62 -62.53 -50.84 -101.86
N SER F 63 -61.24 -50.82 -102.18
CA SER F 63 -60.53 -49.58 -102.44
C SER F 63 -59.53 -49.85 -103.55
N GLY F 64 -59.90 -49.54 -104.80
CA GLY F 64 -59.09 -49.94 -105.97
C GLY F 64 -59.08 -51.46 -105.99
N ASP F 65 -57.93 -52.06 -106.30
CA ASP F 65 -57.72 -53.50 -106.35
C ASP F 65 -57.21 -53.99 -104.98
N SER F 66 -57.93 -53.60 -103.92
CA SER F 66 -57.58 -54.03 -102.59
C SER F 66 -58.80 -53.87 -101.68
N VAL F 67 -58.74 -54.40 -100.47
CA VAL F 67 -59.69 -54.17 -99.44
C VAL F 67 -58.97 -53.48 -98.25
N THR F 68 -59.56 -52.42 -97.73
CA THR F 68 -59.15 -51.84 -96.48
C THR F 68 -60.07 -52.29 -95.34
N LEU F 69 -59.46 -52.35 -94.15
CA LEU F 69 -60.15 -52.86 -92.94
C LEU F 69 -59.96 -51.87 -91.83
N SER F 70 -61.06 -51.46 -91.24
CA SER F 70 -61.06 -50.59 -90.07
C SER F 70 -61.87 -51.23 -88.92
N SER F 71 -61.70 -50.66 -87.73
CA SER F 71 -62.42 -51.15 -86.51
C SER F 71 -63.92 -51.09 -86.67
N ALA F 72 -64.38 -49.99 -87.23
CA ALA F 72 -65.81 -49.71 -87.42
C ALA F 72 -65.96 -48.71 -88.57
N PRO F 73 -67.17 -48.60 -89.14
CA PRO F 73 -67.42 -47.53 -90.16
C PRO F 73 -67.10 -46.14 -89.62
N GLY F 74 -66.52 -45.31 -90.44
CA GLY F 74 -66.06 -43.95 -90.08
C GLY F 74 -64.76 -43.91 -89.32
N GLN F 75 -64.08 -45.03 -89.10
CA GLN F 75 -62.76 -44.99 -88.51
C GLN F 75 -61.69 -45.23 -89.60
N ALA F 76 -60.51 -44.71 -89.38
CA ALA F 76 -59.43 -44.79 -90.38
C ALA F 76 -58.99 -46.28 -90.53
N PRO F 77 -58.79 -46.71 -91.74
CA PRO F 77 -58.37 -48.10 -91.90
C PRO F 77 -57.02 -48.37 -91.29
N ARG F 78 -56.84 -49.57 -90.79
CA ARG F 78 -55.61 -49.97 -90.14
C ARG F 78 -54.79 -50.97 -90.95
N LEU F 79 -55.44 -51.64 -91.91
CA LEU F 79 -54.83 -52.74 -92.63
C LEU F 79 -55.36 -52.69 -94.09
N ARG F 80 -54.48 -52.92 -95.07
CA ARG F 80 -54.92 -53.12 -96.45
C ARG F 80 -54.59 -54.57 -96.83
N LEU F 81 -55.51 -55.18 -97.52
CA LEU F 81 -55.42 -56.55 -98.00
C LEU F 81 -55.40 -56.46 -99.55
N THR F 82 -54.43 -57.11 -100.18
CA THR F 82 -54.40 -57.17 -101.63
C THR F 82 -54.23 -58.61 -102.05
N LEU F 83 -55.20 -59.11 -102.84
CA LEU F 83 -55.05 -60.49 -103.35
C LEU F 83 -54.12 -60.48 -104.49
N ASP F 84 -53.25 -61.46 -104.59
CA ASP F 84 -52.33 -61.61 -105.71
C ASP F 84 -52.09 -63.09 -105.98
N GLY F 85 -52.90 -63.69 -106.84
CA GLY F 85 -52.80 -65.13 -107.15
C GLY F 85 -53.00 -65.96 -105.89
N ASN F 86 -52.02 -66.80 -105.54
CA ASN F 86 -52.07 -67.60 -104.33
C ASN F 86 -51.67 -66.85 -103.03
N ALA F 87 -51.55 -65.54 -103.05
CA ALA F 87 -51.09 -64.78 -101.88
C ALA F 87 -52.04 -63.68 -101.47
N ILE F 88 -52.20 -63.49 -100.16
CA ILE F 88 -52.86 -62.32 -99.63
C ILE F 88 -51.78 -61.44 -99.07
N ARG F 89 -51.58 -60.29 -99.64
CA ARG F 89 -50.56 -59.35 -99.21
C ARG F 89 -51.18 -58.38 -98.25
N LEU F 90 -50.43 -58.02 -97.21
CA LEU F 90 -50.93 -57.11 -96.16
C LEU F 90 -50.02 -55.90 -96.10
N THR F 91 -50.63 -54.74 -95.94
CA THR F 91 -49.94 -53.52 -95.65
C THR F 91 -50.50 -52.94 -94.37
N ALA F 92 -49.63 -52.71 -93.38
CA ALA F 92 -50.07 -52.04 -92.15
C ALA F 92 -50.33 -50.58 -92.44
N LEU F 93 -51.51 -50.08 -92.30
CA LEU F 93 -51.75 -48.63 -92.41
C LEU F 93 -51.58 -47.95 -91.08
N ASP F 94 -51.73 -48.65 -89.99
CA ASP F 94 -51.49 -48.14 -88.65
C ASP F 94 -50.18 -48.79 -88.23
N GLU F 95 -49.15 -48.01 -88.21
CA GLU F 95 -47.83 -48.43 -87.86
C GLU F 95 -47.69 -48.76 -86.37
N THR F 96 -48.63 -48.44 -85.47
CA THR F 96 -48.51 -48.91 -84.09
C THR F 96 -48.88 -50.43 -83.88
N ILE F 97 -49.50 -51.10 -84.85
CA ILE F 97 -49.86 -52.48 -84.72
C ILE F 97 -48.65 -53.37 -84.52
N ASN F 98 -48.55 -54.14 -83.43
CA ASN F 98 -47.54 -55.23 -83.37
C ASN F 98 -48.17 -56.57 -83.01
N ARG F 99 -49.50 -56.67 -83.06
CA ARG F 99 -50.22 -57.93 -82.89
C ARG F 99 -51.29 -58.03 -83.99
N LEU F 100 -51.31 -59.12 -84.73
CA LEU F 100 -52.35 -59.42 -85.66
C LEU F 100 -52.86 -60.82 -85.48
N TRP F 101 -54.20 -60.98 -85.53
CA TRP F 101 -54.81 -62.29 -85.54
C TRP F 101 -55.62 -62.42 -86.82
N LEU F 102 -55.53 -63.60 -87.44
CA LEU F 102 -56.28 -63.92 -88.62
C LEU F 102 -57.00 -65.25 -88.40
N ARG F 103 -58.30 -65.27 -88.67
CA ARG F 103 -59.09 -66.50 -88.61
C ARG F 103 -59.26 -67.12 -89.97
N VAL F 104 -58.99 -68.42 -90.08
CA VAL F 104 -59.28 -69.15 -91.28
C VAL F 104 -60.33 -70.21 -91.02
N VAL F 105 -61.25 -70.30 -91.98
CA VAL F 105 -62.38 -71.17 -91.90
C VAL F 105 -61.89 -72.59 -91.72
N ALA F 106 -62.54 -73.33 -90.83
CA ALA F 106 -62.20 -74.72 -90.56
C ALA F 106 -63.45 -75.57 -90.49
N GLU F 107 -63.30 -76.88 -90.68
CA GLU F 107 -64.37 -77.83 -90.48
C GLU F 107 -64.11 -78.66 -89.22
N THR F 108 -65.22 -79.20 -88.71
CA THR F 108 -65.22 -79.94 -87.47
C THR F 108 -64.29 -81.12 -87.41
N ASP F 109 -64.25 -81.92 -88.45
CA ASP F 109 -63.42 -83.14 -88.48
C ASP F 109 -62.03 -82.91 -89.19
N GLU F 110 -61.65 -81.65 -89.43
CA GLU F 110 -60.44 -81.33 -90.18
C GLU F 110 -59.15 -81.63 -89.33
N HIS F 111 -58.12 -82.14 -90.00
CA HIS F 111 -56.80 -82.35 -89.46
C HIS F 111 -55.87 -81.27 -90.01
N VAL F 112 -54.88 -80.90 -89.24
CA VAL F 112 -53.85 -79.98 -89.65
C VAL F 112 -52.49 -80.48 -89.20
N TRP F 113 -51.53 -80.49 -90.13
CA TRP F 113 -50.21 -80.99 -89.85
C TRP F 113 -49.14 -79.97 -90.26
N GLY F 114 -47.92 -80.20 -89.81
CA GLY F 114 -46.78 -79.35 -90.12
C GLY F 114 -46.32 -78.59 -88.89
N GLY F 115 -46.24 -77.28 -89.01
CA GLY F 115 -45.70 -76.45 -87.95
C GLY F 115 -44.19 -76.53 -87.75
N GLY F 116 -43.48 -77.01 -88.78
CA GLY F 116 -42.08 -77.29 -88.71
C GLY F 116 -41.79 -78.73 -88.36
N GLU F 117 -40.80 -78.92 -87.49
CA GLU F 117 -40.54 -80.23 -86.87
C GLU F 117 -41.22 -80.24 -85.52
N GLN F 118 -42.40 -80.85 -85.45
CA GLN F 118 -43.16 -81.02 -84.18
C GLN F 118 -42.74 -82.32 -83.57
N MET F 119 -42.43 -82.28 -82.26
CA MET F 119 -41.91 -83.47 -81.56
C MET F 119 -43.02 -84.27 -80.78
N SER F 120 -44.12 -83.63 -80.38
CA SER F 120 -45.13 -84.33 -79.56
C SER F 120 -46.39 -84.71 -80.35
N TYR F 121 -46.97 -83.75 -81.06
CA TYR F 121 -48.22 -83.95 -81.79
C TYR F 121 -48.06 -83.66 -83.29
N PHE F 122 -48.42 -84.62 -84.12
CA PHE F 122 -48.34 -84.51 -85.56
C PHE F 122 -49.58 -83.80 -86.10
N ASP F 123 -50.76 -84.38 -85.85
CA ASP F 123 -52.02 -83.69 -86.03
C ASP F 123 -52.13 -82.63 -84.93
N MET F 124 -52.03 -81.38 -85.31
CA MET F 124 -52.08 -80.26 -84.37
C MET F 124 -53.48 -79.85 -83.93
N ARG F 125 -54.52 -80.47 -84.51
CA ARG F 125 -55.88 -80.03 -84.19
C ARG F 125 -56.20 -80.14 -82.71
N GLY F 126 -56.84 -79.13 -82.15
CA GLY F 126 -57.29 -79.16 -80.74
C GLY F 126 -56.32 -78.47 -79.79
N ARG F 127 -55.14 -78.05 -80.24
CA ARG F 127 -54.15 -77.46 -79.36
C ARG F 127 -53.54 -76.19 -79.99
N ARG F 128 -52.75 -75.52 -79.17
CA ARG F 128 -52.14 -74.26 -79.52
C ARG F 128 -50.61 -74.43 -79.61
N PHE F 129 -50.03 -73.93 -80.70
CA PHE F 129 -48.62 -74.09 -80.99
C PHE F 129 -47.92 -72.76 -81.29
N PRO F 130 -47.23 -72.19 -80.26
CA PRO F 130 -46.28 -71.11 -80.49
C PRO F 130 -45.10 -71.57 -81.37
N LEU F 131 -44.64 -70.69 -82.23
CA LEU F 131 -43.60 -70.95 -83.24
C LEU F 131 -42.39 -70.01 -82.99
N TRP F 132 -41.50 -70.50 -82.11
CA TRP F 132 -40.34 -69.76 -81.67
C TRP F 132 -39.23 -70.76 -81.44
N THR F 133 -38.13 -70.62 -82.16
CA THR F 133 -37.09 -71.62 -82.05
C THR F 133 -36.41 -71.55 -80.66
N SER F 134 -36.18 -72.70 -80.05
CA SER F 134 -35.58 -72.74 -78.70
C SER F 134 -35.10 -74.18 -78.45
N GLU F 135 -34.45 -74.40 -77.33
CA GLU F 135 -34.35 -75.76 -76.82
C GLU F 135 -35.78 -76.36 -76.69
N PRO F 136 -35.95 -77.61 -77.14
CA PRO F 136 -37.27 -78.22 -77.06
C PRO F 136 -37.69 -78.67 -75.67
N GLY F 137 -36.75 -78.79 -74.73
CA GLY F 137 -36.98 -79.23 -73.40
C GLY F 137 -36.46 -80.64 -73.17
N VAL F 138 -36.13 -80.93 -71.92
CA VAL F 138 -35.77 -82.26 -71.42
C VAL F 138 -37.05 -82.79 -70.68
N GLY F 139 -37.64 -83.85 -71.22
CA GLY F 139 -38.87 -84.40 -70.75
C GLY F 139 -40.11 -83.88 -71.45
N ARG F 140 -40.29 -82.56 -71.46
CA ARG F 140 -41.31 -81.94 -72.29
C ARG F 140 -42.74 -82.29 -71.86
N ASP F 141 -42.91 -82.70 -70.60
CA ASP F 141 -44.21 -83.13 -70.10
C ASP F 141 -44.24 -82.82 -68.61
N LYS F 142 -45.00 -81.80 -68.22
CA LYS F 142 -45.02 -81.32 -66.87
C LYS F 142 -45.45 -82.35 -65.81
N THR F 143 -45.96 -83.52 -66.23
CA THR F 143 -46.30 -84.59 -65.33
C THR F 143 -45.22 -85.61 -65.11
N THR F 144 -44.06 -85.47 -65.72
CA THR F 144 -42.96 -86.41 -65.49
C THR F 144 -41.89 -85.78 -64.57
N GLU F 145 -41.28 -86.65 -63.80
CA GLU F 145 -40.28 -86.20 -62.87
C GLU F 145 -39.01 -85.60 -63.55
N ILE F 146 -38.61 -86.19 -64.68
CA ILE F 146 -37.56 -85.61 -65.50
C ILE F 146 -37.81 -84.16 -65.89
N THR F 147 -39.01 -83.88 -66.33
CA THR F 147 -39.39 -82.52 -66.73
C THR F 147 -39.37 -81.60 -65.56
N PHE F 148 -39.95 -82.05 -64.43
CA PHE F 148 -40.02 -81.28 -63.22
C PHE F 148 -38.58 -80.91 -62.76
N LYS F 149 -37.71 -81.92 -62.67
CA LYS F 149 -36.34 -81.69 -62.24
C LYS F 149 -35.55 -80.78 -63.19
N SER F 150 -35.82 -80.89 -64.50
CA SER F 150 -35.21 -80.03 -65.49
C SER F 150 -35.71 -78.58 -65.30
N ASP F 151 -36.98 -78.41 -64.98
CA ASP F 151 -37.53 -77.05 -64.73
C ASP F 151 -36.94 -76.45 -63.47
N VAL F 152 -36.86 -77.24 -62.41
CA VAL F 152 -36.38 -76.70 -61.15
C VAL F 152 -34.87 -76.39 -61.28
N SER F 153 -34.09 -77.27 -61.86
CA SER F 153 -32.66 -77.03 -61.89
C SER F 153 -32.20 -76.06 -62.97
N GLY F 154 -32.88 -75.95 -64.10
CA GLY F 154 -32.44 -75.04 -65.16
C GLY F 154 -33.48 -74.50 -66.12
N LYS F 155 -34.74 -74.42 -65.67
CA LYS F 155 -35.84 -73.93 -66.53
C LYS F 155 -35.88 -74.61 -67.89
N ALA F 156 -35.60 -75.92 -67.86
CA ALA F 156 -35.20 -76.65 -69.07
C ALA F 156 -36.12 -77.81 -69.45
N GLY F 157 -37.27 -77.95 -68.76
CA GLY F 157 -38.17 -79.03 -69.03
C GLY F 157 -38.93 -78.90 -70.34
N GLY F 158 -39.28 -77.67 -70.71
CA GLY F 158 -40.09 -77.43 -71.91
C GLY F 158 -41.49 -78.01 -71.83
N ASP F 159 -42.08 -78.18 -72.99
CA ASP F 159 -43.46 -78.60 -73.13
C ASP F 159 -43.71 -79.05 -74.58
N TYR F 160 -44.92 -79.51 -74.85
CA TYR F 160 -45.26 -80.25 -76.06
C TYR F 160 -45.01 -79.44 -77.34
N TYR F 161 -45.08 -78.11 -77.24
CA TYR F 161 -44.99 -77.24 -78.42
C TYR F 161 -43.54 -76.74 -78.71
N ASN F 162 -42.61 -76.92 -77.78
CA ASN F 162 -41.30 -76.39 -77.99
C ASN F 162 -40.57 -77.23 -79.06
N THR F 163 -39.75 -76.54 -79.86
CA THR F 163 -38.99 -77.21 -80.90
C THR F 163 -37.81 -76.38 -81.33
N ASN F 164 -36.75 -77.06 -81.77
CA ASN F 164 -35.58 -76.40 -82.37
C ASN F 164 -35.97 -75.85 -83.77
N TYR F 165 -37.05 -76.37 -84.33
CA TYR F 165 -37.44 -76.04 -85.70
C TYR F 165 -38.95 -75.84 -85.83
N PRO F 166 -39.44 -74.65 -85.46
CA PRO F 166 -40.80 -74.27 -85.75
C PRO F 166 -40.87 -73.72 -87.17
N GLN F 167 -42.06 -73.74 -87.77
CA GLN F 167 -42.28 -73.08 -89.07
C GLN F 167 -43.74 -72.74 -89.20
N PRO F 168 -44.09 -71.47 -89.53
CA PRO F 168 -45.49 -71.11 -89.61
C PRO F 168 -46.13 -71.53 -90.96
N THR F 169 -46.21 -72.85 -91.15
CA THR F 169 -46.76 -73.45 -92.34
C THR F 169 -47.63 -74.62 -91.89
N TRP F 170 -48.82 -74.75 -92.43
CA TRP F 170 -49.68 -75.92 -92.20
C TRP F 170 -50.23 -76.54 -93.48
N LEU F 171 -50.43 -77.86 -93.42
CA LEU F 171 -51.16 -78.63 -94.39
C LEU F 171 -52.49 -79.01 -93.76
N SER F 172 -53.57 -78.70 -94.48
CA SER F 172 -54.93 -78.99 -94.03
C SER F 172 -55.45 -80.24 -94.75
N SER F 173 -56.25 -81.04 -94.00
CA SER F 173 -56.94 -82.20 -94.60
C SER F 173 -57.98 -81.76 -95.66
N ARG F 174 -58.32 -80.47 -95.72
CA ARG F 174 -59.13 -79.95 -96.82
C ARG F 174 -58.35 -79.73 -98.11
N LYS F 175 -57.09 -80.19 -98.17
CA LYS F 175 -56.26 -80.13 -99.38
C LYS F 175 -55.83 -78.73 -99.80
N TYR F 176 -55.30 -77.99 -98.84
CA TYR F 176 -54.55 -76.81 -99.15
C TYR F 176 -53.49 -76.71 -98.03
N ALA F 177 -52.47 -75.91 -98.28
CA ALA F 177 -51.50 -75.55 -97.28
C ALA F 177 -51.42 -74.03 -97.19
N LEU F 178 -51.08 -73.55 -95.99
CA LEU F 178 -50.96 -72.13 -95.73
C LEU F 178 -49.56 -71.85 -95.23
N HIS F 179 -48.97 -70.75 -95.67
CA HIS F 179 -47.66 -70.33 -95.21
C HIS F 179 -47.67 -68.84 -94.86
N VAL F 180 -47.18 -68.51 -93.67
CA VAL F 180 -47.09 -67.10 -93.25
C VAL F 180 -45.62 -66.68 -93.49
N GLU F 181 -45.42 -65.67 -94.32
CA GLU F 181 -44.11 -65.16 -94.58
C GLU F 181 -43.74 -64.12 -93.52
N THR F 182 -43.08 -64.62 -92.49
CA THR F 182 -42.64 -63.82 -91.36
C THR F 182 -41.54 -64.54 -90.64
N SER F 183 -40.73 -63.77 -89.94
CA SER F 183 -39.82 -64.34 -88.94
C SER F 183 -40.19 -63.97 -87.52
N ALA F 184 -41.25 -63.18 -87.35
CA ALA F 184 -41.71 -62.86 -86.01
C ALA F 184 -42.26 -64.07 -85.26
N TYR F 185 -42.32 -63.90 -83.95
CA TYR F 185 -43.07 -64.84 -83.12
C TYR F 185 -44.49 -64.99 -83.67
N SER F 186 -44.96 -66.22 -83.78
CA SER F 186 -46.31 -66.49 -84.21
C SER F 186 -46.91 -67.65 -83.42
N VAL F 187 -48.21 -67.81 -83.51
CA VAL F 187 -48.92 -68.93 -82.84
C VAL F 187 -50.00 -69.50 -83.77
N PHE F 188 -50.03 -70.81 -83.91
CA PHE F 188 -51.18 -71.48 -84.51
C PHE F 188 -52.11 -72.00 -83.39
N ASP F 189 -53.33 -71.46 -83.37
CA ASP F 189 -54.37 -71.85 -82.38
C ASP F 189 -55.45 -72.67 -83.09
N PHE F 190 -55.40 -73.98 -82.87
CA PHE F 190 -56.35 -74.91 -83.44
C PHE F 190 -57.35 -75.45 -82.41
N ARG F 191 -57.69 -74.63 -81.41
CA ARG F 191 -58.62 -75.10 -80.31
C ARG F 191 -60.08 -75.09 -80.72
N ASN F 192 -60.47 -74.29 -81.69
CA ASN F 192 -61.85 -74.05 -82.03
C ASN F 192 -62.27 -74.90 -83.20
N GLY F 193 -63.50 -75.41 -83.12
CA GLY F 193 -64.04 -76.26 -84.14
C GLY F 193 -64.30 -75.62 -85.50
N ASP F 194 -64.65 -74.34 -85.49
CA ASP F 194 -65.07 -73.63 -86.70
C ASP F 194 -64.04 -72.72 -87.36
N PHE F 195 -62.92 -72.49 -86.69
CA PHE F 195 -61.85 -71.72 -87.29
C PHE F 195 -60.50 -72.06 -86.67
N HIS F 196 -59.46 -71.85 -87.48
CA HIS F 196 -58.08 -71.83 -87.02
C HIS F 196 -57.75 -70.37 -86.77
N GLU F 197 -57.00 -70.05 -85.74
CA GLU F 197 -56.58 -68.64 -85.56
C GLU F 197 -55.05 -68.54 -85.54
N ILE F 198 -54.52 -67.63 -86.36
CA ILE F 198 -53.10 -67.33 -86.37
C ILE F 198 -52.84 -66.04 -85.64
N GLU F 199 -51.94 -66.06 -84.69
CA GLU F 199 -51.44 -64.86 -84.04
C GLU F 199 -50.02 -64.54 -84.60
N ILE F 200 -49.77 -63.29 -84.97
CA ILE F 200 -48.43 -62.87 -85.40
C ILE F 200 -48.04 -61.62 -84.63
N TRP F 201 -46.81 -61.57 -84.14
CA TRP F 201 -46.32 -60.36 -83.46
C TRP F 201 -45.68 -59.40 -84.48
N ALA F 202 -46.40 -59.15 -85.57
CA ALA F 202 -46.04 -58.30 -86.69
C ALA F 202 -47.17 -58.36 -87.69
N VAL F 203 -47.14 -57.49 -88.69
CA VAL F 203 -48.05 -57.60 -89.80
C VAL F 203 -47.27 -58.24 -90.91
N PRO F 204 -47.47 -59.51 -91.16
CA PRO F 204 -46.63 -60.15 -92.18
C PRO F 204 -46.89 -59.62 -93.59
N GLU F 205 -45.85 -59.64 -94.38
CA GLU F 205 -45.90 -59.11 -95.77
C GLU F 205 -46.98 -59.87 -96.55
N LYS F 206 -47.03 -61.17 -96.37
CA LYS F 206 -48.00 -61.98 -97.04
C LYS F 206 -48.28 -63.34 -96.43
N ILE F 207 -49.44 -63.88 -96.79
CA ILE F 207 -49.84 -65.23 -96.46
C ILE F 207 -50.11 -65.95 -97.79
N GLU F 208 -49.47 -67.09 -97.97
CA GLU F 208 -49.49 -67.82 -99.22
C GLU F 208 -50.15 -69.16 -99.09
N PHE F 209 -50.79 -69.58 -100.17
CA PHE F 209 -51.62 -70.76 -100.23
C PHE F 209 -51.20 -71.65 -101.39
N PHE F 210 -51.31 -72.95 -101.18
CA PHE F 210 -50.92 -74.01 -102.10
C PHE F 210 -52.03 -75.04 -102.10
N ALA F 211 -52.49 -75.46 -103.26
CA ALA F 211 -53.56 -76.41 -103.32
C ALA F 211 -53.21 -77.49 -104.33
N GLY F 212 -53.97 -78.56 -104.33
CA GLY F 212 -53.73 -79.67 -105.24
C GLY F 212 -54.73 -80.76 -105.02
N ASP F 213 -54.79 -81.68 -105.96
CA ASP F 213 -55.73 -82.79 -105.87
C ASP F 213 -55.32 -83.84 -104.92
N SER F 214 -54.05 -83.92 -104.56
CA SER F 214 -53.62 -84.87 -103.57
C SER F 214 -52.68 -84.18 -102.55
N PHE F 215 -52.57 -84.81 -101.37
CA PHE F 215 -51.61 -84.34 -100.39
C PHE F 215 -50.17 -84.38 -100.96
N ALA F 216 -49.83 -85.42 -101.69
CA ALA F 216 -48.50 -85.54 -102.34
C ALA F 216 -48.22 -84.38 -103.23
N ASP F 217 -49.20 -83.95 -104.03
CA ASP F 217 -49.00 -82.80 -104.90
C ASP F 217 -48.75 -81.55 -104.09
N ILE F 218 -49.44 -81.39 -102.97
CA ILE F 218 -49.26 -80.18 -102.19
C ILE F 218 -47.86 -80.18 -101.53
N VAL F 219 -47.42 -81.32 -101.02
CA VAL F 219 -46.06 -81.44 -100.49
C VAL F 219 -44.99 -81.14 -101.58
N SER F 220 -45.20 -81.61 -102.82
CA SER F 220 -44.29 -81.20 -103.93
C SER F 220 -44.23 -79.71 -104.10
N ALA F 221 -45.39 -79.08 -104.13
CA ALA F 221 -45.43 -77.63 -104.34
C ALA F 221 -44.73 -76.89 -103.18
N LEU F 222 -45.00 -77.32 -101.93
CA LEU F 222 -44.32 -76.74 -100.80
C LEU F 222 -42.80 -76.89 -100.92
N SER F 223 -42.32 -78.09 -101.26
CA SER F 223 -40.90 -78.34 -101.33
C SER F 223 -40.22 -77.49 -102.43
N LEU F 224 -40.95 -77.24 -103.52
CA LEU F 224 -40.43 -76.39 -104.59
C LEU F 224 -40.37 -74.96 -104.07
N HIS F 225 -41.35 -74.53 -103.28
CA HIS F 225 -41.35 -73.18 -102.74
C HIS F 225 -40.21 -72.96 -101.69
N PHE F 226 -39.93 -73.92 -100.81
CA PHE F 226 -38.90 -73.75 -99.78
C PHE F 226 -37.50 -74.15 -100.26
N GLY F 227 -37.46 -75.08 -101.22
CA GLY F 227 -36.25 -75.58 -101.86
C GLY F 227 -36.00 -77.03 -101.43
N ARG F 228 -35.54 -77.85 -102.37
CA ARG F 228 -35.25 -79.24 -102.13
C ARG F 228 -33.81 -79.48 -101.76
N GLN F 229 -33.50 -80.68 -101.29
CA GLN F 229 -32.17 -81.01 -100.90
C GLN F 229 -31.47 -81.79 -102.01
N PRO F 230 -30.14 -81.84 -101.97
CA PRO F 230 -29.46 -82.74 -102.92
C PRO F 230 -29.75 -84.18 -102.54
N GLU F 231 -29.48 -85.09 -103.47
CA GLU F 231 -29.55 -86.51 -103.15
C GLU F 231 -28.49 -86.86 -102.10
N LEU F 232 -28.73 -87.92 -101.35
CA LEU F 232 -27.77 -88.31 -100.34
C LEU F 232 -26.45 -88.71 -101.05
N PRO F 233 -25.28 -88.40 -100.48
CA PRO F 233 -24.02 -88.83 -101.08
C PRO F 233 -23.90 -90.35 -101.07
N ASP F 234 -23.27 -90.91 -102.10
CA ASP F 234 -23.17 -92.35 -102.18
C ASP F 234 -22.44 -92.98 -100.99
N TRP F 235 -21.48 -92.29 -100.39
CA TRP F 235 -20.70 -92.92 -99.31
C TRP F 235 -21.53 -93.27 -98.07
N VAL F 236 -22.61 -92.55 -97.85
CA VAL F 236 -23.56 -92.83 -96.74
C VAL F 236 -24.11 -94.27 -96.74
N TYR F 237 -24.32 -94.80 -97.93
CA TYR F 237 -24.82 -96.15 -98.12
C TYR F 237 -23.87 -97.27 -97.72
N ASN F 238 -22.63 -96.95 -97.41
CA ASN F 238 -21.68 -97.96 -96.91
C ASN F 238 -21.99 -98.39 -95.49
N GLY F 239 -22.85 -97.70 -94.77
CA GLY F 239 -23.20 -98.19 -93.40
C GLY F 239 -23.44 -97.08 -92.39
N ALA F 240 -23.19 -97.38 -91.12
CA ALA F 240 -23.47 -96.43 -90.03
C ALA F 240 -22.32 -95.42 -89.84
N ILE F 241 -22.69 -94.24 -89.34
CA ILE F 241 -21.76 -93.27 -88.88
C ILE F 241 -21.61 -93.51 -87.39
N ILE F 242 -20.43 -93.97 -86.97
CA ILE F 242 -20.13 -94.23 -85.57
C ILE F 242 -19.73 -92.97 -84.82
N GLY F 243 -20.51 -92.65 -83.79
CA GLY F 243 -20.27 -91.47 -82.97
C GLY F 243 -19.45 -91.82 -81.73
N LEU F 244 -18.22 -91.30 -81.67
CA LEU F 244 -17.37 -91.52 -80.50
C LEU F 244 -16.77 -90.19 -80.12
N LYS F 245 -16.51 -90.03 -78.85
CA LYS F 245 -15.96 -88.80 -78.31
C LYS F 245 -14.92 -89.10 -77.25
N ASP F 246 -14.09 -90.09 -77.55
CA ASP F 246 -13.16 -90.67 -76.58
C ASP F 246 -11.71 -90.40 -77.03
N GLY F 247 -11.47 -89.29 -77.74
CA GLY F 247 -10.11 -88.97 -78.16
C GLY F 247 -9.46 -90.11 -78.94
N VAL F 248 -8.17 -90.30 -78.69
CA VAL F 248 -7.40 -91.30 -79.41
C VAL F 248 -7.98 -92.69 -79.21
N ASN F 249 -8.55 -92.96 -78.06
CA ASN F 249 -9.24 -94.21 -77.79
C ASN F 249 -10.41 -94.51 -78.71
N SER F 250 -10.96 -93.49 -79.35
CA SER F 250 -12.02 -93.70 -80.34
C SER F 250 -11.62 -94.72 -81.39
N PHE F 251 -10.34 -94.74 -81.79
CA PHE F 251 -9.90 -95.58 -82.92
C PHE F 251 -9.94 -97.03 -82.59
N ALA F 252 -9.48 -97.38 -81.39
CA ALA F 252 -9.49 -98.77 -80.98
C ALA F 252 -10.93 -99.27 -80.79
N ARG F 253 -11.83 -98.41 -80.27
CA ARG F 253 -13.19 -98.82 -80.10
C ARG F 253 -13.89 -99.01 -81.47
N LEU F 254 -13.56 -98.13 -82.45
CA LEU F 254 -14.09 -98.33 -83.79
C LEU F 254 -13.65 -99.69 -84.38
N GLU F 255 -12.38 -100.07 -84.14
CA GLU F 255 -11.87 -101.36 -84.68
C GLU F 255 -12.66 -102.53 -84.10
N LYS F 256 -12.96 -102.44 -82.81
CA LYS F 256 -13.78 -103.44 -82.15
C LYS F 256 -15.20 -103.54 -82.76
N ILE F 257 -15.80 -102.38 -83.02
CA ILE F 257 -17.11 -102.32 -83.68
C ILE F 257 -17.04 -102.99 -85.07
N ARG F 258 -16.00 -102.64 -85.82
CA ARG F 258 -15.80 -103.25 -87.13
C ARG F 258 -15.53 -104.75 -87.08
N ALA F 259 -14.84 -105.22 -86.05
CA ALA F 259 -14.52 -106.67 -85.93
C ALA F 259 -15.78 -107.50 -85.71
N ALA F 260 -16.85 -106.89 -85.23
CA ALA F 260 -18.11 -107.60 -85.11
C ALA F 260 -18.89 -107.66 -86.44
N GLY F 261 -18.36 -107.13 -87.53
CA GLY F 261 -19.04 -107.21 -88.82
C GLY F 261 -19.86 -105.97 -89.15
N THR F 262 -19.85 -104.96 -88.27
CA THR F 262 -20.64 -103.75 -88.47
C THR F 262 -20.25 -103.04 -89.78
N LYS F 263 -21.24 -102.64 -90.58
CA LYS F 263 -20.95 -101.87 -91.78
C LYS F 263 -20.84 -100.41 -91.37
N VAL F 264 -19.72 -99.77 -91.68
CA VAL F 264 -19.39 -98.44 -91.27
C VAL F 264 -19.10 -97.54 -92.44
N SER F 265 -19.80 -96.40 -92.53
CA SER F 265 -19.56 -95.39 -93.56
C SER F 265 -18.68 -94.25 -93.06
N GLY F 266 -18.70 -94.00 -91.74
CA GLY F 266 -18.05 -92.81 -91.21
C GLY F 266 -17.77 -92.93 -89.72
N LEU F 267 -16.75 -92.20 -89.28
CA LEU F 267 -16.44 -92.03 -87.86
C LEU F 267 -16.71 -90.53 -87.60
N TRP F 268 -17.58 -90.26 -86.65
CA TRP F 268 -18.00 -88.89 -86.29
C TRP F 268 -17.46 -88.64 -84.87
N CYS F 269 -16.45 -87.76 -84.75
CA CYS F 269 -15.81 -87.44 -83.48
C CYS F 269 -16.09 -85.96 -83.16
N GLU F 270 -17.16 -85.70 -82.43
CA GLU F 270 -17.52 -84.30 -82.10
C GLU F 270 -16.47 -83.63 -81.22
N ASP F 271 -15.70 -84.43 -80.46
CA ASP F 271 -14.60 -83.94 -79.63
C ASP F 271 -13.31 -83.70 -80.43
N TRP F 272 -13.40 -83.62 -81.76
CA TRP F 272 -12.25 -83.23 -82.59
C TRP F 272 -11.69 -81.87 -82.15
N VAL F 273 -12.52 -81.04 -81.55
CA VAL F 273 -12.10 -79.75 -81.04
C VAL F 273 -11.71 -79.77 -79.54
N GLY F 274 -11.79 -80.93 -78.88
CA GLY F 274 -11.57 -81.05 -77.44
C GLY F 274 -12.86 -81.04 -76.62
N LEU F 275 -12.68 -81.36 -75.34
CA LEU F 275 -13.79 -81.45 -74.38
C LEU F 275 -13.78 -80.29 -73.46
N ARG F 276 -14.93 -79.92 -72.91
CA ARG F 276 -15.03 -79.09 -71.73
C ARG F 276 -16.00 -79.80 -70.77
N GLN F 277 -15.49 -80.21 -69.61
CA GLN F 277 -16.30 -80.84 -68.60
C GLN F 277 -17.09 -79.74 -67.90
N THR F 278 -18.40 -79.95 -67.75
CA THR F 278 -19.27 -79.09 -66.99
C THR F 278 -20.16 -79.91 -66.07
N SER F 279 -21.00 -79.30 -65.26
CA SER F 279 -21.97 -80.12 -64.46
C SER F 279 -22.93 -80.86 -65.37
N PHE F 280 -23.15 -80.43 -66.61
CA PHE F 280 -24.03 -81.17 -67.54
C PHE F 280 -23.39 -82.47 -68.01
N GLY F 281 -22.08 -82.46 -68.15
CA GLY F 281 -21.26 -83.63 -68.52
C GLY F 281 -20.06 -83.29 -69.39
N ALA F 282 -19.74 -84.19 -70.31
CA ALA F 282 -18.60 -84.05 -71.23
C ALA F 282 -19.04 -83.28 -72.46
N ARG F 283 -19.10 -81.96 -72.33
CA ARG F 283 -19.41 -81.08 -73.43
C ARG F 283 -18.12 -80.77 -74.23
N LEU F 284 -18.28 -80.00 -75.31
CA LEU F 284 -17.21 -79.72 -76.20
C LEU F 284 -16.59 -78.35 -75.97
N PHE F 285 -15.36 -78.21 -76.45
CA PHE F 285 -14.63 -76.93 -76.40
C PHE F 285 -14.92 -76.17 -77.72
N TRP F 286 -15.65 -75.07 -77.61
CA TRP F 286 -16.26 -74.40 -78.77
C TRP F 286 -15.29 -73.42 -79.48
N ASP F 287 -14.29 -74.03 -80.08
CA ASP F 287 -13.27 -73.35 -80.84
C ASP F 287 -13.00 -74.19 -82.06
N TRP F 288 -13.41 -73.70 -83.24
CA TRP F 288 -13.61 -74.58 -84.43
C TRP F 288 -12.33 -74.80 -85.24
N GLN F 289 -11.45 -75.57 -84.63
CA GLN F 289 -10.23 -76.08 -85.30
C GLN F 289 -9.79 -77.34 -84.59
N ALA F 290 -9.11 -78.20 -85.31
CA ALA F 290 -8.65 -79.48 -84.75
C ALA F 290 -7.81 -79.23 -83.53
N ASN F 291 -8.02 -80.02 -82.52
CA ASN F 291 -7.33 -79.89 -81.22
C ASN F 291 -6.24 -80.98 -81.20
N ASP F 292 -4.99 -80.51 -81.37
CA ASP F 292 -3.81 -81.40 -81.41
C ASP F 292 -3.57 -82.09 -80.06
N THR F 293 -4.07 -81.56 -78.95
CA THR F 293 -3.93 -82.29 -77.70
C THR F 293 -4.83 -83.51 -77.67
N ARG F 294 -6.07 -83.38 -78.09
CA ARG F 294 -7.01 -84.50 -78.05
C ARG F 294 -6.80 -85.52 -79.17
N TYR F 295 -6.47 -85.02 -80.37
CA TYR F 295 -6.23 -85.86 -81.57
C TYR F 295 -4.90 -85.44 -82.22
N PRO F 296 -3.78 -85.85 -81.62
CA PRO F 296 -2.49 -85.32 -82.14
C PRO F 296 -2.14 -85.71 -83.56
N HIS F 297 -2.77 -86.69 -84.17
CA HIS F 297 -2.40 -87.09 -85.53
C HIS F 297 -3.62 -87.19 -86.39
N LEU F 298 -4.52 -86.23 -86.21
CA LEU F 298 -5.86 -86.39 -86.76
C LEU F 298 -5.83 -86.43 -88.27
N ARG F 299 -5.05 -85.56 -88.86
CA ARG F 299 -5.02 -85.52 -90.33
C ARG F 299 -4.57 -86.85 -90.92
N GLN F 300 -3.60 -87.48 -90.27
CA GLN F 300 -3.12 -88.79 -90.68
C GLN F 300 -4.17 -89.89 -90.49
N LYS F 301 -4.84 -89.86 -89.34
CA LYS F 301 -5.96 -90.77 -89.07
C LYS F 301 -7.09 -90.67 -90.09
N ILE F 302 -7.41 -89.47 -90.50
CA ILE F 302 -8.43 -89.27 -91.53
C ILE F 302 -8.00 -89.95 -92.82
N ALA F 303 -6.72 -89.80 -93.21
CA ALA F 303 -6.24 -90.48 -94.40
C ALA F 303 -6.26 -92.01 -94.26
N GLU F 304 -5.88 -92.55 -93.10
CA GLU F 304 -5.96 -94.02 -92.83
C GLU F 304 -7.38 -94.53 -92.94
N LEU F 305 -8.32 -93.80 -92.35
CA LEU F 305 -9.72 -94.19 -92.45
C LEU F 305 -10.21 -94.14 -93.90
N ALA F 306 -9.81 -93.10 -94.65
CA ALA F 306 -10.22 -92.99 -96.05
C ALA F 306 -9.75 -94.23 -96.85
N ASP F 307 -8.54 -94.71 -96.58
CA ASP F 307 -8.06 -95.97 -97.18
C ASP F 307 -8.87 -97.20 -96.82
N GLN F 308 -9.58 -97.16 -95.70
CA GLN F 308 -10.49 -98.23 -95.36
C GLN F 308 -11.89 -97.97 -95.85
N GLY F 309 -12.12 -96.95 -96.67
CA GLY F 309 -13.48 -96.62 -97.10
C GLY F 309 -14.38 -95.94 -96.05
N ILE F 310 -13.78 -95.33 -95.03
CA ILE F 310 -14.52 -94.70 -93.95
C ILE F 310 -14.24 -93.21 -93.91
N ARG F 311 -15.30 -92.41 -93.96
CA ARG F 311 -15.18 -90.95 -93.88
C ARG F 311 -15.03 -90.48 -92.44
N PHE F 312 -14.63 -89.20 -92.29
CA PHE F 312 -14.47 -88.61 -90.97
C PHE F 312 -15.34 -87.35 -90.88
N LEU F 313 -16.07 -87.25 -89.77
CA LEU F 313 -17.01 -86.11 -89.54
C LEU F 313 -16.73 -85.46 -88.23
N GLY F 314 -16.99 -84.16 -88.16
CA GLY F 314 -16.76 -83.39 -86.94
C GLY F 314 -18.03 -82.66 -86.46
N TYR F 315 -17.81 -81.46 -85.94
CA TYR F 315 -18.83 -80.71 -85.19
C TYR F 315 -18.49 -79.24 -85.29
N VAL F 316 -19.51 -78.41 -85.45
CA VAL F 316 -19.31 -76.97 -85.43
C VAL F 316 -20.64 -76.32 -85.02
N ASN F 317 -20.57 -75.13 -84.45
CA ASN F 317 -21.76 -74.35 -84.17
C ASN F 317 -21.37 -72.87 -84.31
N PRO F 318 -22.34 -71.95 -84.24
CA PRO F 318 -22.09 -70.61 -84.68
C PRO F 318 -21.67 -69.65 -83.61
N TYR F 319 -21.17 -70.17 -82.48
CA TYR F 319 -20.75 -69.41 -81.35
C TYR F 319 -19.28 -69.70 -81.12
N LEU F 320 -18.58 -68.78 -80.44
CA LEU F 320 -17.19 -68.98 -80.07
C LEU F 320 -16.94 -68.74 -78.61
N CYS F 321 -16.33 -69.71 -77.92
CA CYS F 321 -16.10 -69.56 -76.48
C CYS F 321 -15.06 -68.50 -76.17
N VAL F 322 -15.31 -67.72 -75.11
CA VAL F 322 -14.44 -66.60 -74.74
C VAL F 322 -13.03 -67.02 -74.38
N ASP F 323 -12.81 -68.28 -74.02
CA ASP F 323 -11.49 -68.74 -73.63
C ASP F 323 -10.80 -69.50 -74.73
N GLY F 324 -11.31 -69.42 -75.96
CA GLY F 324 -10.67 -70.01 -77.10
C GLY F 324 -9.88 -69.03 -77.93
N PRO F 325 -8.91 -69.54 -78.73
CA PRO F 325 -8.08 -68.61 -79.53
C PRO F 325 -8.81 -67.94 -80.71
N LEU F 326 -9.90 -68.51 -81.23
CA LEU F 326 -10.61 -67.82 -82.29
C LEU F 326 -11.42 -66.63 -81.81
N PHE F 327 -11.82 -66.62 -80.54
CA PHE F 327 -12.64 -65.54 -80.03
C PHE F 327 -12.01 -64.13 -80.28
N PRO F 328 -10.75 -63.90 -79.84
CA PRO F 328 -10.18 -62.57 -80.14
C PRO F 328 -9.95 -62.28 -81.63
N VAL F 329 -9.81 -63.27 -82.46
CA VAL F 329 -9.73 -63.07 -83.91
C VAL F 329 -11.03 -62.50 -84.43
N ALA F 330 -12.13 -63.16 -84.08
CA ALA F 330 -13.46 -62.68 -84.50
C ALA F 330 -13.79 -61.32 -83.87
N GLU F 331 -13.42 -61.13 -82.64
CA GLU F 331 -13.71 -59.85 -81.98
C GLU F 331 -12.93 -58.70 -82.63
N SER F 332 -11.68 -58.95 -82.95
CA SER F 332 -10.81 -57.95 -83.58
C SER F 332 -11.38 -57.55 -84.94
N ALA F 333 -11.93 -58.51 -85.67
CA ALA F 333 -12.57 -58.21 -86.94
C ALA F 333 -13.98 -57.56 -86.83
N GLY F 334 -14.55 -57.49 -85.63
CA GLY F 334 -15.90 -56.92 -85.44
C GLY F 334 -17.00 -57.89 -85.89
N TYR F 335 -16.80 -59.20 -85.70
CA TYR F 335 -17.70 -60.20 -86.19
C TYR F 335 -18.79 -60.69 -85.19
N PHE F 336 -18.85 -60.13 -84.00
CA PHE F 336 -19.78 -60.57 -82.97
C PHE F 336 -20.99 -59.63 -82.83
N ALA F 337 -22.15 -60.21 -82.49
CA ALA F 337 -23.27 -59.41 -82.04
C ALA F 337 -22.90 -58.61 -80.78
N THR F 338 -23.49 -57.44 -80.63
CA THR F 338 -23.11 -56.54 -79.54
C THR F 338 -24.26 -56.34 -78.56
N ASP F 339 -23.91 -55.84 -77.38
CA ASP F 339 -24.89 -55.46 -76.37
C ASP F 339 -25.34 -54.01 -76.61
N VAL F 340 -26.24 -53.56 -75.75
CA VAL F 340 -26.77 -52.21 -75.86
C VAL F 340 -25.69 -51.10 -75.84
N ASP F 341 -24.56 -51.32 -75.16
CA ASP F 341 -23.41 -50.38 -75.18
C ASP F 341 -22.40 -50.59 -76.30
N GLY F 342 -22.62 -51.44 -77.26
CA GLY F 342 -21.65 -51.68 -78.36
C GLY F 342 -20.52 -52.64 -78.03
N LYS F 343 -20.49 -53.25 -76.84
CA LYS F 343 -19.46 -54.28 -76.53
C LYS F 343 -19.90 -55.65 -77.02
N THR F 344 -18.98 -56.58 -77.27
CA THR F 344 -19.34 -57.94 -77.62
C THR F 344 -20.34 -58.48 -76.59
N ALA F 345 -21.48 -58.98 -77.04
CA ALA F 345 -22.47 -59.60 -76.16
C ALA F 345 -22.00 -61.02 -75.81
N LEU F 346 -21.88 -61.30 -74.53
CA LEU F 346 -21.52 -62.62 -74.03
C LEU F 346 -22.76 -63.38 -73.61
N VAL F 347 -22.92 -64.61 -74.10
CA VAL F 347 -24.05 -65.42 -73.76
C VAL F 347 -23.58 -66.59 -72.94
N ASP F 348 -24.33 -66.89 -71.87
CA ASP F 348 -24.04 -68.07 -71.01
C ASP F 348 -24.68 -69.32 -71.61
N PHE F 349 -23.85 -70.28 -71.97
CA PHE F 349 -24.32 -71.56 -72.52
C PHE F 349 -24.31 -72.71 -71.53
N GLY F 350 -23.98 -72.41 -70.27
CA GLY F 350 -24.06 -73.33 -69.16
C GLY F 350 -22.67 -73.55 -68.63
N GLU F 351 -22.25 -72.61 -67.80
CA GLU F 351 -20.95 -72.60 -67.14
C GLU F 351 -19.78 -72.21 -68.08
N PHE F 352 -20.09 -71.67 -69.25
CA PHE F 352 -19.12 -70.98 -70.07
C PHE F 352 -19.85 -69.96 -70.94
N ASP F 353 -19.12 -68.93 -71.32
CA ASP F 353 -19.60 -67.85 -72.16
C ASP F 353 -19.06 -67.89 -73.57
N CYS F 354 -19.89 -67.38 -74.48
CA CYS F 354 -19.51 -67.30 -75.89
C CYS F 354 -19.96 -66.00 -76.50
N GLY F 355 -19.26 -65.63 -77.56
CA GLY F 355 -19.75 -64.62 -78.48
C GLY F 355 -20.55 -65.27 -79.57
N VAL F 356 -21.46 -64.45 -80.13
CA VAL F 356 -22.40 -64.88 -81.21
C VAL F 356 -21.88 -64.34 -82.53
N VAL F 357 -21.44 -65.19 -83.45
CA VAL F 357 -20.97 -64.69 -84.73
C VAL F 357 -22.16 -64.09 -85.48
N ASP F 358 -22.03 -62.81 -85.88
CA ASP F 358 -23.16 -62.05 -86.40
C ASP F 358 -23.30 -62.26 -87.89
N PHE F 359 -24.12 -63.22 -88.30
CA PHE F 359 -24.34 -63.51 -89.71
C PHE F 359 -25.12 -62.45 -90.47
N THR F 360 -25.63 -61.41 -89.83
CA THR F 360 -26.20 -60.29 -90.57
C THR F 360 -25.10 -59.38 -91.15
N ASN F 361 -23.88 -59.50 -90.64
CA ASN F 361 -22.68 -58.84 -91.18
C ASN F 361 -22.13 -59.76 -92.28
N PRO F 362 -22.25 -59.37 -93.56
CA PRO F 362 -21.82 -60.27 -94.66
C PRO F 362 -20.36 -60.71 -94.55
N ALA F 363 -19.49 -59.83 -94.03
CA ALA F 363 -18.06 -60.21 -93.87
C ALA F 363 -17.88 -61.30 -92.81
N ALA F 364 -18.67 -61.25 -91.76
CA ALA F 364 -18.64 -62.31 -90.73
C ALA F 364 -19.16 -63.63 -91.26
N ALA F 365 -20.24 -63.59 -92.02
CA ALA F 365 -20.80 -64.80 -92.64
C ALA F 365 -19.82 -65.42 -93.61
N ASP F 366 -19.22 -64.58 -94.44
CA ASP F 366 -18.15 -65.04 -95.40
C ASP F 366 -16.94 -65.60 -94.71
N TRP F 367 -16.47 -64.92 -93.68
CA TRP F 367 -15.36 -65.44 -92.87
C TRP F 367 -15.67 -66.79 -92.28
N PHE F 368 -16.87 -66.98 -91.71
CA PHE F 368 -17.19 -68.28 -91.11
C PHE F 368 -17.18 -69.36 -92.19
N ALA F 369 -17.82 -69.08 -93.32
CA ALA F 369 -17.87 -70.06 -94.40
C ALA F 369 -16.48 -70.39 -94.97
N ALA F 370 -15.66 -69.37 -95.18
CA ALA F 370 -14.32 -69.55 -95.80
C ALA F 370 -13.26 -70.13 -94.85
N ALA F 371 -13.12 -69.49 -93.69
CA ALA F 371 -12.05 -69.85 -92.72
C ALA F 371 -12.39 -71.07 -91.89
N ILE F 372 -13.66 -71.24 -91.48
CA ILE F 372 -14.04 -72.36 -90.61
C ILE F 372 -14.54 -73.56 -91.37
N ILE F 373 -15.63 -73.39 -92.08
CA ILE F 373 -16.20 -74.50 -92.87
C ILE F 373 -15.18 -74.93 -93.96
N GLY F 374 -14.73 -73.95 -94.73
CA GLY F 374 -13.79 -74.19 -95.86
C GLY F 374 -12.42 -74.69 -95.43
N LYS F 375 -11.68 -73.83 -94.75
CA LYS F 375 -10.30 -74.11 -94.42
C LYS F 375 -10.17 -75.11 -93.24
N ASN F 376 -10.81 -74.84 -92.11
CA ASN F 376 -10.61 -75.67 -90.89
C ASN F 376 -11.29 -77.01 -90.91
N MET F 377 -12.31 -77.16 -91.77
CA MET F 377 -13.08 -78.38 -91.80
C MET F 377 -12.94 -79.16 -93.13
N LEU F 378 -13.47 -78.63 -94.22
CA LEU F 378 -13.38 -79.32 -95.48
C LEU F 378 -11.95 -79.53 -95.95
N ASP F 379 -11.13 -78.47 -95.96
CA ASP F 379 -9.74 -78.62 -96.41
C ASP F 379 -8.97 -79.50 -95.46
N PHE F 380 -9.36 -79.59 -94.18
CA PHE F 380 -8.66 -80.46 -93.25
C PHE F 380 -8.98 -81.94 -93.52
N GLY F 381 -10.02 -82.26 -94.30
CA GLY F 381 -10.35 -83.63 -94.67
C GLY F 381 -11.69 -84.15 -94.11
N LEU F 382 -12.51 -83.32 -93.49
CA LEU F 382 -13.84 -83.74 -93.02
C LEU F 382 -14.80 -83.91 -94.22
N SER F 383 -15.55 -85.00 -94.26
CA SER F 383 -16.62 -85.19 -95.25
C SER F 383 -17.97 -84.68 -94.75
N GLY F 384 -18.03 -84.25 -93.48
CA GLY F 384 -19.30 -83.80 -92.94
C GLY F 384 -19.18 -83.50 -91.47
N TRP F 385 -20.29 -83.10 -90.87
CA TRP F 385 -20.29 -82.65 -89.50
C TRP F 385 -21.72 -82.43 -89.00
N MET F 386 -21.85 -82.47 -87.67
CA MET F 386 -23.01 -81.94 -87.00
C MET F 386 -22.88 -80.40 -87.03
N ALA F 387 -23.85 -79.73 -87.62
CA ALA F 387 -23.93 -78.27 -87.64
C ALA F 387 -24.98 -77.85 -86.63
N ASP F 388 -24.52 -77.63 -85.41
CA ASP F 388 -25.38 -77.58 -84.26
C ASP F 388 -25.85 -76.15 -83.95
N PHE F 389 -26.83 -76.06 -83.04
CA PHE F 389 -27.38 -74.83 -82.54
C PHE F 389 -28.04 -73.94 -83.65
N GLY F 390 -28.20 -72.67 -83.38
CA GLY F 390 -29.06 -71.82 -84.20
C GLY F 390 -30.28 -71.23 -83.50
N GLU F 391 -30.56 -71.78 -82.33
CA GLU F 391 -31.85 -71.54 -81.65
C GLU F 391 -31.71 -70.62 -80.46
N TYR F 392 -30.53 -70.05 -80.19
CA TYR F 392 -30.22 -69.28 -79.00
C TYR F 392 -30.07 -67.78 -79.14
N LEU F 393 -30.50 -67.15 -80.22
CA LEU F 393 -30.29 -65.69 -80.26
C LEU F 393 -31.13 -64.97 -79.23
N PRO F 394 -30.55 -64.34 -78.22
CA PRO F 394 -31.38 -63.58 -77.26
C PRO F 394 -31.97 -62.37 -77.93
N ILE F 395 -32.96 -61.80 -77.35
CA ILE F 395 -33.64 -60.69 -77.93
C ILE F 395 -33.17 -59.32 -77.49
N ASP F 396 -32.21 -59.28 -76.59
CA ASP F 396 -31.68 -58.01 -76.11
C ASP F 396 -30.28 -57.74 -76.76
N ILE F 397 -29.90 -58.42 -77.85
CA ILE F 397 -28.68 -58.11 -78.51
C ILE F 397 -28.87 -57.37 -79.82
N LYS F 398 -27.81 -56.76 -80.28
CA LYS F 398 -27.81 -55.86 -81.46
C LYS F 398 -27.09 -56.51 -82.59
N LEU F 399 -27.74 -56.45 -83.76
CA LEU F 399 -27.18 -57.04 -84.96
C LEU F 399 -26.75 -55.97 -85.91
N SER F 400 -25.75 -56.32 -86.66
CA SER F 400 -25.13 -55.42 -87.66
C SER F 400 -26.11 -54.88 -88.69
N ASN F 401 -27.11 -55.67 -89.12
CA ASN F 401 -28.12 -55.14 -90.07
C ASN F 401 -29.11 -54.17 -89.42
N GLY F 402 -29.03 -53.91 -88.11
CA GLY F 402 -29.98 -53.00 -87.48
C GLY F 402 -31.42 -53.57 -87.29
N VAL F 403 -31.69 -54.81 -87.69
CA VAL F 403 -33.00 -55.38 -87.54
C VAL F 403 -33.14 -55.91 -86.08
N ASP F 404 -34.28 -55.65 -85.47
CA ASP F 404 -34.54 -56.13 -84.13
C ASP F 404 -34.30 -57.63 -83.92
N ALA F 405 -33.61 -57.98 -82.86
CA ALA F 405 -33.36 -59.38 -82.50
C ALA F 405 -34.63 -60.23 -82.35
N LYS F 406 -35.73 -59.59 -82.01
CA LYS F 406 -37.03 -60.24 -82.01
C LYS F 406 -37.47 -60.79 -83.36
N LEU F 407 -37.05 -60.13 -84.43
CA LEU F 407 -37.28 -60.60 -85.77
C LEU F 407 -36.16 -61.52 -86.26
N MET F 408 -34.92 -61.32 -85.80
CA MET F 408 -33.80 -62.12 -86.27
C MET F 408 -33.70 -63.48 -85.63
N HIS F 409 -34.30 -63.61 -84.43
CA HIS F 409 -34.21 -64.84 -83.68
C HIS F 409 -34.64 -66.07 -84.49
N ASN F 410 -35.85 -66.02 -85.06
CA ASN F 410 -36.30 -67.21 -85.83
C ASN F 410 -35.57 -67.36 -87.16
N ALA F 411 -35.03 -66.25 -87.69
CA ALA F 411 -34.27 -66.31 -88.98
C ALA F 411 -32.91 -67.01 -88.80
N TRP F 412 -32.41 -67.04 -87.56
CA TRP F 412 -31.06 -67.43 -87.35
C TRP F 412 -30.72 -68.81 -87.88
N PRO F 413 -31.58 -69.80 -87.61
CA PRO F 413 -31.21 -71.12 -88.12
C PRO F 413 -31.04 -71.16 -89.64
N THR F 414 -31.82 -70.39 -90.36
CA THR F 414 -31.73 -70.39 -91.83
C THR F 414 -30.41 -69.72 -92.29
N LEU F 415 -30.03 -68.61 -91.64
CA LEU F 415 -28.77 -67.92 -91.92
C LEU F 415 -27.62 -68.89 -91.65
N TRP F 416 -27.71 -69.65 -90.57
CA TRP F 416 -26.69 -70.59 -90.19
C TRP F 416 -26.58 -71.71 -91.18
N ALA F 417 -27.73 -72.23 -91.61
CA ALA F 417 -27.71 -73.25 -92.64
C ALA F 417 -27.04 -72.72 -93.92
N GLU F 418 -27.33 -71.50 -94.27
CA GLU F 418 -26.78 -70.92 -95.46
C GLU F 418 -25.20 -70.75 -95.40
N VAL F 419 -24.68 -70.40 -94.22
CA VAL F 419 -23.25 -70.35 -93.98
C VAL F 419 -22.61 -71.71 -94.26
N ASN F 420 -23.19 -72.75 -93.71
CA ASN F 420 -22.68 -74.10 -93.97
C ASN F 420 -22.73 -74.42 -95.46
N ALA F 421 -23.86 -74.13 -96.10
CA ALA F 421 -24.02 -74.49 -97.51
C ALA F 421 -23.02 -73.74 -98.41
N LYS F 422 -22.79 -72.47 -98.11
CA LYS F 422 -21.81 -71.69 -98.85
C LYS F 422 -20.42 -72.22 -98.70
N GLY F 423 -20.04 -72.65 -97.51
CA GLY F 423 -18.73 -73.25 -97.31
C GLY F 423 -18.53 -74.49 -98.15
N VAL F 424 -19.54 -75.34 -98.11
CA VAL F 424 -19.56 -76.59 -98.88
C VAL F 424 -19.49 -76.29 -100.39
N GLU F 425 -20.27 -75.34 -100.84
CA GLU F 425 -20.32 -74.94 -102.25
C GLU F 425 -18.98 -74.35 -102.68
N SER F 426 -18.30 -73.58 -101.83
CA SER F 426 -17.04 -72.99 -102.18
C SER F 426 -15.97 -74.07 -102.44
N ARG F 427 -16.14 -75.30 -101.95
CA ARG F 427 -15.20 -76.38 -102.29
C ARG F 427 -15.73 -77.35 -103.34
N GLY F 428 -16.83 -77.02 -104.02
CA GLY F 428 -17.46 -77.91 -104.99
C GLY F 428 -17.99 -79.20 -104.38
N LYS F 429 -18.43 -79.19 -103.12
CA LYS F 429 -18.81 -80.43 -102.47
C LYS F 429 -20.31 -80.55 -102.17
N THR F 430 -21.14 -79.73 -102.79
CA THR F 430 -22.56 -79.84 -102.62
C THR F 430 -23.04 -81.20 -103.10
N GLY F 431 -23.73 -81.96 -102.24
CA GLY F 431 -24.15 -83.29 -102.56
C GLY F 431 -23.12 -84.38 -102.27
N GLU F 432 -21.99 -83.99 -101.70
CA GLU F 432 -20.95 -84.92 -101.29
C GLU F 432 -20.59 -84.76 -99.81
N ALA F 433 -20.39 -83.53 -99.35
CA ALA F 433 -20.23 -83.28 -97.92
C ALA F 433 -21.61 -83.36 -97.25
N LEU F 434 -21.69 -83.92 -96.06
CA LEU F 434 -22.94 -84.13 -95.38
C LEU F 434 -22.96 -83.43 -94.04
N PHE F 435 -23.67 -82.31 -93.93
CA PHE F 435 -23.86 -81.74 -92.60
C PHE F 435 -25.33 -81.89 -92.21
N PHE F 436 -25.57 -81.92 -90.89
CA PHE F 436 -26.90 -82.16 -90.36
C PHE F 436 -27.20 -81.16 -89.23
N MET F 437 -28.43 -80.63 -89.26
CA MET F 437 -28.89 -79.64 -88.32
C MET F 437 -30.08 -80.13 -87.49
N ARG F 438 -30.19 -79.61 -86.25
CA ARG F 438 -31.35 -79.82 -85.45
C ARG F 438 -32.25 -78.61 -85.43
N ALA F 439 -31.69 -77.42 -85.66
CA ALA F 439 -32.48 -76.19 -85.66
C ALA F 439 -32.89 -75.83 -87.04
N GLY F 440 -34.01 -75.11 -87.17
CA GLY F 440 -34.51 -74.73 -88.49
C GLY F 440 -35.55 -73.61 -88.36
N PHE F 441 -35.87 -73.06 -89.54
CA PHE F 441 -36.99 -72.17 -89.73
C PHE F 441 -37.26 -72.16 -91.23
N THR F 442 -38.27 -71.42 -91.67
CA THR F 442 -38.59 -71.26 -93.06
C THR F 442 -37.28 -71.04 -93.88
N GLY F 443 -37.03 -71.93 -94.85
CA GLY F 443 -35.94 -71.74 -95.80
C GLY F 443 -34.74 -72.58 -95.53
N VAL F 444 -34.68 -73.19 -94.35
CA VAL F 444 -33.60 -74.09 -94.04
C VAL F 444 -33.52 -75.25 -95.04
N GLN F 445 -34.67 -75.59 -95.59
CA GLN F 445 -34.81 -76.64 -96.61
C GLN F 445 -33.88 -76.49 -97.81
N ALA F 446 -33.65 -75.25 -98.21
CA ALA F 446 -32.83 -74.97 -99.40
C ALA F 446 -31.34 -75.18 -99.15
N HIS F 447 -30.90 -75.18 -97.90
CA HIS F 447 -29.48 -75.16 -97.54
C HIS F 447 -29.01 -76.39 -96.80
N CYS F 448 -29.85 -76.99 -95.96
CA CYS F 448 -29.46 -78.10 -95.12
C CYS F 448 -29.85 -79.42 -95.78
N PRO F 449 -28.88 -80.33 -95.97
CA PRO F 449 -29.19 -81.60 -96.65
C PRO F 449 -29.78 -82.69 -95.79
N LEU F 450 -29.77 -82.54 -94.47
CA LEU F 450 -30.16 -83.62 -93.55
C LEU F 450 -30.50 -83.02 -92.19
N ILE F 451 -31.66 -83.36 -91.64
CA ILE F 451 -32.09 -82.95 -90.31
C ILE F 451 -31.82 -84.08 -89.35
N TRP F 452 -31.44 -83.75 -88.12
CA TRP F 452 -31.56 -84.71 -87.05
C TRP F 452 -32.52 -84.20 -85.98
N GLY F 453 -33.10 -85.18 -85.26
CA GLY F 453 -34.14 -84.93 -84.25
C GLY F 453 -33.72 -84.26 -82.94
N GLY F 454 -32.48 -83.78 -82.87
CA GLY F 454 -32.01 -83.09 -81.67
C GLY F 454 -31.80 -84.03 -80.50
N ASN F 455 -31.95 -83.51 -79.30
CA ASN F 455 -31.70 -84.31 -78.08
C ASN F 455 -33.00 -84.95 -77.56
N GLN F 456 -33.10 -86.27 -77.66
CA GLN F 456 -34.11 -87.02 -76.95
C GLN F 456 -33.48 -87.41 -75.62
N SER F 457 -34.33 -87.59 -74.63
CA SER F 457 -33.92 -88.28 -73.41
C SER F 457 -33.56 -89.74 -73.79
N VAL F 458 -32.73 -90.34 -72.94
CA VAL F 458 -32.34 -91.76 -73.14
C VAL F 458 -33.42 -92.72 -72.63
N ASP F 459 -34.62 -92.64 -73.19
CA ASP F 459 -35.77 -93.37 -72.64
C ASP F 459 -36.83 -93.56 -73.72
N PHE F 460 -37.86 -94.29 -73.32
CA PHE F 460 -39.04 -94.55 -74.10
C PHE F 460 -40.20 -93.60 -73.72
N SER F 461 -39.92 -92.41 -73.20
CA SER F 461 -40.99 -91.53 -72.79
C SER F 461 -41.80 -91.06 -74.00
N ARG F 462 -43.05 -90.70 -73.72
CA ARG F 462 -43.99 -90.27 -74.73
C ARG F 462 -43.58 -88.90 -75.36
N HIS F 463 -43.10 -88.00 -74.53
CA HIS F 463 -42.83 -86.63 -74.95
C HIS F 463 -41.35 -86.26 -75.11
N ASP F 464 -40.42 -87.17 -74.79
CA ASP F 464 -39.03 -86.93 -75.10
C ASP F 464 -38.20 -88.19 -75.45
N GLY F 465 -38.83 -89.28 -75.73
CA GLY F 465 -38.16 -90.56 -76.03
C GLY F 465 -38.21 -90.88 -77.51
N LEU F 466 -37.90 -92.13 -77.79
CA LEU F 466 -37.85 -92.67 -79.12
C LEU F 466 -39.02 -92.24 -80.02
N VAL F 467 -40.24 -92.32 -79.52
CA VAL F 467 -41.43 -92.11 -80.34
C VAL F 467 -41.49 -90.68 -80.91
N THR F 468 -40.88 -89.73 -80.19
CA THR F 468 -40.93 -88.33 -80.65
C THR F 468 -40.15 -88.10 -81.94
N VAL F 469 -39.17 -88.96 -82.22
CA VAL F 469 -38.41 -88.88 -83.45
C VAL F 469 -39.30 -89.01 -84.66
N ILE F 470 -40.25 -89.93 -84.59
CA ILE F 470 -41.15 -90.24 -85.73
C ILE F 470 -42.03 -89.06 -86.01
N CYS F 471 -42.53 -88.46 -84.95
CA CYS F 471 -43.34 -87.24 -85.09
C CYS F 471 -42.56 -86.14 -85.81
N GLY F 472 -41.30 -85.96 -85.36
CA GLY F 472 -40.36 -85.01 -85.99
C GLY F 472 -40.11 -85.27 -87.46
N ALA F 473 -39.88 -86.54 -87.81
CA ALA F 473 -39.66 -86.93 -89.19
C ALA F 473 -40.92 -86.63 -90.04
N LEU F 474 -42.10 -87.02 -89.54
CA LEU F 474 -43.30 -86.89 -90.33
C LEU F 474 -43.66 -85.41 -90.57
N SER F 475 -43.65 -84.62 -89.49
CA SER F 475 -43.97 -83.20 -89.61
C SER F 475 -42.94 -82.46 -90.50
N SER F 476 -41.65 -82.62 -90.21
CA SER F 476 -40.63 -81.95 -91.02
C SER F 476 -40.60 -82.38 -92.49
N GLY F 477 -40.93 -83.64 -92.76
CA GLY F 477 -41.08 -84.14 -94.12
C GLY F 477 -42.18 -83.44 -94.93
N LEU F 478 -43.32 -83.17 -94.31
CA LEU F 478 -44.39 -82.43 -94.98
C LEU F 478 -43.99 -81.01 -95.32
N MET F 479 -43.08 -80.46 -94.53
CA MET F 479 -42.56 -79.13 -94.75
C MET F 479 -41.41 -79.08 -95.79
N GLY F 480 -41.05 -80.22 -96.37
CA GLY F 480 -40.11 -80.30 -97.46
C GLY F 480 -38.67 -80.70 -97.10
N ASN F 481 -38.47 -81.18 -95.87
CA ASN F 481 -37.21 -81.72 -95.44
C ASN F 481 -37.29 -83.22 -95.61
N ALA F 482 -36.67 -83.71 -96.71
CA ALA F 482 -36.86 -85.11 -97.09
C ALA F 482 -36.12 -86.11 -96.25
N TYR F 483 -35.08 -85.69 -95.53
CA TYR F 483 -34.17 -86.59 -94.85
C TYR F 483 -34.08 -86.25 -93.37
N HIS F 484 -34.45 -87.21 -92.53
CA HIS F 484 -34.48 -87.07 -91.06
C HIS F 484 -33.77 -88.26 -90.43
N HIS F 485 -33.12 -88.06 -89.28
CA HIS F 485 -32.57 -89.15 -88.54
C HIS F 485 -32.44 -88.77 -87.12
N SER F 486 -31.99 -89.71 -86.32
CA SER F 486 -31.84 -89.41 -84.88
C SER F 486 -30.62 -90.07 -84.27
N ASP F 487 -30.25 -89.63 -83.06
CA ASP F 487 -29.22 -90.28 -82.30
C ASP F 487 -29.67 -91.68 -81.89
N ILE F 488 -28.98 -92.73 -82.33
CA ILE F 488 -29.31 -94.07 -81.86
C ILE F 488 -29.05 -94.20 -80.34
N GLY F 489 -30.11 -94.42 -79.59
CA GLY F 489 -30.07 -94.55 -78.16
C GLY F 489 -30.33 -93.24 -77.43
N GLY F 490 -30.69 -92.19 -78.16
CA GLY F 490 -30.94 -90.88 -77.52
C GLY F 490 -29.69 -90.17 -77.02
N TYR F 491 -29.88 -89.01 -76.41
CA TYR F 491 -28.78 -88.15 -75.98
C TYR F 491 -28.77 -87.87 -74.48
N THR F 492 -29.87 -87.31 -73.97
CA THR F 492 -29.82 -86.65 -72.68
C THR F 492 -29.93 -87.58 -71.49
N SER F 493 -28.86 -87.67 -70.70
CA SER F 493 -28.82 -88.52 -69.52
C SER F 493 -28.62 -87.59 -68.32
N LEU F 494 -29.67 -87.44 -67.51
CA LEU F 494 -29.70 -86.60 -66.34
C LEU F 494 -30.58 -87.24 -65.29
N PHE F 495 -30.30 -86.91 -64.02
CA PHE F 495 -31.16 -87.27 -62.92
C PHE F 495 -31.33 -88.81 -62.82
N GLY F 496 -30.29 -89.56 -63.13
CA GLY F 496 -30.37 -91.01 -63.09
C GLY F 496 -30.97 -91.70 -64.30
N ASN F 497 -31.44 -90.97 -65.29
CA ASN F 497 -31.96 -91.56 -66.51
C ASN F 497 -30.75 -91.96 -67.38
N VAL F 498 -30.58 -93.26 -67.59
CA VAL F 498 -29.49 -93.85 -68.35
C VAL F 498 -30.06 -94.87 -69.33
N ARG F 499 -29.29 -95.16 -70.37
CA ARG F 499 -29.75 -96.08 -71.42
C ARG F 499 -29.90 -97.50 -70.89
N THR F 500 -30.73 -98.29 -71.53
CA THR F 500 -30.68 -99.73 -71.38
C THR F 500 -30.26 -100.34 -72.72
N ALA F 501 -29.82 -101.57 -72.69
CA ALA F 501 -29.57 -102.36 -73.87
C ALA F 501 -30.78 -102.37 -74.80
N GLU F 502 -31.95 -102.60 -74.22
CA GLU F 502 -33.21 -102.71 -74.98
C GLU F 502 -33.50 -101.37 -75.73
N LEU F 503 -33.29 -100.27 -75.04
CA LEU F 503 -33.45 -98.98 -75.66
C LEU F 503 -32.56 -98.81 -76.91
N ILE F 504 -31.28 -99.12 -76.76
CA ILE F 504 -30.39 -99.00 -77.89
C ILE F 504 -30.86 -99.85 -79.04
N MET F 505 -31.19 -101.10 -78.74
CA MET F 505 -31.60 -102.04 -79.80
C MET F 505 -32.88 -101.59 -80.52
N ARG F 506 -33.91 -101.15 -79.76
CA ARG F 506 -35.12 -100.63 -80.39
C ARG F 506 -34.83 -99.40 -81.29
N TRP F 507 -33.95 -98.53 -80.81
CA TRP F 507 -33.62 -97.34 -81.57
C TRP F 507 -32.88 -97.70 -82.88
N THR F 508 -31.97 -98.68 -82.79
CA THR F 508 -31.22 -99.13 -83.95
C THR F 508 -32.19 -99.72 -85.01
N GLU F 509 -33.20 -100.46 -84.53
CA GLU F 509 -34.19 -101.13 -85.38
C GLU F 509 -34.93 -100.10 -86.24
N MET F 510 -35.33 -98.98 -85.61
CA MET F 510 -35.93 -97.90 -86.35
C MET F 510 -34.91 -97.29 -87.32
N ALA F 511 -33.70 -97.00 -86.82
CA ALA F 511 -32.73 -96.23 -87.58
C ALA F 511 -32.32 -96.88 -88.91
N ALA F 512 -32.30 -98.20 -88.94
CA ALA F 512 -31.97 -98.95 -90.15
C ALA F 512 -32.97 -98.71 -91.30
N PHE F 513 -34.18 -98.22 -90.97
CA PHE F 513 -35.19 -97.83 -91.95
C PHE F 513 -35.40 -96.32 -91.89
N THR F 514 -34.28 -95.61 -91.89
CA THR F 514 -34.22 -94.14 -92.05
C THR F 514 -32.99 -93.84 -92.92
N PRO F 515 -32.87 -92.61 -93.45
CA PRO F 515 -31.74 -92.30 -94.34
C PRO F 515 -30.36 -92.48 -93.74
N VAL F 516 -30.18 -92.30 -92.43
CA VAL F 516 -28.86 -92.35 -91.83
C VAL F 516 -28.84 -93.01 -90.45
N MET F 517 -28.02 -94.02 -90.29
CA MET F 517 -27.75 -94.62 -88.97
C MET F 517 -26.55 -93.91 -88.37
N ARG F 518 -26.71 -93.35 -87.19
CA ARG F 518 -25.64 -92.64 -86.50
C ARG F 518 -25.77 -92.84 -84.99
N THR F 519 -24.66 -93.18 -84.33
CA THR F 519 -24.61 -93.26 -82.89
C THR F 519 -24.05 -91.99 -82.29
N HIS F 520 -24.10 -91.89 -80.96
CA HIS F 520 -23.69 -90.73 -80.21
C HIS F 520 -23.47 -91.25 -78.79
N GLU F 521 -22.31 -90.93 -78.21
CA GLU F 521 -22.08 -91.31 -76.83
C GLU F 521 -22.88 -90.48 -75.81
N GLY F 522 -23.34 -89.28 -76.19
CA GLY F 522 -24.23 -88.51 -75.31
C GLY F 522 -23.45 -87.58 -74.40
N ASN F 523 -24.15 -86.98 -73.44
CA ASN F 523 -23.59 -85.99 -72.55
C ASN F 523 -22.76 -86.60 -71.44
N ARG F 524 -23.00 -87.85 -71.09
CA ARG F 524 -22.27 -88.52 -70.02
C ARG F 524 -21.84 -89.90 -70.44
N PRO F 525 -20.83 -89.96 -71.30
CA PRO F 525 -20.48 -91.22 -71.97
C PRO F 525 -20.22 -92.39 -71.02
N ARG F 526 -19.51 -92.14 -69.91
CA ARG F 526 -19.17 -93.26 -69.03
C ARG F 526 -20.32 -93.71 -68.12
N ASP F 527 -21.40 -92.96 -68.05
CA ASP F 527 -22.62 -93.38 -67.30
C ASP F 527 -23.60 -94.13 -68.16
N ASN F 528 -23.41 -94.16 -69.47
CA ASN F 528 -24.36 -94.76 -70.36
C ASN F 528 -23.77 -95.87 -71.21
N LEU F 529 -24.54 -96.92 -71.39
CA LEU F 529 -24.16 -98.01 -72.29
C LEU F 529 -23.94 -97.46 -73.71
N GLN F 530 -22.86 -97.87 -74.32
CA GLN F 530 -22.56 -97.54 -75.71
C GLN F 530 -22.58 -98.82 -76.55
N ILE F 531 -22.69 -98.65 -77.89
CA ILE F 531 -22.92 -99.82 -78.73
C ILE F 531 -21.85 -100.90 -78.70
N ASP F 532 -20.62 -100.50 -78.40
CA ASP F 532 -19.48 -101.45 -78.36
C ASP F 532 -19.36 -102.16 -77.01
N GLN F 533 -20.16 -101.82 -76.01
CA GLN F 533 -19.87 -102.28 -74.65
C GLN F 533 -20.64 -103.52 -74.25
N ASP F 534 -21.55 -104.02 -75.08
CA ASP F 534 -22.30 -105.20 -74.74
C ASP F 534 -22.37 -106.03 -76.00
N GLU F 535 -21.97 -107.31 -75.87
CA GLU F 535 -21.94 -108.22 -77.01
C GLU F 535 -23.24 -108.37 -77.75
N THR F 536 -24.33 -108.55 -77.01
CA THR F 536 -25.66 -108.70 -77.61
C THR F 536 -26.04 -107.45 -78.39
N VAL F 537 -25.86 -106.30 -77.76
CA VAL F 537 -26.19 -105.01 -78.39
C VAL F 537 -25.36 -104.82 -79.67
N LEU F 538 -24.06 -105.09 -79.57
CA LEU F 538 -23.16 -104.89 -80.72
C LEU F 538 -23.52 -105.82 -81.90
N ALA F 539 -23.83 -107.10 -81.60
CA ALA F 539 -24.19 -108.06 -82.65
C ALA F 539 -25.52 -107.64 -83.30
N HIS F 540 -26.47 -107.18 -82.45
CA HIS F 540 -27.75 -106.69 -82.99
C HIS F 540 -27.51 -105.46 -83.89
N PHE F 541 -26.66 -104.54 -83.41
CA PHE F 541 -26.29 -103.38 -84.23
C PHE F 541 -25.66 -103.76 -85.58
N ALA F 542 -24.68 -104.67 -85.55
CA ALA F 542 -23.98 -105.11 -86.77
C ALA F 542 -25.02 -105.65 -87.78
N ARG F 543 -25.89 -106.52 -87.30
CA ARG F 543 -26.90 -107.06 -88.15
C ARG F 543 -27.79 -105.98 -88.75
N MET F 544 -28.25 -105.05 -87.91
CA MET F 544 -29.09 -104.00 -88.47
C MET F 544 -28.31 -103.14 -89.50
N THR F 545 -27.01 -102.90 -89.31
CA THR F 545 -26.26 -102.19 -90.34
C THR F 545 -26.19 -102.97 -91.66
N ALA F 546 -26.11 -104.30 -91.59
CA ALA F 546 -26.13 -105.13 -92.82
C ALA F 546 -27.48 -105.01 -93.56
N ILE F 547 -28.55 -104.97 -92.78
CA ILE F 547 -29.88 -104.75 -93.34
C ILE F 547 -29.97 -103.40 -94.03
N TYR F 548 -29.47 -102.34 -93.36
CA TYR F 548 -29.45 -101.01 -93.95
C TYR F 548 -28.68 -100.99 -95.28
N VAL F 549 -27.50 -101.63 -95.27
CA VAL F 549 -26.71 -101.69 -96.51
C VAL F 549 -27.43 -102.47 -97.62
N ALA F 550 -28.05 -103.59 -97.28
CA ALA F 550 -28.78 -104.37 -98.31
C ALA F 550 -29.95 -103.57 -98.84
N LEU F 551 -30.55 -102.70 -98.01
CA LEU F 551 -31.67 -101.85 -98.45
C LEU F 551 -31.28 -100.60 -99.23
N ALA F 552 -30.00 -100.27 -99.27
CA ALA F 552 -29.54 -99.05 -99.91
C ALA F 552 -30.05 -98.76 -101.32
N PRO F 553 -30.12 -99.79 -102.20
CA PRO F 553 -30.70 -99.46 -103.52
C PRO F 553 -32.12 -98.89 -103.42
N TYR F 554 -32.93 -99.37 -102.48
CA TYR F 554 -34.28 -98.85 -102.30
C TYR F 554 -34.22 -97.40 -101.74
N LEU F 555 -33.45 -97.20 -100.68
CA LEU F 555 -33.24 -95.83 -100.10
C LEU F 555 -32.75 -94.87 -101.16
N LYS F 556 -31.81 -95.32 -101.96
CA LYS F 556 -31.26 -94.49 -103.03
C LYS F 556 -32.36 -94.09 -104.04
N SER F 557 -33.25 -95.01 -104.41
CA SER F 557 -34.37 -94.63 -105.30
C SER F 557 -35.31 -93.59 -104.59
N LEU F 558 -35.44 -93.68 -103.27
CA LEU F 558 -36.25 -92.70 -102.50
C LEU F 558 -35.61 -91.34 -102.47
N SER F 559 -34.29 -91.31 -102.37
CA SER F 559 -33.55 -90.03 -102.48
C SER F 559 -33.70 -89.42 -103.87
N ALA F 560 -33.64 -90.24 -104.89
CA ALA F 560 -33.89 -89.74 -106.27
C ALA F 560 -35.31 -89.15 -106.36
N GLU F 561 -36.30 -89.84 -105.79
CA GLU F 561 -37.66 -89.29 -105.80
C GLU F 561 -37.73 -87.98 -105.01
N ALA F 562 -37.05 -87.93 -103.90
CA ALA F 562 -37.03 -86.67 -103.13
C ALA F 562 -36.52 -85.49 -103.94
N ALA F 563 -35.43 -85.70 -104.64
CA ALA F 563 -34.91 -84.63 -105.55
C ALA F 563 -35.87 -84.31 -106.68
N LYS F 564 -36.51 -85.30 -107.26
CA LYS F 564 -37.39 -85.06 -108.43
C LYS F 564 -38.69 -84.47 -108.01
N THR F 565 -39.27 -84.93 -106.89
CA THR F 565 -40.66 -84.59 -106.54
C THR F 565 -40.86 -83.89 -105.18
N GLY F 566 -39.81 -83.82 -104.35
CA GLY F 566 -39.91 -83.24 -103.03
C GLY F 566 -40.45 -84.12 -101.92
N LEU F 567 -40.99 -85.30 -102.26
CA LEU F 567 -41.58 -86.16 -101.24
C LEU F 567 -40.54 -86.68 -100.24
N PRO F 568 -40.92 -86.67 -98.96
CA PRO F 568 -39.92 -87.10 -97.95
C PRO F 568 -39.73 -88.60 -98.02
N VAL F 569 -38.61 -89.04 -97.53
CA VAL F 569 -38.33 -90.47 -97.41
C VAL F 569 -39.31 -91.15 -96.39
N GLN F 570 -39.57 -90.48 -95.29
CA GLN F 570 -40.52 -90.99 -94.27
C GLN F 570 -41.83 -90.22 -94.43
N ARG F 571 -42.86 -90.95 -94.85
CA ARG F 571 -44.15 -90.37 -95.17
C ARG F 571 -45.26 -90.85 -94.22
N PRO F 572 -46.22 -89.97 -93.96
CA PRO F 572 -47.38 -90.41 -93.18
C PRO F 572 -48.32 -91.31 -94.01
N LEU F 573 -49.04 -92.18 -93.34
CA LEU F 573 -49.88 -93.17 -94.05
C LEU F 573 -50.89 -92.52 -94.93
N PHE F 574 -51.44 -91.37 -94.50
CA PHE F 574 -52.48 -90.74 -95.29
C PHE F 574 -52.00 -90.21 -96.62
N LEU F 575 -50.70 -90.02 -96.79
CA LEU F 575 -50.21 -89.48 -98.04
C LEU F 575 -50.47 -90.42 -99.23
N HIS F 576 -50.45 -91.72 -98.96
CA HIS F 576 -50.71 -92.73 -99.97
C HIS F 576 -52.04 -93.46 -99.79
N TYR F 577 -52.80 -93.16 -98.73
CA TYR F 577 -54.05 -93.87 -98.47
C TYR F 577 -55.10 -92.86 -98.01
N GLU F 578 -55.40 -91.94 -98.91
CA GLU F 578 -56.22 -90.79 -98.62
C GLU F 578 -57.65 -91.12 -98.22
N ASN F 579 -58.15 -92.28 -98.61
CA ASN F 579 -59.52 -92.64 -98.36
C ASN F 579 -59.74 -93.43 -97.08
N GLU F 580 -58.72 -93.52 -96.26
CA GLU F 580 -58.80 -94.31 -95.06
C GLU F 580 -58.60 -93.37 -93.85
N PRO F 581 -59.72 -92.95 -93.25
CA PRO F 581 -59.66 -92.03 -92.10
C PRO F 581 -58.78 -92.54 -90.95
N GLN F 582 -58.62 -93.85 -90.77
CA GLN F 582 -57.77 -94.39 -89.71
C GLN F 582 -56.26 -93.99 -89.87
N THR F 583 -55.87 -93.51 -91.06
CA THR F 583 -54.52 -93.13 -91.31
C THR F 583 -54.20 -91.67 -90.94
N TYR F 584 -55.22 -90.85 -90.65
CA TYR F 584 -55.02 -89.42 -90.62
C TYR F 584 -54.27 -88.88 -89.40
N ALA F 585 -54.42 -89.55 -88.24
CA ALA F 585 -53.70 -89.07 -87.04
C ALA F 585 -52.50 -89.91 -86.63
N VAL F 586 -52.25 -91.04 -87.35
CA VAL F 586 -51.16 -91.97 -86.99
C VAL F 586 -49.81 -91.26 -87.06
N GLN F 587 -49.07 -91.32 -85.96
CA GLN F 587 -47.75 -90.67 -85.86
C GLN F 587 -46.64 -91.49 -85.31
N ASP F 588 -46.90 -92.78 -85.09
CA ASP F 588 -45.85 -93.72 -84.62
C ASP F 588 -45.57 -94.84 -85.59
N CYS F 589 -46.00 -94.67 -86.84
CA CYS F 589 -45.68 -95.55 -87.96
C CYS F 589 -45.43 -94.62 -89.12
N TYR F 590 -44.66 -95.06 -90.07
CA TYR F 590 -44.45 -94.29 -91.32
C TYR F 590 -44.33 -95.24 -92.51
N LEU F 591 -44.62 -94.70 -93.67
CA LEU F 591 -44.31 -95.32 -94.94
C LEU F 591 -42.89 -94.90 -95.30
N TYR F 592 -42.03 -95.89 -95.48
CA TYR F 592 -40.65 -95.69 -95.90
C TYR F 592 -40.67 -95.82 -97.41
N GLY F 593 -40.83 -94.67 -98.07
CA GLY F 593 -41.24 -94.62 -99.48
C GLY F 593 -42.65 -95.14 -99.57
N ALA F 594 -43.13 -95.37 -100.81
CA ALA F 594 -44.48 -95.92 -100.99
C ALA F 594 -44.56 -97.41 -100.72
N ASP F 595 -43.48 -98.13 -100.68
CA ASP F 595 -43.51 -99.60 -100.74
C ASP F 595 -43.26 -100.31 -99.39
N MET F 596 -42.81 -99.58 -98.35
CA MET F 596 -42.57 -100.22 -97.06
C MET F 596 -43.31 -99.49 -95.96
N LEU F 597 -43.71 -100.23 -94.93
CA LEU F 597 -44.38 -99.69 -93.76
C LEU F 597 -43.57 -100.10 -92.54
N VAL F 598 -43.27 -99.12 -91.69
CA VAL F 598 -42.47 -99.34 -90.50
C VAL F 598 -43.22 -98.86 -89.26
N ALA F 599 -43.31 -99.73 -88.27
CA ALA F 599 -44.02 -99.47 -87.01
C ALA F 599 -43.09 -99.74 -85.81
N PRO F 600 -42.24 -98.74 -85.49
CA PRO F 600 -41.27 -98.98 -84.43
C PRO F 600 -41.90 -99.29 -83.08
N VAL F 601 -41.28 -100.21 -82.34
CA VAL F 601 -41.62 -100.39 -80.94
C VAL F 601 -41.00 -99.22 -80.13
N TRP F 602 -41.83 -98.53 -79.36
CA TRP F 602 -41.39 -97.38 -78.60
C TRP F 602 -41.63 -97.46 -77.10
N LYS F 603 -41.82 -98.68 -76.60
CA LYS F 603 -41.98 -98.96 -75.19
C LYS F 603 -41.15 -100.14 -74.75
N ALA F 604 -40.72 -100.09 -73.48
CA ALA F 604 -39.96 -101.19 -72.89
C ALA F 604 -40.84 -102.40 -72.68
N GLY F 605 -40.25 -103.59 -72.79
CA GLY F 605 -40.90 -104.80 -72.42
C GLY F 605 -41.93 -105.31 -73.43
N GLU F 606 -42.03 -104.71 -74.62
CA GLU F 606 -43.00 -105.19 -75.60
C GLU F 606 -42.45 -106.32 -76.41
N THR F 607 -43.21 -107.39 -76.56
CA THR F 607 -42.84 -108.51 -77.44
C THR F 607 -43.63 -108.51 -78.76
N GLN F 608 -44.65 -107.63 -78.86
CA GLN F 608 -45.52 -107.55 -80.02
C GLN F 608 -45.80 -106.12 -80.35
N ARG F 609 -46.29 -105.89 -81.57
CA ARG F 609 -46.67 -104.56 -81.97
C ARG F 609 -47.98 -104.60 -82.72
N SER F 610 -48.90 -103.74 -82.33
CA SER F 610 -50.18 -103.57 -83.00
C SER F 610 -50.13 -102.32 -83.84
N LEU F 611 -50.71 -102.36 -85.02
CA LEU F 611 -50.72 -101.25 -85.93
C LEU F 611 -51.82 -101.39 -86.96
N TYR F 612 -52.11 -100.30 -87.65
CA TYR F 612 -53.07 -100.29 -88.73
C TYR F 612 -52.35 -100.51 -90.05
N LEU F 613 -52.68 -101.60 -90.77
CA LEU F 613 -52.22 -101.82 -92.12
C LEU F 613 -53.19 -101.19 -93.10
N PRO F 614 -52.70 -100.29 -93.95
CA PRO F 614 -53.60 -99.61 -94.90
C PRO F 614 -53.76 -100.35 -96.22
N GLY F 615 -54.72 -99.92 -97.01
CA GLY F 615 -54.88 -100.31 -98.42
C GLY F 615 -55.84 -101.54 -98.55
N HIS F 616 -56.05 -101.92 -99.79
CA HIS F 616 -56.84 -103.08 -100.15
C HIS F 616 -56.05 -104.23 -100.77
N GLY F 617 -54.73 -104.14 -100.78
CA GLY F 617 -53.86 -105.19 -101.25
C GLY F 617 -53.28 -105.98 -100.11
N GLU F 618 -52.09 -106.50 -100.33
CA GLU F 618 -51.44 -107.35 -99.36
C GLU F 618 -50.08 -106.79 -98.99
N TRP F 619 -49.75 -106.95 -97.72
CA TRP F 619 -48.47 -106.55 -97.16
C TRP F 619 -47.73 -107.81 -96.77
N VAL F 620 -46.41 -107.83 -96.95
CA VAL F 620 -45.58 -108.97 -96.57
C VAL F 620 -44.73 -108.56 -95.37
N HIS F 621 -44.83 -109.33 -94.29
CA HIS F 621 -44.00 -109.13 -93.11
C HIS F 621 -42.56 -109.46 -93.49
N LEU F 622 -41.67 -108.51 -93.24
CA LEU F 622 -40.30 -108.60 -93.74
C LEU F 622 -39.54 -109.85 -93.31
N TRP F 623 -39.67 -110.22 -92.03
CA TRP F 623 -38.81 -111.24 -91.42
C TRP F 623 -39.31 -112.65 -91.70
N SER F 624 -40.63 -112.81 -91.79
CA SER F 624 -41.25 -114.12 -91.95
C SER F 624 -41.73 -114.39 -93.38
N GLY F 625 -41.94 -113.37 -94.20
CA GLY F 625 -42.60 -113.58 -95.49
C GLY F 625 -44.12 -113.82 -95.41
N LYS F 626 -44.74 -113.85 -94.23
CA LYS F 626 -46.20 -114.03 -94.14
C LYS F 626 -46.92 -112.84 -94.74
N ARG F 627 -47.98 -113.12 -95.49
CA ARG F 627 -48.81 -112.08 -96.11
C ARG F 627 -49.95 -111.66 -95.20
N HIS F 628 -50.34 -110.40 -95.23
CA HIS F 628 -51.42 -109.89 -94.41
C HIS F 628 -52.23 -108.93 -95.26
N ALA F 629 -53.55 -109.05 -95.20
CA ALA F 629 -54.41 -108.21 -96.01
C ALA F 629 -54.47 -106.79 -95.45
N GLY F 630 -54.45 -105.80 -96.32
CA GLY F 630 -54.56 -104.40 -95.90
C GLY F 630 -55.96 -104.05 -95.38
N GLY F 631 -56.06 -102.91 -94.70
CA GLY F 631 -57.35 -102.36 -94.26
C GLY F 631 -57.82 -102.79 -92.91
N ARG F 632 -56.94 -103.23 -92.02
CA ARG F 632 -57.33 -103.55 -90.63
C ARG F 632 -56.13 -103.43 -89.69
N ASP F 633 -56.44 -103.45 -88.39
CA ASP F 633 -55.45 -103.56 -87.34
C ASP F 633 -54.89 -104.97 -87.31
N ILE F 634 -53.58 -105.09 -87.08
CA ILE F 634 -52.95 -106.38 -86.89
C ILE F 634 -52.01 -106.31 -85.71
N THR F 635 -51.63 -107.46 -85.21
CA THR F 635 -50.61 -107.56 -84.19
C THR F 635 -49.57 -108.54 -84.69
N VAL F 636 -48.29 -108.16 -84.70
CA VAL F 636 -47.21 -109.11 -85.04
C VAL F 636 -46.20 -109.24 -83.91
N GLU F 637 -45.50 -110.36 -83.88
CA GLU F 637 -44.39 -110.62 -82.97
C GLU F 637 -43.22 -109.68 -83.32
N THR F 638 -42.67 -109.01 -82.32
CA THR F 638 -41.52 -108.11 -82.51
C THR F 638 -40.46 -108.39 -81.47
N PRO F 639 -39.85 -109.61 -81.48
CA PRO F 639 -38.67 -109.83 -80.66
C PRO F 639 -37.53 -108.89 -81.12
N LEU F 640 -36.55 -108.68 -80.26
CA LEU F 640 -35.40 -107.85 -80.60
C LEU F 640 -34.78 -108.35 -81.89
N GLY F 641 -34.55 -107.47 -82.83
CA GLY F 641 -34.03 -107.88 -84.17
C GLY F 641 -35.10 -107.93 -85.24
N GLU F 642 -36.37 -107.95 -84.86
CA GLU F 642 -37.45 -108.10 -85.82
C GLU F 642 -38.52 -107.04 -85.65
N PRO F 643 -38.17 -105.81 -86.00
CA PRO F 643 -39.18 -104.74 -85.94
C PRO F 643 -40.32 -105.01 -86.91
N ALA F 644 -41.48 -104.43 -86.60
CA ALA F 644 -42.67 -104.56 -87.43
C ALA F 644 -42.51 -103.74 -88.69
N VAL F 645 -42.01 -104.40 -89.72
CA VAL F 645 -41.77 -103.84 -91.04
C VAL F 645 -42.43 -104.74 -92.09
N PHE F 646 -43.11 -104.12 -93.03
CA PHE F 646 -43.84 -104.81 -94.07
C PHE F 646 -43.51 -104.14 -95.40
N TYR F 647 -43.66 -104.90 -96.49
CA TYR F 647 -43.59 -104.33 -97.84
C TYR F 647 -44.76 -104.76 -98.67
N ARG F 648 -45.09 -103.95 -99.67
CA ARG F 648 -46.21 -104.29 -100.55
C ARG F 648 -45.87 -105.49 -101.42
N ALA F 649 -46.74 -106.49 -101.44
CA ALA F 649 -46.52 -107.70 -102.26
C ALA F 649 -46.31 -107.38 -103.75
N ASP F 650 -47.07 -106.38 -104.19
CA ASP F 650 -46.93 -105.65 -105.43
C ASP F 650 -45.67 -105.00 -105.85
N SER F 651 -44.80 -104.75 -104.90
CA SER F 651 -43.66 -103.84 -105.09
C SER F 651 -42.71 -104.40 -106.16
N SER F 652 -42.30 -103.46 -107.03
CA SER F 652 -41.27 -103.77 -108.03
C SER F 652 -39.91 -104.10 -107.39
N HIS F 653 -39.73 -103.75 -106.12
CA HIS F 653 -38.51 -104.05 -105.39
C HIS F 653 -38.62 -105.33 -104.54
N HIS F 654 -39.62 -106.18 -104.80
CA HIS F 654 -39.83 -107.40 -104.01
C HIS F 654 -38.62 -108.32 -103.90
N ARG F 655 -37.84 -108.47 -104.99
CA ARG F 655 -36.65 -109.38 -105.00
C ARG F 655 -35.67 -108.83 -103.94
N LEU F 656 -35.47 -107.52 -103.88
CA LEU F 656 -34.61 -106.94 -102.83
C LEU F 656 -35.12 -107.18 -101.41
N PHE F 657 -36.40 -106.92 -101.20
CA PHE F 657 -37.00 -107.13 -99.88
C PHE F 657 -36.95 -108.59 -99.44
N GLU F 658 -37.13 -109.50 -100.37
CA GLU F 658 -36.97 -110.96 -100.08
C GLU F 658 -35.60 -111.29 -99.52
N GLN F 659 -34.56 -110.64 -100.02
CA GLN F 659 -33.17 -110.83 -99.50
C GLN F 659 -33.03 -110.57 -98.01
N LEU F 660 -33.80 -109.62 -97.47
CA LEU F 660 -33.63 -109.25 -96.08
C LEU F 660 -34.16 -110.29 -95.10
N ARG F 661 -35.16 -111.07 -95.49
CA ARG F 661 -35.53 -112.29 -94.76
C ARG F 661 -34.19 -113.01 -94.47
N THR F 662 -33.38 -113.20 -95.53
CA THR F 662 -32.16 -114.06 -95.49
C THR F 662 -31.09 -113.49 -94.58
N ILE F 663 -30.79 -112.21 -94.84
CA ILE F 663 -29.71 -111.51 -94.12
C ILE F 663 -30.13 -111.55 -92.65
N GLY F 664 -31.43 -111.30 -92.46
CA GLY F 664 -32.16 -111.54 -91.20
C GLY F 664 -32.10 -112.97 -90.70
N MET G 1 59.98 -8.23 -30.48
CA MET G 1 60.25 -8.01 -29.06
C MET G 1 60.08 -9.31 -28.34
N HIS G 2 60.67 -9.44 -27.15
CA HIS G 2 60.66 -10.67 -26.39
C HIS G 2 59.87 -10.46 -25.08
N PHE G 3 58.80 -11.22 -24.93
CA PHE G 3 58.05 -11.34 -23.67
C PHE G 3 58.64 -12.48 -22.86
N GLU G 4 58.80 -12.30 -21.55
CA GLU G 4 59.42 -13.32 -20.68
C GLU G 4 58.64 -13.31 -19.36
N THR G 5 58.16 -14.44 -18.93
CA THR G 5 57.68 -14.60 -17.55
C THR G 5 58.82 -14.56 -16.51
N THR G 6 58.54 -14.06 -15.30
CA THR G 6 59.48 -14.03 -14.16
C THR G 6 58.79 -14.70 -12.96
N LYS G 7 59.50 -14.78 -11.82
CA LYS G 7 58.95 -15.35 -10.54
C LYS G 7 57.55 -14.81 -10.24
N ASP G 8 57.39 -13.48 -10.34
CA ASP G 8 56.14 -12.78 -9.94
C ASP G 8 55.46 -11.91 -11.01
N GLY G 9 55.98 -11.85 -12.25
CA GLY G 9 55.26 -11.13 -13.32
C GLY G 9 55.88 -11.33 -14.67
N PHE G 10 56.26 -10.25 -15.34
CA PHE G 10 56.87 -10.38 -16.66
C PHE G 10 57.74 -9.20 -17.08
N THR G 11 58.54 -9.44 -18.10
CA THR G 11 59.31 -8.39 -18.76
C THR G 11 59.02 -8.39 -20.26
N ILE G 12 59.20 -7.23 -20.88
CA ILE G 12 59.17 -7.09 -22.35
C ILE G 12 60.45 -6.38 -22.71
N ALA G 13 61.19 -6.93 -23.67
CA ALA G 13 62.49 -6.43 -24.12
C ALA G 13 62.55 -6.20 -25.64
N ILE G 14 63.46 -5.31 -26.08
CA ILE G 14 63.88 -5.19 -27.47
C ILE G 14 65.34 -5.59 -27.42
N GLY G 15 65.67 -6.70 -28.08
CA GLY G 15 66.98 -7.28 -27.96
C GLY G 15 67.30 -7.67 -26.54
N ASN G 16 68.51 -7.37 -26.11
CA ASN G 16 68.88 -7.55 -24.71
C ASN G 16 68.35 -6.40 -23.80
N ARG G 17 67.63 -5.40 -24.32
CA ARG G 17 67.25 -4.21 -23.53
C ARG G 17 65.83 -4.34 -22.95
N ILE G 18 65.73 -4.57 -21.65
CA ILE G 18 64.43 -4.65 -20.99
C ILE G 18 63.78 -3.23 -20.99
N ILE G 19 62.54 -3.19 -21.44
CA ILE G 19 61.73 -1.99 -21.58
C ILE G 19 60.64 -1.91 -20.55
N LEU G 20 59.87 -2.97 -20.37
CA LEU G 20 58.84 -3.03 -19.35
C LEU G 20 59.17 -4.14 -18.38
N SER G 21 58.89 -3.86 -17.10
CA SER G 21 59.03 -4.84 -16.05
C SER G 21 57.81 -4.73 -15.16
N HIS G 22 57.11 -5.83 -14.96
CA HIS G 22 55.94 -5.84 -14.11
C HIS G 22 56.09 -6.88 -13.00
N SER G 23 55.76 -6.46 -11.78
CA SER G 23 55.44 -7.36 -10.68
C SER G 23 54.37 -6.70 -9.82
N PRO G 24 53.75 -7.44 -8.90
CA PRO G 24 52.75 -6.80 -8.07
C PRO G 24 53.29 -5.61 -7.27
N ASP G 25 54.53 -5.71 -6.77
CA ASP G 25 55.14 -4.63 -6.01
C ASP G 25 55.70 -3.53 -6.87
N LYS G 26 56.07 -3.83 -8.10
CA LYS G 26 56.58 -2.79 -9.03
C LYS G 26 55.80 -2.88 -10.36
N PRO G 27 54.53 -2.45 -10.33
CA PRO G 27 53.66 -2.59 -11.53
C PRO G 27 54.12 -1.69 -12.65
N ALA G 28 53.91 -2.13 -13.88
CA ALA G 28 54.20 -1.33 -15.06
C ALA G 28 53.07 -0.33 -15.40
N PHE G 29 51.82 -0.69 -15.13
CA PHE G 29 50.66 0.10 -15.53
C PHE G 29 49.83 0.54 -14.36
N PHE G 30 49.29 1.75 -14.48
CA PHE G 30 48.31 2.32 -13.55
C PHE G 30 47.13 2.83 -14.43
N ALA G 31 45.92 2.68 -13.93
CA ALA G 31 44.75 3.13 -14.66
C ALA G 31 43.82 3.94 -13.77
N GLY G 32 43.10 4.86 -14.38
CA GLY G 32 42.19 5.64 -13.62
C GLY G 32 41.32 6.57 -14.42
N PHE G 33 40.98 7.67 -13.74
CA PHE G 33 39.95 8.57 -14.22
C PHE G 33 40.25 9.98 -13.75
N GLY G 34 40.10 10.95 -14.66
CA GLY G 34 40.23 12.37 -14.32
C GLY G 34 39.25 13.28 -15.01
N GLU G 35 39.10 14.51 -14.49
CA GLU G 35 38.30 15.57 -15.08
C GLU G 35 39.19 16.76 -15.28
N GLU G 36 39.51 17.04 -16.52
CA GLU G 36 40.46 18.11 -16.83
C GLU G 36 39.77 19.47 -16.97
N ARG G 37 40.52 20.53 -16.72
CA ARG G 37 40.24 21.87 -17.21
C ARG G 37 41.28 22.23 -18.23
N MET G 38 40.85 22.69 -19.40
CA MET G 38 41.77 23.15 -20.48
C MET G 38 41.22 24.47 -21.02
N ASP G 39 41.49 25.58 -20.36
CA ASP G 39 40.99 26.89 -20.82
C ASP G 39 41.90 27.51 -21.90
N MET G 40 41.33 27.90 -23.02
CA MET G 40 42.08 28.45 -24.13
C MET G 40 41.96 29.96 -24.11
N TYR G 41 43.07 30.68 -24.27
CA TYR G 41 43.01 32.09 -24.52
C TYR G 41 44.04 32.40 -25.62
N ARG G 42 43.52 32.72 -26.80
CA ARG G 42 44.33 33.06 -27.98
C ARG G 42 45.48 32.06 -28.24
N GLY G 43 45.11 30.79 -28.22
CA GLY G 43 46.03 29.70 -28.51
C GLY G 43 46.92 29.26 -27.35
N ASN G 44 46.81 29.93 -26.21
CA ASN G 44 47.48 29.52 -24.94
C ASN G 44 46.50 28.72 -24.13
N PHE G 45 46.97 27.66 -23.49
CA PHE G 45 46.12 26.77 -22.72
C PHE G 45 46.54 26.81 -21.27
N ASP G 46 45.57 26.94 -20.41
CA ASP G 46 45.76 26.76 -18.99
C ASP G 46 45.14 25.42 -18.61
N ILE G 47 45.97 24.43 -18.38
CA ILE G 47 45.56 23.03 -18.31
C ILE G 47 45.78 22.53 -16.87
N GLU G 48 44.78 21.95 -16.29
CA GLU G 48 44.94 21.36 -14.96
C GLU G 48 44.06 20.13 -14.85
N ASP G 49 44.62 19.03 -14.39
CA ASP G 49 43.84 17.84 -14.24
C ASP G 49 43.35 17.69 -12.81
N TYR G 50 42.18 17.09 -12.64
CA TYR G 50 41.70 16.65 -11.33
C TYR G 50 41.63 15.11 -11.40
N VAL G 51 42.61 14.44 -10.80
CA VAL G 51 42.71 12.99 -10.84
C VAL G 51 41.79 12.45 -9.74
N ILE G 52 40.80 11.67 -10.15
CA ILE G 52 39.84 11.06 -9.26
C ILE G 52 40.23 9.64 -8.85
N GLU G 53 40.82 8.88 -9.78
CA GLU G 53 41.45 7.60 -9.49
C GLU G 53 42.74 7.45 -10.23
N ARG G 54 43.76 6.91 -9.53
CA ARG G 54 44.96 6.37 -10.16
C ARG G 54 45.24 5.12 -9.39
N THR G 55 45.08 3.97 -10.05
CA THR G 55 45.16 2.70 -9.37
C THR G 55 46.12 1.76 -10.09
N ALA G 56 47.09 1.25 -9.38
CA ALA G 56 48.05 0.29 -9.90
C ALA G 56 47.34 -0.97 -10.41
N LEU G 57 47.73 -1.42 -11.58
CA LEU G 57 47.32 -2.72 -12.09
C LEU G 57 48.35 -3.78 -11.68
N ARG G 58 48.17 -4.32 -10.48
CA ARG G 58 49.16 -5.21 -9.88
C ARG G 58 49.13 -6.65 -10.40
N HIS G 59 47.99 -7.09 -10.91
CA HIS G 59 47.81 -8.50 -11.17
C HIS G 59 47.72 -8.77 -12.68
N ALA G 60 48.71 -9.52 -13.19
CA ALA G 60 48.80 -9.90 -14.58
C ALA G 60 48.47 -11.37 -14.75
N GLU G 61 47.74 -11.70 -15.79
CA GLU G 61 47.70 -13.10 -16.23
C GLU G 61 47.67 -13.28 -17.73
N VAL G 62 48.28 -14.38 -18.14
CA VAL G 62 48.33 -14.78 -19.55
C VAL G 62 46.92 -15.22 -19.94
N SER G 63 46.46 -14.75 -21.09
CA SER G 63 45.12 -15.06 -21.57
C SER G 63 45.20 -15.18 -23.10
N GLY G 64 45.36 -16.40 -23.61
CA GLY G 64 45.71 -16.64 -25.02
C GLY G 64 47.04 -15.97 -25.31
N ASP G 65 47.16 -15.29 -26.46
CA ASP G 65 48.40 -14.56 -26.81
C ASP G 65 48.31 -13.12 -26.36
N SER G 66 47.98 -12.94 -25.09
CA SER G 66 47.88 -11.61 -24.52
C SER G 66 48.03 -11.73 -23.00
N VAL G 67 48.23 -10.58 -22.37
CA VAL G 67 48.21 -10.46 -20.93
C VAL G 67 47.06 -9.52 -20.54
N THR G 68 46.24 -9.97 -19.59
CA THR G 68 45.28 -9.11 -18.93
C THR G 68 45.82 -8.62 -17.58
N LEU G 69 45.40 -7.41 -17.23
CA LEU G 69 45.86 -6.71 -16.02
C LEU G 69 44.68 -6.25 -15.23
N SER G 70 44.65 -6.60 -13.96
CA SER G 70 43.62 -6.12 -13.02
C SER G 70 44.28 -5.45 -11.78
N SER G 71 43.48 -4.73 -11.01
CA SER G 71 43.95 -4.05 -9.78
C SER G 71 44.57 -4.98 -8.78
N ALA G 72 43.91 -6.13 -8.60
CA ALA G 72 44.35 -7.16 -7.66
C ALA G 72 43.79 -8.52 -8.09
N PRO G 73 44.35 -9.63 -7.57
CA PRO G 73 43.76 -10.96 -7.85
C PRO G 73 42.29 -11.06 -7.52
N GLY G 74 41.52 -11.71 -8.40
CA GLY G 74 40.07 -11.82 -8.24
C GLY G 74 39.27 -10.62 -8.64
N GLN G 75 39.89 -9.58 -9.18
CA GLN G 75 39.14 -8.45 -9.72
C GLN G 75 39.13 -8.56 -11.26
N ALA G 76 38.10 -8.01 -11.88
CA ALA G 76 37.94 -8.05 -13.33
C ALA G 76 39.07 -7.28 -14.02
N PRO G 77 39.65 -7.86 -15.08
CA PRO G 77 40.71 -7.14 -15.74
C PRO G 77 40.22 -5.82 -16.34
N ARG G 78 41.11 -4.85 -16.37
CA ARG G 78 40.80 -3.53 -16.89
C ARG G 78 41.51 -3.24 -18.20
N LEU G 79 42.58 -3.96 -18.50
CA LEU G 79 43.44 -3.66 -19.62
C LEU G 79 43.96 -4.99 -20.22
N ARG G 80 44.01 -5.09 -21.54
CA ARG G 80 44.66 -6.18 -22.23
C ARG G 80 45.88 -5.64 -22.97
N LEU G 81 46.94 -6.40 -22.93
CA LEU G 81 48.20 -6.14 -23.59
C LEU G 81 48.42 -7.25 -24.61
N THR G 82 48.73 -6.92 -25.85
CA THR G 82 48.97 -7.94 -26.88
C THR G 82 50.22 -7.56 -27.65
N LEU G 83 51.21 -8.45 -27.72
CA LEU G 83 52.39 -8.19 -28.54
C LEU G 83 52.07 -8.40 -29.99
N ASP G 84 52.55 -7.52 -30.84
CA ASP G 84 52.32 -7.61 -32.27
C ASP G 84 53.51 -7.02 -33.04
N GLY G 85 54.50 -7.86 -33.35
CA GLY G 85 55.75 -7.40 -33.98
C GLY G 85 56.44 -6.39 -33.07
N ASN G 86 56.76 -5.22 -33.58
CA ASN G 86 57.45 -4.20 -32.78
C ASN G 86 56.46 -3.33 -31.92
N ALA G 87 55.20 -3.76 -31.77
CA ALA G 87 54.20 -3.01 -31.04
C ALA G 87 53.63 -3.79 -29.84
N ILE G 88 53.25 -3.04 -28.81
CA ILE G 88 52.38 -3.52 -27.78
C ILE G 88 51.02 -2.89 -28.04
N ARG G 89 50.03 -3.69 -28.34
CA ARG G 89 48.68 -3.21 -28.47
C ARG G 89 47.95 -3.22 -27.14
N LEU G 90 47.14 -2.19 -26.91
CA LEU G 90 46.39 -2.07 -25.67
C LEU G 90 44.93 -1.98 -25.93
N THR G 91 44.15 -2.73 -25.19
CA THR G 91 42.71 -2.68 -25.28
C THR G 91 42.15 -2.37 -23.89
N ALA G 92 41.35 -1.32 -23.79
CA ALA G 92 40.66 -0.98 -22.55
C ALA G 92 39.55 -2.02 -22.33
N LEU G 93 39.62 -2.81 -21.28
CA LEU G 93 38.50 -3.69 -20.96
C LEU G 93 37.51 -3.01 -20.04
N ASP G 94 37.93 -1.97 -19.33
CA ASP G 94 37.04 -1.16 -18.52
C ASP G 94 36.97 0.13 -19.33
N GLU G 95 35.81 0.34 -19.91
CA GLU G 95 35.58 1.45 -20.77
C GLU G 95 35.50 2.78 -19.98
N THR G 96 35.42 2.80 -18.64
CA THR G 96 35.47 4.07 -17.93
C THR G 96 36.89 4.72 -17.81
N ILE G 97 37.95 3.99 -18.10
CA ILE G 97 39.31 4.53 -17.96
C ILE G 97 39.53 5.72 -18.89
N ASN G 98 39.93 6.89 -18.39
CA ASN G 98 40.43 7.95 -19.29
C ASN G 98 41.83 8.47 -18.87
N ARG G 99 42.49 7.75 -17.96
CA ARG G 99 43.87 8.04 -17.59
C ARG G 99 44.64 6.73 -17.53
N LEU G 100 45.77 6.70 -18.22
CA LEU G 100 46.68 5.55 -18.15
C LEU G 100 48.10 6.02 -17.95
N TRP G 101 48.81 5.34 -17.04
CA TRP G 101 50.22 5.59 -16.85
C TRP G 101 50.97 4.29 -17.12
N LEU G 102 52.10 4.41 -17.81
CA LEU G 102 52.96 3.30 -18.11
C LEU G 102 54.39 3.68 -17.68
N ARG G 103 55.04 2.81 -16.92
CA ARG G 103 56.44 2.98 -16.54
C ARG G 103 57.35 2.17 -17.43
N VAL G 104 58.38 2.80 -17.97
CA VAL G 104 59.40 2.10 -18.70
C VAL G 104 60.74 2.19 -17.99
N VAL G 105 61.41 1.04 -17.97
CA VAL G 105 62.64 0.85 -17.28
C VAL G 105 63.64 1.88 -17.79
N ALA G 106 64.39 2.47 -16.87
CA ALA G 106 65.40 3.49 -17.21
C ALA G 106 66.67 3.22 -16.42
N GLU G 107 67.78 3.72 -16.93
CA GLU G 107 69.05 3.71 -16.22
C GLU G 107 69.39 5.11 -15.75
N THR G 108 70.22 5.14 -14.72
CA THR G 108 70.63 6.35 -14.06
C THR G 108 71.25 7.40 -14.95
N ASP G 109 72.15 7.01 -15.84
CA ASP G 109 72.85 7.96 -16.71
C ASP G 109 72.21 8.08 -18.13
N GLU G 110 70.99 7.55 -18.29
CA GLU G 110 70.32 7.54 -19.60
C GLU G 110 69.85 8.96 -20.04
N HIS G 111 70.02 9.24 -21.34
CA HIS G 111 69.52 10.43 -21.99
C HIS G 111 68.31 10.05 -22.82
N VAL G 112 67.38 10.99 -22.93
CA VAL G 112 66.21 10.82 -23.80
C VAL G 112 65.99 12.10 -24.57
N TRP G 113 65.79 11.95 -25.88
CA TRP G 113 65.59 13.07 -26.75
C TRP G 113 64.34 12.90 -27.61
N GLY G 114 63.91 13.99 -28.26
CA GLY G 114 62.75 13.97 -29.11
C GLY G 114 61.63 14.80 -28.49
N GLY G 115 60.47 14.18 -28.38
CA GLY G 115 59.29 14.87 -27.92
C GLY G 115 58.67 15.86 -28.89
N GLY G 116 59.01 15.69 -30.18
CA GLY G 116 58.62 16.62 -31.23
C GLY G 116 59.68 17.66 -31.47
N GLU G 117 59.25 18.91 -31.66
CA GLU G 117 60.14 20.07 -31.70
C GLU G 117 60.15 20.70 -30.30
N GLN G 118 61.19 20.37 -29.52
CA GLN G 118 61.39 20.94 -28.20
C GLN G 118 62.24 22.17 -28.32
N MET G 119 61.78 23.26 -27.67
CA MET G 119 62.44 24.56 -27.83
C MET G 119 63.46 24.91 -26.70
N SER G 120 63.30 24.35 -25.51
CA SER G 120 64.15 24.67 -24.36
C SER G 120 65.20 23.60 -24.06
N TYR G 121 64.75 22.35 -23.93
CA TYR G 121 65.63 21.24 -23.52
C TYR G 121 65.63 20.13 -24.55
N PHE G 122 66.82 19.75 -25.00
CA PHE G 122 67.00 18.69 -26.00
C PHE G 122 67.00 17.33 -25.32
N ASP G 123 67.96 17.14 -24.40
CA ASP G 123 67.94 16.02 -23.47
C ASP G 123 66.83 16.31 -22.45
N MET G 124 65.76 15.55 -22.53
CA MET G 124 64.60 15.74 -21.66
C MET G 124 64.75 15.13 -20.27
N ARG G 125 65.83 14.42 -20.02
CA ARG G 125 65.98 13.72 -18.73
C ARG G 125 65.90 14.68 -17.54
N GLY G 126 65.17 14.30 -16.50
CA GLY G 126 65.11 15.08 -15.27
C GLY G 126 63.88 15.99 -15.19
N ARG G 127 63.09 16.11 -16.27
CA ARG G 127 61.97 17.02 -16.29
C ARG G 127 60.72 16.35 -16.91
N ARG G 128 59.62 17.07 -16.80
CA ARG G 128 58.33 16.59 -17.24
C ARG G 128 57.84 17.42 -18.44
N PHE G 129 57.38 16.74 -19.48
CA PHE G 129 56.97 17.36 -20.75
C PHE G 129 55.58 16.94 -21.20
N PRO G 130 54.59 17.80 -20.93
CA PRO G 130 53.25 17.67 -21.54
C PRO G 130 53.33 17.86 -23.05
N LEU G 131 52.54 17.10 -23.79
CA LEU G 131 52.54 17.04 -25.24
C LEU G 131 51.15 17.42 -25.79
N TRP G 132 50.99 18.74 -25.96
CA TRP G 132 49.74 19.34 -26.36
C TRP G 132 50.10 20.54 -27.21
N THR G 133 49.65 20.54 -28.48
CA THR G 133 50.07 21.62 -29.36
C THR G 133 49.41 22.96 -28.91
N SER G 134 50.19 24.03 -28.91
CA SER G 134 49.67 25.34 -28.51
C SER G 134 50.69 26.40 -28.97
N GLU G 135 50.36 27.66 -28.75
CA GLU G 135 51.41 28.67 -28.76
C GLU G 135 52.53 28.26 -27.76
N PRO G 136 53.79 28.37 -28.18
CA PRO G 136 54.89 28.02 -27.30
C PRO G 136 55.17 28.99 -26.16
N GLY G 137 54.66 30.22 -26.25
CA GLY G 137 54.85 31.25 -25.27
C GLY G 137 55.81 32.31 -25.75
N VAL G 138 55.65 33.51 -25.21
CA VAL G 138 56.56 34.65 -25.39
C VAL G 138 57.41 34.73 -24.11
N GLY G 139 58.72 34.48 -24.26
CA GLY G 139 59.65 34.42 -23.14
C GLY G 139 59.87 33.02 -22.60
N ARG G 140 58.78 32.33 -22.24
CA ARG G 140 58.85 30.91 -21.90
C ARG G 140 59.68 30.61 -20.66
N ASP G 141 59.84 31.60 -19.79
CA ASP G 141 60.68 31.47 -18.58
C ASP G 141 60.07 32.37 -17.51
N LYS G 142 59.43 31.79 -16.52
CA LYS G 142 58.72 32.57 -15.50
C LYS G 142 59.62 33.50 -14.66
N THR G 143 60.94 33.42 -14.81
CA THR G 143 61.84 34.37 -14.19
C THR G 143 62.22 35.56 -15.02
N THR G 144 61.71 35.68 -16.26
CA THR G 144 61.96 36.86 -17.06
C THR G 144 60.77 37.79 -17.10
N GLU G 145 61.07 39.06 -17.17
CA GLU G 145 60.08 40.09 -17.19
C GLU G 145 59.18 40.01 -18.49
N ILE G 146 59.77 39.64 -19.64
CA ILE G 146 58.98 39.43 -20.80
C ILE G 146 57.88 38.37 -20.62
N THR G 147 58.25 37.26 -20.00
CA THR G 147 57.33 36.18 -19.74
C THR G 147 56.23 36.63 -18.77
N PHE G 148 56.65 37.31 -17.71
CA PHE G 148 55.72 37.85 -16.71
C PHE G 148 54.70 38.77 -17.38
N LYS G 149 55.20 39.75 -18.13
CA LYS G 149 54.31 40.69 -18.83
C LYS G 149 53.36 40.02 -19.84
N SER G 150 53.87 38.99 -20.52
CA SER G 150 53.05 38.21 -21.45
C SER G 150 51.97 37.45 -20.70
N ASP G 151 52.28 36.92 -19.52
CA ASP G 151 51.28 36.21 -18.69
C ASP G 151 50.25 37.16 -18.16
N VAL G 152 50.67 38.31 -17.68
CA VAL G 152 49.71 39.25 -17.09
C VAL G 152 48.82 39.81 -18.19
N SER G 153 49.37 40.21 -19.32
CA SER G 153 48.54 40.87 -20.32
C SER G 153 47.73 39.89 -21.17
N GLY G 154 48.19 38.66 -21.42
CA GLY G 154 47.43 37.75 -22.26
C GLY G 154 47.60 36.25 -22.06
N LYS G 155 47.99 35.85 -20.83
CA LYS G 155 48.21 34.44 -20.51
C LYS G 155 49.12 33.75 -21.49
N ALA G 156 50.14 34.48 -21.95
CA ALA G 156 50.87 34.14 -23.15
C ALA G 156 52.36 33.89 -22.98
N GLY G 157 52.83 33.83 -21.72
CA GLY G 157 54.24 33.64 -21.46
C GLY G 157 54.74 32.24 -21.76
N GLY G 158 53.90 31.24 -21.50
CA GLY G 158 54.26 29.85 -21.69
C GLY G 158 55.36 29.41 -20.71
N ASP G 159 56.03 28.32 -21.08
CA ASP G 159 57.02 27.71 -20.23
C ASP G 159 57.84 26.73 -21.10
N TYR G 160 58.84 26.13 -20.49
CA TYR G 160 59.87 25.37 -21.19
C TYR G 160 59.34 24.23 -22.04
N TYR G 161 58.19 23.68 -21.67
CA TYR G 161 57.63 22.49 -22.37
C TYR G 161 56.66 22.84 -23.52
N ASN G 162 56.21 24.07 -23.61
CA ASN G 162 55.20 24.37 -24.62
C ASN G 162 55.86 24.39 -26.01
N THR G 163 55.09 23.95 -27.00
CA THR G 163 55.54 23.92 -28.37
C THR G 163 54.40 23.82 -29.33
N ASN G 164 54.63 24.38 -30.51
CA ASN G 164 53.68 24.28 -31.65
C ASN G 164 53.66 22.82 -32.17
N TYR G 165 54.71 22.07 -31.85
CA TYR G 165 54.89 20.73 -32.41
C TYR G 165 55.39 19.73 -31.33
N PRO G 166 54.47 19.24 -30.50
CA PRO G 166 54.79 18.13 -29.61
C PRO G 166 54.64 16.81 -30.40
N GLN G 167 55.30 15.77 -29.93
CA GLN G 167 55.10 14.42 -30.48
C GLN G 167 55.45 13.41 -29.40
N PRO G 168 54.54 12.46 -29.13
CA PRO G 168 54.85 11.47 -28.10
C PRO G 168 55.76 10.33 -28.60
N THR G 169 57.00 10.71 -28.91
CA THR G 169 58.03 9.81 -29.41
C THR G 169 59.33 10.21 -28.71
N TRP G 170 60.08 9.21 -28.23
CA TRP G 170 61.41 9.46 -27.69
C TRP G 170 62.47 8.50 -28.27
N LEU G 171 63.71 9.01 -28.33
CA LEU G 171 64.89 8.24 -28.60
C LEU G 171 65.66 8.16 -27.28
N SER G 172 66.02 6.93 -26.92
CA SER G 172 66.78 6.66 -25.71
C SER G 172 68.23 6.39 -26.01
N SER G 173 69.13 6.85 -25.12
CA SER G 173 70.57 6.55 -25.23
C SER G 173 70.85 5.05 -25.08
N ARG G 174 69.88 4.26 -24.62
CA ARG G 174 69.98 2.80 -24.65
C ARG G 174 69.73 2.20 -26.02
N LYS G 175 69.61 3.03 -27.06
CA LYS G 175 69.46 2.56 -28.46
C LYS G 175 68.15 1.88 -28.78
N TYR G 176 67.07 2.54 -28.39
CA TYR G 176 65.77 2.22 -28.88
C TYR G 176 64.99 3.53 -28.91
N ALA G 177 63.89 3.52 -29.66
CA ALA G 177 62.96 4.63 -29.66
C ALA G 177 61.57 4.06 -29.32
N LEU G 178 60.74 4.90 -28.72
CA LEU G 178 59.40 4.51 -28.32
C LEU G 178 58.45 5.52 -28.95
N HIS G 179 57.32 5.04 -29.47
CA HIS G 179 56.29 5.92 -30.01
C HIS G 179 54.91 5.53 -29.49
N VAL G 180 54.16 6.51 -29.02
CA VAL G 180 52.80 6.28 -28.54
C VAL G 180 51.86 6.69 -29.67
N GLU G 181 51.06 5.76 -30.16
CA GLU G 181 50.09 6.05 -31.18
C GLU G 181 48.79 6.53 -30.54
N THR G 182 48.71 7.83 -30.40
CA THR G 182 47.56 8.53 -29.84
C THR G 182 47.59 9.97 -30.30
N SER G 183 46.42 10.58 -30.29
CA SER G 183 46.32 12.03 -30.39
C SER G 183 45.82 12.68 -29.14
N ALA G 184 45.55 11.89 -28.10
CA ALA G 184 45.16 12.48 -26.82
C ALA G 184 46.31 13.25 -26.18
N TYR G 185 45.91 14.11 -25.23
CA TYR G 185 46.90 14.71 -24.33
C TYR G 185 47.76 13.61 -23.69
N SER G 186 49.07 13.82 -23.67
CA SER G 186 49.96 12.90 -23.01
C SER G 186 51.08 13.69 -22.31
N VAL G 187 51.81 12.99 -21.44
CA VAL G 187 52.95 13.61 -20.73
C VAL G 187 54.11 12.61 -20.65
N PHE G 188 55.32 13.07 -20.97
CA PHE G 188 56.52 12.32 -20.66
C PHE G 188 57.14 12.85 -19.36
N ASP G 189 57.18 12.00 -18.35
CA ASP G 189 57.77 12.29 -17.03
C ASP G 189 59.10 11.57 -16.86
N PHE G 190 60.19 12.33 -17.01
CA PHE G 190 61.53 11.80 -16.88
C PHE G 190 62.21 12.25 -15.56
N ARG G 191 61.42 12.45 -14.50
CA ARG G 191 61.99 12.92 -13.22
C ARG G 191 62.68 11.86 -12.38
N ASN G 192 62.34 10.60 -12.58
CA ASN G 192 62.80 9.51 -11.72
C ASN G 192 63.99 8.82 -12.34
N GLY G 193 64.93 8.44 -11.50
CA GLY G 193 66.16 7.79 -11.93
C GLY G 193 66.02 6.41 -12.51
N ASP G 194 65.03 5.66 -12.06
CA ASP G 194 64.85 4.25 -12.38
C ASP G 194 63.77 3.95 -13.39
N PHE G 195 62.93 4.92 -13.73
CA PHE G 195 61.93 4.72 -14.75
C PHE G 195 61.52 6.03 -15.40
N HIS G 196 61.05 5.91 -16.65
CA HIS G 196 60.35 6.98 -17.34
C HIS G 196 58.87 6.69 -17.13
N GLU G 197 58.03 7.70 -16.93
CA GLU G 197 56.59 7.45 -16.83
C GLU G 197 55.84 8.22 -17.93
N ILE G 198 54.98 7.51 -18.67
CA ILE G 198 54.12 8.12 -19.67
C ILE G 198 52.71 8.21 -19.10
N GLU G 199 52.14 9.41 -19.13
CA GLU G 199 50.73 9.59 -18.83
C GLU G 199 49.96 9.82 -20.15
N ILE G 200 48.84 9.15 -20.33
CA ILE G 200 48.00 9.37 -21.52
C ILE G 200 46.56 9.59 -21.04
N TRP G 201 45.86 10.57 -21.59
CA TRP G 201 44.47 10.79 -21.28
C TRP G 201 43.56 9.98 -22.20
N ALA G 202 43.89 8.69 -22.35
CA ALA G 202 43.22 7.70 -23.19
C ALA G 202 44.02 6.41 -23.04
N VAL G 203 43.47 5.32 -23.53
CA VAL G 203 44.19 4.07 -23.65
C VAL G 203 44.63 4.00 -25.10
N PRO G 204 45.90 4.30 -25.38
CA PRO G 204 46.32 4.29 -26.76
C PRO G 204 46.22 2.92 -27.42
N GLU G 205 45.94 2.92 -28.72
CA GLU G 205 45.80 1.72 -29.54
C GLU G 205 47.07 0.90 -29.42
N LYS G 206 48.22 1.56 -29.48
CA LYS G 206 49.48 0.86 -29.38
C LYS G 206 50.67 1.73 -29.04
N ILE G 207 51.72 1.07 -28.54
CA ILE G 207 53.03 1.65 -28.30
C ILE G 207 54.03 0.86 -29.15
N GLU G 208 54.79 1.58 -29.97
CA GLU G 208 55.70 0.99 -30.93
C GLU G 208 57.14 1.28 -30.62
N PHE G 209 57.98 0.33 -30.99
CA PHE G 209 59.39 0.34 -30.63
C PHE G 209 60.27 0.12 -31.86
N PHE G 210 61.42 0.77 -31.83
CA PHE G 210 62.39 0.78 -32.94
C PHE G 210 63.77 0.60 -32.31
N ALA G 211 64.56 -0.30 -32.84
CA ALA G 211 65.88 -0.48 -32.26
C ALA G 211 66.90 -0.58 -33.35
N GLY G 212 68.16 -0.54 -33.02
CA GLY G 212 69.23 -0.62 -33.99
C GLY G 212 70.58 -0.48 -33.35
N ASP G 213 71.60 -0.78 -34.12
CA ASP G 213 72.96 -0.76 -33.61
C ASP G 213 73.50 0.61 -33.46
N SER G 214 72.96 1.60 -34.16
CA SER G 214 73.42 2.96 -34.00
C SER G 214 72.20 3.89 -33.91
N PHE G 215 72.43 5.09 -33.35
CA PHE G 215 71.40 6.10 -33.32
C PHE G 215 70.94 6.46 -34.73
N ALA G 216 71.89 6.58 -35.67
CA ALA G 216 71.57 6.88 -37.07
C ALA G 216 70.60 5.85 -37.66
N ASP G 217 70.81 4.56 -37.38
CA ASP G 217 69.92 3.54 -37.88
C ASP G 217 68.53 3.71 -37.28
N ILE G 218 68.44 4.09 -36.01
CA ILE G 218 67.13 4.22 -35.40
C ILE G 218 66.39 5.44 -35.99
N VAL G 219 67.10 6.55 -36.19
CA VAL G 219 66.51 7.72 -36.84
C VAL G 219 66.02 7.36 -38.29
N SER G 220 66.79 6.55 -39.05
CA SER G 220 66.29 6.07 -40.33
C SER G 220 65.00 5.33 -40.24
N ALA G 221 64.92 4.41 -39.29
CA ALA G 221 63.72 3.61 -39.11
C ALA G 221 62.53 4.51 -38.72
N LEU G 222 62.75 5.45 -37.79
CA LEU G 222 61.71 6.40 -37.43
C LEU G 222 61.23 7.19 -38.64
N SER G 223 62.15 7.70 -39.44
CA SER G 223 61.78 8.53 -40.59
C SER G 223 60.98 7.74 -41.63
N LEU G 224 61.30 6.46 -41.77
CA LEU G 224 60.56 5.61 -42.69
C LEU G 224 59.16 5.38 -42.13
N HIS G 225 59.03 5.22 -40.81
CA HIS G 225 57.73 5.04 -40.20
C HIS G 225 56.83 6.31 -40.29
N PHE G 226 57.38 7.51 -40.08
CA PHE G 226 56.55 8.74 -40.11
C PHE G 226 56.42 9.33 -41.52
N GLY G 227 57.43 9.06 -42.36
CA GLY G 227 57.47 9.48 -43.77
C GLY G 227 58.56 10.50 -43.96
N ARG G 228 59.30 10.41 -45.06
CA ARG G 228 60.37 11.35 -45.34
C ARG G 228 59.86 12.48 -46.22
N GLN G 229 60.68 13.51 -46.36
CA GLN G 229 60.31 14.64 -47.15
C GLN G 229 60.96 14.54 -48.53
N PRO G 230 60.43 15.29 -49.49
CA PRO G 230 61.13 15.34 -50.79
C PRO G 230 62.44 16.09 -50.62
N GLU G 231 63.32 15.95 -51.59
CA GLU G 231 64.53 16.77 -51.62
C GLU G 231 64.15 18.25 -51.79
N LEU G 232 65.02 19.14 -51.33
CA LEU G 232 64.72 20.54 -51.45
C LEU G 232 64.64 20.90 -52.93
N PRO G 233 63.71 21.80 -53.34
CA PRO G 233 63.70 22.23 -54.75
C PRO G 233 64.98 22.97 -55.11
N ASP G 234 65.42 22.82 -56.33
CA ASP G 234 66.67 23.43 -56.75
C ASP G 234 66.68 24.95 -56.63
N TRP G 235 65.52 25.60 -56.82
CA TRP G 235 65.52 27.07 -56.80
C TRP G 235 65.92 27.68 -55.45
N VAL G 236 65.70 26.94 -54.37
CA VAL G 236 66.12 27.36 -53.02
C VAL G 236 67.62 27.72 -52.89
N TYR G 237 68.43 26.96 -53.63
CA TYR G 237 69.88 27.14 -53.63
C TYR G 237 70.37 28.44 -54.29
N ASN G 238 69.48 29.19 -54.95
CA ASN G 238 69.85 30.47 -55.49
C ASN G 238 70.06 31.55 -54.42
N GLY G 239 69.67 31.32 -53.18
CA GLY G 239 69.94 32.33 -52.13
C GLY G 239 68.84 32.45 -51.10
N ALA G 240 68.70 33.63 -50.50
CA ALA G 240 67.75 33.87 -49.42
C ALA G 240 66.34 34.17 -49.93
N ILE G 241 65.36 33.83 -49.10
CA ILE G 241 63.99 34.23 -49.31
C ILE G 241 63.83 35.51 -48.49
N ILE G 242 63.62 36.62 -49.16
CA ILE G 242 63.45 37.92 -48.51
C ILE G 242 62.03 38.13 -48.08
N GLY G 243 61.84 38.30 -46.76
CA GLY G 243 60.52 38.48 -46.17
C GLY G 243 60.19 39.98 -46.04
N LEU G 244 59.21 40.44 -46.79
CA LEU G 244 58.76 41.83 -46.69
C LEU G 244 57.26 41.83 -46.62
N LYS G 245 56.77 42.83 -45.95
CA LYS G 245 55.33 42.99 -45.73
C LYS G 245 54.92 44.44 -45.87
N ASP G 246 55.50 45.09 -46.87
CA ASP G 246 55.40 46.54 -47.03
C ASP G 246 54.64 46.88 -48.32
N GLY G 247 53.72 46.02 -48.75
CA GLY G 247 52.94 46.29 -49.96
C GLY G 247 53.82 46.58 -51.17
N VAL G 248 53.38 47.53 -51.98
CA VAL G 248 54.08 47.89 -53.21
C VAL G 248 55.53 48.34 -52.90
N ASN G 249 55.74 48.98 -51.79
CA ASN G 249 57.08 49.36 -51.38
C ASN G 249 58.04 48.18 -51.15
N SER G 250 57.51 46.97 -50.99
CA SER G 250 58.34 45.77 -50.90
C SER G 250 59.29 45.67 -52.08
N PHE G 251 58.86 46.07 -53.28
CA PHE G 251 59.64 45.85 -54.53
C PHE G 251 60.85 46.72 -54.55
N ALA G 252 60.68 47.98 -54.18
CA ALA G 252 61.81 48.91 -54.13
C ALA G 252 62.83 48.48 -53.06
N ARG G 253 62.35 47.99 -51.91
CA ARG G 253 63.26 47.54 -50.89
C ARG G 253 64.00 46.27 -51.31
N LEU G 254 63.31 45.38 -52.03
CA LEU G 254 64.00 44.19 -52.59
C LEU G 254 65.13 44.62 -53.55
N GLU G 255 64.87 45.63 -54.38
CA GLU G 255 65.90 46.08 -55.36
C GLU G 255 67.14 46.60 -54.62
N LYS G 256 66.90 47.32 -53.53
CA LYS G 256 67.99 47.78 -52.67
C LYS G 256 68.80 46.63 -52.08
N ILE G 257 68.11 45.62 -51.60
CA ILE G 257 68.75 44.39 -51.09
C ILE G 257 69.58 43.73 -52.18
N ARG G 258 69.02 43.60 -53.37
CA ARG G 258 69.73 43.04 -54.50
C ARG G 258 70.93 43.88 -54.94
N ALA G 259 70.84 45.20 -54.85
CA ALA G 259 71.93 46.10 -55.24
C ALA G 259 73.15 45.95 -54.34
N ALA G 260 72.96 45.44 -53.12
CA ALA G 260 74.10 45.17 -52.26
C ALA G 260 74.80 43.86 -52.58
N GLY G 261 74.35 43.11 -53.60
CA GLY G 261 75.00 41.85 -53.99
C GLY G 261 74.34 40.62 -53.34
N THR G 262 73.27 40.81 -52.56
CA THR G 262 72.60 39.71 -51.89
C THR G 262 72.09 38.68 -52.88
N LYS G 263 72.34 37.40 -52.62
CA LYS G 263 71.82 36.34 -53.44
C LYS G 263 70.40 36.05 -52.99
N VAL G 264 69.44 36.13 -53.92
CA VAL G 264 68.04 36.01 -53.60
C VAL G 264 67.39 34.90 -54.41
N SER G 265 66.73 33.97 -53.73
CA SER G 265 65.97 32.90 -54.36
C SER G 265 64.47 33.25 -54.49
N GLY G 266 63.96 34.09 -53.57
CA GLY G 266 62.53 34.31 -53.47
C GLY G 266 62.19 35.58 -52.73
N LEU G 267 61.00 36.12 -53.04
CA LEU G 267 60.40 37.22 -52.29
C LEU G 267 59.16 36.60 -51.62
N TRP G 268 59.12 36.73 -50.31
CA TRP G 268 58.01 36.16 -49.49
C TRP G 268 57.25 37.38 -48.92
N CYS G 269 56.03 37.60 -49.38
CA CYS G 269 55.19 38.70 -48.94
C CYS G 269 53.95 38.14 -48.25
N GLU G 270 54.03 38.01 -46.93
CA GLU G 270 52.87 37.45 -46.19
C GLU G 270 51.61 38.35 -46.29
N ASP G 271 51.83 39.65 -46.52
CA ASP G 271 50.76 40.63 -46.68
C ASP G 271 50.18 40.62 -48.12
N TRP G 272 50.44 39.57 -48.89
CA TRP G 272 49.80 39.42 -50.20
C TRP G 272 48.26 39.44 -50.07
N VAL G 273 47.75 39.07 -48.89
CA VAL G 273 46.31 39.12 -48.60
C VAL G 273 45.86 40.42 -47.94
N GLY G 274 46.77 41.36 -47.68
CA GLY G 274 46.44 42.61 -46.94
C GLY G 274 46.81 42.52 -45.45
N LEU G 275 46.77 43.66 -44.80
CA LEU G 275 47.10 43.83 -43.39
C LEU G 275 45.88 44.03 -42.57
N ARG G 276 45.93 43.66 -41.29
CA ARG G 276 44.99 44.10 -40.30
C ARG G 276 45.82 44.59 -39.07
N GLN G 277 45.73 45.89 -38.77
CA GLN G 277 46.39 46.46 -37.65
C GLN G 277 45.63 46.10 -36.38
N THR G 278 46.33 45.61 -35.37
CA THR G 278 45.77 45.30 -34.07
C THR G 278 46.69 45.82 -32.96
N SER G 279 46.33 45.71 -31.68
CA SER G 279 47.26 46.04 -30.61
C SER G 279 48.56 45.24 -30.70
N PHE G 280 48.53 44.04 -31.27
CA PHE G 280 49.74 43.22 -31.36
C PHE G 280 50.71 43.76 -32.39
N GLY G 281 50.18 44.37 -33.44
CA GLY G 281 50.97 45.04 -34.47
C GLY G 281 50.34 44.94 -35.87
N ALA G 282 51.20 44.77 -36.89
CA ALA G 282 50.81 44.63 -38.27
C ALA G 282 50.52 43.20 -38.60
N ARG G 283 49.34 42.73 -38.23
CA ARG G 283 48.93 41.37 -38.55
C ARG G 283 48.28 41.34 -39.95
N LEU G 284 47.90 40.14 -40.38
CA LEU G 284 47.38 39.96 -41.71
C LEU G 284 45.88 39.86 -41.75
N PHE G 285 45.32 40.10 -42.93
CA PHE G 285 43.88 39.98 -43.18
C PHE G 285 43.62 38.55 -43.68
N TRP G 286 42.93 37.75 -42.86
CA TRP G 286 42.87 36.28 -43.06
C TRP G 286 41.75 35.85 -44.03
N ASP G 287 42.01 36.22 -45.29
CA ASP G 287 41.12 35.88 -46.40
C ASP G 287 42.04 35.50 -47.55
N TRP G 288 42.06 34.21 -47.91
CA TRP G 288 43.19 33.64 -48.69
C TRP G 288 43.05 33.81 -50.22
N GLN G 289 43.20 35.07 -50.63
CA GLN G 289 43.30 35.42 -52.05
C GLN G 289 44.07 36.72 -52.16
N ALA G 290 44.68 36.95 -53.35
CA ALA G 290 45.46 38.14 -53.55
C ALA G 290 44.64 39.36 -53.32
N ASN G 291 45.19 40.35 -52.66
CA ASN G 291 44.50 41.58 -52.30
C ASN G 291 44.96 42.66 -53.29
N ASP G 292 44.05 43.00 -54.21
CA ASP G 292 44.29 44.03 -55.23
C ASP G 292 44.50 45.42 -54.66
N THR G 293 44.01 45.71 -53.47
CA THR G 293 44.31 47.01 -52.87
C THR G 293 45.76 47.09 -52.42
N ARG G 294 46.27 46.06 -51.79
CA ARG G 294 47.63 46.08 -51.27
C ARG G 294 48.71 45.86 -52.37
N TYR G 295 48.39 44.95 -53.31
CA TYR G 295 49.29 44.59 -54.42
C TYR G 295 48.48 44.65 -55.74
N PRO G 296 48.22 45.86 -56.24
CA PRO G 296 47.32 45.95 -57.40
C PRO G 296 47.78 45.25 -58.67
N HIS G 297 49.06 44.92 -58.83
CA HIS G 297 49.47 44.25 -60.06
C HIS G 297 50.24 43.01 -59.78
N LEU G 298 49.74 42.24 -58.81
CA LEU G 298 50.63 41.22 -58.19
C LEU G 298 50.93 40.14 -59.20
N ARG G 299 49.92 39.73 -59.99
CA ARG G 299 50.19 38.65 -60.91
C ARG G 299 51.29 39.02 -61.92
N GLN G 300 51.27 40.26 -62.36
CA GLN G 300 52.30 40.78 -63.25
C GLN G 300 53.69 40.87 -62.60
N LYS G 301 53.71 41.34 -61.37
CA LYS G 301 54.96 41.36 -60.57
C LYS G 301 55.58 39.99 -60.37
N ILE G 302 54.73 39.00 -60.13
CA ILE G 302 55.23 37.64 -60.01
C ILE G 302 55.90 37.19 -61.30
N ALA G 303 55.28 37.49 -62.44
CA ALA G 303 55.90 37.16 -63.72
C ALA G 303 57.20 37.91 -63.96
N GLU G 304 57.27 39.22 -63.61
CA GLU G 304 58.54 39.99 -63.68
C GLU G 304 59.65 39.37 -62.84
N LEU G 305 59.31 39.01 -61.62
CA LEU G 305 60.29 38.40 -60.74
C LEU G 305 60.75 37.04 -61.28
N ALA G 306 59.82 36.24 -61.82
CA ALA G 306 60.21 34.96 -62.38
C ALA G 306 61.23 35.15 -63.51
N ASP G 307 61.05 36.17 -64.34
CA ASP G 307 62.07 36.52 -65.38
C ASP G 307 63.43 36.91 -64.80
N GLN G 308 63.49 37.36 -63.57
CA GLN G 308 64.75 37.63 -62.93
C GLN G 308 65.24 36.43 -62.14
N GLY G 309 64.63 35.26 -62.27
CA GLY G 309 65.04 34.10 -61.48
C GLY G 309 64.63 34.10 -60.01
N ILE G 310 63.63 34.91 -59.62
CA ILE G 310 63.22 35.04 -58.24
C ILE G 310 61.77 34.55 -58.09
N ARG G 311 61.58 33.58 -57.19
CA ARG G 311 60.25 33.05 -56.94
C ARG G 311 59.44 33.96 -56.00
N PHE G 312 58.13 33.70 -55.93
CA PHE G 312 57.26 34.48 -55.07
C PHE G 312 56.51 33.55 -54.13
N LEU G 313 56.48 33.91 -52.85
CA LEU G 313 55.86 33.09 -51.79
C LEU G 313 54.87 33.92 -51.02
N GLY G 314 53.79 33.26 -50.57
CA GLY G 314 52.76 33.93 -49.80
C GLY G 314 52.56 33.29 -48.40
N TYR G 315 51.29 33.26 -47.98
CA TYR G 315 50.91 32.95 -46.61
C TYR G 315 49.49 32.42 -46.63
N VAL G 316 49.22 31.41 -45.82
CA VAL G 316 47.87 30.92 -45.65
C VAL G 316 47.77 30.24 -44.28
N ASN G 317 46.56 30.18 -43.71
CA ASN G 317 46.32 29.42 -42.53
C ASN G 317 44.90 28.87 -42.58
N PRO G 318 44.50 28.02 -41.63
CA PRO G 318 43.28 27.25 -41.82
C PRO G 318 42.04 27.84 -41.26
N TYR G 319 42.05 29.14 -41.01
CA TYR G 319 40.93 29.88 -40.41
C TYR G 319 40.52 30.94 -41.43
N LEU G 320 39.29 31.39 -41.33
CA LEU G 320 38.78 32.49 -42.17
C LEU G 320 38.16 33.60 -41.31
N CYS G 321 38.60 34.83 -41.51
CA CYS G 321 38.08 35.92 -40.72
C CYS G 321 36.62 36.25 -41.09
N VAL G 322 35.82 36.58 -40.07
CA VAL G 322 34.41 36.84 -40.26
C VAL G 322 34.07 37.98 -41.16
N ASP G 323 35.00 38.91 -41.35
CA ASP G 323 34.77 40.10 -42.16
C ASP G 323 35.37 39.96 -43.53
N GLY G 324 35.78 38.76 -43.93
CA GLY G 324 36.31 38.52 -45.26
C GLY G 324 35.29 37.91 -46.20
N PRO G 325 35.50 38.05 -47.52
CA PRO G 325 34.50 37.51 -48.47
C PRO G 325 34.45 35.98 -48.55
N LEU G 326 35.52 35.26 -48.17
CA LEU G 326 35.42 33.81 -48.22
C LEU G 326 34.56 33.24 -47.09
N PHE G 327 34.46 33.97 -45.97
CA PHE G 327 33.74 33.46 -44.82
C PHE G 327 32.30 33.02 -45.15
N PRO G 328 31.48 33.89 -45.75
CA PRO G 328 30.09 33.42 -46.08
C PRO G 328 30.05 32.29 -47.11
N VAL G 329 31.05 32.16 -47.98
CA VAL G 329 31.08 31.03 -48.90
C VAL G 329 31.25 29.74 -48.13
N ALA G 330 32.25 29.70 -47.24
CA ALA G 330 32.47 28.51 -46.44
C ALA G 330 31.32 28.22 -45.49
N GLU G 331 30.74 29.26 -44.90
CA GLU G 331 29.64 29.04 -43.97
C GLU G 331 28.44 28.46 -44.69
N SER G 332 28.13 29.00 -45.88
CA SER G 332 26.98 28.53 -46.63
C SER G 332 27.14 27.07 -47.02
N ALA G 333 28.36 26.67 -47.36
CA ALA G 333 28.64 25.27 -47.70
C ALA G 333 28.71 24.33 -46.49
N GLY G 334 28.66 24.86 -45.25
CA GLY G 334 28.74 24.00 -44.06
C GLY G 334 30.17 23.52 -43.79
N TYR G 335 31.17 24.36 -44.10
CA TYR G 335 32.56 23.95 -44.00
C TYR G 335 33.27 24.36 -42.69
N PHE G 336 32.56 24.96 -41.75
CA PHE G 336 33.10 25.39 -40.49
C PHE G 336 32.79 24.43 -39.34
N ALA G 337 33.70 24.32 -38.38
CA ALA G 337 33.39 23.70 -37.11
C ALA G 337 32.29 24.48 -36.41
N THR G 338 31.46 23.77 -35.64
CA THR G 338 30.27 24.37 -35.07
C THR G 338 30.32 24.39 -33.55
N ASP G 339 29.45 25.19 -32.96
CA ASP G 339 29.24 25.19 -31.50
C ASP G 339 28.19 24.13 -31.13
N VAL G 340 27.89 24.04 -29.85
CA VAL G 340 26.92 23.11 -29.34
C VAL G 340 25.53 23.20 -30.01
N ASP G 341 25.11 24.39 -30.45
CA ASP G 341 23.84 24.54 -31.21
C ASP G 341 23.93 24.37 -32.72
N GLY G 342 25.07 23.98 -33.29
CA GLY G 342 25.17 23.86 -34.73
C GLY G 342 25.43 25.16 -35.48
N LYS G 343 25.64 26.30 -34.79
CA LYS G 343 26.08 27.55 -35.48
C LYS G 343 27.61 27.54 -35.67
N THR G 344 28.10 28.31 -36.64
CA THR G 344 29.53 28.44 -36.85
C THR G 344 30.18 28.86 -35.51
N ALA G 345 31.19 28.12 -35.07
CA ALA G 345 31.94 28.48 -33.88
C ALA G 345 32.93 29.61 -34.24
N LEU G 346 32.85 30.74 -33.54
CA LEU G 346 33.74 31.87 -33.77
C LEU G 346 34.85 31.86 -32.75
N VAL G 347 36.10 31.94 -33.19
CA VAL G 347 37.24 31.93 -32.30
C VAL G 347 37.89 33.29 -32.35
N ASP G 348 38.27 33.80 -31.17
CA ASP G 348 38.96 35.09 -31.04
C ASP G 348 40.46 34.84 -31.21
N PHE G 349 41.02 35.46 -32.25
CA PHE G 349 42.47 35.38 -32.50
C PHE G 349 43.27 36.59 -32.02
N GLY G 350 42.57 37.55 -31.45
CA GLY G 350 43.17 38.73 -30.85
C GLY G 350 42.65 39.92 -31.57
N GLU G 351 41.46 40.35 -31.14
CA GLU G 351 40.76 41.50 -31.72
C GLU G 351 40.13 41.27 -33.08
N PHE G 352 40.03 40.03 -33.50
CA PHE G 352 39.17 39.68 -34.65
C PHE G 352 38.79 38.20 -34.47
N ASP G 353 37.64 37.87 -35.07
CA ASP G 353 37.09 36.51 -35.00
C ASP G 353 37.21 35.77 -36.34
N CYS G 354 37.35 34.46 -36.21
CA CYS G 354 37.42 33.60 -37.37
C CYS G 354 36.59 32.35 -37.19
N GLY G 355 36.15 31.79 -38.33
CA GLY G 355 35.67 30.45 -38.37
C GLY G 355 36.84 29.49 -38.61
N VAL G 356 36.65 28.25 -38.17
CA VAL G 356 37.63 27.17 -38.27
C VAL G 356 37.22 26.24 -39.40
N VAL G 357 37.99 26.17 -40.48
CA VAL G 357 37.61 25.29 -41.59
C VAL G 357 37.75 23.83 -41.08
N ASP G 358 36.67 23.06 -41.18
CA ASP G 358 36.59 21.76 -40.55
C ASP G 358 37.15 20.67 -41.47
N PHE G 359 38.44 20.37 -41.31
CA PHE G 359 39.07 19.36 -42.14
C PHE G 359 38.64 17.92 -41.86
N THR G 360 37.81 17.66 -40.85
CA THR G 360 37.24 16.35 -40.70
C THR G 360 36.09 16.11 -41.67
N ASN G 361 35.55 17.17 -42.25
CA ASN G 361 34.57 17.12 -43.33
C ASN G 361 35.38 17.00 -44.65
N PRO G 362 35.33 15.84 -45.34
CA PRO G 362 36.13 15.66 -46.56
C PRO G 362 35.87 16.73 -47.63
N ALA G 363 34.62 17.21 -47.73
CA ALA G 363 34.29 18.23 -48.74
C ALA G 363 34.95 19.58 -48.42
N ALA G 364 35.04 19.90 -47.13
CA ALA G 364 35.74 21.12 -46.69
C ALA G 364 37.23 21.03 -46.95
N ALA G 365 37.82 19.88 -46.64
CA ALA G 365 39.26 19.67 -46.89
C ALA G 365 39.58 19.76 -48.36
N ASP G 366 38.75 19.11 -49.17
CA ASP G 366 38.91 19.17 -50.65
C ASP G 366 38.73 20.57 -51.21
N TRP G 367 37.71 21.27 -50.74
CA TRP G 367 37.53 22.67 -51.12
C TRP G 367 38.75 23.53 -50.80
N PHE G 368 39.30 23.39 -49.57
CA PHE G 368 40.44 24.21 -49.21
C PHE G 368 41.63 23.90 -50.14
N ALA G 369 41.90 22.60 -50.35
CA ALA G 369 43.01 22.19 -51.20
C ALA G 369 42.83 22.67 -52.64
N ALA G 370 41.63 22.50 -53.18
CA ALA G 370 41.36 22.86 -54.60
C ALA G 370 41.24 24.37 -54.87
N ALA G 371 40.37 25.02 -54.10
CA ALA G 371 40.05 26.44 -54.31
C ALA G 371 41.12 27.38 -53.76
N ILE G 372 41.71 27.08 -52.61
CA ILE G 372 42.67 28.00 -51.99
C ILE G 372 44.10 27.66 -52.33
N ILE G 373 44.56 26.48 -51.95
CA ILE G 373 45.93 26.09 -52.25
C ILE G 373 46.13 26.00 -53.79
N GLY G 374 45.22 25.28 -54.44
CA GLY G 374 45.29 25.06 -55.89
C GLY G 374 45.08 26.34 -56.73
N LYS G 375 43.87 26.84 -56.67
CA LYS G 375 43.48 27.94 -57.53
C LYS G 375 44.04 29.30 -57.07
N ASN G 376 43.82 29.67 -55.80
CA ASN G 376 44.21 31.01 -55.33
C ASN G 376 45.70 31.20 -55.10
N MET G 377 46.43 30.10 -54.94
CA MET G 377 47.85 30.19 -54.66
C MET G 377 48.76 29.63 -55.75
N LEU G 378 48.75 28.32 -55.94
CA LEU G 378 49.61 27.73 -56.98
C LEU G 378 49.26 28.24 -58.38
N ASP G 379 47.99 28.24 -58.76
CA ASP G 379 47.63 28.73 -60.11
C ASP G 379 47.87 30.22 -60.23
N PHE G 380 47.85 30.96 -59.13
CA PHE G 380 48.18 32.37 -59.18
C PHE G 380 49.67 32.64 -59.39
N GLY G 381 50.54 31.62 -59.25
CA GLY G 381 51.97 31.71 -59.57
C GLY G 381 52.88 31.65 -58.30
N LEU G 382 52.34 31.33 -57.11
CA LEU G 382 53.19 31.17 -55.92
C LEU G 382 54.02 29.89 -56.02
N SER G 383 55.30 29.96 -55.71
CA SER G 383 56.16 28.77 -55.61
C SER G 383 56.20 28.21 -54.19
N GLY G 384 55.54 28.89 -53.24
CA GLY G 384 55.49 28.42 -51.88
C GLY G 384 54.86 29.42 -50.98
N TRP G 385 54.84 29.08 -49.68
CA TRP G 385 54.15 29.88 -48.71
C TRP G 385 54.46 29.40 -47.29
N MET G 386 54.27 30.32 -46.34
CA MET G 386 54.15 29.96 -44.93
C MET G 386 52.74 29.34 -44.77
N ALA G 387 52.69 28.09 -44.31
CA ALA G 387 51.45 27.41 -43.98
C ALA G 387 51.31 27.42 -42.46
N ASP G 388 50.66 28.46 -41.96
CA ASP G 388 50.72 28.82 -40.56
C ASP G 388 49.61 28.19 -39.74
N PHE G 389 49.76 28.30 -38.44
CA PHE G 389 48.82 27.81 -37.43
C PHE G 389 48.59 26.29 -37.50
N GLY G 390 47.49 25.83 -36.93
CA GLY G 390 47.25 24.41 -36.72
C GLY G 390 47.14 24.02 -35.23
N GLU G 391 47.55 24.95 -34.36
CA GLU G 391 47.71 24.67 -32.94
C GLU G 391 46.59 25.22 -32.09
N TYR G 392 45.55 25.83 -32.68
CA TYR G 392 44.49 26.51 -31.91
C TYR G 392 43.13 25.85 -31.86
N LEU G 393 42.99 24.56 -32.16
CA LEU G 393 41.65 24.01 -32.08
C LEU G 393 41.12 23.99 -30.66
N PRO G 394 40.07 24.77 -30.36
CA PRO G 394 39.52 24.73 -28.99
C PRO G 394 38.88 23.42 -28.73
N ILE G 395 38.69 23.12 -27.48
CA ILE G 395 38.14 21.84 -27.14
C ILE G 395 36.64 21.85 -26.90
N ASP G 396 36.00 22.99 -27.04
CA ASP G 396 34.56 23.10 -26.85
C ASP G 396 33.84 23.22 -28.21
N ILE G 397 34.46 22.85 -29.34
CA ILE G 397 33.76 22.90 -30.60
C ILE G 397 33.45 21.50 -31.12
N LYS G 398 32.57 21.45 -32.12
CA LYS G 398 32.08 20.20 -32.70
C LYS G 398 32.60 20.07 -34.10
N LEU G 399 33.06 18.87 -34.40
CA LEU G 399 33.63 18.51 -35.65
C LEU G 399 32.70 17.57 -36.37
N SER G 400 32.74 17.70 -37.68
CA SER G 400 31.90 16.94 -38.62
C SER G 400 32.07 15.41 -38.44
N ASN G 401 33.26 14.91 -38.14
CA ASN G 401 33.43 13.48 -37.88
C ASN G 401 32.88 13.01 -36.55
N GLY G 402 32.32 13.90 -35.72
CA GLY G 402 31.79 13.48 -34.40
C GLY G 402 32.85 13.09 -33.35
N VAL G 403 34.13 13.22 -33.66
CA VAL G 403 35.19 12.89 -32.71
C VAL G 403 35.37 14.09 -31.77
N ASP G 404 35.51 13.81 -30.49
CA ASP G 404 35.75 14.86 -29.48
C ASP G 404 36.94 15.78 -29.86
N ALA G 405 36.73 17.08 -29.74
CA ALA G 405 37.77 18.06 -30.01
C ALA G 405 39.06 17.86 -29.17
N LYS G 406 38.92 17.26 -28.01
CA LYS G 406 40.06 16.87 -27.21
C LYS G 406 40.99 15.87 -27.86
N LEU G 407 40.42 15.01 -28.72
CA LEU G 407 41.23 14.09 -29.50
C LEU G 407 41.66 14.69 -30.83
N MET G 408 40.86 15.62 -31.40
CA MET G 408 41.22 16.19 -32.69
C MET G 408 42.24 17.30 -32.59
N HIS G 409 42.35 17.91 -31.40
CA HIS G 409 43.23 19.06 -31.20
C HIS G 409 44.69 18.79 -31.67
N ASN G 410 45.28 17.72 -31.16
CA ASN G 410 46.66 17.38 -31.53
C ASN G 410 46.78 16.88 -32.96
N ALA G 411 45.69 16.29 -33.50
CA ALA G 411 45.71 15.79 -34.89
C ALA G 411 45.68 16.92 -35.91
N TRP G 412 45.22 18.10 -35.50
CA TRP G 412 44.92 19.16 -36.42
C TRP G 412 46.12 19.54 -37.26
N PRO G 413 47.30 19.70 -36.68
CA PRO G 413 48.39 20.09 -37.54
C PRO G 413 48.68 19.11 -38.65
N THR G 414 48.51 17.83 -38.41
CA THR G 414 48.77 16.81 -39.43
C THR G 414 47.69 16.88 -40.56
N LEU G 415 46.44 17.07 -40.18
CA LEU G 415 45.36 17.24 -41.17
C LEU G 415 45.62 18.46 -42.02
N TRP G 416 46.10 19.53 -41.38
CA TRP G 416 46.37 20.78 -42.09
C TRP G 416 47.55 20.60 -43.03
N ALA G 417 48.59 19.91 -42.58
CA ALA G 417 49.70 19.61 -43.46
C ALA G 417 49.22 18.80 -44.69
N GLU G 418 48.35 17.87 -44.46
CA GLU G 418 47.86 17.04 -45.53
C GLU G 418 47.02 17.85 -46.60
N VAL G 419 46.23 18.84 -46.14
CA VAL G 419 45.51 19.74 -47.03
C VAL G 419 46.49 20.47 -47.94
N ASN G 420 47.54 21.03 -47.37
CA ASN G 420 48.58 21.67 -48.17
C ASN G 420 49.20 20.70 -49.18
N ALA G 421 49.56 19.52 -48.71
CA ALA G 421 50.24 18.53 -49.58
C ALA G 421 49.34 18.09 -50.74
N LYS G 422 48.06 17.90 -50.46
CA LYS G 422 47.10 17.52 -51.52
C LYS G 422 46.97 18.61 -52.56
N GLY G 423 46.94 19.86 -52.14
CA GLY G 423 46.85 20.95 -53.09
C GLY G 423 48.08 20.97 -54.01
N VAL G 424 49.25 20.84 -53.41
CA VAL G 424 50.51 20.80 -54.12
C VAL G 424 50.56 19.63 -55.13
N GLU G 425 50.15 18.45 -54.65
CA GLU G 425 50.14 17.24 -55.45
C GLU G 425 49.14 17.36 -56.60
N SER G 426 48.00 18.00 -56.40
CA SER G 426 47.01 18.17 -57.47
C SER G 426 47.58 19.02 -58.63
N ARG G 427 48.62 19.82 -58.42
CA ARG G 427 49.26 20.54 -59.53
C ARG G 427 50.59 19.90 -59.99
N GLY G 428 50.89 18.67 -59.56
CA GLY G 428 52.15 18.02 -59.87
C GLY G 428 53.39 18.74 -59.34
N LYS G 429 53.29 19.43 -58.21
CA LYS G 429 54.39 20.26 -57.75
C LYS G 429 55.06 19.76 -56.48
N THR G 430 54.83 18.52 -56.11
CA THR G 430 55.53 17.93 -54.99
C THR G 430 57.03 17.93 -55.28
N GLY G 431 57.85 18.49 -54.41
CA GLY G 431 59.26 18.62 -54.63
C GLY G 431 59.67 19.90 -55.36
N GLU G 432 58.72 20.75 -55.69
CA GLU G 432 58.98 22.00 -56.36
C GLU G 432 58.38 23.19 -55.62
N ALA G 433 57.11 23.09 -55.20
CA ALA G 433 56.53 24.09 -54.33
C ALA G 433 57.07 23.87 -52.91
N LEU G 434 57.32 24.94 -52.18
CA LEU G 434 57.90 24.84 -50.86
C LEU G 434 56.99 25.55 -49.84
N PHE G 435 56.26 24.77 -49.05
CA PHE G 435 55.57 25.36 -47.91
C PHE G 435 56.24 24.93 -46.62
N PHE G 436 56.08 25.78 -45.61
CA PHE G 436 56.73 25.57 -44.30
C PHE G 436 55.72 25.78 -43.18
N MET G 437 55.79 24.89 -42.21
CA MET G 437 54.89 24.88 -41.04
C MET G 437 55.69 25.07 -39.74
N ARG G 438 55.02 25.69 -38.76
CA ARG G 438 55.54 25.75 -37.41
C ARG G 438 54.85 24.75 -36.52
N ALA G 439 53.59 24.38 -36.85
CA ALA G 439 52.85 23.44 -36.01
C ALA G 439 53.00 22.05 -36.58
N GLY G 440 52.94 21.06 -35.69
CA GLY G 440 53.11 19.66 -36.08
C GLY G 440 52.54 18.73 -35.04
N PHE G 441 52.46 17.47 -35.45
CA PHE G 441 52.17 16.34 -34.58
C PHE G 441 52.59 15.11 -35.36
N THR G 442 52.46 13.95 -34.75
CA THR G 442 52.74 12.66 -35.43
C THR G 442 52.20 12.70 -36.87
N GLY G 443 53.07 12.51 -37.85
CA GLY G 443 52.64 12.31 -39.23
C GLY G 443 52.82 13.51 -40.11
N VAL G 444 53.09 14.66 -39.50
CA VAL G 444 53.33 15.87 -40.25
C VAL G 444 54.53 15.69 -41.21
N GLN G 445 55.44 14.82 -40.81
CA GLN G 445 56.64 14.47 -41.58
C GLN G 445 56.38 14.06 -43.02
N ALA G 446 55.28 13.32 -43.20
CA ALA G 446 54.94 12.77 -44.52
C ALA G 446 54.39 13.83 -45.47
N HIS G 447 53.94 14.97 -44.97
CA HIS G 447 53.20 15.97 -45.78
C HIS G 447 53.93 17.30 -45.87
N CYS G 448 54.64 17.72 -44.84
CA CYS G 448 55.30 18.98 -44.82
C CYS G 448 56.77 18.87 -45.21
N PRO G 449 57.20 19.65 -46.22
CA PRO G 449 58.59 19.54 -46.69
C PRO G 449 59.62 20.34 -45.90
N LEU G 450 59.17 21.23 -45.00
CA LEU G 450 60.10 22.15 -44.33
C LEU G 450 59.42 22.70 -43.06
N ILE G 451 60.11 22.63 -41.92
CA ILE G 451 59.66 23.19 -40.66
C ILE G 451 60.31 24.53 -40.47
N TRP G 452 59.59 25.48 -39.90
CA TRP G 452 60.26 26.60 -39.26
C TRP G 452 60.00 26.64 -37.76
N GLY G 453 60.93 27.28 -37.07
CA GLY G 453 60.95 27.34 -35.59
C GLY G 453 59.90 28.21 -34.89
N GLY G 454 58.93 28.72 -35.66
CA GLY G 454 57.89 29.54 -35.09
C GLY G 454 58.40 30.90 -34.66
N ASN G 455 57.75 31.48 -33.66
CA ASN G 455 58.05 32.82 -33.21
C ASN G 455 59.06 32.81 -32.04
N GLN G 456 60.31 33.24 -32.29
CA GLN G 456 61.24 33.54 -31.24
C GLN G 456 61.01 35.01 -30.90
N SER G 457 61.30 35.38 -29.66
CA SER G 457 61.48 36.76 -29.32
C SER G 457 62.70 37.32 -30.08
N VAL G 458 62.69 38.63 -30.25
CA VAL G 458 63.76 39.34 -30.96
C VAL G 458 64.98 39.57 -30.02
N ASP G 459 65.54 38.50 -29.49
CA ASP G 459 66.55 38.60 -28.44
C ASP G 459 67.42 37.35 -28.40
N PHE G 460 68.41 37.42 -27.52
CA PHE G 460 69.32 36.32 -27.24
C PHE G 460 68.92 35.57 -25.96
N SER G 461 67.63 35.59 -25.56
CA SER G 461 67.25 34.92 -24.34
C SER G 461 67.44 33.41 -24.44
N ARG G 462 67.62 32.79 -23.27
CA ARG G 462 67.83 31.35 -23.19
C ARG G 462 66.59 30.53 -23.62
N HIS G 463 65.41 31.01 -23.24
CA HIS G 463 64.18 30.24 -23.47
C HIS G 463 63.26 30.76 -24.58
N ASP G 464 63.59 31.87 -25.22
CA ASP G 464 62.84 32.29 -26.40
C ASP G 464 63.66 33.03 -27.49
N GLY G 465 64.99 32.96 -27.42
CA GLY G 465 65.85 33.66 -28.35
C GLY G 465 66.50 32.71 -29.35
N LEU G 466 67.55 33.22 -29.97
CA LEU G 466 68.27 32.52 -31.01
C LEU G 466 68.57 31.06 -30.68
N VAL G 467 69.07 30.80 -29.47
CA VAL G 467 69.54 29.46 -29.11
C VAL G 467 68.45 28.42 -29.16
N THR G 468 67.21 28.83 -28.93
CA THR G 468 66.07 27.88 -28.96
C THR G 468 65.83 27.27 -30.31
N VAL G 469 66.23 27.95 -31.37
CA VAL G 469 66.08 27.44 -32.73
C VAL G 469 66.87 26.12 -32.88
N ILE G 470 68.05 26.08 -32.31
CA ILE G 470 68.95 24.92 -32.48
C ILE G 470 68.36 23.72 -31.78
N CYS G 471 67.81 23.96 -30.59
CA CYS G 471 67.13 22.89 -29.86
C CYS G 471 65.98 22.31 -30.71
N GLY G 472 65.20 23.21 -31.29
CA GLY G 472 64.10 22.86 -32.20
C GLY G 472 64.52 22.03 -33.40
N ALA G 473 65.61 22.44 -34.04
CA ALA G 473 66.16 21.73 -35.18
C ALA G 473 66.62 20.31 -34.76
N LEU G 474 67.36 20.23 -33.64
CA LEU G 474 67.94 18.96 -33.26
C LEU G 474 66.84 17.95 -32.87
N SER G 475 65.90 18.39 -32.01
CA SER G 475 64.82 17.51 -31.57
C SER G 475 63.93 17.09 -32.74
N SER G 476 63.45 18.05 -33.54
CA SER G 476 62.59 17.70 -34.67
C SER G 476 63.28 16.84 -35.76
N GLY G 477 64.59 17.02 -35.92
CA GLY G 477 65.38 16.18 -36.81
C GLY G 477 65.41 14.72 -36.40
N LEU G 478 65.55 14.43 -35.09
CA LEU G 478 65.51 13.05 -34.65
C LEU G 478 64.13 12.39 -34.88
N MET G 479 63.09 13.22 -34.91
CA MET G 479 61.75 12.76 -35.17
C MET G 479 61.43 12.62 -36.68
N GLY G 480 62.42 12.88 -37.55
CA GLY G 480 62.31 12.62 -38.97
C GLY G 480 61.98 13.79 -39.85
N ASN G 481 62.06 15.01 -39.30
CA ASN G 481 61.90 16.24 -40.05
C ASN G 481 63.31 16.68 -40.39
N ALA G 482 63.71 16.43 -41.63
CA ALA G 482 65.10 16.68 -42.02
C ALA G 482 65.46 18.13 -42.24
N TYR G 483 64.47 19.01 -42.44
CA TYR G 483 64.75 20.39 -42.83
C TYR G 483 64.07 21.35 -41.86
N HIS G 484 64.89 22.20 -41.24
CA HIS G 484 64.45 23.18 -40.24
C HIS G 484 65.05 24.52 -40.55
N HIS G 485 64.35 25.60 -40.23
CA HIS G 485 64.93 26.94 -40.36
C HIS G 485 64.22 27.86 -39.46
N SER G 486 64.69 29.09 -39.44
CA SER G 486 64.06 30.10 -38.54
C SER G 486 63.97 31.46 -39.17
N ASP G 487 63.16 32.33 -38.58
CA ASP G 487 63.10 33.74 -38.98
C ASP G 487 64.45 34.40 -38.62
N ILE G 488 65.18 34.92 -39.62
CA ILE G 488 66.41 35.65 -39.33
C ILE G 488 66.06 36.95 -38.57
N GLY G 489 66.55 37.03 -37.33
CA GLY G 489 66.34 38.16 -36.45
C GLY G 489 65.14 37.95 -35.53
N GLY G 490 64.54 36.77 -35.53
CA GLY G 490 63.38 36.52 -34.67
C GLY G 490 62.08 37.22 -35.16
N TYR G 491 61.02 37.06 -34.38
CA TYR G 491 59.71 37.55 -34.72
C TYR G 491 59.13 38.51 -33.69
N THR G 492 59.00 38.05 -32.45
CA THR G 492 58.11 38.72 -31.51
C THR G 492 58.74 39.91 -30.83
N SER G 493 58.18 41.09 -31.08
CA SER G 493 58.61 42.35 -30.49
C SER G 493 57.43 42.86 -29.65
N LEU G 494 57.59 42.81 -28.34
CA LEU G 494 56.62 43.21 -27.37
C LEU G 494 57.31 43.86 -26.18
N PHE G 495 56.61 44.80 -25.53
CA PHE G 495 57.04 45.38 -24.29
C PHE G 495 58.40 46.05 -24.43
N GLY G 496 58.66 46.67 -25.58
CA GLY G 496 59.94 47.32 -25.85
C GLY G 496 61.12 46.42 -26.18
N ASN G 497 60.90 45.11 -26.34
CA ASN G 497 61.94 44.22 -26.82
C ASN G 497 62.01 44.40 -28.36
N VAL G 498 63.13 44.93 -28.85
CA VAL G 498 63.31 45.24 -30.27
C VAL G 498 64.68 44.71 -30.72
N ARG G 499 64.83 44.50 -32.01
CA ARG G 499 66.06 43.95 -32.57
C ARG G 499 67.23 44.85 -32.42
N THR G 500 68.42 44.27 -32.41
CA THR G 500 69.64 45.08 -32.58
C THR G 500 70.29 44.58 -33.89
N ALA G 501 71.21 45.38 -34.41
CA ALA G 501 72.03 44.97 -35.52
C ALA G 501 72.76 43.66 -35.24
N GLU G 502 73.32 43.56 -34.05
CA GLU G 502 74.10 42.39 -33.65
C GLU G 502 73.25 41.13 -33.65
N LEU G 503 72.01 41.24 -33.15
CA LEU G 503 71.12 40.11 -33.19
C LEU G 503 70.87 39.61 -34.60
N ILE G 504 70.55 40.54 -35.51
CA ILE G 504 70.32 40.14 -36.89
C ILE G 504 71.52 39.42 -37.45
N MET G 505 72.69 40.02 -37.26
CA MET G 505 73.91 39.45 -37.85
C MET G 505 74.24 38.06 -37.30
N ARG G 506 74.13 37.88 -35.97
CA ARG G 506 74.34 36.54 -35.41
C ARG G 506 73.34 35.51 -35.94
N TRP G 507 72.10 35.93 -36.10
CA TRP G 507 71.08 35.03 -36.61
C TRP G 507 71.36 34.64 -38.06
N THR G 508 71.79 35.61 -38.86
CA THR G 508 72.14 35.38 -40.27
C THR G 508 73.29 34.37 -40.37
N GLU G 509 74.26 34.50 -39.46
CA GLU G 509 75.45 33.63 -39.42
C GLU G 509 75.06 32.18 -39.25
N MET G 510 74.12 31.94 -38.32
CA MET G 510 73.58 30.60 -38.16
C MET G 510 72.81 30.17 -39.41
N ALA G 511 71.94 31.05 -39.91
CA ALA G 511 71.00 30.66 -40.98
C ALA G 511 71.70 30.20 -42.27
N ALA G 512 72.86 30.78 -42.56
CA ALA G 512 73.66 30.40 -43.73
C ALA G 512 74.10 28.93 -43.71
N PHE G 513 74.12 28.32 -42.50
CA PHE G 513 74.43 26.92 -42.32
C PHE G 513 73.17 26.18 -41.84
N THR G 514 72.07 26.44 -42.53
CA THR G 514 70.80 25.71 -42.42
C THR G 514 70.20 25.60 -43.81
N PRO G 515 69.19 24.74 -44.00
CA PRO G 515 68.64 24.56 -45.37
C PRO G 515 68.08 25.79 -46.05
N VAL G 516 67.53 26.73 -45.28
CA VAL G 516 66.87 27.89 -45.86
C VAL G 516 67.11 29.19 -45.08
N MET G 517 67.62 30.19 -45.77
CA MET G 517 67.76 31.55 -45.24
C MET G 517 66.49 32.31 -45.57
N ARG G 518 65.81 32.82 -44.55
CA ARG G 518 64.60 33.62 -44.76
C ARG G 518 64.50 34.72 -43.73
N THR G 519 64.19 35.94 -44.18
CA THR G 519 63.92 37.05 -43.25
C THR G 519 62.42 37.20 -43.04
N HIS G 520 62.09 38.08 -42.10
CA HIS G 520 60.72 38.33 -41.68
C HIS G 520 60.77 39.71 -41.03
N GLU G 521 59.89 40.60 -41.45
CA GLU G 521 59.80 41.89 -40.77
C GLU G 521 59.18 41.84 -39.36
N GLY G 522 58.40 40.81 -39.06
CA GLY G 522 57.93 40.61 -37.65
C GLY G 522 56.59 41.26 -37.44
N ASN G 523 56.15 41.31 -36.19
CA ASN G 523 54.84 41.81 -35.81
C ASN G 523 54.80 43.34 -35.79
N ARG G 524 55.95 43.99 -35.63
CA ARG G 524 56.03 45.44 -35.58
C ARG G 524 57.11 45.98 -36.47
N PRO G 525 56.89 45.91 -37.78
CA PRO G 525 57.97 46.17 -38.74
C PRO G 525 58.68 47.50 -38.57
N ARG G 526 57.92 48.56 -38.32
CA ARG G 526 58.46 49.90 -38.23
C ARG G 526 59.17 50.17 -36.89
N ASP G 527 59.01 49.33 -35.88
CA ASP G 527 59.72 49.48 -34.62
C ASP G 527 61.02 48.69 -34.60
N ASN G 528 61.25 47.82 -35.56
CA ASN G 528 62.37 46.94 -35.54
C ASN G 528 63.28 47.11 -36.76
N LEU G 529 64.57 47.10 -36.54
CA LEU G 529 65.54 47.08 -37.58
C LEU G 529 65.30 45.91 -38.54
N GLN G 530 65.33 46.22 -39.83
CA GLN G 530 65.23 45.22 -40.89
C GLN G 530 66.57 45.17 -41.64
N ILE G 531 66.77 44.07 -42.38
CA ILE G 531 68.04 43.84 -43.04
C ILE G 531 68.51 44.90 -44.01
N ASP G 532 67.57 45.61 -44.63
CA ASP G 532 67.92 46.67 -45.61
C ASP G 532 68.20 48.01 -44.96
N GLN G 533 68.01 48.15 -43.66
CA GLN G 533 67.99 49.51 -43.05
C GLN G 533 69.30 49.88 -42.42
N ASP G 534 70.30 49.03 -42.41
CA ASP G 534 71.60 49.39 -41.89
C ASP G 534 72.62 48.85 -42.85
N GLU G 535 73.52 49.71 -43.31
CA GLU G 535 74.55 49.32 -44.29
C GLU G 535 75.42 48.17 -43.85
N THR G 536 75.89 48.20 -42.62
CA THR G 536 76.73 47.11 -42.08
C THR G 536 75.97 45.81 -42.05
N VAL G 537 74.75 45.84 -41.56
CA VAL G 537 73.91 44.62 -41.49
C VAL G 537 73.64 44.09 -42.87
N LEU G 538 73.31 44.96 -43.81
CA LEU G 538 73.00 44.53 -45.19
C LEU G 538 74.21 43.89 -45.87
N ALA G 539 75.38 44.51 -45.69
CA ALA G 539 76.62 43.97 -46.31
C ALA G 539 76.95 42.61 -45.68
N HIS G 540 76.78 42.51 -44.35
CA HIS G 540 77.01 41.23 -43.66
C HIS G 540 76.02 40.17 -44.18
N PHE G 541 74.76 40.56 -44.32
CA PHE G 541 73.73 39.66 -44.89
C PHE G 541 74.08 39.19 -46.32
N ALA G 542 74.45 40.15 -47.18
CA ALA G 542 74.82 39.80 -48.58
C ALA G 542 75.93 38.78 -48.60
N ARG G 543 76.98 39.06 -47.82
CA ARG G 543 78.08 38.13 -47.74
C ARG G 543 77.65 36.76 -47.28
N MET G 544 76.84 36.69 -46.20
CA MET G 544 76.40 35.38 -45.78
C MET G 544 75.56 34.67 -46.83
N THR G 545 74.75 35.40 -47.60
CA THR G 545 74.01 34.73 -48.71
C THR G 545 74.98 34.14 -49.75
N ALA G 546 76.10 34.83 -50.02
CA ALA G 546 77.10 34.31 -50.98
C ALA G 546 77.75 33.02 -50.44
N ILE G 547 78.01 33.01 -49.12
CA ILE G 547 78.52 31.81 -48.49
C ILE G 547 77.54 30.65 -48.61
N TYR G 548 76.27 30.92 -48.33
CA TYR G 548 75.22 29.89 -48.46
C TYR G 548 75.16 29.34 -49.91
N VAL G 549 75.20 30.26 -50.89
CA VAL G 549 75.20 29.81 -52.29
C VAL G 549 76.44 28.98 -52.63
N ALA G 550 77.61 29.40 -52.18
CA ALA G 550 78.83 28.61 -52.44
C ALA G 550 78.74 27.24 -51.79
N LEU G 551 78.07 27.15 -50.64
CA LEU G 551 77.89 25.86 -49.93
C LEU G 551 76.79 24.94 -50.48
N ALA G 552 75.97 25.45 -51.38
CA ALA G 552 74.83 24.69 -51.90
C ALA G 552 75.12 23.28 -52.41
N PRO G 553 76.24 23.07 -53.13
CA PRO G 553 76.47 21.65 -53.52
C PRO G 553 76.58 20.71 -52.29
N TYR G 554 77.15 21.19 -51.19
CA TYR G 554 77.21 20.37 -49.97
C TYR G 554 75.79 20.17 -49.38
N LEU G 555 75.05 21.27 -49.22
CA LEU G 555 73.66 21.19 -48.71
C LEU G 555 72.81 20.27 -49.57
N LYS G 556 72.97 20.38 -50.89
CA LYS G 556 72.24 19.51 -51.80
C LYS G 556 72.60 18.04 -51.58
N SER G 557 73.86 17.70 -51.35
CA SER G 557 74.19 16.29 -51.04
C SER G 557 73.54 15.86 -49.69
N LEU G 558 73.38 16.80 -48.75
CA LEU G 558 72.69 16.49 -47.48
C LEU G 558 71.22 16.25 -47.66
N SER G 559 70.60 17.01 -48.56
CA SER G 559 69.20 16.76 -48.92
C SER G 559 69.03 15.36 -49.59
N ALA G 560 69.96 15.02 -50.47
CA ALA G 560 69.93 13.68 -51.08
C ALA G 560 70.06 12.60 -50.01
N GLU G 561 70.95 12.79 -49.05
CA GLU G 561 71.06 11.82 -47.93
C GLU G 561 69.78 11.77 -47.12
N ALA G 562 69.16 12.91 -46.87
CA ALA G 562 67.89 12.92 -46.15
C ALA G 562 66.83 12.06 -46.84
N ALA G 563 66.70 12.22 -48.16
CA ALA G 563 65.76 11.38 -48.92
C ALA G 563 66.16 9.90 -48.89
N LYS G 564 67.44 9.59 -48.98
CA LYS G 564 67.86 8.17 -49.05
C LYS G 564 67.79 7.53 -47.69
N THR G 565 68.17 8.24 -46.62
CA THR G 565 68.36 7.60 -45.31
C THR G 565 67.53 8.18 -44.15
N GLY G 566 66.86 9.30 -44.38
CA GLY G 566 66.09 9.95 -43.33
C GLY G 566 66.85 10.86 -42.39
N LEU G 567 68.20 10.86 -42.45
CA LEU G 567 68.97 11.66 -41.51
C LEU G 567 68.77 13.16 -41.70
N PRO G 568 68.61 13.87 -40.59
CA PRO G 568 68.34 15.33 -40.73
C PRO G 568 69.59 16.05 -41.18
N VAL G 569 69.38 17.21 -41.78
CA VAL G 569 70.47 18.06 -42.18
C VAL G 569 71.29 18.58 -40.95
N GLN G 570 70.57 18.95 -39.89
CA GLN G 570 71.19 19.39 -38.64
C GLN G 570 71.11 18.21 -37.65
N ARG G 571 72.30 17.71 -37.31
CA ARG G 571 72.41 16.51 -36.48
C ARG G 571 73.09 16.82 -35.13
N PRO G 572 72.68 16.10 -34.08
CA PRO G 572 73.39 16.25 -32.81
C PRO G 572 74.74 15.56 -32.84
N LEU G 573 75.69 16.07 -32.04
CA LEU G 573 77.07 15.51 -32.09
C LEU G 573 77.09 14.03 -31.81
N PHE G 574 76.22 13.56 -30.92
CA PHE G 574 76.28 12.15 -30.55
C PHE G 574 75.89 11.21 -31.68
N LEU G 575 75.21 11.71 -32.71
CA LEU G 575 74.79 10.85 -33.78
C LEU G 575 75.98 10.27 -34.56
N HIS G 576 77.06 11.03 -34.65
CA HIS G 576 78.28 10.60 -35.31
C HIS G 576 79.43 10.32 -34.34
N TYR G 577 79.26 10.55 -33.05
CA TYR G 577 80.37 10.39 -32.08
C TYR G 577 79.81 9.74 -30.81
N GLU G 578 79.31 8.52 -31.02
CA GLU G 578 78.60 7.77 -30.02
C GLU G 578 79.41 7.43 -28.79
N ASN G 579 80.72 7.41 -28.89
CA ASN G 579 81.58 6.99 -27.80
C ASN G 579 82.06 8.13 -26.94
N GLU G 580 81.53 9.33 -27.15
CA GLU G 580 82.02 10.50 -26.46
C GLU G 580 80.86 11.05 -25.63
N PRO G 581 80.84 10.72 -24.34
CA PRO G 581 79.74 11.15 -23.46
C PRO G 581 79.55 12.68 -23.44
N GLN G 582 80.59 13.47 -23.65
CA GLN G 582 80.45 14.94 -23.68
C GLN G 582 79.51 15.45 -24.82
N THR G 583 79.21 14.61 -25.80
CA THR G 583 78.36 14.98 -26.90
C THR G 583 76.88 14.76 -26.64
N TYR G 584 76.52 14.07 -25.56
CA TYR G 584 75.15 13.57 -25.41
C TYR G 584 74.11 14.63 -25.05
N ALA G 585 74.51 15.66 -24.30
CA ALA G 585 73.54 16.72 -23.93
C ALA G 585 73.70 18.04 -24.71
N VAL G 586 74.76 18.14 -25.55
CA VAL G 586 75.05 19.38 -26.32
C VAL G 586 73.88 19.74 -27.23
N GLN G 587 73.38 20.96 -27.06
CA GLN G 587 72.19 21.43 -27.83
C GLN G 587 72.35 22.80 -28.42
N ASP G 588 73.54 23.41 -28.31
CA ASP G 588 73.80 24.69 -28.99
C ASP G 588 74.88 24.62 -30.05
N CYS G 589 75.19 23.41 -30.49
CA CYS G 589 76.10 23.15 -31.60
C CYS G 589 75.40 22.02 -32.38
N TYR G 590 75.67 21.97 -33.65
CA TYR G 590 75.17 20.87 -34.48
C TYR G 590 76.19 20.49 -35.53
N LEU G 591 76.08 19.24 -35.99
CA LEU G 591 76.76 18.77 -37.16
C LEU G 591 75.86 19.09 -38.35
N TYR G 592 76.39 19.87 -39.29
CA TYR G 592 75.73 20.23 -40.51
C TYR G 592 76.19 19.17 -41.52
N GLY G 593 75.40 18.11 -41.63
CA GLY G 593 75.82 16.88 -42.23
C GLY G 593 76.91 16.26 -41.35
N ALA G 594 77.59 15.24 -41.85
CA ALA G 594 78.67 14.61 -41.09
C ALA G 594 79.97 15.42 -41.11
N ASP G 595 80.11 16.35 -42.04
CA ASP G 595 81.43 16.93 -42.34
C ASP G 595 81.66 18.35 -41.83
N MET G 596 80.61 19.02 -41.33
CA MET G 596 80.77 20.36 -40.78
C MET G 596 80.20 20.42 -39.38
N LEU G 597 80.82 21.27 -38.55
CA LEU G 597 80.40 21.50 -37.17
C LEU G 597 80.14 23.00 -37.03
N VAL G 598 78.97 23.35 -36.51
CA VAL G 598 78.55 24.73 -36.37
C VAL G 598 78.20 25.01 -34.92
N ALA G 599 78.79 26.08 -34.37
CA ALA G 599 78.60 26.50 -33.01
C ALA G 599 78.18 27.99 -32.96
N PRO G 600 76.86 28.24 -33.15
CA PRO G 600 76.43 29.63 -33.24
C PRO G 600 76.69 30.42 -31.95
N VAL G 601 77.09 31.68 -32.09
CA VAL G 601 77.06 32.60 -30.96
C VAL G 601 75.60 32.97 -30.65
N TRP G 602 75.19 32.78 -29.40
CA TRP G 602 73.80 33.06 -29.01
C TRP G 602 73.63 34.05 -27.88
N LYS G 603 74.69 34.85 -27.66
CA LYS G 603 74.68 35.92 -26.67
C LYS G 603 75.27 37.19 -27.23
N ALA G 604 74.79 38.32 -26.72
CA ALA G 604 75.28 39.64 -27.10
C ALA G 604 76.67 39.86 -26.56
N GLY G 605 77.49 40.60 -27.30
CA GLY G 605 78.77 41.03 -26.81
C GLY G 605 79.86 39.99 -26.84
N GLU G 606 79.64 38.82 -27.43
CA GLU G 606 80.68 37.79 -27.44
C GLU G 606 81.63 38.00 -28.60
N THR G 607 82.93 37.95 -28.36
CA THR G 607 83.93 38.00 -29.40
C THR G 607 84.56 36.63 -29.69
N GLN G 608 84.24 35.63 -28.87
CA GLN G 608 84.80 34.29 -28.97
C GLN G 608 83.73 33.27 -28.69
N ARG G 609 84.00 32.02 -29.06
CA ARG G 609 83.11 30.93 -28.77
C ARG G 609 83.90 29.72 -28.32
N SER G 610 83.44 29.15 -27.18
CA SER G 610 84.01 27.89 -26.68
C SER G 610 83.08 26.75 -27.05
N LEU G 611 83.63 25.62 -27.42
CA LEU G 611 82.82 24.46 -27.74
C LEU G 611 83.66 23.19 -27.67
N TYR G 612 82.98 22.05 -27.69
CA TYR G 612 83.64 20.75 -27.70
C TYR G 612 83.77 20.27 -29.14
N LEU G 613 85.00 20.04 -29.60
CA LEU G 613 85.28 19.39 -30.89
C LEU G 613 85.35 17.87 -30.68
N PRO G 614 84.49 17.12 -31.38
CA PRO G 614 84.47 15.68 -31.21
C PRO G 614 85.46 14.94 -32.11
N GLY G 615 85.66 13.66 -31.82
CA GLY G 615 86.37 12.73 -32.71
C GLY G 615 87.86 12.62 -32.41
N HIS G 616 88.52 11.75 -33.16
CA HIS G 616 90.00 11.60 -33.06
C HIS G 616 90.76 12.03 -34.29
N GLY G 617 90.12 12.71 -35.21
CA GLY G 617 90.76 13.31 -36.38
C GLY G 617 91.02 14.78 -36.18
N GLU G 618 90.99 15.52 -37.26
CA GLU G 618 91.27 16.95 -37.24
C GLU G 618 90.09 17.71 -37.83
N TRP G 619 89.85 18.88 -37.24
CA TRP G 619 88.85 19.81 -37.72
C TRP G 619 89.57 21.04 -38.24
N VAL G 620 89.08 21.62 -39.34
CA VAL G 620 89.66 22.81 -39.93
C VAL G 620 88.70 23.96 -39.72
N HIS G 621 89.19 25.03 -39.11
CA HIS G 621 88.41 26.24 -38.91
C HIS G 621 88.17 26.87 -40.26
N LEU G 622 86.90 27.11 -40.58
CA LEU G 622 86.52 27.51 -41.95
C LEU G 622 87.18 28.78 -42.45
N TRP G 623 87.27 29.80 -41.59
CA TRP G 623 87.66 31.15 -42.02
C TRP G 623 89.19 31.27 -42.11
N SER G 624 89.92 30.58 -41.24
CA SER G 624 91.36 30.69 -41.17
C SER G 624 92.13 29.52 -41.82
N GLY G 625 91.50 28.37 -41.99
CA GLY G 625 92.24 27.16 -42.35
C GLY G 625 93.08 26.54 -41.24
N LYS G 626 93.11 27.08 -40.01
CA LYS G 626 93.88 26.44 -38.90
C LYS G 626 93.27 25.07 -38.56
N ARG G 627 94.11 24.08 -38.35
CA ARG G 627 93.65 22.74 -37.96
C ARG G 627 93.64 22.58 -36.46
N HIS G 628 92.70 21.82 -35.92
CA HIS G 628 92.60 21.59 -34.49
C HIS G 628 92.26 20.11 -34.28
N ALA G 629 92.91 19.47 -33.36
CA ALA G 629 92.66 18.05 -33.08
C ALA G 629 91.33 17.85 -32.37
N GLY G 630 90.58 16.82 -32.81
CA GLY G 630 89.32 16.44 -32.16
C GLY G 630 89.51 15.91 -30.76
N GLY G 631 88.42 15.88 -30.00
CA GLY G 631 88.38 15.25 -28.66
C GLY G 631 88.71 16.21 -27.54
N ARG G 632 88.55 17.51 -27.72
CA ARG G 632 88.75 18.47 -26.62
C ARG G 632 87.94 19.74 -26.85
N ASP G 633 87.88 20.55 -25.80
CA ASP G 633 87.30 21.88 -25.81
C ASP G 633 88.25 22.82 -26.55
N ILE G 634 87.72 23.73 -27.36
CA ILE G 634 88.51 24.79 -27.93
C ILE G 634 87.81 26.13 -27.79
N THR G 635 88.53 27.21 -27.94
CA THR G 635 87.94 28.54 -28.00
C THR G 635 88.45 29.18 -29.28
N VAL G 636 87.56 29.69 -30.14
CA VAL G 636 87.98 30.43 -31.33
C VAL G 636 87.39 31.85 -31.34
N GLU G 637 88.07 32.72 -32.09
CA GLU G 637 87.62 34.08 -32.33
C GLU G 637 86.38 34.04 -33.22
N THR G 638 85.34 34.78 -32.83
CA THR G 638 84.10 34.87 -33.61
C THR G 638 83.66 36.30 -33.76
N PRO G 639 84.48 37.14 -34.45
CA PRO G 639 83.98 38.48 -34.82
C PRO G 639 82.76 38.32 -35.77
N LEU G 640 81.98 39.37 -35.88
CA LEU G 640 80.84 39.38 -36.76
C LEU G 640 81.30 39.01 -38.17
N GLY G 641 80.62 38.06 -38.81
CA GLY G 641 81.03 37.55 -40.10
C GLY G 641 81.78 36.21 -40.06
N GLU G 642 82.27 35.82 -38.88
CA GLU G 642 83.09 34.62 -38.77
C GLU G 642 82.57 33.71 -37.67
N PRO G 643 81.40 33.09 -37.91
CA PRO G 643 80.91 32.15 -36.91
C PRO G 643 81.86 30.95 -36.75
N ALA G 644 81.76 30.31 -35.60
CA ALA G 644 82.58 29.15 -35.28
C ALA G 644 82.07 27.94 -36.06
N VAL G 645 82.68 27.75 -37.23
CA VAL G 645 82.37 26.67 -38.14
C VAL G 645 83.65 25.96 -38.52
N PHE G 646 83.59 24.62 -38.52
CA PHE G 646 84.72 23.79 -38.79
C PHE G 646 84.29 22.70 -39.75
N TYR G 647 85.25 22.17 -40.52
CA TYR G 647 85.00 20.99 -41.34
C TYR G 647 86.05 19.93 -41.10
N ARG G 648 85.67 18.68 -41.36
CA ARG G 648 86.61 17.58 -41.20
C ARG G 648 87.70 17.65 -42.25
N ALA G 649 88.96 17.56 -41.82
CA ALA G 649 90.11 17.59 -42.73
C ALA G 649 90.03 16.51 -43.81
N ASP G 650 89.55 15.37 -43.40
CA ASP G 650 89.21 14.27 -44.28
C ASP G 650 88.06 14.35 -45.23
N SER G 651 87.31 15.44 -45.23
CA SER G 651 86.07 15.52 -45.98
C SER G 651 86.33 15.45 -47.49
N SER G 652 85.50 14.67 -48.16
CA SER G 652 85.49 14.62 -49.62
C SER G 652 85.10 15.98 -50.25
N HIS G 653 84.49 16.88 -49.47
CA HIS G 653 84.14 18.21 -49.94
C HIS G 653 85.18 19.27 -49.56
N HIS G 654 86.39 18.87 -49.18
CA HIS G 654 87.41 19.83 -48.72
C HIS G 654 87.73 20.96 -49.72
N ARG G 655 87.77 20.65 -51.02
CA ARG G 655 88.10 21.68 -52.05
C ARG G 655 87.02 22.79 -51.97
N LEU G 656 85.75 22.41 -51.83
CA LEU G 656 84.67 23.41 -51.68
C LEU G 656 84.83 24.26 -50.40
N PHE G 657 85.07 23.60 -49.28
CA PHE G 657 85.21 24.31 -48.02
C PHE G 657 86.44 25.26 -48.03
N GLU G 658 87.52 24.83 -48.68
CA GLU G 658 88.71 25.69 -48.86
C GLU G 658 88.38 26.99 -49.53
N GLN G 659 87.46 26.98 -50.52
CA GLN G 659 87.04 28.23 -51.20
C GLN G 659 86.50 29.30 -50.27
N LEU G 660 85.86 28.89 -49.19
CA LEU G 660 85.19 29.85 -48.30
C LEU G 660 86.19 30.67 -47.45
N ARG G 661 87.45 30.21 -47.28
CA ARG G 661 88.48 30.89 -46.43
C ARG G 661 88.71 32.40 -46.59
N MET H 1 -30.27 20.69 26.03
CA MET H 1 -30.33 20.58 24.56
C MET H 1 -31.55 21.34 24.09
N HIS H 2 -31.57 21.69 22.80
CA HIS H 2 -32.68 22.45 22.24
C HIS H 2 -33.39 21.57 21.17
N PHE H 3 -34.67 21.30 21.41
CA PHE H 3 -35.60 20.78 20.42
C PHE H 3 -36.20 21.95 19.64
N GLU H 4 -36.31 21.83 18.33
CA GLU H 4 -36.77 22.92 17.48
C GLU H 4 -37.62 22.29 16.39
N THR H 5 -38.84 22.76 16.19
CA THR H 5 -39.64 22.46 15.01
C THR H 5 -39.05 23.04 13.72
N THR H 6 -39.25 22.34 12.59
CA THR H 6 -38.82 22.80 11.24
C THR H 6 -40.04 22.73 10.31
N LYS H 7 -39.86 23.09 9.04
CA LYS H 7 -40.95 23.06 8.00
C LYS H 7 -41.75 21.75 8.04
N ASP H 8 -41.02 20.63 8.06
CA ASP H 8 -41.55 19.26 7.94
C ASP H 8 -41.18 18.27 9.07
N GLY H 9 -40.45 18.70 10.11
CA GLY H 9 -40.18 17.82 11.23
C GLY H 9 -39.53 18.50 12.40
N PHE H 10 -38.35 18.05 12.81
CA PHE H 10 -37.66 18.68 13.94
C PHE H 10 -36.15 18.45 13.95
N THR H 11 -35.48 19.26 14.75
CA THR H 11 -34.07 19.06 15.06
C THR H 11 -33.86 19.02 16.57
N ILE H 12 -32.79 18.34 16.97
CA ILE H 12 -32.31 18.36 18.37
C ILE H 12 -30.85 18.76 18.29
N ALA H 13 -30.48 19.76 19.07
CA ALA H 13 -29.15 20.39 19.02
C ALA H 13 -28.52 20.49 20.42
N ILE H 14 -27.19 20.53 20.44
CA ILE H 14 -26.43 20.95 21.64
C ILE H 14 -25.75 22.22 21.22
N GLY H 15 -26.14 23.33 21.86
CA GLY H 15 -25.68 24.63 21.43
C GLY H 15 -26.15 24.91 20.03
N ASN H 16 -25.27 25.49 19.23
CA ASN H 16 -25.51 25.70 17.81
C ASN H 16 -25.29 24.40 16.99
N ARG H 17 -24.94 23.26 17.59
CA ARG H 17 -24.63 22.03 16.80
C ARG H 17 -25.84 21.11 16.69
N ILE H 18 -26.43 21.05 15.51
CA ILE H 18 -27.54 20.12 15.26
C ILE H 18 -26.98 18.68 15.28
N ILE H 19 -27.65 17.83 16.06
CA ILE H 19 -27.28 16.42 16.25
C ILE H 19 -28.24 15.49 15.56
N LEU H 20 -29.55 15.69 15.75
CA LEU H 20 -30.56 14.91 15.05
C LEU H 20 -31.40 15.83 14.21
N SER H 21 -31.74 15.34 13.03
CA SER H 21 -32.62 16.02 12.11
C SER H 21 -33.61 15.03 11.58
N HIS H 22 -34.89 15.32 11.72
CA HIS H 22 -35.92 14.44 11.24
C HIS H 22 -36.85 15.16 10.28
N SER H 23 -37.13 14.51 9.16
CA SER H 23 -38.28 14.82 8.32
C SER H 23 -38.78 13.52 7.73
N PRO H 24 -39.99 13.54 7.12
CA PRO H 24 -40.46 12.29 6.53
C PRO H 24 -39.52 11.71 5.48
N ASP H 25 -38.89 12.58 4.67
CA ASP H 25 -37.98 12.15 3.63
C ASP H 25 -36.60 11.85 4.13
N LYS H 26 -36.18 12.44 5.24
CA LYS H 26 -34.88 12.14 5.85
C LYS H 26 -35.08 11.82 7.34
N PRO H 27 -35.62 10.63 7.62
CA PRO H 27 -35.96 10.25 9.01
C PRO H 27 -34.71 10.04 9.83
N ALA H 28 -34.80 10.34 11.12
CA ALA H 28 -33.71 10.09 12.07
C ALA H 28 -33.69 8.63 12.57
N PHE H 29 -34.83 7.98 12.67
CA PHE H 29 -34.95 6.66 13.28
C PHE H 29 -35.53 5.65 12.31
N PHE H 30 -35.02 4.41 12.43
CA PHE H 30 -35.55 3.23 11.76
C PHE H 30 -35.73 2.16 12.86
N ALA H 31 -36.78 1.35 12.73
CA ALA H 31 -37.04 0.31 13.70
C ALA H 31 -37.34 -0.99 13.01
N GLY H 32 -37.03 -2.09 13.68
CA GLY H 32 -37.31 -3.36 13.09
C GLY H 32 -37.02 -4.53 13.98
N PHE H 33 -36.73 -5.64 13.29
CA PHE H 33 -36.69 -6.94 13.92
C PHE H 33 -35.64 -7.81 13.21
N GLY H 34 -34.82 -8.51 14.00
CA GLY H 34 -33.85 -9.46 13.45
C GLY H 34 -33.69 -10.73 14.29
N GLU H 35 -33.09 -11.77 13.68
CA GLU H 35 -32.72 -13.00 14.35
C GLU H 35 -31.24 -13.23 14.14
N GLU H 36 -30.48 -13.06 15.19
CA GLU H 36 -29.03 -13.15 15.09
C GLU H 36 -28.48 -14.57 15.26
N ARG H 37 -27.32 -14.83 14.68
CA ARG H 37 -26.47 -15.93 15.05
C ARG H 37 -25.21 -15.35 15.71
N MET H 38 -24.84 -15.85 16.90
CA MET H 38 -23.61 -15.45 17.58
C MET H 38 -22.90 -16.69 18.09
N ASP H 39 -22.15 -17.39 17.24
CA ASP H 39 -21.44 -18.61 17.68
C ASP H 39 -20.10 -18.30 18.37
N MET H 40 -19.88 -18.82 19.57
CA MET H 40 -18.69 -18.59 20.34
C MET H 40 -17.73 -19.76 20.16
N TYR H 41 -16.46 -19.49 19.92
CA TYR H 41 -15.45 -20.51 19.95
C TYR H 41 -14.24 -19.91 20.69
N ARG H 42 -14.02 -20.36 21.92
CA ARG H 42 -12.91 -19.90 22.75
C ARG H 42 -12.75 -18.38 22.82
N GLY H 43 -13.88 -17.73 23.06
CA GLY H 43 -13.92 -16.28 23.22
C GLY H 43 -13.96 -15.46 21.92
N ASN H 44 -13.90 -16.14 20.78
CA ASN H 44 -14.09 -15.51 19.44
C ASN H 44 -15.55 -15.71 19.04
N PHE H 45 -16.14 -14.71 18.43
CA PHE H 45 -17.55 -14.76 18.05
C PHE H 45 -17.67 -14.65 16.55
N ASP H 46 -18.47 -15.52 15.98
CA ASP H 46 -18.84 -15.41 14.61
C ASP H 46 -20.31 -14.93 14.58
N ILE H 47 -20.52 -13.67 14.26
CA ILE H 47 -21.77 -12.98 14.45
C ILE H 47 -22.39 -12.65 13.09
N GLU H 48 -23.64 -12.99 12.89
CA GLU H 48 -24.32 -12.57 11.67
C GLU H 48 -25.79 -12.29 11.96
N ASP H 49 -26.31 -11.20 11.50
CA ASP H 49 -27.72 -10.91 11.72
C ASP H 49 -28.55 -11.33 10.51
N TYR H 50 -29.80 -11.70 10.74
CA TYR H 50 -30.80 -11.85 9.69
C TYR H 50 -31.88 -10.79 9.95
N VAL H 51 -31.84 -9.69 9.18
CA VAL H 51 -32.79 -8.60 9.38
C VAL H 51 -34.08 -8.96 8.65
N ILE H 52 -35.15 -9.03 9.41
CA ILE H 52 -36.49 -9.35 8.90
C ILE H 52 -37.32 -8.11 8.59
N GLU H 53 -37.16 -7.07 9.41
CA GLU H 53 -37.70 -5.73 9.13
C GLU H 53 -36.71 -4.65 9.49
N ARG H 54 -36.61 -3.63 8.63
CA ARG H 54 -36.01 -2.35 8.97
C ARG H 54 -36.91 -1.33 8.31
N THR H 55 -37.60 -0.54 9.11
CA THR H 55 -38.64 0.35 8.61
C THR H 55 -38.43 1.77 9.16
N ALA H 56 -38.34 2.73 8.27
CA ALA H 56 -38.19 4.12 8.63
C ALA H 56 -39.39 4.61 9.48
N LEU H 57 -39.09 5.33 10.53
CA LEU H 57 -40.11 6.03 11.30
C LEU H 57 -40.27 7.45 10.78
N ARG H 58 -41.09 7.58 9.75
CA ARG H 58 -41.24 8.86 9.04
C ARG H 58 -42.09 9.91 9.72
N HIS H 59 -43.00 9.50 10.57
CA HIS H 59 -44.03 10.40 11.05
C HIS H 59 -43.87 10.70 12.53
N ALA H 60 -43.58 11.97 12.83
CA ALA H 60 -43.36 12.46 14.19
C ALA H 60 -44.54 13.30 14.64
N GLU H 61 -44.97 13.14 15.87
CA GLU H 61 -45.87 14.13 16.47
C GLU H 61 -45.60 14.39 17.94
N VAL H 62 -45.85 15.64 18.32
CA VAL H 62 -45.72 16.08 19.69
C VAL H 62 -46.84 15.46 20.51
N SER H 63 -46.49 14.93 21.67
CA SER H 63 -47.46 14.30 22.55
C SER H 63 -47.05 14.62 24.00
N GLY H 64 -47.64 15.65 24.58
CA GLY H 64 -47.17 16.20 25.88
C GLY H 64 -45.73 16.68 25.71
N ASP H 65 -44.86 16.42 26.68
CA ASP H 65 -43.42 16.75 26.55
C ASP H 65 -42.63 15.59 25.99
N SER H 66 -43.10 15.10 24.87
CA SER H 66 -42.39 14.03 24.16
C SER H 66 -42.79 14.10 22.69
N VAL H 67 -42.04 13.37 21.88
CA VAL H 67 -42.40 13.11 20.50
C VAL H 67 -42.60 11.62 20.32
N THR H 68 -43.71 11.25 19.68
CA THR H 68 -43.94 9.90 19.21
C THR H 68 -43.61 9.79 17.71
N LEU H 69 -43.16 8.61 17.33
CA LEU H 69 -42.72 8.30 15.97
C LEU H 69 -43.42 7.05 15.49
N SER H 70 -44.04 7.15 14.33
CA SER H 70 -44.66 5.99 13.67
C SER H 70 -44.09 5.85 12.23
N SER H 71 -44.36 4.70 11.63
CA SER H 71 -43.93 4.38 10.25
C SER H 71 -44.44 5.38 9.23
N ALA H 72 -45.71 5.72 9.38
CA ALA H 72 -46.41 6.65 8.47
C ALA H 72 -47.59 7.27 9.22
N PRO H 73 -48.14 8.39 8.70
CA PRO H 73 -49.39 8.95 9.28
C PRO H 73 -50.51 7.92 9.36
N GLY H 74 -51.25 7.94 10.47
CA GLY H 74 -52.32 6.99 10.74
C GLY H 74 -51.88 5.61 11.19
N GLN H 75 -50.60 5.40 11.43
CA GLN H 75 -50.14 4.15 12.03
C GLN H 75 -49.81 4.39 13.50
N ALA H 76 -49.94 3.35 14.31
CA ALA H 76 -49.70 3.45 15.76
C ALA H 76 -48.22 3.77 16.01
N PRO H 77 -47.94 4.69 16.93
CA PRO H 77 -46.54 4.99 17.17
C PRO H 77 -45.78 3.78 17.71
N ARG H 78 -44.51 3.70 17.37
CA ARG H 78 -43.66 2.61 17.80
C ARG H 78 -42.61 3.02 18.82
N LEU H 79 -42.31 4.30 18.90
CA LEU H 79 -41.20 4.81 19.68
C LEU H 79 -41.61 6.19 20.26
N ARG H 80 -41.27 6.43 21.52
CA ARG H 80 -41.40 7.73 22.15
C ARG H 80 -40.02 8.28 22.45
N LEU H 81 -39.86 9.56 22.23
CA LEU H 81 -38.64 10.31 22.46
C LEU H 81 -38.97 11.36 23.52
N THR H 82 -38.17 11.47 24.57
CA THR H 82 -38.39 12.45 25.61
C THR H 82 -37.10 13.12 25.98
N LEU H 83 -37.04 14.45 25.93
CA LEU H 83 -35.86 15.18 26.35
C LEU H 83 -35.77 15.21 27.85
N ASP H 84 -34.59 15.00 28.40
CA ASP H 84 -34.38 15.06 29.83
C ASP H 84 -32.96 15.54 30.13
N GLY H 85 -32.79 16.85 30.27
CA GLY H 85 -31.46 17.48 30.46
C GLY H 85 -30.61 17.16 29.21
N ASN H 86 -29.42 16.62 29.42
CA ASN H 86 -28.52 16.30 28.33
C ASN H 86 -28.81 14.91 27.67
N ALA H 87 -29.99 14.31 27.93
CA ALA H 87 -30.33 13.00 27.43
C ALA H 87 -31.61 13.03 26.57
N ILE H 88 -31.63 12.14 25.58
CA ILE H 88 -32.86 11.78 24.92
C ILE H 88 -33.24 10.41 25.44
N ARG H 89 -34.36 10.32 26.11
CA ARG H 89 -34.89 9.04 26.54
C ARG H 89 -35.77 8.41 25.49
N LEU H 90 -35.65 7.10 25.36
CA LEU H 90 -36.40 6.36 24.35
C LEU H 90 -37.23 5.30 25.00
N THR H 91 -38.48 5.20 24.61
CA THR H 91 -39.38 4.18 25.10
C THR H 91 -39.95 3.45 23.90
N ALA H 92 -39.79 2.13 23.87
CA ALA H 92 -40.38 1.27 22.89
C ALA H 92 -41.89 1.24 23.11
N LEU H 93 -42.70 1.73 22.22
CA LEU H 93 -44.14 1.55 22.32
C LEU H 93 -44.60 0.28 21.63
N ASP H 94 -43.79 -0.24 20.70
CA ASP H 94 -44.03 -1.52 20.07
C ASP H 94 -42.94 -2.39 20.70
N GLU H 95 -43.38 -3.27 21.56
CA GLU H 95 -42.51 -4.13 22.29
C GLU H 95 -41.89 -5.22 21.40
N THR H 96 -42.35 -5.45 20.17
CA THR H 96 -41.65 -6.42 19.30
C THR H 96 -40.30 -5.92 18.69
N ILE H 97 -40.01 -4.62 18.75
CA ILE H 97 -38.78 -4.08 18.18
C ILE H 97 -37.55 -4.68 18.84
N ASN H 98 -36.62 -5.30 18.12
CA ASN H 98 -35.31 -5.63 18.70
C ASN H 98 -34.14 -5.08 17.86
N ARG H 99 -34.44 -4.20 16.89
CA ARG H 99 -33.42 -3.51 16.12
C ARG H 99 -33.82 -2.03 16.01
N LEU H 100 -32.90 -1.15 16.40
CA LEU H 100 -33.10 0.28 16.21
C LEU H 100 -31.88 0.89 15.53
N TRP H 101 -32.14 1.76 14.56
CA TRP H 101 -31.08 2.55 13.95
C TRP H 101 -31.39 4.04 14.17
N LEU H 102 -30.36 4.79 14.53
CA LEU H 102 -30.46 6.22 14.67
C LEU H 102 -29.37 6.89 13.82
N ARG H 103 -29.77 7.87 13.03
CA ARG H 103 -28.83 8.70 12.25
C ARG H 103 -28.53 9.98 12.95
N VAL H 104 -27.25 10.32 13.08
CA VAL H 104 -26.83 11.60 13.61
C VAL H 104 -26.11 12.39 12.54
N VAL H 105 -26.45 13.68 12.50
CA VAL H 105 -25.95 14.58 11.51
C VAL H 105 -24.43 14.58 11.58
N ALA H 106 -23.81 14.58 10.40
CA ALA H 106 -22.34 14.59 10.33
C ALA H 106 -21.91 15.55 9.25
N GLU H 107 -20.67 16.03 9.36
CA GLU H 107 -20.03 16.85 8.34
C GLU H 107 -18.98 16.04 7.61
N THR H 108 -18.72 16.49 6.39
CA THR H 108 -17.81 15.82 5.48
C THR H 108 -16.42 15.56 6.04
N ASP H 109 -15.83 16.58 6.67
CA ASP H 109 -14.45 16.49 7.17
C ASP H 109 -14.39 16.08 8.68
N GLU H 110 -15.51 15.66 9.28
CA GLU H 110 -15.58 15.38 10.70
C GLU H 110 -14.80 14.09 11.09
N HIS H 111 -14.13 14.15 12.24
CA HIS H 111 -13.44 13.00 12.84
C HIS H 111 -14.29 12.52 14.03
N VAL H 112 -14.22 11.22 14.29
CA VAL H 112 -14.86 10.63 15.45
C VAL H 112 -13.91 9.66 16.11
N TRP H 113 -13.78 9.78 17.43
CA TRP H 113 -12.87 8.93 18.19
C TRP H 113 -13.59 8.29 19.36
N GLY H 114 -12.97 7.30 19.97
CA GLY H 114 -13.50 6.59 21.11
C GLY H 114 -13.86 5.16 20.73
N GLY H 115 -15.10 4.78 21.01
CA GLY H 115 -15.53 3.42 20.80
C GLY H 115 -14.98 2.40 21.81
N GLY H 116 -14.51 2.89 22.96
CA GLY H 116 -13.83 2.07 23.94
C GLY H 116 -12.32 2.10 23.77
N GLU H 117 -11.70 0.95 23.89
CA GLU H 117 -10.30 0.74 23.54
C GLU H 117 -10.26 0.15 22.11
N GLN H 118 -10.01 1.01 21.14
CA GLN H 118 -9.86 0.60 19.74
C GLN H 118 -8.40 0.32 19.47
N MET H 119 -8.11 -0.81 18.87
CA MET H 119 -6.74 -1.29 18.67
C MET H 119 -6.16 -0.98 17.23
N SER H 120 -7.01 -0.80 16.22
CA SER H 120 -6.52 -0.56 14.85
C SER H 120 -6.65 0.89 14.41
N TYR H 121 -7.83 1.44 14.56
CA TYR H 121 -8.14 2.81 14.06
C TYR H 121 -8.61 3.70 15.19
N PHE H 122 -7.95 4.84 15.31
CA PHE H 122 -8.28 5.84 16.35
C PHE H 122 -9.43 6.72 15.87
N ASP H 123 -9.19 7.41 14.78
CA ASP H 123 -10.24 8.10 14.01
C ASP H 123 -11.05 7.01 13.31
N MET H 124 -12.26 6.80 13.77
CA MET H 124 -13.13 5.75 13.26
C MET H 124 -13.87 6.14 11.97
N ARG H 125 -13.72 7.40 11.51
CA ARG H 125 -14.47 7.83 10.33
C ARG H 125 -14.20 6.97 9.13
N GLY H 126 -15.24 6.62 8.38
CA GLY H 126 -15.09 5.88 7.12
C GLY H 126 -15.30 4.38 7.28
N ARG H 127 -15.43 3.88 8.50
CA ARG H 127 -15.54 2.44 8.73
C ARG H 127 -16.65 2.13 9.76
N ARG H 128 -16.92 0.84 9.88
CA ARG H 128 -18.00 0.33 10.70
C ARG H 128 -17.40 -0.45 11.88
N PHE H 129 -17.90 -0.16 13.08
CA PHE H 129 -17.38 -0.75 14.33
C PHE H 129 -18.48 -1.39 15.17
N PRO H 130 -18.63 -2.72 15.07
CA PRO H 130 -19.42 -3.48 16.05
C PRO H 130 -18.78 -3.38 17.46
N LEU H 131 -19.63 -3.31 18.48
CA LEU H 131 -19.25 -3.13 19.86
C LEU H 131 -19.76 -4.26 20.74
N TRP H 132 -18.92 -5.31 20.78
CA TRP H 132 -19.23 -6.55 21.44
C TRP H 132 -17.92 -7.08 21.99
N THR H 133 -17.84 -7.25 23.32
CA THR H 133 -16.57 -7.63 23.90
C THR H 133 -16.20 -9.08 23.49
N SER H 134 -14.94 -9.29 23.15
CA SER H 134 -14.48 -10.64 22.75
C SER H 134 -12.96 -10.64 22.78
N GLU H 135 -12.36 -11.78 22.50
CA GLU H 135 -10.96 -11.78 22.08
C GLU H 135 -10.78 -10.83 20.90
N PRO H 136 -9.74 -9.98 20.93
CA PRO H 136 -9.51 -9.05 19.81
C PRO H 136 -8.97 -9.69 18.53
N GLY H 137 -8.43 -10.89 18.62
CA GLY H 137 -7.89 -11.63 17.50
C GLY H 137 -6.36 -11.66 17.56
N VAL H 138 -5.77 -12.70 16.95
CA VAL H 138 -4.35 -12.84 16.73
C VAL H 138 -4.09 -12.45 15.24
N GLY H 139 -3.36 -11.36 15.04
CA GLY H 139 -3.14 -10.79 13.72
C GLY H 139 -4.10 -9.70 13.34
N ARG H 140 -5.39 -10.01 13.37
CA ARG H 140 -6.42 -8.98 13.23
C ARG H 140 -6.44 -8.32 11.84
N ASP H 141 -5.91 -9.04 10.85
CA ASP H 141 -5.79 -8.49 9.48
C ASP H 141 -5.89 -9.65 8.54
N LYS H 142 -7.03 -9.76 7.85
CA LYS H 142 -7.26 -10.90 6.97
C LYS H 142 -6.28 -11.08 5.82
N THR H 143 -5.40 -10.11 5.60
CA THR H 143 -4.32 -10.26 4.61
C THR H 143 -3.02 -10.78 5.14
N THR H 144 -2.93 -11.08 6.46
CA THR H 144 -1.69 -11.64 6.98
C THR H 144 -1.84 -13.15 7.21
N GLU H 145 -0.75 -13.82 7.03
CA GLU H 145 -0.68 -15.23 7.20
C GLU H 145 -0.95 -15.69 8.67
N ILE H 146 -0.47 -14.90 9.64
CA ILE H 146 -0.81 -15.16 11.04
C ILE H 146 -2.31 -15.15 11.29
N THR H 147 -3.00 -14.17 10.76
CA THR H 147 -4.44 -14.06 10.92
C THR H 147 -5.14 -15.24 10.25
N PHE H 148 -4.72 -15.57 9.03
CA PHE H 148 -5.27 -16.68 8.29
C PHE H 148 -5.11 -17.99 9.08
N LYS H 149 -3.89 -18.26 9.53
CA LYS H 149 -3.63 -19.48 10.31
C LYS H 149 -4.41 -19.53 11.63
N SER H 150 -4.58 -18.37 12.28
CA SER H 150 -5.35 -18.28 13.48
C SER H 150 -6.83 -18.56 13.19
N ASP H 151 -7.34 -18.09 12.05
CA ASP H 151 -8.73 -18.36 11.66
C ASP H 151 -8.94 -19.81 11.33
N VAL H 152 -8.02 -20.41 10.59
CA VAL H 152 -8.21 -21.80 10.18
C VAL H 152 -8.08 -22.69 11.41
N SER H 153 -7.09 -22.47 12.27
CA SER H 153 -6.90 -23.43 13.35
C SER H 153 -7.83 -23.18 14.54
N GLY H 154 -8.30 -21.96 14.81
CA GLY H 154 -9.15 -21.73 15.98
C GLY H 154 -10.15 -20.56 15.89
N LYS H 155 -10.54 -20.16 14.67
CA LYS H 155 -11.45 -19.04 14.48
C LYS H 155 -11.03 -17.78 15.21
N ALA H 156 -9.74 -17.56 15.28
CA ALA H 156 -9.11 -16.68 16.26
C ALA H 156 -8.33 -15.50 15.70
N GLY H 157 -8.42 -15.26 14.40
CA GLY H 157 -7.70 -14.18 13.77
C GLY H 157 -8.26 -12.80 14.08
N GLY H 158 -9.57 -12.71 14.19
CA GLY H 158 -10.23 -11.41 14.41
C GLY H 158 -10.09 -10.47 13.22
N ASP H 159 -10.30 -9.20 13.51
CA ASP H 159 -10.32 -8.16 12.51
C ASP H 159 -10.24 -6.79 13.23
N TYR H 160 -10.17 -5.73 12.47
CA TYR H 160 -9.77 -4.40 12.93
C TYR H 160 -10.66 -3.88 14.04
N TYR H 161 -11.92 -4.30 14.08
CA TYR H 161 -12.91 -3.78 15.03
C TYR H 161 -13.00 -4.57 16.35
N ASN H 162 -12.40 -5.77 16.41
CA ASN H 162 -12.59 -6.58 17.60
C ASN H 162 -11.76 -5.95 18.74
N THR H 163 -12.29 -6.05 19.96
CA THR H 163 -11.64 -5.55 21.14
C THR H 163 -12.18 -6.20 22.39
N ASN H 164 -11.30 -6.30 23.40
CA ASN H 164 -11.68 -6.75 24.74
C ASN H 164 -12.55 -5.68 25.42
N TYR H 165 -12.45 -4.44 24.92
CA TYR H 165 -13.11 -3.31 25.57
C TYR H 165 -13.77 -2.38 24.53
N PRO H 166 -14.96 -2.75 24.04
CA PRO H 166 -15.78 -1.85 23.26
C PRO H 166 -16.57 -0.94 24.21
N GLN H 167 -16.99 0.21 23.71
CA GLN H 167 -17.92 1.09 24.46
C GLN H 167 -18.68 1.95 23.48
N PRO H 168 -20.01 1.98 23.57
CA PRO H 168 -20.79 2.77 22.61
C PRO H 168 -20.81 4.28 22.98
N THR H 169 -19.64 4.90 22.89
CA THR H 169 -19.43 6.31 23.19
C THR H 169 -18.50 6.85 22.12
N TRP H 170 -18.81 8.02 21.56
CA TRP H 170 -17.90 8.72 20.67
C TRP H 170 -17.70 10.19 21.04
N LEU H 171 -16.50 10.68 20.70
CA LEU H 171 -16.16 12.10 20.71
C LEU H 171 -16.07 12.54 19.27
N SER H 172 -16.79 13.61 18.96
CA SER H 172 -16.84 14.18 17.60
C SER H 172 -15.96 15.42 17.54
N SER H 173 -15.30 15.62 16.38
CA SER H 173 -14.50 16.85 16.15
C SER H 173 -15.40 18.10 16.11
N ARG H 174 -16.73 17.93 16.04
CA ARG H 174 -17.65 19.05 16.19
C ARG H 174 -17.85 19.46 17.66
N LYS H 175 -17.06 18.90 18.58
CA LYS H 175 -17.10 19.29 20.00
C LYS H 175 -18.36 18.90 20.76
N TYR H 176 -18.71 17.64 20.62
CA TYR H 176 -19.66 17.02 21.50
C TYR H 176 -19.24 15.55 21.59
N ALA H 177 -19.76 14.87 22.60
CA ALA H 177 -19.64 13.44 22.70
C ALA H 177 -21.05 12.85 22.86
N LEU H 178 -21.20 11.62 22.38
CA LEU H 178 -22.47 10.92 22.42
C LEU H 178 -22.23 9.61 23.17
N HIS H 179 -23.18 9.23 24.03
CA HIS H 179 -23.10 7.96 24.74
C HIS H 179 -24.43 7.23 24.68
N VAL H 180 -24.40 5.96 24.31
CA VAL H 180 -25.60 5.13 24.28
C VAL H 180 -25.61 4.30 25.56
N GLU H 181 -26.65 4.46 26.37
CA GLU H 181 -26.80 3.68 27.58
C GLU H 181 -27.50 2.38 27.26
N THR H 182 -26.68 1.38 27.00
CA THR H 182 -27.16 0.02 26.72
C THR H 182 -26.02 -0.95 26.98
N SER H 183 -26.42 -2.19 27.22
CA SER H 183 -25.42 -3.29 27.18
C SER H 183 -25.62 -4.23 25.99
N ALA H 184 -26.64 -3.96 25.18
CA ALA H 184 -26.85 -4.79 24.00
C ALA H 184 -25.75 -4.62 22.97
N TYR H 185 -25.68 -5.59 22.07
CA TYR H 185 -24.88 -5.45 20.84
C TYR H 185 -25.24 -4.15 20.15
N SER H 186 -24.21 -3.42 19.74
CA SER H 186 -24.47 -2.20 18.96
C SER H 186 -23.38 -2.08 17.89
N VAL H 187 -23.61 -1.16 16.93
CA VAL H 187 -22.65 -0.88 15.87
C VAL H 187 -22.59 0.63 15.61
N PHE H 188 -21.38 1.18 15.51
CA PHE H 188 -21.18 2.51 14.97
C PHE H 188 -20.78 2.42 13.49
N ASP H 189 -21.63 2.93 12.61
CA ASP H 189 -21.40 2.99 11.17
C ASP H 189 -21.05 4.41 10.73
N PHE H 190 -19.76 4.62 10.48
CA PHE H 190 -19.27 5.92 10.04
C PHE H 190 -18.89 5.95 8.54
N ARG H 191 -19.58 5.15 7.72
CA ARG H 191 -19.22 5.05 6.29
C ARG H 191 -19.77 6.18 5.44
N ASN H 192 -20.80 6.87 5.87
CA ASN H 192 -21.47 7.89 5.07
C ASN H 192 -20.98 9.27 5.43
N GLY H 193 -20.85 10.11 4.42
CA GLY H 193 -20.35 11.46 4.57
C GLY H 193 -21.25 12.41 5.33
N ASP H 194 -22.56 12.20 5.24
CA ASP H 194 -23.55 13.12 5.77
C ASP H 194 -24.19 12.72 7.08
N PHE H 195 -24.00 11.49 7.51
CA PHE H 195 -24.53 11.06 8.80
C PHE H 195 -23.70 9.89 9.36
N HIS H 196 -23.74 9.78 10.69
CA HIS H 196 -23.26 8.61 11.39
C HIS H 196 -24.50 7.76 11.65
N GLU H 197 -24.43 6.45 11.55
CA GLU H 197 -25.58 5.63 11.92
C GLU H 197 -25.24 4.66 13.07
N ILE H 198 -26.07 4.66 14.10
CA ILE H 198 -25.96 3.74 15.22
C ILE H 198 -26.98 2.63 15.06
N GLU H 199 -26.53 1.38 15.09
CA GLU H 199 -27.43 0.23 15.17
C GLU H 199 -27.40 -0.32 16.62
N ILE H 200 -28.56 -0.59 17.21
CA ILE H 200 -28.63 -1.20 18.54
C ILE H 200 -29.57 -2.38 18.47
N TRP H 201 -29.21 -3.51 19.08
CA TRP H 201 -30.09 -4.66 19.13
C TRP H 201 -30.99 -4.60 20.36
N ALA H 202 -31.62 -3.43 20.57
CA ALA H 202 -32.50 -3.10 21.68
C ALA H 202 -32.89 -1.65 21.48
N VAL H 203 -33.87 -1.18 22.24
CA VAL H 203 -34.20 0.22 22.28
C VAL H 203 -33.56 0.74 23.54
N PRO H 204 -32.43 1.43 23.42
CA PRO H 204 -31.77 1.88 24.62
C PRO H 204 -32.58 2.88 25.44
N GLU H 205 -32.39 2.83 26.74
CA GLU H 205 -33.09 3.66 27.72
C GLU H 205 -32.86 5.13 27.37
N LYS H 206 -31.62 5.46 27.02
CA LYS H 206 -31.28 6.81 26.65
C LYS H 206 -30.00 6.96 25.87
N ILE H 207 -29.91 8.10 25.19
CA ILE H 207 -28.69 8.58 24.55
C ILE H 207 -28.35 9.91 25.17
N GLU H 208 -27.11 10.03 25.66
CA GLU H 208 -26.63 11.19 26.40
C GLU H 208 -25.57 11.94 25.65
N PHE H 209 -25.56 13.25 25.88
CA PHE H 209 -24.71 14.17 25.16
C PHE H 209 -23.92 15.05 26.09
N PHE H 210 -22.70 15.37 25.69
CA PHE H 210 -21.73 16.15 26.48
C PHE H 210 -21.10 17.14 25.52
N ALA H 211 -21.04 18.40 25.88
CA ALA H 211 -20.47 19.40 25.01
C ALA H 211 -19.55 20.27 25.81
N GLY H 212 -18.76 21.09 25.15
CA GLY H 212 -17.84 21.98 25.83
C GLY H 212 -17.05 22.75 24.79
N ASP H 213 -16.36 23.78 25.27
CA ASP H 213 -15.60 24.64 24.41
C ASP H 213 -14.33 24.04 23.94
N SER H 214 -13.79 23.05 24.65
CA SER H 214 -12.62 22.36 24.18
C SER H 214 -12.80 20.84 24.31
N PHE H 215 -11.97 20.10 23.57
CA PHE H 215 -11.97 18.65 23.70
C PHE H 215 -11.64 18.23 25.12
N ALA H 216 -10.66 18.91 25.74
CA ALA H 216 -10.27 18.62 27.12
C ALA H 216 -11.47 18.73 28.07
N ASP H 217 -12.29 19.76 27.92
CA ASP H 217 -13.46 19.91 28.76
C ASP H 217 -14.43 18.77 28.55
N ILE H 218 -14.58 18.31 27.32
CA ILE H 218 -15.54 17.25 27.07
C ILE H 218 -15.02 15.91 27.69
N VAL H 219 -13.73 15.65 27.55
CA VAL H 219 -13.14 14.47 28.19
C VAL H 219 -13.30 14.55 29.76
N SER H 220 -13.12 15.73 30.35
CA SER H 220 -13.44 15.88 31.80
C SER H 220 -14.83 15.50 32.15
N ALA H 221 -15.78 16.01 31.37
CA ALA H 221 -17.19 15.73 31.64
C ALA H 221 -17.48 14.21 31.48
N LEU H 222 -16.94 13.60 30.41
CA LEU H 222 -17.08 12.15 30.25
C LEU H 222 -16.52 11.39 31.44
N SER H 223 -15.31 11.75 31.90
CA SER H 223 -14.66 11.03 32.98
C SER H 223 -15.45 11.17 34.30
N LEU H 224 -16.08 12.32 34.49
CA LEU H 224 -16.91 12.54 35.67
C LEU H 224 -18.15 11.65 35.54
N HIS H 225 -18.72 11.53 34.35
CA HIS H 225 -19.88 10.67 34.15
C HIS H 225 -19.57 9.18 34.32
N PHE H 226 -18.44 8.67 33.83
CA PHE H 226 -18.12 7.22 33.95
C PHE H 226 -17.43 6.87 35.26
N GLY H 227 -16.71 7.85 35.81
CA GLY H 227 -16.00 7.75 37.10
C GLY H 227 -14.50 7.76 36.83
N ARG H 228 -13.75 8.45 37.69
CA ARG H 228 -12.32 8.56 37.56
C ARG H 228 -11.61 7.49 38.37
N GLN H 229 -10.32 7.35 38.16
CA GLN H 229 -9.55 6.36 38.86
C GLN H 229 -8.80 7.01 40.03
N PRO H 230 -8.36 6.21 40.99
CA PRO H 230 -7.48 6.77 42.02
C PRO H 230 -6.15 7.17 41.38
N GLU H 231 -5.38 7.97 42.09
CA GLU H 231 -4.01 8.24 41.69
C GLU H 231 -3.19 6.94 41.77
N LEU H 232 -2.13 6.87 40.96
CA LEU H 232 -1.32 5.68 40.97
C LEU H 232 -0.67 5.57 42.38
N PRO H 233 -0.49 4.35 42.90
CA PRO H 233 0.20 4.19 44.18
C PRO H 233 1.66 4.60 44.09
N ASP H 234 2.19 5.18 45.16
CA ASP H 234 3.56 5.62 45.13
C ASP H 234 4.57 4.53 44.84
N TRP H 235 4.31 3.30 45.23
CA TRP H 235 5.32 2.25 45.05
C TRP H 235 5.64 1.94 43.58
N VAL H 236 4.68 2.19 42.71
CA VAL H 236 4.86 2.05 41.24
C VAL H 236 6.06 2.82 40.68
N TYR H 237 6.29 4.00 41.26
CA TYR H 237 7.38 4.88 40.86
C TYR H 237 8.79 4.36 41.14
N ASN H 238 8.90 3.30 41.90
CA ASN H 238 10.20 2.67 42.18
C ASN H 238 10.77 1.95 40.97
N GLY H 239 10.01 1.73 39.91
CA GLY H 239 10.59 1.06 38.71
C GLY H 239 9.63 0.12 38.02
N ALA H 240 10.21 -0.89 37.33
CA ALA H 240 9.42 -1.84 36.52
C ALA H 240 8.83 -2.97 37.36
N ILE H 241 7.71 -3.50 36.90
CA ILE H 241 7.14 -4.70 37.43
C ILE H 241 7.68 -5.83 36.53
N ILE H 242 8.51 -6.68 37.06
CA ILE H 242 9.10 -7.79 36.33
C ILE H 242 8.19 -8.98 36.30
N GLY H 243 7.78 -9.38 35.07
CA GLY H 243 6.89 -10.51 34.85
C GLY H 243 7.67 -11.81 34.63
N LEU H 244 7.55 -12.74 35.57
CA LEU H 244 8.20 -14.05 35.42
C LEU H 244 7.20 -15.10 35.78
N LYS H 245 7.37 -16.25 35.16
CA LYS H 245 6.49 -17.36 35.39
C LYS H 245 7.24 -18.67 35.42
N ASP H 246 8.36 -18.63 36.11
CA ASP H 246 9.34 -19.71 36.12
C ASP H 246 9.45 -20.32 37.53
N GLY H 247 8.36 -20.29 38.31
CA GLY H 247 8.38 -20.87 39.64
C GLY H 247 9.53 -20.31 40.51
N VAL H 248 10.14 -21.20 41.29
CA VAL H 248 11.19 -20.83 42.21
C VAL H 248 12.36 -20.20 41.45
N ASN H 249 12.62 -20.64 40.22
CA ASN H 249 13.65 -20.02 39.42
C ASN H 249 13.42 -18.53 39.10
N SER H 250 12.18 -18.06 39.23
CA SER H 250 11.88 -16.65 39.05
C SER H 250 12.78 -15.77 39.92
N PHE H 251 13.11 -16.22 41.15
CA PHE H 251 13.83 -15.37 42.10
C PHE H 251 15.25 -15.16 41.69
N ALA H 252 15.91 -16.20 41.24
CA ALA H 252 17.28 -16.08 40.77
C ALA H 252 17.36 -15.21 39.50
N ARG H 253 16.37 -15.33 38.61
CA ARG H 253 16.39 -14.51 37.42
C ARG H 253 16.13 -13.05 37.78
N LEU H 254 15.25 -12.78 38.75
CA LEU H 254 15.07 -11.40 39.23
C LEU H 254 16.39 -10.82 39.77
N GLU H 255 17.14 -11.62 40.52
CA GLU H 255 18.43 -11.13 41.11
C GLU H 255 19.39 -10.72 39.97
N LYS H 256 19.42 -11.53 38.92
CA LYS H 256 20.22 -11.22 37.74
C LYS H 256 19.79 -9.90 37.07
N ILE H 257 18.48 -9.71 36.94
CA ILE H 257 17.91 -8.46 36.42
C ILE H 257 18.32 -7.28 37.29
N ARG H 258 18.20 -7.44 38.59
CA ARG H 258 18.61 -6.40 39.53
C ARG H 258 20.12 -6.12 39.50
N ALA H 259 20.94 -7.14 39.29
CA ALA H 259 22.42 -6.96 39.25
C ALA H 259 22.84 -6.11 38.04
N ALA H 260 22.02 -6.03 37.03
CA ALA H 260 22.32 -5.12 35.92
C ALA H 260 21.94 -3.68 36.18
N GLY H 261 21.43 -3.34 37.38
CA GLY H 261 21.08 -1.95 37.73
C GLY H 261 19.61 -1.64 37.49
N THR H 262 18.80 -2.61 37.06
CA THR H 262 17.39 -2.38 36.78
C THR H 262 16.65 -1.87 38.02
N LYS H 263 15.84 -0.82 37.85
CA LYS H 263 15.00 -0.32 38.94
C LYS H 263 13.72 -1.14 38.92
N VAL H 264 13.40 -1.77 40.05
CA VAL H 264 12.29 -2.69 40.17
C VAL H 264 11.32 -2.27 41.23
N SER H 265 10.04 -2.15 40.89
CA SER H 265 8.97 -1.86 41.86
C SER H 265 8.24 -3.12 42.31
N GLY H 266 8.24 -4.17 41.47
CA GLY H 266 7.44 -5.34 41.74
C GLY H 266 7.89 -6.55 40.99
N LEU H 267 7.57 -7.72 41.56
CA LEU H 267 7.68 -9.01 40.87
C LEU H 267 6.26 -9.50 40.66
N TRP H 268 5.92 -9.78 39.41
CA TRP H 268 4.56 -10.22 39.03
C TRP H 268 4.74 -11.68 38.52
N CYS H 269 4.21 -12.63 39.29
CA CYS H 269 4.31 -14.05 38.97
C CYS H 269 2.91 -14.58 38.74
N GLU H 270 2.49 -14.60 37.48
CA GLU H 270 1.12 -15.09 37.19
C GLU H 270 0.96 -16.58 37.50
N ASP H 271 2.07 -17.34 37.49
CA ASP H 271 2.06 -18.75 37.83
C ASP H 271 2.08 -18.99 39.35
N TRP H 272 1.75 -17.99 40.14
CA TRP H 272 1.59 -18.17 41.60
C TRP H 272 0.56 -19.26 41.90
N VAL H 273 -0.37 -19.49 40.97
CA VAL H 273 -1.37 -20.56 41.09
C VAL H 273 -0.96 -21.87 40.44
N GLY H 274 0.22 -21.95 39.83
CA GLY H 274 0.66 -23.14 39.07
C GLY H 274 0.41 -22.99 37.54
N LEU H 275 0.97 -23.91 36.79
CA LEU H 275 0.92 -23.92 35.32
C LEU H 275 0.01 -25.01 34.86
N ARG H 276 -0.60 -24.87 33.69
CA ARG H 276 -1.19 -25.93 32.94
C ARG H 276 -0.64 -25.85 31.49
N GLN H 277 0.08 -26.90 31.08
CA GLN H 277 0.60 -26.96 29.73
C GLN H 277 -0.51 -27.36 28.80
N THR H 278 -0.67 -26.64 27.70
CA THR H 278 -1.63 -26.98 26.64
C THR H 278 -0.95 -26.86 25.28
N SER H 279 -1.63 -27.16 24.17
CA SER H 279 -1.06 -26.88 22.86
C SER H 279 -0.74 -25.40 22.66
N PHE H 280 -1.45 -24.51 23.34
CA PHE H 280 -1.23 -23.09 23.18
C PHE H 280 0.13 -22.67 23.83
N GLY H 281 0.50 -23.34 24.92
CA GLY H 281 1.75 -23.16 25.59
C GLY H 281 1.66 -23.35 27.13
N ALA H 282 2.42 -22.52 27.86
CA ALA H 282 2.45 -22.53 29.30
C ALA H 282 1.36 -21.64 29.86
N ARG H 283 0.15 -22.18 29.92
CA ARG H 283 -0.98 -21.48 30.52
C ARG H 283 -1.01 -21.73 32.03
N LEU H 284 -1.95 -21.09 32.72
CA LEU H 284 -2.04 -21.17 34.15
C LEU H 284 -3.10 -22.13 34.63
N PHE H 285 -2.96 -22.55 35.89
CA PHE H 285 -3.95 -23.44 36.57
C PHE H 285 -4.97 -22.55 37.27
N TRP H 286 -6.20 -22.56 36.78
CA TRP H 286 -7.21 -21.54 37.15
C TRP H 286 -7.97 -21.90 38.45
N ASP H 287 -7.22 -21.85 39.53
CA ASP H 287 -7.74 -22.10 40.87
C ASP H 287 -7.06 -21.06 41.77
N TRP H 288 -7.83 -20.09 42.27
CA TRP H 288 -7.25 -18.84 42.76
C TRP H 288 -6.75 -18.86 44.23
N GLN H 289 -5.67 -19.60 44.41
CA GLN H 289 -4.95 -19.61 45.69
C GLN H 289 -3.51 -20.00 45.44
N ALA H 290 -2.62 -19.58 46.34
CA ALA H 290 -1.19 -19.84 46.17
C ALA H 290 -0.96 -21.33 46.05
N ASN H 291 -0.09 -21.72 45.14
CA ASN H 291 0.20 -23.13 44.85
C ASN H 291 1.55 -23.44 45.53
N ASP H 292 1.46 -24.18 46.61
CA ASP H 292 2.64 -24.60 47.41
C ASP H 292 3.57 -25.53 46.66
N THR H 293 3.11 -26.23 45.64
CA THR H 293 4.05 -27.00 44.83
C THR H 293 4.94 -26.10 43.98
N ARG H 294 4.38 -25.10 43.35
CA ARG H 294 5.14 -24.22 42.46
C ARG H 294 5.99 -23.19 43.23
N TYR H 295 5.42 -22.65 44.32
CA TYR H 295 6.07 -21.62 45.16
C TYR H 295 5.96 -22.06 46.64
N PRO H 296 6.76 -23.04 47.05
CA PRO H 296 6.57 -23.57 48.40
C PRO H 296 6.77 -22.59 49.56
N HIS H 297 7.46 -21.48 49.39
CA HIS H 297 7.65 -20.56 50.51
C HIS H 297 7.29 -19.16 50.10
N LEU H 298 6.15 -19.06 49.41
CA LEU H 298 5.83 -17.81 48.74
C LEU H 298 5.64 -16.67 49.73
N ARG H 299 4.95 -16.97 50.82
CA ARG H 299 4.69 -15.93 51.78
C ARG H 299 5.99 -15.34 52.37
N GLN H 300 6.95 -16.19 52.59
CA GLN H 300 8.28 -15.76 53.03
C GLN H 300 9.03 -14.90 52.00
N LYS H 301 8.98 -15.36 50.75
CA LYS H 301 9.55 -14.61 49.64
C LYS H 301 8.94 -13.22 49.46
N ILE H 302 7.63 -13.11 49.64
CA ILE H 302 6.97 -11.84 49.60
C ILE H 302 7.52 -10.89 50.67
N ALA H 303 7.72 -11.41 51.89
CA ALA H 303 8.31 -10.60 52.93
C ALA H 303 9.76 -10.21 52.64
N GLU H 304 10.57 -11.12 52.09
CA GLU H 304 11.97 -10.79 51.67
C GLU H 304 12.00 -9.70 50.62
N LEU H 305 11.12 -9.81 49.64
CA LEU H 305 11.05 -8.80 48.60
C LEU H 305 10.61 -7.47 49.18
N ALA H 306 9.64 -7.47 50.08
CA ALA H 306 9.19 -6.21 50.71
C ALA H 306 10.35 -5.51 51.39
N ASP H 307 11.21 -6.26 52.07
CA ASP H 307 12.45 -5.68 52.67
C ASP H 307 13.40 -5.07 51.66
N GLN H 308 13.34 -5.50 50.41
CA GLN H 308 14.14 -4.89 49.38
C GLN H 308 13.37 -3.81 48.65
N GLY H 309 12.21 -3.38 49.14
CA GLY H 309 11.41 -2.38 48.42
C GLY H 309 10.68 -2.86 47.17
N ILE H 310 10.44 -4.16 47.05
CA ILE H 310 9.79 -4.76 45.87
C ILE H 310 8.47 -5.42 46.29
N ARG H 311 7.39 -5.02 45.66
CA ARG H 311 6.07 -5.63 45.88
C ARG H 311 5.91 -6.94 45.10
N PHE H 312 4.86 -7.69 45.41
CA PHE H 312 4.56 -8.94 44.74
C PHE H 312 3.13 -8.89 44.19
N LEU H 313 2.99 -9.32 42.93
CA LEU H 313 1.70 -9.30 42.22
C LEU H 313 1.39 -10.65 41.66
N GLY H 314 0.10 -10.95 41.55
CA GLY H 314 -0.35 -12.26 41.01
C GLY H 314 -1.32 -12.10 39.85
N TYR H 315 -2.30 -12.99 39.80
CA TYR H 315 -3.19 -13.20 38.65
C TYR H 315 -4.50 -13.79 39.15
N VAL H 316 -5.59 -13.36 38.58
CA VAL H 316 -6.89 -13.98 38.86
C VAL H 316 -7.83 -13.71 37.68
N ASN H 317 -8.81 -14.57 37.49
CA ASN H 317 -9.86 -14.33 36.52
C ASN H 317 -11.15 -14.93 37.05
N PRO H 318 -12.28 -14.69 36.38
CA PRO H 318 -13.56 -14.95 37.02
C PRO H 318 -14.15 -16.31 36.74
N TYR H 319 -13.31 -17.26 36.34
CA TYR H 319 -13.70 -18.62 35.99
C TYR H 319 -12.95 -19.54 36.94
N LEU H 320 -13.47 -20.73 37.13
CA LEU H 320 -12.82 -21.77 37.94
C LEU H 320 -12.71 -23.07 37.16
N CYS H 321 -11.51 -23.64 37.10
CA CYS H 321 -11.33 -24.87 36.34
C CYS H 321 -11.96 -26.06 37.05
N VAL H 322 -12.57 -26.96 36.26
CA VAL H 322 -13.27 -28.10 36.80
C VAL H 322 -12.45 -29.04 37.61
N ASP H 323 -11.14 -29.04 37.43
CA ASP H 323 -10.25 -29.97 38.10
C ASP H 323 -9.54 -29.32 39.25
N GLY H 324 -9.98 -28.12 39.67
CA GLY H 324 -9.42 -27.43 40.83
C GLY H 324 -10.26 -27.62 42.09
N PRO H 325 -9.65 -27.42 43.28
CA PRO H 325 -10.42 -27.63 44.52
C PRO H 325 -11.47 -26.56 44.81
N LEU H 326 -11.36 -25.34 44.23
CA LEU H 326 -12.41 -24.36 44.50
C LEU H 326 -13.70 -24.67 43.73
N PHE H 327 -13.59 -25.39 42.60
CA PHE H 327 -14.74 -25.63 41.77
C PHE H 327 -15.91 -26.28 42.54
N PRO H 328 -15.69 -27.42 43.22
CA PRO H 328 -16.85 -28.00 43.98
C PRO H 328 -17.36 -27.11 45.10
N VAL H 329 -16.53 -26.24 45.68
CA VAL H 329 -17.02 -25.31 46.71
C VAL H 329 -18.02 -24.35 46.08
N ALA H 330 -17.63 -23.73 44.96
CA ALA H 330 -18.53 -22.80 44.28
C ALA H 330 -19.78 -23.50 43.74
N GLU H 331 -19.61 -24.70 43.21
CA GLU H 331 -20.77 -25.41 42.66
C GLU H 331 -21.76 -25.76 43.76
N SER H 332 -21.25 -26.23 44.91
CA SER H 332 -22.10 -26.62 46.01
C SER H 332 -22.87 -25.42 46.54
N ALA H 333 -22.25 -24.25 46.56
CA ALA H 333 -22.94 -23.03 46.98
C ALA H 333 -23.89 -22.44 45.94
N GLY H 334 -23.93 -22.98 44.71
CA GLY H 334 -24.79 -22.44 43.64
C GLY H 334 -24.25 -21.14 43.06
N TYR H 335 -22.94 -21.01 42.97
CA TYR H 335 -22.30 -19.76 42.52
C TYR H 335 -21.94 -19.70 41.01
N PHE H 336 -22.27 -20.75 40.25
CA PHE H 336 -21.97 -20.82 38.84
C PHE H 336 -23.17 -20.49 37.96
N ALA H 337 -22.90 -19.89 36.80
CA ALA H 337 -23.90 -19.79 35.73
C ALA H 337 -24.31 -21.19 35.29
N THR H 338 -25.57 -21.35 34.89
CA THR H 338 -26.10 -22.66 34.59
C THR H 338 -26.48 -22.80 33.13
N ASP H 339 -26.67 -24.04 32.71
CA ASP H 339 -27.22 -24.34 31.38
C ASP H 339 -28.75 -24.36 31.44
N VAL H 340 -29.36 -24.63 30.30
CA VAL H 340 -30.81 -24.69 30.20
C VAL H 340 -31.47 -25.67 31.21
N ASP H 341 -30.81 -26.76 31.59
CA ASP H 341 -31.32 -27.68 32.63
C ASP H 341 -30.95 -27.35 34.07
N GLY H 342 -30.33 -26.22 34.35
CA GLY H 342 -29.92 -25.91 35.72
C GLY H 342 -28.63 -26.57 36.19
N LYS H 343 -27.89 -27.28 35.33
CA LYS H 343 -26.54 -27.80 35.71
C LYS H 343 -25.48 -26.70 35.49
N THR H 344 -24.36 -26.81 36.18
CA THR H 344 -23.25 -25.87 35.96
C THR H 344 -22.92 -25.85 34.46
N ALA H 345 -22.89 -24.67 33.86
CA ALA H 345 -22.47 -24.54 32.47
C ALA H 345 -20.94 -24.62 32.40
N LEU H 346 -20.42 -25.56 31.61
CA LEU H 346 -18.99 -25.73 31.42
C LEU H 346 -18.56 -25.05 30.14
N VAL H 347 -17.55 -24.19 30.21
CA VAL H 347 -17.05 -23.50 29.05
C VAL H 347 -15.68 -24.04 28.74
N ASP H 348 -15.43 -24.29 27.44
CA ASP H 348 -14.11 -24.74 26.96
C ASP H 348 -13.23 -23.50 26.73
N PHE H 349 -12.13 -23.43 27.46
CA PHE H 349 -11.16 -22.33 27.30
C PHE H 349 -9.93 -22.70 26.48
N GLY H 350 -9.89 -23.95 26.01
CA GLY H 350 -8.85 -24.42 25.12
C GLY H 350 -8.15 -25.56 25.82
N GLU H 351 -8.77 -26.73 25.68
CA GLU H 351 -8.24 -27.95 26.30
C GLU H 351 -8.44 -28.06 27.81
N PHE H 352 -9.25 -27.21 28.39
CA PHE H 352 -9.74 -27.42 29.75
C PHE H 352 -11.06 -26.64 29.89
N ASP H 353 -11.89 -27.14 30.82
CA ASP H 353 -13.20 -26.57 31.08
C ASP H 353 -13.27 -25.84 32.41
N CYS H 354 -14.11 -24.80 32.42
CA CYS H 354 -14.32 -24.02 33.62
C CYS H 354 -15.79 -23.73 33.84
N GLY H 355 -16.14 -23.53 35.12
CA GLY H 355 -17.37 -22.88 35.47
C GLY H 355 -17.19 -21.38 35.50
N VAL H 356 -18.28 -20.67 35.28
CA VAL H 356 -18.36 -19.19 35.24
C VAL H 356 -18.96 -18.69 36.54
N VAL H 357 -18.19 -17.99 37.36
CA VAL H 357 -18.75 -17.48 38.62
C VAL H 357 -19.80 -16.42 38.28
N ASP H 358 -21.04 -16.61 38.75
CA ASP H 358 -22.16 -15.80 38.34
C ASP H 358 -22.27 -14.54 39.21
N PHE H 359 -21.68 -13.45 38.74
CA PHE H 359 -21.73 -12.21 39.48
C PHE H 359 -23.09 -11.50 39.53
N THR H 360 -24.10 -12.00 38.82
CA THR H 360 -25.44 -11.47 39.00
C THR H 360 -26.09 -12.01 40.30
N ASN H 361 -25.53 -13.08 40.85
CA ASN H 361 -25.91 -13.61 42.16
C ASN H 361 -25.09 -12.83 43.20
N PRO H 362 -25.75 -11.97 44.03
CA PRO H 362 -24.98 -11.15 44.99
C PRO H 362 -24.11 -11.97 45.95
N ALA H 363 -24.56 -13.16 46.32
CA ALA H 363 -23.77 -14.02 47.24
C ALA H 363 -22.50 -14.53 46.58
N ALA H 364 -22.58 -14.84 45.29
CA ALA H 364 -21.41 -15.26 44.54
C ALA H 364 -20.40 -14.13 44.35
N ALA H 365 -20.91 -12.93 44.06
CA ALA H 365 -20.05 -11.76 43.90
C ALA H 365 -19.35 -11.42 45.21
N ASP H 366 -20.12 -11.45 46.31
CA ASP H 366 -19.55 -11.22 47.64
C ASP H 366 -18.51 -12.26 48.04
N TRP H 367 -18.84 -13.53 47.81
CA TRP H 367 -17.87 -14.58 48.06
C TRP H 367 -16.56 -14.40 47.29
N PHE H 368 -16.65 -14.06 45.98
CA PHE H 368 -15.44 -13.88 45.21
C PHE H 368 -14.61 -12.73 45.79
N ALA H 369 -15.27 -11.61 46.07
CA ALA H 369 -14.56 -10.44 46.62
C ALA H 369 -13.92 -10.74 47.98
N ALA H 370 -14.68 -11.41 48.85
CA ALA H 370 -14.20 -11.68 50.24
C ALA H 370 -13.16 -12.81 50.34
N ALA H 371 -13.50 -13.96 49.77
CA ALA H 371 -12.67 -15.16 49.87
C ALA H 371 -11.47 -15.17 48.93
N ILE H 372 -11.63 -14.67 47.71
CA ILE H 372 -10.53 -14.73 46.71
C ILE H 372 -9.70 -13.47 46.68
N ILE H 373 -10.34 -12.36 46.35
CA ILE H 373 -9.63 -11.09 46.31
C ILE H 373 -9.11 -10.72 47.72
N GLY H 374 -10.02 -10.75 48.68
CA GLY H 374 -9.69 -10.38 50.08
C GLY H 374 -8.74 -11.34 50.77
N LYS H 375 -9.19 -12.55 51.00
CA LYS H 375 -8.43 -13.49 51.80
C LYS H 375 -7.27 -14.13 51.00
N ASN H 376 -7.52 -14.68 49.81
CA ASN H 376 -6.47 -15.43 49.10
C ASN H 376 -5.41 -14.57 48.44
N MET H 377 -5.73 -13.29 48.21
CA MET H 377 -4.82 -12.41 47.53
C MET H 377 -4.29 -11.26 48.38
N LEU H 378 -5.15 -10.31 48.74
CA LEU H 378 -4.70 -9.18 49.54
C LEU H 378 -4.16 -9.62 50.89
N ASP H 379 -4.89 -10.45 51.63
CA ASP H 379 -4.41 -10.88 52.94
C ASP H 379 -3.18 -11.75 52.80
N PHE H 380 -2.99 -12.44 51.68
CA PHE H 380 -1.79 -13.24 51.48
C PHE H 380 -0.55 -12.35 51.25
N GLY H 381 -0.72 -11.05 50.93
CA GLY H 381 0.40 -10.13 50.78
C GLY H 381 0.60 -9.62 49.34
N LEU H 382 -0.34 -9.87 48.41
CA LEU H 382 -0.26 -9.32 47.06
C LEU H 382 -0.57 -7.82 47.11
N SER H 383 0.26 -7.00 46.45
CA SER H 383 -0.04 -5.57 46.26
C SER H 383 -0.80 -5.32 44.97
N GLY H 384 -1.02 -6.36 44.16
CA GLY H 384 -1.75 -6.20 42.92
C GLY H 384 -1.74 -7.45 42.10
N TRP H 385 -2.35 -7.36 40.92
CA TRP H 385 -2.56 -8.54 40.10
C TRP H 385 -3.10 -8.16 38.75
N MET H 386 -2.88 -9.06 37.78
CA MET H 386 -3.61 -9.04 36.52
C MET H 386 -5.02 -9.58 36.85
N ALA H 387 -6.04 -8.78 36.56
CA ALA H 387 -7.43 -9.18 36.69
C ALA H 387 -7.96 -9.45 35.30
N ASP H 388 -7.81 -10.72 34.88
CA ASP H 388 -7.90 -11.08 33.48
C ASP H 388 -9.33 -11.48 33.10
N PHE H 389 -9.53 -11.60 31.79
CA PHE H 389 -10.77 -12.01 31.17
C PHE H 389 -11.96 -11.08 31.50
N GLY H 390 -13.18 -11.56 31.34
CA GLY H 390 -14.37 -10.72 31.38
C GLY H 390 -15.15 -10.71 30.05
N GLU H 391 -14.49 -11.19 28.98
CA GLU H 391 -14.98 -11.01 27.63
C GLU H 391 -15.60 -12.29 27.05
N TYR H 392 -15.71 -13.38 27.82
CA TYR H 392 -16.14 -14.68 27.32
C TYR H 392 -17.53 -15.15 27.73
N LEU H 393 -18.44 -14.31 28.19
CA LEU H 393 -19.73 -14.86 28.57
C LEU H 393 -20.50 -15.36 27.36
N PRO H 394 -20.74 -16.69 27.26
CA PRO H 394 -21.51 -17.19 26.12
C PRO H 394 -22.91 -16.73 26.22
N ILE H 395 -23.62 -16.77 25.13
CA ILE H 395 -24.97 -16.30 25.12
C ILE H 395 -26.03 -17.38 25.33
N ASP H 396 -25.59 -18.62 25.49
CA ASP H 396 -26.53 -19.71 25.72
C ASP H 396 -26.51 -20.15 27.20
N ILE H 397 -26.00 -19.33 28.13
CA ILE H 397 -26.07 -19.68 29.53
C ILE H 397 -27.07 -18.84 30.30
N LYS H 398 -27.41 -19.31 31.49
CA LYS H 398 -28.47 -18.71 32.33
C LYS H 398 -27.82 -18.08 33.53
N LEU H 399 -28.28 -16.87 33.83
CA LEU H 399 -27.79 -16.10 34.92
C LEU H 399 -28.84 -15.99 35.99
N SER H 400 -28.36 -15.92 37.22
CA SER H 400 -29.18 -15.84 38.42
C SER H 400 -30.17 -14.65 38.40
N ASN H 401 -29.81 -13.51 37.83
CA ASN H 401 -30.76 -12.39 37.74
C ASN H 401 -31.84 -12.60 36.68
N GLY H 402 -31.83 -13.70 35.92
CA GLY H 402 -32.83 -13.91 34.88
C GLY H 402 -32.71 -13.00 33.64
N VAL H 403 -31.69 -12.16 33.56
CA VAL H 403 -31.50 -11.30 32.39
C VAL H 403 -30.80 -12.12 31.30
N ASP H 404 -31.28 -11.97 30.07
CA ASP H 404 -30.71 -12.72 28.93
C ASP H 404 -29.17 -12.50 28.82
N ALA H 405 -28.45 -13.57 28.60
CA ALA H 405 -27.00 -13.53 28.42
C ALA H 405 -26.53 -12.59 27.29
N LYS H 406 -27.39 -12.38 26.31
CA LYS H 406 -27.14 -11.39 25.26
C LYS H 406 -27.03 -9.97 25.75
N LEU H 407 -27.74 -9.66 26.84
CA LEU H 407 -27.61 -8.37 27.47
C LEU H 407 -26.53 -8.36 28.55
N MET H 408 -26.23 -9.50 29.19
CA MET H 408 -25.23 -9.52 30.24
C MET H 408 -23.83 -9.61 29.71
N HIS H 409 -23.66 -10.10 28.48
CA HIS H 409 -22.33 -10.33 27.92
C HIS H 409 -21.41 -9.09 27.99
N ASN H 410 -21.91 -7.98 27.47
CA ASN H 410 -21.10 -6.73 27.46
C ASN H 410 -21.00 -6.14 28.87
N ALA H 411 -21.97 -6.42 29.74
CA ALA H 411 -21.91 -5.90 31.13
C ALA H 411 -20.85 -6.60 31.97
N TRP H 412 -20.47 -7.81 31.58
CA TRP H 412 -19.66 -8.66 32.40
C TRP H 412 -18.35 -8.01 32.81
N PRO H 413 -17.64 -7.38 31.88
CA PRO H 413 -16.38 -6.82 32.33
C PRO H 413 -16.53 -5.77 33.45
N THR H 414 -17.59 -5.00 33.41
CA THR H 414 -17.81 -3.99 34.46
C THR H 414 -18.17 -4.66 35.81
N LEU H 415 -18.98 -5.70 35.79
CA LEU H 415 -19.32 -6.46 37.02
C LEU H 415 -18.05 -7.06 37.60
N TRP H 416 -17.16 -7.56 36.71
CA TRP H 416 -15.93 -8.18 37.15
C TRP H 416 -15.01 -7.14 37.75
N ALA H 417 -14.92 -5.98 37.10
CA ALA H 417 -14.13 -4.89 37.66
C ALA H 417 -14.67 -4.52 39.06
N GLU H 418 -15.96 -4.48 39.22
CA GLU H 418 -16.55 -4.11 40.47
C GLU H 418 -16.23 -5.13 41.63
N VAL H 419 -16.20 -6.44 41.29
CA VAL H 419 -15.79 -7.45 42.24
C VAL H 419 -14.39 -7.19 42.74
N ASN H 420 -13.46 -6.93 41.82
CA ASN H 420 -12.10 -6.60 42.21
C ASN H 420 -12.06 -5.35 43.11
N ALA H 421 -12.77 -4.30 42.70
CA ALA H 421 -12.74 -3.03 43.44
C ALA H 421 -13.30 -3.17 44.86
N LYS H 422 -14.38 -3.95 44.99
CA LYS H 422 -14.95 -4.20 46.31
C LYS H 422 -14.01 -4.94 47.22
N GLY H 423 -13.30 -5.94 46.67
CA GLY H 423 -12.32 -6.68 47.47
C GLY H 423 -11.24 -5.75 47.99
N VAL H 424 -10.72 -4.91 47.10
CA VAL H 424 -9.69 -3.95 47.43
C VAL H 424 -10.19 -2.94 48.49
N GLU H 425 -11.40 -2.44 48.29
CA GLU H 425 -12.00 -1.49 49.22
C GLU H 425 -12.24 -2.13 50.59
N SER H 426 -12.63 -3.39 50.65
CA SER H 426 -12.85 -4.06 51.91
C SER H 426 -11.58 -4.15 52.75
N ARG H 427 -10.39 -4.03 52.16
CA ARG H 427 -9.15 -3.97 52.96
C ARG H 427 -8.57 -2.55 53.09
N GLY H 428 -9.35 -1.52 52.75
CA GLY H 428 -8.87 -0.13 52.75
C GLY H 428 -7.71 0.13 51.80
N LYS H 429 -7.64 -0.56 50.67
CA LYS H 429 -6.46 -0.45 49.82
C LYS H 429 -6.75 0.22 48.48
N THR H 430 -7.88 0.90 48.34
CA THR H 430 -8.12 1.67 47.14
C THR H 430 -7.05 2.74 46.99
N GLY H 431 -6.36 2.80 45.88
CA GLY H 431 -5.25 3.70 45.71
C GLY H 431 -3.90 3.15 46.14
N GLU H 432 -3.86 1.93 46.60
CA GLU H 432 -2.64 1.29 47.04
C GLU H 432 -2.44 -0.07 46.35
N ALA H 433 -3.45 -0.92 46.32
CA ALA H 433 -3.38 -2.14 45.54
C ALA H 433 -3.59 -1.76 44.05
N LEU H 434 -2.89 -2.44 43.15
CA LEU H 434 -2.95 -2.10 41.74
C LEU H 434 -3.35 -3.34 40.94
N PHE H 435 -4.61 -3.38 40.50
CA PHE H 435 -4.98 -4.43 39.56
C PHE H 435 -5.21 -3.79 38.19
N PHE H 436 -5.02 -4.62 37.15
CA PHE H 436 -5.11 -4.16 35.77
C PHE H 436 -5.94 -5.14 34.95
N MET H 437 -6.80 -4.58 34.11
CA MET H 437 -7.73 -5.31 33.27
C MET H 437 -7.47 -5.05 31.77
N ARG H 438 -7.77 -6.07 30.96
CA ARG H 438 -7.78 -5.91 29.54
C ARG H 438 -9.17 -5.77 28.98
N ALA H 439 -10.16 -6.31 29.69
CA ALA H 439 -11.55 -6.24 29.22
C ALA H 439 -12.26 -5.10 29.87
N GLY H 440 -13.26 -4.56 29.20
CA GLY H 440 -14.00 -3.41 29.70
C GLY H 440 -15.32 -3.25 28.97
N PHE H 441 -16.14 -2.37 29.55
CA PHE H 441 -17.36 -1.86 28.94
C PHE H 441 -17.70 -0.59 29.72
N THR H 442 -18.77 0.07 29.33
CA THR H 442 -19.26 1.25 30.04
C THR H 442 -19.19 1.02 31.56
N GLY H 443 -18.46 1.88 32.27
CA GLY H 443 -18.49 1.87 33.73
C GLY H 443 -17.29 1.23 34.36
N VAL H 444 -16.50 0.53 33.56
CA VAL H 444 -15.28 -0.07 34.07
C VAL H 444 -14.34 0.98 34.65
N GLN H 445 -14.45 2.20 34.13
CA GLN H 445 -13.68 3.37 34.57
C GLN H 445 -13.75 3.64 36.06
N ALA H 446 -14.93 3.40 36.64
CA ALA H 446 -15.15 3.72 38.05
C ALA H 446 -14.48 2.69 38.98
N HIS H 447 -14.14 1.50 38.48
CA HIS H 447 -13.69 0.37 39.30
C HIS H 447 -12.27 -0.07 39.04
N CYS H 448 -11.79 0.02 37.81
CA CYS H 448 -10.48 -0.46 37.42
C CYS H 448 -9.48 0.70 37.42
N PRO H 449 -8.36 0.55 38.16
CA PRO H 449 -7.39 1.66 38.23
C PRO H 449 -6.38 1.73 37.10
N LEU H 450 -6.30 0.68 36.26
CA LEU H 450 -5.24 0.58 35.27
C LEU H 450 -5.69 -0.41 34.19
N ILE H 451 -5.60 -0.01 32.91
CA ILE H 451 -5.88 -0.87 31.76
C ILE H 451 -4.57 -1.39 31.24
N TRP H 452 -4.55 -2.62 30.78
CA TRP H 452 -3.52 -3.03 29.87
C TRP H 452 -4.08 -3.41 28.50
N GLY H 453 -3.21 -3.30 27.49
CA GLY H 453 -3.60 -3.47 26.09
C GLY H 453 -3.88 -4.91 25.60
N GLY H 454 -3.95 -5.87 26.54
CA GLY H 454 -4.26 -7.25 26.19
C GLY H 454 -3.10 -7.90 25.47
N ASN H 455 -3.45 -8.88 24.61
CA ASN H 455 -2.42 -9.67 23.92
C ASN H 455 -2.09 -9.09 22.54
N GLN H 456 -0.90 -8.52 22.38
CA GLN H 456 -0.36 -8.20 21.07
C GLN H 456 0.41 -9.45 20.62
N SER H 457 0.48 -9.63 19.31
CA SER H 457 1.49 -10.52 18.74
C SER H 457 2.89 -9.98 19.08
N VAL H 458 3.84 -10.90 19.09
CA VAL H 458 5.25 -10.55 19.39
C VAL H 458 5.95 -10.00 18.09
N ASP H 459 5.42 -8.88 17.57
CA ASP H 459 5.87 -8.37 16.30
C ASP H 459 5.58 -6.88 16.16
N PHE H 460 6.04 -6.33 15.03
CA PHE H 460 5.79 -4.94 14.66
C PHE H 460 4.63 -4.82 13.66
N SER H 461 3.69 -5.78 13.62
CA SER H 461 2.62 -5.71 12.62
C SER H 461 1.72 -4.52 12.89
N ARG H 462 1.07 -4.07 11.81
CA ARG H 462 0.20 -2.89 11.87
C ARG H 462 -1.06 -3.11 12.73
N HIS H 463 -1.62 -4.29 12.66
CA HIS H 463 -2.91 -4.60 13.30
C HIS H 463 -2.84 -5.48 14.54
N ASP H 464 -1.67 -5.98 14.93
CA ASP H 464 -1.54 -6.67 16.20
C ASP H 464 -0.18 -6.52 16.89
N GLY H 465 0.64 -5.55 16.46
CA GLY H 465 1.97 -5.35 17.03
C GLY H 465 2.02 -4.13 17.93
N LEU H 466 3.24 -3.71 18.19
CA LEU H 466 3.53 -2.58 19.05
C LEU H 466 2.63 -1.38 18.83
N VAL H 467 2.45 -0.97 17.59
CA VAL H 467 1.76 0.27 17.26
C VAL H 467 0.32 0.26 17.76
N THR H 468 -0.28 -0.92 17.82
CA THR H 468 -1.69 -1.01 18.26
C THR H 468 -1.92 -0.59 19.70
N VAL H 469 -0.87 -0.71 20.52
CA VAL H 469 -0.95 -0.30 21.91
C VAL H 469 -1.30 1.19 22.02
N ILE H 470 -0.69 1.99 21.17
CA ILE H 470 -0.85 3.48 21.23
C ILE H 470 -2.27 3.83 20.87
N CYS H 471 -2.82 3.15 19.86
CA CYS H 471 -4.20 3.35 19.49
C CYS H 471 -5.14 3.04 20.68
N GLY H 472 -4.86 1.93 21.33
CA GLY H 472 -5.59 1.50 22.54
C GLY H 472 -5.53 2.53 23.67
N ALA H 473 -4.33 3.07 23.93
CA ALA H 473 -4.14 4.08 24.94
C ALA H 473 -4.94 5.35 24.59
N LEU H 474 -4.82 5.81 23.36
CA LEU H 474 -5.42 7.09 22.97
C LEU H 474 -6.96 7.00 23.04
N SER H 475 -7.52 5.94 22.43
CA SER H 475 -8.98 5.77 22.41
C SER H 475 -9.52 5.58 23.84
N SER H 476 -8.95 4.65 24.61
CA SER H 476 -9.43 4.42 25.97
C SER H 476 -9.27 5.64 26.92
N GLY H 477 -8.23 6.43 26.70
CA GLY H 477 -8.03 7.69 27.40
C GLY H 477 -9.13 8.70 27.20
N LEU H 478 -9.61 8.85 25.96
CA LEU H 478 -10.73 9.76 25.70
C LEU H 478 -12.02 9.31 26.38
N MET H 479 -12.14 8.00 26.60
CA MET H 479 -13.28 7.42 27.27
C MET H 479 -13.17 7.49 28.82
N GLY H 480 -12.08 8.07 29.34
CA GLY H 480 -11.91 8.34 30.75
C GLY H 480 -11.09 7.34 31.56
N ASN H 481 -10.36 6.48 30.86
CA ASN H 481 -9.41 5.58 31.46
C ASN H 481 -8.06 6.29 31.33
N ALA H 482 -7.62 6.87 32.45
CA ALA H 482 -6.41 7.70 32.41
C ALA H 482 -5.09 6.94 32.31
N TYR H 483 -5.10 5.65 32.67
CA TYR H 483 -3.85 4.91 32.77
C TYR H 483 -3.90 3.65 31.92
N HIS H 484 -2.93 3.55 30.98
CA HIS H 484 -2.82 2.43 30.06
C HIS H 484 -1.40 1.93 30.03
N HIS H 485 -1.21 0.63 29.77
CA HIS H 485 0.13 0.11 29.58
C HIS H 485 0.04 -1.14 28.79
N SER H 486 1.19 -1.71 28.49
CA SER H 486 1.25 -2.93 27.73
C SER H 486 2.29 -3.91 28.17
N ASP H 487 2.19 -5.16 27.71
CA ASP H 487 3.22 -6.15 27.92
C ASP H 487 4.47 -5.74 27.13
N ILE H 488 5.60 -5.49 27.82
CA ILE H 488 6.83 -5.19 27.10
C ILE H 488 7.29 -6.44 26.30
N GLY H 489 7.30 -6.28 24.98
CA GLY H 489 7.70 -7.33 24.06
C GLY H 489 6.49 -8.14 23.57
N GLY H 490 5.28 -7.72 23.87
CA GLY H 490 4.10 -8.45 23.41
C GLY H 490 3.85 -9.78 24.11
N TYR H 491 2.79 -10.47 23.69
CA TYR H 491 2.38 -11.72 24.30
C TYR H 491 2.38 -12.92 23.39
N THR H 492 1.63 -12.84 22.32
CA THR H 492 1.24 -14.03 21.55
C THR H 492 2.32 -14.50 20.59
N SER H 493 2.85 -15.68 20.83
CA SER H 493 3.80 -16.36 20.00
C SER H 493 3.15 -17.63 19.45
N LEU H 494 2.85 -17.63 18.17
CA LEU H 494 2.21 -18.72 17.46
C LEU H 494 2.76 -18.81 16.06
N PHE H 495 2.75 -20.02 15.50
CA PHE H 495 3.08 -20.22 14.11
C PHE H 495 4.48 -19.73 13.77
N GLY H 496 5.42 -19.91 14.70
CA GLY H 496 6.79 -19.44 14.55
C GLY H 496 7.05 -17.94 14.68
N ASN H 497 6.06 -17.18 15.07
CA ASN H 497 6.26 -15.75 15.34
C ASN H 497 6.86 -15.69 16.78
N VAL H 498 8.11 -15.22 16.87
CA VAL H 498 8.86 -15.14 18.13
C VAL H 498 9.51 -13.75 18.24
N ARG H 499 9.84 -13.37 19.45
CA ARG H 499 10.41 -12.04 19.70
C ARG H 499 11.78 -11.88 19.12
N THR H 500 12.16 -10.64 18.83
CA THR H 500 13.56 -10.34 18.55
C THR H 500 14.02 -9.39 19.68
N ALA H 501 15.35 -9.25 19.79
CA ALA H 501 15.93 -8.28 20.68
C ALA H 501 15.39 -6.87 20.40
N GLU H 502 15.37 -6.54 19.12
CA GLU H 502 14.94 -5.19 18.69
C GLU H 502 13.49 -4.90 19.09
N LEU H 503 12.64 -5.88 18.93
CA LEU H 503 11.27 -5.73 19.37
C LEU H 503 11.16 -5.40 20.88
N ILE H 504 11.85 -6.18 21.69
CA ILE H 504 11.78 -5.92 23.12
C ILE H 504 12.28 -4.52 23.45
N MET H 505 13.40 -4.14 22.84
CA MET H 505 13.99 -2.83 23.12
C MET H 505 13.06 -1.67 22.70
N ARG H 506 12.48 -1.76 21.51
CA ARG H 506 11.53 -0.73 21.09
C ARG H 506 10.31 -0.63 22.01
N TRP H 507 9.83 -1.78 22.43
CA TRP H 507 8.68 -1.81 23.33
C TRP H 507 9.01 -1.18 24.70
N THR H 508 10.20 -1.48 25.19
CA THR H 508 10.67 -0.92 26.50
C THR H 508 10.76 0.62 26.39
N GLU H 509 11.23 1.11 25.23
CA GLU H 509 11.41 2.54 24.98
C GLU H 509 10.09 3.26 25.09
N MET H 510 9.03 2.69 24.51
CA MET H 510 7.70 3.23 24.67
C MET H 510 7.25 3.15 26.13
N ALA H 511 7.44 1.97 26.74
CA ALA H 511 6.86 1.73 28.08
C ALA H 511 7.37 2.67 29.16
N ALA H 512 8.64 3.10 29.03
CA ALA H 512 9.24 4.05 29.95
C ALA H 512 8.51 5.40 29.99
N PHE H 513 7.77 5.72 28.94
CA PHE H 513 6.95 6.93 28.84
C PHE H 513 5.47 6.54 28.85
N THR H 514 5.12 5.66 29.78
CA THR H 514 3.74 5.30 30.10
C THR H 514 3.67 5.11 31.61
N PRO H 515 2.42 5.03 32.17
CA PRO H 515 2.30 4.89 33.63
C PRO H 515 3.02 3.71 34.27
N VAL H 516 3.10 2.58 33.57
CA VAL H 516 3.63 1.37 34.18
C VAL H 516 4.48 0.54 33.17
N MET H 517 5.72 0.26 33.58
CA MET H 517 6.59 -0.65 32.89
C MET H 517 6.37 -2.05 33.44
N ARG H 518 5.98 -3.01 32.59
CA ARG H 518 5.79 -4.37 32.99
C ARG H 518 6.18 -5.36 31.92
N THR H 519 6.93 -6.38 32.27
CA THR H 519 7.26 -7.46 31.31
C THR H 519 6.35 -8.64 31.50
N HIS H 520 6.50 -9.64 30.63
CA HIS H 520 5.64 -10.80 30.54
C HIS H 520 6.42 -11.83 29.75
N GLU H 521 6.57 -13.03 30.31
CA GLU H 521 7.20 -14.08 29.52
C GLU H 521 6.36 -14.62 28.34
N GLY H 522 5.04 -14.45 28.40
CA GLY H 522 4.19 -14.80 27.23
C GLY H 522 3.69 -16.23 27.32
N ASN H 523 3.12 -16.70 26.24
CA ASN H 523 2.50 -18.03 26.18
C ASN H 523 3.50 -19.12 25.98
N ARG H 524 4.66 -18.81 25.42
CA ARG H 524 5.72 -19.83 25.17
C ARG H 524 7.06 -19.34 25.65
N PRO H 525 7.23 -19.31 26.96
CA PRO H 525 8.40 -18.60 27.55
C PRO H 525 9.75 -19.08 27.01
N ARG H 526 9.91 -20.39 26.83
CA ARG H 526 11.18 -20.96 26.45
C ARG H 526 11.47 -20.77 24.94
N ASP H 527 10.48 -20.41 24.12
CA ASP H 527 10.67 -20.17 22.71
C ASP H 527 10.96 -18.70 22.42
N ASN H 528 10.78 -17.82 23.39
CA ASN H 528 10.90 -16.41 23.17
C ASN H 528 11.97 -15.78 24.06
N LEU H 529 12.74 -14.87 23.47
CA LEU H 529 13.67 -14.07 24.21
C LEU H 529 12.98 -13.33 25.34
N GLN H 530 13.59 -13.39 26.52
CA GLN H 530 13.14 -12.64 27.69
C GLN H 530 14.19 -11.58 28.04
N ILE H 531 13.78 -10.58 28.84
CA ILE H 531 14.64 -9.44 29.09
C ILE H 531 15.98 -9.76 29.78
N ASP H 532 16.04 -10.84 30.52
CA ASP H 532 17.27 -11.24 31.22
C ASP H 532 18.21 -12.07 30.34
N GLN H 533 17.82 -12.45 29.14
CA GLN H 533 18.56 -13.49 28.41
C GLN H 533 19.54 -12.94 27.40
N ASP H 534 19.60 -11.64 27.21
CA ASP H 534 20.57 -11.07 26.30
C ASP H 534 21.11 -9.84 26.98
N GLU H 535 22.44 -9.77 27.05
CA GLU H 535 23.13 -8.69 27.76
C GLU H 535 22.78 -7.29 27.26
N THR H 536 22.76 -7.12 25.95
CA THR H 536 22.40 -5.84 25.35
C THR H 536 21.00 -5.43 25.70
N VAL H 537 20.06 -6.36 25.54
CA VAL H 537 18.64 -6.09 25.88
C VAL H 537 18.50 -5.73 27.34
N LEU H 538 19.15 -6.49 28.21
CA LEU H 538 19.04 -6.24 29.67
C LEU H 538 19.60 -4.87 30.07
N ALA H 539 20.75 -4.51 29.49
CA ALA H 539 21.39 -3.21 29.81
C ALA H 539 20.49 -2.07 29.29
N HIS H 540 19.93 -2.27 28.08
CA HIS H 540 18.98 -1.29 27.54
C HIS H 540 17.75 -1.15 28.45
N PHE H 541 17.23 -2.29 28.87
CA PHE H 541 16.09 -2.29 29.83
C PHE H 541 16.41 -1.56 31.15
N ALA H 542 17.57 -1.90 31.74
CA ALA H 542 17.99 -1.23 33.01
C ALA H 542 18.02 0.28 32.84
N ARG H 543 18.66 0.72 31.77
CA ARG H 543 18.74 2.14 31.49
C ARG H 543 17.35 2.75 31.37
N MET H 544 16.47 2.12 30.60
CA MET H 544 15.15 2.68 30.48
C MET H 544 14.40 2.73 31.81
N THR H 545 14.60 1.73 32.68
CA THR H 545 13.97 1.82 34.02
C THR H 545 14.49 3.02 34.82
N ALA H 546 15.78 3.35 34.67
CA ALA H 546 16.36 4.54 35.37
C ALA H 546 15.73 5.83 34.84
N ILE H 547 15.51 5.87 33.53
CA ILE H 547 14.82 7.00 32.93
C ILE H 547 13.41 7.16 33.47
N TYR H 548 12.67 6.03 33.52
CA TYR H 548 11.31 6.06 34.09
C TYR H 548 11.32 6.58 35.57
N VAL H 549 12.26 6.06 36.35
CA VAL H 549 12.36 6.52 37.74
C VAL H 549 12.70 8.03 37.84
N ALA H 550 13.63 8.50 37.02
CA ALA H 550 13.97 9.93 37.05
C ALA H 550 12.76 10.78 36.64
N LEU H 551 11.92 10.24 35.73
CA LEU H 551 10.72 10.96 35.29
C LEU H 551 9.50 10.87 36.20
N ALA H 552 9.57 10.05 37.23
CA ALA H 552 8.43 9.82 38.14
C ALA H 552 7.76 11.10 38.72
N PRO H 553 8.55 12.11 39.10
CA PRO H 553 7.85 13.31 39.60
C PRO H 553 6.91 13.91 38.54
N TYR H 554 7.28 13.84 37.24
CA TYR H 554 6.41 14.34 36.20
C TYR H 554 5.17 13.44 36.06
N LEU H 555 5.39 12.12 35.96
CA LEU H 555 4.28 11.15 35.86
C LEU H 555 3.32 11.32 37.04
N LYS H 556 3.90 11.49 38.24
CA LYS H 556 3.06 11.69 39.41
C LYS H 556 2.20 12.96 39.30
N SER H 557 2.74 14.06 38.78
CA SER H 557 1.88 15.25 38.58
C SER H 557 0.77 14.95 37.53
N LEU H 558 1.04 14.09 36.56
CA LEU H 558 0.02 13.69 35.58
C LEU H 558 -1.08 12.85 36.16
N SER H 559 -0.69 11.96 37.09
CA SER H 559 -1.70 11.22 37.87
C SER H 559 -2.58 12.16 38.73
N ALA H 560 -1.95 13.13 39.36
CA ALA H 560 -2.74 14.13 40.11
C ALA H 560 -3.70 14.87 39.19
N GLU H 561 -3.25 15.25 37.99
CA GLU H 561 -4.17 15.90 37.03
C GLU H 561 -5.27 14.97 36.62
N ALA H 562 -4.95 13.69 36.40
CA ALA H 562 -5.99 12.73 36.02
C ALA H 562 -7.11 12.68 37.11
N ALA H 563 -6.71 12.62 38.38
CA ALA H 563 -7.71 12.65 39.45
C ALA H 563 -8.47 13.97 39.51
N LYS H 564 -7.81 15.10 39.31
CA LYS H 564 -8.47 16.41 39.43
C LYS H 564 -9.36 16.67 38.22
N THR H 565 -8.91 16.32 37.02
CA THR H 565 -9.60 16.77 35.78
C THR H 565 -10.08 15.64 34.83
N GLY H 566 -9.68 14.39 35.10
CA GLY H 566 -10.05 13.29 34.23
C GLY H 566 -9.18 13.06 33.00
N LEU H 567 -8.30 14.01 32.68
CA LEU H 567 -7.47 13.88 31.48
C LEU H 567 -6.50 12.71 31.55
N PRO H 568 -6.41 11.98 30.44
CA PRO H 568 -5.55 10.78 30.46
C PRO H 568 -4.11 11.16 30.45
N VAL H 569 -3.27 10.27 30.94
CA VAL H 569 -1.82 10.47 30.91
C VAL H 569 -1.30 10.53 29.44
N GLN H 570 -1.81 9.65 28.58
CA GLN H 570 -1.48 9.63 27.18
C GLN H 570 -2.61 10.30 26.40
N ARG H 571 -2.29 11.43 25.81
CA ARG H 571 -3.26 12.27 25.12
C ARG H 571 -2.97 12.37 23.62
N PRO H 572 -4.03 12.47 22.81
CA PRO H 572 -3.81 12.73 21.39
C PRO H 572 -3.38 14.18 21.15
N LEU H 573 -2.62 14.42 20.09
CA LEU H 573 -2.07 15.76 19.80
C LEU H 573 -3.16 16.81 19.70
N PHE H 574 -4.31 16.43 19.14
CA PHE H 574 -5.36 17.44 18.95
C PHE H 574 -5.95 17.95 20.24
N LEU H 575 -5.78 17.23 21.34
CA LEU H 575 -6.36 17.67 22.59
C LEU H 575 -5.79 19.01 23.06
N HIS H 576 -4.49 19.22 22.78
CA HIS H 576 -3.83 20.46 23.14
C HIS H 576 -3.53 21.35 21.93
N TYR H 577 -3.82 20.94 20.71
CA TYR H 577 -3.47 21.70 19.51
C TYR H 577 -4.61 21.66 18.51
N GLU H 578 -5.72 22.21 18.96
CA GLU H 578 -7.00 22.12 18.29
C GLU H 578 -7.03 22.80 16.92
N ASN H 579 -6.13 23.75 16.68
CA ASN H 579 -6.14 24.49 15.45
C ASN H 579 -5.26 23.94 14.36
N GLU H 580 -4.73 22.74 14.56
CA GLU H 580 -3.82 22.14 13.64
C GLU H 580 -4.45 20.85 13.11
N PRO H 581 -5.07 20.93 11.94
CA PRO H 581 -5.76 19.76 11.35
C PRO H 581 -4.89 18.54 11.19
N GLN H 582 -3.57 18.70 11.00
CA GLN H 582 -2.69 17.52 10.88
C GLN H 582 -2.57 16.70 12.16
N THR H 583 -3.06 17.20 13.28
CA THR H 583 -3.05 16.47 14.52
C THR H 583 -4.26 15.57 14.72
N TYR H 584 -5.29 15.69 13.88
CA TYR H 584 -6.57 15.08 14.20
C TYR H 584 -6.63 13.55 14.02
N ALA H 585 -5.88 13.00 13.11
CA ALA H 585 -5.88 11.53 12.88
C ALA H 585 -4.64 10.81 13.39
N VAL H 586 -3.63 11.56 13.88
CA VAL H 586 -2.33 10.96 14.34
C VAL H 586 -2.61 10.00 15.51
N GLN H 587 -2.15 8.77 15.35
CA GLN H 587 -2.38 7.69 16.32
C GLN H 587 -1.16 6.88 16.66
N ASP H 588 0.02 7.29 16.17
CA ASP H 588 1.27 6.63 16.57
C ASP H 588 2.24 7.56 17.29
N CYS H 589 1.72 8.67 17.80
CA CYS H 589 2.45 9.62 18.65
C CYS H 589 1.44 10.04 19.70
N TYR H 590 1.91 10.41 20.86
CA TYR H 590 1.04 10.92 21.92
C TYR H 590 1.75 12.02 22.70
N LEU H 591 0.93 12.86 23.33
CA LEU H 591 1.38 13.80 24.31
C LEU H 591 1.34 13.06 25.65
N TYR H 592 2.50 12.99 26.30
CA TYR H 592 2.65 12.41 27.61
C TYR H 592 2.51 13.57 28.58
N GLY H 593 1.27 13.77 29.02
CA GLY H 593 0.84 15.03 29.65
C GLY H 593 0.88 16.12 28.61
N ALA H 594 0.75 17.37 29.03
CA ALA H 594 0.80 18.49 28.07
C ALA H 594 2.24 18.83 27.65
N ASP H 595 3.24 18.38 28.40
CA ASP H 595 4.58 18.91 28.24
C ASP H 595 5.59 18.02 27.53
N MET H 596 5.24 16.76 27.24
CA MET H 596 6.13 15.87 26.50
C MET H 596 5.42 15.28 25.30
N LEU H 597 6.19 15.03 24.26
CA LEU H 597 5.71 14.40 23.03
C LEU H 597 6.55 13.14 22.80
N VAL H 598 5.87 12.04 22.56
CA VAL H 598 6.49 10.74 22.38
C VAL H 598 6.04 10.12 21.04
N ALA H 599 7.03 9.73 20.23
CA ALA H 599 6.81 9.14 18.92
C ALA H 599 7.54 7.78 18.80
N PRO H 600 6.92 6.73 19.31
CA PRO H 600 7.63 5.43 19.33
C PRO H 600 7.93 4.92 17.93
N VAL H 601 9.11 4.30 17.79
CA VAL H 601 9.42 3.50 16.60
C VAL H 601 8.64 2.20 16.64
N TRP H 602 7.87 1.90 15.60
CA TRP H 602 7.04 0.73 15.56
C TRP H 602 7.28 -0.22 14.39
N LYS H 603 8.47 -0.07 13.78
CA LYS H 603 8.89 -0.94 12.70
C LYS H 603 10.32 -1.39 12.89
N ALA H 604 10.63 -2.61 12.39
CA ALA H 604 11.98 -3.13 12.43
C ALA H 604 12.90 -2.38 11.52
N GLY H 605 14.17 -2.28 11.89
CA GLY H 605 15.15 -1.71 11.01
C GLY H 605 15.16 -0.19 10.91
N GLU H 606 14.34 0.54 11.61
CA GLU H 606 14.36 2.00 11.55
C GLU H 606 15.34 2.57 12.51
N THR H 607 16.24 3.45 12.09
CA THR H 607 17.13 4.23 12.95
C THR H 607 16.78 5.69 12.90
N GLN H 608 15.67 6.08 12.32
CA GLN H 608 15.18 7.49 12.39
C GLN H 608 13.68 7.48 12.50
N ARG H 609 13.11 8.58 12.93
CA ARG H 609 11.67 8.69 13.03
C ARG H 609 11.22 10.04 12.56
N SER H 610 10.20 10.03 11.70
CA SER H 610 9.57 11.28 11.22
C SER H 610 8.29 11.53 11.99
N LEU H 611 8.03 12.77 12.32
CA LEU H 611 6.81 13.09 13.04
C LEU H 611 6.49 14.58 12.90
N TYR H 612 5.27 14.91 13.27
CA TYR H 612 4.82 16.30 13.29
C TYR H 612 4.95 16.85 14.69
N LEU H 613 5.73 17.90 14.86
CA LEU H 613 5.77 18.70 16.10
C LEU H 613 4.75 19.80 16.05
N PRO H 614 3.82 19.81 17.01
CA PRO H 614 2.73 20.79 17.04
C PRO H 614 3.08 22.10 17.73
N GLY H 615 2.22 23.09 17.53
CA GLY H 615 2.23 24.34 18.28
C GLY H 615 3.05 25.45 17.69
N HIS H 616 3.06 26.59 18.41
CA HIS H 616 3.84 27.75 18.04
C HIS H 616 5.03 28.04 18.97
N GLY H 617 5.38 27.12 19.86
CA GLY H 617 6.48 27.31 20.77
C GLY H 617 7.71 26.59 20.28
N GLU H 618 8.53 26.16 21.23
CA GLU H 618 9.69 25.37 20.95
C GLU H 618 9.63 24.05 21.69
N TRP H 619 10.17 23.02 21.07
CA TRP H 619 10.29 21.70 21.62
C TRP H 619 11.77 21.39 21.79
N VAL H 620 12.15 20.69 22.88
CA VAL H 620 13.50 20.31 23.15
C VAL H 620 13.61 18.79 23.03
N HIS H 621 14.50 18.32 22.19
CA HIS H 621 14.78 16.88 22.08
C HIS H 621 15.41 16.40 23.37
N LEU H 622 14.81 15.39 23.97
CA LEU H 622 15.19 14.97 25.32
C LEU H 622 16.64 14.55 25.46
N TRP H 623 17.18 13.82 24.49
CA TRP H 623 18.51 13.19 24.63
C TRP H 623 19.63 14.18 24.34
N SER H 624 19.40 15.08 23.40
CA SER H 624 20.44 16.02 22.93
C SER H 624 20.29 17.44 23.48
N GLY H 625 19.13 17.83 23.94
CA GLY H 625 18.87 19.26 24.19
C GLY H 625 18.67 20.15 22.98
N LYS H 626 18.73 19.63 21.74
CA LYS H 626 18.50 20.49 20.53
C LYS H 626 17.07 21.06 20.54
N ARG H 627 16.93 22.32 20.22
CA ARG H 627 15.61 22.95 20.14
C ARG H 627 15.04 22.84 18.71
N HIS H 628 13.73 22.72 18.61
CA HIS H 628 13.05 22.69 17.34
C HIS H 628 11.82 23.57 17.47
N ALA H 629 11.51 24.35 16.47
CA ALA H 629 10.29 25.13 16.42
C ALA H 629 9.08 24.21 16.22
N GLY H 630 8.00 24.53 16.92
CA GLY H 630 6.69 23.84 16.70
C GLY H 630 6.10 24.17 15.38
N GLY H 631 5.17 23.33 14.91
CA GLY H 631 4.45 23.59 13.66
C GLY H 631 5.13 23.01 12.43
N ARG H 632 5.94 21.99 12.56
CA ARG H 632 6.70 21.43 11.50
C ARG H 632 6.86 19.91 11.55
N ASP H 633 6.99 19.30 10.39
CA ASP H 633 7.45 17.89 10.33
C ASP H 633 8.90 17.84 10.49
N ILE H 634 9.43 16.88 11.23
CA ILE H 634 10.89 16.72 11.41
C ILE H 634 11.24 15.27 11.31
N THR H 635 12.51 14.99 11.16
CA THR H 635 13.04 13.63 11.28
C THR H 635 14.14 13.68 12.30
N VAL H 636 14.10 12.82 13.33
CA VAL H 636 15.21 12.72 14.30
C VAL H 636 15.81 11.32 14.32
N GLU H 637 17.07 11.27 14.74
CA GLU H 637 17.82 10.03 14.93
C GLU H 637 17.18 9.26 16.12
N THR H 638 16.88 7.97 15.90
CA THR H 638 16.32 7.13 16.94
C THR H 638 17.05 5.81 17.00
N PRO H 639 18.40 5.79 17.24
CA PRO H 639 19.06 4.50 17.47
C PRO H 639 18.44 3.88 18.76
N LEU H 640 18.66 2.57 18.90
CA LEU H 640 18.17 1.88 20.10
C LEU H 640 18.64 2.58 21.34
N GLY H 641 17.78 2.86 22.28
CA GLY H 641 18.12 3.67 23.48
C GLY H 641 17.68 5.12 23.42
N GLU H 642 17.37 5.62 22.23
CA GLU H 642 17.05 7.09 22.09
C GLU H 642 15.76 7.28 21.36
N PRO H 643 14.64 6.92 22.00
CA PRO H 643 13.35 7.14 21.35
C PRO H 643 13.11 8.65 21.12
N ALA H 644 12.26 8.92 20.13
CA ALA H 644 11.90 10.26 19.76
C ALA H 644 10.98 10.89 20.77
N VAL H 645 11.61 11.58 21.74
CA VAL H 645 10.87 12.21 22.82
C VAL H 645 11.33 13.67 22.93
N PHE H 646 10.37 14.58 23.10
CA PHE H 646 10.62 15.99 23.19
C PHE H 646 9.82 16.57 24.34
N TYR H 647 10.29 17.70 24.89
CA TYR H 647 9.52 18.44 25.88
C TYR H 647 9.41 19.90 25.52
N ARG H 648 8.36 20.54 26.01
CA ARG H 648 8.16 21.97 25.77
C ARG H 648 9.21 22.79 26.50
N ALA H 649 9.88 23.68 25.78
CA ALA H 649 10.91 24.56 26.38
C ALA H 649 10.36 25.38 27.56
N ASP H 650 9.12 25.81 27.38
CA ASP H 650 8.22 26.38 28.34
C ASP H 650 7.89 25.69 29.63
N SER H 651 8.12 24.40 29.68
CA SER H 651 7.63 23.56 30.73
C SER H 651 8.15 23.95 32.11
N SER H 652 7.23 23.97 33.06
CA SER H 652 7.57 24.12 34.48
C SER H 652 8.44 22.97 35.00
N HIS H 653 8.48 21.85 34.30
CA HIS H 653 9.31 20.71 34.66
C HIS H 653 10.65 20.68 33.92
N HIS H 654 11.05 21.80 33.28
CA HIS H 654 12.28 21.81 32.48
C HIS H 654 13.55 21.36 33.23
N ARG H 655 13.70 21.73 34.51
CA ARG H 655 14.90 21.35 35.31
C ARG H 655 14.97 19.81 35.34
N LEU H 656 13.83 19.15 35.57
CA LEU H 656 13.81 17.68 35.59
C LEU H 656 14.18 17.06 34.23
N PHE H 657 13.57 17.58 33.17
CA PHE H 657 13.84 17.05 31.84
C PHE H 657 15.30 17.28 31.41
N GLU H 658 15.88 18.40 31.81
CA GLU H 658 17.33 18.65 31.58
C GLU H 658 18.21 17.58 32.17
N GLN H 659 17.84 17.04 33.33
CA GLN H 659 18.60 15.91 33.96
C GLN H 659 18.77 14.68 33.06
N LEU H 660 17.77 14.42 32.24
CA LEU H 660 17.80 13.21 31.41
C LEU H 660 18.76 13.27 30.26
N ARG H 661 19.24 14.45 29.85
CA ARG H 661 20.14 14.63 28.68
C ARG H 661 21.42 13.81 28.60
#